data_5KAH
#
_entry.id   5KAH
#
_cell.length_a   139.772
_cell.length_b   171.958
_cell.length_c   156.111
_cell.angle_alpha   90.00
_cell.angle_beta   90.02
_cell.angle_gamma   90.00
#
_symmetry.space_group_name_H-M   'P 1 21 1'
#
loop_
_entity.id
_entity.type
_entity.pdbx_description
1 polymer '(3,5-dihydroxyphenyl)acetyl-CoA 1,2-dioxygenase'
2 non-polymer '[(2R,3S,4R,5R)-5-(6-AMINO-9H-PURIN-9-YL)-4-HYDROXY-3-(PHOSPHONOOXY)TETRAHYDROFURAN-2-YL]METHYL (3R)-4-({3-[(2-{[(3,5-DIHYDROXYPHENYL)ACETYL]AMINO}ETHYL)AMINO]-3-OXOPROPYL}AMINO)-3-HYDROXY-2,2-DIMETHYL-4-OXOBUTYL DIHYDROGEN DIPHOSPHATE'
3 water water
#
_entity_poly.entity_id   1
_entity_poly.type   'polypeptide(L)'
_entity_poly.pdbx_seq_one_letter_code
;MTTVLPPLEDTDGLWAALTEAAASVEKLLATLPEHGARSSAERAEIAAAHDAARALRVRFLDTHADAVYDRLTDHRRVHL
RLAELVEAAATAFPGLVPTQQQLAVERSLPQAAKEGHEIDQGIFLRAVLRSPLAGPHLLDAMLRPTPRALELLPEFVRTG
EVEMEAVHLERRDGVARLTMCRDDRLNAEDGQQVDDMETAVDLALLDPGVRVGLLRGGVMSHPRYRGKRVFSAGINLKYL
SQGGISLVDFLMRRELGYIHKLVRGVLTNDDRPGWWHSPRIEKPWVAAVDGFAIGGGAQLLLVFDRVLASSDAYFSLPAA
KEGIIPGAANLRLGRFAGPRVSRQVILEGRRIWAKEPEARLLVDEVVEPDELDAAIERSLTRLDGDAVLANRRMLNLADE
SPDGFRAYMAEFALMQALRLYGHDTIDKVGRFGGRPPA
;
_entity_poly.pdbx_strand_id   A,B,C,D,E,F,G,H,I,J,K,L
#
loop_
_chem_comp.id
_chem_comp.type
_chem_comp.name
_chem_comp.formula
YE1 non-polymer '[(2R,3S,4R,5R)-5-(6-AMINO-9H-PURIN-9-YL)-4-HYDROXY-3-(PHOSPHONOOXY)TETRAHYDROFURAN-2-YL]METHYL (3R)-4-({3-[(2-{[(3,5-DIHYDROXYPHENYL)ACETYL]AMINO}ETHYL)AMINO]-3-OXOPROPYL}AMINO)-3-HYDROXY-2,2-DIMETHYL-4-OXOBUTYL DIHYDROGEN DIPHOSPHATE' 'C29 H43 N8 O19 P3'
#
# COMPACT_ATOMS: atom_id res chain seq x y z
N ASP A 12 -42.12 52.48 8.60
CA ASP A 12 -41.67 51.26 9.24
C ASP A 12 -41.13 51.55 10.64
N GLY A 13 -39.89 52.04 10.70
CA GLY A 13 -39.32 52.52 11.93
C GLY A 13 -38.64 51.49 12.81
N LEU A 14 -38.79 50.19 12.51
CA LEU A 14 -38.35 49.17 13.46
C LEU A 14 -36.83 49.07 13.52
N TRP A 15 -36.12 49.32 12.42
CA TRP A 15 -34.66 49.29 12.47
C TRP A 15 -34.10 50.41 13.33
N ALA A 16 -34.71 51.59 13.28
CA ALA A 16 -34.27 52.70 14.11
C ALA A 16 -34.51 52.39 15.59
N ALA A 17 -35.69 51.89 15.92
CA ALA A 17 -36.00 51.52 17.29
C ALA A 17 -35.03 50.44 17.79
N LEU A 18 -34.72 49.47 16.95
CA LEU A 18 -33.73 48.46 17.30
C LEU A 18 -32.36 49.09 17.54
N THR A 19 -31.87 49.89 16.59
CA THR A 19 -30.56 50.51 16.72
C THR A 19 -30.48 51.38 17.96
N GLU A 20 -31.59 52.02 18.36
CA GLU A 20 -31.59 52.81 19.59
C GLU A 20 -31.59 51.91 20.82
N ALA A 21 -32.30 50.78 20.75
CA ALA A 21 -32.35 49.87 21.89
C ALA A 21 -31.02 49.16 22.08
N ALA A 22 -30.36 48.78 20.99
CA ALA A 22 -29.02 48.19 21.09
C ALA A 22 -28.01 49.20 21.58
N ALA A 23 -28.15 50.47 21.17
CA ALA A 23 -27.28 51.52 21.68
C ALA A 23 -27.40 51.65 23.20
N SER A 24 -28.62 51.63 23.70
CA SER A 24 -28.84 51.68 25.15
C SER A 24 -28.13 50.54 25.86
N VAL A 25 -28.15 49.34 25.26
CA VAL A 25 -27.49 48.19 25.88
C VAL A 25 -25.98 48.39 25.91
N GLU A 26 -25.41 48.84 24.79
CA GLU A 26 -23.97 49.04 24.73
C GLU A 26 -23.52 50.10 25.73
N LYS A 27 -24.29 51.17 25.85
CA LYS A 27 -24.03 52.20 26.86
C LYS A 27 -23.97 51.61 28.26
N LEU A 28 -25.00 50.86 28.65
CA LEU A 28 -25.04 50.28 29.99
C LEU A 28 -23.88 49.32 30.22
N LEU A 29 -23.56 48.49 29.23
CA LEU A 29 -22.45 47.55 29.40
C LEU A 29 -21.12 48.27 29.57
N ALA A 30 -20.94 49.39 28.87
CA ALA A 30 -19.71 50.16 28.99
C ALA A 30 -19.57 50.80 30.36
N THR A 31 -20.65 51.39 30.89
CA THR A 31 -20.56 52.15 32.12
C THR A 31 -20.73 51.31 33.40
N LEU A 32 -21.47 50.21 33.32
CA LEU A 32 -21.78 49.45 34.53
C LEU A 32 -20.61 48.58 34.97
N PRO A 33 -20.60 48.16 36.24
CA PRO A 33 -19.56 47.23 36.69
C PRO A 33 -19.73 45.86 36.04
N GLU A 34 -18.68 45.05 36.18
CA GLU A 34 -18.71 43.70 35.63
C GLU A 34 -19.79 42.87 36.28
N HIS A 35 -20.53 42.13 35.46
CA HIS A 35 -21.40 41.00 35.81
C HIS A 35 -21.56 40.74 37.30
N GLY A 36 -20.53 40.16 37.92
CA GLY A 36 -20.57 39.72 39.31
C GLY A 36 -20.45 40.80 40.37
N ALA A 37 -20.15 42.03 39.96
CA ALA A 37 -20.04 43.15 40.90
C ALA A 37 -21.21 44.12 40.78
N ARG A 38 -22.27 43.74 40.08
CA ARG A 38 -23.44 44.59 39.89
C ARG A 38 -24.40 44.46 41.06
N SER A 39 -25.14 45.53 41.31
CA SER A 39 -26.19 45.55 42.32
C SER A 39 -27.51 45.06 41.73
N SER A 40 -28.47 44.78 42.62
CA SER A 40 -29.78 44.35 42.18
C SER A 40 -30.43 45.38 41.27
N ALA A 41 -30.31 46.66 41.62
CA ALA A 41 -30.83 47.72 40.74
C ALA A 41 -30.12 47.72 39.39
N GLU A 42 -28.80 47.55 39.40
CA GLU A 42 -28.05 47.50 38.14
C GLU A 42 -28.37 46.25 37.35
N ARG A 43 -28.62 45.13 38.03
CA ARG A 43 -28.94 43.88 37.32
C ARG A 43 -30.27 43.99 36.59
N ALA A 44 -31.24 44.70 37.18
CA ALA A 44 -32.56 44.80 36.58
C ALA A 44 -32.60 45.82 35.44
N GLU A 45 -31.79 46.88 35.53
CA GLU A 45 -31.75 47.88 34.47
C GLU A 45 -31.22 47.30 33.17
N ILE A 46 -30.12 46.56 33.24
CA ILE A 46 -29.54 45.97 32.03
C ILE A 46 -30.45 44.88 31.46
N ALA A 47 -31.04 44.06 32.34
CA ALA A 47 -31.97 43.02 31.89
C ALA A 47 -33.14 43.64 31.12
N ALA A 48 -33.65 44.78 31.60
CA ALA A 48 -34.74 45.45 30.90
C ALA A 48 -34.31 45.98 29.54
N ALA A 49 -33.04 46.39 29.42
CA ALA A 49 -32.56 46.88 28.14
C ALA A 49 -32.41 45.75 27.14
N HIS A 50 -31.80 44.63 27.56
CA HIS A 50 -31.75 43.43 26.73
C HIS A 50 -33.13 43.04 26.21
N ASP A 51 -34.11 42.99 27.11
CA ASP A 51 -35.45 42.56 26.73
C ASP A 51 -36.08 43.51 25.71
N ALA A 52 -35.95 44.82 25.94
CA ALA A 52 -36.51 45.78 25.01
C ALA A 52 -35.85 45.67 23.64
N ALA A 53 -34.53 45.46 23.62
CA ALA A 53 -33.81 45.29 22.37
C ALA A 53 -34.22 43.99 21.68
N ARG A 54 -34.16 42.87 22.40
CA ARG A 54 -34.47 41.57 21.81
C ARG A 54 -35.91 41.51 21.30
N ALA A 55 -36.84 42.14 22.04
CA ALA A 55 -38.22 42.22 21.56
C ALA A 55 -38.30 42.93 20.22
N LEU A 56 -37.42 43.90 19.97
CA LEU A 56 -37.43 44.59 18.68
C LEU A 56 -36.72 43.78 17.60
N ARG A 57 -35.73 42.98 17.97
CA ARG A 57 -35.14 42.04 17.02
C ARG A 57 -36.19 41.08 16.49
N VAL A 58 -37.06 40.59 17.36
CA VAL A 58 -38.16 39.74 16.93
C VAL A 58 -39.10 40.50 16.01
N ARG A 59 -39.53 41.69 16.44
CA ARG A 59 -40.51 42.47 15.67
C ARG A 59 -39.93 42.91 14.33
N PHE A 60 -38.67 43.34 14.32
CA PHE A 60 -38.02 43.69 13.06
C PHE A 60 -38.00 42.52 12.10
N LEU A 61 -37.56 41.36 12.57
CA LEU A 61 -37.40 40.23 11.66
C LEU A 61 -38.73 39.61 11.25
N ASP A 62 -39.76 39.77 12.07
CA ASP A 62 -41.08 39.24 11.72
C ASP A 62 -41.54 39.73 10.35
N THR A 63 -41.24 40.98 10.00
CA THR A 63 -41.60 41.53 8.70
C THR A 63 -40.43 41.60 7.72
N HIS A 64 -39.19 41.68 8.20
CA HIS A 64 -38.04 41.94 7.34
C HIS A 64 -37.12 40.74 7.13
N ALA A 65 -37.48 39.55 7.64
CA ALA A 65 -36.58 38.39 7.55
C ALA A 65 -36.18 38.10 6.11
N ASP A 66 -37.17 38.04 5.22
CA ASP A 66 -36.90 37.70 3.82
C ASP A 66 -35.96 38.70 3.18
N ALA A 67 -36.20 40.00 3.42
CA ALA A 67 -35.35 41.03 2.83
C ALA A 67 -33.92 40.96 3.36
N VAL A 68 -33.76 40.77 4.67
CA VAL A 68 -32.44 40.63 5.26
C VAL A 68 -31.69 39.46 4.63
N TYR A 69 -32.32 38.29 4.60
CA TYR A 69 -31.67 37.11 4.03
C TYR A 69 -31.34 37.32 2.56
N ASP A 70 -32.21 38.02 1.83
CA ASP A 70 -31.96 38.30 0.42
C ASP A 70 -30.69 39.13 0.22
N ARG A 71 -30.46 40.13 1.07
CA ARG A 71 -29.23 40.92 0.98
C ARG A 71 -27.99 40.06 1.23
N LEU A 72 -28.04 39.22 2.27
CA LEU A 72 -26.87 38.43 2.64
C LEU A 72 -26.58 37.33 1.62
N THR A 73 -27.58 36.87 0.88
CA THR A 73 -27.42 35.73 -0.02
C THR A 73 -27.63 36.09 -1.48
N ASP A 74 -27.80 37.38 -1.79
CA ASP A 74 -27.98 37.85 -3.17
C ASP A 74 -29.21 37.19 -3.80
N HIS A 75 -30.35 37.41 -3.15
CA HIS A 75 -31.62 36.76 -3.49
C HIS A 75 -31.47 35.26 -3.66
N ARG A 76 -30.97 34.62 -2.62
CA ARG A 76 -30.98 33.16 -2.49
C ARG A 76 -30.28 32.45 -3.65
N ARG A 77 -29.20 33.05 -4.15
CA ARG A 77 -28.37 32.39 -5.16
C ARG A 77 -27.01 31.99 -4.63
N VAL A 78 -26.65 32.41 -3.42
CA VAL A 78 -25.42 32.00 -2.75
C VAL A 78 -25.81 31.27 -1.47
N HIS A 79 -25.36 30.01 -1.36
CA HIS A 79 -25.57 29.18 -0.18
C HIS A 79 -24.52 29.48 0.88
N LEU A 80 -24.94 30.07 2.00
CA LEU A 80 -24.09 30.29 3.15
C LEU A 80 -24.44 29.36 4.29
N ARG A 81 -23.42 28.70 4.85
CA ARG A 81 -23.56 27.93 6.08
C ARG A 81 -23.86 28.85 7.26
N LEU A 82 -24.09 28.24 8.43
CA LEU A 82 -24.54 28.99 9.60
C LEU A 82 -23.51 30.01 10.05
N ALA A 83 -22.30 29.55 10.35
CA ALA A 83 -21.23 30.45 10.78
C ALA A 83 -21.06 31.62 9.82
N GLU A 84 -21.00 31.33 8.52
CA GLU A 84 -20.88 32.39 7.53
C GLU A 84 -22.08 33.32 7.54
N LEU A 85 -23.29 32.77 7.73
CA LEU A 85 -24.49 33.59 7.69
C LEU A 85 -24.57 34.54 8.88
N VAL A 86 -24.37 34.03 10.10
CA VAL A 86 -24.52 34.86 11.28
C VAL A 86 -23.41 35.90 11.41
N GLU A 87 -22.26 35.68 10.77
CA GLU A 87 -21.24 36.73 10.73
C GLU A 87 -21.62 37.82 9.73
N ALA A 88 -21.94 37.42 8.50
CA ALA A 88 -22.35 38.37 7.48
C ALA A 88 -23.51 39.22 7.95
N ALA A 89 -24.47 38.62 8.65
CA ALA A 89 -25.58 39.38 9.21
C ALA A 89 -25.08 40.41 10.22
N ALA A 90 -24.06 40.05 11.01
CA ALA A 90 -23.53 40.97 12.00
C ALA A 90 -22.97 42.24 11.37
N THR A 91 -22.28 42.10 10.24
CA THR A 91 -21.64 43.27 9.62
C THR A 91 -22.60 44.06 8.76
N ALA A 92 -23.53 43.39 8.08
CA ALA A 92 -24.49 44.10 7.24
C ALA A 92 -25.61 44.74 8.05
N PHE A 93 -25.84 44.27 9.28
CA PHE A 93 -26.94 44.76 10.10
C PHE A 93 -26.45 44.90 11.54
N PRO A 94 -25.69 45.96 11.84
CA PRO A 94 -25.13 46.09 13.19
C PRO A 94 -26.22 46.17 14.24
N GLY A 95 -26.02 45.46 15.34
CA GLY A 95 -26.99 45.38 16.40
C GLY A 95 -28.04 44.31 16.25
N LEU A 96 -28.21 43.75 15.05
CA LEU A 96 -29.15 42.64 14.88
C LEU A 96 -28.61 41.35 15.51
N VAL A 97 -27.33 41.08 15.30
CA VAL A 97 -26.68 39.89 15.88
C VAL A 97 -25.25 40.27 16.26
N PRO A 98 -24.71 39.61 17.29
CA PRO A 98 -23.37 39.99 17.78
C PRO A 98 -22.28 39.77 16.74
N THR A 99 -21.25 40.60 16.86
CA THR A 99 -20.07 40.51 16.00
C THR A 99 -19.15 39.38 16.45
N GLN A 100 -18.19 39.05 15.59
CA GLN A 100 -17.15 38.09 15.93
C GLN A 100 -16.33 38.54 17.14
N GLN A 101 -16.17 39.85 17.31
CA GLN A 101 -15.45 40.38 18.47
C GLN A 101 -16.30 40.29 19.74
N GLN A 102 -17.57 40.69 19.64
CA GLN A 102 -18.48 40.57 20.79
C GLN A 102 -18.60 39.13 21.26
N LEU A 103 -18.66 38.19 20.31
CA LEU A 103 -18.73 36.78 20.65
C LEU A 103 -17.45 36.28 21.31
N ALA A 104 -16.30 36.77 20.85
CA ALA A 104 -15.02 36.33 21.42
C ALA A 104 -14.92 36.74 22.89
N VAL A 105 -15.42 37.93 23.22
CA VAL A 105 -15.50 38.35 24.62
C VAL A 105 -16.46 37.45 25.39
N GLU A 106 -17.64 37.17 24.82
CA GLU A 106 -18.58 36.25 25.45
C GLU A 106 -17.92 34.94 25.84
N ARG A 107 -17.28 34.26 24.89
CA ARG A 107 -16.64 33.00 25.22
C ARG A 107 -15.44 33.18 26.14
N SER A 108 -14.95 34.41 26.29
CA SER A 108 -13.90 34.64 27.29
C SER A 108 -14.42 34.49 28.70
N LEU A 109 -15.75 34.55 28.92
CA LEU A 109 -16.40 34.43 30.21
C LEU A 109 -16.92 33.02 30.46
N PRO A 110 -17.08 32.64 31.72
CA PRO A 110 -17.87 31.44 32.01
C PRO A 110 -19.35 31.75 31.79
N GLN A 111 -20.12 30.69 31.51
CA GLN A 111 -21.53 30.86 31.15
C GLN A 111 -22.28 31.75 32.14
N ALA A 112 -21.97 31.62 33.44
CA ALA A 112 -22.63 32.42 34.47
C ALA A 112 -22.54 33.92 34.18
N ALA A 113 -21.42 34.38 33.63
CA ALA A 113 -21.16 35.81 33.51
C ALA A 113 -21.52 36.38 32.13
N LYS A 114 -21.96 35.54 31.20
CA LYS A 114 -22.21 36.01 29.84
C LYS A 114 -23.45 36.91 29.79
N GLU A 115 -23.46 37.78 28.78
CA GLU A 115 -24.62 38.64 28.53
C GLU A 115 -25.70 37.91 27.75
N GLY A 116 -25.36 36.83 27.07
CA GLY A 116 -26.32 36.06 26.31
C GLY A 116 -26.56 36.57 24.92
N HIS A 117 -25.61 37.30 24.34
CA HIS A 117 -25.72 37.78 22.96
C HIS A 117 -26.09 36.66 21.99
N GLU A 118 -25.71 35.42 22.27
CA GLU A 118 -26.13 34.30 21.43
C GLU A 118 -27.65 34.22 21.30
N ILE A 119 -28.39 34.63 22.34
CA ILE A 119 -29.85 34.69 22.23
C ILE A 119 -30.25 35.48 20.98
N ASP A 120 -29.52 36.56 20.68
CA ASP A 120 -29.79 37.32 19.47
C ASP A 120 -29.61 36.48 18.22
N GLN A 121 -28.65 35.56 18.24
CA GLN A 121 -28.48 34.65 17.10
C GLN A 121 -29.65 33.67 17.01
N GLY A 122 -30.13 33.19 18.15
CA GLY A 122 -31.34 32.39 18.16
C GLY A 122 -32.53 33.09 17.54
N ILE A 123 -32.70 34.38 17.85
CA ILE A 123 -33.79 35.16 17.26
C ILE A 123 -33.64 35.23 15.76
N PHE A 124 -32.42 35.49 15.28
CA PHE A 124 -32.16 35.60 13.84
C PHE A 124 -32.45 34.29 13.13
N LEU A 125 -31.81 33.20 13.56
CA LEU A 125 -31.97 31.91 12.88
C LEU A 125 -33.41 31.42 12.93
N ARG A 126 -34.15 31.68 14.01
CA ARG A 126 -35.56 31.33 14.06
C ARG A 126 -36.34 32.01 12.93
N ALA A 127 -36.14 33.32 12.76
CA ALA A 127 -36.86 34.06 11.73
C ALA A 127 -36.49 33.59 10.33
N VAL A 128 -35.21 33.28 10.11
CA VAL A 128 -34.77 32.78 8.80
C VAL A 128 -35.43 31.45 8.50
N LEU A 129 -35.35 30.50 9.43
CA LEU A 129 -35.93 29.18 9.21
C LEU A 129 -37.46 29.23 9.11
N ARG A 130 -38.10 30.21 9.76
CA ARG A 130 -39.56 30.34 9.64
C ARG A 130 -39.96 30.76 8.22
N SER A 131 -39.07 31.37 7.47
CA SER A 131 -39.43 31.83 6.13
C SER A 131 -39.58 30.66 5.17
N PRO A 132 -40.72 30.54 4.47
CA PRO A 132 -40.86 29.46 3.48
C PRO A 132 -39.86 29.57 2.34
N LEU A 133 -39.26 30.74 2.13
CA LEU A 133 -38.24 30.96 1.11
C LEU A 133 -36.82 30.85 1.65
N ALA A 134 -36.54 31.52 2.77
CA ALA A 134 -35.19 31.53 3.34
C ALA A 134 -34.87 30.21 4.04
N GLY A 135 -35.83 29.67 4.78
CA GLY A 135 -35.69 28.43 5.50
C GLY A 135 -35.13 27.29 4.67
N PRO A 136 -35.88 26.84 3.66
CA PRO A 136 -35.40 25.73 2.81
C PRO A 136 -34.05 26.00 2.17
N HIS A 137 -33.76 27.27 1.85
CA HIS A 137 -32.49 27.63 1.24
C HIS A 137 -31.34 27.42 2.23
N LEU A 138 -31.51 27.86 3.48
CA LEU A 138 -30.47 27.65 4.49
C LEU A 138 -30.27 26.16 4.79
N LEU A 139 -31.35 25.39 4.83
CA LEU A 139 -31.21 23.95 5.08
C LEU A 139 -30.45 23.25 3.95
N ASP A 140 -30.59 23.74 2.71
CA ASP A 140 -29.78 23.19 1.62
C ASP A 140 -28.30 23.53 1.79
N ALA A 141 -28.01 24.80 2.08
CA ALA A 141 -26.63 25.22 2.31
C ALA A 141 -25.92 24.31 3.31
N MET A 142 -26.59 23.96 4.40
CA MET A 142 -25.98 23.11 5.41
C MET A 142 -25.89 21.64 4.98
N LEU A 143 -26.63 21.22 3.96
CA LEU A 143 -26.49 19.87 3.45
C LEU A 143 -25.39 19.73 2.41
N ARG A 144 -24.88 20.85 1.88
CA ARG A 144 -23.80 20.80 0.92
C ARG A 144 -22.51 20.32 1.60
N PRO A 145 -21.59 19.74 0.84
CA PRO A 145 -20.34 19.26 1.46
C PRO A 145 -19.56 20.39 2.11
N THR A 146 -18.96 20.06 3.25
CA THR A 146 -18.04 20.98 3.91
C THR A 146 -16.75 21.09 3.11
N PRO A 147 -16.12 22.28 3.10
CA PRO A 147 -14.80 22.41 2.45
C PRO A 147 -13.77 21.41 2.96
N ARG A 148 -13.79 21.15 4.27
CA ARG A 148 -12.85 20.21 4.88
C ARG A 148 -12.93 18.81 4.27
N ALA A 149 -14.14 18.34 4.01
CA ALA A 149 -14.33 17.02 3.43
C ALA A 149 -13.90 16.98 1.97
N LEU A 150 -14.27 18.01 1.21
CA LEU A 150 -13.83 18.11 -0.17
C LEU A 150 -12.31 18.12 -0.23
N GLU A 151 -11.69 18.80 0.74
CA GLU A 151 -10.23 18.83 0.88
C GLU A 151 -9.65 17.43 1.05
N LEU A 152 -10.22 16.64 1.97
CA LEU A 152 -9.69 15.35 2.37
C LEU A 152 -10.20 14.19 1.53
N LEU A 153 -11.08 14.45 0.57
CA LEU A 153 -11.66 13.37 -0.21
C LEU A 153 -10.61 12.61 -1.03
N PRO A 154 -9.73 13.26 -1.81
CA PRO A 154 -8.69 12.50 -2.53
C PRO A 154 -7.87 11.54 -1.68
N GLU A 155 -7.22 12.02 -0.63
CA GLU A 155 -6.41 11.12 0.20
C GLU A 155 -7.25 10.01 0.81
N PHE A 156 -8.51 10.29 1.14
CA PHE A 156 -9.38 9.25 1.69
C PHE A 156 -9.71 8.20 0.64
N VAL A 157 -9.99 8.63 -0.60
CA VAL A 157 -10.24 7.69 -1.69
C VAL A 157 -9.03 6.79 -1.90
N ARG A 158 -7.83 7.33 -1.72
CA ARG A 158 -6.60 6.57 -1.93
C ARG A 158 -6.29 5.68 -0.73
N THR A 159 -6.39 6.26 0.47
CA THR A 159 -5.95 5.60 1.69
C THR A 159 -7.07 4.79 2.34
N GLY A 160 -8.31 5.22 2.24
CA GLY A 160 -9.37 4.59 3.01
C GLY A 160 -9.26 4.86 4.49
N GLU A 161 -8.62 5.95 4.88
CA GLU A 161 -8.37 6.21 6.28
C GLU A 161 -8.15 7.69 6.50
N VAL A 162 -8.78 8.21 7.55
CA VAL A 162 -8.59 9.57 8.04
C VAL A 162 -8.67 9.49 9.55
N GLU A 163 -7.66 10.02 10.22
CA GLU A 163 -7.70 10.12 11.67
C GLU A 163 -7.92 11.58 12.03
N MET A 164 -8.97 11.83 12.80
CA MET A 164 -9.25 13.14 13.33
C MET A 164 -9.26 13.06 14.84
N GLU A 165 -9.37 14.23 15.46
CA GLU A 165 -9.22 14.34 16.90
C GLU A 165 -10.28 13.50 17.62
N ALA A 166 -11.54 13.63 17.19
CA ALA A 166 -12.67 13.00 17.86
C ALA A 166 -13.27 11.83 17.09
N VAL A 167 -12.85 11.59 15.85
CA VAL A 167 -13.43 10.51 15.03
C VAL A 167 -12.33 9.91 14.15
N HIS A 168 -12.28 8.57 14.12
CA HIS A 168 -11.47 7.82 13.18
C HIS A 168 -12.36 7.24 12.08
N LEU A 169 -12.04 7.55 10.83
CA LEU A 169 -12.83 7.10 9.68
C LEU A 169 -12.04 6.10 8.86
N GLU A 170 -12.70 5.00 8.46
CA GLU A 170 -12.06 3.95 7.68
C GLU A 170 -13.06 3.32 6.72
N ARG A 171 -12.69 3.26 5.44
CA ARG A 171 -13.41 2.46 4.46
C ARG A 171 -12.89 1.03 4.51
N ARG A 172 -13.80 0.07 4.63
CA ARG A 172 -13.41 -1.34 4.65
C ARG A 172 -14.60 -2.18 4.22
N ASP A 173 -14.42 -2.99 3.17
CA ASP A 173 -15.49 -3.82 2.62
C ASP A 173 -16.71 -3.00 2.23
N GLY A 174 -16.48 -1.80 1.69
CA GLY A 174 -17.56 -0.94 1.27
C GLY A 174 -18.30 -0.26 2.39
N VAL A 175 -17.70 -0.23 3.58
CA VAL A 175 -18.34 0.30 4.78
C VAL A 175 -17.49 1.47 5.27
N ALA A 176 -18.12 2.63 5.44
CA ALA A 176 -17.48 3.76 6.10
C ALA A 176 -17.60 3.58 7.61
N ARG A 177 -16.54 3.08 8.23
CA ARG A 177 -16.55 2.78 9.67
C ARG A 177 -16.09 4.01 10.43
N LEU A 178 -17.03 4.76 10.98
CA LEU A 178 -16.73 5.88 11.86
C LEU A 178 -16.63 5.36 13.28
N THR A 179 -15.50 5.64 13.93
CA THR A 179 -15.28 5.23 15.31
C THR A 179 -15.04 6.49 16.13
N MET A 180 -15.97 6.81 17.01
CA MET A 180 -15.84 7.97 17.89
C MET A 180 -14.81 7.64 18.96
N CYS A 181 -13.69 8.34 18.95
CA CYS A 181 -12.47 7.89 19.62
C CYS A 181 -11.95 8.93 20.60
N ARG A 182 -12.82 9.45 21.45
CA ARG A 182 -12.39 10.23 22.61
C ARG A 182 -12.25 9.30 23.82
N ASP A 183 -11.18 8.50 23.76
CA ASP A 183 -10.90 7.50 24.79
C ASP A 183 -10.87 8.04 26.22
N ASP A 184 -10.60 9.33 26.43
CA ASP A 184 -10.46 9.84 27.78
C ASP A 184 -11.74 10.38 28.40
N ARG A 185 -12.81 10.59 27.62
CA ARG A 185 -13.96 11.30 28.15
C ARG A 185 -15.28 10.69 27.74
N LEU A 186 -15.29 9.42 27.34
CA LEU A 186 -16.52 8.69 26.97
C LEU A 186 -17.21 9.37 25.79
N ASN A 187 -16.40 9.90 24.87
CA ASN A 187 -16.89 10.53 23.64
C ASN A 187 -17.81 11.72 23.92
N ALA A 188 -17.54 12.47 24.98
CA ALA A 188 -18.30 13.68 25.25
C ALA A 188 -18.13 14.65 24.08
N GLU A 189 -19.23 15.27 23.67
CA GLU A 189 -19.27 16.02 22.43
C GLU A 189 -18.85 17.48 22.65
N ASP A 190 -18.21 18.04 21.63
CA ASP A 190 -17.85 19.45 21.61
C ASP A 190 -17.82 19.92 20.17
N GLY A 191 -17.50 21.20 19.98
CA GLY A 191 -17.52 21.79 18.64
C GLY A 191 -16.59 21.08 17.66
N GLN A 192 -15.44 20.61 18.14
CA GLN A 192 -14.53 19.88 17.27
C GLN A 192 -15.15 18.55 16.82
N GLN A 193 -15.74 17.81 17.78
CA GLN A 193 -16.43 16.56 17.46
C GLN A 193 -17.47 16.74 16.37
N VAL A 194 -18.23 17.84 16.42
CA VAL A 194 -19.21 18.11 15.37
C VAL A 194 -18.51 18.31 14.03
N ASP A 195 -17.40 19.05 14.03
CA ASP A 195 -16.62 19.22 12.82
C ASP A 195 -16.07 17.90 12.30
N ASP A 196 -15.58 17.05 13.20
CA ASP A 196 -15.05 15.76 12.75
C ASP A 196 -16.17 14.86 12.28
N MET A 197 -17.30 14.85 12.99
CA MET A 197 -18.43 14.04 12.58
C MET A 197 -18.94 14.44 11.19
N GLU A 198 -19.21 15.73 10.97
CA GLU A 198 -19.71 16.15 9.66
C GLU A 198 -18.69 15.87 8.56
N THR A 199 -17.41 16.13 8.84
CA THR A 199 -16.37 15.82 7.85
C THR A 199 -16.39 14.35 7.48
N ALA A 200 -16.43 13.48 8.49
CA ALA A 200 -16.45 12.04 8.23
C ALA A 200 -17.70 11.63 7.48
N VAL A 201 -18.87 12.10 7.91
CA VAL A 201 -20.12 11.80 7.22
C VAL A 201 -20.05 12.23 5.75
N ASP A 202 -19.57 13.45 5.50
CA ASP A 202 -19.39 13.90 4.12
C ASP A 202 -18.54 12.93 3.31
N LEU A 203 -17.38 12.54 3.86
CA LEU A 203 -16.48 11.66 3.14
C LEU A 203 -17.14 10.31 2.86
N ALA A 204 -17.86 9.76 3.84
CA ALA A 204 -18.59 8.53 3.64
C ALA A 204 -19.56 8.63 2.46
N LEU A 205 -20.24 9.77 2.35
CA LEU A 205 -21.27 9.92 1.32
C LEU A 205 -20.66 10.14 -0.06
N LEU A 206 -19.59 10.93 -0.15
CA LEU A 206 -19.00 11.24 -1.45
C LEU A 206 -18.09 10.14 -1.98
N ASP A 207 -17.65 9.21 -1.14
CA ASP A 207 -16.74 8.16 -1.56
C ASP A 207 -17.47 7.09 -2.36
N PRO A 208 -17.15 6.90 -3.64
CA PRO A 208 -17.85 5.88 -4.43
C PRO A 208 -17.58 4.46 -3.95
N GLY A 209 -16.54 4.25 -3.15
CA GLY A 209 -16.24 2.96 -2.57
C GLY A 209 -16.97 2.64 -1.29
N VAL A 210 -17.85 3.54 -0.83
CA VAL A 210 -18.62 3.35 0.39
C VAL A 210 -20.08 3.11 0.02
N ARG A 211 -20.66 2.06 0.59
CA ARG A 211 -22.05 1.70 0.30
C ARG A 211 -22.96 1.84 1.50
N VAL A 212 -22.46 1.56 2.71
CA VAL A 212 -23.18 1.68 3.98
C VAL A 212 -22.27 2.41 4.96
N GLY A 213 -22.88 3.13 5.90
CA GLY A 213 -22.13 3.74 6.96
C GLY A 213 -22.30 2.99 8.27
N LEU A 214 -21.32 3.18 9.15
CA LEU A 214 -21.31 2.55 10.47
C LEU A 214 -20.76 3.54 11.48
N LEU A 215 -21.52 3.75 12.57
CA LEU A 215 -21.09 4.61 13.66
C LEU A 215 -20.98 3.78 14.92
N ARG A 216 -19.84 3.89 15.59
CA ARG A 216 -19.59 3.10 16.79
C ARG A 216 -18.61 3.87 17.67
N GLY A 217 -18.69 3.63 18.97
CA GLY A 217 -17.78 4.28 19.91
C GLY A 217 -16.53 3.45 20.09
N GLY A 218 -15.41 4.13 20.23
CA GLY A 218 -14.13 3.44 20.30
C GLY A 218 -13.79 2.95 21.69
N VAL A 219 -12.68 2.21 21.76
CA VAL A 219 -12.21 1.72 23.03
C VAL A 219 -11.77 2.90 23.88
N MET A 220 -12.12 2.85 25.16
CA MET A 220 -11.84 3.95 26.08
C MET A 220 -10.60 3.63 26.89
N SER A 221 -9.91 4.68 27.33
CA SER A 221 -8.69 4.55 28.12
C SER A 221 -8.84 5.00 29.56
N HIS A 222 -9.86 5.80 29.86
CA HIS A 222 -10.12 6.23 31.23
C HIS A 222 -10.14 5.03 32.17
N PRO A 223 -9.52 5.13 33.36
CA PRO A 223 -9.36 3.95 34.22
C PRO A 223 -10.63 3.20 34.52
N ARG A 224 -11.79 3.88 34.61
CA ARG A 224 -13.02 3.17 34.90
C ARG A 224 -13.56 2.40 33.69
N TYR A 225 -13.12 2.76 32.48
CA TYR A 225 -13.60 2.10 31.26
C TYR A 225 -12.46 1.58 30.39
N ARG A 226 -11.26 1.40 30.97
CA ARG A 226 -10.12 0.96 30.19
C ARG A 226 -10.40 -0.38 29.54
N GLY A 227 -10.20 -0.45 28.23
CA GLY A 227 -10.43 -1.67 27.47
C GLY A 227 -11.85 -1.89 27.01
N LYS A 228 -12.78 -1.00 27.37
CA LYS A 228 -14.20 -1.12 27.04
C LYS A 228 -14.60 -0.04 26.05
N ARG A 229 -15.42 -0.41 25.06
CA ARG A 229 -16.00 0.57 24.16
C ARG A 229 -17.14 1.31 24.85
N VAL A 230 -17.31 2.58 24.48
CA VAL A 230 -18.42 3.41 24.95
C VAL A 230 -18.90 4.28 23.80
N PHE A 231 -20.21 4.30 23.59
CA PHE A 231 -20.79 4.99 22.44
C PHE A 231 -20.72 6.51 22.63
N SER A 232 -21.50 7.06 23.55
CA SER A 232 -21.45 8.50 23.80
C SER A 232 -22.01 8.80 25.18
N ALA A 233 -21.37 9.77 25.86
CA ALA A 233 -21.82 10.26 27.15
C ALA A 233 -22.42 11.67 27.05
N GLY A 234 -22.79 12.08 25.85
CA GLY A 234 -23.51 13.31 25.66
C GLY A 234 -22.59 14.52 25.63
N ILE A 235 -23.21 15.70 25.71
CA ILE A 235 -22.48 16.95 25.58
C ILE A 235 -21.42 17.04 26.68
N ASN A 236 -20.30 17.70 26.36
CA ASN A 236 -19.28 17.95 27.37
C ASN A 236 -19.85 18.94 28.37
N LEU A 237 -20.23 18.45 29.55
CA LEU A 237 -20.83 19.31 30.56
C LEU A 237 -19.84 20.31 31.11
N LYS A 238 -18.56 19.90 31.23
CA LYS A 238 -17.53 20.84 31.67
C LYS A 238 -17.43 22.04 30.74
N TYR A 239 -17.32 21.81 29.44
CA TYR A 239 -17.19 22.90 28.47
C TYR A 239 -18.41 23.81 28.52
N LEU A 240 -19.61 23.21 28.58
CA LEU A 240 -20.85 23.98 28.69
C LEU A 240 -20.80 24.97 29.86
N SER A 241 -20.38 24.51 31.04
CA SER A 241 -20.25 25.40 32.18
C SER A 241 -19.21 26.48 31.93
N GLN A 242 -18.07 26.11 31.36
CA GLN A 242 -17.00 27.06 31.07
C GLN A 242 -17.36 28.00 29.93
N GLY A 243 -18.47 27.79 29.25
CA GLY A 243 -18.90 28.66 28.16
C GLY A 243 -18.44 28.24 26.78
N GLY A 244 -17.95 27.02 26.61
CA GLY A 244 -17.36 26.55 25.37
C GLY A 244 -18.29 25.86 24.39
N ILE A 245 -19.60 25.81 24.65
CA ILE A 245 -20.55 25.16 23.77
C ILE A 245 -21.29 26.23 22.99
N SER A 246 -21.08 26.29 21.68
CA SER A 246 -21.66 27.32 20.84
C SER A 246 -23.10 26.98 20.44
N LEU A 247 -24.00 27.96 20.59
CA LEU A 247 -25.34 27.80 20.03
C LEU A 247 -25.28 27.48 18.55
N VAL A 248 -24.53 28.28 17.79
CA VAL A 248 -24.51 28.13 16.34
C VAL A 248 -23.56 27.01 15.91
N ASP A 249 -22.31 27.07 16.37
CA ASP A 249 -21.31 26.12 15.88
C ASP A 249 -21.41 24.74 16.50
N PHE A 250 -22.23 24.52 17.52
CA PHE A 250 -22.45 23.17 18.05
C PHE A 250 -23.93 22.80 18.06
N LEU A 251 -24.74 23.43 18.90
CA LEU A 251 -26.11 22.97 19.09
C LEU A 251 -26.90 23.01 17.80
N MET A 252 -26.70 24.06 17.00
CA MET A 252 -27.40 24.20 15.72
C MET A 252 -26.65 23.51 14.58
N ARG A 253 -25.31 23.60 14.55
CA ARG A 253 -24.55 23.01 13.46
C ARG A 253 -24.80 21.50 13.36
N ARG A 254 -24.85 20.81 14.50
CA ARG A 254 -25.01 19.36 14.45
C ARG A 254 -26.38 18.94 13.94
N GLU A 255 -27.42 19.73 14.23
CA GLU A 255 -28.77 19.36 13.80
C GLU A 255 -28.98 19.60 12.31
N LEU A 256 -28.47 20.73 11.81
CA LEU A 256 -28.65 21.07 10.41
C LEU A 256 -27.59 20.46 9.52
N GLY A 257 -26.45 20.05 10.10
CA GLY A 257 -25.39 19.47 9.31
C GLY A 257 -25.41 17.96 9.25
N TYR A 258 -24.59 17.31 10.08
CA TYR A 258 -24.32 15.89 9.87
C TYR A 258 -25.52 15.02 10.23
N ILE A 259 -26.28 15.40 11.25
CA ILE A 259 -27.46 14.61 11.61
C ILE A 259 -28.49 14.66 10.48
N HIS A 260 -28.68 15.84 9.89
CA HIS A 260 -29.62 15.95 8.78
C HIS A 260 -29.05 15.28 7.53
N LYS A 261 -27.72 15.21 7.39
CA LYS A 261 -27.13 14.52 6.25
C LYS A 261 -27.28 13.02 6.35
N LEU A 262 -27.33 12.48 7.57
CA LEU A 262 -27.68 11.07 7.72
C LEU A 262 -29.08 10.81 7.17
N VAL A 263 -30.00 11.76 7.37
CA VAL A 263 -31.36 11.60 6.89
C VAL A 263 -31.45 11.79 5.38
N ARG A 264 -30.96 12.94 4.89
CA ARG A 264 -31.23 13.37 3.53
C ARG A 264 -30.01 13.33 2.61
N GLY A 265 -28.81 13.18 3.15
CA GLY A 265 -27.63 13.09 2.31
C GLY A 265 -26.99 14.45 2.09
N VAL A 266 -25.94 14.45 1.26
CA VAL A 266 -25.23 15.67 0.90
C VAL A 266 -25.80 16.20 -0.40
N LEU A 267 -26.06 17.50 -0.46
CA LEU A 267 -26.53 18.16 -1.67
C LEU A 267 -25.32 18.48 -2.55
N THR A 268 -25.21 17.79 -3.68
CA THR A 268 -24.09 18.00 -4.59
C THR A 268 -24.45 18.99 -5.69
N ASN A 269 -23.45 19.33 -6.50
CA ASN A 269 -23.70 20.16 -7.65
C ASN A 269 -24.38 19.33 -8.75
N ASP A 270 -24.72 19.98 -9.86
CA ASP A 270 -25.27 19.30 -11.03
C ASP A 270 -24.14 18.68 -11.85
N ASP A 271 -23.45 17.71 -11.24
CA ASP A 271 -22.15 17.27 -11.77
C ASP A 271 -22.06 15.77 -12.01
N ARG A 272 -23.18 15.13 -12.33
CA ARG A 272 -23.18 13.69 -12.57
C ARG A 272 -24.54 13.20 -13.05
N PRO A 273 -24.54 12.00 -13.76
CA PRO A 273 -25.87 11.56 -14.19
C PRO A 273 -26.78 11.29 -13.00
N GLY A 274 -28.08 11.45 -13.20
CA GLY A 274 -29.04 11.22 -12.13
C GLY A 274 -29.48 12.49 -11.45
N TRP A 275 -28.57 13.46 -11.37
CA TRP A 275 -28.89 14.73 -10.73
C TRP A 275 -30.08 15.39 -11.41
N TRP A 276 -31.27 14.92 -11.07
CA TRP A 276 -32.52 15.44 -11.64
C TRP A 276 -33.57 14.61 -10.93
N HIS A 277 -33.22 13.35 -10.69
CA HIS A 277 -33.97 12.51 -9.78
C HIS A 277 -33.30 12.38 -8.42
N SER A 278 -31.97 12.53 -8.34
CA SER A 278 -31.22 12.40 -7.09
C SER A 278 -30.23 13.55 -6.92
N PRO A 279 -30.71 14.73 -6.52
CA PRO A 279 -29.77 15.84 -6.27
C PRO A 279 -28.86 15.62 -5.06
N ARG A 280 -29.24 14.74 -4.14
CA ARG A 280 -28.44 14.44 -2.96
C ARG A 280 -27.95 13.00 -2.98
N ILE A 281 -26.75 12.80 -2.47
CA ILE A 281 -26.20 11.46 -2.26
C ILE A 281 -26.52 11.03 -0.83
N GLU A 282 -27.32 9.98 -0.70
CA GLU A 282 -27.69 9.43 0.60
C GLU A 282 -27.35 7.95 0.62
N LYS A 283 -27.00 7.46 1.79
CA LYS A 283 -26.65 6.08 1.99
C LYS A 283 -27.26 5.61 3.31
N PRO A 284 -27.45 4.30 3.48
CA PRO A 284 -27.99 3.80 4.75
C PRO A 284 -26.92 3.73 5.82
N TRP A 285 -27.36 3.88 7.07
CA TRP A 285 -26.46 4.00 8.20
C TRP A 285 -26.84 3.02 9.31
N VAL A 286 -25.82 2.43 9.91
CA VAL A 286 -25.97 1.47 11.01
C VAL A 286 -25.25 2.02 12.24
N ALA A 287 -25.91 1.89 13.40
CA ALA A 287 -25.36 2.33 14.67
C ALA A 287 -25.21 1.14 15.60
N ALA A 288 -24.11 1.12 16.36
CA ALA A 288 -23.81 0.05 17.30
C ALA A 288 -23.44 0.67 18.64
N VAL A 289 -24.23 0.36 19.67
CA VAL A 289 -24.13 1.02 20.97
C VAL A 289 -23.44 0.09 21.96
N ASP A 290 -22.20 0.42 22.32
CA ASP A 290 -21.51 -0.22 23.43
C ASP A 290 -21.58 0.70 24.66
N GLY A 291 -21.77 0.10 25.83
CA GLY A 291 -21.76 0.84 27.07
C GLY A 291 -23.07 1.53 27.35
N PHE A 292 -23.34 2.62 26.65
CA PHE A 292 -24.56 3.40 26.79
C PHE A 292 -24.53 4.53 25.76
N ALA A 293 -25.71 5.07 25.46
CA ALA A 293 -25.86 6.24 24.61
C ALA A 293 -26.66 7.27 25.39
N ILE A 294 -26.00 8.34 25.81
CA ILE A 294 -26.61 9.37 26.65
C ILE A 294 -26.70 10.69 25.90
N GLY A 295 -27.84 11.38 26.07
CA GLY A 295 -27.95 12.74 25.57
C GLY A 295 -27.86 12.82 24.07
N GLY A 296 -26.94 13.66 23.58
CA GLY A 296 -26.75 13.82 22.15
C GLY A 296 -26.40 12.53 21.44
N GLY A 297 -25.75 11.60 22.14
CA GLY A 297 -25.50 10.29 21.55
C GLY A 297 -26.78 9.51 21.30
N ALA A 298 -27.69 9.53 22.27
CA ALA A 298 -28.99 8.87 22.09
C ALA A 298 -29.82 9.57 21.01
N GLN A 299 -29.70 10.90 20.93
CA GLN A 299 -30.42 11.64 19.89
C GLN A 299 -30.10 11.10 18.50
N LEU A 300 -28.84 10.74 18.27
CA LEU A 300 -28.43 10.25 16.95
C LEU A 300 -29.19 8.99 16.53
N LEU A 301 -29.49 8.11 17.49
CA LEU A 301 -30.13 6.83 17.18
C LEU A 301 -31.46 6.97 16.47
N LEU A 302 -32.12 8.11 16.60
CA LEU A 302 -33.45 8.32 16.01
C LEU A 302 -33.40 8.55 14.51
N VAL A 303 -32.24 8.33 13.90
CA VAL A 303 -31.99 8.75 12.53
C VAL A 303 -31.33 7.67 11.69
N PHE A 304 -30.98 6.52 12.27
CA PHE A 304 -30.31 5.45 11.55
C PHE A 304 -31.30 4.45 10.93
N ASP A 305 -30.79 3.61 10.04
CA ASP A 305 -31.58 2.59 9.34
C ASP A 305 -31.57 1.25 10.05
N ARG A 306 -30.58 1.00 10.90
CA ARG A 306 -30.50 -0.19 11.72
C ARG A 306 -29.74 0.21 12.97
N VAL A 307 -30.20 -0.24 14.12
CA VAL A 307 -29.53 0.08 15.39
C VAL A 307 -29.32 -1.20 16.15
N LEU A 308 -28.08 -1.43 16.57
CA LEU A 308 -27.69 -2.58 17.37
C LEU A 308 -27.11 -2.10 18.69
N ALA A 309 -27.23 -2.94 19.70
CA ALA A 309 -26.78 -2.58 21.04
C ALA A 309 -26.46 -3.83 21.83
N SER A 310 -25.47 -3.72 22.71
CA SER A 310 -25.13 -4.86 23.54
C SER A 310 -26.12 -4.95 24.70
N SER A 311 -26.34 -6.18 25.18
CA SER A 311 -27.38 -6.45 26.18
C SER A 311 -27.29 -5.54 27.40
N ASP A 312 -26.09 -5.06 27.75
CA ASP A 312 -25.90 -4.31 28.98
C ASP A 312 -25.97 -2.80 28.79
N ALA A 313 -26.31 -2.32 27.60
CA ALA A 313 -26.25 -0.88 27.39
C ALA A 313 -27.58 -0.25 27.77
N TYR A 314 -27.56 1.08 27.95
CA TYR A 314 -28.78 1.78 28.29
C TYR A 314 -28.84 3.09 27.54
N PHE A 315 -30.05 3.63 27.44
CA PHE A 315 -30.31 4.85 26.70
C PHE A 315 -31.09 5.81 27.58
N SER A 316 -30.62 7.06 27.62
CA SER A 316 -31.28 8.09 28.39
C SER A 316 -31.04 9.43 27.71
N LEU A 317 -31.91 10.39 28.03
CA LEU A 317 -31.82 11.75 27.52
C LEU A 317 -31.92 12.64 28.76
N PRO A 318 -30.82 12.83 29.48
CA PRO A 318 -30.87 13.54 30.76
C PRO A 318 -30.62 15.04 30.65
N ALA A 319 -30.69 15.60 29.45
CA ALA A 319 -30.93 17.02 29.29
C ALA A 319 -32.34 17.29 29.81
N ALA A 320 -33.01 18.32 29.31
CA ALA A 320 -34.27 18.71 29.93
C ALA A 320 -34.08 18.93 31.42
N LYS A 321 -34.63 18.03 32.25
CA LYS A 321 -34.42 18.16 33.68
C LYS A 321 -32.95 18.01 33.97
N GLU A 322 -32.30 19.15 34.22
CA GLU A 322 -30.85 19.35 34.22
C GLU A 322 -30.62 20.73 33.62
N GLY A 323 -31.05 20.91 32.37
CA GLY A 323 -30.94 22.21 31.73
C GLY A 323 -31.57 22.46 30.38
N ILE A 324 -31.23 21.68 29.36
CA ILE A 324 -31.53 22.09 27.97
C ILE A 324 -32.39 21.10 27.20
N ILE A 325 -32.80 21.51 26.00
CA ILE A 325 -33.62 20.65 25.15
C ILE A 325 -32.73 19.61 24.49
N PRO A 326 -33.13 18.33 24.45
CA PRO A 326 -32.28 17.28 23.84
C PRO A 326 -32.38 17.25 22.32
N GLY A 327 -31.81 18.28 21.69
CA GLY A 327 -31.74 18.35 20.24
C GLY A 327 -33.08 18.16 19.58
N ALA A 328 -33.12 17.29 18.57
CA ALA A 328 -34.35 16.98 17.84
C ALA A 328 -35.06 15.75 18.39
N ALA A 329 -34.62 15.22 19.53
CA ALA A 329 -35.32 14.10 20.14
C ALA A 329 -36.78 14.44 20.40
N ASN A 330 -37.07 15.69 20.74
CA ASN A 330 -38.45 16.10 20.93
C ASN A 330 -39.23 16.02 19.62
N LEU A 331 -38.55 16.20 18.49
CA LEU A 331 -39.17 16.08 17.18
C LEU A 331 -39.41 14.62 16.81
N ARG A 332 -38.47 13.74 17.16
CA ARG A 332 -38.41 12.41 16.60
C ARG A 332 -38.89 11.32 17.54
N LEU A 333 -38.71 11.49 18.84
CA LEU A 333 -38.98 10.40 19.78
C LEU A 333 -40.44 9.94 19.75
N GLY A 334 -41.39 10.88 19.62
CA GLY A 334 -42.79 10.52 19.68
C GLY A 334 -43.17 9.51 18.61
N ARG A 335 -42.57 9.62 17.43
CA ARG A 335 -42.87 8.71 16.35
C ARG A 335 -42.25 7.33 16.60
N PHE A 336 -41.18 7.27 17.40
CA PHE A 336 -40.62 5.98 17.79
C PHE A 336 -41.37 5.35 18.96
N ALA A 337 -41.79 6.15 19.95
CA ALA A 337 -42.25 5.62 21.22
C ALA A 337 -43.59 6.17 21.70
N GLY A 338 -44.18 7.14 21.01
CA GLY A 338 -45.42 7.75 21.42
C GLY A 338 -45.28 8.85 22.46
N PRO A 339 -46.40 9.55 22.72
CA PRO A 339 -46.31 10.76 23.56
C PRO A 339 -46.06 10.46 25.03
N ARG A 340 -46.53 9.31 25.53
CA ARG A 340 -46.33 8.97 26.92
C ARG A 340 -44.87 8.64 27.21
N VAL A 341 -44.34 7.65 26.51
CA VAL A 341 -42.97 7.20 26.74
C VAL A 341 -41.97 8.30 26.43
N SER A 342 -42.24 9.09 25.39
CA SER A 342 -41.32 10.17 25.03
C SER A 342 -41.30 11.25 26.09
N ARG A 343 -42.43 11.52 26.75
CA ARG A 343 -42.41 12.43 27.90
C ARG A 343 -41.72 11.81 29.10
N GLN A 344 -41.89 10.49 29.30
CA GLN A 344 -41.21 9.84 30.40
C GLN A 344 -39.69 9.98 30.25
N VAL A 345 -39.20 9.80 29.03
CA VAL A 345 -37.76 9.87 28.77
C VAL A 345 -37.25 11.29 28.89
N ILE A 346 -37.96 12.25 28.28
CA ILE A 346 -37.47 13.61 28.16
C ILE A 346 -37.83 14.44 29.38
N LEU A 347 -39.11 14.49 29.72
CA LEU A 347 -39.53 15.35 30.82
C LEU A 347 -39.07 14.83 32.18
N GLU A 348 -38.98 13.51 32.36
CA GLU A 348 -38.71 12.96 33.68
C GLU A 348 -37.46 12.08 33.74
N GLY A 349 -36.60 12.12 32.72
CA GLY A 349 -35.31 11.45 32.78
C GLY A 349 -35.37 9.95 32.91
N ARG A 350 -36.43 9.31 32.41
CA ARG A 350 -36.48 7.85 32.38
C ARG A 350 -35.31 7.28 31.58
N ARG A 351 -34.75 6.17 32.07
CA ARG A 351 -33.65 5.48 31.43
C ARG A 351 -34.12 4.14 30.88
N ILE A 352 -33.72 3.82 29.65
CA ILE A 352 -34.19 2.62 28.97
C ILE A 352 -33.01 1.67 28.80
N TRP A 353 -33.19 0.43 29.25
CA TRP A 353 -32.16 -0.61 29.23
C TRP A 353 -32.36 -1.52 28.03
N ALA A 354 -31.24 -1.93 27.42
CA ALA A 354 -31.29 -2.67 26.16
C ALA A 354 -32.17 -3.92 26.23
N LYS A 355 -32.19 -4.61 27.36
CA LYS A 355 -32.92 -5.86 27.48
C LYS A 355 -34.37 -5.68 27.92
N GLU A 356 -34.80 -4.44 28.19
CA GLU A 356 -36.22 -4.43 28.53
C GLU A 356 -37.06 -4.28 27.27
N PRO A 357 -38.29 -4.80 27.27
CA PRO A 357 -39.14 -4.79 26.07
C PRO A 357 -39.12 -3.50 25.25
N GLU A 358 -39.24 -2.34 25.90
CA GLU A 358 -39.36 -1.08 25.15
C GLU A 358 -38.06 -0.63 24.48
N ALA A 359 -36.91 -1.27 24.74
CA ALA A 359 -35.77 -0.98 23.89
C ALA A 359 -36.07 -1.36 22.44
N ARG A 360 -37.08 -2.20 22.21
CA ARG A 360 -37.61 -2.49 20.89
C ARG A 360 -38.43 -1.34 20.30
N LEU A 361 -38.30 -0.15 20.87
CA LEU A 361 -38.80 1.07 20.25
C LEU A 361 -37.69 1.88 19.61
N LEU A 362 -36.45 1.70 20.06
CA LEU A 362 -35.29 2.43 19.59
C LEU A 362 -34.25 1.56 18.90
N VAL A 363 -34.27 0.25 19.12
CA VAL A 363 -33.16 -0.63 18.78
C VAL A 363 -33.69 -1.85 18.08
N ASP A 364 -33.01 -2.26 17.00
CA ASP A 364 -33.42 -3.41 16.20
C ASP A 364 -32.90 -4.72 16.77
N GLU A 365 -31.64 -4.76 17.17
CA GLU A 365 -31.03 -5.98 17.69
C GLU A 365 -30.29 -5.67 18.99
N VAL A 366 -30.49 -6.53 19.98
CA VAL A 366 -29.76 -6.48 21.24
C VAL A 366 -29.11 -7.83 21.42
N VAL A 367 -27.78 -7.85 21.48
CA VAL A 367 -27.02 -9.08 21.40
C VAL A 367 -25.90 -9.02 22.44
N GLU A 368 -25.56 -10.18 22.98
CA GLU A 368 -24.55 -10.35 23.99
C GLU A 368 -23.20 -9.77 23.58
N PRO A 369 -22.39 -9.29 24.52
CA PRO A 369 -21.09 -8.72 24.15
C PRO A 369 -20.22 -9.65 23.30
N ASP A 370 -20.27 -10.95 23.56
CA ASP A 370 -19.45 -11.87 22.81
C ASP A 370 -20.00 -12.11 21.41
N GLU A 371 -21.28 -11.86 21.17
CA GLU A 371 -21.87 -12.03 19.85
C GLU A 371 -22.07 -10.71 19.11
N LEU A 372 -21.65 -9.58 19.68
CA LEU A 372 -22.04 -8.29 19.11
C LEU A 372 -21.30 -8.00 17.81
N ASP A 373 -19.98 -8.16 17.79
CA ASP A 373 -19.20 -7.85 16.59
C ASP A 373 -19.72 -8.60 15.38
N ALA A 374 -20.03 -9.89 15.54
CA ALA A 374 -20.49 -10.67 14.39
C ALA A 374 -21.84 -10.18 13.89
N ALA A 375 -22.73 -9.79 14.80
CA ALA A 375 -24.02 -9.27 14.40
C ALA A 375 -23.88 -7.96 13.63
N ILE A 376 -22.96 -7.10 14.07
CA ILE A 376 -22.70 -5.83 13.37
C ILE A 376 -22.28 -6.09 11.94
N GLU A 377 -21.34 -7.02 11.73
CA GLU A 377 -20.87 -7.33 10.38
C GLU A 377 -22.00 -7.83 9.49
N ARG A 378 -22.80 -8.77 10.00
CA ARG A 378 -23.90 -9.32 9.22
C ARG A 378 -24.90 -8.24 8.82
N SER A 379 -25.14 -7.29 9.72
CA SER A 379 -26.10 -6.23 9.45
C SER A 379 -25.61 -5.30 8.35
N LEU A 380 -24.29 -5.16 8.20
CA LEU A 380 -23.74 -4.28 7.18
C LEU A 380 -23.90 -4.87 5.78
N THR A 381 -24.11 -6.19 5.69
CA THR A 381 -24.33 -6.88 4.43
C THR A 381 -25.74 -6.74 3.88
N ARG A 382 -26.70 -6.28 4.67
CA ARG A 382 -28.12 -6.33 4.30
C ARG A 382 -28.70 -5.03 3.73
N LEU A 383 -27.90 -3.99 3.47
CA LEU A 383 -28.47 -2.71 3.05
C LEU A 383 -27.82 -2.15 1.78
N ASP A 384 -27.48 -2.99 0.81
CA ASP A 384 -26.70 -2.55 -0.35
C ASP A 384 -27.51 -1.93 -1.48
N GLY A 385 -28.75 -2.36 -1.67
CA GLY A 385 -29.53 -1.95 -2.83
C GLY A 385 -29.65 -0.48 -3.20
N ASP A 386 -29.89 -0.24 -4.49
CA ASP A 386 -30.57 0.98 -4.90
C ASP A 386 -32.03 0.96 -4.48
N ALA A 387 -32.59 -0.23 -4.29
CA ALA A 387 -33.95 -0.37 -3.79
C ALA A 387 -34.06 0.12 -2.36
N VAL A 388 -33.09 -0.23 -1.51
CA VAL A 388 -33.07 0.30 -0.14
C VAL A 388 -33.01 1.82 -0.15
N LEU A 389 -32.17 2.39 -1.03
CA LEU A 389 -32.04 3.85 -1.09
C LEU A 389 -33.35 4.53 -1.44
N ALA A 390 -34.08 4.00 -2.42
CA ALA A 390 -35.36 4.58 -2.78
C ALA A 390 -36.37 4.38 -1.65
N ASN A 391 -36.31 3.22 -0.99
CA ASN A 391 -37.26 2.90 0.04
C ASN A 391 -37.02 3.73 1.31
N ARG A 392 -35.75 3.87 1.73
CA ARG A 392 -35.47 4.70 2.90
C ARG A 392 -35.78 6.16 2.62
N ARG A 393 -35.63 6.59 1.37
CA ARG A 393 -35.95 7.96 0.98
C ARG A 393 -37.44 8.23 1.08
N MET A 394 -38.26 7.29 0.63
CA MET A 394 -39.71 7.45 0.76
C MET A 394 -40.12 7.40 2.23
N LEU A 395 -39.46 6.55 3.03
CA LEU A 395 -39.78 6.45 4.45
C LEU A 395 -39.51 7.77 5.18
N ASN A 396 -38.29 8.30 5.04
CA ASN A 396 -37.94 9.53 5.74
C ASN A 396 -38.86 10.67 5.31
N LEU A 397 -39.15 10.73 4.02
CA LEU A 397 -40.08 11.73 3.48
C LEU A 397 -41.42 11.67 4.21
N ALA A 398 -41.90 10.46 4.50
CA ALA A 398 -43.16 10.31 5.22
C ALA A 398 -42.99 10.53 6.71
N ASP A 399 -41.94 9.93 7.30
CA ASP A 399 -41.70 10.07 8.73
C ASP A 399 -41.57 11.53 9.14
N GLU A 400 -40.79 12.30 8.40
CA GLU A 400 -40.36 13.61 8.86
C GLU A 400 -40.31 14.53 7.64
N SER A 401 -41.30 15.42 7.52
CA SER A 401 -41.43 16.24 6.33
C SER A 401 -40.46 17.43 6.38
N PRO A 402 -40.13 18.00 5.22
CA PRO A 402 -39.33 19.23 5.22
C PRO A 402 -39.94 20.32 6.09
N ASP A 403 -41.24 20.55 5.94
CA ASP A 403 -41.92 21.55 6.77
C ASP A 403 -41.82 21.19 8.24
N GLY A 404 -42.03 19.92 8.58
CA GLY A 404 -41.96 19.48 9.97
C GLY A 404 -40.63 19.80 10.61
N PHE A 405 -39.54 19.38 9.96
CA PHE A 405 -38.20 19.63 10.49
C PHE A 405 -37.92 21.12 10.57
N ARG A 406 -38.26 21.86 9.51
CA ARG A 406 -37.97 23.29 9.46
C ARG A 406 -38.75 24.06 10.52
N ALA A 407 -40.04 23.76 10.66
CA ALA A 407 -40.84 24.41 11.71
C ALA A 407 -40.24 24.17 13.09
N TYR A 408 -39.82 22.93 13.36
CA TYR A 408 -39.25 22.59 14.66
C TYR A 408 -37.93 23.35 14.91
N MET A 409 -36.99 23.27 13.97
CA MET A 409 -35.66 23.83 14.19
C MET A 409 -35.71 25.35 14.36
N ALA A 410 -36.61 26.02 13.66
CA ALA A 410 -36.83 27.45 13.87
C ALA A 410 -37.09 27.75 15.35
N GLU A 411 -38.16 27.18 15.89
CA GLU A 411 -38.45 27.38 17.31
C GLU A 411 -37.31 26.85 18.18
N PHE A 412 -36.68 25.74 17.75
CA PHE A 412 -35.55 25.20 18.51
C PHE A 412 -34.45 26.23 18.66
N ALA A 413 -34.19 26.99 17.60
CA ALA A 413 -33.09 27.97 17.60
C ALA A 413 -33.24 28.98 18.72
N LEU A 414 -34.46 29.46 18.97
CA LEU A 414 -34.68 30.41 20.05
C LEU A 414 -34.83 29.71 21.40
N MET A 415 -35.67 28.67 21.46
CA MET A 415 -35.91 27.98 22.72
C MET A 415 -34.62 27.46 23.32
N GLN A 416 -33.76 26.82 22.52
CA GLN A 416 -32.50 26.29 23.05
C GLN A 416 -31.55 27.40 23.48
N ALA A 417 -31.52 28.50 22.73
CA ALA A 417 -30.65 29.62 23.10
C ALA A 417 -31.01 30.16 24.49
N LEU A 418 -32.31 30.32 24.77
CA LEU A 418 -32.73 30.80 26.07
C LEU A 418 -32.37 29.80 27.17
N ARG A 419 -32.56 28.50 26.90
CA ARG A 419 -32.20 27.48 27.87
C ARG A 419 -30.69 27.48 28.15
N LEU A 420 -29.90 27.82 27.13
CA LEU A 420 -28.45 27.84 27.27
C LEU A 420 -28.01 28.87 28.31
N TYR A 421 -28.82 29.91 28.53
CA TYR A 421 -28.52 30.98 29.48
C TYR A 421 -29.52 31.02 30.64
N GLY A 422 -30.20 29.91 30.90
CA GLY A 422 -31.17 29.85 31.98
C GLY A 422 -30.53 29.79 33.36
N HIS A 423 -31.24 30.37 34.34
CA HIS A 423 -30.71 30.48 35.69
C HIS A 423 -30.42 29.12 36.29
N ASP A 424 -31.34 28.17 36.08
CA ASP A 424 -31.21 26.81 36.61
C ASP A 424 -30.18 25.97 35.87
N THR A 425 -30.04 26.15 34.56
CA THR A 425 -29.07 25.38 33.80
C THR A 425 -27.65 25.69 34.25
N ILE A 426 -27.30 26.98 34.28
CA ILE A 426 -25.95 27.40 34.66
C ILE A 426 -25.56 26.80 36.01
N ASP A 427 -26.53 26.73 36.93
CA ASP A 427 -26.28 26.10 38.22
C ASP A 427 -25.94 24.61 38.05
N LYS A 428 -26.78 23.87 37.34
CA LYS A 428 -26.66 22.42 37.32
C LYS A 428 -25.43 21.97 36.55
N VAL A 429 -25.14 22.63 35.42
CA VAL A 429 -23.99 22.26 34.61
C VAL A 429 -22.67 22.47 35.35
N GLY A 430 -22.63 23.46 36.24
CA GLY A 430 -21.41 23.73 36.98
C GLY A 430 -21.14 22.80 38.15
N ARG A 431 -21.94 21.75 38.33
CA ARG A 431 -21.74 20.80 39.43
C ARG A 431 -21.20 19.46 38.96
N PHE A 432 -20.99 19.26 37.66
CA PHE A 432 -20.61 17.95 37.16
C PHE A 432 -19.29 17.46 37.72
N THR B 11 -73.20 40.39 -4.97
CA THR B 11 -71.87 40.44 -5.56
C THR B 11 -71.77 39.37 -6.65
N ASP B 12 -71.35 38.16 -6.27
CA ASP B 12 -71.42 37.04 -7.18
C ASP B 12 -72.77 36.33 -7.15
N GLY B 13 -73.79 36.99 -6.57
CA GLY B 13 -75.11 36.44 -6.49
C GLY B 13 -75.37 35.52 -5.31
N LEU B 14 -74.33 35.10 -4.59
CA LEU B 14 -74.51 34.05 -3.58
C LEU B 14 -75.23 34.57 -2.35
N TRP B 15 -75.04 35.84 -1.98
CA TRP B 15 -75.77 36.34 -0.82
C TRP B 15 -77.27 36.42 -1.12
N ALA B 16 -77.62 36.80 -2.35
CA ALA B 16 -79.03 36.85 -2.72
C ALA B 16 -79.64 35.46 -2.71
N ALA B 17 -78.94 34.48 -3.30
CA ALA B 17 -79.44 33.11 -3.30
C ALA B 17 -79.61 32.57 -1.89
N LEU B 18 -78.67 32.87 -1.00
CA LEU B 18 -78.80 32.46 0.39
C LEU B 18 -80.04 33.07 1.03
N THR B 19 -80.19 34.39 0.93
CA THR B 19 -81.35 35.06 1.51
C THR B 19 -82.65 34.52 0.93
N GLU B 20 -82.66 34.20 -0.36
CA GLU B 20 -83.84 33.64 -0.99
C GLU B 20 -84.11 32.21 -0.50
N ALA B 21 -83.05 31.46 -0.20
CA ALA B 21 -83.22 30.11 0.36
C ALA B 21 -83.61 30.17 1.84
N ALA B 22 -83.04 31.11 2.59
CA ALA B 22 -83.44 31.28 3.98
C ALA B 22 -84.89 31.77 4.07
N ALA B 23 -85.33 32.59 3.11
CA ALA B 23 -86.71 33.06 3.08
C ALA B 23 -87.70 31.91 2.98
N SER B 24 -87.46 30.96 2.06
CA SER B 24 -88.34 29.81 1.92
C SER B 24 -88.43 28.98 3.20
N VAL B 25 -87.31 28.79 3.89
CA VAL B 25 -87.32 27.98 5.11
C VAL B 25 -88.20 28.62 6.17
N GLU B 26 -88.02 29.92 6.41
CA GLU B 26 -88.87 30.62 7.37
C GLU B 26 -90.32 30.66 6.90
N LYS B 27 -90.55 30.76 5.60
CA LYS B 27 -91.89 30.65 5.07
C LYS B 27 -92.52 29.31 5.41
N LEU B 28 -91.79 28.23 5.14
CA LEU B 28 -92.33 26.89 5.42
C LEU B 28 -92.56 26.69 6.91
N LEU B 29 -91.62 27.12 7.75
CA LEU B 29 -91.77 26.92 9.20
C LEU B 29 -92.96 27.70 9.75
N ALA B 30 -93.24 28.87 9.19
CA ALA B 30 -94.39 29.64 9.64
C ALA B 30 -95.70 28.94 9.32
N THR B 31 -95.84 28.41 8.11
CA THR B 31 -97.11 27.82 7.67
C THR B 31 -97.24 26.33 7.97
N LEU B 32 -96.14 25.57 8.06
CA LEU B 32 -96.26 24.14 8.27
C LEU B 32 -96.61 23.83 9.71
N PRO B 33 -97.12 22.62 9.98
CA PRO B 33 -97.40 22.23 11.36
C PRO B 33 -96.15 22.04 12.19
N GLU B 34 -96.33 21.62 13.44
CA GLU B 34 -95.21 21.41 14.33
C GLU B 34 -94.40 20.19 13.87
N HIS B 35 -93.17 20.08 14.40
CA HIS B 35 -92.27 18.99 14.03
C HIS B 35 -92.94 17.62 14.12
N GLY B 36 -93.73 17.41 15.16
CA GLY B 36 -94.37 16.13 15.40
C GLY B 36 -95.69 15.91 14.68
N ALA B 37 -96.24 16.94 14.06
CA ALA B 37 -97.51 16.84 13.33
C ALA B 37 -97.35 16.95 11.81
N ARG B 38 -96.13 16.92 11.29
CA ARG B 38 -95.92 17.05 9.86
C ARG B 38 -96.10 15.71 9.16
N SER B 39 -96.56 15.77 7.92
CA SER B 39 -96.69 14.58 7.08
C SER B 39 -95.38 14.29 6.36
N SER B 40 -95.31 13.11 5.74
CA SER B 40 -94.12 12.72 5.01
C SER B 40 -93.79 13.72 3.91
N ALA B 41 -94.81 14.17 3.16
CA ALA B 41 -94.60 15.20 2.16
C ALA B 41 -94.10 16.50 2.80
N GLU B 42 -94.68 16.86 3.94
CA GLU B 42 -94.25 18.07 4.64
C GLU B 42 -92.85 17.92 5.21
N ARG B 43 -92.53 16.73 5.73
CA ARG B 43 -91.18 16.51 6.27
C ARG B 43 -90.13 16.54 5.15
N ALA B 44 -90.50 16.15 3.93
CA ALA B 44 -89.55 16.19 2.82
C ALA B 44 -89.43 17.58 2.23
N GLU B 45 -90.50 18.38 2.25
CA GLU B 45 -90.42 19.74 1.73
C GLU B 45 -89.49 20.59 2.58
N ILE B 46 -89.65 20.53 3.91
CA ILE B 46 -88.81 21.34 4.78
C ILE B 46 -87.38 20.83 4.79
N ALA B 47 -87.20 19.50 4.81
CA ALA B 47 -85.85 18.96 4.76
C ALA B 47 -85.13 19.42 3.50
N ALA B 48 -85.83 19.47 2.38
CA ALA B 48 -85.24 19.97 1.15
C ALA B 48 -84.96 21.47 1.22
N ALA B 49 -85.79 22.22 1.94
CA ALA B 49 -85.56 23.65 2.06
C ALA B 49 -84.32 23.92 2.90
N HIS B 50 -84.20 23.23 4.04
CA HIS B 50 -83.00 23.28 4.85
C HIS B 50 -81.74 22.96 4.03
N ASP B 51 -81.79 21.89 3.24
CA ASP B 51 -80.60 21.46 2.52
C ASP B 51 -80.16 22.51 1.50
N ALA B 52 -81.13 23.09 0.77
CA ALA B 52 -80.77 24.12 -0.22
C ALA B 52 -80.16 25.34 0.45
N ALA B 53 -80.69 25.74 1.61
CA ALA B 53 -80.15 26.90 2.32
C ALA B 53 -78.74 26.62 2.82
N ARG B 54 -78.55 25.50 3.52
CA ARG B 54 -77.24 25.17 4.07
C ARG B 54 -76.20 24.96 2.97
N ALA B 55 -76.60 24.36 1.85
CA ALA B 55 -75.67 24.22 0.73
C ALA B 55 -75.14 25.57 0.25
N LEU B 56 -75.99 26.61 0.31
CA LEU B 56 -75.53 27.95 -0.08
C LEU B 56 -74.73 28.64 1.03
N ARG B 57 -74.99 28.28 2.29
CA ARG B 57 -74.13 28.77 3.37
C ARG B 57 -72.69 28.34 3.16
N VAL B 58 -72.49 27.08 2.74
CA VAL B 58 -71.16 26.60 2.42
C VAL B 58 -70.59 27.36 1.22
N ARG B 59 -71.39 27.47 0.15
CA ARG B 59 -70.90 28.13 -1.06
C ARG B 59 -70.61 29.60 -0.83
N PHE B 60 -71.48 30.29 -0.08
CA PHE B 60 -71.21 31.69 0.24
C PHE B 60 -69.89 31.85 0.97
N LEU B 61 -69.68 31.04 2.00
CA LEU B 61 -68.50 31.18 2.84
C LEU B 61 -67.22 30.67 2.18
N ASP B 62 -67.33 29.73 1.24
CA ASP B 62 -66.14 29.27 0.53
C ASP B 62 -65.37 30.41 -0.10
N THR B 63 -66.07 31.40 -0.64
CA THR B 63 -65.41 32.54 -1.28
C THR B 63 -65.38 33.80 -0.43
N HIS B 64 -66.32 33.96 0.51
CA HIS B 64 -66.48 35.22 1.22
C HIS B 64 -66.10 35.14 2.71
N ALA B 65 -65.57 34.00 3.17
CA ALA B 65 -65.30 33.80 4.60
C ALA B 65 -64.42 34.90 5.20
N ASP B 66 -63.27 35.17 4.58
CA ASP B 66 -62.36 36.19 5.09
C ASP B 66 -63.02 37.55 5.16
N ALA B 67 -63.80 37.91 4.14
CA ALA B 67 -64.49 39.20 4.13
C ALA B 67 -65.51 39.29 5.27
N VAL B 68 -66.27 38.23 5.50
CA VAL B 68 -67.18 38.19 6.65
C VAL B 68 -66.43 38.39 7.96
N TYR B 69 -65.38 37.58 8.19
CA TYR B 69 -64.65 37.63 9.44
C TYR B 69 -63.98 38.99 9.64
N ASP B 70 -63.43 39.57 8.57
CA ASP B 70 -62.83 40.90 8.67
C ASP B 70 -63.85 41.95 9.09
N ARG B 71 -65.08 41.85 8.59
CA ARG B 71 -66.11 42.79 9.04
C ARG B 71 -66.37 42.64 10.53
N LEU B 72 -66.50 41.41 11.02
CA LEU B 72 -66.84 41.19 12.42
C LEU B 72 -65.68 41.55 13.35
N THR B 73 -64.45 41.45 12.86
CA THR B 73 -63.27 41.55 13.71
C THR B 73 -62.40 42.75 13.40
N ASP B 74 -62.88 43.66 12.53
CA ASP B 74 -62.14 44.87 12.18
C ASP B 74 -60.78 44.50 11.56
N HIS B 75 -60.85 43.70 10.49
CA HIS B 75 -59.66 43.11 9.86
C HIS B 75 -58.72 42.51 10.90
N ARG B 76 -59.27 41.57 11.68
CA ARG B 76 -58.48 40.72 12.58
C ARG B 76 -57.70 41.54 13.60
N ARG B 77 -58.31 42.64 14.06
CA ARG B 77 -57.70 43.47 15.09
C ARG B 77 -58.43 43.38 16.43
N VAL B 78 -59.61 42.76 16.48
CA VAL B 78 -60.35 42.54 17.71
C VAL B 78 -60.54 41.04 17.87
N HIS B 79 -60.08 40.51 19.01
CA HIS B 79 -60.23 39.09 19.34
C HIS B 79 -61.61 38.83 19.91
N LEU B 80 -62.46 38.13 19.16
CA LEU B 80 -63.77 37.71 19.64
C LEU B 80 -63.77 36.21 19.92
N ARG B 81 -64.27 35.85 21.10
CA ARG B 81 -64.51 34.45 21.42
C ARG B 81 -65.63 33.88 20.54
N LEU B 82 -65.88 32.58 20.70
CA LEU B 82 -66.84 31.88 19.83
C LEU B 82 -68.24 32.45 19.99
N ALA B 83 -68.75 32.47 21.23
CA ALA B 83 -70.09 32.99 21.51
C ALA B 83 -70.28 34.39 20.92
N GLU B 84 -69.33 35.29 21.18
CA GLU B 84 -69.44 36.65 20.64
C GLU B 84 -69.40 36.66 19.12
N LEU B 85 -68.61 35.77 18.51
CA LEU B 85 -68.46 35.75 17.06
C LEU B 85 -69.74 35.33 16.36
N VAL B 86 -70.34 34.22 16.80
CA VAL B 86 -71.54 33.70 16.15
C VAL B 86 -72.73 34.62 16.37
N GLU B 87 -72.74 35.37 17.47
CA GLU B 87 -73.82 36.32 17.72
C GLU B 87 -73.63 37.58 16.89
N ALA B 88 -72.38 38.02 16.72
CA ALA B 88 -72.10 39.16 15.85
C ALA B 88 -72.38 38.82 14.39
N ALA B 89 -71.99 37.60 13.96
CA ALA B 89 -72.29 37.17 12.60
C ALA B 89 -73.79 37.12 12.36
N ALA B 90 -74.56 36.70 13.36
CA ALA B 90 -76.01 36.66 13.23
C ALA B 90 -76.56 38.05 12.96
N THR B 91 -76.02 39.06 13.65
CA THR B 91 -76.53 40.42 13.51
C THR B 91 -75.98 41.08 12.25
N ALA B 92 -74.73 40.81 11.90
CA ALA B 92 -74.13 41.38 10.70
C ALA B 92 -74.57 40.67 9.43
N PHE B 93 -75.01 39.42 9.51
CA PHE B 93 -75.34 38.62 8.33
C PHE B 93 -76.60 37.80 8.59
N PRO B 94 -77.77 38.43 8.51
CA PRO B 94 -79.01 37.71 8.83
C PRO B 94 -79.23 36.52 7.90
N GLY B 95 -79.63 35.40 8.50
CA GLY B 95 -79.85 34.16 7.77
C GLY B 95 -78.62 33.30 7.60
N LEU B 96 -77.42 33.86 7.78
CA LEU B 96 -76.21 33.04 7.70
C LEU B 96 -76.09 32.11 8.89
N VAL B 97 -76.37 32.62 10.09
CA VAL B 97 -76.36 31.83 11.32
C VAL B 97 -77.47 32.33 12.22
N PRO B 98 -78.00 31.46 13.08
CA PRO B 98 -79.16 31.85 13.88
C PRO B 98 -78.87 33.06 14.76
N THR B 99 -79.93 33.82 15.04
CA THR B 99 -79.84 35.09 15.75
C THR B 99 -79.53 34.93 17.23
N GLN B 100 -80.51 34.44 17.99
CA GLN B 100 -80.50 34.39 19.45
C GLN B 100 -81.92 34.08 19.88
N GLN B 101 -82.86 34.91 19.41
CA GLN B 101 -84.27 34.57 19.52
C GLN B 101 -84.57 33.23 18.86
N GLN B 102 -83.83 32.88 17.80
CA GLN B 102 -84.01 31.57 17.17
C GLN B 102 -83.36 30.45 17.98
N LEU B 103 -82.16 30.71 18.53
CA LEU B 103 -81.53 29.71 19.38
C LEU B 103 -82.34 29.47 20.64
N ALA B 104 -82.99 30.50 21.18
CA ALA B 104 -83.84 30.32 22.35
C ALA B 104 -85.02 29.41 22.06
N VAL B 105 -85.64 29.56 20.88
CA VAL B 105 -86.71 28.64 20.49
C VAL B 105 -86.18 27.22 20.35
N GLU B 106 -85.09 27.05 19.62
CA GLU B 106 -84.42 25.75 19.53
C GLU B 106 -84.15 25.17 20.92
N ARG B 107 -83.61 25.99 21.82
CA ARG B 107 -83.20 25.50 23.13
C ARG B 107 -84.36 25.07 24.01
N SER B 108 -85.58 25.52 23.71
CA SER B 108 -86.76 25.09 24.47
C SER B 108 -87.24 23.70 24.09
N LEU B 109 -86.87 23.23 22.92
CA LEU B 109 -87.35 21.97 22.39
C LEU B 109 -86.42 20.82 22.75
N PRO B 110 -86.95 19.60 22.76
CA PRO B 110 -86.05 18.44 22.83
C PRO B 110 -85.32 18.26 21.51
N GLN B 111 -84.14 17.62 21.58
CA GLN B 111 -83.31 17.46 20.40
C GLN B 111 -84.10 16.90 19.22
N ALA B 112 -85.02 15.97 19.50
CA ALA B 112 -85.84 15.36 18.46
C ALA B 112 -86.59 16.40 17.62
N ALA B 113 -87.08 17.45 18.26
CA ALA B 113 -87.99 18.40 17.61
C ALA B 113 -87.29 19.61 17.02
N LYS B 114 -85.98 19.72 17.20
CA LYS B 114 -85.26 20.89 16.72
C LYS B 114 -85.15 20.87 15.19
N GLU B 115 -85.00 22.07 14.62
CA GLU B 115 -84.76 22.21 13.19
C GLU B 115 -83.28 22.02 12.82
N GLY B 116 -82.38 22.13 13.79
CA GLY B 116 -80.96 21.96 13.50
C GLY B 116 -80.24 23.22 13.10
N HIS B 117 -80.74 24.38 13.51
CA HIS B 117 -80.10 25.66 13.21
C HIS B 117 -78.62 25.73 13.60
N GLU B 118 -78.22 25.00 14.66
CA GLU B 118 -76.81 24.97 15.04
C GLU B 118 -75.91 24.47 13.91
N ILE B 119 -76.41 23.56 13.08
CA ILE B 119 -75.64 23.12 11.91
C ILE B 119 -75.13 24.32 11.12
N ASP B 120 -75.95 25.36 11.03
CA ASP B 120 -75.52 26.58 10.35
C ASP B 120 -74.32 27.20 11.05
N GLN B 121 -74.26 27.07 12.37
CA GLN B 121 -73.08 27.52 13.11
C GLN B 121 -71.88 26.62 12.79
N GLY B 122 -72.11 25.32 12.68
CA GLY B 122 -71.06 24.42 12.21
C GLY B 122 -70.49 24.83 10.87
N ILE B 123 -71.37 25.23 9.94
CA ILE B 123 -70.92 25.68 8.62
C ILE B 123 -70.05 26.93 8.76
N PHE B 124 -70.50 27.87 9.60
CA PHE B 124 -69.76 29.11 9.81
C PHE B 124 -68.39 28.84 10.40
N LEU B 125 -68.34 28.15 11.55
CA LEU B 125 -67.07 27.90 12.23
C LEU B 125 -66.12 27.07 11.38
N ARG B 126 -66.65 26.12 10.61
CA ARG B 126 -65.81 25.36 9.69
C ARG B 126 -65.15 26.28 8.68
N ALA B 127 -65.93 27.15 8.04
CA ALA B 127 -65.38 28.03 7.02
C ALA B 127 -64.36 29.00 7.60
N VAL B 128 -64.61 29.52 8.80
CA VAL B 128 -63.66 30.42 9.45
C VAL B 128 -62.35 29.69 9.74
N LEU B 129 -62.45 28.54 10.42
CA LEU B 129 -61.26 27.79 10.82
C LEU B 129 -60.45 27.31 9.63
N ARG B 130 -61.10 27.10 8.48
CA ARG B 130 -60.36 26.73 7.27
C ARG B 130 -59.51 27.88 6.74
N SER B 131 -59.88 29.11 7.01
CA SER B 131 -59.15 30.25 6.46
C SER B 131 -57.80 30.40 7.15
N PRO B 132 -56.69 30.41 6.41
CA PRO B 132 -55.37 30.59 7.05
C PRO B 132 -55.19 31.92 7.76
N LEU B 133 -56.03 32.92 7.48
CA LEU B 133 -55.95 34.20 8.17
C LEU B 133 -56.91 34.29 9.35
N ALA B 134 -58.17 33.89 9.14
CA ALA B 134 -59.18 33.96 10.20
C ALA B 134 -59.01 32.86 11.22
N GLY B 135 -58.72 31.64 10.78
CA GLY B 135 -58.53 30.49 11.64
C GLY B 135 -57.58 30.76 12.79
N PRO B 136 -56.31 31.02 12.48
CA PRO B 136 -55.35 31.32 13.55
C PRO B 136 -55.77 32.48 14.43
N HIS B 137 -56.47 33.46 13.88
CA HIS B 137 -56.94 34.59 14.68
C HIS B 137 -57.99 34.14 15.70
N LEU B 138 -58.95 33.33 15.27
CA LEU B 138 -59.98 32.83 16.18
C LEU B 138 -59.39 31.92 17.26
N LEU B 139 -58.44 31.05 16.90
CA LEU B 139 -57.84 30.17 17.90
C LEU B 139 -57.03 30.96 18.91
N ASP B 140 -56.41 32.06 18.51
CA ASP B 140 -55.75 32.92 19.49
C ASP B 140 -56.78 33.54 20.43
N ALA B 141 -57.87 34.06 19.86
CA ALA B 141 -58.97 34.61 20.66
C ALA B 141 -59.40 33.67 21.77
N MET B 142 -59.56 32.38 21.44
CA MET B 142 -60.00 31.40 22.43
C MET B 142 -58.91 31.03 23.43
N LEU B 143 -57.64 31.34 23.14
CA LEU B 143 -56.57 31.12 24.10
C LEU B 143 -56.37 32.27 25.08
N ARG B 144 -56.97 33.43 24.84
CA ARG B 144 -56.82 34.56 25.76
C ARG B 144 -57.59 34.29 27.04
N PRO B 145 -57.22 34.93 28.14
CA PRO B 145 -57.92 34.70 29.41
C PRO B 145 -59.40 35.07 29.34
N THR B 146 -60.22 34.26 30.00
CA THR B 146 -61.63 34.57 30.13
C THR B 146 -61.83 35.75 31.07
N PRO B 147 -62.82 36.61 30.81
CA PRO B 147 -63.16 37.69 31.76
C PRO B 147 -63.44 37.20 33.17
N ARG B 148 -64.13 36.06 33.32
CA ARG B 148 -64.42 35.53 34.64
C ARG B 148 -63.14 35.27 35.44
N ALA B 149 -62.12 34.72 34.79
CA ALA B 149 -60.87 34.42 35.49
C ALA B 149 -60.11 35.68 35.85
N LEU B 150 -60.04 36.64 34.93
CA LEU B 150 -59.38 37.92 35.23
C LEU B 150 -60.05 38.57 36.42
N GLU B 151 -61.37 38.46 36.49
CA GLU B 151 -62.16 38.95 37.60
C GLU B 151 -61.71 38.32 38.92
N LEU B 152 -61.57 36.99 38.93
CA LEU B 152 -61.34 36.21 40.14
C LEU B 152 -59.86 36.04 40.48
N LEU B 153 -58.96 36.57 39.66
CA LEU B 153 -57.54 36.32 39.90
C LEU B 153 -57.03 36.96 41.18
N PRO B 154 -57.23 38.26 41.45
CA PRO B 154 -56.76 38.83 42.72
C PRO B 154 -57.23 38.07 43.96
N GLU B 155 -58.52 37.72 44.03
CA GLU B 155 -59.00 36.96 45.17
C GLU B 155 -58.40 35.57 45.23
N PHE B 156 -58.10 34.97 44.06
CA PHE B 156 -57.48 33.66 44.07
C PHE B 156 -56.02 33.73 44.51
N VAL B 157 -55.30 34.76 44.05
CA VAL B 157 -53.93 34.95 44.49
C VAL B 157 -53.87 35.13 46.00
N ARG B 158 -54.90 35.75 46.58
CA ARG B 158 -54.89 36.01 48.02
C ARG B 158 -55.31 34.79 48.83
N THR B 159 -56.41 34.13 48.44
CA THR B 159 -56.91 33.01 49.25
C THR B 159 -56.33 31.68 48.82
N GLY B 160 -56.01 31.52 47.53
CA GLY B 160 -55.62 30.21 47.04
C GLY B 160 -56.76 29.22 46.96
N GLU B 161 -57.99 29.71 46.82
CA GLU B 161 -59.17 28.85 46.82
C GLU B 161 -60.29 29.52 46.06
N VAL B 162 -60.95 28.74 45.21
CA VAL B 162 -62.16 29.15 44.51
C VAL B 162 -63.05 27.92 44.44
N GLU B 163 -64.27 28.05 44.92
CA GLU B 163 -65.25 26.98 44.83
C GLU B 163 -66.25 27.37 43.74
N MET B 164 -66.39 26.53 42.74
CA MET B 164 -67.35 26.71 41.68
C MET B 164 -68.28 25.51 41.66
N GLU B 165 -69.32 25.60 40.82
CA GLU B 165 -70.35 24.57 40.83
C GLU B 165 -69.76 23.19 40.49
N ALA B 166 -68.96 23.12 39.44
CA ALA B 166 -68.46 21.84 38.96
C ALA B 166 -66.98 21.63 39.25
N VAL B 167 -66.25 22.63 39.73
CA VAL B 167 -64.81 22.51 39.93
C VAL B 167 -64.44 23.26 41.20
N HIS B 168 -63.69 22.61 42.09
CA HIS B 168 -63.07 23.25 43.24
C HIS B 168 -61.58 23.38 42.97
N LEU B 169 -61.06 24.61 42.98
CA LEU B 169 -59.68 24.93 42.66
C LEU B 169 -58.95 25.40 43.89
N GLU B 170 -57.75 24.87 44.11
CA GLU B 170 -56.95 25.16 45.29
C GLU B 170 -55.48 25.19 44.96
N ARG B 171 -54.82 26.29 45.32
CA ARG B 171 -53.36 26.35 45.31
C ARG B 171 -52.79 25.85 46.62
N ARG B 172 -51.86 24.91 46.54
CA ARG B 172 -51.22 24.32 47.70
C ARG B 172 -49.86 23.78 47.26
N ASP B 173 -48.79 24.23 47.92
CA ASP B 173 -47.42 23.85 47.59
C ASP B 173 -47.06 24.17 46.13
N GLY B 174 -47.60 25.27 45.61
CA GLY B 174 -47.30 25.62 44.24
C GLY B 174 -48.01 24.78 43.21
N VAL B 175 -49.07 24.08 43.61
CA VAL B 175 -49.81 23.17 42.75
C VAL B 175 -51.24 23.66 42.64
N ALA B 176 -51.72 23.82 41.42
CA ALA B 176 -53.14 24.05 41.19
C ALA B 176 -53.87 22.72 41.24
N ARG B 177 -54.74 22.57 42.23
CA ARG B 177 -55.48 21.33 42.45
C ARG B 177 -56.91 21.55 41.98
N LEU B 178 -57.20 21.14 40.75
CA LEU B 178 -58.55 21.17 40.23
C LEU B 178 -59.24 19.86 40.59
N THR B 179 -60.36 19.96 41.30
CA THR B 179 -61.14 18.78 41.71
C THR B 179 -62.53 18.91 41.13
N MET B 180 -62.86 18.02 40.20
CA MET B 180 -64.19 17.98 39.60
C MET B 180 -65.18 17.39 40.59
N CYS B 181 -66.14 18.18 41.03
CA CYS B 181 -66.93 17.90 42.23
C CYS B 181 -68.43 17.89 41.93
N ARG B 182 -68.84 17.19 40.89
CA ARG B 182 -70.27 16.94 40.68
C ARG B 182 -70.62 15.59 41.32
N ASP B 183 -70.66 15.62 42.66
CA ASP B 183 -70.88 14.40 43.45
C ASP B 183 -72.11 13.59 43.04
N ASP B 184 -73.11 14.21 42.42
CA ASP B 184 -74.36 13.51 42.11
C ASP B 184 -74.35 12.84 40.73
N ARG B 185 -73.36 13.11 39.87
CA ARG B 185 -73.47 12.65 38.50
C ARG B 185 -72.19 12.05 37.94
N LEU B 186 -71.22 11.70 38.78
CA LEU B 186 -69.95 11.13 38.32
C LEU B 186 -69.25 12.09 37.37
N ASN B 187 -69.38 13.40 37.67
CA ASN B 187 -68.75 14.48 36.92
C ASN B 187 -69.20 14.55 35.47
N ALA B 188 -70.48 14.26 35.20
CA ALA B 188 -71.01 14.42 33.85
C ALA B 188 -70.91 15.87 33.41
N GLU B 189 -70.50 16.08 32.16
CA GLU B 189 -70.14 17.40 31.67
C GLU B 189 -71.34 18.16 31.13
N ASP B 190 -71.31 19.47 31.31
CA ASP B 190 -72.34 20.35 30.76
C ASP B 190 -71.73 21.71 30.51
N GLY B 191 -72.55 22.64 30.02
CA GLY B 191 -72.07 23.98 29.71
C GLY B 191 -71.43 24.67 30.88
N GLN B 192 -71.97 24.45 32.10
CA GLN B 192 -71.41 25.07 33.28
C GLN B 192 -70.03 24.51 33.60
N GLN B 193 -69.90 23.18 33.58
CA GLN B 193 -68.60 22.54 33.81
C GLN B 193 -67.53 23.09 32.90
N VAL B 194 -67.85 23.32 31.63
CA VAL B 194 -66.88 23.91 30.71
C VAL B 194 -66.49 25.32 31.17
N ASP B 195 -67.48 26.11 31.61
CA ASP B 195 -67.17 27.45 32.10
C ASP B 195 -66.27 27.41 33.32
N ASP B 196 -66.52 26.47 34.24
CA ASP B 196 -65.69 26.38 35.44
C ASP B 196 -64.31 25.86 35.09
N MET B 197 -64.22 24.85 34.23
CA MET B 197 -62.94 24.30 33.82
C MET B 197 -62.06 25.35 33.14
N GLU B 198 -62.59 26.06 32.15
CA GLU B 198 -61.80 27.08 31.48
C GLU B 198 -61.35 28.16 32.46
N THR B 199 -62.27 28.63 33.30
CA THR B 199 -61.93 29.62 34.31
C THR B 199 -60.87 29.08 35.26
N ALA B 200 -61.05 27.85 35.74
CA ALA B 200 -60.11 27.26 36.68
C ALA B 200 -58.72 27.13 36.06
N VAL B 201 -58.65 26.62 34.83
CA VAL B 201 -57.37 26.52 34.13
C VAL B 201 -56.71 27.89 34.00
N ASP B 202 -57.49 28.90 33.58
CA ASP B 202 -56.96 30.26 33.50
C ASP B 202 -56.33 30.71 34.81
N LEU B 203 -57.04 30.50 35.92
CA LEU B 203 -56.52 30.93 37.21
C LEU B 203 -55.21 30.21 37.52
N ALA B 204 -55.15 28.91 37.25
CA ALA B 204 -53.90 28.18 37.43
C ALA B 204 -52.77 28.76 36.59
N LEU B 205 -53.05 29.11 35.33
CA LEU B 205 -52.00 29.54 34.42
C LEU B 205 -51.51 30.94 34.75
N LEU B 206 -52.41 31.85 35.10
CA LEU B 206 -52.02 33.23 35.40
C LEU B 206 -51.47 33.42 36.81
N ASP B 207 -51.69 32.48 37.73
CA ASP B 207 -51.21 32.64 39.10
C ASP B 207 -49.72 32.36 39.15
N PRO B 208 -48.89 33.36 39.47
CA PRO B 208 -47.44 33.13 39.48
C PRO B 208 -46.97 32.20 40.58
N GLY B 209 -47.79 31.96 41.61
CA GLY B 209 -47.42 31.01 42.63
C GLY B 209 -47.75 29.57 42.30
N VAL B 210 -48.31 29.34 41.11
CA VAL B 210 -48.68 28.01 40.67
C VAL B 210 -47.68 27.58 39.60
N ARG B 211 -47.13 26.38 39.77
CA ARG B 211 -46.12 25.83 38.87
C ARG B 211 -46.58 24.62 38.11
N VAL B 212 -47.40 23.76 38.72
CA VAL B 212 -47.94 22.57 38.08
C VAL B 212 -49.43 22.52 38.35
N GLY B 213 -50.17 21.94 37.41
CA GLY B 213 -51.58 21.71 37.64
C GLY B 213 -51.87 20.25 37.94
N LEU B 214 -53.01 19.99 38.58
CA LEU B 214 -53.43 18.64 38.91
C LEU B 214 -54.93 18.57 38.68
N LEU B 215 -55.36 17.57 37.90
CA LEU B 215 -56.78 17.36 37.65
C LEU B 215 -57.17 15.99 38.19
N ARG B 216 -58.22 15.97 39.02
CA ARG B 216 -58.65 14.76 39.69
C ARG B 216 -60.13 14.88 40.00
N GLY B 217 -60.80 13.74 40.07
CA GLY B 217 -62.21 13.72 40.41
C GLY B 217 -62.40 13.59 41.92
N GLY B 218 -63.38 14.30 42.44
CA GLY B 218 -63.63 14.34 43.86
C GLY B 218 -64.51 13.21 44.34
N VAL B 219 -64.67 13.14 45.66
CA VAL B 219 -65.51 12.11 46.25
C VAL B 219 -66.95 12.31 45.82
N MET B 220 -67.64 11.21 45.52
CA MET B 220 -69.01 11.20 45.02
C MET B 220 -69.99 10.94 46.16
N SER B 221 -71.23 11.40 45.95
CA SER B 221 -72.28 11.24 46.94
C SER B 221 -73.38 10.28 46.50
N HIS B 222 -73.53 10.07 45.20
CA HIS B 222 -74.54 9.17 44.68
C HIS B 222 -74.43 7.80 45.36
N PRO B 223 -75.54 7.17 45.73
CA PRO B 223 -75.49 5.96 46.57
C PRO B 223 -74.59 4.86 46.02
N ARG B 224 -74.45 4.77 44.70
CA ARG B 224 -73.65 3.71 44.09
C ARG B 224 -72.15 3.98 44.20
N TYR B 225 -71.73 5.23 44.41
CA TYR B 225 -70.31 5.56 44.50
C TYR B 225 -69.98 6.38 45.75
N ARG B 226 -70.79 6.25 46.80
CA ARG B 226 -70.65 7.10 47.98
C ARG B 226 -69.28 6.93 48.62
N GLY B 227 -68.58 8.04 48.84
CA GLY B 227 -67.27 8.00 49.43
C GLY B 227 -66.14 7.67 48.47
N LYS B 228 -66.43 7.43 47.20
CA LYS B 228 -65.44 7.02 46.22
C LYS B 228 -65.23 8.14 45.21
N ARG B 229 -63.98 8.41 44.85
CA ARG B 229 -63.70 9.37 43.80
C ARG B 229 -64.01 8.77 42.43
N VAL B 230 -64.44 9.63 41.51
CA VAL B 230 -64.68 9.27 40.12
C VAL B 230 -64.18 10.39 39.24
N PHE B 231 -63.39 10.05 38.23
CA PHE B 231 -62.79 11.08 37.38
C PHE B 231 -63.84 11.72 36.48
N SER B 232 -64.39 10.96 35.53
CA SER B 232 -65.40 11.52 34.65
C SER B 232 -66.22 10.41 34.00
N ALA B 233 -67.53 10.66 33.86
CA ALA B 233 -68.44 9.79 33.13
C ALA B 233 -68.88 10.42 31.81
N GLY B 234 -68.16 11.45 31.34
CA GLY B 234 -68.40 11.98 30.02
C GLY B 234 -69.55 12.96 29.97
N ILE B 235 -69.96 13.25 28.73
CA ILE B 235 -71.00 14.24 28.50
C ILE B 235 -72.29 13.83 29.21
N ASN B 236 -73.04 14.82 29.67
CA ASN B 236 -74.35 14.59 30.28
C ASN B 236 -75.34 14.15 29.21
N LEU B 237 -75.67 12.85 29.21
CA LEU B 237 -76.58 12.34 28.19
C LEU B 237 -78.00 12.87 28.38
N LYS B 238 -78.43 13.05 29.63
CA LYS B 238 -79.75 13.64 29.88
C LYS B 238 -79.88 15.00 29.23
N TYR B 239 -78.90 15.88 29.49
CA TYR B 239 -78.96 17.22 28.92
C TYR B 239 -78.94 17.17 27.38
N LEU B 240 -78.07 16.33 26.82
CA LEU B 240 -78.01 16.14 25.37
C LEU B 240 -79.38 15.77 24.79
N SER B 241 -80.06 14.80 25.41
CA SER B 241 -81.39 14.42 24.97
C SER B 241 -82.37 15.57 25.12
N GLN B 242 -82.32 16.29 26.25
CA GLN B 242 -83.20 17.41 26.50
C GLN B 242 -82.87 18.65 25.64
N GLY B 243 -81.77 18.65 24.89
CA GLY B 243 -81.43 19.79 24.07
C GLY B 243 -80.54 20.83 24.72
N GLY B 244 -79.91 20.50 25.86
CA GLY B 244 -79.12 21.43 26.64
C GLY B 244 -77.62 21.45 26.35
N ILE B 245 -77.15 20.74 25.34
CA ILE B 245 -75.73 20.68 25.01
C ILE B 245 -75.48 21.58 23.81
N SER B 246 -74.73 22.66 24.02
CA SER B 246 -74.51 23.65 22.98
C SER B 246 -73.38 23.23 22.04
N LEU B 247 -73.63 23.29 20.74
CA LEU B 247 -72.55 23.12 19.76
C LEU B 247 -71.41 24.10 20.02
N VAL B 248 -71.72 25.38 20.13
CA VAL B 248 -70.67 26.38 20.30
C VAL B 248 -70.22 26.46 21.75
N ASP B 249 -71.17 26.63 22.67
CA ASP B 249 -70.82 26.91 24.05
C ASP B 249 -70.38 25.67 24.84
N PHE B 250 -70.51 24.48 24.28
CA PHE B 250 -69.94 23.29 24.91
C PHE B 250 -69.01 22.52 23.98
N LEU B 251 -69.53 21.95 22.88
CA LEU B 251 -68.72 21.02 22.08
C LEU B 251 -67.49 21.71 21.50
N MET B 252 -67.65 22.94 21.01
CA MET B 252 -66.54 23.68 20.44
C MET B 252 -65.75 24.45 21.48
N ARG B 253 -66.44 25.07 22.44
CA ARG B 253 -65.78 25.90 23.44
C ARG B 253 -64.70 25.13 24.21
N ARG B 254 -65.00 23.89 24.60
CA ARG B 254 -64.04 23.14 25.41
C ARG B 254 -62.79 22.76 24.60
N GLU B 255 -62.96 22.49 23.30
CA GLU B 255 -61.83 22.07 22.50
C GLU B 255 -60.88 23.24 22.22
N LEU B 256 -61.44 24.41 21.91
CA LEU B 256 -60.64 25.58 21.59
C LEU B 256 -60.23 26.35 22.84
N GLY B 257 -60.93 26.15 23.96
CA GLY B 257 -60.61 26.85 25.18
C GLY B 257 -59.70 26.11 26.12
N TYR B 258 -60.26 25.46 27.15
CA TYR B 258 -59.43 24.98 28.26
C TYR B 258 -58.59 23.78 27.84
N ILE B 259 -59.13 22.89 27.01
CA ILE B 259 -58.33 21.75 26.56
C ILE B 259 -57.14 22.24 25.74
N HIS B 260 -57.36 23.24 24.88
CA HIS B 260 -56.27 23.78 24.09
C HIS B 260 -55.33 24.63 24.95
N LYS B 261 -55.84 25.24 26.02
CA LYS B 261 -54.96 25.99 26.90
C LYS B 261 -54.07 25.06 27.72
N LEU B 262 -54.54 23.84 28.01
CA LEU B 262 -53.66 22.84 28.60
C LEU B 262 -52.47 22.53 27.70
N VAL B 263 -52.70 22.48 26.39
CA VAL B 263 -51.62 22.17 25.47
C VAL B 263 -50.69 23.36 25.27
N ARG B 264 -51.25 24.56 25.08
CA ARG B 264 -50.45 25.71 24.65
C ARG B 264 -50.36 26.84 25.67
N GLY B 265 -51.30 26.94 26.61
CA GLY B 265 -51.28 28.01 27.58
C GLY B 265 -52.24 29.13 27.19
N VAL B 266 -52.22 30.18 28.03
CA VAL B 266 -53.05 31.36 27.82
C VAL B 266 -52.26 32.43 27.10
N LEU B 267 -52.89 33.07 26.11
CA LEU B 267 -52.29 34.17 25.37
C LEU B 267 -52.48 35.47 26.16
N THR B 268 -51.38 36.06 26.63
CA THR B 268 -51.44 37.32 27.36
C THR B 268 -51.22 38.50 26.40
N ASN B 269 -51.33 39.72 26.93
CA ASN B 269 -51.20 40.94 26.12
C ASN B 269 -49.82 41.24 25.59
N ASP B 270 -48.97 41.81 26.44
CA ASP B 270 -47.57 42.15 26.19
C ASP B 270 -47.18 42.99 27.41
N ASP B 271 -47.32 42.39 28.59
CA ASP B 271 -47.31 43.12 29.85
C ASP B 271 -46.29 42.56 30.83
N ARG B 272 -45.26 41.90 30.32
CA ARG B 272 -44.24 41.22 31.11
C ARG B 272 -43.03 41.01 30.22
N PRO B 273 -41.84 40.97 30.78
CA PRO B 273 -40.67 40.61 29.95
C PRO B 273 -40.82 39.18 29.45
N GLY B 274 -40.12 38.87 28.37
CA GLY B 274 -40.22 37.57 27.77
C GLY B 274 -41.28 37.46 26.68
N TRP B 275 -42.39 38.20 26.81
CA TRP B 275 -43.52 38.08 25.88
C TRP B 275 -43.10 37.98 24.42
N TRP B 276 -41.95 38.54 24.05
CA TRP B 276 -41.47 38.40 22.68
C TRP B 276 -41.20 36.95 22.30
N HIS B 277 -40.69 36.14 23.23
CA HIS B 277 -40.46 34.73 22.93
C HIS B 277 -41.54 33.80 23.45
N SER B 278 -42.27 34.16 24.51
CA SER B 278 -43.32 33.32 25.07
C SER B 278 -44.57 34.17 25.29
N PRO B 279 -45.31 34.47 24.22
CA PRO B 279 -46.56 35.23 24.39
C PRO B 279 -47.60 34.49 25.19
N ARG B 280 -47.46 33.18 25.36
CA ARG B 280 -48.40 32.38 26.13
C ARG B 280 -47.73 31.87 27.40
N ILE B 281 -48.48 31.87 28.49
CA ILE B 281 -48.06 31.25 29.73
C ILE B 281 -48.65 29.85 29.77
N GLU B 282 -47.77 28.85 29.76
CA GLU B 282 -48.16 27.46 29.81
C GLU B 282 -47.42 26.77 30.94
N LYS B 283 -48.05 25.74 31.51
CA LYS B 283 -47.50 25.00 32.64
C LYS B 283 -47.74 23.51 32.43
N PRO B 284 -47.01 22.65 33.13
CA PRO B 284 -47.26 21.20 33.00
C PRO B 284 -48.46 20.78 33.83
N TRP B 285 -49.11 19.71 33.37
CA TRP B 285 -50.35 19.24 33.97
C TRP B 285 -50.30 17.76 34.28
N VAL B 286 -50.82 17.39 35.44
CA VAL B 286 -50.88 16.01 35.91
C VAL B 286 -52.34 15.63 36.13
N ALA B 287 -52.70 14.44 35.65
CA ALA B 287 -54.06 13.92 35.81
C ALA B 287 -54.02 12.61 36.58
N ALA B 288 -55.00 12.41 37.45
CA ALA B 288 -55.11 11.20 38.26
C ALA B 288 -56.53 10.67 38.12
N VAL B 289 -56.66 9.45 37.63
CA VAL B 289 -57.95 8.88 37.26
C VAL B 289 -58.39 7.91 38.36
N ASP B 290 -59.42 8.29 39.09
CA ASP B 290 -60.11 7.40 40.01
C ASP B 290 -61.38 6.87 39.35
N GLY B 291 -61.67 5.59 39.58
CA GLY B 291 -62.92 5.03 39.09
C GLY B 291 -62.88 4.64 37.64
N PHE B 292 -62.92 5.65 36.75
CA PHE B 292 -62.88 5.45 35.31
C PHE B 292 -62.86 6.82 34.65
N ALA B 293 -62.42 6.87 33.39
CA ALA B 293 -62.49 8.07 32.59
C ALA B 293 -63.21 7.72 31.29
N ILE B 294 -64.45 8.17 31.16
CA ILE B 294 -65.31 7.83 30.04
C ILE B 294 -65.57 9.06 29.20
N GLY B 295 -65.57 8.90 27.88
CA GLY B 295 -65.97 9.97 26.98
C GLY B 295 -65.05 11.17 27.04
N GLY B 296 -65.65 12.34 27.25
CA GLY B 296 -64.88 13.57 27.28
C GLY B 296 -63.80 13.58 28.35
N GLY B 297 -64.02 12.84 29.44
CA GLY B 297 -62.97 12.69 30.44
C GLY B 297 -61.78 11.95 29.89
N ALA B 298 -62.02 10.90 29.11
CA ALA B 298 -60.93 10.15 28.51
C ALA B 298 -60.17 11.01 27.49
N GLN B 299 -60.90 11.86 26.76
CA GLN B 299 -60.26 12.77 25.82
C GLN B 299 -59.23 13.66 26.50
N LEU B 300 -59.55 14.13 27.72
CA LEU B 300 -58.66 15.06 28.43
C LEU B 300 -57.29 14.46 28.65
N LEU B 301 -57.23 13.15 28.89
CA LEU B 301 -55.97 12.47 29.16
C LEU B 301 -54.97 12.61 28.01
N LEU B 302 -55.45 12.91 26.79
CA LEU B 302 -54.59 12.98 25.62
C LEU B 302 -53.76 14.25 25.54
N VAL B 303 -53.79 15.09 26.57
CA VAL B 303 -53.14 16.40 26.53
C VAL B 303 -52.34 16.69 27.78
N PHE B 304 -52.28 15.75 28.73
CA PHE B 304 -51.52 15.92 29.95
C PHE B 304 -50.08 15.45 29.79
N ASP B 305 -49.26 15.84 30.75
CA ASP B 305 -47.84 15.50 30.78
C ASP B 305 -47.53 14.28 31.63
N ARG B 306 -48.43 13.94 32.54
CA ARG B 306 -48.31 12.74 33.35
C ARG B 306 -49.72 12.29 33.65
N VAL B 307 -49.97 11.00 33.54
CA VAL B 307 -51.28 10.45 33.82
C VAL B 307 -51.09 9.30 34.79
N LEU B 308 -51.82 9.34 35.89
CA LEU B 308 -51.80 8.29 36.90
C LEU B 308 -53.22 7.77 37.03
N ALA B 309 -53.36 6.51 37.38
CA ALA B 309 -54.68 5.93 37.47
C ALA B 309 -54.61 4.77 38.44
N SER B 310 -55.71 4.54 39.15
CA SER B 310 -55.77 3.46 40.11
C SER B 310 -55.99 2.14 39.40
N SER B 311 -55.52 1.06 40.02
CA SER B 311 -55.53 -0.27 39.40
C SER B 311 -56.91 -0.67 38.87
N ASP B 312 -57.99 -0.20 39.47
CA ASP B 312 -59.31 -0.68 39.10
C ASP B 312 -60.02 0.22 38.08
N ALA B 313 -59.34 1.20 37.51
CA ALA B 313 -60.00 2.15 36.63
C ALA B 313 -60.00 1.65 35.19
N TYR B 314 -60.84 2.26 34.36
CA TYR B 314 -60.92 1.91 32.95
C TYR B 314 -61.17 3.17 32.13
N PHE B 315 -60.84 3.07 30.85
CA PHE B 315 -60.99 4.18 29.91
C PHE B 315 -61.76 3.69 28.68
N SER B 316 -62.73 4.50 28.26
CA SER B 316 -63.51 4.18 27.08
C SER B 316 -63.97 5.47 26.42
N LEU B 317 -64.28 5.37 25.12
CA LEU B 317 -64.79 6.48 24.33
C LEU B 317 -66.05 6.00 23.62
N PRO B 318 -67.21 6.05 24.29
CA PRO B 318 -68.45 5.54 23.72
C PRO B 318 -69.24 6.64 23.01
N GLY B 323 -74.14 8.80 19.29
CA GLY B 323 -73.56 8.66 17.97
C GLY B 323 -72.86 9.92 17.50
N ILE B 324 -71.94 10.41 18.31
CA ILE B 324 -71.19 11.62 17.97
C ILE B 324 -69.69 11.38 18.02
N ILE B 325 -68.91 12.37 17.59
CA ILE B 325 -67.47 12.26 17.58
C ILE B 325 -66.88 12.53 18.97
N PRO B 326 -65.82 11.70 19.34
CA PRO B 326 -65.28 11.97 20.68
C PRO B 326 -64.29 13.14 20.70
N GLY B 327 -64.78 14.35 20.47
CA GLY B 327 -63.95 15.54 20.47
C GLY B 327 -62.74 15.39 19.56
N ALA B 328 -61.57 15.69 20.09
CA ALA B 328 -60.31 15.61 19.36
C ALA B 328 -59.60 14.27 19.55
N ALA B 329 -60.27 13.28 20.15
CA ALA B 329 -59.70 11.95 20.26
C ALA B 329 -59.33 11.39 18.90
N ASN B 330 -60.12 11.71 17.87
CA ASN B 330 -59.77 11.28 16.52
C ASN B 330 -58.46 11.93 16.07
N LEU B 331 -58.18 13.12 16.59
CA LEU B 331 -56.94 13.82 16.26
C LEU B 331 -55.75 13.21 17.00
N ARG B 332 -55.94 12.85 18.27
CA ARG B 332 -54.85 12.58 19.19
C ARG B 332 -54.64 11.10 19.50
N LEU B 333 -55.72 10.30 19.53
CA LEU B 333 -55.60 8.92 19.99
C LEU B 333 -54.66 8.09 19.12
N GLY B 334 -54.72 8.28 17.81
CA GLY B 334 -53.88 7.47 16.92
C GLY B 334 -52.41 7.67 17.19
N ARG B 335 -52.02 8.88 17.60
CA ARG B 335 -50.63 9.17 17.88
C ARG B 335 -50.19 8.51 19.18
N PHE B 336 -51.15 8.27 20.10
CA PHE B 336 -50.88 7.50 21.31
C PHE B 336 -50.95 5.99 21.07
N ALA B 337 -51.87 5.55 20.22
CA ALA B 337 -52.24 4.15 20.17
C ALA B 337 -52.17 3.50 18.80
N GLY B 338 -51.85 4.25 17.75
CA GLY B 338 -51.82 3.70 16.41
C GLY B 338 -53.20 3.60 15.78
N PRO B 339 -53.24 3.28 14.48
CA PRO B 339 -54.52 3.33 13.77
C PRO B 339 -55.46 2.21 14.14
N ARG B 340 -54.93 1.05 14.48
CA ARG B 340 -55.74 -0.11 14.82
C ARG B 340 -56.51 0.04 16.12
N VAL B 341 -55.81 0.31 17.21
CA VAL B 341 -56.43 0.46 18.52
C VAL B 341 -57.31 1.70 18.57
N SER B 342 -56.88 2.78 17.92
CA SER B 342 -57.67 4.01 17.94
C SER B 342 -58.99 3.82 17.19
N ARG B 343 -59.00 3.01 16.13
CA ARG B 343 -60.27 2.60 15.55
C ARG B 343 -61.00 1.64 16.46
N GLN B 344 -60.27 0.74 17.13
CA GLN B 344 -60.92 -0.18 18.06
C GLN B 344 -61.64 0.58 19.17
N VAL B 345 -60.98 1.59 19.75
CA VAL B 345 -61.57 2.34 20.85
C VAL B 345 -62.70 3.23 20.34
N ILE B 346 -62.49 3.92 19.22
CA ILE B 346 -63.44 4.93 18.76
C ILE B 346 -64.54 4.30 17.91
N LEU B 347 -64.17 3.58 16.85
CA LEU B 347 -65.18 3.01 15.96
C LEU B 347 -65.97 1.89 16.63
N GLU B 348 -65.34 1.10 17.51
CA GLU B 348 -65.96 -0.12 18.02
C GLU B 348 -66.10 -0.12 19.54
N GLY B 349 -65.84 1.00 20.20
CA GLY B 349 -66.11 1.11 21.62
C GLY B 349 -65.31 0.18 22.51
N ARG B 350 -64.12 -0.25 22.08
CA ARG B 350 -63.26 -1.04 22.95
C ARG B 350 -62.99 -0.31 24.27
N ARG B 351 -63.01 -1.06 25.37
CA ARG B 351 -62.74 -0.55 26.70
C ARG B 351 -61.40 -1.09 27.21
N ILE B 352 -60.59 -0.20 27.78
CA ILE B 352 -59.23 -0.51 28.20
C ILE B 352 -59.13 -0.40 29.71
N TRP B 353 -58.55 -1.42 30.35
CA TRP B 353 -58.42 -1.51 31.80
C TRP B 353 -57.05 -1.05 32.26
N ALA B 354 -57.02 -0.38 33.42
CA ALA B 354 -55.78 0.19 33.94
C ALA B 354 -54.64 -0.82 34.01
N LYS B 355 -54.94 -2.08 34.31
CA LYS B 355 -53.89 -3.09 34.46
C LYS B 355 -53.55 -3.81 33.16
N GLU B 356 -54.25 -3.49 32.06
CA GLU B 356 -53.78 -4.28 30.93
C GLU B 356 -52.64 -3.57 30.22
N PRO B 357 -51.73 -4.33 29.58
CA PRO B 357 -50.56 -3.74 28.91
C PRO B 357 -50.84 -2.47 28.09
N GLU B 358 -51.88 -2.48 27.26
CA GLU B 358 -52.11 -1.31 26.39
C GLU B 358 -52.61 -0.08 27.13
N ALA B 359 -52.95 -0.18 28.42
CA ALA B 359 -53.19 1.04 29.20
C ALA B 359 -51.95 1.93 29.23
N ARG B 360 -50.76 1.34 29.19
CA ARG B 360 -49.51 2.12 29.16
C ARG B 360 -49.42 3.02 27.93
N LEU B 361 -50.29 2.83 26.95
CA LEU B 361 -50.38 3.78 25.84
C LEU B 361 -51.03 5.08 26.30
N LEU B 362 -51.84 5.02 27.36
CA LEU B 362 -52.57 6.17 27.86
C LEU B 362 -52.11 6.61 29.24
N VAL B 363 -51.38 5.77 29.96
CA VAL B 363 -51.15 5.95 31.40
C VAL B 363 -49.68 5.74 31.69
N ASP B 364 -49.11 6.63 32.51
CA ASP B 364 -47.70 6.51 32.89
C ASP B 364 -47.56 5.57 34.08
N GLU B 365 -48.44 5.72 35.06
CA GLU B 365 -48.43 4.93 36.28
C GLU B 365 -49.80 4.38 36.62
N VAL B 366 -49.83 3.13 37.06
CA VAL B 366 -51.03 2.51 37.59
C VAL B 366 -50.70 2.05 39.00
N VAL B 367 -51.49 2.50 39.97
CA VAL B 367 -51.15 2.35 41.38
C VAL B 367 -52.35 1.77 42.10
N GLU B 368 -52.09 0.91 43.09
CA GLU B 368 -53.15 0.39 43.92
C GLU B 368 -53.83 1.55 44.66
N PRO B 369 -55.13 1.44 44.95
CA PRO B 369 -55.81 2.54 45.63
C PRO B 369 -55.14 3.01 46.92
N ASP B 370 -54.61 2.09 47.73
CA ASP B 370 -53.96 2.49 48.97
C ASP B 370 -52.65 3.20 48.73
N GLU B 371 -52.11 3.12 47.52
CA GLU B 371 -50.82 3.73 47.20
C GLU B 371 -50.95 4.87 46.19
N LEU B 372 -52.18 5.30 45.91
CA LEU B 372 -52.40 6.26 44.83
C LEU B 372 -52.17 7.70 45.27
N ASP B 373 -52.72 8.08 46.44
CA ASP B 373 -52.58 9.45 46.91
C ASP B 373 -51.11 9.86 46.98
N ALA B 374 -50.26 8.99 47.53
CA ALA B 374 -48.84 9.30 47.66
C ALA B 374 -48.15 9.36 46.30
N ALA B 375 -48.51 8.45 45.39
CA ALA B 375 -47.89 8.46 44.07
C ALA B 375 -48.20 9.74 43.31
N ILE B 376 -49.42 10.26 43.48
CA ILE B 376 -49.80 11.54 42.87
C ILE B 376 -48.90 12.67 43.37
N GLU B 377 -48.69 12.72 44.69
CA GLU B 377 -47.89 13.78 45.29
C GLU B 377 -46.48 13.79 44.71
N ARG B 378 -45.85 12.61 44.62
CA ARG B 378 -44.50 12.52 44.09
C ARG B 378 -44.44 13.04 42.66
N SER B 379 -45.50 12.85 41.88
CA SER B 379 -45.50 13.29 40.48
C SER B 379 -45.46 14.80 40.36
N LEU B 380 -46.05 15.52 41.32
CA LEU B 380 -46.10 16.97 41.25
C LEU B 380 -44.76 17.62 41.51
N THR B 381 -43.83 16.91 42.16
CA THR B 381 -42.50 17.44 42.42
C THR B 381 -41.54 17.31 41.23
N ARG B 382 -41.87 16.47 40.26
CA ARG B 382 -40.93 16.11 39.21
C ARG B 382 -41.04 16.93 37.93
N LEU B 383 -41.85 18.00 37.92
CA LEU B 383 -42.05 18.79 36.71
C LEU B 383 -41.86 20.29 36.93
N ASP B 384 -40.91 20.68 37.78
CA ASP B 384 -40.81 22.08 38.19
C ASP B 384 -39.98 22.98 37.26
N GLY B 385 -38.98 22.43 36.57
CA GLY B 385 -38.06 23.23 35.78
C GLY B 385 -38.62 24.25 34.81
N ASP B 386 -37.84 25.29 34.50
CA ASP B 386 -38.03 26.04 33.26
C ASP B 386 -37.68 25.19 32.04
N ALA B 387 -36.82 24.19 32.22
CA ALA B 387 -36.51 23.26 31.13
C ALA B 387 -37.74 22.45 30.76
N VAL B 388 -38.51 22.03 31.77
CA VAL B 388 -39.75 21.31 31.52
C VAL B 388 -40.68 22.12 30.61
N LEU B 389 -40.78 23.43 30.86
CA LEU B 389 -41.64 24.29 30.02
C LEU B 389 -41.14 24.32 28.58
N ALA B 390 -39.83 24.42 28.37
CA ALA B 390 -39.30 24.44 27.01
C ALA B 390 -39.49 23.09 26.32
N ASN B 391 -39.32 22.00 27.07
CA ASN B 391 -39.38 20.68 26.48
C ASN B 391 -40.80 20.25 26.13
N ARG B 392 -41.78 20.51 27.01
CA ARG B 392 -43.16 20.19 26.65
C ARG B 392 -43.61 21.06 25.47
N ARG B 393 -43.10 22.28 25.37
CA ARG B 393 -43.46 23.16 24.26
C ARG B 393 -42.90 22.63 22.94
N MET B 394 -41.65 22.17 22.96
CA MET B 394 -41.09 21.56 21.76
C MET B 394 -41.76 20.23 21.45
N LEU B 395 -42.11 19.47 22.49
CA LEU B 395 -42.82 18.21 22.28
C LEU B 395 -44.19 18.43 21.67
N ASN B 396 -45.02 19.29 22.28
CA ASN B 396 -46.37 19.53 21.76
C ASN B 396 -46.31 20.08 20.33
N LEU B 397 -45.38 21.00 20.07
CA LEU B 397 -45.20 21.54 18.72
C LEU B 397 -44.98 20.43 17.72
N ALA B 398 -44.19 19.41 18.08
CA ALA B 398 -43.91 18.31 17.17
C ALA B 398 -45.10 17.38 17.04
N ASP B 399 -45.73 17.03 18.16
CA ASP B 399 -46.88 16.12 18.13
C ASP B 399 -48.01 16.67 17.29
N GLU B 400 -48.35 17.94 17.46
CA GLU B 400 -49.61 18.50 16.95
C GLU B 400 -49.38 19.92 16.46
N SER B 401 -49.35 20.10 15.14
CA SER B 401 -49.03 21.39 14.56
C SER B 401 -50.24 22.33 14.57
N PRO B 402 -50.01 23.64 14.53
CA PRO B 402 -51.14 24.58 14.35
C PRO B 402 -52.01 24.25 13.16
N ASP B 403 -51.39 23.96 12.01
CA ASP B 403 -52.14 23.56 10.84
C ASP B 403 -52.94 22.29 11.13
N GLY B 404 -52.29 21.30 11.76
CA GLY B 404 -52.96 20.05 12.06
C GLY B 404 -54.20 20.23 12.92
N PHE B 405 -54.04 20.93 14.06
CA PHE B 405 -55.16 21.15 14.97
C PHE B 405 -56.27 21.94 14.28
N ARG B 406 -55.90 23.00 13.56
CA ARG B 406 -56.87 23.89 12.93
C ARG B 406 -57.67 23.15 11.86
N ALA B 407 -56.97 22.39 11.00
CA ALA B 407 -57.63 21.59 9.97
C ALA B 407 -58.64 20.62 10.58
N TYR B 408 -58.26 19.95 11.67
CA TYR B 408 -59.17 19.00 12.31
C TYR B 408 -60.42 19.69 12.84
N MET B 409 -60.24 20.74 13.66
CA MET B 409 -61.36 21.39 14.31
C MET B 409 -62.31 22.04 13.31
N ALA B 410 -61.78 22.55 12.19
CA ALA B 410 -62.63 23.05 11.12
C ALA B 410 -63.65 22.01 10.68
N GLU B 411 -63.17 20.86 10.19
CA GLU B 411 -64.07 19.79 9.77
C GLU B 411 -64.95 19.33 10.93
N PHE B 412 -64.39 19.30 12.13
CA PHE B 412 -65.13 18.88 13.32
C PHE B 412 -66.37 19.74 13.54
N ALA B 413 -66.24 21.05 13.34
CA ALA B 413 -67.36 21.96 13.61
C ALA B 413 -68.59 21.57 12.81
N LEU B 414 -68.40 21.18 11.55
CA LEU B 414 -69.53 20.74 10.73
C LEU B 414 -69.89 19.29 11.02
N MET B 415 -68.89 18.41 11.02
CA MET B 415 -69.14 16.98 11.25
C MET B 415 -69.85 16.74 12.58
N GLN B 416 -69.38 17.39 13.66
CA GLN B 416 -70.03 17.22 14.94
C GLN B 416 -71.42 17.85 14.94
N ALA B 417 -71.58 19.00 14.25
CA ALA B 417 -72.88 19.65 14.18
C ALA B 417 -73.93 18.75 13.57
N LEU B 418 -73.59 18.07 12.47
CA LEU B 418 -74.55 17.15 11.85
C LEU B 418 -74.85 15.95 12.75
N ARG B 419 -73.82 15.40 13.41
CA ARG B 419 -74.05 14.27 14.30
C ARG B 419 -74.94 14.65 15.47
N LEU B 420 -74.86 15.91 15.90
CA LEU B 420 -75.70 16.37 17.01
C LEU B 420 -77.17 16.27 16.64
N TYR B 421 -77.49 16.32 15.34
CA TYR B 421 -78.86 16.28 14.86
C TYR B 421 -79.14 15.05 14.00
N GLY B 422 -78.31 14.01 14.11
CA GLY B 422 -78.57 12.79 13.38
C GLY B 422 -79.70 12.03 14.07
N HIS B 423 -80.54 11.38 13.25
CA HIS B 423 -81.71 10.70 13.80
C HIS B 423 -81.32 9.56 14.73
N ASP B 424 -80.22 8.85 14.41
CA ASP B 424 -79.78 7.76 15.28
C ASP B 424 -79.23 8.32 16.59
N THR B 425 -78.61 9.50 16.56
CA THR B 425 -78.14 10.12 17.79
C THR B 425 -79.31 10.43 18.71
N ILE B 426 -80.32 11.12 18.19
CA ILE B 426 -81.49 11.51 18.97
C ILE B 426 -82.14 10.30 19.64
N ASP B 427 -82.22 9.18 18.91
CA ASP B 427 -82.77 7.96 19.49
C ASP B 427 -81.90 7.46 20.65
N LYS B 428 -80.60 7.26 20.38
CA LYS B 428 -79.72 6.63 21.35
C LYS B 428 -79.66 7.41 22.65
N VAL B 429 -79.44 8.72 22.56
CA VAL B 429 -79.33 9.55 23.76
C VAL B 429 -80.64 9.63 24.55
N GLY B 430 -81.78 9.49 23.88
CA GLY B 430 -83.03 9.60 24.62
C GLY B 430 -83.45 8.38 25.41
N ARG B 431 -82.62 7.32 25.48
CA ARG B 431 -83.03 6.13 26.21
C ARG B 431 -82.53 6.09 27.64
N PHE B 432 -81.93 7.19 28.12
CA PHE B 432 -81.87 7.65 29.52
C PHE B 432 -80.65 8.54 29.75
N ASP C 12 -37.34 32.19 -21.95
CA ASP C 12 -37.65 30.85 -21.44
C ASP C 12 -36.63 29.85 -21.98
N GLY C 13 -36.93 29.27 -23.14
CA GLY C 13 -36.00 28.46 -23.88
C GLY C 13 -36.04 26.96 -23.60
N LEU C 14 -36.74 26.51 -22.57
CA LEU C 14 -36.63 25.12 -22.16
C LEU C 14 -37.37 24.16 -23.08
N TRP C 15 -38.49 24.58 -23.67
CA TRP C 15 -39.20 23.68 -24.57
C TRP C 15 -38.40 23.40 -25.83
N ALA C 16 -37.68 24.41 -26.34
CA ALA C 16 -36.84 24.19 -27.52
C ALA C 16 -35.70 23.24 -27.21
N ALA C 17 -35.01 23.44 -26.09
CA ALA C 17 -33.93 22.56 -25.69
C ALA C 17 -34.43 21.14 -25.49
N LEU C 18 -35.62 21.00 -24.88
CA LEU C 18 -36.23 19.69 -24.72
C LEU C 18 -36.49 19.03 -26.07
N THR C 19 -37.14 19.75 -26.98
CA THR C 19 -37.44 19.21 -28.30
C THR C 19 -36.16 18.80 -29.02
N GLU C 20 -35.07 19.55 -28.83
CA GLU C 20 -33.78 19.15 -29.39
C GLU C 20 -33.31 17.84 -28.79
N ALA C 21 -33.43 17.69 -27.48
CA ALA C 21 -32.91 16.50 -26.80
C ALA C 21 -33.71 15.27 -27.16
N ALA C 22 -35.04 15.39 -27.27
CA ALA C 22 -35.86 14.26 -27.69
C ALA C 22 -35.60 13.89 -29.15
N ALA C 23 -35.36 14.88 -30.00
CA ALA C 23 -35.00 14.60 -31.39
C ALA C 23 -33.73 13.77 -31.47
N SER C 24 -32.70 14.14 -30.68
CA SER C 24 -31.47 13.36 -30.64
C SER C 24 -31.74 11.92 -30.22
N VAL C 25 -32.63 11.72 -29.25
CA VAL C 25 -32.94 10.39 -28.75
C VAL C 25 -33.62 9.55 -29.84
N GLU C 26 -34.68 10.09 -30.46
CA GLU C 26 -35.34 9.35 -31.52
C GLU C 26 -34.43 9.16 -32.74
N LYS C 27 -33.51 10.10 -32.99
CA LYS C 27 -32.53 9.90 -34.05
C LYS C 27 -31.62 8.72 -33.72
N LEU C 28 -31.07 8.69 -32.50
CA LEU C 28 -30.19 7.59 -32.12
C LEU C 28 -30.94 6.26 -32.14
N LEU C 29 -32.17 6.24 -31.63
CA LEU C 29 -32.93 4.99 -31.59
C LEU C 29 -33.21 4.46 -32.98
N ALA C 30 -33.44 5.35 -33.95
CA ALA C 30 -33.64 4.90 -35.32
C ALA C 30 -32.38 4.26 -35.89
N THR C 31 -31.21 4.86 -35.64
CA THR C 31 -29.98 4.39 -36.26
C THR C 31 -29.27 3.29 -35.48
N LEU C 32 -29.41 3.25 -34.16
CA LEU C 32 -28.63 2.28 -33.40
C LEU C 32 -29.26 0.89 -33.48
N PRO C 33 -28.48 -0.14 -33.23
CA PRO C 33 -29.03 -1.51 -33.19
C PRO C 33 -29.96 -1.69 -32.00
N GLU C 34 -30.56 -2.88 -31.95
CA GLU C 34 -31.52 -3.18 -30.90
C GLU C 34 -30.83 -3.40 -29.56
N HIS C 35 -31.64 -3.33 -28.50
CA HIS C 35 -31.13 -3.50 -27.15
C HIS C 35 -30.67 -4.93 -26.95
N GLY C 36 -29.39 -5.11 -26.63
CA GLY C 36 -28.75 -6.40 -26.55
C GLY C 36 -27.79 -6.66 -27.69
N ALA C 37 -27.82 -5.85 -28.73
CA ALA C 37 -26.85 -5.91 -29.83
C ALA C 37 -25.97 -4.66 -29.86
N ARG C 38 -26.09 -3.80 -28.86
CA ARG C 38 -25.33 -2.56 -28.80
C ARG C 38 -23.98 -2.79 -28.15
N SER C 39 -23.01 -1.99 -28.55
CA SER C 39 -21.70 -2.01 -27.92
C SER C 39 -21.70 -1.09 -26.70
N SER C 40 -20.68 -1.24 -25.86
CA SER C 40 -20.56 -0.39 -24.68
C SER C 40 -20.50 1.08 -25.07
N ALA C 41 -19.77 1.39 -26.14
CA ALA C 41 -19.75 2.76 -26.65
C ALA C 41 -21.15 3.21 -27.08
N GLU C 42 -21.90 2.32 -27.75
CA GLU C 42 -23.26 2.65 -28.17
C GLU C 42 -24.19 2.76 -26.98
N ARG C 43 -24.14 1.81 -26.05
CA ARG C 43 -25.00 1.85 -24.87
C ARG C 43 -24.82 3.16 -24.10
N ALA C 44 -23.59 3.67 -24.06
CA ALA C 44 -23.31 4.89 -23.32
C ALA C 44 -23.81 6.13 -24.04
N GLU C 45 -23.82 6.12 -25.38
CA GLU C 45 -24.34 7.27 -26.13
C GLU C 45 -25.83 7.44 -25.90
N ILE C 46 -26.59 6.35 -26.00
CA ILE C 46 -28.04 6.44 -25.84
C ILE C 46 -28.40 6.77 -24.39
N ALA C 47 -27.69 6.18 -23.42
CA ALA C 47 -27.94 6.51 -22.03
C ALA C 47 -27.70 7.99 -21.76
N ALA C 48 -26.65 8.56 -22.37
CA ALA C 48 -26.38 9.98 -22.19
C ALA C 48 -27.46 10.83 -22.84
N ALA C 49 -28.04 10.37 -23.94
CA ALA C 49 -29.10 11.13 -24.58
C ALA C 49 -30.37 11.11 -23.73
N HIS C 50 -30.74 9.93 -23.23
CA HIS C 50 -31.85 9.81 -22.28
C HIS C 50 -31.67 10.75 -21.09
N ASP C 51 -30.46 10.77 -20.50
CA ASP C 51 -30.22 11.60 -19.31
C ASP C 51 -30.40 13.08 -19.63
N ALA C 52 -29.86 13.53 -20.76
CA ALA C 52 -30.01 14.94 -21.13
C ALA C 52 -31.47 15.29 -21.37
N ALA C 53 -32.22 14.39 -22.01
CA ALA C 53 -33.63 14.64 -22.27
C ALA C 53 -34.44 14.70 -20.98
N ARG C 54 -34.32 13.68 -20.13
CA ARG C 54 -35.12 13.62 -18.91
C ARG C 54 -34.80 14.77 -17.95
N ALA C 55 -33.52 15.17 -17.90
CA ALA C 55 -33.16 16.33 -17.10
C ALA C 55 -33.89 17.59 -17.58
N LEU C 56 -34.12 17.69 -18.87
CA LEU C 56 -34.84 18.86 -19.40
C LEU C 56 -36.34 18.73 -19.21
N ARG C 57 -36.86 17.50 -19.20
CA ARG C 57 -38.25 17.28 -18.83
C ARG C 57 -38.52 17.76 -17.41
N VAL C 58 -37.58 17.50 -16.50
CA VAL C 58 -37.70 17.99 -15.13
C VAL C 58 -37.66 19.51 -15.11
N ARG C 59 -36.66 20.09 -15.78
CA ARG C 59 -36.50 21.55 -15.77
C ARG C 59 -37.68 22.26 -16.44
N PHE C 60 -38.19 21.69 -17.54
CA PHE C 60 -39.36 22.27 -18.18
C PHE C 60 -40.55 22.34 -17.22
N LEU C 61 -40.86 21.23 -16.57
CA LEU C 61 -42.07 21.14 -15.74
C LEU C 61 -41.92 21.84 -14.39
N ASP C 62 -40.69 21.98 -13.88
CA ASP C 62 -40.51 22.71 -12.62
C ASP C 62 -41.16 24.09 -12.68
N THR C 63 -41.07 24.74 -13.83
CA THR C 63 -41.71 26.03 -14.05
C THR C 63 -42.98 25.96 -14.89
N HIS C 64 -43.15 24.94 -15.73
CA HIS C 64 -44.25 24.89 -16.68
C HIS C 64 -45.35 23.88 -16.36
N ALA C 65 -45.28 23.19 -15.23
CA ALA C 65 -46.29 22.17 -14.93
C ALA C 65 -47.70 22.76 -14.93
N ASP C 66 -47.90 23.86 -14.19
CA ASP C 66 -49.23 24.46 -14.07
C ASP C 66 -49.79 24.88 -15.42
N ALA C 67 -48.96 25.49 -16.27
CA ALA C 67 -49.44 25.87 -17.60
C ALA C 67 -49.78 24.64 -18.43
N VAL C 68 -48.92 23.61 -18.38
CA VAL C 68 -49.19 22.36 -19.08
C VAL C 68 -50.51 21.75 -18.64
N TYR C 69 -50.69 21.59 -17.33
CA TYR C 69 -51.92 20.96 -16.83
C TYR C 69 -53.15 21.78 -17.19
N ASP C 70 -53.04 23.11 -17.10
CA ASP C 70 -54.16 23.98 -17.43
C ASP C 70 -54.59 23.83 -18.88
N ARG C 71 -53.64 23.68 -19.80
CA ARG C 71 -54.01 23.45 -21.20
C ARG C 71 -54.77 22.14 -21.34
N LEU C 72 -54.28 21.08 -20.69
CA LEU C 72 -54.91 19.77 -20.82
C LEU C 72 -56.26 19.68 -20.12
N THR C 73 -56.49 20.49 -19.09
CA THR C 73 -57.70 20.35 -18.27
C THR C 73 -58.61 21.56 -18.32
N ASP C 74 -58.35 22.50 -19.23
CA ASP C 74 -59.17 23.69 -19.38
C ASP C 74 -59.14 24.51 -18.08
N HIS C 75 -57.92 24.86 -17.66
CA HIS C 75 -57.66 25.49 -16.36
C HIS C 75 -58.43 24.79 -15.25
N ARG C 76 -58.19 23.49 -15.11
CA ARG C 76 -58.83 22.68 -14.07
C ARG C 76 -60.35 22.74 -14.19
N ARG C 77 -60.85 22.69 -15.42
CA ARG C 77 -62.29 22.74 -15.66
C ARG C 77 -62.79 21.35 -16.05
N VAL C 78 -61.85 20.44 -16.32
CA VAL C 78 -62.20 19.08 -16.70
C VAL C 78 -61.37 18.05 -15.93
N HIS C 79 -62.04 17.15 -15.24
CA HIS C 79 -61.39 16.10 -14.46
C HIS C 79 -60.97 14.97 -15.40
N LEU C 80 -59.66 14.83 -15.65
CA LEU C 80 -59.13 13.73 -16.43
C LEU C 80 -58.42 12.74 -15.51
N ARG C 81 -58.74 11.46 -15.67
CA ARG C 81 -58.00 10.38 -15.02
C ARG C 81 -56.57 10.29 -15.56
N LEU C 82 -55.79 9.39 -14.95
CA LEU C 82 -54.37 9.29 -15.24
C LEU C 82 -54.10 8.93 -16.70
N ALA C 83 -54.65 7.80 -17.15
CA ALA C 83 -54.47 7.38 -18.54
C ALA C 83 -54.81 8.48 -19.52
N GLU C 84 -55.98 9.11 -19.34
CA GLU C 84 -56.39 10.21 -20.22
C GLU C 84 -55.40 11.37 -20.11
N LEU C 85 -54.87 11.62 -18.92
CA LEU C 85 -53.97 12.74 -18.72
C LEU C 85 -52.65 12.54 -19.46
N VAL C 86 -52.02 11.37 -19.30
CA VAL C 86 -50.72 11.14 -19.91
C VAL C 86 -50.85 11.04 -21.43
N GLU C 87 -51.96 10.48 -21.92
CA GLU C 87 -52.18 10.39 -23.36
C GLU C 87 -52.37 11.79 -23.95
N ALA C 88 -53.33 12.54 -23.40
CA ALA C 88 -53.55 13.92 -23.83
C ALA C 88 -52.27 14.74 -23.77
N ALA C 89 -51.46 14.52 -22.74
CA ALA C 89 -50.18 15.22 -22.63
C ALA C 89 -49.26 14.90 -23.80
N ALA C 90 -49.23 13.63 -24.24
CA ALA C 90 -48.35 13.23 -25.33
C ALA C 90 -48.68 13.96 -26.63
N THR C 91 -49.97 14.10 -26.95
CA THR C 91 -50.33 14.70 -28.23
C THR C 91 -50.26 16.22 -28.16
N ALA C 92 -50.56 16.81 -27.01
CA ALA C 92 -50.45 18.26 -26.87
C ALA C 92 -49.01 18.72 -26.68
N PHE C 93 -48.13 17.84 -26.20
CA PHE C 93 -46.73 18.20 -25.91
C PHE C 93 -45.82 17.06 -26.35
N PRO C 94 -45.57 16.93 -27.66
CA PRO C 94 -44.77 15.80 -28.14
C PRO C 94 -43.36 15.84 -27.58
N GLY C 95 -42.88 14.66 -27.17
CA GLY C 95 -41.58 14.53 -26.56
C GLY C 95 -41.54 14.73 -25.06
N LEU C 96 -42.59 15.32 -24.47
CA LEU C 96 -42.65 15.42 -23.02
C LEU C 96 -42.92 14.06 -22.39
N VAL C 97 -43.84 13.29 -22.98
CA VAL C 97 -44.20 11.96 -22.50
C VAL C 97 -44.45 11.08 -23.72
N PRO C 98 -44.22 9.77 -23.62
CA PRO C 98 -44.35 8.89 -24.80
C PRO C 98 -45.77 8.84 -25.34
N THR C 99 -45.87 8.60 -26.65
CA THR C 99 -47.15 8.42 -27.31
C THR C 99 -47.71 7.03 -27.04
N GLN C 100 -49.00 6.88 -27.35
CA GLN C 100 -49.63 5.56 -27.34
C GLN C 100 -48.85 4.58 -28.21
N GLN C 101 -48.29 5.05 -29.32
CA GLN C 101 -47.47 4.20 -30.19
C GLN C 101 -46.19 3.79 -29.50
N GLN C 102 -45.41 4.79 -29.04
CA GLN C 102 -44.13 4.52 -28.38
C GLN C 102 -44.30 3.56 -27.21
N LEU C 103 -45.39 3.71 -26.45
CA LEU C 103 -45.67 2.79 -25.35
C LEU C 103 -45.96 1.38 -25.85
N ALA C 104 -46.63 1.26 -27.00
CA ALA C 104 -46.97 -0.06 -27.52
C ALA C 104 -45.71 -0.85 -27.89
N VAL C 105 -44.71 -0.17 -28.48
CA VAL C 105 -43.44 -0.82 -28.78
C VAL C 105 -42.76 -1.26 -27.49
N GLU C 106 -42.65 -0.35 -26.52
CA GLU C 106 -42.11 -0.68 -25.21
C GLU C 106 -42.78 -1.93 -24.64
N ARG C 107 -44.12 -1.95 -24.66
CA ARG C 107 -44.87 -3.05 -24.07
C ARG C 107 -44.56 -4.38 -24.75
N SER C 108 -44.23 -4.35 -26.05
CA SER C 108 -43.91 -5.58 -26.78
C SER C 108 -42.59 -6.19 -26.32
N LEU C 109 -41.75 -5.41 -25.66
CA LEU C 109 -40.44 -5.89 -25.25
C LEU C 109 -40.47 -6.43 -23.83
N PRO C 110 -39.53 -7.31 -23.49
CA PRO C 110 -39.31 -7.63 -22.07
C PRO C 110 -38.65 -6.46 -21.38
N GLN C 111 -38.86 -6.38 -20.07
CA GLN C 111 -38.36 -5.26 -19.29
C GLN C 111 -36.88 -5.00 -19.53
N ALA C 112 -36.10 -6.08 -19.69
CA ALA C 112 -34.66 -5.94 -19.93
C ALA C 112 -34.35 -5.05 -21.13
N ALA C 113 -35.14 -5.14 -22.20
CA ALA C 113 -34.82 -4.50 -23.46
C ALA C 113 -35.51 -3.14 -23.65
N LYS C 114 -36.36 -2.72 -22.71
CA LYS C 114 -37.10 -1.49 -22.88
C LYS C 114 -36.18 -0.28 -22.75
N GLU C 115 -36.60 0.83 -23.38
CA GLU C 115 -35.87 2.09 -23.28
C GLU C 115 -36.23 2.86 -22.02
N GLY C 116 -37.36 2.56 -21.40
CA GLY C 116 -37.76 3.22 -20.17
C GLY C 116 -38.55 4.49 -20.35
N HIS C 117 -39.24 4.66 -21.49
CA HIS C 117 -40.09 5.83 -21.73
C HIS C 117 -41.05 6.14 -20.59
N GLU C 118 -41.51 5.12 -19.86
CA GLU C 118 -42.38 5.34 -18.71
C GLU C 118 -41.78 6.29 -17.69
N ILE C 119 -40.45 6.27 -17.52
CA ILE C 119 -39.78 7.23 -16.62
C ILE C 119 -40.23 8.65 -16.94
N ASP C 120 -40.40 8.97 -18.23
CA ASP C 120 -40.88 10.30 -18.60
C ASP C 120 -42.25 10.57 -18.02
N GLN C 121 -43.10 9.54 -17.94
CA GLN C 121 -44.40 9.70 -17.28
C GLN C 121 -44.21 9.90 -15.78
N GLY C 122 -43.26 9.18 -15.17
CA GLY C 122 -42.91 9.44 -13.79
C GLY C 122 -42.54 10.88 -13.54
N ILE C 123 -41.77 11.49 -14.46
CA ILE C 123 -41.40 12.90 -14.32
C ILE C 123 -42.64 13.78 -14.37
N PHE C 124 -43.52 13.52 -15.34
CA PHE C 124 -44.72 14.32 -15.53
C PHE C 124 -45.63 14.26 -14.32
N LEU C 125 -46.00 13.05 -13.91
CA LEU C 125 -46.92 12.89 -12.78
C LEU C 125 -46.35 13.45 -11.50
N ARG C 126 -45.03 13.37 -11.31
CA ARG C 126 -44.41 14.01 -10.15
C ARG C 126 -44.66 15.51 -10.15
N ALA C 127 -44.39 16.17 -11.28
CA ALA C 127 -44.57 17.62 -11.37
C ALA C 127 -46.03 18.01 -11.20
N VAL C 128 -46.96 17.24 -11.77
CA VAL C 128 -48.38 17.53 -11.60
C VAL C 128 -48.77 17.41 -10.14
N LEU C 129 -48.44 16.29 -9.51
CA LEU C 129 -48.79 16.07 -8.11
C LEU C 129 -48.09 17.05 -7.18
N ARG C 130 -46.92 17.57 -7.56
CA ARG C 130 -46.27 18.57 -6.73
C ARG C 130 -47.02 19.90 -6.73
N SER C 131 -47.83 20.17 -7.74
CA SER C 131 -48.55 21.45 -7.83
C SER C 131 -49.67 21.51 -6.81
N PRO C 132 -49.73 22.54 -5.95
CA PRO C 132 -50.87 22.67 -5.02
C PRO C 132 -52.20 22.88 -5.72
N LEU C 133 -52.19 23.29 -6.99
CA LEU C 133 -53.40 23.51 -7.78
C LEU C 133 -53.75 22.30 -8.63
N ALA C 134 -52.78 21.77 -9.38
CA ALA C 134 -53.04 20.62 -10.25
C ALA C 134 -53.08 19.31 -9.46
N GLY C 135 -52.18 19.16 -8.49
CA GLY C 135 -52.11 17.96 -7.67
C GLY C 135 -53.44 17.51 -7.13
N PRO C 136 -54.04 18.31 -6.24
CA PRO C 136 -55.36 17.93 -5.68
C PRO C 136 -56.42 17.73 -6.75
N HIS C 137 -56.35 18.46 -7.86
CA HIS C 137 -57.34 18.28 -8.93
C HIS C 137 -57.24 16.89 -9.54
N LEU C 138 -56.01 16.42 -9.83
CA LEU C 138 -55.85 15.07 -10.37
C LEU C 138 -56.28 14.02 -9.36
N LEU C 139 -55.99 14.23 -8.07
CA LEU C 139 -56.43 13.29 -7.06
C LEU C 139 -57.95 13.24 -6.96
N ASP C 140 -58.62 14.37 -7.20
CA ASP C 140 -60.08 14.35 -7.29
C ASP C 140 -60.54 13.55 -8.50
N ALA C 141 -59.94 13.82 -9.67
CA ALA C 141 -60.25 13.08 -10.88
C ALA C 141 -60.21 11.58 -10.65
N MET C 142 -59.18 11.09 -9.97
CA MET C 142 -59.03 9.67 -9.73
C MET C 142 -59.97 9.14 -8.65
N LEU C 143 -60.59 10.01 -7.86
CA LEU C 143 -61.60 9.59 -6.90
C LEU C 143 -62.99 9.49 -7.52
N ARG C 144 -63.18 10.02 -8.72
CA ARG C 144 -64.48 9.93 -9.37
C ARG C 144 -64.79 8.49 -9.77
N PRO C 145 -66.08 8.13 -9.85
CA PRO C 145 -66.44 6.76 -10.24
C PRO C 145 -65.90 6.43 -11.63
N THR C 146 -65.42 5.19 -11.78
CA THR C 146 -64.98 4.74 -13.09
C THR C 146 -66.19 4.57 -14.02
N PRO C 147 -66.03 4.88 -15.31
CA PRO C 147 -67.12 4.64 -16.27
C PRO C 147 -67.63 3.20 -16.30
N ARG C 148 -66.74 2.21 -16.16
CA ARG C 148 -67.19 0.83 -16.14
C ARG C 148 -68.20 0.58 -15.02
N ALA C 149 -67.97 1.19 -13.86
CA ALA C 149 -68.88 0.98 -12.74
C ALA C 149 -70.23 1.67 -12.98
N LEU C 150 -70.21 2.90 -13.49
CA LEU C 150 -71.46 3.57 -13.82
C LEU C 150 -72.26 2.73 -14.80
N GLU C 151 -71.56 2.10 -15.74
CA GLU C 151 -72.17 1.18 -16.69
C GLU C 151 -72.85 0.01 -15.97
N LEU C 152 -72.15 -0.64 -15.06
CA LEU C 152 -72.61 -1.88 -14.44
C LEU C 152 -73.45 -1.66 -13.20
N LEU C 153 -73.64 -0.42 -12.75
CA LEU C 153 -74.32 -0.19 -11.48
C LEU C 153 -75.78 -0.63 -11.49
N PRO C 154 -76.63 -0.20 -12.44
CA PRO C 154 -78.02 -0.68 -12.42
C PRO C 154 -78.15 -2.19 -12.35
N GLU C 155 -77.39 -2.93 -13.14
CA GLU C 155 -77.49 -4.39 -13.10
C GLU C 155 -77.01 -4.95 -11.77
N PHE C 156 -76.04 -4.29 -11.14
CA PHE C 156 -75.63 -4.73 -9.80
C PHE C 156 -76.68 -4.40 -8.76
N VAL C 157 -77.32 -3.23 -8.88
CA VAL C 157 -78.41 -2.88 -7.98
C VAL C 157 -79.52 -3.91 -8.08
N ARG C 158 -79.76 -4.41 -9.28
CA ARG C 158 -80.84 -5.38 -9.51
C ARG C 158 -80.49 -6.85 -9.26
N THR C 159 -79.24 -7.23 -9.45
CA THR C 159 -78.85 -8.62 -9.26
C THR C 159 -77.98 -8.91 -8.05
N GLY C 160 -77.42 -7.88 -7.42
CA GLY C 160 -76.57 -8.09 -6.28
C GLY C 160 -75.39 -8.98 -6.57
N GLU C 161 -74.96 -9.08 -7.82
CA GLU C 161 -73.87 -9.97 -8.20
C GLU C 161 -73.26 -9.51 -9.51
N VAL C 162 -71.93 -9.47 -9.55
CA VAL C 162 -71.15 -9.20 -10.76
C VAL C 162 -69.93 -10.09 -10.69
N GLU C 163 -69.70 -10.87 -11.75
CA GLU C 163 -68.52 -11.71 -11.83
C GLU C 163 -67.57 -11.09 -12.85
N MET C 164 -66.34 -10.83 -12.42
CA MET C 164 -65.29 -10.30 -13.27
C MET C 164 -64.12 -11.28 -13.22
N GLU C 165 -63.10 -11.01 -14.04
CA GLU C 165 -62.00 -11.96 -14.17
C GLU C 165 -61.30 -12.19 -12.85
N ALA C 166 -60.96 -11.12 -12.14
CA ALA C 166 -60.15 -11.24 -10.94
C ALA C 166 -60.91 -10.99 -9.64
N VAL C 167 -62.16 -10.54 -9.69
CA VAL C 167 -62.92 -10.19 -8.49
C VAL C 167 -64.37 -10.60 -8.69
N HIS C 168 -64.94 -11.29 -7.71
CA HIS C 168 -66.37 -11.60 -7.66
C HIS C 168 -67.03 -10.75 -6.59
N LEU C 169 -68.03 -9.95 -6.98
CA LEU C 169 -68.72 -9.04 -6.08
C LEU C 169 -70.15 -9.50 -5.85
N GLU C 170 -70.59 -9.45 -4.59
CA GLU C 170 -71.94 -9.89 -4.21
C GLU C 170 -72.46 -9.01 -3.08
N ARG C 171 -73.65 -8.42 -3.28
CA ARG C 171 -74.31 -7.72 -2.18
C ARG C 171 -75.10 -8.72 -1.36
N ARG C 172 -74.90 -8.72 -0.05
CA ARG C 172 -75.64 -9.64 0.80
C ARG C 172 -75.65 -9.09 2.22
N ASP C 173 -76.85 -8.97 2.80
CA ASP C 173 -77.03 -8.43 4.15
C ASP C 173 -76.43 -7.04 4.27
N GLY C 174 -76.50 -6.27 3.19
CA GLY C 174 -75.95 -4.93 3.21
C GLY C 174 -74.45 -4.87 3.17
N VAL C 175 -73.79 -5.95 2.75
CA VAL C 175 -72.34 -6.05 2.76
C VAL C 175 -71.86 -6.23 1.32
N ALA C 176 -70.93 -5.38 0.90
CA ALA C 176 -70.25 -5.57 -0.36
C ALA C 176 -69.15 -6.60 -0.17
N ARG C 177 -69.39 -7.81 -0.66
CA ARG C 177 -68.42 -8.89 -0.53
C ARG C 177 -67.56 -8.91 -1.79
N LEU C 178 -66.33 -8.44 -1.66
CA LEU C 178 -65.32 -8.62 -2.69
C LEU C 178 -64.53 -9.88 -2.39
N THR C 179 -64.52 -10.81 -3.34
CA THR C 179 -63.75 -12.04 -3.22
C THR C 179 -62.79 -12.11 -4.39
N MET C 180 -61.49 -11.99 -4.11
CA MET C 180 -60.45 -12.08 -5.12
C MET C 180 -60.23 -13.54 -5.50
N CYS C 181 -60.52 -13.89 -6.75
CA CYS C 181 -60.71 -15.30 -7.13
C CYS C 181 -59.85 -15.69 -8.34
N ARG C 182 -58.56 -15.36 -8.31
CA ARG C 182 -57.63 -15.89 -9.31
C ARG C 182 -57.02 -17.19 -8.77
N ASP C 183 -57.87 -18.24 -8.75
CA ASP C 183 -57.50 -19.52 -8.14
C ASP C 183 -56.18 -20.12 -8.64
N ASP C 184 -55.69 -19.72 -9.82
CA ASP C 184 -54.51 -20.37 -10.38
C ASP C 184 -53.19 -19.74 -9.94
N ARG C 185 -53.22 -18.54 -9.35
CA ARG C 185 -51.98 -17.79 -9.15
C ARG C 185 -51.91 -17.09 -7.80
N LEU C 186 -52.71 -17.51 -6.82
CA LEU C 186 -52.68 -16.93 -5.48
C LEU C 186 -52.98 -15.43 -5.50
N ASN C 187 -53.92 -15.04 -6.38
CA ASN C 187 -54.38 -13.65 -6.49
C ASN C 187 -53.26 -12.68 -6.84
N ALA C 188 -52.30 -13.13 -7.66
CA ALA C 188 -51.25 -12.23 -8.12
C ALA C 188 -51.86 -11.07 -8.90
N GLU C 189 -51.36 -9.86 -8.64
CA GLU C 189 -52.00 -8.65 -9.14
C GLU C 189 -51.48 -8.31 -10.53
N ASP C 190 -52.35 -7.76 -11.36
CA ASP C 190 -51.98 -7.24 -12.67
C ASP C 190 -52.94 -6.12 -13.03
N GLY C 191 -52.75 -5.54 -14.22
CA GLY C 191 -53.56 -4.41 -14.62
C GLY C 191 -55.04 -4.71 -14.63
N GLN C 192 -55.43 -5.92 -15.02
CA GLN C 192 -56.84 -6.29 -15.03
C GLN C 192 -57.40 -6.33 -13.62
N GLN C 193 -56.67 -6.94 -12.68
CA GLN C 193 -57.11 -6.94 -11.29
C GLN C 193 -57.40 -5.53 -10.79
N VAL C 194 -56.57 -4.56 -11.16
CA VAL C 194 -56.82 -3.18 -10.75
C VAL C 194 -58.10 -2.66 -11.40
N ASP C 195 -58.34 -3.00 -12.66
CA ASP C 195 -59.58 -2.58 -13.31
C ASP C 195 -60.78 -3.18 -12.59
N ASP C 196 -60.67 -4.44 -12.19
CA ASP C 196 -61.77 -5.09 -11.48
C ASP C 196 -61.89 -4.60 -10.05
N MET C 197 -60.77 -4.43 -9.36
CA MET C 197 -60.82 -3.93 -7.99
C MET C 197 -61.44 -2.55 -7.92
N GLU C 198 -60.98 -1.63 -8.78
CA GLU C 198 -61.56 -0.29 -8.80
C GLU C 198 -63.04 -0.33 -9.15
N THR C 199 -63.41 -1.14 -10.14
CA THR C 199 -64.81 -1.24 -10.55
C THR C 199 -65.68 -1.72 -9.39
N ALA C 200 -65.25 -2.78 -8.70
CA ALA C 200 -66.03 -3.33 -7.60
C ALA C 200 -66.17 -2.33 -6.46
N VAL C 201 -65.06 -1.70 -6.06
CA VAL C 201 -65.11 -0.70 -5.00
C VAL C 201 -66.10 0.41 -5.34
N ASP C 202 -66.07 0.91 -6.58
CA ASP C 202 -67.06 1.89 -7.02
C ASP C 202 -68.48 1.38 -6.80
N LEU C 203 -68.78 0.15 -7.24
CA LEU C 203 -70.13 -0.37 -7.09
C LEU C 203 -70.53 -0.47 -5.61
N ALA C 204 -69.60 -0.93 -4.77
CA ALA C 204 -69.86 -0.98 -3.34
C ALA C 204 -70.23 0.39 -2.79
N LEU C 205 -69.52 1.43 -3.22
CA LEU C 205 -69.73 2.76 -2.68
C LEU C 205 -71.00 3.41 -3.21
N LEU C 206 -71.28 3.24 -4.51
CA LEU C 206 -72.46 3.88 -5.08
C LEU C 206 -73.75 3.12 -4.81
N ASP C 207 -73.69 1.85 -4.42
CA ASP C 207 -74.90 1.10 -4.14
C ASP C 207 -75.43 1.49 -2.76
N PRO C 208 -76.59 2.14 -2.69
CA PRO C 208 -77.13 2.53 -1.38
C PRO C 208 -77.56 1.34 -0.54
N GLY C 209 -77.72 0.16 -1.13
CA GLY C 209 -78.03 -1.02 -0.38
C GLY C 209 -76.83 -1.68 0.26
N VAL C 210 -75.66 -1.06 0.09
CA VAL C 210 -74.41 -1.54 0.66
C VAL C 210 -74.03 -0.59 1.79
N ARG C 211 -73.74 -1.14 2.96
CA ARG C 211 -73.35 -0.32 4.11
C ARG C 211 -71.91 -0.56 4.54
N VAL C 212 -71.42 -1.80 4.44
CA VAL C 212 -70.04 -2.13 4.76
C VAL C 212 -69.49 -3.00 3.64
N GLY C 213 -68.18 -2.88 3.40
CA GLY C 213 -67.48 -3.73 2.45
C GLY C 213 -66.64 -4.80 3.13
N LEU C 214 -66.36 -5.85 2.37
CA LEU C 214 -65.57 -6.98 2.86
C LEU C 214 -64.65 -7.43 1.73
N LEU C 215 -63.36 -7.53 2.02
CA LEU C 215 -62.39 -8.02 1.06
C LEU C 215 -61.76 -9.29 1.60
N ARG C 216 -61.80 -10.35 0.80
CA ARG C 216 -61.32 -11.66 1.18
C ARG C 216 -60.91 -12.39 -0.09
N GLY C 217 -59.97 -13.32 0.06
CA GLY C 217 -59.53 -14.11 -1.07
C GLY C 217 -60.37 -15.37 -1.24
N GLY C 218 -60.58 -15.74 -2.50
CA GLY C 218 -61.41 -16.90 -2.79
C GLY C 218 -60.64 -18.17 -2.72
N VAL C 219 -61.37 -19.29 -2.87
CA VAL C 219 -60.73 -20.59 -2.82
C VAL C 219 -59.80 -20.73 -4.03
N MET C 220 -58.63 -21.33 -3.79
CA MET C 220 -57.59 -21.49 -4.79
C MET C 220 -57.67 -22.90 -5.40
N SER C 221 -57.18 -23.01 -6.63
CA SER C 221 -57.19 -24.28 -7.35
C SER C 221 -55.82 -24.88 -7.60
N HIS C 222 -54.76 -24.09 -7.55
CA HIS C 222 -53.41 -24.61 -7.73
C HIS C 222 -53.17 -25.77 -6.77
N PRO C 223 -52.53 -26.85 -7.24
CA PRO C 223 -52.44 -28.09 -6.43
C PRO C 223 -51.89 -27.88 -5.03
N ARG C 224 -51.00 -26.92 -4.82
CA ARG C 224 -50.41 -26.73 -3.50
C ARG C 224 -51.39 -26.09 -2.53
N TYR C 225 -52.43 -25.41 -3.05
CA TYR C 225 -53.40 -24.70 -2.22
C TYR C 225 -54.84 -25.05 -2.54
N ARG C 226 -55.09 -26.16 -3.23
CA ARG C 226 -56.45 -26.51 -3.63
C ARG C 226 -57.35 -26.63 -2.42
N GLY C 227 -58.50 -25.96 -2.47
CA GLY C 227 -59.43 -25.94 -1.38
C GLY C 227 -59.15 -24.91 -0.29
N LYS C 228 -58.06 -24.16 -0.42
CA LYS C 228 -57.66 -23.17 0.58
C LYS C 228 -57.80 -21.75 0.04
N ARG C 229 -58.35 -20.87 0.86
CA ARG C 229 -58.39 -19.46 0.53
C ARG C 229 -57.01 -18.84 0.73
N VAL C 230 -56.67 -17.88 -0.12
CA VAL C 230 -55.43 -17.12 0.00
C VAL C 230 -55.73 -15.68 -0.37
N PHE C 231 -55.28 -14.75 0.48
CA PHE C 231 -55.62 -13.34 0.31
C PHE C 231 -54.88 -12.76 -0.91
N SER C 232 -53.56 -12.61 -0.82
CA SER C 232 -52.81 -12.08 -1.95
C SER C 232 -51.34 -12.47 -1.83
N ALA C 233 -50.72 -12.79 -2.97
CA ALA C 233 -49.30 -13.06 -3.07
C ALA C 233 -48.55 -11.93 -3.79
N GLY C 234 -49.16 -10.76 -3.89
CA GLY C 234 -48.48 -9.60 -4.42
C GLY C 234 -48.50 -9.53 -5.93
N ILE C 235 -47.68 -8.61 -6.45
CA ILE C 235 -47.68 -8.32 -7.88
C ILE C 235 -47.31 -9.57 -8.69
N ASN C 236 -47.86 -9.66 -9.90
CA ASN C 236 -47.45 -10.73 -10.81
C ASN C 236 -46.02 -10.47 -11.23
N LEU C 237 -45.09 -11.22 -10.66
CA LEU C 237 -43.68 -11.02 -10.99
C LEU C 237 -43.38 -11.46 -12.42
N LYS C 238 -44.06 -12.52 -12.89
CA LYS C 238 -43.91 -12.94 -14.28
C LYS C 238 -44.25 -11.81 -15.24
N TYR C 239 -45.41 -11.18 -15.06
CA TYR C 239 -45.80 -10.08 -15.93
C TYR C 239 -44.82 -8.91 -15.81
N LEU C 240 -44.44 -8.56 -14.58
CA LEU C 240 -43.45 -7.51 -14.36
C LEU C 240 -42.16 -7.77 -15.16
N SER C 241 -41.67 -9.00 -15.11
CA SER C 241 -40.48 -9.35 -15.88
C SER C 241 -40.73 -9.22 -17.39
N GLN C 242 -41.88 -9.71 -17.85
CA GLN C 242 -42.24 -9.68 -19.26
C GLN C 242 -42.57 -8.29 -19.77
N GLY C 243 -42.64 -7.28 -18.90
CA GLY C 243 -42.97 -5.93 -19.31
C GLY C 243 -44.43 -5.59 -19.24
N GLY C 244 -45.25 -6.39 -18.57
CA GLY C 244 -46.69 -6.23 -18.51
C GLY C 244 -47.23 -5.43 -17.34
N ILE C 245 -46.39 -4.83 -16.51
CA ILE C 245 -46.83 -4.04 -15.38
C ILE C 245 -46.70 -2.57 -15.76
N SER C 246 -47.83 -1.89 -15.89
CA SER C 246 -47.84 -0.50 -16.32
C SER C 246 -47.56 0.40 -15.13
N LEU C 247 -46.60 1.31 -15.28
CA LEU C 247 -46.37 2.34 -14.27
C LEU C 247 -47.65 3.12 -13.98
N VAL C 248 -48.30 3.61 -15.04
CA VAL C 248 -49.49 4.43 -14.86
C VAL C 248 -50.72 3.57 -14.63
N ASP C 249 -50.96 2.61 -15.51
CA ASP C 249 -52.19 1.84 -15.47
C ASP C 249 -52.22 0.76 -14.38
N PHE C 250 -51.09 0.49 -13.72
CA PHE C 250 -51.09 -0.39 -12.56
C PHE C 250 -50.50 0.30 -11.34
N LEU C 251 -49.21 0.65 -11.36
CA LEU C 251 -48.55 1.12 -10.14
C LEU C 251 -49.18 2.41 -9.62
N MET C 252 -49.51 3.34 -10.52
CA MET C 252 -50.12 4.59 -10.09
C MET C 252 -51.63 4.48 -9.98
N ARG C 253 -52.27 3.79 -10.91
CA ARG C 253 -53.72 3.69 -10.91
C ARG C 253 -54.26 3.13 -9.59
N ARG C 254 -53.63 2.07 -9.06
CA ARG C 254 -54.17 1.43 -7.86
C ARG C 254 -54.06 2.34 -6.64
N GLU C 255 -52.99 3.13 -6.55
CA GLU C 255 -52.81 3.99 -5.38
C GLU C 255 -53.76 5.17 -5.41
N LEU C 256 -53.98 5.74 -6.59
CA LEU C 256 -54.86 6.89 -6.74
C LEU C 256 -56.31 6.49 -6.91
N GLY C 257 -56.58 5.25 -7.33
CA GLY C 257 -57.95 4.80 -7.52
C GLY C 257 -58.55 4.07 -6.33
N TYR C 258 -58.56 2.74 -6.39
CA TYR C 258 -59.40 1.98 -5.46
C TYR C 258 -58.86 2.02 -4.03
N ILE C 259 -57.53 2.04 -3.87
CA ILE C 259 -56.97 2.16 -2.53
C ILE C 259 -57.30 3.51 -1.90
N HIS C 260 -57.23 4.58 -2.69
CA HIS C 260 -57.57 5.90 -2.16
C HIS C 260 -59.06 6.04 -1.93
N LYS C 261 -59.87 5.29 -2.69
CA LYS C 261 -61.32 5.30 -2.51
C LYS C 261 -61.73 4.53 -1.27
N LEU C 262 -60.97 3.51 -0.88
CA LEU C 262 -61.20 2.85 0.41
C LEU C 262 -61.05 3.84 1.56
N VAL C 263 -60.08 4.76 1.47
CA VAL C 263 -59.90 5.74 2.52
C VAL C 263 -60.97 6.83 2.45
N ARG C 264 -61.12 7.45 1.27
CA ARG C 264 -61.88 8.69 1.16
C ARG C 264 -63.24 8.56 0.47
N GLY C 265 -63.53 7.42 -0.14
CA GLY C 265 -64.79 7.25 -0.85
C GLY C 265 -64.74 7.80 -2.26
N VAL C 266 -65.89 7.72 -2.94
CA VAL C 266 -66.01 8.19 -4.32
C VAL C 266 -66.54 9.61 -4.34
N LEU C 267 -65.91 10.46 -5.14
CA LEU C 267 -66.33 11.84 -5.33
C LEU C 267 -67.46 11.86 -6.36
N THR C 268 -68.68 12.17 -5.90
CA THR C 268 -69.84 12.19 -6.78
C THR C 268 -70.12 13.58 -7.30
N ASN C 269 -71.09 13.65 -8.21
CA ASN C 269 -71.55 14.93 -8.70
C ASN C 269 -72.42 15.58 -7.63
N ASP C 270 -72.65 16.88 -7.77
CA ASP C 270 -73.53 17.55 -6.82
C ASP C 270 -74.98 17.18 -7.15
N ASP C 271 -75.33 15.90 -7.02
CA ASP C 271 -76.59 15.36 -7.53
C ASP C 271 -77.38 14.66 -6.44
N ARG C 272 -77.22 15.10 -5.19
CA ARG C 272 -77.88 14.48 -4.06
C ARG C 272 -77.77 15.41 -2.85
N PRO C 273 -78.75 15.39 -1.95
CA PRO C 273 -78.63 16.22 -0.74
C PRO C 273 -77.45 15.74 0.10
N GLY C 274 -76.95 16.64 0.94
CA GLY C 274 -75.77 16.32 1.72
C GLY C 274 -74.47 16.69 1.04
N TRP C 275 -74.42 16.57 -0.30
CA TRP C 275 -73.19 16.79 -1.05
C TRP C 275 -72.43 18.03 -0.58
N TRP C 276 -73.14 19.04 -0.06
CA TRP C 276 -72.47 20.21 0.48
C TRP C 276 -71.56 19.86 1.64
N HIS C 277 -71.97 18.91 2.49
CA HIS C 277 -71.10 18.47 3.57
C HIS C 277 -70.37 17.17 3.25
N SER C 278 -70.89 16.35 2.35
CA SER C 278 -70.28 15.07 1.98
C SER C 278 -70.22 14.92 0.47
N PRO C 279 -69.28 15.59 -0.20
CA PRO C 279 -69.14 15.40 -1.65
C PRO C 279 -68.71 14.00 -2.05
N ARG C 280 -68.16 13.22 -1.12
CA ARG C 280 -67.75 11.85 -1.38
C ARG C 280 -68.60 10.86 -0.58
N ILE C 281 -68.92 9.74 -1.20
CA ILE C 281 -69.58 8.63 -0.51
C ILE C 281 -68.51 7.66 -0.04
N GLU C 282 -68.37 7.51 1.28
CA GLU C 282 -67.39 6.59 1.83
C GLU C 282 -68.09 5.64 2.80
N LYS C 283 -67.54 4.44 2.92
CA LYS C 283 -68.11 3.40 3.78
C LYS C 283 -66.99 2.67 4.53
N PRO C 284 -67.30 1.95 5.61
CA PRO C 284 -66.25 1.19 6.31
C PRO C 284 -65.92 -0.11 5.58
N TRP C 285 -64.68 -0.56 5.76
CA TRP C 285 -64.17 -1.71 5.04
C TRP C 285 -63.53 -2.71 5.98
N VAL C 286 -63.80 -3.99 5.73
CA VAL C 286 -63.27 -5.09 6.52
C VAL C 286 -62.45 -6.01 5.61
N ALA C 287 -61.29 -6.43 6.08
CA ALA C 287 -60.42 -7.34 5.35
C ALA C 287 -60.23 -8.63 6.13
N ALA C 288 -60.17 -9.74 5.41
CA ALA C 288 -59.97 -11.06 6.00
C ALA C 288 -58.84 -11.73 5.26
N VAL C 289 -57.74 -12.01 5.96
CA VAL C 289 -56.52 -12.51 5.35
C VAL C 289 -56.44 -14.00 5.64
N ASP C 290 -56.62 -14.79 4.58
CA ASP C 290 -56.38 -16.23 4.62
C ASP C 290 -55.03 -16.54 3.99
N GLY C 291 -54.31 -17.47 4.59
CA GLY C 291 -53.06 -17.89 4.01
C GLY C 291 -51.93 -16.92 4.31
N PHE C 292 -51.95 -15.77 3.65
CA PHE C 292 -50.91 -14.75 3.80
C PHE C 292 -51.32 -13.54 2.99
N ALA C 293 -50.75 -12.38 3.33
CA ALA C 293 -50.88 -11.17 2.54
C ALA C 293 -49.47 -10.67 2.22
N ILE C 294 -49.07 -10.81 0.97
CA ILE C 294 -47.72 -10.47 0.53
C ILE C 294 -47.78 -9.27 -0.42
N GLY C 295 -46.81 -8.37 -0.28
CA GLY C 295 -46.67 -7.28 -1.24
C GLY C 295 -47.85 -6.35 -1.22
N GLY C 296 -48.44 -6.13 -2.40
CA GLY C 296 -49.57 -5.24 -2.49
C GLY C 296 -50.76 -5.68 -1.66
N GLY C 297 -50.90 -6.99 -1.44
CA GLY C 297 -51.94 -7.48 -0.56
C GLY C 297 -51.71 -7.02 0.88
N ALA C 298 -50.47 -7.10 1.35
CA ALA C 298 -50.16 -6.60 2.68
C ALA C 298 -50.34 -5.09 2.74
N GLN C 299 -49.99 -4.38 1.66
CA GLN C 299 -50.18 -2.94 1.60
C GLN C 299 -51.63 -2.54 1.85
N LEU C 300 -52.57 -3.31 1.29
CA LEU C 300 -53.98 -2.96 1.40
C LEU C 300 -54.43 -2.88 2.85
N LEU C 301 -53.89 -3.73 3.73
CA LEU C 301 -54.30 -3.77 5.13
C LEU C 301 -54.11 -2.45 5.86
N LEU C 302 -53.26 -1.55 5.36
CA LEU C 302 -52.98 -0.29 6.04
C LEU C 302 -54.11 0.73 5.87
N VAL C 303 -55.25 0.32 5.32
CA VAL C 303 -56.28 1.25 4.87
C VAL C 303 -57.67 0.81 5.34
N PHE C 304 -57.76 -0.35 5.98
CA PHE C 304 -59.06 -0.85 6.41
C PHE C 304 -59.44 -0.36 7.81
N ASP C 305 -60.72 -0.51 8.14
CA ASP C 305 -61.23 -0.16 9.47
C ASP C 305 -61.26 -1.34 10.41
N ARG C 306 -61.24 -2.55 9.86
CA ARG C 306 -61.13 -3.77 10.64
C ARG C 306 -60.40 -4.76 9.78
N VAL C 307 -59.45 -5.48 10.38
CA VAL C 307 -58.65 -6.47 9.68
C VAL C 307 -58.69 -7.74 10.52
N LEU C 308 -59.02 -8.85 9.87
CA LEU C 308 -59.03 -10.17 10.49
C LEU C 308 -58.07 -11.07 9.73
N ALA C 309 -57.56 -12.07 10.44
CA ALA C 309 -56.58 -12.97 9.84
C ALA C 309 -56.66 -14.31 10.55
N SER C 310 -56.43 -15.37 9.79
CA SER C 310 -56.41 -16.71 10.35
C SER C 310 -55.07 -16.96 11.03
N SER C 311 -55.09 -17.83 12.04
CA SER C 311 -53.91 -18.04 12.89
C SER C 311 -52.63 -18.35 12.12
N ASP C 312 -52.74 -18.95 10.94
CA ASP C 312 -51.56 -19.42 10.22
C ASP C 312 -51.04 -18.43 9.18
N ALA C 313 -51.56 -17.20 9.15
CA ALA C 313 -51.19 -16.28 8.09
C ALA C 313 -49.97 -15.44 8.48
N TYR C 314 -49.36 -14.82 7.47
CA TYR C 314 -48.22 -13.94 7.67
C TYR C 314 -48.30 -12.76 6.70
N PHE C 315 -47.59 -11.69 7.05
CA PHE C 315 -47.60 -10.47 6.27
C PHE C 315 -46.16 -10.04 5.97
N SER C 316 -45.88 -9.71 4.72
CA SER C 316 -44.56 -9.25 4.33
C SER C 316 -44.64 -8.34 3.11
N LEU C 317 -43.58 -7.55 2.95
CA LEU C 317 -43.42 -6.62 1.83
C LEU C 317 -42.07 -6.86 1.19
N PRO C 318 -41.96 -7.80 0.24
CA PRO C 318 -40.68 -8.18 -0.34
C PRO C 318 -40.36 -7.36 -1.60
N GLY C 323 -36.49 -5.34 -7.07
CA GLY C 323 -36.58 -4.56 -5.85
C GLY C 323 -37.19 -3.19 -6.05
N ILE C 324 -38.47 -3.07 -5.73
CA ILE C 324 -39.26 -1.87 -6.02
C ILE C 324 -39.88 -1.38 -4.71
N ILE C 325 -40.46 -0.18 -4.76
CA ILE C 325 -41.08 0.42 -3.58
C ILE C 325 -42.43 -0.25 -3.38
N PRO C 326 -42.78 -0.61 -2.18
CA PRO C 326 -44.08 -1.27 -1.92
C PRO C 326 -45.22 -0.27 -1.83
N GLY C 327 -45.54 0.33 -2.97
CA GLY C 327 -46.65 1.29 -3.03
C GLY C 327 -46.53 2.37 -1.98
N ALA C 328 -47.61 2.57 -1.23
CA ALA C 328 -47.66 3.55 -0.17
C ALA C 328 -47.33 2.97 1.20
N ALA C 329 -46.82 1.74 1.26
CA ALA C 329 -46.41 1.18 2.53
C ALA C 329 -45.38 2.07 3.23
N ASN C 330 -44.49 2.70 2.45
CA ASN C 330 -43.53 3.64 3.05
C ASN C 330 -44.24 4.83 3.66
N LEU C 331 -45.41 5.20 3.12
CA LEU C 331 -46.18 6.30 3.68
C LEU C 331 -46.87 5.90 4.97
N ARG C 332 -47.41 4.69 5.03
CA ARG C 332 -48.39 4.33 6.05
C ARG C 332 -47.84 3.42 7.15
N LEU C 333 -46.87 2.56 6.84
CA LEU C 333 -46.41 1.57 7.82
C LEU C 333 -45.88 2.24 9.08
N GLY C 334 -45.21 3.38 8.95
CA GLY C 334 -44.65 4.04 10.12
C GLY C 334 -45.68 4.41 11.15
N ARG C 335 -46.89 4.74 10.70
CA ARG C 335 -47.97 5.15 11.59
C ARG C 335 -48.57 3.96 12.33
N PHE C 336 -48.50 2.76 11.74
CA PHE C 336 -48.95 1.55 12.39
C PHE C 336 -47.88 0.95 13.31
N ALA C 337 -46.61 1.02 12.91
CA ALA C 337 -45.56 0.24 13.56
C ALA C 337 -44.34 1.03 14.00
N GLY C 338 -44.24 2.32 13.70
CA GLY C 338 -43.07 3.08 14.05
C GLY C 338 -41.89 2.93 13.10
N PRO C 339 -40.84 3.72 13.32
CA PRO C 339 -39.74 3.77 12.34
C PRO C 339 -38.86 2.52 12.32
N ARG C 340 -38.69 1.87 13.47
CA ARG C 340 -37.82 0.70 13.56
C ARG C 340 -38.43 -0.51 12.84
N VAL C 341 -39.65 -0.90 13.23
CA VAL C 341 -40.27 -2.08 12.63
C VAL C 341 -40.52 -1.88 11.14
N SER C 342 -40.88 -0.65 10.73
CA SER C 342 -41.19 -0.42 9.32
C SER C 342 -39.95 -0.54 8.44
N ARG C 343 -38.77 -0.16 8.95
CA ARG C 343 -37.55 -0.44 8.22
C ARG C 343 -37.23 -1.93 8.24
N GLN C 344 -37.54 -2.60 9.34
CA GLN C 344 -37.35 -4.06 9.40
C GLN C 344 -38.16 -4.75 8.32
N VAL C 345 -39.42 -4.35 8.16
CA VAL C 345 -40.30 -4.99 7.19
C VAL C 345 -39.92 -4.62 5.76
N ILE C 346 -39.67 -3.33 5.51
CA ILE C 346 -39.48 -2.83 4.17
C ILE C 346 -38.03 -2.98 3.70
N LEU C 347 -37.09 -2.42 4.46
CA LEU C 347 -35.69 -2.44 4.05
C LEU C 347 -35.07 -3.83 4.19
N GLU C 348 -35.48 -4.60 5.19
CA GLU C 348 -34.81 -5.86 5.50
C GLU C 348 -35.75 -7.06 5.41
N GLY C 349 -36.92 -6.89 4.81
CA GLY C 349 -37.76 -8.02 4.47
C GLY C 349 -38.26 -8.84 5.65
N ARG C 350 -38.34 -8.24 6.83
CA ARG C 350 -38.92 -8.95 7.96
C ARG C 350 -40.34 -9.39 7.64
N ARG C 351 -40.67 -10.62 8.07
CA ARG C 351 -42.00 -11.17 7.87
C ARG C 351 -42.68 -11.28 9.23
N ILE C 352 -43.94 -10.86 9.29
CA ILE C 352 -44.69 -10.79 10.55
C ILE C 352 -45.77 -11.85 10.52
N TRP C 353 -45.82 -12.66 11.57
CA TRP C 353 -46.78 -13.76 11.66
C TRP C 353 -47.99 -13.35 12.48
N ALA C 354 -49.17 -13.82 12.07
CA ALA C 354 -50.43 -13.42 12.69
C ALA C 354 -50.43 -13.64 14.19
N LYS C 355 -49.79 -14.71 14.67
CA LYS C 355 -49.84 -15.04 16.09
C LYS C 355 -48.72 -14.41 16.92
N GLU C 356 -47.76 -13.68 16.28
CA GLU C 356 -46.79 -13.07 17.17
C GLU C 356 -47.30 -11.69 17.63
N PRO C 357 -46.89 -11.24 18.84
CA PRO C 357 -47.43 -9.98 19.39
C PRO C 357 -47.55 -8.81 18.44
N GLU C 358 -46.50 -8.50 17.68
CA GLU C 358 -46.50 -7.30 16.84
C GLU C 358 -47.45 -7.39 15.65
N ALA C 359 -48.05 -8.54 15.37
CA ALA C 359 -49.11 -8.58 14.37
C ALA C 359 -50.28 -7.67 14.75
N ARG C 360 -50.50 -7.44 16.05
CA ARG C 360 -51.56 -6.52 16.46
C ARG C 360 -51.34 -5.11 15.94
N LEU C 361 -50.10 -4.78 15.53
CA LEU C 361 -49.88 -3.50 14.87
C LEU C 361 -50.60 -3.45 13.54
N LEU C 362 -50.86 -4.62 12.93
CA LEU C 362 -51.50 -4.70 11.63
C LEU C 362 -52.86 -5.38 11.65
N VAL C 363 -53.17 -6.16 12.69
CA VAL C 363 -54.33 -7.05 12.67
C VAL C 363 -55.09 -6.93 13.99
N ASP C 364 -56.41 -6.83 13.89
CA ASP C 364 -57.33 -6.64 15.00
C ASP C 364 -57.72 -7.96 15.67
N GLU C 365 -57.99 -8.98 14.86
CA GLU C 365 -58.34 -10.31 15.36
C GLU C 365 -57.55 -11.36 14.61
N VAL C 366 -57.04 -12.34 15.35
CA VAL C 366 -56.41 -13.51 14.77
C VAL C 366 -57.17 -14.71 15.32
N VAL C 367 -57.75 -15.50 14.44
CA VAL C 367 -58.69 -16.54 14.84
C VAL C 367 -58.32 -17.81 14.11
N GLU C 368 -58.53 -18.94 14.80
CA GLU C 368 -58.28 -20.24 14.19
C GLU C 368 -59.17 -20.36 12.95
N PRO C 369 -58.69 -21.04 11.90
CA PRO C 369 -59.50 -21.15 10.67
C PRO C 369 -60.90 -21.69 10.89
N ASP C 370 -61.09 -22.59 11.86
CA ASP C 370 -62.42 -23.14 12.09
C ASP C 370 -63.36 -22.14 12.76
N GLU C 371 -62.82 -21.05 13.31
CA GLU C 371 -63.65 -20.02 13.92
C GLU C 371 -63.62 -18.71 13.13
N LEU C 372 -62.90 -18.68 12.01
CA LEU C 372 -62.71 -17.45 11.26
C LEU C 372 -63.99 -16.98 10.58
N ASP C 373 -64.69 -17.89 9.90
CA ASP C 373 -65.87 -17.51 9.13
C ASP C 373 -66.89 -16.77 10.00
N ALA C 374 -67.18 -17.31 11.18
CA ALA C 374 -68.15 -16.66 12.05
C ALA C 374 -67.60 -15.34 12.60
N ALA C 375 -66.30 -15.32 12.91
CA ALA C 375 -65.68 -14.11 13.42
C ALA C 375 -65.74 -12.98 12.39
N ILE C 376 -65.56 -13.31 11.12
CA ILE C 376 -65.70 -12.32 10.05
C ILE C 376 -67.10 -11.74 10.03
N GLU C 377 -68.11 -12.61 10.10
CA GLU C 377 -69.51 -12.18 10.04
C GLU C 377 -69.84 -11.19 11.16
N ARG C 378 -69.40 -11.48 12.38
CA ARG C 378 -69.68 -10.60 13.52
C ARG C 378 -69.12 -9.20 13.30
N SER C 379 -67.95 -9.09 12.67
CA SER C 379 -67.35 -7.77 12.46
C SER C 379 -68.15 -6.91 11.50
N LEU C 380 -68.84 -7.53 10.53
CA LEU C 380 -69.57 -6.77 9.54
C LEU C 380 -70.82 -6.12 10.11
N THR C 381 -71.34 -6.63 11.22
CA THR C 381 -72.47 -6.01 11.88
C THR C 381 -72.09 -4.82 12.76
N ARG C 382 -70.80 -4.65 13.07
CA ARG C 382 -70.37 -3.67 14.07
C ARG C 382 -69.95 -2.32 13.51
N LEU C 383 -70.16 -2.05 12.21
CA LEU C 383 -69.71 -0.80 11.60
C LEU C 383 -70.84 -0.10 10.84
N ASP C 384 -72.07 -0.17 11.38
CA ASP C 384 -73.24 0.26 10.62
C ASP C 384 -73.57 1.75 10.77
N GLY C 385 -73.26 2.36 11.90
CA GLY C 385 -73.66 3.74 12.17
C GLY C 385 -73.33 4.76 11.10
N ASP C 386 -74.10 5.85 11.04
CA ASP C 386 -73.55 7.08 10.47
C ASP C 386 -72.44 7.63 11.35
N ALA C 387 -72.44 7.28 12.63
CA ALA C 387 -71.38 7.70 13.54
C ALA C 387 -70.04 7.10 13.12
N VAL C 388 -70.02 5.84 12.71
CA VAL C 388 -68.81 5.24 12.16
C VAL C 388 -68.32 6.02 10.95
N LEU C 389 -69.24 6.41 10.06
CA LEU C 389 -68.85 7.18 8.87
C LEU C 389 -68.25 8.53 9.24
N ALA C 390 -68.84 9.21 10.22
CA ALA C 390 -68.27 10.48 10.65
C ALA C 390 -66.93 10.26 11.34
N ASN C 391 -66.84 9.19 12.12
CA ASN C 391 -65.62 8.92 12.88
C ASN C 391 -64.47 8.47 11.98
N ARG C 392 -64.73 7.55 11.05
CA ARG C 392 -63.66 7.11 10.17
C ARG C 392 -63.15 8.24 9.29
N ARG C 393 -64.01 9.21 8.98
CA ARG C 393 -63.55 10.36 8.20
C ARG C 393 -62.61 11.24 9.01
N MET C 394 -62.97 11.52 10.27
CA MET C 394 -62.08 12.33 11.11
C MET C 394 -60.81 11.58 11.46
N LEU C 395 -60.91 10.26 11.67
CA LEU C 395 -59.71 9.45 11.94
C LEU C 395 -58.75 9.50 10.76
N ASN C 396 -59.24 9.19 9.56
CA ASN C 396 -58.38 9.19 8.37
C ASN C 396 -57.78 10.57 8.13
N LEU C 397 -58.59 11.62 8.31
CA LEU C 397 -58.08 12.99 8.16
C LEU C 397 -56.89 13.25 9.09
N ALA C 398 -56.96 12.77 10.32
CA ALA C 398 -55.87 12.98 11.26
C ALA C 398 -54.68 12.08 10.95
N ASP C 399 -54.95 10.80 10.66
CA ASP C 399 -53.88 9.86 10.35
C ASP C 399 -53.06 10.32 9.15
N GLU C 400 -53.73 10.74 8.07
CA GLU C 400 -53.08 10.91 6.78
C GLU C 400 -53.69 12.12 6.07
N SER C 401 -52.95 13.24 6.00
CA SER C 401 -53.48 14.48 5.44
C SER C 401 -53.45 14.49 3.91
N PRO C 402 -54.29 15.34 3.30
CA PRO C 402 -54.20 15.53 1.83
C PRO C 402 -52.80 15.91 1.36
N ASP C 403 -52.17 16.89 2.01
CA ASP C 403 -50.81 17.26 1.63
C ASP C 403 -49.86 16.07 1.76
N GLY C 404 -49.96 15.35 2.88
CA GLY C 404 -49.10 14.20 3.11
C GLY C 404 -49.18 13.18 1.99
N PHE C 405 -50.40 12.75 1.66
CA PHE C 405 -50.56 11.77 0.59
C PHE C 405 -50.04 12.30 -0.73
N ARG C 406 -50.38 13.55 -1.06
CA ARG C 406 -49.98 14.12 -2.34
C ARG C 406 -48.46 14.27 -2.43
N ALA C 407 -47.84 14.80 -1.37
CA ALA C 407 -46.39 14.93 -1.35
C ALA C 407 -45.71 13.60 -1.60
N TYR C 408 -46.20 12.53 -0.95
CA TYR C 408 -45.61 11.21 -1.14
C TYR C 408 -45.78 10.72 -2.57
N MET C 409 -47.02 10.73 -3.07
CA MET C 409 -47.31 10.12 -4.37
C MET C 409 -46.60 10.82 -5.50
N ALA C 410 -46.41 12.14 -5.39
CA ALA C 410 -45.61 12.89 -6.35
C ALA C 410 -44.23 12.26 -6.51
N GLU C 411 -43.47 12.23 -5.41
CA GLU C 411 -42.14 11.63 -5.42
C GLU C 411 -42.20 10.16 -5.82
N PHE C 412 -43.25 9.45 -5.37
CA PHE C 412 -43.41 8.04 -5.71
C PHE C 412 -43.42 7.84 -7.21
N ALA C 413 -44.06 8.76 -7.94
CA ALA C 413 -44.18 8.63 -9.39
C ALA C 413 -42.82 8.50 -10.06
N LEU C 414 -41.83 9.27 -9.61
CA LEU C 414 -40.50 9.17 -10.20
C LEU C 414 -39.67 8.05 -9.60
N MET C 415 -39.60 7.98 -8.27
CA MET C 415 -38.80 6.96 -7.61
C MET C 415 -39.22 5.56 -8.06
N GLN C 416 -40.52 5.30 -8.08
CA GLN C 416 -41.01 4.00 -8.54
C GLN C 416 -40.74 3.81 -10.03
N ALA C 417 -40.87 4.87 -10.82
CA ALA C 417 -40.58 4.77 -12.25
C ALA C 417 -39.15 4.33 -12.48
N LEU C 418 -38.20 4.93 -11.75
CA LEU C 418 -36.81 4.54 -11.88
C LEU C 418 -36.57 3.12 -11.38
N ARG C 419 -37.18 2.76 -10.25
CA ARG C 419 -36.98 1.41 -9.73
C ARG C 419 -37.56 0.36 -10.67
N LEU C 420 -38.59 0.72 -11.42
CA LEU C 420 -39.18 -0.21 -12.38
C LEU C 420 -38.18 -0.60 -13.46
N TYR C 421 -37.19 0.26 -13.74
CA TYR C 421 -36.25 0.04 -14.82
C TYR C 421 -34.80 -0.11 -14.36
N GLY C 422 -34.55 -0.36 -13.09
CA GLY C 422 -33.18 -0.56 -12.63
C GLY C 422 -32.65 -1.93 -13.00
N HIS C 423 -31.34 -2.00 -13.28
CA HIS C 423 -30.75 -3.27 -13.69
C HIS C 423 -30.93 -4.34 -12.64
N ASP C 424 -30.84 -3.97 -11.36
CA ASP C 424 -31.01 -4.98 -10.33
C ASP C 424 -32.46 -5.46 -10.25
N THR C 425 -33.43 -4.58 -10.48
CA THR C 425 -34.83 -5.02 -10.47
C THR C 425 -35.11 -5.97 -11.62
N ILE C 426 -34.76 -5.57 -12.85
CA ILE C 426 -35.01 -6.40 -14.03
C ILE C 426 -34.39 -7.79 -13.87
N ASP C 427 -33.19 -7.85 -13.28
CA ASP C 427 -32.52 -9.13 -13.06
C ASP C 427 -33.30 -10.03 -12.12
N LYS C 428 -33.66 -9.52 -10.93
CA LYS C 428 -34.27 -10.37 -9.91
C LYS C 428 -35.69 -10.78 -10.30
N VAL C 429 -36.44 -9.87 -10.93
CA VAL C 429 -37.79 -10.20 -11.35
C VAL C 429 -37.80 -11.30 -12.41
N GLY C 430 -36.73 -11.40 -13.20
CA GLY C 430 -36.66 -12.45 -14.19
C GLY C 430 -36.26 -13.81 -13.65
N ARG C 431 -36.10 -13.96 -12.34
CA ARG C 431 -35.66 -15.22 -11.73
C ARG C 431 -36.76 -15.90 -10.93
N PHE C 432 -38.00 -15.41 -10.98
CA PHE C 432 -39.09 -15.99 -10.22
C PHE C 432 -39.44 -17.38 -10.75
N THR D 11 13.61 -44.51 -9.74
CA THR D 11 12.52 -44.17 -8.83
C THR D 11 11.53 -43.26 -9.54
N ASP D 12 12.05 -42.27 -10.27
CA ASP D 12 11.27 -41.60 -11.29
C ASP D 12 11.53 -42.20 -12.68
N GLY D 13 12.32 -43.26 -12.75
CA GLY D 13 12.56 -43.99 -13.96
C GLY D 13 13.85 -43.67 -14.69
N LEU D 14 14.53 -42.58 -14.34
CA LEU D 14 15.67 -42.15 -15.16
C LEU D 14 16.92 -42.99 -14.97
N TRP D 15 17.19 -43.49 -13.76
CA TRP D 15 18.39 -44.32 -13.62
C TRP D 15 18.27 -45.60 -14.40
N ALA D 16 17.07 -46.20 -14.44
CA ALA D 16 16.87 -47.37 -15.28
C ALA D 16 16.98 -47.00 -16.76
N ALA D 17 16.34 -45.90 -17.16
CA ALA D 17 16.42 -45.46 -18.55
C ALA D 17 17.87 -45.15 -18.94
N LEU D 18 18.61 -44.52 -18.04
CA LEU D 18 20.03 -44.29 -18.28
C LEU D 18 20.78 -45.61 -18.41
N THR D 19 20.57 -46.52 -17.44
CA THR D 19 21.27 -47.79 -17.43
C THR D 19 21.03 -48.57 -18.72
N GLU D 20 19.80 -48.53 -19.24
CA GLU D 20 19.51 -49.21 -20.50
C GLU D 20 20.23 -48.53 -21.66
N ALA D 21 20.22 -47.19 -21.70
CA ALA D 21 20.83 -46.48 -22.81
C ALA D 21 22.33 -46.70 -22.86
N ALA D 22 22.98 -46.74 -21.70
CA ALA D 22 24.40 -47.07 -21.66
C ALA D 22 24.64 -48.50 -22.09
N ALA D 23 23.73 -49.42 -21.75
CA ALA D 23 23.84 -50.79 -22.22
C ALA D 23 23.83 -50.85 -23.75
N SER D 24 22.92 -50.10 -24.38
CA SER D 24 22.89 -50.03 -25.84
C SER D 24 24.21 -49.53 -26.42
N VAL D 25 24.83 -48.53 -25.77
CA VAL D 25 26.11 -48.02 -26.24
C VAL D 25 27.19 -49.08 -26.10
N GLU D 26 27.26 -49.72 -24.93
CA GLU D 26 28.27 -50.75 -24.69
C GLU D 26 28.09 -51.91 -25.67
N LYS D 27 26.84 -52.33 -25.90
CA LYS D 27 26.58 -53.38 -26.86
C LYS D 27 27.07 -53.02 -28.26
N LEU D 28 26.74 -51.81 -28.73
CA LEU D 28 27.17 -51.39 -30.06
C LEU D 28 28.69 -51.36 -30.17
N LEU D 29 29.38 -50.83 -29.16
CA LEU D 29 30.84 -50.74 -29.26
C LEU D 29 31.49 -52.11 -29.32
N ALA D 30 30.93 -53.08 -28.60
CA ALA D 30 31.47 -54.44 -28.63
C ALA D 30 31.32 -55.06 -30.01
N THR D 31 30.15 -54.90 -30.63
CA THR D 31 29.85 -55.57 -31.90
C THR D 31 30.35 -54.78 -33.11
N LEU D 32 30.49 -53.47 -33.00
CA LEU D 32 30.85 -52.65 -34.16
C LEU D 32 32.36 -52.69 -34.41
N PRO D 33 32.80 -52.37 -35.62
CA PRO D 33 34.25 -52.26 -35.88
C PRO D 33 34.87 -51.04 -35.19
N GLU D 34 36.20 -50.98 -35.29
CA GLU D 34 36.93 -49.86 -34.72
C GLU D 34 36.57 -48.57 -35.43
N HIS D 35 36.92 -47.44 -34.80
CA HIS D 35 36.40 -46.14 -35.20
C HIS D 35 36.63 -45.85 -36.67
N GLY D 36 37.83 -46.14 -37.17
CA GLY D 36 38.19 -45.85 -38.55
C GLY D 36 37.68 -46.86 -39.57
N ALA D 37 37.11 -47.97 -39.14
CA ALA D 37 36.61 -49.00 -40.05
C ALA D 37 35.10 -49.07 -40.09
N ARG D 38 34.40 -48.10 -39.51
CA ARG D 38 32.95 -48.07 -39.50
C ARG D 38 32.42 -47.41 -40.77
N SER D 39 31.25 -47.85 -41.21
CA SER D 39 30.57 -47.21 -42.32
C SER D 39 29.73 -46.04 -41.81
N SER D 40 29.27 -45.21 -42.75
CA SER D 40 28.46 -44.05 -42.37
C SER D 40 27.22 -44.46 -41.58
N ALA D 41 26.54 -45.53 -42.03
CA ALA D 41 25.39 -46.02 -41.30
C ALA D 41 25.78 -46.44 -39.89
N GLU D 42 26.93 -47.09 -39.75
CA GLU D 42 27.41 -47.50 -38.42
C GLU D 42 27.83 -46.29 -37.59
N ARG D 43 28.49 -45.30 -38.20
CA ARG D 43 28.88 -44.11 -37.47
C ARG D 43 27.68 -43.31 -36.98
N ALA D 44 26.53 -43.44 -37.63
CA ALA D 44 25.33 -42.74 -37.19
C ALA D 44 24.54 -43.53 -36.15
N GLU D 45 24.59 -44.86 -36.22
CA GLU D 45 23.93 -45.68 -35.21
C GLU D 45 24.56 -45.47 -33.84
N ILE D 46 25.89 -45.44 -33.77
CA ILE D 46 26.57 -45.22 -32.49
C ILE D 46 26.37 -43.79 -32.00
N ALA D 47 26.44 -42.81 -32.93
CA ALA D 47 26.21 -41.42 -32.54
C ALA D 47 24.82 -41.22 -31.98
N ALA D 48 23.81 -41.87 -32.56
CA ALA D 48 22.46 -41.76 -32.03
C ALA D 48 22.34 -42.41 -30.66
N ALA D 49 23.11 -43.48 -30.41
CA ALA D 49 23.09 -44.13 -29.10
C ALA D 49 23.78 -43.27 -28.05
N HIS D 50 24.98 -42.76 -28.37
CA HIS D 50 25.67 -41.80 -27.50
C HIS D 50 24.74 -40.65 -27.10
N ASP D 51 24.05 -40.09 -28.09
CA ASP D 51 23.20 -38.93 -27.86
C ASP D 51 22.06 -39.26 -26.90
N ALA D 52 21.40 -40.39 -27.11
CA ALA D 52 20.29 -40.77 -26.25
C ALA D 52 20.76 -41.02 -24.83
N ALA D 53 21.94 -41.62 -24.67
CA ALA D 53 22.48 -41.85 -23.33
C ALA D 53 22.81 -40.53 -22.64
N ARG D 54 23.58 -39.67 -23.32
CA ARG D 54 24.02 -38.42 -22.73
C ARG D 54 22.86 -37.50 -22.37
N ALA D 55 21.83 -37.48 -23.21
CA ALA D 55 20.62 -36.73 -22.86
C ALA D 55 20.01 -37.22 -21.56
N LEU D 56 20.12 -38.52 -21.27
CA LEU D 56 19.60 -39.07 -20.01
C LEU D 56 20.54 -38.83 -18.85
N ARG D 57 21.86 -38.76 -19.09
CA ARG D 57 22.78 -38.32 -18.05
C ARG D 57 22.43 -36.91 -17.58
N VAL D 58 22.09 -36.04 -18.53
CA VAL D 58 21.64 -34.69 -18.18
C VAL D 58 20.36 -34.73 -17.37
N ARG D 59 19.36 -35.48 -17.84
CA ARG D 59 18.06 -35.53 -17.18
C ARG D 59 18.14 -36.14 -15.78
N PHE D 60 18.90 -37.23 -15.64
CA PHE D 60 19.09 -37.84 -14.33
C PHE D 60 19.69 -36.84 -13.33
N LEU D 61 20.77 -36.17 -13.73
CA LEU D 61 21.45 -35.27 -12.81
C LEU D 61 20.69 -33.97 -12.59
N ASP D 62 19.82 -33.57 -13.53
CA ASP D 62 19.01 -32.38 -13.33
C ASP D 62 18.24 -32.45 -12.02
N THR D 63 17.75 -33.63 -11.64
CA THR D 63 17.08 -33.79 -10.35
C THR D 63 17.91 -34.49 -9.29
N HIS D 64 18.85 -35.35 -9.67
CA HIS D 64 19.53 -36.25 -8.75
C HIS D 64 20.98 -35.87 -8.43
N ALA D 65 21.45 -34.70 -8.87
CA ALA D 65 22.83 -34.31 -8.66
C ALA D 65 23.20 -34.30 -7.18
N ASP D 66 22.41 -33.63 -6.34
CA ASP D 66 22.73 -33.55 -4.91
C ASP D 66 22.77 -34.92 -4.27
N ALA D 67 21.81 -35.79 -4.58
CA ALA D 67 21.80 -37.12 -3.99
C ALA D 67 23.05 -37.90 -4.42
N VAL D 68 23.40 -37.83 -5.70
CA VAL D 68 24.63 -38.45 -6.17
C VAL D 68 25.83 -37.89 -5.44
N TYR D 69 25.96 -36.55 -5.40
CA TYR D 69 27.11 -35.93 -4.74
C TYR D 69 27.14 -36.26 -3.24
N ASP D 70 25.97 -36.29 -2.59
CA ASP D 70 25.92 -36.60 -1.16
C ASP D 70 26.43 -37.99 -0.85
N ARG D 71 26.10 -38.98 -1.68
CA ARG D 71 26.61 -40.33 -1.46
C ARG D 71 28.13 -40.37 -1.54
N LEU D 72 28.69 -39.70 -2.56
CA LEU D 72 30.12 -39.76 -2.80
C LEU D 72 30.94 -39.04 -1.73
N THR D 73 30.37 -38.05 -1.05
CA THR D 73 31.13 -37.24 -0.09
C THR D 73 30.62 -37.34 1.34
N ASP D 74 29.67 -38.24 1.62
CA ASP D 74 29.10 -38.40 2.97
C ASP D 74 28.42 -37.11 3.43
N HIS D 75 27.44 -36.67 2.63
CA HIS D 75 26.74 -35.39 2.82
C HIS D 75 27.69 -34.23 3.04
N ARG D 76 28.57 -34.01 2.06
CA ARG D 76 29.44 -32.84 2.02
C ARG D 76 30.31 -32.74 3.26
N ARG D 77 30.74 -33.90 3.79
CA ARG D 77 31.64 -33.96 4.93
C ARG D 77 33.03 -34.42 4.55
N VAL D 78 33.23 -34.92 3.32
CA VAL D 78 34.53 -35.31 2.81
C VAL D 78 34.81 -34.47 1.58
N HIS D 79 35.92 -33.72 1.60
CA HIS D 79 36.33 -32.91 0.44
C HIS D 79 37.08 -33.81 -0.54
N LEU D 80 36.46 -34.10 -1.67
CA LEU D 80 37.11 -34.88 -2.73
C LEU D 80 37.47 -33.99 -3.91
N ARG D 81 38.73 -34.08 -4.34
CA ARG D 81 39.19 -33.40 -5.56
C ARG D 81 38.57 -33.99 -6.82
N LEU D 82 38.86 -33.38 -7.98
CA LEU D 82 38.19 -33.76 -9.22
C LEU D 82 38.46 -35.21 -9.61
N ALA D 83 39.75 -35.55 -9.77
CA ALA D 83 40.11 -36.92 -10.13
C ALA D 83 39.48 -37.94 -9.19
N GLU D 84 39.60 -37.69 -7.88
CA GLU D 84 39.01 -38.59 -6.90
C GLU D 84 37.49 -38.65 -7.04
N LEU D 85 36.87 -37.52 -7.38
CA LEU D 85 35.41 -37.47 -7.50
C LEU D 85 34.89 -38.27 -8.71
N VAL D 86 35.43 -38.00 -9.90
CA VAL D 86 34.89 -38.66 -11.09
C VAL D 86 35.22 -40.14 -11.11
N GLU D 87 36.23 -40.56 -10.37
CA GLU D 87 36.48 -41.99 -10.22
C GLU D 87 35.50 -42.62 -9.23
N ALA D 88 35.19 -41.91 -8.14
CA ALA D 88 34.26 -42.46 -7.15
C ALA D 88 32.86 -42.60 -7.75
N ALA D 89 32.43 -41.60 -8.52
CA ALA D 89 31.14 -41.66 -9.21
C ALA D 89 31.08 -42.82 -10.19
N ALA D 90 32.19 -43.13 -10.86
CA ALA D 90 32.19 -44.20 -11.86
C ALA D 90 31.84 -45.56 -11.24
N THR D 91 32.43 -45.87 -10.08
CA THR D 91 32.19 -47.19 -9.49
C THR D 91 30.89 -47.24 -8.70
N ALA D 92 30.50 -46.12 -8.07
CA ALA D 92 29.24 -46.08 -7.33
C ALA D 92 28.03 -45.91 -8.25
N PHE D 93 28.24 -45.41 -9.47
CA PHE D 93 27.14 -45.14 -10.40
C PHE D 93 27.55 -45.57 -11.80
N PRO D 94 27.54 -46.89 -12.07
CA PRO D 94 28.02 -47.37 -13.37
C PRO D 94 27.17 -46.83 -14.52
N GLY D 95 27.85 -46.40 -15.58
CA GLY D 95 27.20 -45.79 -16.72
C GLY D 95 27.02 -44.29 -16.63
N LEU D 96 27.15 -43.69 -15.44
CA LEU D 96 27.07 -42.24 -15.32
C LEU D 96 28.33 -41.56 -15.88
N VAL D 97 29.51 -42.07 -15.55
CA VAL D 97 30.77 -41.54 -16.05
C VAL D 97 31.75 -42.69 -16.26
N PRO D 98 32.69 -42.52 -17.19
CA PRO D 98 33.60 -43.63 -17.51
C PRO D 98 34.47 -44.06 -16.33
N THR D 99 34.83 -45.35 -16.35
CA THR D 99 35.72 -45.96 -15.37
C THR D 99 37.17 -45.61 -15.63
N GLN D 100 38.03 -46.02 -14.69
CA GLN D 100 39.47 -45.87 -14.87
C GLN D 100 39.95 -46.68 -16.07
N GLN D 101 39.33 -47.84 -16.31
CA GLN D 101 39.70 -48.65 -17.45
C GLN D 101 39.27 -47.99 -18.76
N GLN D 102 37.99 -47.59 -18.85
CA GLN D 102 37.45 -47.00 -20.07
C GLN D 102 38.25 -45.77 -20.49
N LEU D 103 38.64 -44.94 -19.54
CA LEU D 103 39.46 -43.77 -19.85
C LEU D 103 40.85 -44.19 -20.34
N ALA D 104 41.41 -45.25 -19.76
CA ALA D 104 42.73 -45.71 -20.17
C ALA D 104 42.73 -46.17 -21.62
N VAL D 105 41.66 -46.83 -22.05
CA VAL D 105 41.51 -47.16 -23.46
C VAL D 105 41.42 -45.90 -24.30
N GLU D 106 40.55 -44.97 -23.90
CA GLU D 106 40.41 -43.68 -24.58
C GLU D 106 41.75 -42.97 -24.77
N ARG D 107 42.54 -42.86 -23.70
CA ARG D 107 43.81 -42.14 -23.79
C ARG D 107 44.81 -42.82 -24.72
N SER D 108 44.63 -44.11 -25.02
CA SER D 108 45.47 -44.78 -26.01
C SER D 108 45.13 -44.36 -27.43
N LEU D 109 44.01 -43.81 -27.64
CA LEU D 109 43.65 -43.46 -29.00
C LEU D 109 44.01 -42.01 -29.31
N PRO D 110 44.23 -41.67 -30.57
CA PRO D 110 44.29 -40.25 -30.92
C PRO D 110 42.89 -39.66 -30.87
N GLN D 111 42.83 -38.35 -30.62
CA GLN D 111 41.55 -37.67 -30.41
C GLN D 111 40.55 -38.01 -31.51
N ALA D 112 41.04 -38.14 -32.74
CA ALA D 112 40.17 -38.48 -33.88
C ALA D 112 39.35 -39.75 -33.61
N ALA D 113 39.95 -40.73 -32.94
CA ALA D 113 39.34 -42.05 -32.82
C ALA D 113 38.58 -42.26 -31.51
N LYS D 114 38.58 -41.27 -30.62
CA LYS D 114 37.95 -41.46 -29.32
C LYS D 114 36.42 -41.51 -29.42
N GLU D 115 35.81 -42.20 -28.45
CA GLU D 115 34.35 -42.26 -28.32
C GLU D 115 33.77 -41.05 -27.61
N GLY D 116 34.58 -40.30 -26.88
CA GLY D 116 34.11 -39.11 -26.21
C GLY D 116 33.53 -39.32 -24.83
N HIS D 117 33.92 -40.40 -24.15
CA HIS D 117 33.46 -40.66 -22.78
C HIS D 117 33.67 -39.47 -21.84
N GLU D 118 34.70 -38.65 -22.07
CA GLU D 118 34.92 -37.47 -21.23
C GLU D 118 33.73 -36.52 -21.23
N ILE D 119 33.00 -36.41 -22.35
CA ILE D 119 31.80 -35.57 -22.37
C ILE D 119 30.88 -35.91 -21.21
N ASP D 120 30.79 -37.21 -20.87
CA ASP D 120 29.98 -37.64 -19.75
C ASP D 120 30.47 -37.01 -18.44
N GLN D 121 31.78 -36.83 -18.32
CA GLN D 121 32.34 -36.15 -17.15
C GLN D 121 31.96 -34.68 -17.12
N GLY D 122 31.98 -34.03 -18.28
CA GLY D 122 31.47 -32.66 -18.37
C GLY D 122 30.04 -32.54 -17.91
N ILE D 123 29.19 -33.48 -18.33
CA ILE D 123 27.79 -33.47 -17.90
C ILE D 123 27.71 -33.64 -16.39
N PHE D 124 28.51 -34.55 -15.84
CA PHE D 124 28.55 -34.76 -14.39
C PHE D 124 28.98 -33.49 -13.66
N LEU D 125 30.17 -32.97 -14.00
CA LEU D 125 30.71 -31.80 -13.32
C LEU D 125 29.82 -30.56 -13.49
N ARG D 126 29.18 -30.42 -14.65
CA ARG D 126 28.24 -29.31 -14.83
C ARG D 126 27.12 -29.36 -13.80
N ALA D 127 26.48 -30.53 -13.64
CA ALA D 127 25.39 -30.65 -12.69
C ALA D 127 25.88 -30.46 -11.26
N VAL D 128 27.09 -30.96 -10.95
CA VAL D 128 27.66 -30.77 -9.63
C VAL D 128 27.89 -29.29 -9.35
N LEU D 129 28.59 -28.61 -10.27
CA LEU D 129 28.88 -27.20 -10.09
C LEU D 129 27.62 -26.33 -10.15
N ARG D 130 26.57 -26.77 -10.85
CA ARG D 130 25.30 -26.04 -10.84
C ARG D 130 24.61 -26.11 -9.49
N SER D 131 24.88 -27.12 -8.68
CA SER D 131 24.19 -27.28 -7.40
C SER D 131 24.68 -26.24 -6.40
N PRO D 132 23.79 -25.45 -5.80
CA PRO D 132 24.23 -24.46 -4.80
C PRO D 132 24.87 -25.06 -3.56
N LEU D 133 24.63 -26.34 -3.30
CA LEU D 133 25.23 -27.06 -2.16
C LEU D 133 26.48 -27.82 -2.56
N ALA D 134 26.41 -28.56 -3.67
CA ALA D 134 27.55 -29.36 -4.11
C ALA D 134 28.62 -28.48 -4.75
N GLY D 135 28.22 -27.47 -5.53
CA GLY D 135 29.13 -26.58 -6.20
C GLY D 135 30.23 -26.00 -5.34
N PRO D 136 29.86 -25.15 -4.36
CA PRO D 136 30.89 -24.55 -3.49
C PRO D 136 31.74 -25.56 -2.74
N HIS D 137 31.18 -26.70 -2.36
CA HIS D 137 31.93 -27.71 -1.63
C HIS D 137 33.05 -28.29 -2.49
N LEU D 138 32.75 -28.62 -3.75
CA LEU D 138 33.79 -29.09 -4.66
C LEU D 138 34.83 -28.02 -4.92
N LEU D 139 34.40 -26.76 -5.08
CA LEU D 139 35.35 -25.68 -5.31
C LEU D 139 36.25 -25.48 -4.10
N ASP D 140 35.75 -25.74 -2.89
CA ASP D 140 36.60 -25.72 -1.71
C ASP D 140 37.61 -26.86 -1.74
N ALA D 141 37.13 -28.07 -2.06
CA ALA D 141 38.01 -29.22 -2.18
C ALA D 141 39.21 -28.91 -3.07
N MET D 142 38.98 -28.22 -4.18
CA MET D 142 40.08 -27.91 -5.11
C MET D 142 40.97 -26.80 -4.60
N LEU D 143 40.53 -26.04 -3.59
CA LEU D 143 41.37 -25.02 -2.98
C LEU D 143 42.25 -25.56 -1.86
N ARG D 144 41.98 -26.76 -1.37
CA ARG D 144 42.81 -27.34 -0.32
C ARG D 144 44.18 -27.70 -0.88
N PRO D 145 45.21 -27.73 -0.03
CA PRO D 145 46.55 -28.09 -0.51
C PRO D 145 46.58 -29.52 -1.07
N THR D 146 47.33 -29.68 -2.16
CA THR D 146 47.58 -31.00 -2.70
C THR D 146 48.53 -31.79 -1.80
N PRO D 147 48.33 -33.11 -1.70
CA PRO D 147 49.29 -33.94 -0.97
C PRO D 147 50.72 -33.81 -1.46
N ARG D 148 50.93 -33.66 -2.77
CA ARG D 148 52.28 -33.49 -3.29
C ARG D 148 52.95 -32.28 -2.65
N ALA D 149 52.20 -31.19 -2.48
CA ALA D 149 52.76 -30.00 -1.86
C ALA D 149 53.04 -30.20 -0.38
N LEU D 150 52.08 -30.82 0.34
CA LEU D 150 52.27 -31.09 1.75
C LEU D 150 53.48 -31.98 1.96
N GLU D 151 53.65 -32.95 1.07
CA GLU D 151 54.82 -33.83 1.05
C GLU D 151 56.11 -33.03 0.96
N LEU D 152 56.18 -32.10 0.02
CA LEU D 152 57.40 -31.37 -0.30
C LEU D 152 57.57 -30.09 0.50
N LEU D 153 56.62 -29.74 1.37
CA LEU D 153 56.72 -28.48 2.10
C LEU D 153 57.91 -28.43 3.03
N PRO D 154 58.14 -29.42 3.92
CA PRO D 154 59.35 -29.36 4.78
C PRO D 154 60.65 -29.15 4.02
N GLU D 155 60.90 -29.88 2.93
CA GLU D 155 62.16 -29.69 2.20
C GLU D 155 62.20 -28.38 1.44
N PHE D 156 61.04 -27.75 1.19
CA PHE D 156 61.07 -26.42 0.59
C PHE D 156 61.37 -25.35 1.64
N VAL D 157 60.79 -25.49 2.84
CA VAL D 157 61.08 -24.57 3.93
C VAL D 157 62.57 -24.59 4.27
N ARG D 158 63.21 -25.75 4.19
CA ARG D 158 64.62 -25.87 4.55
C ARG D 158 65.52 -25.38 3.43
N THR D 159 65.26 -25.85 2.21
CA THR D 159 66.16 -25.59 1.09
C THR D 159 65.80 -24.33 0.31
N GLY D 160 64.53 -23.96 0.24
CA GLY D 160 64.12 -22.84 -0.59
C GLY D 160 64.20 -23.07 -2.08
N GLU D 161 64.15 -24.31 -2.54
CA GLU D 161 64.28 -24.59 -3.95
C GLU D 161 63.69 -25.97 -4.26
N VAL D 162 62.92 -26.03 -5.34
CA VAL D 162 62.35 -27.28 -5.83
C VAL D 162 62.43 -27.22 -7.34
N GLU D 163 62.99 -28.26 -7.94
CA GLU D 163 63.00 -28.37 -9.40
C GLU D 163 61.97 -29.43 -9.77
N MET D 164 61.02 -29.06 -10.60
CA MET D 164 60.04 -29.97 -11.15
C MET D 164 60.15 -29.92 -12.66
N GLU D 165 59.41 -30.81 -13.33
CA GLU D 165 59.57 -30.96 -14.77
C GLU D 165 59.31 -29.66 -15.51
N ALA D 166 58.19 -29.01 -15.20
CA ALA D 166 57.77 -27.83 -15.94
C ALA D 166 57.96 -26.53 -15.16
N VAL D 167 58.31 -26.61 -13.89
CA VAL D 167 58.39 -25.42 -13.04
C VAL D 167 59.57 -25.56 -12.09
N HIS D 168 60.40 -24.51 -12.01
CA HIS D 168 61.42 -24.38 -10.99
C HIS D 168 60.95 -23.35 -9.98
N LEU D 169 60.89 -23.75 -8.72
CA LEU D 169 60.39 -22.90 -7.65
C LEU D 169 61.54 -22.52 -6.72
N GLU D 170 61.63 -21.23 -6.40
CA GLU D 170 62.70 -20.74 -5.53
C GLU D 170 62.23 -19.58 -4.67
N ARG D 171 62.40 -19.71 -3.37
CA ARG D 171 62.21 -18.62 -2.42
C ARG D 171 63.49 -17.78 -2.31
N ARG D 172 63.35 -16.46 -2.49
CA ARG D 172 64.48 -15.53 -2.42
C ARG D 172 63.94 -14.15 -2.11
N ASP D 173 64.47 -13.51 -1.06
CA ASP D 173 64.02 -12.20 -0.59
C ASP D 173 62.54 -12.18 -0.23
N GLY D 174 62.04 -13.29 0.30
CA GLY D 174 60.64 -13.35 0.66
C GLY D 174 59.71 -13.50 -0.52
N VAL D 175 60.24 -13.92 -1.67
CA VAL D 175 59.50 -14.01 -2.92
C VAL D 175 59.51 -15.45 -3.40
N ALA D 176 58.34 -15.98 -3.73
CA ALA D 176 58.27 -17.24 -4.47
C ALA D 176 58.49 -16.94 -5.94
N ARG D 177 59.60 -17.42 -6.49
CA ARG D 177 59.94 -17.18 -7.88
C ARG D 177 59.69 -18.49 -8.63
N LEU D 178 58.54 -18.59 -9.26
CA LEU D 178 58.18 -19.72 -10.11
C LEU D 178 58.65 -19.42 -11.53
N THR D 179 59.48 -20.28 -12.09
CA THR D 179 59.98 -20.11 -13.45
C THR D 179 59.55 -21.30 -14.28
N MET D 180 58.69 -21.06 -15.25
CA MET D 180 58.24 -22.11 -16.17
C MET D 180 59.37 -22.41 -17.14
N CYS D 181 59.92 -23.62 -17.08
CA CYS D 181 61.20 -23.93 -17.69
C CYS D 181 61.10 -25.14 -18.61
N ARG D 182 60.13 -25.14 -19.51
CA ARG D 182 60.07 -26.13 -20.58
C ARG D 182 60.83 -25.53 -21.76
N ASP D 183 62.16 -25.49 -21.59
CA ASP D 183 63.08 -24.87 -22.54
C ASP D 183 62.96 -25.37 -23.98
N ASP D 184 62.42 -26.57 -24.21
CA ASP D 184 62.38 -27.11 -25.57
C ASP D 184 61.11 -26.77 -26.33
N ARG D 185 60.08 -26.26 -25.66
CA ARG D 185 58.76 -26.15 -26.30
C ARG D 185 58.01 -24.86 -25.96
N LEU D 186 58.70 -23.82 -25.50
CA LEU D 186 58.07 -22.53 -25.20
C LEU D 186 57.00 -22.64 -24.11
N ASN D 187 57.24 -23.50 -23.13
CA ASN D 187 56.35 -23.66 -21.98
C ASN D 187 54.94 -24.09 -22.38
N ALA D 188 54.81 -24.88 -23.45
CA ALA D 188 53.52 -25.41 -23.84
C ALA D 188 52.95 -26.31 -22.74
N GLU D 189 51.70 -26.06 -22.37
CA GLU D 189 51.09 -26.74 -21.25
C GLU D 189 50.47 -28.12 -21.43
N ASP D 190 50.66 -28.94 -20.39
CA ASP D 190 50.09 -30.28 -20.33
C ASP D 190 49.74 -30.60 -18.89
N GLY D 191 49.20 -31.80 -18.67
CA GLY D 191 48.76 -32.19 -17.34
C GLY D 191 49.86 -32.14 -16.29
N GLN D 192 51.09 -32.47 -16.69
CA GLN D 192 52.22 -32.39 -15.75
C GLN D 192 52.48 -30.94 -15.34
N GLN D 193 52.52 -30.03 -16.32
CA GLN D 193 52.68 -28.61 -16.01
C GLN D 193 51.63 -28.13 -15.00
N VAL D 194 50.38 -28.57 -15.16
CA VAL D 194 49.35 -28.22 -14.19
C VAL D 194 49.67 -28.81 -12.83
N ASP D 195 50.15 -30.05 -12.79
CA ASP D 195 50.51 -30.67 -11.52
C ASP D 195 51.64 -29.90 -10.85
N ASP D 196 52.63 -29.47 -11.63
CA ASP D 196 53.76 -28.74 -11.08
C ASP D 196 53.37 -27.34 -10.66
N MET D 197 52.57 -26.66 -11.48
CA MET D 197 52.12 -25.31 -11.16
C MET D 197 51.30 -25.30 -9.86
N GLU D 198 50.33 -26.21 -9.73
CA GLU D 198 49.53 -26.24 -8.51
C GLU D 198 50.41 -26.53 -7.30
N THR D 199 51.34 -27.46 -7.44
CA THR D 199 52.26 -27.78 -6.35
C THR D 199 53.06 -26.56 -5.93
N ALA D 200 53.64 -25.86 -6.91
CA ALA D 200 54.44 -24.67 -6.61
C ALA D 200 53.60 -23.59 -5.96
N VAL D 201 52.41 -23.31 -6.52
CA VAL D 201 51.51 -22.34 -5.93
C VAL D 201 51.18 -22.70 -4.48
N ASP D 202 50.83 -23.97 -4.24
CA ASP D 202 50.59 -24.41 -2.86
C ASP D 202 51.79 -24.12 -1.96
N LEU D 203 52.99 -24.48 -2.40
CA LEU D 203 54.17 -24.26 -1.58
C LEU D 203 54.40 -22.78 -1.31
N ALA D 204 54.22 -21.94 -2.34
CA ALA D 204 54.34 -20.50 -2.17
C ALA D 204 53.38 -19.99 -1.10
N LEU D 205 52.15 -20.50 -1.09
CA LEU D 205 51.15 -20.01 -0.16
C LEU D 205 51.41 -20.51 1.26
N LEU D 206 51.80 -21.77 1.39
CA LEU D 206 52.01 -22.39 2.70
C LEU D 206 53.36 -22.07 3.33
N ASP D 207 54.33 -21.57 2.56
CA ASP D 207 55.65 -21.26 3.09
C ASP D 207 55.59 -19.96 3.88
N PRO D 208 55.83 -19.98 5.19
CA PRO D 208 55.72 -18.74 5.99
C PRO D 208 56.75 -17.69 5.64
N GLY D 209 57.84 -18.05 4.98
CA GLY D 209 58.85 -17.12 4.52
C GLY D 209 58.55 -16.46 3.19
N VAL D 210 57.39 -16.73 2.60
CA VAL D 210 57.01 -16.20 1.31
C VAL D 210 55.95 -15.13 1.52
N ARG D 211 56.16 -13.97 0.92
CA ARG D 211 55.23 -12.86 1.04
C ARG D 211 54.57 -12.50 -0.28
N VAL D 212 55.31 -12.59 -1.38
CA VAL D 212 54.82 -12.32 -2.73
C VAL D 212 55.26 -13.46 -3.64
N GLY D 213 54.43 -13.76 -4.62
CA GLY D 213 54.78 -14.75 -5.62
C GLY D 213 55.15 -14.10 -6.94
N LEU D 214 55.91 -14.80 -7.78
CA LEU D 214 56.34 -14.26 -9.06
C LEU D 214 56.32 -15.37 -10.10
N LEU D 215 55.67 -15.09 -11.23
CA LEU D 215 55.59 -16.04 -12.34
C LEU D 215 56.26 -15.45 -13.57
N ARG D 216 57.16 -16.22 -14.16
CA ARG D 216 57.93 -15.78 -15.32
C ARG D 216 58.37 -16.99 -16.12
N GLY D 217 58.61 -16.79 -17.41
CA GLY D 217 59.10 -17.85 -18.26
C GLY D 217 60.62 -17.88 -18.25
N GLY D 218 61.18 -19.09 -18.29
CA GLY D 218 62.61 -19.28 -18.19
C GLY D 218 63.32 -19.19 -19.52
N VAL D 219 64.65 -19.23 -19.45
CA VAL D 219 65.46 -19.18 -20.65
C VAL D 219 65.21 -20.43 -21.48
N MET D 220 65.12 -20.26 -22.80
CA MET D 220 64.77 -21.32 -23.72
C MET D 220 66.01 -21.91 -24.38
N SER D 221 65.88 -23.16 -24.80
CA SER D 221 66.97 -23.87 -25.47
C SER D 221 66.69 -24.15 -26.94
N HIS D 222 65.43 -24.14 -27.36
CA HIS D 222 65.09 -24.36 -28.76
C HIS D 222 65.86 -23.38 -29.66
N PRO D 223 66.37 -23.85 -30.80
CA PRO D 223 67.27 -23.01 -31.61
C PRO D 223 66.71 -21.64 -31.98
N ARG D 224 65.40 -21.54 -32.16
CA ARG D 224 64.80 -20.27 -32.57
C ARG D 224 64.70 -19.29 -31.39
N TYR D 225 64.76 -19.77 -30.16
CA TYR D 225 64.65 -18.92 -28.99
C TYR D 225 65.79 -19.13 -28.01
N ARG D 226 66.90 -19.72 -28.45
CA ARG D 226 67.99 -20.08 -27.56
C ARG D 226 68.47 -18.85 -26.80
N GLY D 227 68.54 -18.98 -25.48
CA GLY D 227 68.98 -17.91 -24.61
C GLY D 227 67.93 -16.87 -24.27
N LYS D 228 66.72 -16.99 -24.80
CA LYS D 228 65.67 -16.00 -24.60
C LYS D 228 64.55 -16.59 -23.75
N ARG D 229 64.05 -15.80 -22.80
CA ARG D 229 62.93 -16.25 -22.00
C ARG D 229 61.65 -16.19 -22.82
N VAL D 230 60.74 -17.13 -22.54
CA VAL D 230 59.41 -17.13 -23.15
C VAL D 230 58.41 -17.53 -22.07
N PHE D 231 57.37 -16.72 -21.91
CA PHE D 231 56.38 -16.90 -20.85
C PHE D 231 55.52 -18.13 -21.11
N SER D 232 54.70 -18.10 -22.16
CA SER D 232 53.86 -19.26 -22.44
C SER D 232 53.44 -19.27 -23.89
N ALA D 233 53.44 -20.47 -24.48
CA ALA D 233 52.92 -20.72 -25.82
C ALA D 233 51.61 -21.49 -25.79
N GLY D 234 50.95 -21.53 -24.64
CA GLY D 234 49.62 -22.10 -24.57
C GLY D 234 49.63 -23.60 -24.47
N ILE D 235 48.43 -24.18 -24.67
CA ILE D 235 48.27 -25.62 -24.54
C ILE D 235 49.16 -26.33 -25.55
N ASN D 236 49.61 -27.53 -25.18
CA ASN D 236 50.36 -28.35 -26.13
C ASN D 236 49.40 -28.83 -27.20
N LEU D 237 49.48 -28.23 -28.38
CA LEU D 237 48.59 -28.61 -29.47
C LEU D 237 48.90 -30.01 -29.99
N LYS D 238 50.18 -30.40 -30.00
CA LYS D 238 50.56 -31.77 -30.35
C LYS D 238 49.89 -32.78 -29.43
N TYR D 239 50.02 -32.59 -28.12
CA TYR D 239 49.44 -33.52 -27.15
C TYR D 239 47.93 -33.61 -27.31
N LEU D 240 47.27 -32.45 -27.47
CA LEU D 240 45.84 -32.40 -27.71
C LEU D 240 45.42 -33.30 -28.87
N SER D 241 46.13 -33.21 -30.00
CA SER D 241 45.84 -34.07 -31.14
C SER D 241 46.03 -35.55 -30.79
N GLN D 242 47.12 -35.87 -30.09
CA GLN D 242 47.43 -37.24 -29.72
C GLN D 242 46.53 -37.80 -28.63
N GLY D 243 45.65 -36.98 -28.05
CA GLY D 243 44.74 -37.44 -27.02
C GLY D 243 45.25 -37.32 -25.60
N GLY D 244 46.33 -36.59 -25.39
CA GLY D 244 46.98 -36.48 -24.10
C GLY D 244 46.53 -35.32 -23.23
N ILE D 245 45.52 -34.57 -23.65
CA ILE D 245 45.01 -33.43 -22.90
C ILE D 245 43.72 -33.86 -22.21
N SER D 246 43.76 -33.95 -20.88
CA SER D 246 42.63 -34.44 -20.10
C SER D 246 41.63 -33.30 -19.85
N LEU D 247 40.35 -33.57 -20.10
CA LEU D 247 39.30 -32.63 -19.71
C LEU D 247 39.36 -32.32 -18.21
N VAL D 248 39.38 -33.37 -17.38
CA VAL D 248 39.35 -33.16 -15.93
C VAL D 248 40.74 -32.87 -15.40
N ASP D 249 41.71 -33.72 -15.73
CA ASP D 249 43.04 -33.57 -15.13
C ASP D 249 43.85 -32.44 -15.73
N PHE D 250 43.39 -31.80 -16.81
CA PHE D 250 44.04 -30.57 -17.28
C PHE D 250 43.05 -29.42 -17.39
N LEU D 251 42.08 -29.49 -18.31
CA LEU D 251 41.26 -28.30 -18.61
C LEU D 251 40.51 -27.83 -17.38
N MET D 252 39.98 -28.75 -16.59
CA MET D 252 39.22 -28.40 -15.40
C MET D 252 40.11 -28.22 -14.18
N ARG D 253 41.13 -29.07 -14.02
CA ARG D 253 42.00 -29.02 -12.85
C ARG D 253 42.69 -27.66 -12.71
N ARG D 254 43.22 -27.12 -13.82
CA ARG D 254 43.97 -25.87 -13.72
C ARG D 254 43.04 -24.73 -13.34
N GLU D 255 41.79 -24.78 -13.78
CA GLU D 255 40.88 -23.67 -13.50
C GLU D 255 40.44 -23.66 -12.04
N LEU D 256 40.10 -24.83 -11.50
CA LEU D 256 39.62 -24.93 -10.12
C LEU D 256 40.75 -25.06 -9.12
N GLY D 257 41.95 -25.43 -9.58
CA GLY D 257 43.08 -25.56 -8.68
C GLY D 257 43.93 -24.31 -8.60
N TYR D 258 45.06 -24.27 -9.32
CA TYR D 258 46.06 -23.24 -9.06
C TYR D 258 45.63 -21.87 -9.57
N ILE D 259 44.91 -21.81 -10.70
CA ILE D 259 44.43 -20.51 -11.17
C ILE D 259 43.44 -19.92 -10.16
N HIS D 260 42.58 -20.76 -9.59
CA HIS D 260 41.63 -20.30 -8.58
C HIS D 260 42.34 -19.98 -7.26
N LYS D 261 43.48 -20.65 -7.00
CA LYS D 261 44.24 -20.37 -5.79
C LYS D 261 45.00 -19.05 -5.86
N LEU D 262 45.41 -18.61 -7.06
CA LEU D 262 45.97 -17.27 -7.19
C LEU D 262 44.97 -16.21 -6.75
N VAL D 263 43.68 -16.40 -7.06
CA VAL D 263 42.66 -15.44 -6.69
C VAL D 263 42.33 -15.54 -5.21
N ARG D 264 42.00 -16.74 -4.74
CA ARG D 264 41.41 -16.91 -3.42
C ARG D 264 42.36 -17.48 -2.37
N GLY D 265 43.43 -18.15 -2.78
CA GLY D 265 44.36 -18.76 -1.83
C GLY D 265 44.03 -20.20 -1.56
N VAL D 266 44.82 -20.81 -0.68
CA VAL D 266 44.60 -22.21 -0.30
C VAL D 266 43.74 -22.27 0.95
N LEU D 267 42.77 -23.18 0.92
CA LEU D 267 41.91 -23.46 2.06
C LEU D 267 42.63 -24.39 3.01
N THR D 268 43.01 -23.89 4.19
CA THR D 268 43.71 -24.70 5.18
C THR D 268 42.75 -25.29 6.22
N ASN D 269 43.30 -26.15 7.07
CA ASN D 269 42.54 -26.65 8.21
C ASN D 269 42.46 -25.58 9.29
N ASP D 270 41.66 -25.86 10.32
CA ASP D 270 41.54 -24.98 11.48
C ASP D 270 42.72 -25.17 12.41
N ASP D 271 43.92 -24.81 11.95
CA ASP D 271 45.15 -25.20 12.62
C ASP D 271 46.06 -24.00 12.94
N ARG D 272 45.46 -22.83 13.20
CA ARG D 272 46.24 -21.61 13.41
C ARG D 272 45.35 -20.50 13.94
N PRO D 273 45.91 -19.39 14.41
CA PRO D 273 45.08 -18.21 14.70
C PRO D 273 44.67 -17.50 13.42
N GLY D 274 43.59 -16.74 13.53
CA GLY D 274 43.05 -16.04 12.38
C GLY D 274 42.01 -16.83 11.60
N TRP D 275 42.18 -18.15 11.52
CA TRP D 275 41.36 -19.01 10.66
C TRP D 275 39.88 -18.68 10.70
N TRP D 276 39.36 -18.22 11.85
CA TRP D 276 37.96 -17.82 11.91
C TRP D 276 37.66 -16.68 10.94
N HIS D 277 38.60 -15.77 10.76
CA HIS D 277 38.42 -14.72 9.77
C HIS D 277 39.10 -15.01 8.45
N SER D 278 40.13 -15.84 8.42
CA SER D 278 40.87 -16.15 7.19
C SER D 278 41.07 -17.66 7.04
N PRO D 279 40.04 -18.38 6.60
CA PRO D 279 40.20 -19.84 6.37
C PRO D 279 41.18 -20.15 5.25
N ARG D 280 41.44 -19.21 4.35
CA ARG D 280 42.35 -19.44 3.23
C ARG D 280 43.56 -18.55 3.36
N ILE D 281 44.73 -19.09 3.03
CA ILE D 281 45.96 -18.31 2.92
C ILE D 281 46.09 -17.86 1.48
N GLU D 282 46.05 -16.56 1.26
CA GLU D 282 46.19 -15.99 -0.06
C GLU D 282 47.31 -14.97 -0.02
N LYS D 283 48.00 -14.83 -1.14
CA LYS D 283 49.13 -13.90 -1.27
C LYS D 283 49.04 -13.19 -2.61
N PRO D 284 49.69 -12.04 -2.73
CA PRO D 284 49.65 -11.31 -4.00
C PRO D 284 50.63 -11.90 -5.01
N TRP D 285 50.29 -11.73 -6.28
CA TRP D 285 51.04 -12.36 -7.36
C TRP D 285 51.41 -11.35 -8.43
N VAL D 286 52.64 -11.46 -8.93
CA VAL D 286 53.16 -10.63 -10.01
C VAL D 286 53.55 -11.54 -11.16
N ALA D 287 53.18 -11.15 -12.37
CA ALA D 287 53.53 -11.89 -13.58
C ALA D 287 54.38 -10.99 -14.47
N ALA D 288 55.39 -11.58 -15.10
CA ALA D 288 56.31 -10.87 -15.97
C ALA D 288 56.41 -11.62 -17.29
N VAL D 289 56.04 -10.95 -18.38
CA VAL D 289 55.85 -11.59 -19.67
C VAL D 289 57.05 -11.28 -20.56
N ASP D 290 57.85 -12.32 -20.85
CA ASP D 290 58.87 -12.27 -21.88
C ASP D 290 58.36 -12.93 -23.15
N GLY D 291 58.70 -12.34 -24.29
CA GLY D 291 58.40 -12.96 -25.56
C GLY D 291 56.96 -12.75 -25.99
N PHE D 292 56.05 -13.49 -25.35
CA PHE D 292 54.63 -13.42 -25.63
C PHE D 292 53.89 -14.29 -24.62
N ALA D 293 52.60 -14.02 -24.47
CA ALA D 293 51.70 -14.85 -23.66
C ALA D 293 50.54 -15.27 -24.55
N ILE D 294 50.51 -16.54 -24.95
CA ILE D 294 49.53 -17.06 -25.88
C ILE D 294 48.65 -18.08 -25.18
N GLY D 295 47.36 -18.06 -25.50
CA GLY D 295 46.47 -19.09 -25.00
C GLY D 295 46.34 -19.06 -23.50
N GLY D 296 46.61 -20.20 -22.86
CA GLY D 296 46.53 -20.28 -21.41
C GLY D 296 47.46 -19.31 -20.71
N GLY D 297 48.57 -18.94 -21.36
CA GLY D 297 49.46 -17.96 -20.77
C GLY D 297 48.81 -16.60 -20.62
N ALA D 298 48.09 -16.15 -21.65
CA ALA D 298 47.36 -14.90 -21.55
C ALA D 298 46.23 -15.00 -20.52
N GLN D 299 45.59 -16.18 -20.46
CA GLN D 299 44.53 -16.40 -19.48
C GLN D 299 45.04 -16.17 -18.06
N LEU D 300 46.26 -16.62 -17.77
CA LEU D 300 46.79 -16.47 -16.41
C LEU D 300 46.88 -15.01 -16.01
N LEU D 301 47.20 -14.13 -16.96
CA LEU D 301 47.35 -12.70 -16.68
C LEU D 301 46.07 -12.07 -16.13
N LEU D 302 44.91 -12.70 -16.35
CA LEU D 302 43.63 -12.14 -15.92
C LEU D 302 43.37 -12.32 -14.43
N VAL D 303 44.39 -12.74 -13.68
CA VAL D 303 44.21 -13.17 -12.30
C VAL D 303 45.27 -12.61 -11.35
N PHE D 304 46.26 -11.90 -11.88
CA PHE D 304 47.36 -11.37 -11.08
C PHE D 304 47.04 -9.98 -10.53
N ASP D 305 47.85 -9.56 -9.54
CA ASP D 305 47.76 -8.24 -8.93
C ASP D 305 48.74 -7.23 -9.52
N ARG D 306 49.77 -7.69 -10.22
CA ARG D 306 50.65 -6.80 -10.95
C ARG D 306 51.18 -7.57 -12.15
N VAL D 307 51.22 -6.91 -13.30
CA VAL D 307 51.67 -7.56 -14.54
C VAL D 307 52.69 -6.66 -15.22
N LEU D 308 53.82 -7.24 -15.58
CA LEU D 308 54.87 -6.56 -16.33
C LEU D 308 55.13 -7.32 -17.62
N ALA D 309 55.60 -6.60 -18.63
CA ALA D 309 55.81 -7.18 -19.94
C ALA D 309 56.90 -6.39 -20.63
N SER D 310 57.70 -7.08 -21.44
CA SER D 310 58.76 -6.44 -22.18
C SER D 310 58.20 -5.75 -23.43
N SER D 311 58.89 -4.70 -23.85
CA SER D 311 58.43 -3.85 -24.96
C SER D 311 58.06 -4.65 -26.21
N ASP D 312 58.72 -5.79 -26.46
CA ASP D 312 58.54 -6.55 -27.68
C ASP D 312 57.54 -7.70 -27.56
N ALA D 313 56.80 -7.78 -26.45
CA ALA D 313 55.92 -8.92 -26.23
C ALA D 313 54.51 -8.66 -26.77
N TYR D 314 53.75 -9.75 -26.91
CA TYR D 314 52.36 -9.69 -27.37
C TYR D 314 51.53 -10.75 -26.63
N PHE D 315 50.21 -10.56 -26.66
CA PHE D 315 49.28 -11.45 -25.98
C PHE D 315 48.15 -11.81 -26.95
N SER D 316 47.77 -13.09 -26.97
CA SER D 316 46.69 -13.51 -27.85
C SER D 316 45.96 -14.70 -27.26
N LEU D 317 44.73 -14.91 -27.73
CA LEU D 317 43.89 -16.04 -27.32
C LEU D 317 43.40 -16.70 -28.58
N PRO D 318 44.21 -17.56 -29.20
CA PRO D 318 43.88 -18.19 -30.49
C PRO D 318 43.25 -19.57 -30.31
N LYS D 321 38.05 -19.88 -36.14
CA LYS D 321 37.30 -20.96 -36.79
C LYS D 321 37.34 -22.23 -35.98
N GLU D 322 38.56 -22.68 -35.70
CA GLU D 322 38.81 -24.02 -35.18
C GLU D 322 39.48 -23.93 -33.83
N GLY D 323 38.93 -24.61 -32.84
CA GLY D 323 39.48 -24.51 -31.52
C GLY D 323 38.44 -24.72 -30.43
N ILE D 324 38.89 -24.41 -29.23
CA ILE D 324 38.24 -24.67 -27.96
C ILE D 324 38.02 -23.33 -27.25
N ILE D 325 37.41 -23.37 -26.08
CA ILE D 325 37.20 -22.15 -25.30
C ILE D 325 38.49 -21.79 -24.57
N PRO D 326 38.90 -20.44 -24.53
CA PRO D 326 40.14 -20.09 -23.81
C PRO D 326 39.94 -20.01 -22.30
N GLY D 327 39.73 -21.18 -21.70
CA GLY D 327 39.61 -21.28 -20.25
C GLY D 327 38.56 -20.34 -19.69
N ALA D 328 38.97 -19.58 -18.66
CA ALA D 328 38.10 -18.60 -18.03
C ALA D 328 38.27 -17.19 -18.62
N ALA D 329 39.01 -17.07 -19.72
CA ALA D 329 39.13 -15.77 -20.38
C ALA D 329 37.77 -15.22 -20.78
N ASN D 330 36.84 -16.07 -21.17
CA ASN D 330 35.49 -15.59 -21.50
C ASN D 330 34.79 -15.03 -20.27
N LEU D 331 35.14 -15.52 -19.08
CA LEU D 331 34.60 -15.00 -17.84
C LEU D 331 35.22 -13.67 -17.47
N ARG D 332 36.52 -13.53 -17.70
CA ARG D 332 37.32 -12.48 -17.09
C ARG D 332 37.68 -11.34 -18.04
N LEU D 333 37.84 -11.61 -19.33
CA LEU D 333 38.35 -10.59 -20.24
C LEU D 333 37.46 -9.36 -20.30
N GLY D 334 36.14 -9.56 -20.27
CA GLY D 334 35.22 -8.43 -20.43
C GLY D 334 35.37 -7.38 -19.35
N ARG D 335 35.70 -7.81 -18.13
CA ARG D 335 35.84 -6.87 -17.02
C ARG D 335 37.13 -6.06 -17.16
N PHE D 336 38.13 -6.61 -17.85
CA PHE D 336 39.35 -5.89 -18.16
C PHE D 336 39.18 -4.99 -19.39
N ALA D 337 38.46 -5.48 -20.41
CA ALA D 337 38.51 -4.87 -21.73
C ALA D 337 37.14 -4.53 -22.33
N GLY D 338 36.04 -4.88 -21.69
CA GLY D 338 34.73 -4.62 -22.26
C GLY D 338 34.32 -5.63 -23.31
N PRO D 339 33.06 -5.53 -23.75
CA PRO D 339 32.52 -6.58 -24.64
C PRO D 339 33.07 -6.53 -26.05
N ARG D 340 33.45 -5.35 -26.55
CA ARG D 340 33.92 -5.24 -27.93
C ARG D 340 35.29 -5.88 -28.10
N VAL D 341 36.28 -5.42 -27.34
CA VAL D 341 37.64 -5.91 -27.49
C VAL D 341 37.72 -7.40 -27.16
N SER D 342 36.96 -7.84 -26.15
CA SER D 342 37.04 -9.25 -25.76
C SER D 342 36.50 -10.16 -26.84
N ARG D 343 35.47 -9.73 -27.57
CA ARG D 343 35.04 -10.49 -28.74
C ARG D 343 36.07 -10.38 -29.87
N GLN D 344 36.71 -9.23 -30.02
CA GLN D 344 37.80 -9.12 -30.98
C GLN D 344 38.90 -10.12 -30.65
N VAL D 345 39.25 -10.22 -29.36
CA VAL D 345 40.33 -11.10 -28.94
C VAL D 345 39.92 -12.57 -29.03
N ILE D 346 38.72 -12.90 -28.52
CA ILE D 346 38.32 -14.30 -28.41
C ILE D 346 37.69 -14.81 -29.69
N LEU D 347 36.66 -14.12 -30.21
CA LEU D 347 35.99 -14.59 -31.41
C LEU D 347 36.83 -14.44 -32.67
N GLU D 348 37.66 -13.40 -32.75
CA GLU D 348 38.33 -13.10 -34.01
C GLU D 348 39.86 -13.12 -33.90
N GLY D 349 40.40 -13.65 -32.81
CA GLY D 349 41.84 -13.87 -32.72
C GLY D 349 42.70 -12.63 -32.80
N ARG D 350 42.17 -11.47 -32.41
CA ARG D 350 42.97 -10.25 -32.35
C ARG D 350 44.17 -10.45 -31.43
N ARG D 351 45.30 -9.90 -31.84
CA ARG D 351 46.54 -9.95 -31.09
C ARG D 351 46.88 -8.56 -30.57
N ILE D 352 47.28 -8.48 -29.30
CA ILE D 352 47.57 -7.20 -28.65
C ILE D 352 49.07 -7.13 -28.36
N TRP D 353 49.69 -6.03 -28.79
CA TRP D 353 51.11 -5.81 -28.62
C TRP D 353 51.35 -4.95 -27.39
N ALA D 354 52.44 -5.24 -26.67
CA ALA D 354 52.72 -4.56 -25.42
C ALA D 354 52.73 -3.05 -25.57
N LYS D 355 53.23 -2.53 -26.70
CA LYS D 355 53.36 -1.09 -26.86
C LYS D 355 52.12 -0.43 -27.45
N GLU D 356 51.08 -1.20 -27.81
CA GLU D 356 49.95 -0.39 -28.24
C GLU D 356 49.08 -0.05 -27.03
N PRO D 357 48.40 1.10 -27.07
CA PRO D 357 47.62 1.57 -25.91
C PRO D 357 46.80 0.51 -25.19
N GLU D 358 46.07 -0.31 -25.92
CA GLU D 358 45.15 -1.27 -25.31
C GLU D 358 45.84 -2.40 -24.56
N ALA D 359 47.18 -2.48 -24.60
CA ALA D 359 47.88 -3.39 -23.70
C ALA D 359 47.58 -3.04 -22.24
N ARG D 360 47.52 -1.75 -21.92
CA ARG D 360 47.34 -1.32 -20.54
C ARG D 360 46.06 -1.86 -19.91
N LEU D 361 45.13 -2.34 -20.75
CA LEU D 361 43.98 -3.09 -20.25
C LEU D 361 44.40 -4.40 -19.60
N LEU D 362 45.57 -4.94 -19.98
CA LEU D 362 46.07 -6.20 -19.47
C LEU D 362 47.36 -6.09 -18.67
N VAL D 363 48.12 -5.01 -18.84
CA VAL D 363 49.50 -4.95 -18.38
C VAL D 363 49.73 -3.65 -17.65
N ASP D 364 50.36 -3.72 -16.47
CA ASP D 364 50.58 -2.53 -15.66
C ASP D 364 51.84 -1.78 -16.09
N GLU D 365 52.90 -2.51 -16.43
CA GLU D 365 54.14 -1.90 -16.87
C GLU D 365 54.66 -2.57 -18.13
N VAL D 366 55.14 -1.75 -19.07
CA VAL D 366 55.85 -2.22 -20.25
C VAL D 366 57.21 -1.54 -20.26
N VAL D 367 58.28 -2.34 -20.24
CA VAL D 367 59.63 -1.85 -20.01
C VAL D 367 60.57 -2.48 -21.05
N GLU D 368 61.59 -1.72 -21.43
CA GLU D 368 62.58 -2.22 -22.37
C GLU D 368 63.25 -3.47 -21.81
N PRO D 369 63.65 -4.40 -22.69
CA PRO D 369 64.30 -5.64 -22.20
C PRO D 369 65.52 -5.41 -21.31
N ASP D 370 66.30 -4.37 -21.57
CA ASP D 370 67.46 -4.14 -20.70
C ASP D 370 67.05 -3.50 -19.37
N GLU D 371 65.83 -2.97 -19.28
CA GLU D 371 65.31 -2.39 -18.05
C GLU D 371 64.31 -3.29 -17.36
N LEU D 372 64.08 -4.51 -17.85
CA LEU D 372 62.97 -5.31 -17.36
C LEU D 372 63.29 -5.99 -16.04
N ASP D 373 64.46 -6.62 -15.91
CA ASP D 373 64.79 -7.37 -14.70
C ASP D 373 64.65 -6.52 -13.45
N ALA D 374 65.19 -5.30 -13.50
CA ALA D 374 65.13 -4.42 -12.32
C ALA D 374 63.70 -3.97 -12.05
N ALA D 375 62.91 -3.73 -13.11
CA ALA D 375 61.53 -3.32 -12.92
C ALA D 375 60.72 -4.42 -12.23
N ILE D 376 60.99 -5.67 -12.59
CA ILE D 376 60.34 -6.80 -11.91
C ILE D 376 60.68 -6.80 -10.43
N GLU D 377 61.97 -6.60 -10.10
CA GLU D 377 62.41 -6.58 -8.72
C GLU D 377 61.71 -5.49 -7.91
N ARG D 378 61.65 -4.27 -8.46
CA ARG D 378 61.07 -3.15 -7.73
C ARG D 378 59.61 -3.41 -7.37
N SER D 379 58.84 -4.03 -8.27
CA SER D 379 57.43 -4.31 -7.97
C SER D 379 57.27 -5.37 -6.89
N LEU D 380 58.23 -6.27 -6.73
CA LEU D 380 58.10 -7.28 -5.71
C LEU D 380 58.23 -6.68 -4.32
N THR D 381 58.77 -5.47 -4.22
CA THR D 381 58.85 -4.72 -2.98
C THR D 381 57.57 -3.96 -2.62
N ARG D 382 56.64 -3.77 -3.55
CA ARG D 382 55.50 -2.87 -3.36
C ARG D 382 54.20 -3.53 -2.88
N LEU D 383 54.20 -4.82 -2.52
CA LEU D 383 52.94 -5.48 -2.15
C LEU D 383 53.01 -6.27 -0.84
N ASP D 384 53.73 -5.77 0.17
CA ASP D 384 54.02 -6.60 1.34
C ASP D 384 52.95 -6.62 2.44
N GLY D 385 52.17 -5.56 2.59
CA GLY D 385 51.23 -5.45 3.69
C GLY D 385 50.26 -6.59 4.02
N ASP D 386 49.77 -6.64 5.28
CA ASP D 386 48.49 -7.28 5.55
C ASP D 386 47.32 -6.50 4.95
N ALA D 387 47.51 -5.19 4.75
CA ALA D 387 46.50 -4.36 4.13
C ALA D 387 46.26 -4.76 2.68
N VAL D 388 47.33 -5.07 1.95
CA VAL D 388 47.18 -5.59 0.59
C VAL D 388 46.32 -6.84 0.58
N LEU D 389 46.58 -7.77 1.51
CA LEU D 389 45.78 -8.99 1.57
C LEU D 389 44.31 -8.67 1.82
N ALA D 390 44.03 -7.70 2.70
CA ALA D 390 42.65 -7.33 2.96
C ALA D 390 42.02 -6.67 1.74
N ASN D 391 42.78 -5.81 1.05
CA ASN D 391 42.25 -5.08 -0.09
C ASN D 391 42.11 -5.97 -1.31
N ARG D 392 43.12 -6.79 -1.60
CA ARG D 392 43.03 -7.71 -2.73
C ARG D 392 41.90 -8.71 -2.54
N ARG D 393 41.59 -9.05 -1.29
CA ARG D 393 40.47 -9.94 -1.01
C ARG D 393 39.14 -9.24 -1.28
N MET D 394 39.03 -7.97 -0.87
CA MET D 394 37.80 -7.24 -1.15
C MET D 394 37.66 -6.97 -2.65
N LEU D 395 38.77 -6.74 -3.36
CA LEU D 395 38.71 -6.55 -4.80
C LEU D 395 38.25 -7.82 -5.51
N ASN D 396 38.94 -8.95 -5.27
CA ASN D 396 38.59 -10.19 -5.96
C ASN D 396 37.15 -10.60 -5.68
N LEU D 397 36.70 -10.44 -4.43
CA LEU D 397 35.31 -10.71 -4.09
C LEU D 397 34.34 -9.91 -4.95
N ALA D 398 34.64 -8.64 -5.19
CA ALA D 398 33.74 -7.78 -5.96
C ALA D 398 33.83 -8.04 -7.45
N ASP D 399 35.04 -8.18 -8.00
CA ASP D 399 35.20 -8.43 -9.42
C ASP D 399 34.44 -9.69 -9.84
N GLU D 400 34.59 -10.75 -9.08
CA GLU D 400 34.19 -12.08 -9.51
C GLU D 400 33.67 -12.80 -8.27
N SER D 401 32.34 -12.86 -8.14
CA SER D 401 31.72 -13.42 -6.95
C SER D 401 31.69 -14.94 -7.06
N PRO D 402 31.55 -15.64 -5.93
CA PRO D 402 31.44 -17.12 -6.00
C PRO D 402 30.41 -17.64 -6.98
N ASP D 403 29.18 -17.11 -6.95
CA ASP D 403 28.17 -17.55 -7.90
C ASP D 403 28.60 -17.31 -9.33
N GLY D 404 29.18 -16.14 -9.62
CA GLY D 404 29.66 -15.82 -10.96
C GLY D 404 30.65 -16.85 -11.48
N PHE D 405 31.71 -17.09 -10.71
CA PHE D 405 32.69 -18.09 -11.12
C PHE D 405 32.07 -19.48 -11.20
N ARG D 406 31.25 -19.85 -10.21
CA ARG D 406 30.68 -21.20 -10.18
C ARG D 406 29.71 -21.41 -11.35
N ALA D 407 28.85 -20.44 -11.63
CA ALA D 407 27.94 -20.55 -12.76
C ALA D 407 28.70 -20.77 -14.07
N TYR D 408 29.78 -20.01 -14.27
CA TYR D 408 30.57 -20.12 -15.49
C TYR D 408 31.22 -21.50 -15.62
N MET D 409 31.93 -21.93 -14.57
CA MET D 409 32.71 -23.17 -14.67
C MET D 409 31.81 -24.38 -14.87
N ALA D 410 30.63 -24.38 -14.28
CA ALA D 410 29.64 -25.42 -14.53
C ALA D 410 29.38 -25.56 -16.03
N GLU D 411 28.89 -24.49 -16.65
CA GLU D 411 28.65 -24.50 -18.09
C GLU D 411 29.95 -24.76 -18.86
N PHE D 412 31.08 -24.26 -18.34
CA PHE D 412 32.37 -24.50 -19.00
C PHE D 412 32.66 -25.99 -19.13
N ALA D 413 32.38 -26.76 -18.08
CA ALA D 413 32.70 -28.18 -18.05
C ALA D 413 32.09 -28.95 -19.22
N LEU D 414 30.84 -28.63 -19.57
CA LEU D 414 30.21 -29.33 -20.69
C LEU D 414 30.57 -28.67 -22.01
N MET D 415 30.49 -27.34 -22.10
CA MET D 415 30.84 -26.65 -23.33
C MET D 415 32.26 -27.02 -23.77
N GLN D 416 33.21 -26.96 -22.84
CA GLN D 416 34.59 -27.29 -23.18
C GLN D 416 34.76 -28.76 -23.51
N ALA D 417 34.04 -29.64 -22.80
CA ALA D 417 34.13 -31.06 -23.10
C ALA D 417 33.72 -31.34 -24.53
N LEU D 418 32.64 -30.70 -25.00
CA LEU D 418 32.20 -30.89 -26.38
C LEU D 418 33.21 -30.37 -27.37
N ARG D 419 33.79 -29.19 -27.09
CA ARG D 419 34.77 -28.60 -28.01
C ARG D 419 36.01 -29.47 -28.11
N LEU D 420 36.34 -30.17 -27.03
CA LEU D 420 37.48 -31.07 -27.02
C LEU D 420 37.32 -32.19 -28.03
N TYR D 421 36.07 -32.53 -28.39
CA TYR D 421 35.79 -33.61 -29.33
C TYR D 421 35.07 -33.13 -30.61
N GLY D 422 35.13 -31.84 -30.92
CA GLY D 422 34.50 -31.36 -32.14
C GLY D 422 35.37 -31.68 -33.35
N HIS D 423 34.72 -32.05 -34.45
CA HIS D 423 35.46 -32.45 -35.65
C HIS D 423 36.30 -31.32 -36.21
N ASP D 424 35.82 -30.07 -36.15
CA ASP D 424 36.63 -28.97 -36.65
C ASP D 424 37.85 -28.75 -35.77
N THR D 425 37.70 -28.95 -34.45
CA THR D 425 38.84 -28.86 -33.55
C THR D 425 39.85 -29.97 -33.81
N ILE D 426 39.36 -31.22 -33.80
CA ILE D 426 40.22 -32.39 -34.04
C ILE D 426 40.97 -32.22 -35.36
N ASP D 427 40.30 -31.67 -36.37
CA ASP D 427 40.93 -31.45 -37.67
C ASP D 427 42.08 -30.45 -37.56
N LYS D 428 41.85 -29.33 -36.84
CA LYS D 428 42.83 -28.24 -36.80
C LYS D 428 44.09 -28.63 -36.03
N VAL D 429 43.91 -29.08 -34.78
CA VAL D 429 45.05 -29.32 -33.89
C VAL D 429 45.98 -30.37 -34.46
N GLY D 430 45.46 -31.28 -35.29
CA GLY D 430 46.35 -32.28 -35.88
C GLY D 430 47.19 -31.77 -37.03
N ARG D 431 47.20 -30.46 -37.29
CA ARG D 431 47.98 -29.87 -38.37
C ARG D 431 49.09 -28.96 -37.85
N PHE D 432 49.42 -29.04 -36.56
CA PHE D 432 50.38 -28.12 -35.97
C PHE D 432 51.80 -28.64 -36.11
N GLY D 433 52.70 -27.74 -36.46
CA GLY D 433 54.12 -28.06 -36.56
C GLY D 433 54.98 -26.81 -36.44
N ASP E 12 -6.32 -13.58 2.46
CA ASP E 12 -5.72 -12.50 3.25
C ASP E 12 -6.40 -11.16 2.99
N GLY E 13 -7.44 -11.17 2.16
CA GLY E 13 -8.28 -10.00 1.95
C GLY E 13 -7.92 -9.16 0.74
N LEU E 14 -6.79 -9.42 0.10
CA LEU E 14 -6.28 -8.47 -0.90
C LEU E 14 -7.04 -8.52 -2.22
N TRP E 15 -7.54 -9.68 -2.65
CA TRP E 15 -8.31 -9.70 -3.89
C TRP E 15 -9.63 -8.96 -3.73
N ALA E 16 -10.26 -9.07 -2.56
CA ALA E 16 -11.49 -8.33 -2.33
C ALA E 16 -11.22 -6.83 -2.33
N ALA E 17 -10.17 -6.41 -1.63
CA ALA E 17 -9.81 -4.99 -1.61
C ALA E 17 -9.50 -4.47 -3.00
N LEU E 18 -8.82 -5.28 -3.81
CA LEU E 18 -8.53 -4.89 -5.19
C LEU E 18 -9.81 -4.67 -5.99
N THR E 19 -10.70 -5.66 -6.00
CA THR E 19 -11.94 -5.52 -6.76
C THR E 19 -12.75 -4.32 -6.27
N GLU E 20 -12.75 -4.08 -4.96
CA GLU E 20 -13.43 -2.90 -4.42
C GLU E 20 -12.78 -1.62 -4.93
N ALA E 21 -11.45 -1.60 -4.98
CA ALA E 21 -10.73 -0.40 -5.45
C ALA E 21 -10.90 -0.21 -6.94
N ALA E 22 -10.89 -1.30 -7.71
CA ALA E 22 -11.14 -1.19 -9.15
C ALA E 22 -12.57 -0.75 -9.43
N ALA E 23 -13.52 -1.18 -8.58
CA ALA E 23 -14.92 -0.78 -8.74
C ALA E 23 -15.07 0.74 -8.64
N SER E 24 -14.44 1.36 -7.64
CA SER E 24 -14.49 2.81 -7.51
C SER E 24 -13.95 3.51 -8.77
N VAL E 25 -12.88 2.96 -9.36
CA VAL E 25 -12.34 3.54 -10.58
C VAL E 25 -13.35 3.45 -11.72
N GLU E 26 -14.02 2.29 -11.84
CA GLU E 26 -15.02 2.13 -12.90
C GLU E 26 -16.24 3.00 -12.63
N LYS E 27 -16.60 3.20 -11.36
CA LYS E 27 -17.69 4.11 -11.02
C LYS E 27 -17.35 5.55 -11.40
N LEU E 28 -16.16 6.00 -10.99
CA LEU E 28 -15.75 7.37 -11.26
C LEU E 28 -15.62 7.64 -12.75
N LEU E 29 -15.03 6.71 -13.49
CA LEU E 29 -14.88 6.90 -14.93
C LEU E 29 -16.23 6.96 -15.63
N ALA E 30 -17.20 6.20 -15.11
CA ALA E 30 -18.55 6.24 -15.67
C ALA E 30 -19.24 7.58 -15.44
N THR E 31 -19.13 8.14 -14.23
CA THR E 31 -19.87 9.35 -13.88
C THR E 31 -19.15 10.65 -14.21
N LEU E 32 -17.81 10.66 -14.21
CA LEU E 32 -17.07 11.91 -14.38
C LEU E 32 -17.01 12.38 -15.83
N PRO E 33 -16.74 13.66 -16.05
CA PRO E 33 -16.53 14.15 -17.42
C PRO E 33 -15.25 13.60 -18.01
N GLU E 34 -15.10 13.81 -19.32
CA GLU E 34 -13.95 13.26 -20.04
C GLU E 34 -12.67 13.94 -19.60
N HIS E 35 -11.55 13.30 -19.96
CA HIS E 35 -10.24 13.61 -19.39
C HIS E 35 -9.90 15.09 -19.48
N GLY E 36 -10.27 15.73 -20.59
CA GLY E 36 -10.03 17.14 -20.80
C GLY E 36 -11.07 18.08 -20.23
N ALA E 37 -12.19 17.55 -19.75
CA ALA E 37 -13.26 18.35 -19.19
C ALA E 37 -13.37 18.20 -17.67
N ARG E 38 -12.39 17.57 -17.04
CA ARG E 38 -12.44 17.40 -15.59
C ARG E 38 -11.88 18.63 -14.88
N SER E 39 -12.41 18.88 -13.68
CA SER E 39 -11.91 19.94 -12.82
C SER E 39 -10.75 19.42 -11.97
N SER E 40 -10.06 20.35 -11.31
CA SER E 40 -8.93 19.97 -10.48
C SER E 40 -9.34 18.97 -9.41
N ALA E 41 -10.47 19.21 -8.73
CA ALA E 41 -10.97 18.24 -7.76
C ALA E 41 -11.30 16.92 -8.42
N GLU E 42 -11.93 16.96 -9.59
CA GLU E 42 -12.28 15.73 -10.31
C GLU E 42 -11.04 15.01 -10.82
N ARG E 43 -9.99 15.75 -11.16
CA ARG E 43 -8.74 15.11 -11.55
C ARG E 43 -8.04 14.47 -10.36
N ALA E 44 -8.17 15.05 -9.17
CA ALA E 44 -7.48 14.50 -8.00
C ALA E 44 -8.16 13.24 -7.49
N GLU E 45 -9.49 13.18 -7.59
CA GLU E 45 -10.22 11.99 -7.14
C GLU E 45 -9.89 10.77 -7.98
N ILE E 46 -9.91 10.91 -9.30
CA ILE E 46 -9.65 9.76 -10.17
C ILE E 46 -8.19 9.33 -10.05
N ALA E 47 -7.26 10.29 -9.96
CA ALA E 47 -5.87 9.95 -9.73
C ALA E 47 -5.71 9.19 -8.42
N ALA E 48 -6.43 9.60 -7.37
CA ALA E 48 -6.34 8.91 -6.09
C ALA E 48 -6.97 7.52 -6.15
N ALA E 49 -8.03 7.35 -6.92
CA ALA E 49 -8.65 6.03 -7.04
C ALA E 49 -7.76 5.09 -7.83
N HIS E 50 -7.21 5.58 -8.94
CA HIS E 50 -6.18 4.84 -9.67
C HIS E 50 -5.05 4.40 -8.74
N ASP E 51 -4.56 5.32 -7.91
CA ASP E 51 -3.42 4.99 -7.04
C ASP E 51 -3.79 3.89 -6.05
N ALA E 52 -4.97 3.99 -5.44
CA ALA E 52 -5.39 2.99 -4.47
C ALA E 52 -5.54 1.62 -5.12
N ALA E 53 -6.07 1.57 -6.34
CA ALA E 53 -6.21 0.30 -7.04
C ALA E 53 -4.85 -0.29 -7.38
N ARG E 54 -3.99 0.51 -8.01
CA ARG E 54 -2.67 0.05 -8.43
C ARG E 54 -1.81 -0.36 -7.24
N ALA E 55 -1.94 0.35 -6.11
CA ALA E 55 -1.23 -0.07 -4.91
C ALA E 55 -1.62 -1.47 -4.47
N LEU E 56 -2.89 -1.86 -4.68
CA LEU E 56 -3.30 -3.22 -4.34
C LEU E 56 -2.92 -4.23 -5.41
N ARG E 57 -2.83 -3.81 -6.67
CA ARG E 57 -2.32 -4.73 -7.69
C ARG E 57 -0.90 -5.19 -7.35
N VAL E 58 -0.06 -4.28 -6.85
CA VAL E 58 1.27 -4.66 -6.39
C VAL E 58 1.18 -5.61 -5.20
N ARG E 59 0.39 -5.24 -4.20
CA ARG E 59 0.28 -6.03 -2.98
C ARG E 59 -0.32 -7.39 -3.24
N PHE E 60 -1.36 -7.47 -4.08
CA PHE E 60 -1.92 -8.77 -4.44
C PHE E 60 -0.86 -9.67 -5.05
N LEU E 61 -0.12 -9.14 -6.03
CA LEU E 61 0.86 -9.95 -6.75
C LEU E 61 2.12 -10.24 -5.94
N ASP E 62 2.46 -9.40 -4.97
CA ASP E 62 3.62 -9.69 -4.13
C ASP E 62 3.53 -11.08 -3.50
N THR E 63 2.34 -11.48 -3.07
CA THR E 63 2.16 -12.81 -2.46
C THR E 63 1.50 -13.82 -3.39
N HIS E 64 0.71 -13.39 -4.36
CA HIS E 64 -0.09 -14.31 -5.17
C HIS E 64 0.39 -14.46 -6.61
N ALA E 65 1.52 -13.84 -6.97
CA ALA E 65 1.99 -13.87 -8.36
C ALA E 65 2.16 -15.29 -8.88
N ASP E 66 2.85 -16.13 -8.10
CA ASP E 66 3.14 -17.49 -8.55
C ASP E 66 1.86 -18.29 -8.79
N ALA E 67 0.88 -18.17 -7.89
CA ALA E 67 -0.38 -18.88 -8.08
C ALA E 67 -1.12 -18.36 -9.31
N VAL E 68 -1.13 -17.04 -9.51
CA VAL E 68 -1.74 -16.46 -10.70
C VAL E 68 -1.09 -17.03 -11.95
N TYR E 69 0.24 -16.98 -12.02
CA TYR E 69 0.95 -17.49 -13.20
C TYR E 69 0.68 -18.97 -13.39
N ASP E 70 0.63 -19.74 -12.28
CA ASP E 70 0.34 -21.16 -12.38
C ASP E 70 -1.05 -21.42 -12.94
N ARG E 71 -2.04 -20.60 -12.57
CA ARG E 71 -3.38 -20.77 -13.15
C ARG E 71 -3.36 -20.52 -14.66
N LEU E 72 -2.71 -19.44 -15.09
CA LEU E 72 -2.71 -19.08 -16.51
C LEU E 72 -1.89 -20.04 -17.35
N THR E 73 -0.89 -20.71 -16.76
CA THR E 73 0.03 -21.54 -17.54
C THR E 73 -0.04 -23.01 -17.17
N ASP E 74 -1.02 -23.41 -16.37
CA ASP E 74 -1.18 -24.80 -15.93
C ASP E 74 0.07 -25.28 -15.18
N HIS E 75 0.37 -24.57 -14.11
CA HIS E 75 1.59 -24.77 -13.31
C HIS E 75 2.83 -24.85 -14.20
N ARG E 76 3.02 -23.80 -14.99
CA ARG E 76 4.24 -23.59 -15.76
C ARG E 76 4.51 -24.75 -16.73
N ARG E 77 3.45 -25.29 -17.32
CA ARG E 77 3.59 -26.35 -18.32
C ARG E 77 3.28 -25.87 -19.73
N VAL E 78 2.67 -24.70 -19.88
CA VAL E 78 2.34 -24.12 -21.17
C VAL E 78 3.06 -22.79 -21.28
N HIS E 79 3.88 -22.65 -22.34
CA HIS E 79 4.60 -21.41 -22.60
C HIS E 79 3.68 -20.42 -23.32
N LEU E 80 3.29 -19.36 -22.63
CA LEU E 80 2.51 -18.27 -23.22
C LEU E 80 3.38 -17.04 -23.40
N ARG E 81 3.36 -16.47 -24.60
CA ARG E 81 3.98 -15.18 -24.89
C ARG E 81 3.27 -14.06 -24.14
N LEU E 82 3.83 -12.84 -24.27
CA LEU E 82 3.36 -11.69 -23.50
C LEU E 82 1.91 -11.36 -23.84
N ALA E 83 1.63 -11.11 -25.12
CA ALA E 83 0.27 -10.78 -25.55
C ALA E 83 -0.74 -11.79 -25.03
N GLU E 84 -0.45 -13.08 -25.20
CA GLU E 84 -1.34 -14.13 -24.74
C GLU E 84 -1.48 -14.13 -23.22
N LEU E 85 -0.38 -13.84 -22.50
CA LEU E 85 -0.40 -13.88 -21.04
C LEU E 85 -1.27 -12.78 -20.46
N VAL E 86 -1.05 -11.53 -20.89
CA VAL E 86 -1.77 -10.40 -20.32
C VAL E 86 -3.25 -10.42 -20.71
N GLU E 87 -3.56 -11.17 -21.76
CA GLU E 87 -4.92 -11.32 -22.23
C GLU E 87 -5.60 -12.35 -21.35
N ALA E 88 -4.99 -13.52 -21.22
CA ALA E 88 -5.55 -14.58 -20.38
C ALA E 88 -5.71 -14.08 -18.95
N ALA E 89 -4.73 -13.31 -18.45
CA ALA E 89 -4.83 -12.74 -17.11
C ALA E 89 -6.05 -11.82 -17.00
N ALA E 90 -6.34 -11.08 -18.07
CA ALA E 90 -7.50 -10.19 -18.06
C ALA E 90 -8.79 -10.98 -17.84
N THR E 91 -8.91 -12.15 -18.46
CA THR E 91 -10.14 -12.92 -18.40
C THR E 91 -10.23 -13.74 -17.12
N ALA E 92 -9.11 -14.28 -16.65
CA ALA E 92 -9.12 -15.07 -15.42
C ALA E 92 -9.16 -14.22 -14.16
N PHE E 93 -8.73 -12.96 -14.24
CA PHE E 93 -8.62 -12.09 -13.06
C PHE E 93 -9.11 -10.70 -13.41
N PRO E 94 -10.42 -10.50 -13.50
CA PRO E 94 -10.95 -9.18 -13.89
C PRO E 94 -10.56 -8.12 -12.87
N GLY E 95 -10.15 -6.96 -13.36
CA GLY E 95 -9.66 -5.88 -12.53
C GLY E 95 -8.18 -5.94 -12.23
N LEU E 96 -7.53 -7.09 -12.45
CA LEU E 96 -6.07 -7.15 -12.28
C LEU E 96 -5.33 -6.47 -13.44
N VAL E 97 -5.76 -6.72 -14.67
CA VAL E 97 -5.17 -6.10 -15.86
C VAL E 97 -6.27 -5.83 -16.87
N PRO E 98 -6.09 -4.82 -17.72
CA PRO E 98 -7.18 -4.43 -18.62
C PRO E 98 -7.57 -5.53 -19.60
N THR E 99 -8.85 -5.53 -19.97
CA THR E 99 -9.34 -6.43 -21.00
C THR E 99 -8.91 -5.90 -22.37
N GLN E 100 -9.16 -6.71 -23.41
CA GLN E 100 -8.88 -6.23 -24.75
C GLN E 100 -9.81 -5.09 -25.14
N GLN E 101 -11.04 -5.10 -24.65
CA GLN E 101 -11.96 -3.98 -24.87
C GLN E 101 -11.39 -2.70 -24.25
N GLN E 102 -11.03 -2.76 -22.97
CA GLN E 102 -10.48 -1.60 -22.29
C GLN E 102 -9.26 -1.05 -23.00
N LEU E 103 -8.39 -1.94 -23.51
CA LEU E 103 -7.23 -1.48 -24.28
C LEU E 103 -7.64 -0.85 -25.59
N ALA E 104 -8.68 -1.37 -26.25
CA ALA E 104 -9.12 -0.81 -27.52
C ALA E 104 -9.61 0.61 -27.35
N VAL E 105 -10.30 0.89 -26.24
CA VAL E 105 -10.68 2.27 -25.92
C VAL E 105 -9.43 3.12 -25.72
N GLU E 106 -8.52 2.63 -24.87
CA GLU E 106 -7.24 3.32 -24.65
C GLU E 106 -6.52 3.63 -25.96
N ARG E 107 -6.50 2.67 -26.89
CA ARG E 107 -5.82 2.89 -28.16
C ARG E 107 -6.52 3.95 -29.01
N SER E 108 -7.83 4.12 -28.84
CA SER E 108 -8.57 5.10 -29.62
C SER E 108 -8.25 6.54 -29.21
N LEU E 109 -7.68 6.74 -28.02
CA LEU E 109 -7.36 8.06 -27.48
C LEU E 109 -5.91 8.43 -27.74
N PRO E 110 -5.60 9.72 -27.75
CA PRO E 110 -4.20 10.15 -27.69
C PRO E 110 -3.63 9.93 -26.29
N GLN E 111 -2.30 9.79 -26.24
CA GLN E 111 -1.62 9.52 -24.98
C GLN E 111 -2.02 10.50 -23.88
N ALA E 112 -2.21 11.77 -24.24
CA ALA E 112 -2.59 12.79 -23.25
C ALA E 112 -3.86 12.42 -22.50
N ALA E 113 -4.82 11.80 -23.18
CA ALA E 113 -6.15 11.58 -22.63
C ALA E 113 -6.33 10.19 -22.01
N LYS E 114 -5.33 9.32 -22.08
CA LYS E 114 -5.47 7.96 -21.60
C LYS E 114 -5.53 7.90 -20.08
N GLU E 115 -6.16 6.84 -19.57
CA GLU E 115 -6.20 6.60 -18.13
C GLU E 115 -4.95 5.90 -17.61
N GLY E 116 -4.16 5.27 -18.47
CA GLY E 116 -2.95 4.59 -18.07
C GLY E 116 -3.13 3.15 -17.68
N HIS E 117 -4.17 2.49 -18.17
CA HIS E 117 -4.41 1.08 -17.90
C HIS E 117 -3.21 0.20 -18.20
N GLU E 118 -2.37 0.57 -19.17
CA GLU E 118 -1.14 -0.21 -19.43
C GLU E 118 -0.26 -0.32 -18.19
N ILE E 119 -0.26 0.69 -17.31
CA ILE E 119 0.49 0.61 -16.05
C ILE E 119 0.16 -0.68 -15.31
N ASP E 120 -1.10 -1.09 -15.32
CA ASP E 120 -1.50 -2.34 -14.68
C ASP E 120 -0.76 -3.53 -15.28
N GLN E 121 -0.52 -3.49 -16.59
CA GLN E 121 0.28 -4.53 -17.22
C GLN E 121 1.73 -4.48 -16.75
N GLY E 122 2.28 -3.27 -16.59
CA GLY E 122 3.60 -3.13 -16.00
C GLY E 122 3.70 -3.75 -14.61
N ILE E 123 2.69 -3.53 -13.77
CA ILE E 123 2.67 -4.12 -12.44
C ILE E 123 2.64 -5.64 -12.53
N PHE E 124 1.80 -6.15 -13.45
CA PHE E 124 1.65 -7.60 -13.64
C PHE E 124 2.98 -8.23 -14.08
N LEU E 125 3.55 -7.72 -15.18
CA LEU E 125 4.77 -8.29 -15.74
C LEU E 125 5.96 -8.18 -14.78
N ARG E 126 6.04 -7.09 -14.01
CA ARG E 126 7.10 -6.97 -13.01
C ARG E 126 7.01 -8.10 -11.98
N ALA E 127 5.82 -8.32 -11.42
CA ALA E 127 5.67 -9.35 -10.41
C ALA E 127 5.95 -10.74 -10.99
N VAL E 128 5.52 -10.98 -12.23
CA VAL E 128 5.78 -12.26 -12.88
C VAL E 128 7.29 -12.46 -13.06
N LEU E 129 7.95 -11.47 -13.66
CA LEU E 129 9.38 -11.56 -13.92
C LEU E 129 10.19 -11.61 -12.62
N ARG E 130 9.66 -11.03 -11.54
CA ARG E 130 10.32 -11.14 -10.24
C ARG E 130 10.30 -12.55 -9.68
N SER E 131 9.36 -13.38 -10.09
CA SER E 131 9.25 -14.73 -9.55
C SER E 131 10.37 -15.61 -10.09
N PRO E 132 11.15 -16.28 -9.24
CA PRO E 132 12.18 -17.20 -9.73
C PRO E 132 11.63 -18.38 -10.51
N LEU E 133 10.34 -18.71 -10.35
CA LEU E 133 9.71 -19.79 -11.09
C LEU E 133 8.96 -19.30 -12.31
N ALA E 134 8.16 -18.25 -12.15
CA ALA E 134 7.38 -17.72 -13.28
C ALA E 134 8.26 -16.94 -14.24
N GLY E 135 9.19 -16.14 -13.71
CA GLY E 135 10.08 -15.32 -14.51
C GLY E 135 10.80 -16.01 -15.65
N PRO E 136 11.71 -16.94 -15.32
CA PRO E 136 12.46 -17.63 -16.39
C PRO E 136 11.56 -18.35 -17.37
N HIS E 137 10.41 -18.84 -16.91
CA HIS E 137 9.47 -19.52 -17.80
C HIS E 137 8.91 -18.56 -18.84
N LEU E 138 8.53 -17.35 -18.43
CA LEU E 138 8.06 -16.35 -19.39
C LEU E 138 9.17 -15.94 -20.34
N LEU E 139 10.40 -15.78 -19.83
CA LEU E 139 11.52 -15.44 -20.70
C LEU E 139 11.81 -16.55 -21.69
N ASP E 140 11.59 -17.81 -21.29
CA ASP E 140 11.70 -18.91 -22.24
C ASP E 140 10.57 -18.86 -23.26
N ALA E 141 9.33 -18.64 -22.79
CA ALA E 141 8.18 -18.51 -23.67
C ALA E 141 8.46 -17.53 -24.81
N MET E 142 9.08 -16.39 -24.49
CA MET E 142 9.42 -15.38 -25.48
C MET E 142 10.63 -15.77 -26.33
N LEU E 143 11.41 -16.77 -25.92
CA LEU E 143 12.50 -17.28 -26.74
C LEU E 143 12.04 -18.35 -27.73
N ARG E 144 10.82 -18.87 -27.59
CA ARG E 144 10.33 -19.85 -28.55
C ARG E 144 10.06 -19.17 -29.89
N PRO E 145 10.12 -19.93 -30.99
CA PRO E 145 9.84 -19.36 -32.31
C PRO E 145 8.41 -18.84 -32.39
N THR E 146 8.25 -17.70 -33.06
CA THR E 146 6.93 -17.18 -33.35
C THR E 146 6.21 -18.05 -34.39
N PRO E 147 4.89 -18.21 -34.26
CA PRO E 147 4.11 -18.91 -35.30
C PRO E 147 4.30 -18.35 -36.70
N ARG E 148 4.35 -17.03 -36.84
CA ARG E 148 4.55 -16.43 -38.17
C ARG E 148 5.83 -16.91 -38.82
N ALA E 149 6.90 -17.04 -38.04
CA ALA E 149 8.17 -17.49 -38.60
C ALA E 149 8.09 -18.95 -39.00
N LEU E 150 7.52 -19.78 -38.13
CA LEU E 150 7.32 -21.20 -38.45
C LEU E 150 6.49 -21.33 -39.71
N GLU E 151 5.50 -20.46 -39.85
CA GLU E 151 4.65 -20.42 -41.03
C GLU E 151 5.48 -20.21 -42.31
N LEU E 152 6.38 -19.23 -42.28
CA LEU E 152 7.15 -18.81 -43.45
C LEU E 152 8.46 -19.57 -43.61
N LEU E 153 8.80 -20.47 -42.69
CA LEU E 153 10.10 -21.13 -42.75
C LEU E 153 10.29 -21.98 -44.00
N PRO E 154 9.37 -22.90 -44.36
CA PRO E 154 9.57 -23.65 -45.63
C PRO E 154 9.81 -22.76 -46.83
N GLU E 155 8.96 -21.75 -47.04
CA GLU E 155 9.15 -20.83 -48.17
C GLU E 155 10.54 -20.20 -48.16
N PHE E 156 11.02 -19.82 -46.98
CA PHE E 156 12.32 -19.17 -46.90
C PHE E 156 13.44 -20.14 -47.21
N VAL E 157 13.33 -21.39 -46.73
CA VAL E 157 14.33 -22.40 -47.04
C VAL E 157 14.43 -22.61 -48.55
N ARG E 158 13.29 -22.54 -49.26
CA ARG E 158 13.31 -22.77 -50.70
C ARG E 158 13.75 -21.53 -51.47
N THR E 159 13.19 -20.37 -51.16
CA THR E 159 13.47 -19.18 -51.96
C THR E 159 14.68 -18.43 -51.44
N GLY E 160 14.90 -18.45 -50.12
CA GLY E 160 15.91 -17.62 -49.53
C GLY E 160 15.60 -16.14 -49.51
N GLU E 161 14.32 -15.77 -49.55
CA GLU E 161 13.97 -14.35 -49.57
C GLU E 161 12.56 -14.17 -49.04
N VAL E 162 12.39 -13.16 -48.20
CA VAL E 162 11.10 -12.76 -47.64
C VAL E 162 11.09 -11.24 -47.58
N GLU E 163 10.04 -10.64 -48.14
CA GLU E 163 9.82 -9.21 -48.03
C GLU E 163 8.67 -8.97 -47.07
N MET E 164 8.93 -8.15 -46.06
CA MET E 164 7.93 -7.73 -45.09
C MET E 164 7.85 -6.21 -45.10
N GLU E 165 6.87 -5.68 -44.36
CA GLU E 165 6.64 -4.24 -44.39
C GLU E 165 7.88 -3.48 -43.92
N ALA E 166 8.47 -3.90 -42.80
CA ALA E 166 9.57 -3.14 -42.22
C ALA E 166 10.93 -3.80 -42.38
N VAL E 167 11.00 -5.05 -42.85
CA VAL E 167 12.26 -5.77 -42.97
C VAL E 167 12.25 -6.63 -44.22
N HIS E 168 13.32 -6.56 -45.01
CA HIS E 168 13.55 -7.49 -46.11
C HIS E 168 14.64 -8.48 -45.71
N LEU E 169 14.33 -9.77 -45.79
CA LEU E 169 15.22 -10.84 -45.39
C LEU E 169 15.69 -11.63 -46.61
N GLU E 170 17.00 -11.92 -46.67
CA GLU E 170 17.60 -12.64 -47.78
C GLU E 170 18.75 -13.51 -47.27
N ARG E 171 18.70 -14.80 -47.57
CA ARG E 171 19.83 -15.69 -47.38
C ARG E 171 20.72 -15.67 -48.61
N ARG E 172 22.02 -15.42 -48.40
CA ARG E 172 22.99 -15.35 -49.48
C ARG E 172 24.37 -15.65 -48.91
N ASP E 173 25.04 -16.64 -49.50
CA ASP E 173 26.37 -17.07 -49.05
C ASP E 173 26.38 -17.46 -47.57
N GLY E 174 25.30 -18.09 -47.11
CA GLY E 174 25.20 -18.52 -45.73
C GLY E 174 24.93 -17.39 -44.76
N VAL E 175 24.44 -16.26 -45.26
CA VAL E 175 24.24 -15.05 -44.47
C VAL E 175 22.77 -14.68 -44.51
N ALA E 176 22.19 -14.47 -43.34
CA ALA E 176 20.88 -13.85 -43.25
C ALA E 176 21.06 -12.35 -43.37
N ARG E 177 20.52 -11.77 -44.44
CA ARG E 177 20.74 -10.35 -44.75
C ARG E 177 19.47 -9.58 -44.42
N LEU E 178 19.36 -9.21 -43.15
CA LEU E 178 18.24 -8.38 -42.69
C LEU E 178 18.49 -6.94 -43.12
N THR E 179 17.53 -6.39 -43.86
CA THR E 179 17.59 -5.01 -44.32
C THR E 179 16.36 -4.29 -43.78
N MET E 180 16.57 -3.33 -42.89
CA MET E 180 15.50 -2.52 -42.38
C MET E 180 15.12 -1.49 -43.43
N CYS E 181 13.91 -1.59 -43.98
CA CYS E 181 13.57 -0.93 -45.24
C CYS E 181 12.31 -0.08 -45.11
N ARG E 182 12.24 0.76 -44.08
CA ARG E 182 11.22 1.82 -44.00
C ARG E 182 11.81 3.10 -44.60
N ASP E 183 11.89 3.10 -45.94
CA ASP E 183 12.50 4.20 -46.70
C ASP E 183 11.94 5.58 -46.40
N ASP E 184 10.70 5.71 -45.91
CA ASP E 184 10.10 7.03 -45.76
C ASP E 184 10.32 7.66 -44.40
N ARG E 185 10.78 6.91 -43.40
CA ARG E 185 10.77 7.45 -42.04
C ARG E 185 12.06 7.12 -41.29
N LEU E 186 13.14 6.81 -42.01
CA LEU E 186 14.45 6.55 -41.41
C LEU E 186 14.38 5.35 -40.45
N ASN E 187 13.59 4.33 -40.83
CA ASN E 187 13.45 3.10 -40.07
C ASN E 187 12.91 3.33 -38.66
N ALA E 188 12.02 4.31 -38.50
CA ALA E 188 11.37 4.52 -37.22
C ALA E 188 10.58 3.27 -36.82
N GLU E 189 10.72 2.88 -35.57
CA GLU E 189 10.22 1.59 -35.10
C GLU E 189 8.77 1.71 -34.63
N ASP E 190 8.01 0.65 -34.86
CA ASP E 190 6.64 0.56 -34.38
C ASP E 190 6.31 -0.92 -34.17
N GLY E 191 5.07 -1.17 -33.73
CA GLY E 191 4.67 -2.53 -33.42
C GLY E 191 4.86 -3.49 -34.59
N GLN E 192 4.62 -3.00 -35.81
CA GLN E 192 4.84 -3.84 -36.99
C GLN E 192 6.32 -4.15 -37.18
N GLN E 193 7.18 -3.12 -37.09
CA GLN E 193 8.62 -3.33 -37.23
C GLN E 193 9.14 -4.40 -36.29
N VAL E 194 8.65 -4.40 -35.05
CA VAL E 194 9.06 -5.44 -34.10
C VAL E 194 8.60 -6.81 -34.57
N ASP E 195 7.37 -6.91 -35.10
CA ASP E 195 6.88 -8.18 -35.60
C ASP E 195 7.74 -8.65 -36.77
N ASP E 196 8.14 -7.72 -37.63
CA ASP E 196 8.97 -8.07 -38.78
C ASP E 196 10.38 -8.46 -38.34
N MET E 197 10.94 -7.72 -37.38
CA MET E 197 12.27 -8.04 -36.86
C MET E 197 12.30 -9.42 -36.20
N GLU E 198 11.37 -9.68 -35.28
CA GLU E 198 11.36 -10.98 -34.61
C GLU E 198 11.15 -12.12 -35.59
N THR E 199 10.23 -11.95 -36.54
CA THR E 199 10.01 -12.97 -37.56
C THR E 199 11.28 -13.22 -38.35
N ALA E 200 11.92 -12.14 -38.82
CA ALA E 200 13.16 -12.28 -39.58
C ALA E 200 14.27 -12.91 -38.74
N VAL E 201 14.43 -12.44 -37.50
CA VAL E 201 15.42 -13.02 -36.61
C VAL E 201 15.19 -14.52 -36.44
N ASP E 202 13.94 -14.93 -36.20
CA ASP E 202 13.61 -16.35 -36.12
C ASP E 202 14.06 -17.12 -37.35
N LEU E 203 13.72 -16.61 -38.55
CA LEU E 203 14.01 -17.33 -39.78
C LEU E 203 15.51 -17.54 -39.96
N ALA E 204 16.30 -16.51 -39.67
CA ALA E 204 17.76 -16.64 -39.72
C ALA E 204 18.23 -17.77 -38.81
N LEU E 205 17.66 -17.86 -37.61
CA LEU E 205 18.13 -18.83 -36.62
C LEU E 205 17.69 -20.25 -36.99
N LEU E 206 16.46 -20.41 -37.49
CA LEU E 206 15.98 -21.75 -37.80
C LEU E 206 16.45 -22.28 -39.15
N ASP E 207 16.91 -21.43 -40.06
CA ASP E 207 17.35 -21.90 -41.38
C ASP E 207 18.74 -22.51 -41.25
N PRO E 208 18.91 -23.82 -41.44
CA PRO E 208 20.23 -24.44 -41.29
C PRO E 208 21.24 -24.00 -42.32
N GLY E 209 20.82 -23.40 -43.43
CA GLY E 209 21.78 -22.90 -44.39
C GLY E 209 22.34 -21.54 -44.06
N VAL E 210 21.93 -20.99 -42.91
CA VAL E 210 22.36 -19.69 -42.45
C VAL E 210 23.34 -19.88 -41.30
N ARG E 211 24.49 -19.22 -41.38
CA ARG E 211 25.54 -19.33 -40.38
C ARG E 211 25.79 -18.05 -39.63
N VAL E 212 25.67 -16.89 -40.29
CA VAL E 212 25.85 -15.59 -39.67
C VAL E 212 24.70 -14.70 -40.08
N GLY E 213 24.33 -13.78 -39.19
CA GLY E 213 23.33 -12.78 -39.50
C GLY E 213 23.95 -11.43 -39.75
N LEU E 214 23.22 -10.59 -40.48
CA LEU E 214 23.68 -9.25 -40.80
C LEU E 214 22.48 -8.31 -40.73
N LEU E 215 22.61 -7.24 -39.95
CA LEU E 215 21.56 -6.24 -39.82
C LEU E 215 22.08 -4.90 -40.35
N ARG E 216 21.33 -4.30 -41.27
CA ARG E 216 21.76 -3.07 -41.91
C ARG E 216 20.52 -2.33 -42.37
N GLY E 217 20.64 -1.01 -42.48
CA GLY E 217 19.54 -0.19 -42.94
C GLY E 217 19.54 -0.04 -44.45
N GLY E 218 18.34 0.00 -45.02
CA GLY E 218 18.21 0.08 -46.45
C GLY E 218 18.26 1.51 -46.95
N VAL E 219 18.26 1.64 -48.28
CA VAL E 219 18.31 2.95 -48.90
C VAL E 219 17.00 3.69 -48.59
N MET E 220 17.11 4.99 -48.33
CA MET E 220 15.98 5.81 -47.93
C MET E 220 15.41 6.56 -49.12
N SER E 221 14.12 6.89 -49.04
CA SER E 221 13.42 7.60 -50.10
C SER E 221 13.02 9.02 -49.71
N HIS E 222 12.89 9.32 -48.42
CA HIS E 222 12.58 10.66 -47.99
C HIS E 222 13.56 11.64 -48.64
N PRO E 223 13.07 12.79 -49.14
CA PRO E 223 13.93 13.67 -49.95
C PRO E 223 15.25 14.03 -49.31
N ARG E 224 15.30 14.11 -47.99
CA ARG E 224 16.51 14.53 -47.29
C ARG E 224 17.57 13.44 -47.26
N TYR E 225 17.20 12.17 -47.45
CA TYR E 225 18.16 11.07 -47.42
C TYR E 225 18.07 10.18 -48.64
N ARG E 226 17.64 10.71 -49.79
CA ARG E 226 17.37 9.86 -50.94
C ARG E 226 18.65 9.25 -51.49
N GLY E 227 18.58 7.96 -51.82
CA GLY E 227 19.74 7.23 -52.25
C GLY E 227 20.70 6.82 -51.14
N LYS E 228 20.41 7.20 -49.90
CA LYS E 228 21.30 6.96 -48.77
C LYS E 228 20.68 5.97 -47.80
N ARG E 229 21.50 5.05 -47.30
CA ARG E 229 21.08 4.14 -46.25
C ARG E 229 21.04 4.86 -44.90
N VAL E 230 20.13 4.43 -44.03
CA VAL E 230 20.05 4.92 -42.66
C VAL E 230 19.73 3.74 -41.75
N PHE E 231 20.50 3.59 -40.67
CA PHE E 231 20.31 2.42 -39.81
C PHE E 231 19.01 2.55 -39.02
N SER E 232 18.93 3.48 -38.07
CA SER E 232 17.70 3.64 -37.31
C SER E 232 17.63 5.02 -36.67
N ALA E 233 16.43 5.59 -36.65
CA ALA E 233 16.15 6.85 -35.98
C ALA E 233 15.31 6.66 -34.71
N GLY E 234 15.26 5.44 -34.19
CA GLY E 234 14.59 5.20 -32.93
C GLY E 234 13.09 5.03 -33.09
N ILE E 235 12.41 5.09 -31.95
CA ILE E 235 10.98 4.84 -31.91
C ILE E 235 10.23 5.84 -32.79
N ASN E 236 9.10 5.40 -33.34
CA ASN E 236 8.22 6.28 -34.08
C ASN E 236 7.59 7.25 -33.08
N LEU E 237 8.11 8.48 -33.04
CA LEU E 237 7.67 9.47 -32.08
C LEU E 237 6.25 9.94 -32.36
N LYS E 238 5.86 10.04 -33.63
CA LYS E 238 4.49 10.40 -33.97
C LYS E 238 3.49 9.42 -33.36
N TYR E 239 3.71 8.12 -33.56
CA TYR E 239 2.79 7.11 -33.04
C TYR E 239 2.70 7.18 -31.52
N LEU E 240 3.84 7.31 -30.85
CA LEU E 240 3.88 7.46 -29.40
C LEU E 240 2.95 8.56 -28.94
N SER E 241 2.98 9.70 -29.64
CA SER E 241 2.06 10.79 -29.33
C SER E 241 0.61 10.36 -29.53
N GLN E 242 0.34 9.69 -30.65
CA GLN E 242 -0.99 9.22 -30.99
C GLN E 242 -1.47 8.04 -30.15
N GLY E 243 -0.60 7.46 -29.32
CA GLY E 243 -1.00 6.34 -28.48
C GLY E 243 -0.79 4.98 -29.10
N GLY E 244 -0.03 4.89 -30.19
CA GLY E 244 0.13 3.65 -30.91
C GLY E 244 1.30 2.79 -30.50
N ILE E 245 2.03 3.16 -29.46
CA ILE E 245 3.16 2.37 -29.00
C ILE E 245 2.69 1.59 -27.77
N SER E 246 2.54 0.28 -27.92
CA SER E 246 2.02 -0.57 -26.87
C SER E 246 3.14 -0.98 -25.94
N LEU E 247 2.92 -0.82 -24.63
CA LEU E 247 3.87 -1.30 -23.63
C LEU E 247 4.23 -2.76 -23.86
N VAL E 248 3.24 -3.62 -24.01
CA VAL E 248 3.50 -5.05 -24.13
C VAL E 248 3.93 -5.43 -25.54
N ASP E 249 3.14 -5.02 -26.55
CA ASP E 249 3.40 -5.49 -27.91
C ASP E 249 4.53 -4.75 -28.62
N PHE E 250 5.07 -3.67 -28.05
CA PHE E 250 6.27 -3.05 -28.61
C PHE E 250 7.39 -2.96 -27.58
N LEU E 251 7.25 -2.17 -26.52
CA LEU E 251 8.39 -1.89 -25.65
C LEU E 251 8.93 -3.16 -25.00
N MET E 252 8.03 -4.03 -24.55
CA MET E 252 8.45 -5.28 -23.90
C MET E 252 8.72 -6.40 -24.89
N ARG E 253 7.90 -6.51 -25.93
CA ARG E 253 8.06 -7.61 -26.89
C ARG E 253 9.46 -7.62 -27.49
N ARG E 254 10.00 -6.46 -27.86
CA ARG E 254 11.31 -6.44 -28.51
C ARG E 254 12.41 -6.86 -27.56
N GLU E 255 12.31 -6.52 -26.28
CA GLU E 255 13.40 -6.84 -25.35
C GLU E 255 13.42 -8.32 -25.00
N LEU E 256 12.26 -8.92 -24.79
CA LEU E 256 12.19 -10.33 -24.43
C LEU E 256 12.19 -11.23 -25.64
N GLY E 257 11.83 -10.69 -26.81
CA GLY E 257 11.78 -11.47 -28.03
C GLY E 257 13.04 -11.38 -28.87
N TYR E 258 13.04 -10.53 -29.90
CA TYR E 258 14.09 -10.63 -30.92
C TYR E 258 15.41 -10.11 -30.39
N ILE E 259 15.41 -9.06 -29.56
CA ILE E 259 16.66 -8.57 -28.99
C ILE E 259 17.28 -9.65 -28.10
N HIS E 260 16.44 -10.36 -27.34
CA HIS E 260 16.94 -11.46 -26.52
C HIS E 260 17.35 -12.66 -27.38
N LYS E 261 16.72 -12.82 -28.54
CA LYS E 261 17.09 -13.90 -29.44
C LYS E 261 18.45 -13.65 -30.10
N LEU E 262 18.81 -12.39 -30.30
CA LEU E 262 20.17 -12.08 -30.75
C LEU E 262 21.20 -12.58 -29.74
N VAL E 263 20.92 -12.45 -28.45
CA VAL E 263 21.85 -12.91 -27.42
C VAL E 263 21.81 -14.43 -27.28
N ARG E 264 20.63 -14.98 -27.00
CA ARG E 264 20.53 -16.37 -26.57
C ARG E 264 20.01 -17.33 -27.63
N GLY E 265 19.34 -16.85 -28.68
CA GLY E 265 18.83 -17.75 -29.69
C GLY E 265 17.39 -18.14 -29.47
N VAL E 266 16.93 -19.05 -30.33
CA VAL E 266 15.56 -19.56 -30.26
C VAL E 266 15.54 -20.85 -29.45
N LEU E 267 14.58 -20.97 -28.53
CA LEU E 267 14.36 -22.19 -27.78
C LEU E 267 13.48 -23.12 -28.63
N THR E 268 14.06 -24.22 -29.09
CA THR E 268 13.36 -25.16 -29.95
C THR E 268 12.80 -26.33 -29.15
N ASN E 269 12.05 -27.18 -29.84
CA ASN E 269 11.57 -28.41 -29.23
C ASN E 269 12.73 -29.41 -29.16
N ASP E 270 12.52 -30.47 -28.38
CA ASP E 270 13.50 -31.54 -28.26
C ASP E 270 13.46 -32.39 -29.52
N ASP E 271 13.82 -31.83 -30.67
CA ASP E 271 13.54 -32.45 -31.96
C ASP E 271 14.80 -32.66 -32.80
N ARG E 272 15.96 -32.73 -32.19
CA ARG E 272 17.21 -32.85 -32.94
C ARG E 272 18.29 -33.33 -31.99
N PRO E 273 19.40 -33.83 -32.51
CA PRO E 273 20.51 -34.19 -31.62
C PRO E 273 21.14 -32.93 -31.07
N GLY E 274 21.80 -33.07 -29.92
CA GLY E 274 22.41 -31.94 -29.26
C GLY E 274 21.53 -31.22 -28.25
N TRP E 275 20.22 -31.13 -28.52
CA TRP E 275 19.29 -30.36 -27.68
C TRP E 275 19.54 -30.52 -26.19
N TRP E 276 20.06 -31.68 -25.77
CA TRP E 276 20.42 -31.84 -24.36
C TRP E 276 21.50 -30.84 -23.93
N HIS E 277 22.46 -30.53 -24.81
CA HIS E 277 23.45 -29.52 -24.44
C HIS E 277 23.15 -28.13 -25.00
N SER E 278 22.41 -28.02 -26.11
CA SER E 278 22.08 -26.73 -26.71
C SER E 278 20.59 -26.67 -27.04
N PRO E 279 19.74 -26.45 -26.03
CA PRO E 279 18.30 -26.31 -26.31
C PRO E 279 17.97 -25.10 -27.17
N ARG E 280 18.86 -24.14 -27.28
CA ARG E 280 18.66 -22.94 -28.09
C ARG E 280 19.60 -22.95 -29.28
N ILE E 281 19.10 -22.50 -30.42
CA ILE E 281 19.92 -22.29 -31.61
C ILE E 281 20.32 -20.81 -31.63
N GLU E 282 21.62 -20.56 -31.53
CA GLU E 282 22.16 -19.22 -31.55
C GLU E 282 23.25 -19.13 -32.62
N LYS E 283 23.36 -17.96 -33.24
CA LYS E 283 24.31 -17.71 -34.31
C LYS E 283 24.90 -16.32 -34.12
N PRO E 284 26.04 -16.04 -34.75
CA PRO E 284 26.63 -14.70 -34.61
C PRO E 284 25.97 -13.67 -35.51
N TRP E 285 26.02 -12.41 -35.06
CA TRP E 285 25.33 -11.33 -35.72
C TRP E 285 26.29 -10.15 -35.94
N VAL E 286 26.20 -9.55 -37.12
CA VAL E 286 27.01 -8.39 -37.48
C VAL E 286 26.09 -7.23 -37.80
N ALA E 287 26.41 -6.05 -37.29
CA ALA E 287 25.63 -4.85 -37.51
C ALA E 287 26.46 -3.82 -38.27
N ALA E 288 25.80 -3.12 -39.18
CA ALA E 288 26.43 -2.11 -40.03
C ALA E 288 25.59 -0.84 -39.97
N VAL E 289 26.20 0.25 -39.50
CA VAL E 289 25.48 1.49 -39.24
C VAL E 289 25.81 2.47 -40.36
N ASP E 290 24.81 2.76 -41.20
CA ASP E 290 24.87 3.87 -42.14
C ASP E 290 24.12 5.06 -41.56
N GLY E 291 24.69 6.25 -41.74
CA GLY E 291 24.00 7.45 -41.31
C GLY E 291 24.12 7.70 -39.82
N PHE E 292 23.39 6.92 -39.02
CA PHE E 292 23.39 7.04 -37.57
C PHE E 292 22.49 5.95 -36.99
N ALA E 293 22.68 5.67 -35.70
CA ALA E 293 21.81 4.77 -34.94
C ALA E 293 21.31 5.51 -33.71
N ILE E 294 20.02 5.84 -33.70
CA ILE E 294 19.41 6.63 -32.63
C ILE E 294 18.42 5.76 -31.87
N GLY E 295 18.39 5.94 -30.55
CA GLY E 295 17.36 5.29 -29.75
C GLY E 295 17.47 3.78 -29.79
N GLY E 296 16.35 3.12 -30.16
CA GLY E 296 16.34 1.67 -30.23
C GLY E 296 17.36 1.10 -31.20
N GLY E 297 17.72 1.86 -32.24
CA GLY E 297 18.78 1.41 -33.14
C GLY E 297 20.13 1.32 -32.45
N ALA E 298 20.46 2.32 -31.62
CA ALA E 298 21.69 2.26 -30.85
C ALA E 298 21.63 1.16 -29.81
N GLN E 299 20.46 0.96 -29.20
CA GLN E 299 20.30 -0.12 -28.22
C GLN E 299 20.66 -1.47 -28.83
N LEU E 300 20.23 -1.72 -30.06
CA LEU E 300 20.49 -3.01 -30.70
C LEU E 300 21.98 -3.28 -30.80
N LEU E 301 22.79 -2.24 -31.02
CA LEU E 301 24.24 -2.43 -31.15
C LEU E 301 24.87 -3.07 -29.92
N LEU E 302 24.21 -2.99 -28.75
CA LEU E 302 24.81 -3.50 -27.52
C LEU E 302 24.71 -5.03 -27.39
N VAL E 303 24.28 -5.75 -28.42
CA VAL E 303 24.05 -7.19 -28.34
C VAL E 303 24.65 -7.94 -29.52
N PHE E 304 25.33 -7.25 -30.43
CA PHE E 304 25.91 -7.88 -31.61
C PHE E 304 27.31 -8.40 -31.32
N ASP E 305 27.82 -9.21 -32.25
CA ASP E 305 29.14 -9.80 -32.16
C ASP E 305 30.19 -8.96 -32.89
N ARG E 306 29.77 -8.13 -33.82
CA ARG E 306 30.67 -7.22 -34.52
C ARG E 306 29.85 -6.02 -34.94
N VAL E 307 30.41 -4.83 -34.81
CA VAL E 307 29.72 -3.62 -35.22
C VAL E 307 30.62 -2.86 -36.16
N LEU E 308 30.09 -2.51 -37.32
CA LEU E 308 30.80 -1.69 -38.28
C LEU E 308 29.96 -0.44 -38.50
N ALA E 309 30.62 0.65 -38.86
CA ALA E 309 29.93 1.92 -38.99
C ALA E 309 30.71 2.78 -39.96
N SER E 310 29.97 3.61 -40.68
CA SER E 310 30.61 4.51 -41.63
C SER E 310 31.20 5.68 -40.88
N SER E 311 32.30 6.21 -41.41
CA SER E 311 33.04 7.28 -40.76
C SER E 311 32.15 8.47 -40.37
N ASP E 312 31.07 8.70 -41.10
CA ASP E 312 30.22 9.87 -40.93
C ASP E 312 29.02 9.64 -40.01
N ALA E 313 28.92 8.49 -39.34
CA ALA E 313 27.75 8.17 -38.56
C ALA E 313 27.89 8.60 -37.10
N TYR E 314 26.76 8.60 -36.39
CA TYR E 314 26.74 8.93 -34.97
C TYR E 314 25.76 8.03 -34.23
N PHE E 315 25.97 7.94 -32.92
CA PHE E 315 25.15 7.12 -32.03
C PHE E 315 24.71 7.94 -30.83
N SER E 316 23.42 7.87 -30.49
CA SER E 316 22.90 8.61 -29.35
C SER E 316 21.61 8.01 -28.83
N LEU E 317 21.31 8.32 -27.56
CA LEU E 317 20.09 7.84 -26.92
C LEU E 317 19.24 9.06 -26.60
N PRO E 318 18.10 9.18 -27.27
CA PRO E 318 17.20 10.33 -27.06
C PRO E 318 16.15 10.13 -25.98
N ALA E 319 16.47 9.37 -24.95
CA ALA E 319 15.53 9.15 -23.83
C ALA E 319 15.82 10.15 -22.71
N ALA E 320 15.37 9.82 -21.50
CA ALA E 320 15.56 10.68 -20.34
C ALA E 320 15.15 12.12 -20.61
N LYS E 321 16.10 12.93 -21.08
CA LYS E 321 15.82 14.32 -21.42
C LYS E 321 14.98 14.34 -22.67
N GLU E 322 13.76 13.83 -22.54
CA GLU E 322 12.79 13.74 -23.63
C GLU E 322 11.57 13.04 -23.07
N GLY E 323 11.76 11.81 -22.60
CA GLY E 323 10.67 11.09 -21.97
C GLY E 323 10.91 9.75 -21.31
N ILE E 324 11.46 8.76 -22.02
CA ILE E 324 11.39 7.38 -21.54
C ILE E 324 12.75 6.71 -21.35
N ILE E 325 12.52 5.28 -21.15
CA ILE E 325 13.72 4.51 -20.85
C ILE E 325 14.30 3.95 -22.13
N PRO E 326 15.67 4.17 -22.32
CA PRO E 326 16.20 3.62 -23.58
C PRO E 326 16.28 2.09 -23.59
N GLY E 327 15.14 1.42 -23.42
CA GLY E 327 15.13 -0.03 -23.43
C GLY E 327 16.07 -0.62 -22.39
N ALA E 328 16.90 -1.55 -22.82
CA ALA E 328 17.87 -2.21 -21.95
C ALA E 328 19.25 -1.57 -21.98
N ALA E 329 19.39 -0.40 -22.60
CA ALA E 329 20.66 0.31 -22.58
C ALA E 329 21.16 0.56 -21.15
N ASN E 330 20.24 0.82 -20.21
CA ASN E 330 20.63 1.02 -18.83
C ASN E 330 21.27 -0.24 -18.25
N LEU E 331 20.88 -1.41 -18.77
CA LEU E 331 21.47 -2.67 -18.35
C LEU E 331 22.86 -2.88 -18.97
N ARG E 332 23.02 -2.52 -20.25
CA ARG E 332 24.14 -2.98 -21.05
C ARG E 332 25.21 -1.92 -21.28
N LEU E 333 24.84 -0.64 -21.36
CA LEU E 333 25.81 0.39 -21.71
C LEU E 333 26.96 0.44 -20.70
N GLY E 334 26.67 0.25 -19.41
CA GLY E 334 27.70 0.40 -18.40
C GLY E 334 28.86 -0.55 -18.60
N ARG E 335 28.57 -1.76 -19.10
CA ARG E 335 29.60 -2.75 -19.33
C ARG E 335 30.42 -2.43 -20.58
N PHE E 336 29.84 -1.68 -21.53
CA PHE E 336 30.58 -1.19 -22.70
C PHE E 336 31.39 0.06 -22.40
N ALA E 337 30.87 0.96 -21.57
CA ALA E 337 31.45 2.30 -21.45
C ALA E 337 31.74 2.76 -20.04
N GLY E 338 31.35 2.02 -19.00
CA GLY E 338 31.53 2.44 -17.64
C GLY E 338 30.48 3.43 -17.18
N PRO E 339 30.47 3.74 -15.88
CA PRO E 339 29.35 4.53 -15.35
C PRO E 339 29.35 6.00 -15.76
N ARG E 340 30.52 6.59 -16.00
CA ARG E 340 30.56 8.00 -16.38
C ARG E 340 30.01 8.19 -17.78
N VAL E 341 30.61 7.51 -18.75
CA VAL E 341 30.20 7.68 -20.14
C VAL E 341 28.75 7.21 -20.32
N SER E 342 28.35 6.15 -19.61
CA SER E 342 26.98 5.65 -19.78
C SER E 342 25.95 6.65 -19.24
N ARG E 343 26.28 7.34 -18.15
CA ARG E 343 25.43 8.43 -17.67
C ARG E 343 25.50 9.63 -18.60
N GLN E 344 26.68 9.90 -19.18
CA GLN E 344 26.77 10.96 -20.16
C GLN E 344 25.83 10.71 -21.34
N VAL E 345 25.78 9.48 -21.82
CA VAL E 345 24.92 9.16 -22.96
C VAL E 345 23.44 9.16 -22.57
N ILE E 346 23.09 8.53 -21.46
CA ILE E 346 21.69 8.31 -21.12
C ILE E 346 21.09 9.50 -20.38
N LEU E 347 21.69 9.93 -19.26
CA LEU E 347 21.08 11.01 -18.48
C LEU E 347 21.17 12.36 -19.18
N GLU E 348 22.26 12.63 -19.90
CA GLU E 348 22.49 13.95 -20.46
C GLU E 348 22.60 13.92 -21.98
N GLY E 349 22.22 12.81 -22.61
CA GLY E 349 22.06 12.78 -24.06
C GLY E 349 23.31 13.03 -24.87
N ARG E 350 24.49 12.72 -24.34
CA ARG E 350 25.70 12.85 -25.13
C ARG E 350 25.59 12.04 -26.44
N ARG E 351 26.10 12.63 -27.52
CA ARG E 351 26.14 11.99 -28.83
C ARG E 351 27.57 11.62 -29.17
N ILE E 352 27.77 10.40 -29.66
CA ILE E 352 29.10 9.89 -29.93
C ILE E 352 29.26 9.68 -31.43
N TRP E 353 30.34 10.23 -32.00
CA TRP E 353 30.59 10.21 -33.42
C TRP E 353 31.55 9.08 -33.78
N ALA E 354 31.23 8.42 -34.89
CA ALA E 354 31.97 7.25 -35.37
C ALA E 354 33.44 7.53 -35.54
N LYS E 355 33.79 8.81 -35.52
CA LYS E 355 35.17 9.19 -35.69
C LYS E 355 35.85 9.60 -34.40
N GLU E 356 35.16 9.55 -33.25
CA GLU E 356 35.91 9.96 -32.08
C GLU E 356 36.39 8.72 -31.31
N PRO E 357 37.53 8.87 -30.59
CA PRO E 357 38.12 7.73 -29.87
C PRO E 357 37.13 6.82 -29.17
N GLU E 358 36.19 7.41 -28.44
CA GLU E 358 35.25 6.64 -27.64
C GLU E 358 34.21 5.89 -28.47
N ALA E 359 34.13 6.12 -29.77
CA ALA E 359 33.29 5.27 -30.61
C ALA E 359 33.72 3.81 -30.54
N ARG E 360 35.02 3.55 -30.35
CA ARG E 360 35.52 2.18 -30.27
C ARG E 360 34.95 1.42 -29.08
N LEU E 361 34.33 2.11 -28.13
CA LEU E 361 33.61 1.43 -27.04
C LEU E 361 32.37 0.71 -27.54
N LEU E 362 31.81 1.15 -28.68
CA LEU E 362 30.59 0.58 -29.22
C LEU E 362 30.77 -0.10 -30.57
N VAL E 363 31.84 0.20 -31.30
CA VAL E 363 31.97 -0.13 -32.71
C VAL E 363 33.34 -0.73 -32.94
N ASP E 364 33.38 -1.83 -33.69
CA ASP E 364 34.65 -2.49 -33.98
C ASP E 364 35.38 -1.87 -35.16
N GLU E 365 34.65 -1.50 -36.21
CA GLU E 365 35.27 -0.91 -37.39
C GLU E 365 34.53 0.35 -37.82
N VAL E 366 35.31 1.38 -38.13
CA VAL E 366 34.81 2.64 -38.67
C VAL E 366 35.50 2.85 -40.01
N VAL E 367 34.71 2.97 -41.07
CA VAL E 367 35.20 2.88 -42.43
C VAL E 367 34.66 4.03 -43.26
N GLU E 368 35.46 4.50 -44.21
CA GLU E 368 35.01 5.48 -45.16
C GLU E 368 33.84 4.92 -45.97
N PRO E 369 32.89 5.76 -46.37
CA PRO E 369 31.72 5.26 -47.12
C PRO E 369 32.05 4.44 -48.37
N ASP E 370 33.05 4.81 -49.17
CA ASP E 370 33.35 3.99 -50.34
C ASP E 370 34.14 2.75 -50.00
N GLU E 371 34.46 2.52 -48.73
CA GLU E 371 35.18 1.34 -48.28
C GLU E 371 34.37 0.47 -47.32
N LEU E 372 33.11 0.82 -47.06
CA LEU E 372 32.29 0.13 -46.06
C LEU E 372 31.72 -1.17 -46.60
N ASP E 373 31.18 -1.15 -47.83
CA ASP E 373 30.55 -2.35 -48.39
C ASP E 373 31.49 -3.54 -48.38
N ALA E 374 32.75 -3.33 -48.78
CA ALA E 374 33.70 -4.43 -48.81
C ALA E 374 34.05 -4.91 -47.41
N ALA E 375 34.20 -3.99 -46.46
CA ALA E 375 34.53 -4.37 -45.08
C ALA E 375 33.43 -5.21 -44.45
N ILE E 376 32.18 -4.87 -44.73
CA ILE E 376 31.06 -5.67 -44.24
C ILE E 376 31.15 -7.10 -44.75
N GLU E 377 31.43 -7.25 -46.05
CA GLU E 377 31.56 -8.58 -46.63
C GLU E 377 32.70 -9.36 -45.96
N ARG E 378 33.86 -8.73 -45.79
CA ARG E 378 34.98 -9.39 -45.15
C ARG E 378 34.63 -9.84 -43.73
N SER E 379 33.83 -9.03 -43.02
CA SER E 379 33.48 -9.35 -41.63
C SER E 379 32.62 -10.60 -41.53
N LEU E 380 31.79 -10.86 -42.54
CA LEU E 380 30.88 -12.00 -42.50
C LEU E 380 31.60 -13.33 -42.67
N THR E 381 32.83 -13.33 -43.17
CA THR E 381 33.60 -14.56 -43.33
C THR E 381 34.28 -15.03 -42.05
N ARG E 382 34.39 -14.17 -41.03
CA ARG E 382 35.25 -14.42 -39.87
C ARG E 382 34.55 -15.03 -38.65
N LEU E 383 33.30 -15.45 -38.75
CA LEU E 383 32.58 -15.95 -37.56
C LEU E 383 31.92 -17.31 -37.80
N ASP E 384 32.55 -18.20 -38.56
CA ASP E 384 31.85 -19.40 -39.00
C ASP E 384 31.88 -20.58 -38.02
N GLY E 385 32.93 -20.71 -37.20
CA GLY E 385 33.09 -21.87 -36.33
C GLY E 385 31.92 -22.30 -35.46
N ASP E 386 31.87 -23.60 -35.11
CA ASP E 386 31.17 -24.03 -33.90
C ASP E 386 31.82 -23.51 -32.65
N ALA E 387 33.12 -23.20 -32.71
CA ALA E 387 33.81 -22.59 -31.57
C ALA E 387 33.28 -21.18 -31.30
N VAL E 388 33.01 -20.41 -32.36
CA VAL E 388 32.41 -19.08 -32.18
C VAL E 388 31.11 -19.20 -31.41
N LEU E 389 30.29 -20.20 -31.72
CA LEU E 389 29.04 -20.39 -31.01
C LEU E 389 29.28 -20.69 -29.52
N ALA E 390 30.26 -21.54 -29.21
CA ALA E 390 30.56 -21.88 -27.82
C ALA E 390 31.19 -20.69 -27.09
N ASN E 391 32.08 -19.97 -27.77
CA ASN E 391 32.79 -18.86 -27.14
C ASN E 391 31.86 -17.68 -26.91
N ARG E 392 31.05 -17.36 -27.91
CA ARG E 392 30.08 -16.28 -27.77
C ARG E 392 29.05 -16.59 -26.69
N ARG E 393 28.73 -17.88 -26.49
CA ARG E 393 27.79 -18.28 -25.45
C ARG E 393 28.39 -18.10 -24.05
N MET E 394 29.65 -18.50 -23.88
CA MET E 394 30.31 -18.32 -22.58
C MET E 394 30.52 -16.85 -22.28
N LEU E 395 30.80 -16.03 -23.31
CA LEU E 395 30.95 -14.59 -23.12
C LEU E 395 29.66 -13.96 -22.62
N ASN E 396 28.56 -14.19 -23.33
CA ASN E 396 27.28 -13.60 -22.95
C ASN E 396 26.84 -14.05 -21.56
N LEU E 397 27.02 -15.33 -21.27
CA LEU E 397 26.71 -15.86 -19.94
C LEU E 397 27.44 -15.10 -18.85
N ALA E 398 28.71 -14.73 -19.10
CA ALA E 398 29.48 -13.97 -18.12
C ALA E 398 29.10 -12.49 -18.10
N ASP E 399 28.98 -11.87 -19.28
CA ASP E 399 28.61 -10.46 -19.35
C ASP E 399 27.27 -10.21 -18.67
N GLU E 400 26.29 -11.06 -18.94
CA GLU E 400 24.90 -10.81 -18.59
C GLU E 400 24.28 -12.12 -18.15
N SER E 401 24.08 -12.26 -16.85
CA SER E 401 23.55 -13.50 -16.30
C SER E 401 22.05 -13.53 -16.50
N PRO E 402 21.45 -14.72 -16.47
CA PRO E 402 19.98 -14.80 -16.48
C PRO E 402 19.32 -13.93 -15.41
N ASP E 403 19.80 -14.01 -14.16
CA ASP E 403 19.22 -13.21 -13.08
C ASP E 403 19.32 -11.72 -13.38
N GLY E 404 20.49 -11.26 -13.84
CA GLY E 404 20.69 -9.85 -14.15
C GLY E 404 19.68 -9.33 -15.15
N PHE E 405 19.55 -10.02 -16.28
CA PHE E 405 18.57 -9.63 -17.29
C PHE E 405 17.16 -9.72 -16.73
N ARG E 406 16.85 -10.80 -16.00
CA ARG E 406 15.50 -10.97 -15.48
C ARG E 406 15.17 -9.91 -14.44
N ALA E 407 16.09 -9.67 -13.49
CA ALA E 407 15.89 -8.63 -12.49
C ALA E 407 15.68 -7.27 -13.13
N TYR E 408 16.51 -6.94 -14.13
CA TYR E 408 16.36 -5.66 -14.82
C TYR E 408 15.01 -5.57 -15.51
N MET E 409 14.67 -6.57 -16.33
CA MET E 409 13.45 -6.50 -17.12
C MET E 409 12.21 -6.44 -16.24
N ALA E 410 12.25 -7.09 -15.07
CA ALA E 410 11.16 -6.98 -14.10
C ALA E 410 10.86 -5.51 -13.77
N GLU E 411 11.83 -4.81 -13.19
CA GLU E 411 11.65 -3.39 -12.86
C GLU E 411 11.39 -2.54 -14.11
N PHE E 412 12.01 -2.88 -15.24
CA PHE E 412 11.80 -2.13 -16.47
C PHE E 412 10.32 -2.07 -16.83
N ALA E 413 9.60 -3.18 -16.66
CA ALA E 413 8.20 -3.27 -17.04
C ALA E 413 7.34 -2.22 -16.34
N LEU E 414 7.60 -1.98 -15.04
CA LEU E 414 6.81 -0.98 -14.32
C LEU E 414 7.37 0.43 -14.53
N MET E 415 8.69 0.60 -14.38
CA MET E 415 9.30 1.91 -14.58
C MET E 415 8.94 2.46 -15.96
N GLN E 416 9.09 1.63 -16.99
CA GLN E 416 8.77 2.07 -18.34
C GLN E 416 7.29 2.33 -18.54
N ALA E 417 6.43 1.52 -17.91
CA ALA E 417 5.00 1.77 -18.00
C ALA E 417 4.66 3.16 -17.48
N LEU E 418 5.26 3.54 -16.35
CA LEU E 418 5.03 4.86 -15.78
C LEU E 418 5.58 5.99 -16.66
N ARG E 419 6.79 5.82 -17.19
CA ARG E 419 7.38 6.86 -18.04
C ARG E 419 6.57 7.07 -19.31
N LEU E 420 5.94 6.01 -19.81
CA LEU E 420 5.13 6.10 -21.01
C LEU E 420 3.95 7.05 -20.79
N TYR E 421 3.51 7.21 -19.54
CA TYR E 421 2.36 8.05 -19.19
C TYR E 421 2.73 9.24 -18.32
N GLY E 422 4.00 9.63 -18.30
CA GLY E 422 4.40 10.81 -17.54
C GLY E 422 4.03 12.06 -18.32
N HIS E 423 3.61 13.10 -17.58
CA HIS E 423 3.15 14.32 -18.23
C HIS E 423 4.26 14.99 -19.04
N ASP E 424 5.49 14.94 -18.55
CA ASP E 424 6.58 15.54 -19.31
C ASP E 424 6.87 14.75 -20.58
N THR E 425 6.67 13.43 -20.55
CA THR E 425 6.81 12.64 -21.77
C THR E 425 5.76 13.03 -22.80
N ILE E 426 4.49 12.96 -22.40
CA ILE E 426 3.38 13.23 -23.31
C ILE E 426 3.54 14.60 -23.97
N ASP E 427 4.00 15.59 -23.20
CA ASP E 427 4.24 16.92 -23.75
C ASP E 427 5.34 16.89 -24.81
N LYS E 428 6.50 16.32 -24.46
CA LYS E 428 7.62 16.29 -25.39
C LYS E 428 7.29 15.48 -26.64
N VAL E 429 6.79 14.26 -26.45
CA VAL E 429 6.39 13.46 -27.62
C VAL E 429 5.05 13.99 -28.10
N GLY E 430 4.96 15.29 -28.31
CA GLY E 430 3.75 15.91 -28.82
C GLY E 430 4.14 17.08 -29.69
N ARG E 431 5.44 17.35 -29.73
CA ARG E 431 5.99 18.48 -30.46
C ARG E 431 6.90 18.07 -31.61
N PHE E 432 7.09 16.77 -31.83
CA PHE E 432 8.03 16.33 -32.87
C PHE E 432 7.55 16.76 -34.26
N ASP F 12 24.77 -24.98 18.91
CA ASP F 12 24.33 -25.76 20.07
C ASP F 12 25.54 -26.17 20.88
N GLY F 13 25.48 -25.96 22.19
CA GLY F 13 26.66 -25.95 23.02
C GLY F 13 27.53 -24.72 22.83
N LEU F 14 27.27 -23.93 21.80
CA LEU F 14 28.15 -22.83 21.40
C LEU F 14 27.99 -21.60 22.29
N TRP F 15 26.77 -21.32 22.78
CA TRP F 15 26.61 -20.15 23.64
C TRP F 15 27.32 -20.35 24.97
N ALA F 16 27.29 -21.56 25.51
CA ALA F 16 28.01 -21.84 26.74
C ALA F 16 29.51 -21.70 26.54
N ALA F 17 30.03 -22.30 25.46
CA ALA F 17 31.46 -22.19 25.16
C ALA F 17 31.86 -20.73 24.94
N LEU F 18 31.00 -19.96 24.26
CA LEU F 18 31.27 -18.54 24.07
C LEU F 18 31.36 -17.80 25.39
N THR F 19 30.33 -17.93 26.23
CA THR F 19 30.33 -17.24 27.52
C THR F 19 31.53 -17.63 28.37
N GLU F 20 31.93 -18.91 28.31
CA GLU F 20 33.15 -19.34 28.99
C GLU F 20 34.37 -18.59 28.45
N ALA F 21 34.49 -18.53 27.12
CA ALA F 21 35.68 -17.95 26.51
C ALA F 21 35.77 -16.45 26.77
N ALA F 22 34.64 -15.75 26.72
CA ALA F 22 34.64 -14.34 27.08
C ALA F 22 34.91 -14.15 28.56
N ALA F 23 34.42 -15.07 29.40
CA ALA F 23 34.72 -15.02 30.82
C ALA F 23 36.22 -15.08 31.09
N SER F 24 36.92 -15.99 30.40
CA SER F 24 38.36 -16.06 30.51
C SER F 24 39.01 -14.73 30.10
N VAL F 25 38.47 -14.09 29.07
CA VAL F 25 39.03 -12.84 28.58
C VAL F 25 38.92 -11.73 29.62
N GLU F 26 37.76 -11.61 30.26
CA GLU F 26 37.59 -10.55 31.26
C GLU F 26 38.36 -10.87 32.54
N LYS F 27 38.54 -12.16 32.86
CA LYS F 27 39.42 -12.52 33.97
C LYS F 27 40.84 -12.03 33.72
N LEU F 28 41.39 -12.31 32.53
CA LEU F 28 42.75 -11.87 32.22
C LEU F 28 42.88 -10.35 32.21
N LEU F 29 41.91 -9.66 31.60
CA LEU F 29 42.02 -8.19 31.51
C LEU F 29 41.98 -7.54 32.88
N ALA F 30 41.21 -8.10 33.80
CA ALA F 30 41.18 -7.57 35.16
C ALA F 30 42.53 -7.78 35.84
N THR F 31 43.15 -8.93 35.64
CA THR F 31 44.38 -9.31 36.33
C THR F 31 45.66 -8.84 35.64
N LEU F 32 45.68 -8.67 34.32
CA LEU F 32 46.93 -8.36 33.64
C LEU F 32 47.30 -6.90 33.81
N PRO F 33 48.57 -6.58 33.60
CA PRO F 33 48.98 -5.17 33.59
C PRO F 33 48.39 -4.46 32.39
N GLU F 34 48.50 -3.15 32.40
CA GLU F 34 47.94 -2.34 31.32
C GLU F 34 48.66 -2.63 30.01
N HIS F 35 47.96 -2.33 28.91
CA HIS F 35 48.55 -2.48 27.58
C HIS F 35 49.79 -1.61 27.46
N GLY F 36 50.93 -2.25 27.27
CA GLY F 36 52.22 -1.58 27.23
C GLY F 36 53.10 -1.86 28.42
N ALA F 37 52.56 -2.45 29.49
CA ALA F 37 53.34 -2.88 30.64
C ALA F 37 53.35 -4.39 30.74
N ARG F 38 52.83 -5.07 29.74
CA ARG F 38 52.76 -6.52 29.65
C ARG F 38 54.08 -7.03 29.09
N SER F 39 54.33 -8.32 29.22
CA SER F 39 55.50 -8.90 28.58
C SER F 39 55.10 -10.11 27.76
N SER F 40 55.56 -10.12 26.50
CA SER F 40 55.36 -11.16 25.48
C SER F 40 54.64 -12.43 25.94
N ALA F 41 55.03 -12.99 27.09
CA ALA F 41 54.30 -14.13 27.63
C ALA F 41 52.87 -13.74 27.97
N GLU F 42 52.72 -12.56 28.56
CA GLU F 42 51.41 -12.04 28.91
C GLU F 42 50.66 -11.58 27.66
N ARG F 43 51.39 -10.98 26.71
CA ARG F 43 50.78 -10.51 25.47
C ARG F 43 50.23 -11.66 24.65
N ALA F 44 50.93 -12.79 24.63
CA ALA F 44 50.46 -13.94 23.88
C ALA F 44 49.29 -14.63 24.56
N GLU F 45 49.24 -14.60 25.89
CA GLU F 45 48.13 -15.22 26.60
C GLU F 45 46.81 -14.52 26.27
N ILE F 46 46.79 -13.18 26.33
CA ILE F 46 45.56 -12.47 26.03
C ILE F 46 45.21 -12.56 24.55
N ALA F 47 46.22 -12.44 23.68
CA ALA F 47 45.96 -12.58 22.25
C ALA F 47 45.39 -13.96 21.94
N ALA F 48 45.88 -14.99 22.62
CA ALA F 48 45.32 -16.33 22.44
C ALA F 48 43.91 -16.43 23.01
N ALA F 49 43.64 -15.69 24.08
CA ALA F 49 42.30 -15.73 24.68
C ALA F 49 41.29 -15.03 23.79
N HIS F 50 41.63 -13.85 23.28
CA HIS F 50 40.79 -13.15 22.33
C HIS F 50 40.44 -14.06 21.14
N ASP F 51 41.45 -14.71 20.58
CA ASP F 51 41.24 -15.59 19.43
C ASP F 51 40.23 -16.70 19.70
N ALA F 52 40.37 -17.38 20.83
CA ALA F 52 39.46 -18.47 21.17
C ALA F 52 38.03 -17.96 21.33
N ALA F 53 37.87 -16.78 21.94
CA ALA F 53 36.55 -16.20 22.11
C ALA F 53 35.96 -15.80 20.76
N ARG F 54 36.71 -15.03 19.97
CA ARG F 54 36.21 -14.55 18.68
C ARG F 54 35.93 -15.70 17.71
N ALA F 55 36.76 -16.74 17.74
CA ALA F 55 36.49 -17.92 16.92
C ALA F 55 35.12 -18.52 17.25
N LEU F 56 34.69 -18.42 18.50
CA LEU F 56 33.38 -18.94 18.87
C LEU F 56 32.26 -17.96 18.52
N ARG F 57 32.57 -16.66 18.49
CA ARG F 57 31.58 -15.69 18.01
C ARG F 57 31.19 -15.95 16.56
N VAL F 58 32.17 -16.20 15.70
CA VAL F 58 31.85 -16.55 14.31
C VAL F 58 31.09 -17.86 14.27
N ARG F 59 31.58 -18.86 15.01
CA ARG F 59 30.94 -20.17 15.00
C ARG F 59 29.52 -20.12 15.58
N PHE F 60 29.32 -19.38 16.66
CA PHE F 60 27.97 -19.21 17.21
C PHE F 60 27.04 -18.59 16.18
N LEU F 61 27.46 -17.48 15.57
CA LEU F 61 26.60 -16.73 14.66
C LEU F 61 26.44 -17.40 13.31
N ASP F 62 27.38 -18.24 12.91
CA ASP F 62 27.23 -18.97 11.65
C ASP F 62 25.91 -19.72 11.62
N THR F 63 25.48 -20.25 12.76
CA THR F 63 24.21 -20.96 12.87
C THR F 63 23.09 -20.18 13.56
N HIS F 64 23.40 -19.22 14.44
CA HIS F 64 22.37 -18.59 15.26
C HIS F 64 22.04 -17.14 14.89
N ALA F 65 22.64 -16.59 13.83
CA ALA F 65 22.46 -15.18 13.52
C ALA F 65 20.99 -14.81 13.34
N ASP F 66 20.25 -15.56 12.51
CA ASP F 66 18.86 -15.23 12.25
C ASP F 66 18.04 -15.24 13.53
N ALA F 67 18.29 -16.21 14.40
CA ALA F 67 17.59 -16.24 15.69
C ALA F 67 17.99 -15.03 16.54
N VAL F 68 19.29 -14.70 16.55
CA VAL F 68 19.75 -13.50 17.25
C VAL F 68 19.05 -12.25 16.71
N TYR F 69 19.10 -12.04 15.40
CA TYR F 69 18.51 -10.85 14.80
C TYR F 69 17.01 -10.80 15.04
N ASP F 70 16.33 -11.95 14.97
CA ASP F 70 14.88 -11.98 15.16
C ASP F 70 14.46 -11.55 16.55
N ARG F 71 15.20 -11.96 17.58
CA ARG F 71 14.90 -11.49 18.93
C ARG F 71 15.03 -9.99 19.03
N LEU F 72 16.10 -9.45 18.47
CA LEU F 72 16.38 -8.02 18.58
C LEU F 72 15.38 -7.18 17.77
N THR F 73 14.79 -7.74 16.72
CA THR F 73 13.94 -6.98 15.81
C THR F 73 12.50 -7.48 15.78
N ASP F 74 12.12 -8.42 16.65
CA ASP F 74 10.75 -8.94 16.71
C ASP F 74 10.37 -9.58 15.39
N HIS F 75 11.17 -10.57 14.98
CA HIS F 75 11.07 -11.20 13.67
C HIS F 75 10.92 -10.16 12.55
N ARG F 76 11.90 -9.25 12.51
CA ARG F 76 12.07 -8.32 11.40
C ARG F 76 10.85 -7.43 11.18
N ARG F 77 10.23 -6.98 12.28
CA ARG F 77 9.14 -6.03 12.23
C ARG F 77 9.53 -4.64 12.73
N VAL F 78 10.70 -4.51 13.36
CA VAL F 78 11.23 -3.23 13.82
C VAL F 78 12.56 -2.96 13.13
N HIS F 79 12.64 -1.82 12.43
CA HIS F 79 13.88 -1.39 11.78
C HIS F 79 14.77 -0.68 12.80
N LEU F 80 15.87 -1.31 13.20
CA LEU F 80 16.85 -0.70 14.09
C LEU F 80 18.09 -0.30 13.30
N ARG F 81 18.55 0.95 13.47
CA ARG F 81 19.82 1.37 12.92
C ARG F 81 20.98 0.63 13.61
N LEU F 82 22.21 0.86 13.10
CA LEU F 82 23.37 0.10 13.56
C LEU F 82 23.65 0.35 15.03
N ALA F 83 23.80 1.62 15.42
CA ALA F 83 24.05 1.96 16.82
C ALA F 83 23.04 1.28 17.74
N GLU F 84 21.75 1.36 17.39
CA GLU F 84 20.71 0.73 18.19
C GLU F 84 20.85 -0.79 18.22
N LEU F 85 21.22 -1.39 17.09
CA LEU F 85 21.29 -2.85 17.02
C LEU F 85 22.45 -3.41 17.85
N VAL F 86 23.66 -2.87 17.66
CA VAL F 86 24.82 -3.41 18.35
C VAL F 86 24.74 -3.16 19.85
N GLU F 87 23.99 -2.14 20.27
CA GLU F 87 23.75 -1.89 21.68
C GLU F 87 22.72 -2.85 22.26
N ALA F 88 21.63 -3.08 21.54
CA ALA F 88 20.65 -4.06 21.97
C ALA F 88 21.25 -5.46 22.01
N ALA F 89 22.09 -5.78 21.01
CA ALA F 89 22.77 -7.06 21.00
C ALA F 89 23.66 -7.23 22.23
N ALA F 90 24.31 -6.14 22.67
CA ALA F 90 25.19 -6.21 23.83
C ALA F 90 24.45 -6.64 25.08
N THR F 91 23.26 -6.08 25.33
CA THR F 91 22.54 -6.38 26.56
C THR F 91 21.74 -7.68 26.46
N ALA F 92 21.20 -7.98 25.28
CA ALA F 92 20.44 -9.21 25.11
C ALA F 92 21.34 -10.43 25.00
N PHE F 93 22.60 -10.25 24.64
CA PHE F 93 23.54 -11.36 24.45
C PHE F 93 24.88 -10.94 25.04
N PRO F 94 25.01 -10.97 26.36
CA PRO F 94 26.23 -10.47 26.99
C PRO F 94 27.44 -11.27 26.53
N GLY F 95 28.53 -10.55 26.21
CA GLY F 95 29.73 -11.18 25.70
C GLY F 95 29.76 -11.42 24.20
N LEU F 96 28.60 -11.36 23.53
CA LEU F 96 28.60 -11.48 22.07
C LEU F 96 29.21 -10.24 21.44
N VAL F 97 28.86 -9.07 21.95
CA VAL F 97 29.43 -7.79 21.51
C VAL F 97 29.58 -6.88 22.71
N PRO F 98 30.55 -5.97 22.67
CA PRO F 98 30.84 -5.14 23.84
C PRO F 98 29.67 -4.24 24.23
N THR F 99 29.59 -3.95 25.53
CA THR F 99 28.59 -3.05 26.08
C THR F 99 28.96 -1.60 25.79
N GLN F 100 28.01 -0.71 26.06
CA GLN F 100 28.26 0.73 25.97
C GLN F 100 29.39 1.15 26.90
N GLN F 101 29.49 0.50 28.07
CA GLN F 101 30.55 0.80 29.02
C GLN F 101 31.91 0.32 28.50
N GLN F 102 31.99 -0.96 28.11
CA GLN F 102 33.23 -1.51 27.57
C GLN F 102 33.75 -0.68 26.42
N LEU F 103 32.85 -0.19 25.56
CA LEU F 103 33.26 0.67 24.47
C LEU F 103 33.79 2.00 24.97
N ALA F 104 33.17 2.56 26.02
CA ALA F 104 33.62 3.85 26.54
C ALA F 104 35.04 3.76 27.07
N VAL F 105 35.38 2.63 27.70
CA VAL F 105 36.76 2.39 28.13
C VAL F 105 37.68 2.38 26.93
N GLU F 106 37.33 1.59 25.90
CA GLU F 106 38.10 1.56 24.65
C GLU F 106 38.31 2.94 24.04
N ARG F 107 37.25 3.75 23.93
CA ARG F 107 37.39 5.06 23.32
C ARG F 107 38.36 5.96 24.09
N SER F 108 38.47 5.76 25.41
CA SER F 108 39.41 6.56 26.19
C SER F 108 40.85 6.22 25.86
N LEU F 109 41.09 5.11 25.31
CA LEU F 109 42.48 4.81 25.05
C LEU F 109 42.84 5.20 23.62
N PRO F 110 44.09 5.49 23.32
CA PRO F 110 44.49 5.59 21.92
C PRO F 110 44.52 4.20 21.30
N GLN F 111 44.34 4.16 19.97
CA GLN F 111 44.20 2.88 19.27
C GLN F 111 45.28 1.88 19.66
N ALA F 112 46.51 2.35 19.88
CA ALA F 112 47.59 1.46 20.29
C ALA F 112 47.22 0.64 21.52
N ALA F 113 46.45 1.22 22.45
CA ALA F 113 46.18 0.60 23.74
C ALA F 113 44.85 -0.17 23.79
N LYS F 114 44.06 -0.15 22.72
CA LYS F 114 42.76 -0.78 22.74
C LYS F 114 42.86 -2.31 22.73
N GLU F 115 41.83 -2.95 23.27
CA GLU F 115 41.73 -4.41 23.24
C GLU F 115 41.16 -4.93 21.93
N GLY F 116 40.50 -4.08 21.15
CA GLY F 116 39.94 -4.50 19.88
C GLY F 116 38.54 -5.05 19.95
N HIS F 117 37.78 -4.69 20.99
CA HIS F 117 36.39 -5.12 21.13
C HIS F 117 35.53 -4.80 19.92
N GLU F 118 35.83 -3.73 19.19
CA GLU F 118 35.11 -3.43 17.95
C GLU F 118 35.14 -4.60 16.97
N ILE F 119 36.21 -5.40 16.99
CA ILE F 119 36.27 -6.61 16.16
C ILE F 119 35.05 -7.49 16.41
N ASP F 120 34.62 -7.62 17.67
CA ASP F 120 33.45 -8.43 17.97
C ASP F 120 32.20 -7.90 17.28
N GLN F 121 32.11 -6.59 17.13
CA GLN F 121 31.01 -6.00 16.37
C GLN F 121 31.14 -6.35 14.89
N GLY F 122 32.36 -6.33 14.36
CA GLY F 122 32.60 -6.77 13.00
C GLY F 122 32.11 -8.18 12.73
N ILE F 123 32.36 -9.11 13.65
CA ILE F 123 31.87 -10.48 13.49
C ILE F 123 30.34 -10.48 13.44
N PHE F 124 29.72 -9.71 14.34
CA PHE F 124 28.27 -9.63 14.39
C PHE F 124 27.69 -9.08 13.09
N LEU F 125 28.13 -7.89 12.69
CA LEU F 125 27.58 -7.24 11.51
C LEU F 125 27.84 -8.05 10.25
N ARG F 126 28.98 -8.73 10.16
CA ARG F 126 29.24 -9.61 9.03
C ARG F 126 28.20 -10.71 8.95
N ALA F 127 27.95 -11.39 10.06
CA ALA F 127 26.99 -12.50 10.07
C ALA F 127 25.59 -12.02 9.76
N VAL F 128 25.21 -10.85 10.30
CA VAL F 128 23.88 -10.30 10.03
C VAL F 128 23.74 -9.98 8.55
N LEU F 129 24.69 -9.25 7.98
CA LEU F 129 24.61 -8.86 6.58
C LEU F 129 24.71 -10.07 5.66
N ARG F 130 25.36 -11.15 6.11
CA ARG F 130 25.41 -12.37 5.30
C ARG F 130 24.05 -13.05 5.21
N SER F 131 23.16 -12.82 6.16
CA SER F 131 21.87 -13.49 6.15
C SER F 131 20.98 -12.92 5.06
N PRO F 132 20.42 -13.76 4.18
CA PRO F 132 19.49 -13.24 3.16
C PRO F 132 18.24 -12.62 3.76
N LEU F 133 17.93 -12.90 5.02
CA LEU F 133 16.77 -12.33 5.70
C LEU F 133 17.13 -11.12 6.55
N ALA F 134 18.17 -11.22 7.37
CA ALA F 134 18.54 -10.12 8.26
C ALA F 134 19.25 -8.99 7.50
N GLY F 135 20.16 -9.35 6.58
CA GLY F 135 20.90 -8.40 5.80
C GLY F 135 20.06 -7.33 5.14
N PRO F 136 19.20 -7.72 4.19
CA PRO F 136 18.36 -6.73 3.51
C PRO F 136 17.50 -5.91 4.45
N HIS F 137 17.05 -6.50 5.57
CA HIS F 137 16.28 -5.74 6.56
C HIS F 137 17.10 -4.65 7.21
N LEU F 138 18.32 -4.98 7.64
CA LEU F 138 19.19 -3.96 8.24
C LEU F 138 19.55 -2.89 7.22
N LEU F 139 19.78 -3.28 5.97
CA LEU F 139 20.06 -2.28 4.94
C LEU F 139 18.87 -1.38 4.71
N ASP F 140 17.65 -1.90 4.86
CA ASP F 140 16.46 -1.05 4.82
C ASP F 140 16.42 -0.11 6.02
N ALA F 141 16.67 -0.65 7.21
CA ALA F 141 16.73 0.18 8.42
C ALA F 141 17.62 1.40 8.22
N MET F 142 18.81 1.21 7.63
CA MET F 142 19.75 2.30 7.46
C MET F 142 19.35 3.26 6.34
N LEU F 143 18.44 2.86 5.47
CA LEU F 143 17.95 3.76 4.42
C LEU F 143 16.81 4.65 4.89
N ARG F 144 16.22 4.35 6.04
CA ARG F 144 15.17 5.17 6.59
C ARG F 144 15.73 6.51 7.08
N PRO F 145 14.91 7.57 7.09
CA PRO F 145 15.41 8.87 7.54
C PRO F 145 15.86 8.86 9.00
N THR F 146 16.94 9.60 9.27
CA THR F 146 17.40 9.78 10.64
C THR F 146 16.43 10.67 11.42
N PRO F 147 16.25 10.42 12.72
CA PRO F 147 15.44 11.32 13.55
C PRO F 147 15.88 12.78 13.50
N ARG F 148 17.19 13.03 13.50
CA ARG F 148 17.66 14.41 13.42
C ARG F 148 17.14 15.10 12.17
N ALA F 149 17.10 14.39 11.05
CA ALA F 149 16.62 15.02 9.82
C ALA F 149 15.13 15.32 9.89
N LEU F 150 14.34 14.38 10.41
CA LEU F 150 12.91 14.60 10.56
C LEU F 150 12.66 15.80 11.46
N GLU F 151 13.47 15.93 12.51
CA GLU F 151 13.39 17.06 13.44
C GLU F 151 13.56 18.39 12.71
N LEU F 152 14.58 18.50 11.86
CA LEU F 152 14.95 19.75 11.24
C LEU F 152 14.24 20.02 9.92
N LEU F 153 13.42 19.09 9.44
CA LEU F 153 12.82 19.27 8.11
C LEU F 153 11.85 20.45 8.06
N PRO F 154 10.87 20.59 8.95
CA PRO F 154 9.97 21.77 8.89
C PRO F 154 10.72 23.10 8.85
N GLU F 155 11.79 23.25 9.61
CA GLU F 155 12.55 24.50 9.58
C GLU F 155 13.37 24.63 8.31
N PHE F 156 13.89 23.51 7.77
CA PHE F 156 14.60 23.60 6.50
C PHE F 156 13.66 23.93 5.36
N VAL F 157 12.47 23.34 5.36
CA VAL F 157 11.47 23.68 4.35
C VAL F 157 11.12 25.17 4.42
N ARG F 158 11.11 25.74 5.63
CA ARG F 158 10.71 27.14 5.78
C ARG F 158 11.85 28.09 5.44
N THR F 159 13.04 27.84 5.98
CA THR F 159 14.17 28.75 5.84
C THR F 159 15.03 28.46 4.62
N GLY F 160 15.12 27.19 4.22
CA GLY F 160 16.06 26.81 3.17
C GLY F 160 17.50 26.86 3.57
N GLU F 161 17.80 26.74 4.87
CA GLU F 161 19.17 26.84 5.32
C GLU F 161 19.31 26.12 6.67
N VAL F 162 20.36 25.33 6.79
CA VAL F 162 20.74 24.70 8.05
C VAL F 162 22.25 24.71 8.10
N GLU F 163 22.81 25.25 9.17
CA GLU F 163 24.24 25.22 9.39
C GLU F 163 24.55 24.20 10.48
N MET F 164 25.41 23.25 10.16
CA MET F 164 25.85 22.25 11.10
C MET F 164 27.36 22.38 11.23
N GLU F 165 27.95 21.63 12.16
CA GLU F 165 29.38 21.77 12.43
C GLU F 165 30.21 21.47 11.19
N ALA F 166 29.91 20.37 10.50
CA ALA F 166 30.74 19.94 9.39
C ALA F 166 30.11 20.15 8.03
N VAL F 167 28.84 20.54 7.96
CA VAL F 167 28.16 20.71 6.68
C VAL F 167 27.20 21.90 6.77
N HIS F 168 27.25 22.78 5.78
CA HIS F 168 26.28 23.85 5.59
C HIS F 168 25.34 23.48 4.46
N LEU F 169 24.03 23.44 4.74
CA LEU F 169 23.03 23.02 3.77
C LEU F 169 22.16 24.21 3.37
N GLU F 170 21.92 24.36 2.06
CA GLU F 170 21.14 25.46 1.51
C GLU F 170 20.35 25.01 0.30
N ARG F 171 19.04 25.23 0.33
CA ARG F 171 18.20 25.10 -0.86
C ARG F 171 18.16 26.42 -1.62
N ARG F 172 18.44 26.34 -2.93
CA ARG F 172 18.44 27.52 -3.78
C ARG F 172 18.21 27.08 -5.22
N ASP F 173 17.21 27.67 -5.89
CA ASP F 173 16.83 27.31 -7.26
C ASP F 173 16.53 25.82 -7.41
N GLY F 174 15.97 25.22 -6.36
CA GLY F 174 15.68 23.80 -6.41
C GLY F 174 16.88 22.89 -6.26
N VAL F 175 17.98 23.42 -5.72
CA VAL F 175 19.22 22.67 -5.58
C VAL F 175 19.56 22.59 -4.09
N ALA F 176 19.77 21.38 -3.59
CA ALA F 176 20.31 21.19 -2.26
C ALA F 176 21.82 21.35 -2.34
N ARG F 177 22.33 22.48 -1.86
CA ARG F 177 23.75 22.78 -1.90
C ARG F 177 24.36 22.37 -0.57
N LEU F 178 25.02 21.21 -0.57
CA LEU F 178 25.76 20.76 0.58
C LEU F 178 27.19 21.28 0.47
N THR F 179 27.64 22.01 1.49
CA THR F 179 28.98 22.56 1.50
C THR F 179 29.71 22.01 2.71
N MET F 180 30.73 21.20 2.46
CA MET F 180 31.56 20.68 3.53
C MET F 180 32.49 21.80 3.97
N CYS F 181 32.34 22.26 5.22
CA CYS F 181 32.88 23.55 5.63
C CYS F 181 33.74 23.42 6.88
N ARG F 182 34.66 22.47 6.91
CA ARG F 182 35.67 22.40 7.96
C ARG F 182 36.93 23.14 7.51
N ASP F 183 36.82 24.47 7.53
CA ASP F 183 37.85 25.37 7.03
C ASP F 183 39.25 25.10 7.57
N ASP F 184 39.38 24.48 8.74
CA ASP F 184 40.69 24.32 9.37
C ASP F 184 41.41 23.03 9.03
N ARG F 185 40.73 22.04 8.45
CA ARG F 185 41.34 20.72 8.36
C ARG F 185 41.10 20.06 7.01
N LEU F 186 40.78 20.85 5.99
CA LEU F 186 40.60 20.36 4.63
C LEU F 186 39.46 19.34 4.55
N ASN F 187 38.41 19.59 5.35
CA ASN F 187 37.21 18.77 5.36
C ASN F 187 37.49 17.31 5.73
N ALA F 188 38.49 17.09 6.60
CA ALA F 188 38.79 15.75 7.09
C ALA F 188 37.59 15.16 7.83
N GLU F 189 37.33 13.88 7.59
CA GLU F 189 36.09 13.25 8.01
C GLU F 189 36.19 12.73 9.43
N ASP F 190 35.07 12.83 10.16
CA ASP F 190 34.95 12.25 11.49
C ASP F 190 33.48 11.91 11.73
N GLY F 191 33.19 11.36 12.91
CA GLY F 191 31.82 10.94 13.22
C GLY F 191 30.81 12.08 13.12
N GLN F 192 31.23 13.29 13.50
CA GLN F 192 30.34 14.43 13.36
C GLN F 192 30.04 14.73 11.91
N GLN F 193 31.08 14.72 11.06
CA GLN F 193 30.88 14.88 9.63
C GLN F 193 29.90 13.86 9.06
N VAL F 194 29.99 12.59 9.50
CA VAL F 194 29.07 11.58 9.01
C VAL F 194 27.64 11.88 9.42
N ASP F 195 27.43 12.30 10.67
CA ASP F 195 26.09 12.66 11.11
C ASP F 195 25.55 13.85 10.33
N ASP F 196 26.41 14.84 10.06
CA ASP F 196 25.96 16.03 9.36
C ASP F 196 25.65 15.73 7.91
N MET F 197 26.50 14.92 7.26
CA MET F 197 26.25 14.52 5.88
C MET F 197 24.95 13.74 5.75
N GLU F 198 24.76 12.71 6.58
CA GLU F 198 23.52 11.93 6.51
C GLU F 198 22.32 12.80 6.83
N THR F 199 22.43 13.67 7.83
CA THR F 199 21.36 14.61 8.14
C THR F 199 21.05 15.49 6.94
N ALA F 200 22.09 16.05 6.31
CA ALA F 200 21.90 16.90 5.14
C ALA F 200 21.30 16.13 3.97
N VAL F 201 21.85 14.96 3.66
CA VAL F 201 21.34 14.13 2.57
C VAL F 201 19.86 13.81 2.78
N ASP F 202 19.50 13.38 4.00
CA ASP F 202 18.09 13.11 4.30
C ASP F 202 17.20 14.31 3.98
N LEU F 203 17.59 15.50 4.43
CA LEU F 203 16.78 16.68 4.19
C LEU F 203 16.68 16.97 2.70
N ALA F 204 17.81 16.86 1.99
CA ALA F 204 17.82 17.06 0.55
C ALA F 204 16.82 16.13 -0.14
N LEU F 205 16.73 14.89 0.34
CA LEU F 205 15.84 13.90 -0.26
C LEU F 205 14.39 14.15 0.12
N LEU F 206 14.11 14.49 1.38
CA LEU F 206 12.73 14.67 1.81
C LEU F 206 12.14 16.04 1.46
N ASP F 207 12.96 17.04 1.13
CA ASP F 207 12.40 18.36 0.84
C ASP F 207 11.80 18.35 -0.55
N PRO F 208 10.47 18.53 -0.67
CA PRO F 208 9.84 18.50 -1.99
C PRO F 208 10.25 19.66 -2.88
N GLY F 209 10.85 20.71 -2.34
CA GLY F 209 11.36 21.78 -3.16
C GLY F 209 12.75 21.55 -3.70
N VAL F 210 13.36 20.40 -3.41
CA VAL F 210 14.70 20.08 -3.85
C VAL F 210 14.59 19.03 -4.95
N ARG F 211 15.25 19.30 -6.08
CA ARG F 211 15.19 18.43 -7.25
C ARG F 211 16.52 17.78 -7.57
N VAL F 212 17.62 18.50 -7.35
CA VAL F 212 18.97 18.00 -7.58
C VAL F 212 19.79 18.34 -6.35
N GLY F 213 20.76 17.48 -6.04
CA GLY F 213 21.68 17.76 -4.96
C GLY F 213 23.04 18.18 -5.48
N LEU F 214 23.81 18.88 -4.65
CA LEU F 214 25.15 19.30 -5.02
C LEU F 214 26.06 19.15 -3.81
N LEU F 215 27.18 18.46 -3.98
CA LEU F 215 28.16 18.30 -2.92
C LEU F 215 29.45 18.97 -3.36
N ARG F 216 29.95 19.88 -2.53
CA ARG F 216 31.12 20.68 -2.85
C ARG F 216 31.79 21.09 -1.56
N GLY F 217 33.10 21.34 -1.64
CA GLY F 217 33.87 21.79 -0.49
C GLY F 217 33.87 23.30 -0.37
N GLY F 218 33.83 23.78 0.87
CA GLY F 218 33.78 25.19 1.15
C GLY F 218 35.16 25.81 1.17
N VAL F 219 35.18 27.14 1.30
CA VAL F 219 36.44 27.87 1.36
C VAL F 219 37.19 27.51 2.62
N MET F 220 38.51 27.39 2.51
CA MET F 220 39.38 26.97 3.61
C MET F 220 39.99 28.18 4.30
N SER F 221 40.34 27.99 5.57
CA SER F 221 40.95 29.05 6.37
C SER F 221 42.40 28.79 6.74
N HIS F 222 42.84 27.53 6.73
CA HIS F 222 44.23 27.20 7.03
C HIS F 222 45.18 27.99 6.13
N PRO F 223 46.29 28.49 6.67
CA PRO F 223 47.17 29.39 5.90
C PRO F 223 47.62 28.83 4.56
N ARG F 224 47.77 27.52 4.47
CA ARG F 224 48.23 26.88 3.23
C ARG F 224 47.18 26.81 2.13
N TYR F 225 45.91 27.02 2.50
CA TYR F 225 44.82 26.96 1.55
C TYR F 225 43.83 28.11 1.72
N ARG F 226 44.24 29.19 2.39
CA ARG F 226 43.31 30.25 2.77
C ARG F 226 42.67 30.88 1.54
N GLY F 227 41.33 30.94 1.54
CA GLY F 227 40.58 31.46 0.43
C GLY F 227 40.33 30.48 -0.69
N LYS F 228 40.83 29.25 -0.60
CA LYS F 228 40.71 28.27 -1.66
C LYS F 228 39.83 27.12 -1.19
N ARG F 229 38.94 26.68 -2.07
CA ARG F 229 38.11 25.53 -1.77
C ARG F 229 38.92 24.26 -1.86
N VAL F 230 38.57 23.30 -1.01
CA VAL F 230 39.17 21.97 -1.01
C VAL F 230 38.04 20.97 -0.75
N PHE F 231 37.94 19.95 -1.60
CA PHE F 231 36.82 19.02 -1.50
C PHE F 231 36.95 18.13 -0.28
N SER F 232 37.93 17.23 -0.25
CA SER F 232 38.07 16.36 0.91
C SER F 232 39.49 15.81 0.98
N ALA F 233 40.00 15.72 2.21
CA ALA F 233 41.28 15.09 2.49
C ALA F 233 41.10 13.76 3.22
N GLY F 234 39.90 13.21 3.20
CA GLY F 234 39.70 11.88 3.72
C GLY F 234 39.53 11.84 5.24
N ILE F 235 39.62 10.62 5.76
CA ILE F 235 39.39 10.39 7.18
C ILE F 235 40.39 11.21 8.00
N ASN F 236 39.95 11.68 9.16
CA ASN F 236 40.85 12.38 10.08
C ASN F 236 41.83 11.38 10.69
N LEU F 237 43.09 11.44 10.26
CA LEU F 237 44.09 10.50 10.75
C LEU F 237 44.43 10.73 12.22
N LYS F 238 44.44 11.99 12.66
CA LYS F 238 44.68 12.26 14.08
C LYS F 238 43.67 11.54 14.97
N TYR F 239 42.38 11.69 14.67
CA TYR F 239 41.34 11.03 15.47
C TYR F 239 41.50 9.52 15.45
N LEU F 240 41.72 8.95 14.26
CA LEU F 240 41.96 7.51 14.12
C LEU F 240 43.07 7.04 15.05
N SER F 241 44.20 7.76 15.05
CA SER F 241 45.31 7.42 15.94
C SER F 241 44.89 7.56 17.40
N GLN F 242 44.17 8.63 17.72
CA GLN F 242 43.70 8.88 19.07
C GLN F 242 42.57 7.93 19.49
N GLY F 243 42.06 7.11 18.58
CA GLY F 243 41.00 6.17 18.89
C GLY F 243 39.59 6.68 18.67
N GLY F 244 39.42 7.80 17.96
CA GLY F 244 38.15 8.46 17.78
C GLY F 244 37.35 8.09 16.55
N ILE F 245 37.80 7.13 15.75
CA ILE F 245 37.08 6.70 14.56
C ILE F 245 36.36 5.41 14.91
N SER F 246 35.04 5.48 14.98
CA SER F 246 34.21 4.35 15.39
C SER F 246 33.96 3.45 14.18
N LEU F 247 34.22 2.15 14.35
CA LEU F 247 33.87 1.18 13.32
C LEU F 247 32.41 1.27 12.92
N VAL F 248 31.52 1.26 13.90
CA VAL F 248 30.09 1.22 13.61
C VAL F 248 29.57 2.60 13.26
N ASP F 249 29.88 3.59 14.11
CA ASP F 249 29.31 4.92 13.94
C ASP F 249 29.99 5.75 12.86
N PHE F 250 31.13 5.31 12.32
CA PHE F 250 31.74 5.99 11.18
C PHE F 250 31.98 5.05 10.02
N LEU F 251 32.84 4.04 10.17
CA LEU F 251 33.24 3.22 9.02
C LEU F 251 32.05 2.52 8.40
N MET F 252 31.15 1.98 9.23
CA MET F 252 29.95 1.32 8.71
C MET F 252 28.81 2.30 8.51
N ARG F 253 28.64 3.27 9.42
CA ARG F 253 27.51 4.18 9.33
C ARG F 253 27.50 4.91 7.99
N ARG F 254 28.65 5.40 7.53
CA ARG F 254 28.68 6.18 6.30
C ARG F 254 28.38 5.32 5.08
N GLU F 255 28.82 4.06 5.08
CA GLU F 255 28.62 3.21 3.90
C GLU F 255 27.17 2.78 3.76
N LEU F 256 26.51 2.42 4.88
CA LEU F 256 25.12 1.98 4.83
C LEU F 256 24.14 3.13 4.85
N GLY F 257 24.56 4.30 5.34
CA GLY F 257 23.66 5.43 5.42
C GLY F 257 23.70 6.38 4.25
N TYR F 258 24.42 7.50 4.39
CA TYR F 258 24.26 8.58 3.42
C TYR F 258 24.86 8.20 2.07
N ILE F 259 25.96 7.45 2.07
CA ILE F 259 26.53 7.02 0.79
C ILE F 259 25.56 6.11 0.05
N HIS F 260 24.90 5.20 0.77
CA HIS F 260 23.92 4.32 0.13
C HIS F 260 22.65 5.08 -0.25
N LYS F 261 22.32 6.14 0.48
CA LYS F 261 21.14 6.93 0.14
C LYS F 261 21.36 7.75 -1.12
N LEU F 262 22.60 8.16 -1.37
CA LEU F 262 22.93 8.81 -2.65
C LEU F 262 22.63 7.88 -3.81
N VAL F 263 22.87 6.58 -3.64
CA VAL F 263 22.60 5.62 -4.71
C VAL F 263 21.11 5.36 -4.84
N ARG F 264 20.42 5.14 -3.71
CA ARG F 264 19.09 4.54 -3.71
C ARG F 264 17.98 5.40 -3.15
N GLY F 265 18.29 6.46 -2.40
CA GLY F 265 17.27 7.30 -1.82
C GLY F 265 16.91 6.90 -0.41
N VAL F 266 15.93 7.60 0.15
CA VAL F 266 15.47 7.36 1.51
C VAL F 266 14.25 6.43 1.48
N LEU F 267 14.24 5.44 2.36
CA LEU F 267 13.08 4.56 2.52
C LEU F 267 12.09 5.26 3.43
N THR F 268 10.96 5.68 2.87
CA THR F 268 9.92 6.35 3.64
C THR F 268 8.86 5.37 4.07
N ASN F 269 7.90 5.86 4.87
CA ASN F 269 6.76 5.05 5.20
C ASN F 269 5.83 4.97 3.99
N ASP F 270 4.74 4.21 4.13
CA ASP F 270 3.71 4.13 3.08
C ASP F 270 2.71 5.28 3.22
N ASP F 271 3.21 6.50 3.02
CA ASP F 271 2.49 7.70 3.44
C ASP F 271 2.22 8.70 2.32
N ARG F 272 2.23 8.28 1.07
CA ARG F 272 2.13 9.19 -0.06
C ARG F 272 1.80 8.38 -1.30
N PRO F 273 1.28 9.02 -2.35
CA PRO F 273 1.03 8.27 -3.59
C PRO F 273 2.34 7.87 -4.24
N GLY F 274 2.26 6.83 -5.07
CA GLY F 274 3.45 6.32 -5.73
C GLY F 274 4.18 5.23 -4.96
N TRP F 275 4.20 5.32 -3.62
CA TRP F 275 5.00 4.41 -2.79
C TRP F 275 4.95 2.96 -3.24
N TRP F 276 3.84 2.55 -3.88
CA TRP F 276 3.78 1.20 -4.43
C TRP F 276 4.85 0.98 -5.50
N HIS F 277 5.16 1.99 -6.31
CA HIS F 277 6.24 1.86 -7.27
C HIS F 277 7.55 2.49 -6.83
N SER F 278 7.53 3.46 -5.92
CA SER F 278 8.75 4.13 -5.45
C SER F 278 8.76 4.24 -3.93
N PRO F 279 9.07 3.16 -3.22
CA PRO F 279 9.15 3.25 -1.75
C PRO F 279 10.27 4.17 -1.27
N ARG F 280 11.27 4.45 -2.11
CA ARG F 280 12.36 5.33 -1.75
C ARG F 280 12.30 6.60 -2.59
N ILE F 281 12.59 7.73 -1.97
CA ILE F 281 12.71 9.00 -2.68
C ILE F 281 14.16 9.18 -3.04
N GLU F 282 14.46 9.22 -4.34
CA GLU F 282 15.81 9.39 -4.82
C GLU F 282 15.87 10.60 -5.73
N LYS F 283 17.02 11.26 -5.74
CA LYS F 283 17.27 12.45 -6.53
C LYS F 283 18.65 12.36 -7.13
N PRO F 284 18.92 13.11 -8.20
CA PRO F 284 20.27 13.09 -8.78
C PRO F 284 21.21 13.99 -8.01
N TRP F 285 22.49 13.63 -8.05
CA TRP F 285 23.52 14.31 -7.27
C TRP F 285 24.69 14.69 -8.15
N VAL F 286 25.23 15.88 -7.91
CA VAL F 286 26.39 16.41 -8.61
C VAL F 286 27.48 16.70 -7.58
N ALA F 287 28.72 16.34 -7.92
CA ALA F 287 29.88 16.58 -7.07
C ALA F 287 30.85 17.52 -7.77
N ALA F 288 31.45 18.42 -7.01
CA ALA F 288 32.38 19.42 -7.53
C ALA F 288 33.65 19.37 -6.71
N VAL F 289 34.76 19.00 -7.35
CA VAL F 289 36.02 18.72 -6.66
C VAL F 289 36.95 19.90 -6.85
N ASP F 290 37.21 20.63 -5.77
CA ASP F 290 38.23 21.67 -5.73
C ASP F 290 39.48 21.13 -5.05
N GLY F 291 40.64 21.43 -5.61
CA GLY F 291 41.85 21.05 -4.93
C GLY F 291 42.21 19.59 -5.14
N PHE F 292 41.47 18.69 -4.50
CA PHE F 292 41.70 17.24 -4.57
C PHE F 292 40.60 16.53 -3.80
N ALA F 293 40.44 15.25 -4.11
CA ALA F 293 39.56 14.36 -3.35
C ALA F 293 40.38 13.16 -2.92
N ILE F 294 40.68 13.07 -1.62
CA ILE F 294 41.54 12.03 -1.08
C ILE F 294 40.72 11.09 -0.20
N GLY F 295 40.98 9.80 -0.33
CA GLY F 295 40.42 8.83 0.60
C GLY F 295 38.91 8.75 0.53
N GLY F 296 38.27 8.90 1.69
CA GLY F 296 36.82 8.83 1.75
C GLY F 296 36.16 9.85 0.86
N GLY F 297 36.83 10.98 0.61
CA GLY F 297 36.32 11.94 -0.34
C GLY F 297 36.29 11.38 -1.74
N ALA F 298 37.35 10.69 -2.14
CA ALA F 298 37.39 10.07 -3.46
C ALA F 298 36.36 8.95 -3.56
N GLN F 299 36.16 8.20 -2.47
CA GLN F 299 35.18 7.13 -2.45
C GLN F 299 33.79 7.65 -2.84
N LEU F 300 33.43 8.86 -2.37
CA LEU F 300 32.12 9.41 -2.66
C LEU F 300 31.90 9.59 -4.15
N LEU F 301 32.94 9.97 -4.89
CA LEU F 301 32.81 10.24 -6.33
C LEU F 301 32.30 9.04 -7.12
N LEU F 302 32.39 7.83 -6.58
CA LEU F 302 31.97 6.62 -7.27
C LEU F 302 30.46 6.42 -7.26
N VAL F 303 29.70 7.42 -6.79
CA VAL F 303 28.29 7.25 -6.48
C VAL F 303 27.42 8.40 -6.99
N PHE F 304 28.02 9.42 -7.59
CA PHE F 304 27.31 10.59 -8.10
C PHE F 304 26.85 10.40 -9.55
N ASP F 305 25.98 11.30 -9.99
CA ASP F 305 25.46 11.30 -11.36
C ASP F 305 26.25 12.20 -12.30
N ARG F 306 26.96 13.18 -11.73
CA ARG F 306 27.82 14.07 -12.49
C ARG F 306 28.94 14.46 -11.55
N VAL F 307 30.15 14.49 -12.08
CA VAL F 307 31.31 14.88 -11.29
C VAL F 307 32.07 15.94 -12.08
N LEU F 308 32.33 17.07 -11.44
CA LEU F 308 33.12 18.13 -12.04
C LEU F 308 34.31 18.38 -11.13
N ALA F 309 35.41 18.85 -11.73
CA ALA F 309 36.63 19.02 -11.00
C ALA F 309 37.47 20.10 -11.67
N SER F 310 38.22 20.84 -10.87
CA SER F 310 39.07 21.89 -11.40
C SER F 310 40.33 21.29 -11.99
N SER F 311 40.89 22.00 -12.99
CA SER F 311 42.05 21.49 -13.73
C SER F 311 43.19 21.04 -12.84
N ASP F 312 43.33 21.68 -11.67
CA ASP F 312 44.41 21.37 -10.76
C ASP F 312 44.07 20.40 -9.64
N ALA F 313 43.08 19.53 -9.85
CA ALA F 313 42.73 18.59 -8.81
C ALA F 313 43.33 17.21 -9.08
N TYR F 314 43.35 16.39 -8.04
CA TYR F 314 43.82 15.01 -8.15
C TYR F 314 42.95 14.14 -7.26
N PHE F 315 42.95 12.85 -7.57
CA PHE F 315 42.16 11.89 -6.82
C PHE F 315 43.05 10.75 -6.36
N SER F 316 42.97 10.38 -5.09
CA SER F 316 43.78 9.30 -4.59
C SER F 316 43.03 8.56 -3.48
N LEU F 317 43.45 7.31 -3.27
CA LEU F 317 42.90 6.40 -2.28
C LEU F 317 44.12 5.87 -1.52
N PRO F 318 44.69 6.83 -0.60
CA PRO F 318 45.94 6.44 0.07
C PRO F 318 45.74 5.69 1.37
N ALA F 319 44.53 5.20 1.63
CA ALA F 319 44.33 4.11 2.58
C ALA F 319 45.02 2.89 1.98
N ALA F 320 44.56 1.69 2.30
CA ALA F 320 45.31 0.50 1.90
C ALA F 320 46.76 0.62 2.36
N LYS F 321 47.69 0.82 1.42
CA LYS F 321 49.08 1.00 1.82
C LYS F 321 49.18 2.26 2.65
N GLU F 322 49.30 2.07 3.96
CA GLU F 322 49.10 3.06 5.00
C GLU F 322 48.41 2.35 6.16
N GLY F 323 47.21 1.81 5.87
CA GLY F 323 46.52 1.03 6.89
C GLY F 323 45.24 0.29 6.54
N ILE F 324 44.22 0.98 6.02
CA ILE F 324 42.87 0.39 6.00
C ILE F 324 42.26 0.28 4.61
N ILE F 325 41.06 -0.35 4.66
CA ILE F 325 40.33 -0.53 3.40
C ILE F 325 39.66 0.78 3.01
N PRO F 326 39.68 1.22 1.65
CA PRO F 326 38.96 2.47 1.29
C PRO F 326 37.46 2.28 1.09
N GLY F 327 36.75 1.98 2.18
CA GLY F 327 35.30 1.84 2.14
C GLY F 327 34.83 0.88 1.06
N ALA F 328 33.88 1.33 0.25
CA ALA F 328 33.31 0.54 -0.84
C ALA F 328 34.03 0.77 -2.16
N ALA F 329 35.17 1.47 -2.15
CA ALA F 329 35.95 1.65 -3.37
C ALA F 329 36.37 0.30 -3.97
N ASN F 330 36.69 -0.68 -3.13
CA ASN F 330 37.01 -2.00 -3.67
C ASN F 330 35.80 -2.61 -4.38
N LEU F 331 34.60 -2.23 -3.95
CA LEU F 331 33.38 -2.69 -4.60
C LEU F 331 33.16 -1.98 -5.92
N ARG F 332 33.41 -0.67 -5.96
CA ARG F 332 32.91 0.19 -7.03
C ARG F 332 33.95 0.61 -8.05
N LEU F 333 35.22 0.74 -7.65
CA LEU F 333 36.25 1.27 -8.55
C LEU F 333 36.43 0.42 -9.81
N GLY F 334 36.38 -0.91 -9.67
CA GLY F 334 36.65 -1.76 -10.82
C GLY F 334 35.69 -1.53 -11.96
N ARG F 335 34.44 -1.16 -11.64
CA ARG F 335 33.44 -0.91 -12.66
C ARG F 335 33.70 0.42 -13.38
N PHE F 336 34.38 1.37 -12.71
CA PHE F 336 34.80 2.61 -13.36
C PHE F 336 36.10 2.47 -14.14
N ALA F 337 37.05 1.69 -13.61
CA ALA F 337 38.44 1.77 -14.04
C ALA F 337 39.04 0.44 -14.46
N GLY F 338 38.31 -0.67 -14.32
CA GLY F 338 38.83 -1.97 -14.65
C GLY F 338 39.74 -2.50 -13.57
N PRO F 339 40.11 -3.79 -13.68
CA PRO F 339 40.88 -4.42 -12.59
C PRO F 339 42.31 -3.94 -12.51
N ARG F 340 42.91 -3.57 -13.64
CA ARG F 340 44.31 -3.15 -13.63
C ARG F 340 44.46 -1.81 -12.92
N VAL F 341 43.73 -0.80 -13.40
CA VAL F 341 43.81 0.55 -12.83
C VAL F 341 43.32 0.56 -11.39
N SER F 342 42.27 -0.21 -11.09
CA SER F 342 41.74 -0.21 -9.74
C SER F 342 42.73 -0.81 -8.74
N ARG F 343 43.51 -1.81 -9.15
CA ARG F 343 44.61 -2.27 -8.31
C ARG F 343 45.74 -1.24 -8.25
N GLN F 344 46.01 -0.55 -9.35
CA GLN F 344 47.01 0.49 -9.34
C GLN F 344 46.67 1.56 -8.31
N VAL F 345 45.41 1.98 -8.28
CA VAL F 345 44.98 3.05 -7.38
C VAL F 345 44.94 2.55 -5.93
N ILE F 346 44.38 1.36 -5.70
CA ILE F 346 44.15 0.87 -4.34
C ILE F 346 45.36 0.13 -3.79
N LEU F 347 45.84 -0.90 -4.50
CA LEU F 347 46.95 -1.69 -3.97
C LEU F 347 48.28 -0.93 -3.99
N GLU F 348 48.51 -0.06 -4.97
CA GLU F 348 49.82 0.58 -5.10
C GLU F 348 49.73 2.10 -4.99
N GLY F 349 48.60 2.62 -4.52
CA GLY F 349 48.51 4.02 -4.19
C GLY F 349 48.71 4.97 -5.35
N ARG F 350 48.45 4.52 -6.58
CA ARG F 350 48.50 5.42 -7.71
C ARG F 350 47.55 6.60 -7.51
N ARG F 351 48.02 7.77 -7.89
CA ARG F 351 47.27 9.02 -7.80
C ARG F 351 46.92 9.47 -9.21
N ILE F 352 45.66 9.87 -9.40
CA ILE F 352 45.13 10.21 -10.72
C ILE F 352 44.88 11.71 -10.76
N TRP F 353 45.42 12.37 -11.78
CA TRP F 353 45.33 13.81 -11.92
C TRP F 353 44.20 14.19 -12.86
N ALA F 354 43.51 15.28 -12.53
CA ALA F 354 42.33 15.70 -13.27
C ALA F 354 42.56 15.81 -14.77
N LYS F 355 43.76 16.23 -15.18
CA LYS F 355 44.04 16.49 -16.58
C LYS F 355 44.60 15.28 -17.33
N GLU F 356 44.81 14.17 -16.65
CA GLU F 356 45.30 13.07 -17.48
C GLU F 356 44.13 12.29 -18.06
N PRO F 357 44.31 11.67 -19.26
CA PRO F 357 43.21 10.94 -19.91
C PRO F 357 42.34 10.09 -19.00
N GLU F 358 42.98 9.31 -18.12
CA GLU F 358 42.24 8.35 -17.30
C GLU F 358 41.39 9.01 -16.22
N ALA F 359 41.54 10.31 -15.97
CA ALA F 359 40.57 11.01 -15.11
C ALA F 359 39.17 10.95 -15.70
N ARG F 360 39.07 10.74 -17.02
CA ARG F 360 37.77 10.55 -17.66
C ARG F 360 37.06 9.30 -17.16
N LEU F 361 37.78 8.38 -16.52
CA LEU F 361 37.15 7.21 -15.92
C LEU F 361 36.37 7.57 -14.67
N LEU F 362 36.72 8.66 -13.98
CA LEU F 362 36.06 9.04 -12.74
C LEU F 362 35.30 10.37 -12.81
N VAL F 363 35.57 11.21 -13.80
CA VAL F 363 35.12 12.60 -13.80
C VAL F 363 34.53 12.95 -15.16
N ASP F 364 33.40 13.68 -15.14
CA ASP F 364 32.69 14.09 -16.35
C ASP F 364 33.26 15.35 -16.97
N GLU F 365 33.57 16.36 -16.15
CA GLU F 365 34.10 17.61 -16.65
C GLU F 365 35.28 18.06 -15.80
N VAL F 366 36.34 18.52 -16.47
CA VAL F 366 37.48 19.14 -15.82
C VAL F 366 37.63 20.53 -16.42
N VAL F 367 37.58 21.55 -15.58
CA VAL F 367 37.45 22.93 -16.02
C VAL F 367 38.46 23.78 -15.26
N GLU F 368 38.97 24.80 -15.93
CA GLU F 368 39.84 25.75 -15.25
C GLU F 368 39.05 26.36 -14.09
N PRO F 369 39.73 26.70 -12.99
CA PRO F 369 39.01 27.26 -11.84
C PRO F 369 38.14 28.46 -12.17
N ASP F 370 38.50 29.27 -13.15
CA ASP F 370 37.75 30.49 -13.41
C ASP F 370 36.58 30.27 -14.38
N GLU F 371 36.42 29.06 -14.91
CA GLU F 371 35.20 28.65 -15.59
C GLU F 371 34.45 27.57 -14.82
N LEU F 372 34.82 27.34 -13.55
CA LEU F 372 34.31 26.19 -12.81
C LEU F 372 32.92 26.45 -12.24
N ASP F 373 32.73 27.59 -11.58
CA ASP F 373 31.43 27.89 -10.98
C ASP F 373 30.32 27.82 -12.02
N ALA F 374 30.57 28.40 -13.20
CA ALA F 374 29.55 28.40 -14.25
C ALA F 374 29.28 27.00 -14.77
N ALA F 375 30.33 26.18 -14.89
CA ALA F 375 30.14 24.80 -15.34
C ALA F 375 29.29 24.01 -14.35
N ILE F 376 29.48 24.25 -13.05
CA ILE F 376 28.68 23.61 -12.01
C ILE F 376 27.20 23.98 -12.18
N GLU F 377 26.91 25.28 -12.34
CA GLU F 377 25.53 25.74 -12.47
C GLU F 377 24.85 25.09 -13.67
N ARG F 378 25.52 25.10 -14.82
CA ARG F 378 24.96 24.50 -16.03
C ARG F 378 24.65 23.02 -15.83
N SER F 379 25.49 22.33 -15.07
CA SER F 379 25.32 20.91 -14.81
C SER F 379 24.13 20.58 -13.92
N LEU F 380 23.69 21.53 -13.10
CA LEU F 380 22.56 21.31 -12.21
C LEU F 380 21.20 21.46 -12.89
N THR F 381 21.13 22.18 -14.01
CA THR F 381 19.86 22.29 -14.71
C THR F 381 19.56 21.09 -15.60
N ARG F 382 20.55 20.25 -15.87
CA ARG F 382 20.44 19.20 -16.87
C ARG F 382 19.97 17.88 -16.31
N LEU F 383 19.59 17.82 -15.03
CA LEU F 383 19.18 16.58 -14.39
C LEU F 383 17.83 16.74 -13.69
N ASP F 384 16.91 17.53 -14.26
CA ASP F 384 15.68 17.88 -13.55
C ASP F 384 14.55 16.86 -13.70
N GLY F 385 14.50 16.14 -14.81
CA GLY F 385 13.42 15.23 -15.14
C GLY F 385 12.95 14.17 -14.16
N ASP F 386 11.68 13.76 -14.30
CA ASP F 386 11.25 12.46 -13.81
C ASP F 386 11.85 11.31 -14.61
N ALA F 387 12.21 11.53 -15.88
CA ALA F 387 12.89 10.49 -16.64
C ALA F 387 14.27 10.21 -16.06
N VAL F 388 14.98 11.27 -15.64
CA VAL F 388 16.28 11.10 -15.00
C VAL F 388 16.16 10.18 -13.78
N LEU F 389 15.12 10.36 -12.97
CA LEU F 389 14.92 9.50 -11.81
C LEU F 389 14.70 8.05 -12.22
N ALA F 390 13.93 7.83 -13.30
CA ALA F 390 13.73 6.46 -13.77
C ALA F 390 15.01 5.89 -14.32
N ASN F 391 15.80 6.70 -15.03
CA ASN F 391 17.01 6.22 -15.69
C ASN F 391 18.15 5.96 -14.71
N ARG F 392 18.37 6.88 -13.77
CA ARG F 392 19.42 6.63 -12.78
C ARG F 392 19.11 5.42 -11.93
N ARG F 393 17.83 5.13 -11.71
CA ARG F 393 17.45 3.95 -10.94
C ARG F 393 17.75 2.67 -11.70
N MET F 394 17.43 2.65 -13.00
CA MET F 394 17.73 1.47 -13.80
C MET F 394 19.23 1.29 -13.96
N LEU F 395 19.96 2.40 -14.11
CA LEU F 395 21.41 2.34 -14.21
C LEU F 395 22.03 1.76 -12.93
N ASN F 396 21.69 2.35 -11.78
CA ASN F 396 22.23 1.87 -10.51
C ASN F 396 21.82 0.43 -10.25
N LEU F 397 20.57 0.07 -10.57
CA LEU F 397 20.11 -1.31 -10.40
C LEU F 397 21.01 -2.28 -11.16
N ALA F 398 21.44 -1.90 -12.36
CA ALA F 398 22.34 -2.74 -13.15
C ALA F 398 23.77 -2.69 -12.63
N ASP F 399 24.26 -1.48 -12.31
CA ASP F 399 25.62 -1.32 -11.82
C ASP F 399 25.86 -2.11 -10.53
N GLU F 400 24.94 -2.03 -9.57
CA GLU F 400 25.23 -2.49 -8.22
C GLU F 400 24.00 -3.15 -7.61
N SER F 401 24.02 -4.48 -7.51
CA SER F 401 22.87 -5.26 -7.06
C SER F 401 22.73 -5.26 -5.54
N PRO F 402 21.53 -5.51 -5.02
CA PRO F 402 21.38 -5.72 -3.57
C PRO F 402 22.30 -6.82 -3.05
N ASP F 403 22.34 -7.96 -3.73
CA ASP F 403 23.21 -9.06 -3.32
C ASP F 403 24.67 -8.61 -3.31
N GLY F 404 25.10 -7.94 -4.39
CA GLY F 404 26.46 -7.47 -4.53
C GLY F 404 26.89 -6.56 -3.39
N PHE F 405 26.09 -5.51 -3.14
CA PHE F 405 26.40 -4.57 -2.08
C PHE F 405 26.42 -5.27 -0.72
N ARG F 406 25.39 -6.07 -0.45
CA ARG F 406 25.26 -6.73 0.85
C ARG F 406 26.39 -7.74 1.06
N ALA F 407 26.67 -8.56 0.05
CA ALA F 407 27.78 -9.50 0.16
C ALA F 407 29.09 -8.78 0.48
N TYR F 408 29.35 -7.67 -0.23
CA TYR F 408 30.57 -6.92 0.01
C TYR F 408 30.60 -6.34 1.43
N MET F 409 29.54 -5.62 1.82
CA MET F 409 29.55 -4.95 3.11
C MET F 409 29.63 -5.95 4.26
N ALA F 410 29.04 -7.14 4.08
CA ALA F 410 29.21 -8.22 5.05
C ALA F 410 30.68 -8.49 5.35
N GLU F 411 31.43 -8.91 4.33
CA GLU F 411 32.87 -9.15 4.49
C GLU F 411 33.60 -7.90 4.97
N PHE F 412 33.19 -6.74 4.50
CA PHE F 412 33.83 -5.49 4.91
C PHE F 412 33.75 -5.31 6.43
N ALA F 413 32.62 -5.70 7.02
CA ALA F 413 32.40 -5.48 8.44
C ALA F 413 33.50 -6.10 9.29
N LEU F 414 33.96 -7.30 8.94
CA LEU F 414 35.05 -7.95 9.66
C LEU F 414 36.43 -7.53 9.16
N MET F 415 36.64 -7.53 7.84
CA MET F 415 37.94 -7.15 7.28
C MET F 415 38.38 -5.78 7.76
N GLN F 416 37.50 -4.79 7.68
CA GLN F 416 37.86 -3.44 8.13
C GLN F 416 38.05 -3.41 9.64
N ALA F 417 37.27 -4.20 10.39
CA ALA F 417 37.44 -4.26 11.83
C ALA F 417 38.85 -4.72 12.20
N LEU F 418 39.34 -5.76 11.53
CA LEU F 418 40.69 -6.24 11.79
C LEU F 418 41.74 -5.23 11.36
N ARG F 419 41.55 -4.61 10.20
CA ARG F 419 42.52 -3.62 9.74
C ARG F 419 42.57 -2.42 10.66
N LEU F 420 41.44 -2.08 11.28
CA LEU F 420 41.38 -0.94 12.18
C LEU F 420 42.30 -1.11 13.38
N TYR F 421 42.61 -2.36 13.75
CA TYR F 421 43.48 -2.66 14.89
C TYR F 421 44.76 -3.37 14.46
N GLY F 422 45.13 -3.27 13.19
CA GLY F 422 46.37 -3.88 12.76
C GLY F 422 47.55 -3.06 13.23
N HIS F 423 48.63 -3.76 13.61
CA HIS F 423 49.79 -3.09 14.17
C HIS F 423 50.41 -2.12 13.17
N ASP F 424 50.41 -2.50 11.89
CA ASP F 424 51.01 -1.64 10.87
C ASP F 424 50.21 -0.36 10.64
N THR F 425 48.88 -0.43 10.71
CA THR F 425 48.08 0.79 10.57
C THR F 425 48.27 1.70 11.77
N ILE F 426 48.12 1.15 12.99
CA ILE F 426 48.28 1.96 14.21
C ILE F 426 49.60 2.70 14.20
N ASP F 427 50.66 2.02 13.78
CA ASP F 427 51.97 2.66 13.67
C ASP F 427 51.96 3.78 12.64
N LYS F 428 51.44 3.48 11.44
CA LYS F 428 51.45 4.47 10.37
C LYS F 428 50.56 5.67 10.69
N VAL F 429 49.41 5.41 11.31
CA VAL F 429 48.45 6.48 11.59
C VAL F 429 48.98 7.43 12.67
N GLY F 430 49.82 6.95 13.58
CA GLY F 430 50.35 7.83 14.60
C GLY F 430 51.49 8.71 14.13
N ARG F 431 51.91 8.58 12.87
CA ARG F 431 53.02 9.36 12.33
C ARG F 431 52.58 10.56 11.50
N PHE F 432 51.27 10.76 11.32
CA PHE F 432 50.79 11.89 10.56
C PHE F 432 51.08 13.20 11.28
N THR G 11 73.20 42.87 -75.10
CA THR G 11 74.59 42.60 -74.74
C THR G 11 74.96 41.13 -74.94
N ASP G 12 74.19 40.22 -74.35
CA ASP G 12 74.47 38.80 -74.42
C ASP G 12 73.63 38.08 -75.47
N GLY G 13 72.84 38.81 -76.26
CA GLY G 13 72.12 38.19 -77.35
C GLY G 13 70.81 37.52 -76.99
N LEU G 14 70.48 37.39 -75.70
CA LEU G 14 69.38 36.54 -75.29
C LEU G 14 68.02 37.12 -75.68
N TRP G 15 67.86 38.44 -75.67
CA TRP G 15 66.60 39.02 -76.10
C TRP G 15 66.38 38.81 -77.59
N ALA G 16 67.45 38.85 -78.38
CA ALA G 16 67.34 38.59 -79.81
C ALA G 16 66.93 37.14 -80.07
N ALA G 17 67.59 36.20 -79.39
CA ALA G 17 67.23 34.79 -79.54
C ALA G 17 65.80 34.54 -79.10
N LEU G 18 65.39 35.17 -78.00
CA LEU G 18 64.00 35.11 -77.55
C LEU G 18 63.05 35.67 -78.60
N THR G 19 63.35 36.89 -79.08
CA THR G 19 62.49 37.55 -80.05
C THR G 19 62.27 36.72 -81.31
N GLU G 20 63.30 35.98 -81.75
CA GLU G 20 63.16 35.16 -82.95
C GLU G 20 62.53 33.79 -82.67
N ALA G 21 62.72 33.26 -81.47
CA ALA G 21 61.99 32.05 -81.09
C ALA G 21 60.50 32.34 -80.96
N ALA G 22 60.16 33.52 -80.43
CA ALA G 22 58.76 33.92 -80.36
C ALA G 22 58.16 34.12 -81.75
N ALA G 23 58.95 34.63 -82.69
CA ALA G 23 58.48 34.75 -84.07
C ALA G 23 58.13 33.38 -84.65
N SER G 24 59.00 32.40 -84.42
CA SER G 24 58.76 31.05 -84.90
C SER G 24 57.45 30.49 -84.36
N VAL G 25 57.16 30.74 -83.08
CA VAL G 25 55.91 30.24 -82.50
C VAL G 25 54.70 30.93 -83.14
N GLU G 26 54.76 32.26 -83.29
CA GLU G 26 53.62 32.98 -83.84
C GLU G 26 53.43 32.68 -85.32
N LYS G 27 54.51 32.44 -86.06
CA LYS G 27 54.38 32.02 -87.45
C LYS G 27 53.69 30.68 -87.57
N LEU G 28 54.15 29.70 -86.77
CA LEU G 28 53.54 28.38 -86.81
C LEU G 28 52.07 28.45 -86.44
N LEU G 29 51.73 29.24 -85.42
CA LEU G 29 50.34 29.35 -85.02
C LEU G 29 49.49 29.97 -86.12
N ALA G 30 50.07 30.89 -86.89
CA ALA G 30 49.34 31.49 -88.00
C ALA G 30 49.06 30.48 -89.11
N THR G 31 50.06 29.67 -89.46
CA THR G 31 49.92 28.78 -90.62
C THR G 31 49.33 27.42 -90.27
N LEU G 32 49.51 26.95 -89.05
CA LEU G 32 49.11 25.59 -88.75
C LEU G 32 47.60 25.52 -88.52
N PRO G 33 47.00 24.34 -88.66
CA PRO G 33 45.58 24.19 -88.35
C PRO G 33 45.33 24.29 -86.84
N GLU G 34 44.04 24.40 -86.52
CA GLU G 34 43.62 24.53 -85.13
C GLU G 34 43.98 23.29 -84.32
N HIS G 35 44.14 23.49 -83.01
CA HIS G 35 44.36 22.40 -82.07
C HIS G 35 43.23 21.39 -82.18
N GLY G 36 43.58 20.14 -82.46
CA GLY G 36 42.61 19.10 -82.77
C GLY G 36 42.47 18.80 -84.25
N ALA G 37 43.02 19.64 -85.11
CA ALA G 37 43.09 19.40 -86.55
C ALA G 37 44.52 19.21 -87.02
N ARG G 38 45.48 19.18 -86.10
CA ARG G 38 46.88 19.03 -86.42
C ARG G 38 47.29 17.56 -86.51
N SER G 39 48.30 17.30 -87.33
CA SER G 39 48.93 15.99 -87.42
C SER G 39 50.03 15.85 -86.37
N SER G 40 50.47 14.62 -86.16
CA SER G 40 51.54 14.37 -85.20
C SER G 40 52.80 15.15 -85.56
N ALA G 41 53.15 15.19 -86.84
CA ALA G 41 54.28 16.00 -87.28
C ALA G 41 54.07 17.46 -86.95
N GLU G 42 52.86 17.97 -87.16
CA GLU G 42 52.57 19.36 -86.83
C GLU G 42 52.58 19.57 -85.32
N ARG G 43 51.92 18.67 -84.57
CA ARG G 43 51.90 18.77 -83.12
C ARG G 43 53.31 18.87 -82.54
N ALA G 44 54.24 18.12 -83.13
CA ALA G 44 55.61 18.11 -82.62
C ALA G 44 56.38 19.35 -83.03
N GLU G 45 56.10 19.91 -84.20
CA GLU G 45 56.78 21.14 -84.62
C GLU G 45 56.39 22.30 -83.72
N ILE G 46 55.11 22.45 -83.40
CA ILE G 46 54.70 23.54 -82.52
C ILE G 46 55.20 23.31 -81.10
N ALA G 47 55.12 22.06 -80.61
CA ALA G 47 55.60 21.73 -79.27
C ALA G 47 57.09 22.01 -79.12
N ALA G 48 57.89 21.68 -80.14
CA ALA G 48 59.32 21.94 -80.05
C ALA G 48 59.62 23.44 -80.07
N ALA G 49 58.79 24.23 -80.77
CA ALA G 49 58.98 25.67 -80.83
C ALA G 49 58.63 26.33 -79.50
N HIS G 50 57.48 25.98 -78.92
CA HIS G 50 57.13 26.46 -77.58
C HIS G 50 58.28 26.23 -76.60
N ASP G 51 58.84 25.02 -76.62
CA ASP G 51 59.89 24.64 -75.68
C ASP G 51 61.13 25.52 -75.86
N ALA G 52 61.56 25.75 -77.10
CA ALA G 52 62.75 26.56 -77.34
C ALA G 52 62.54 28.00 -76.89
N ALA G 53 61.37 28.57 -77.14
CA ALA G 53 61.09 29.94 -76.72
C ALA G 53 61.05 30.06 -75.20
N ARG G 54 60.29 29.18 -74.53
CA ARG G 54 60.14 29.25 -73.09
C ARG G 54 61.46 29.04 -72.36
N ALA G 55 62.30 28.14 -72.88
CA ALA G 55 63.64 27.98 -72.30
C ALA G 55 64.43 29.28 -72.35
N LEU G 56 64.22 30.10 -73.39
CA LEU G 56 64.91 31.38 -73.48
C LEU G 56 64.27 32.43 -72.60
N ARG G 57 62.95 32.34 -72.38
CA ARG G 57 62.32 33.23 -71.42
C ARG G 57 62.93 33.05 -70.04
N VAL G 58 63.20 31.81 -69.65
CA VAL G 58 63.88 31.53 -68.39
C VAL G 58 65.31 32.08 -68.42
N ARG G 59 66.06 31.78 -69.48
CA ARG G 59 67.45 32.19 -69.55
C ARG G 59 67.58 33.71 -69.58
N PHE G 60 66.69 34.38 -70.33
CA PHE G 60 66.68 35.84 -70.33
C PHE G 60 66.40 36.39 -68.95
N LEU G 61 65.37 35.88 -68.27
CA LEU G 61 64.99 36.44 -66.97
C LEU G 61 65.96 36.06 -65.86
N ASP G 62 66.70 34.95 -66.03
CA ASP G 62 67.73 34.62 -65.05
C ASP G 62 68.69 35.77 -64.81
N THR G 63 69.06 36.48 -65.88
CA THR G 63 69.99 37.60 -65.77
C THR G 63 69.33 38.97 -65.82
N HIS G 64 68.19 39.10 -66.48
CA HIS G 64 67.62 40.39 -66.78
C HIS G 64 66.34 40.72 -66.00
N ALA G 65 65.93 39.87 -65.05
CA ALA G 65 64.69 40.09 -64.34
C ALA G 65 64.65 41.47 -63.66
N ASP G 66 65.69 41.79 -62.88
CA ASP G 66 65.69 43.07 -62.18
C ASP G 66 65.62 44.25 -63.15
N ALA G 67 66.35 44.18 -64.25
CA ALA G 67 66.29 45.26 -65.23
C ALA G 67 64.90 45.37 -65.83
N VAL G 68 64.30 44.23 -66.18
CA VAL G 68 62.92 44.22 -66.67
C VAL G 68 61.96 44.84 -65.65
N TYR G 69 62.02 44.36 -64.41
CA TYR G 69 61.12 44.87 -63.37
C TYR G 69 61.34 46.35 -63.12
N ASP G 70 62.60 46.79 -63.11
CA ASP G 70 62.91 48.20 -62.86
C ASP G 70 62.33 49.10 -63.95
N ARG G 71 62.37 48.65 -65.22
CA ARG G 71 61.74 49.43 -66.28
C ARG G 71 60.25 49.58 -66.03
N LEU G 72 59.58 48.48 -65.68
CA LEU G 72 58.12 48.48 -65.52
C LEU G 72 57.68 49.25 -64.27
N THR G 73 58.53 49.35 -63.25
CA THR G 73 58.12 49.94 -61.97
C THR G 73 58.85 51.22 -61.63
N ASP G 74 59.62 51.78 -62.56
CA ASP G 74 60.39 52.99 -62.34
C ASP G 74 61.38 52.78 -61.19
N HIS G 75 62.21 51.75 -61.35
CA HIS G 75 63.14 51.29 -60.32
C HIS G 75 62.45 51.18 -58.96
N ARG G 76 61.39 50.35 -58.93
CA ARG G 76 60.69 49.97 -57.69
C ARG G 76 60.13 51.18 -56.95
N ARG G 77 59.62 52.15 -57.70
CA ARG G 77 58.94 53.29 -57.13
C ARG G 77 57.44 53.28 -57.37
N VAL G 78 56.95 52.41 -58.25
CA VAL G 78 55.52 52.28 -58.52
C VAL G 78 55.11 50.85 -58.15
N HIS G 79 54.16 50.73 -57.23
CA HIS G 79 53.60 49.43 -56.82
C HIS G 79 52.54 49.01 -57.82
N LEU G 80 52.83 48.00 -58.62
CA LEU G 80 51.87 47.44 -59.57
C LEU G 80 51.39 46.07 -59.10
N ARG G 81 50.08 45.87 -59.10
CA ARG G 81 49.48 44.56 -58.85
C ARG G 81 49.81 43.57 -59.96
N LEU G 82 49.36 42.32 -59.80
CA LEU G 82 49.73 41.24 -60.72
C LEU G 82 49.24 41.51 -62.13
N ALA G 83 47.93 41.70 -62.28
CA ALA G 83 47.33 41.95 -63.59
C ALA G 83 48.04 43.09 -64.33
N GLU G 84 48.25 44.21 -63.65
CA GLU G 84 48.92 45.34 -64.27
C GLU G 84 50.37 44.99 -64.65
N LEU G 85 51.04 44.21 -63.80
CA LEU G 85 52.44 43.89 -64.06
C LEU G 85 52.59 43.01 -65.31
N VAL G 86 51.77 41.95 -65.40
CA VAL G 86 51.89 41.05 -66.55
C VAL G 86 51.43 41.75 -67.83
N GLU G 87 50.47 42.67 -67.73
CA GLU G 87 50.01 43.40 -68.91
C GLU G 87 51.09 44.36 -69.40
N ALA G 88 51.57 45.23 -68.50
CA ALA G 88 52.62 46.19 -68.84
C ALA G 88 53.84 45.48 -69.42
N ALA G 89 54.22 44.34 -68.84
CA ALA G 89 55.33 43.57 -69.39
C ALA G 89 55.05 43.10 -70.81
N ALA G 90 53.81 42.71 -71.09
CA ALA G 90 53.47 42.21 -72.43
C ALA G 90 53.68 43.27 -73.49
N THR G 91 53.29 44.51 -73.20
CA THR G 91 53.41 45.57 -74.20
C THR G 91 54.81 46.17 -74.25
N ALA G 92 55.49 46.24 -73.11
CA ALA G 92 56.85 46.77 -73.05
C ALA G 92 57.90 45.78 -73.53
N PHE G 93 57.61 44.49 -73.51
CA PHE G 93 58.56 43.43 -73.88
C PHE G 93 57.83 42.41 -74.74
N PRO G 94 57.63 42.72 -76.02
CA PRO G 94 56.82 41.83 -76.87
C PRO G 94 57.43 40.44 -76.94
N GLY G 95 56.59 39.42 -76.80
CA GLY G 95 57.02 38.04 -76.79
C GLY G 95 57.43 37.49 -75.44
N LEU G 96 57.70 38.35 -74.44
CA LEU G 96 58.05 37.85 -73.12
C LEU G 96 56.86 37.22 -72.41
N VAL G 97 55.69 37.88 -72.47
CA VAL G 97 54.46 37.35 -71.87
C VAL G 97 53.30 37.70 -72.77
N PRO G 98 52.24 36.87 -72.75
CA PRO G 98 51.13 37.10 -73.69
C PRO G 98 50.44 38.44 -73.47
N THR G 99 49.93 38.99 -74.57
CA THR G 99 49.20 40.24 -74.55
C THR G 99 47.77 40.03 -74.04
N GLN G 100 47.04 41.13 -73.90
CA GLN G 100 45.66 41.08 -73.48
C GLN G 100 44.79 40.32 -74.48
N GLN G 101 45.10 40.45 -75.77
CA GLN G 101 44.29 39.80 -76.79
C GLN G 101 44.72 38.37 -77.07
N GLN G 102 46.02 38.06 -76.93
CA GLN G 102 46.44 36.66 -76.98
C GLN G 102 45.79 35.86 -75.86
N LEU G 103 45.70 36.46 -74.67
CA LEU G 103 45.02 35.80 -73.56
C LEU G 103 43.53 35.64 -73.84
N ALA G 104 42.93 36.62 -74.52
CA ALA G 104 41.52 36.55 -74.85
C ALA G 104 41.23 35.38 -75.80
N VAL G 105 42.13 35.13 -76.75
CA VAL G 105 42.00 33.94 -77.59
C VAL G 105 42.08 32.68 -76.75
N GLU G 106 43.12 32.58 -75.91
CA GLU G 106 43.27 31.46 -75.00
C GLU G 106 42.00 31.24 -74.19
N ARG G 107 41.37 32.33 -73.74
CA ARG G 107 40.22 32.23 -72.84
C ARG G 107 38.97 31.71 -73.55
N SER G 108 38.83 31.98 -74.85
CA SER G 108 37.66 31.53 -75.58
C SER G 108 37.65 30.02 -75.78
N LEU G 109 38.79 29.37 -75.64
CA LEU G 109 38.94 27.95 -75.89
C LEU G 109 38.79 27.15 -74.61
N PRO G 110 38.47 25.86 -74.71
CA PRO G 110 38.58 24.99 -73.54
C PRO G 110 40.04 24.72 -73.25
N GLN G 111 40.32 24.43 -71.97
CA GLN G 111 41.69 24.18 -71.53
C GLN G 111 42.38 23.16 -72.43
N ALA G 112 41.64 22.16 -72.92
CA ALA G 112 42.19 21.14 -73.79
C ALA G 112 42.90 21.73 -75.01
N ALA G 113 42.37 22.81 -75.57
CA ALA G 113 42.84 23.33 -76.85
C ALA G 113 43.82 24.49 -76.73
N LYS G 114 44.12 24.95 -75.52
CA LYS G 114 44.94 26.14 -75.35
C LYS G 114 46.41 25.87 -75.71
N GLU G 115 47.10 26.95 -76.10
CA GLU G 115 48.53 26.90 -76.39
C GLU G 115 49.39 26.98 -75.14
N GLY G 116 48.84 27.45 -74.02
CA GLY G 116 49.59 27.52 -72.79
C GLY G 116 50.39 28.80 -72.60
N HIS G 117 50.00 29.90 -73.26
CA HIS G 117 50.66 31.17 -73.05
C HIS G 117 50.77 31.58 -71.58
N GLU G 118 49.80 31.20 -70.74
CA GLU G 118 49.92 31.51 -69.32
C GLU G 118 51.21 30.99 -68.69
N ILE G 119 51.72 29.85 -69.19
CA ILE G 119 53.01 29.36 -68.72
C ILE G 119 54.06 30.46 -68.80
N ASP G 120 54.02 31.26 -69.87
CA ASP G 120 54.95 32.38 -69.99
C ASP G 120 54.80 33.35 -68.83
N GLN G 121 53.57 33.55 -68.33
CA GLN G 121 53.37 34.35 -67.14
C GLN G 121 53.95 33.66 -65.90
N GLY G 122 53.80 32.34 -65.80
CA GLY G 122 54.47 31.60 -64.75
C GLY G 122 55.98 31.80 -64.72
N ILE G 123 56.61 31.76 -65.89
CA ILE G 123 58.06 31.98 -65.98
C ILE G 123 58.42 33.39 -65.52
N PHE G 124 57.65 34.37 -65.98
CA PHE G 124 57.88 35.76 -65.58
C PHE G 124 57.69 35.94 -64.08
N LEU G 125 56.54 35.52 -63.56
CA LEU G 125 56.25 35.71 -62.14
C LEU G 125 57.21 34.94 -61.24
N ARG G 126 57.66 33.76 -61.65
CA ARG G 126 58.68 33.05 -60.89
C ARG G 126 59.97 33.87 -60.80
N ALA G 127 60.45 34.35 -61.94
CA ALA G 127 61.71 35.09 -61.97
C ALA G 127 61.60 36.39 -61.18
N VAL G 128 60.45 37.06 -61.24
CA VAL G 128 60.25 38.29 -60.48
C VAL G 128 60.32 37.98 -58.99
N LEU G 129 59.54 36.99 -58.54
CA LEU G 129 59.51 36.64 -57.13
C LEU G 129 60.84 36.09 -56.63
N ARG G 130 61.66 35.51 -57.51
CA ARG G 130 62.98 35.05 -57.09
C ARG G 130 63.93 36.20 -56.76
N SER G 131 63.70 37.39 -57.31
CA SER G 131 64.63 38.51 -57.09
C SER G 131 64.49 39.07 -55.68
N PRO G 132 65.60 39.20 -54.94
CA PRO G 132 65.51 39.79 -53.59
C PRO G 132 65.05 41.24 -53.58
N LEU G 133 65.15 41.95 -54.71
CA LEU G 133 64.69 43.33 -54.82
C LEU G 133 63.30 43.45 -55.43
N ALA G 134 63.06 42.75 -56.54
CA ALA G 134 61.76 42.83 -57.21
C ALA G 134 60.70 42.05 -56.45
N GLY G 135 61.06 40.88 -55.94
CA GLY G 135 60.17 40.02 -55.19
C GLY G 135 59.43 40.70 -54.06
N PRO G 136 60.15 41.14 -53.03
CA PRO G 136 59.49 41.79 -51.89
C PRO G 136 58.66 43.01 -52.26
N HIS G 137 59.08 43.75 -53.29
CA HIS G 137 58.31 44.90 -53.76
C HIS G 137 56.96 44.48 -54.32
N LEU G 138 56.96 43.42 -55.15
CA LEU G 138 55.71 42.93 -55.72
C LEU G 138 54.78 42.41 -54.63
N LEU G 139 55.33 41.72 -53.63
CA LEU G 139 54.49 41.23 -52.54
C LEU G 139 53.88 42.39 -51.76
N ASP G 140 54.61 43.51 -51.66
CA ASP G 140 54.04 44.71 -51.03
C ASP G 140 52.91 45.30 -51.87
N ALA G 141 53.14 45.45 -53.18
CA ALA G 141 52.10 45.95 -54.08
C ALA G 141 50.78 45.22 -53.88
N MET G 142 50.86 43.89 -53.74
CA MET G 142 49.68 43.05 -53.57
C MET G 142 49.05 43.17 -52.19
N LEU G 143 49.80 43.68 -51.21
CA LEU G 143 49.26 43.90 -49.87
C LEU G 143 48.54 45.23 -49.73
N ARG G 144 48.70 46.13 -50.69
CA ARG G 144 47.99 47.40 -50.66
C ARG G 144 46.51 47.19 -50.92
N PRO G 145 45.66 48.08 -50.43
CA PRO G 145 44.21 47.95 -50.70
C PRO G 145 43.87 48.03 -52.18
N THR G 146 42.87 47.25 -52.57
CA THR G 146 42.31 47.34 -53.92
C THR G 146 41.54 48.65 -54.12
N PRO G 147 41.55 49.20 -55.34
CA PRO G 147 40.70 50.37 -55.63
C PRO G 147 39.23 50.13 -55.32
N ARG G 148 38.72 48.94 -55.67
CA ARG G 148 37.31 48.63 -55.41
C ARG G 148 36.97 48.78 -53.93
N ALA G 149 37.86 48.34 -53.04
CA ALA G 149 37.57 48.44 -51.62
C ALA G 149 37.63 49.89 -51.17
N LEU G 150 38.64 50.63 -51.63
CA LEU G 150 38.74 52.06 -51.30
C LEU G 150 37.50 52.79 -51.78
N GLU G 151 37.00 52.39 -52.94
CA GLU G 151 35.77 52.92 -53.50
C GLU G 151 34.60 52.75 -52.53
N LEU G 152 34.46 51.53 -51.99
CA LEU G 152 33.31 51.14 -51.17
C LEU G 152 33.52 51.43 -49.69
N LEU G 153 34.68 51.95 -49.29
CA LEU G 153 34.94 52.14 -47.87
C LEU G 153 34.01 53.17 -47.24
N PRO G 154 33.84 54.39 -47.77
CA PRO G 154 32.86 55.31 -47.17
C PRO G 154 31.46 54.71 -46.99
N GLU G 155 30.87 54.15 -48.05
CA GLU G 155 29.53 53.59 -47.89
C GLU G 155 29.50 52.46 -46.88
N PHE G 156 30.59 51.69 -46.76
CA PHE G 156 30.61 50.60 -45.78
C PHE G 156 30.75 51.14 -44.36
N VAL G 157 31.54 52.20 -44.16
CA VAL G 157 31.63 52.83 -42.85
C VAL G 157 30.26 53.30 -42.38
N ARG G 158 29.43 53.77 -43.31
CA ARG G 158 28.12 54.29 -42.96
C ARG G 158 27.12 53.17 -42.72
N THR G 159 27.09 52.18 -43.61
CA THR G 159 26.09 51.13 -43.65
C THR G 159 26.43 49.92 -42.80
N GLY G 160 27.71 49.56 -42.70
CA GLY G 160 28.08 48.32 -42.06
C GLY G 160 27.66 47.08 -42.82
N GLU G 161 27.45 47.21 -44.13
CA GLU G 161 26.95 46.08 -44.91
C GLU G 161 27.32 46.29 -46.37
N VAL G 162 27.79 45.22 -47.00
CA VAL G 162 28.04 45.19 -48.44
C VAL G 162 27.67 43.80 -48.93
N GLU G 163 26.82 43.73 -49.93
CA GLU G 163 26.47 42.47 -50.56
C GLU G 163 27.15 42.40 -51.92
N MET G 164 27.93 41.34 -52.12
CA MET G 164 28.60 41.06 -53.38
C MET G 164 28.14 39.70 -53.88
N GLU G 165 28.55 39.36 -55.10
CA GLU G 165 28.09 38.11 -55.71
C GLU G 165 28.48 36.91 -54.87
N ALA G 166 29.74 36.87 -54.42
CA ALA G 166 30.27 35.70 -53.73
C ALA G 166 30.47 35.91 -52.24
N VAL G 167 30.34 37.13 -51.72
CA VAL G 167 30.61 37.40 -50.32
C VAL G 167 29.63 38.45 -49.81
N HIS G 168 28.98 38.15 -48.68
CA HIS G 168 28.19 39.13 -47.96
C HIS G 168 28.96 39.54 -46.71
N LEU G 169 29.26 40.83 -46.60
CA LEU G 169 30.04 41.39 -45.52
C LEU G 169 29.17 42.25 -44.62
N GLU G 170 29.34 42.08 -43.31
CA GLU G 170 28.55 42.83 -42.34
C GLU G 170 29.41 43.14 -41.13
N ARG G 171 29.51 44.42 -40.79
CA ARG G 171 30.08 44.84 -39.52
C ARG G 171 29.01 44.80 -38.44
N ARG G 172 29.31 44.11 -37.34
CA ARG G 172 28.38 43.96 -36.23
C ARG G 172 29.16 43.62 -34.98
N ASP G 173 28.94 44.39 -33.92
CA ASP G 173 29.60 44.17 -32.62
C ASP G 173 31.12 44.19 -32.76
N GLY G 174 31.64 45.02 -33.65
CA GLY G 174 33.07 45.09 -33.85
C GLY G 174 33.67 43.92 -34.59
N VAL G 175 32.85 43.14 -35.28
CA VAL G 175 33.28 41.92 -35.97
C VAL G 175 32.97 42.09 -37.45
N ALA G 176 33.97 41.88 -38.29
CA ALA G 176 33.77 41.82 -39.74
C ALA G 176 33.27 40.44 -40.11
N ARG G 177 31.97 40.34 -40.41
CA ARG G 177 31.34 39.06 -40.73
C ARG G 177 31.34 38.86 -42.24
N LEU G 178 32.33 38.14 -42.74
CA LEU G 178 32.34 37.70 -44.14
C LEU G 178 31.57 36.40 -44.27
N THR G 179 30.59 36.37 -45.16
CA THR G 179 29.77 35.19 -45.41
C THR G 179 29.92 34.80 -46.87
N MET G 180 30.50 33.64 -47.13
CA MET G 180 30.62 33.11 -48.48
C MET G 180 29.26 32.58 -48.91
N CYS G 181 28.64 33.21 -49.90
CA CYS G 181 27.21 33.01 -50.14
C CYS G 181 26.92 32.66 -51.60
N ARG G 182 27.65 31.71 -52.17
CA ARG G 182 27.22 31.11 -53.43
C ARG G 182 26.39 29.86 -53.13
N ASP G 183 25.16 30.13 -52.68
CA ASP G 183 24.22 29.12 -52.23
C ASP G 183 23.98 28.00 -53.24
N ASP G 184 24.25 28.22 -54.53
CA ASP G 184 23.91 27.21 -55.53
C ASP G 184 25.04 26.21 -55.79
N ARG G 185 26.26 26.46 -55.32
CA ARG G 185 27.39 25.64 -55.76
C ARG G 185 28.37 25.29 -54.65
N LEU G 186 27.93 25.36 -53.39
CA LEU G 186 28.75 25.00 -52.24
C LEU G 186 30.01 25.88 -52.18
N ASN G 187 29.84 27.16 -52.57
CA ASN G 187 30.90 28.17 -52.51
C ASN G 187 32.12 27.80 -53.34
N ALA G 188 31.92 27.13 -54.47
CA ALA G 188 33.03 26.82 -55.37
C ALA G 188 33.66 28.12 -55.88
N GLU G 189 34.99 28.13 -55.93
CA GLU G 189 35.75 29.37 -56.13
C GLU G 189 35.96 29.70 -57.60
N ASP G 190 35.97 30.99 -57.91
CA ASP G 190 36.27 31.49 -59.24
C ASP G 190 36.89 32.87 -59.12
N GLY G 191 37.22 33.46 -60.27
CA GLY G 191 37.86 34.76 -60.28
C GLY G 191 37.06 35.84 -59.58
N GLN G 192 35.73 35.77 -59.70
CA GLN G 192 34.87 36.73 -59.02
C GLN G 192 34.96 36.58 -57.51
N GLN G 193 34.90 35.33 -57.02
CA GLN G 193 35.03 35.09 -55.57
C GLN G 193 36.32 35.68 -55.02
N VAL G 194 37.43 35.55 -55.75
CA VAL G 194 38.70 36.14 -55.28
C VAL G 194 38.60 37.66 -55.24
N ASP G 195 37.97 38.27 -56.26
CA ASP G 195 37.79 39.72 -56.24
C ASP G 195 36.95 40.14 -55.05
N ASP G 196 35.90 39.37 -54.75
CA ASP G 196 34.99 39.70 -53.65
C ASP G 196 35.65 39.44 -52.30
N MET G 197 36.39 38.34 -52.16
CA MET G 197 37.09 38.06 -50.92
C MET G 197 38.09 39.15 -50.59
N GLU G 198 38.95 39.50 -51.54
CA GLU G 198 39.95 40.52 -51.30
C GLU G 198 39.30 41.86 -50.97
N THR G 199 38.23 42.22 -51.69
CA THR G 199 37.52 43.46 -51.40
C THR G 199 36.98 43.47 -49.97
N ALA G 200 36.36 42.38 -49.55
CA ALA G 200 35.81 42.31 -48.20
C ALA G 200 36.92 42.38 -47.14
N VAL G 201 37.98 41.59 -47.31
CA VAL G 201 39.10 41.62 -46.37
C VAL G 201 39.68 43.03 -46.28
N ASP G 202 39.92 43.67 -47.43
CA ASP G 202 40.40 45.05 -47.42
C ASP G 202 39.48 45.96 -46.62
N LEU G 203 38.17 45.87 -46.85
CA LEU G 203 37.23 46.72 -46.11
C LEU G 203 37.30 46.44 -44.61
N ALA G 204 37.34 45.16 -44.25
CA ALA G 204 37.46 44.77 -42.84
C ALA G 204 38.71 45.36 -42.20
N LEU G 205 39.84 45.34 -42.92
CA LEU G 205 41.08 45.83 -42.35
C LEU G 205 41.08 47.35 -42.25
N LEU G 206 40.55 48.03 -43.27
CA LEU G 206 40.52 49.50 -43.28
C LEU G 206 39.39 50.10 -42.44
N ASP G 207 38.36 49.33 -42.08
CA ASP G 207 37.24 49.86 -41.30
C ASP G 207 37.65 50.03 -39.85
N PRO G 208 37.68 51.26 -39.33
CA PRO G 208 38.10 51.46 -37.93
C PRO G 208 37.15 50.87 -36.91
N GLY G 209 35.91 50.56 -37.29
CA GLY G 209 34.96 49.93 -36.39
C GLY G 209 35.05 48.43 -36.30
N VAL G 210 36.02 47.81 -36.97
CA VAL G 210 36.19 46.37 -36.98
C VAL G 210 37.42 45.99 -36.17
N ARG G 211 37.25 45.04 -35.26
CA ARG G 211 38.33 44.56 -34.40
C ARG G 211 38.71 43.12 -34.69
N VAL G 212 37.75 42.28 -35.07
CA VAL G 212 37.99 40.88 -35.42
C VAL G 212 37.28 40.62 -36.74
N GLY G 213 37.84 39.70 -37.51
CA GLY G 213 37.18 39.21 -38.70
C GLY G 213 36.62 37.82 -38.46
N LEU G 214 35.64 37.45 -39.27
CA LEU G 214 35.00 36.15 -39.16
C LEU G 214 34.69 35.65 -40.56
N LEU G 215 35.13 34.43 -40.88
CA LEU G 215 34.81 33.80 -42.15
C LEU G 215 33.99 32.55 -41.91
N ARG G 216 32.85 32.47 -42.58
CA ARG G 216 31.91 31.38 -42.38
C ARG G 216 31.11 31.22 -43.66
N GLY G 217 30.61 30.01 -43.89
CA GLY G 217 29.80 29.74 -45.05
C GLY G 217 28.32 29.98 -44.78
N GLY G 218 27.64 30.54 -45.77
CA GLY G 218 26.24 30.84 -45.63
C GLY G 218 25.37 29.65 -45.98
N VAL G 219 24.08 29.80 -45.72
CA VAL G 219 23.14 28.72 -45.97
C VAL G 219 23.02 28.47 -47.47
N MET G 220 22.90 27.20 -47.84
CA MET G 220 22.86 26.75 -49.22
C MET G 220 21.43 26.56 -49.68
N SER G 221 21.22 26.69 -51.00
CA SER G 221 19.91 26.54 -51.61
C SER G 221 19.80 25.30 -52.48
N HIS G 222 20.92 24.76 -52.94
CA HIS G 222 20.91 23.53 -53.71
C HIS G 222 20.12 22.46 -52.95
N PRO G 223 19.27 21.69 -53.63
CA PRO G 223 18.35 20.78 -52.90
C PRO G 223 19.04 19.83 -51.95
N ARG G 224 20.27 19.42 -52.24
CA ARG G 224 20.96 18.46 -51.37
C ARG G 224 21.45 19.08 -50.09
N TYR G 225 21.61 20.40 -50.04
CA TYR G 225 22.07 21.07 -48.82
C TYR G 225 21.16 22.21 -48.41
N ARG G 226 19.90 22.19 -48.86
CA ARG G 226 19.00 23.31 -48.60
C ARG G 226 18.78 23.47 -47.10
N GLY G 227 18.97 24.69 -46.62
CA GLY G 227 18.89 25.00 -45.21
C GLY G 227 20.17 24.74 -44.43
N LYS G 228 21.22 24.23 -45.07
CA LYS G 228 22.45 23.87 -44.39
C LYS G 228 23.58 24.78 -44.86
N ARG G 229 24.39 25.26 -43.91
CA ARG G 229 25.59 26.02 -44.23
C ARG G 229 26.69 25.09 -44.72
N VAL G 230 27.51 25.61 -45.63
CA VAL G 230 28.68 24.91 -46.14
C VAL G 230 29.81 25.91 -46.33
N PHE G 231 31.01 25.57 -45.84
CA PHE G 231 32.14 26.48 -45.87
C PHE G 231 32.65 26.64 -47.30
N SER G 232 33.27 25.60 -47.86
CA SER G 232 33.79 25.70 -49.22
C SER G 232 33.95 24.31 -49.83
N ALA G 233 33.65 24.21 -51.12
CA ALA G 233 33.87 23.00 -51.91
C ALA G 233 35.05 23.15 -52.87
N GLY G 234 35.91 24.14 -52.64
CA GLY G 234 37.13 24.26 -53.39
C GLY G 234 36.91 24.94 -54.73
N ILE G 235 37.96 24.86 -55.57
CA ILE G 235 37.94 25.55 -56.86
C ILE G 235 36.77 25.02 -57.70
N ASN G 236 36.20 25.91 -58.51
CA ASN G 236 35.15 25.50 -59.44
C ASN G 236 35.76 24.60 -60.52
N LEU G 237 35.49 23.30 -60.42
CA LEU G 237 36.04 22.35 -61.38
C LEU G 237 35.45 22.54 -62.77
N LYS G 238 34.15 22.89 -62.84
CA LYS G 238 33.54 23.20 -64.12
C LYS G 238 34.27 24.32 -64.84
N TYR G 239 34.51 25.44 -64.14
CA TYR G 239 35.21 26.57 -64.74
C TYR G 239 36.63 26.19 -65.15
N LEU G 240 37.34 25.47 -64.29
CA LEU G 240 38.70 25.01 -64.60
C LEU G 240 38.73 24.25 -65.93
N SER G 241 37.79 23.32 -66.12
CA SER G 241 37.73 22.59 -67.38
C SER G 241 37.43 23.50 -68.56
N GLN G 242 36.47 24.41 -68.40
CA GLN G 242 36.09 25.30 -69.49
C GLN G 242 37.13 26.37 -69.81
N GLY G 243 38.20 26.48 -69.02
CA GLY G 243 39.24 27.46 -69.28
C GLY G 243 39.06 28.78 -68.58
N GLY G 244 38.16 28.87 -67.60
CA GLY G 244 37.83 30.10 -66.93
C GLY G 244 38.61 30.39 -65.66
N ILE G 245 39.60 29.58 -65.31
CA ILE G 245 40.39 29.77 -64.09
C ILE G 245 41.73 30.38 -64.49
N SER G 246 41.96 31.62 -64.08
CA SER G 246 43.18 32.35 -64.45
C SER G 246 44.33 32.00 -63.51
N LEU G 247 45.49 31.66 -64.09
CA LEU G 247 46.70 31.52 -63.29
C LEU G 247 46.97 32.80 -62.49
N VAL G 248 46.92 33.95 -63.16
CA VAL G 248 47.26 35.21 -62.50
C VAL G 248 46.08 35.74 -61.70
N ASP G 249 44.91 35.86 -62.33
CA ASP G 249 43.79 36.52 -61.66
C ASP G 249 43.09 35.64 -60.64
N PHE G 250 43.41 34.35 -60.57
CA PHE G 250 42.89 33.49 -59.51
C PHE G 250 44.02 32.80 -58.76
N LEU G 251 44.78 31.91 -59.42
CA LEU G 251 45.72 31.07 -58.69
C LEU G 251 46.78 31.89 -57.98
N MET G 252 47.31 32.92 -58.64
CA MET G 252 48.31 33.76 -58.01
C MET G 252 47.67 34.91 -57.24
N ARG G 253 46.59 35.48 -57.79
CA ARG G 253 45.94 36.61 -57.12
C ARG G 253 45.50 36.26 -55.71
N ARG G 254 44.89 35.09 -55.53
CA ARG G 254 44.35 34.76 -54.20
C ARG G 254 45.45 34.56 -53.18
N GLU G 255 46.59 34.00 -53.59
CA GLU G 255 47.66 33.72 -52.63
C GLU G 255 48.38 34.99 -52.21
N LEU G 256 48.63 35.90 -53.16
CA LEU G 256 49.36 37.13 -52.88
C LEU G 256 48.46 38.26 -52.37
N GLY G 257 47.15 38.17 -52.63
CA GLY G 257 46.23 39.20 -52.21
C GLY G 257 45.61 38.92 -50.87
N TYR G 258 44.39 38.40 -50.86
CA TYR G 258 43.61 38.38 -49.62
C TYR G 258 44.15 37.37 -48.62
N ILE G 259 44.61 36.21 -49.10
CA ILE G 259 45.14 35.19 -48.19
C ILE G 259 46.38 35.71 -47.47
N HIS G 260 47.25 36.43 -48.18
CA HIS G 260 48.43 37.00 -47.51
C HIS G 260 48.03 38.16 -46.62
N LYS G 261 46.93 38.85 -46.93
CA LYS G 261 46.45 39.95 -46.09
C LYS G 261 45.85 39.43 -44.80
N LEU G 262 45.28 38.22 -44.83
CA LEU G 262 44.89 37.58 -43.58
C LEU G 262 46.10 37.40 -42.67
N VAL G 263 47.26 37.10 -43.25
CA VAL G 263 48.47 36.94 -42.46
C VAL G 263 48.99 38.31 -42.05
N ARG G 264 49.41 39.11 -43.03
CA ARG G 264 50.24 40.28 -42.79
C ARG G 264 49.50 41.60 -42.78
N GLY G 265 48.24 41.63 -43.19
CA GLY G 265 47.48 42.87 -43.18
C GLY G 265 47.65 43.68 -44.45
N VAL G 266 47.00 44.86 -44.48
CA VAL G 266 47.06 45.76 -45.62
C VAL G 266 48.14 46.80 -45.43
N LEU G 267 48.92 47.02 -46.49
CA LEU G 267 49.96 48.04 -46.52
C LEU G 267 49.37 49.40 -46.89
N THR G 268 49.42 50.36 -45.97
CA THR G 268 48.92 51.70 -46.22
C THR G 268 50.07 52.61 -46.68
N ASN G 269 49.72 53.86 -47.00
CA ASN G 269 50.65 54.83 -47.56
C ASN G 269 51.68 55.34 -46.56
N ASP G 270 51.24 56.23 -45.66
CA ASP G 270 51.98 56.83 -44.55
C ASP G 270 51.12 58.00 -44.08
N ASP G 271 49.90 57.67 -43.65
CA ASP G 271 48.84 58.66 -43.47
C ASP G 271 48.20 58.56 -42.09
N ARG G 272 48.99 58.28 -41.06
CA ARG G 272 48.48 58.13 -39.71
C ARG G 272 49.65 57.99 -38.76
N PRO G 273 49.47 58.25 -37.47
CA PRO G 273 50.50 57.90 -36.50
C PRO G 273 50.67 56.39 -36.41
N GLY G 274 51.84 55.97 -35.94
CA GLY G 274 52.18 54.57 -35.86
C GLY G 274 52.86 54.00 -37.08
N TRP G 275 52.52 54.46 -38.29
CA TRP G 275 53.03 53.88 -39.53
C TRP G 275 54.52 53.59 -39.49
N TRP G 276 55.31 54.35 -38.71
CA TRP G 276 56.73 54.04 -38.59
C TRP G 276 56.96 52.67 -37.95
N HIS G 277 56.12 52.28 -36.99
CA HIS G 277 56.25 50.95 -36.40
C HIS G 277 55.28 49.93 -36.96
N SER G 278 54.13 50.34 -37.49
CA SER G 278 53.14 49.42 -38.06
C SER G 278 52.65 49.94 -39.41
N PRO G 279 53.46 49.79 -40.48
CA PRO G 279 53.00 50.20 -41.82
C PRO G 279 51.81 49.41 -42.35
N ARG G 280 51.50 48.24 -41.81
CA ARG G 280 50.36 47.44 -42.25
C ARG G 280 49.30 47.40 -41.17
N ILE G 281 48.03 47.46 -41.59
CA ILE G 281 46.90 47.26 -40.68
C ILE G 281 46.52 45.78 -40.74
N GLU G 282 46.67 45.08 -39.63
CA GLU G 282 46.30 43.67 -39.55
C GLU G 282 45.41 43.47 -38.34
N LYS G 283 44.53 42.48 -38.45
CA LYS G 283 43.55 42.14 -37.44
C LYS G 283 43.47 40.62 -37.32
N PRO G 284 42.93 40.11 -36.22
CA PRO G 284 42.80 38.66 -36.07
C PRO G 284 41.58 38.13 -36.82
N TRP G 285 41.68 36.87 -37.26
CA TRP G 285 40.66 36.27 -38.09
C TRP G 285 40.22 34.93 -37.52
N VAL G 286 38.91 34.68 -37.56
CA VAL G 286 38.31 33.45 -37.09
C VAL G 286 37.58 32.79 -38.26
N ALA G 287 37.77 31.48 -38.40
CA ALA G 287 37.09 30.71 -39.44
C ALA G 287 36.20 29.67 -38.78
N ALA G 288 35.01 29.49 -39.35
CA ALA G 288 34.01 28.57 -38.82
C ALA G 288 33.55 27.67 -39.95
N VAL G 289 33.78 26.36 -39.81
CA VAL G 289 33.57 25.41 -40.88
C VAL G 289 32.28 24.65 -40.61
N ASP G 290 31.27 24.93 -41.43
CA ASP G 290 30.06 24.13 -41.47
C ASP G 290 30.16 23.17 -42.66
N GLY G 291 29.74 21.92 -42.46
CA GLY G 291 29.69 20.98 -43.56
C GLY G 291 31.02 20.33 -43.90
N PHE G 292 31.92 21.09 -44.55
CA PHE G 292 33.24 20.60 -44.93
C PHE G 292 34.04 21.76 -45.53
N ALA G 293 35.37 21.60 -45.50
CA ALA G 293 36.29 22.51 -46.17
C ALA G 293 37.20 21.71 -47.10
N ILE G 294 36.99 21.86 -48.40
CA ILE G 294 37.72 21.09 -49.41
C ILE G 294 38.62 22.00 -50.22
N GLY G 295 39.84 21.53 -50.51
CA GLY G 295 40.70 22.24 -51.44
C GLY G 295 41.07 23.61 -50.94
N GLY G 296 40.79 24.61 -51.76
CA GLY G 296 41.06 25.99 -51.39
C GLY G 296 40.36 26.42 -50.12
N GLY G 297 39.22 25.80 -49.79
CA GLY G 297 38.58 26.07 -48.52
C GLY G 297 39.42 25.61 -47.34
N ALA G 298 39.99 24.40 -47.44
CA ALA G 298 40.89 23.91 -46.40
C ALA G 298 42.17 24.73 -46.36
N GLN G 299 42.66 25.15 -47.52
CA GLN G 299 43.85 25.99 -47.58
C GLN G 299 43.71 27.22 -46.70
N LEU G 300 42.52 27.84 -46.71
CA LEU G 300 42.32 29.05 -45.92
C LEU G 300 42.51 28.82 -44.42
N LEU G 301 42.11 27.64 -43.94
CA LEU G 301 42.21 27.35 -42.51
C LEU G 301 43.63 27.45 -41.96
N LEU G 302 44.65 27.36 -42.82
CA LEU G 302 46.04 27.36 -42.37
C LEU G 302 46.57 28.74 -42.02
N VAL G 303 45.71 29.76 -42.00
CA VAL G 303 46.17 31.14 -41.92
C VAL G 303 45.38 31.96 -40.89
N PHE G 304 44.38 31.38 -40.26
CA PHE G 304 43.54 32.04 -39.28
C PHE G 304 44.15 31.93 -37.89
N ASP G 305 43.62 32.73 -36.96
CA ASP G 305 44.05 32.72 -35.57
C ASP G 305 43.18 31.83 -34.70
N ARG G 306 41.98 31.49 -35.15
CA ARG G 306 41.12 30.57 -34.43
C ARG G 306 40.28 29.84 -35.49
N VAL G 307 40.12 28.54 -35.30
CA VAL G 307 39.33 27.73 -36.24
C VAL G 307 38.33 26.93 -35.42
N LEU G 308 37.06 27.03 -35.82
CA LEU G 308 35.98 26.27 -35.22
C LEU G 308 35.31 25.46 -36.32
N ALA G 309 34.74 24.32 -35.95
CA ALA G 309 34.10 23.45 -36.93
C ALA G 309 33.06 22.62 -36.20
N SER G 310 31.98 22.32 -36.91
CA SER G 310 30.94 21.49 -36.32
C SER G 310 31.37 20.03 -36.39
N SER G 311 30.87 19.24 -35.44
CA SER G 311 31.27 17.86 -35.29
C SER G 311 31.17 17.03 -36.58
N ASP G 312 30.29 17.41 -37.51
CA ASP G 312 30.05 16.61 -38.71
C ASP G 312 30.87 17.06 -39.91
N ALA G 313 31.85 17.96 -39.73
CA ALA G 313 32.60 18.51 -40.84
C ALA G 313 33.83 17.66 -41.14
N TYR G 314 34.42 17.90 -42.31
CA TYR G 314 35.64 17.20 -42.70
C TYR G 314 36.53 18.15 -43.49
N PHE G 315 37.82 17.78 -43.57
CA PHE G 315 38.83 18.57 -44.27
C PHE G 315 39.66 17.68 -45.20
N SER G 316 39.86 18.15 -46.43
CA SER G 316 40.64 17.42 -47.42
C SER G 316 41.24 18.39 -48.43
N LEU G 317 42.29 17.92 -49.12
CA LEU G 317 42.96 18.66 -50.19
C LEU G 317 43.11 17.68 -51.35
N PRO G 318 42.06 17.54 -52.19
CA PRO G 318 42.06 16.45 -53.19
C PRO G 318 42.55 16.80 -54.58
N ALA G 319 43.83 17.09 -54.72
CA ALA G 319 44.40 17.18 -56.07
C ALA G 319 45.26 15.95 -56.37
N GLY G 323 45.63 16.96 -62.06
CA GLY G 323 45.99 17.31 -60.70
C GLY G 323 46.88 18.53 -60.62
N ILE G 324 46.57 19.42 -59.68
CA ILE G 324 47.35 20.63 -59.50
C ILE G 324 47.76 20.81 -58.04
N ILE G 325 48.64 21.76 -57.78
CA ILE G 325 49.11 22.02 -56.42
C ILE G 325 48.03 22.72 -55.60
N PRO G 326 47.91 22.31 -54.27
CA PRO G 326 46.87 23.00 -53.52
C PRO G 326 47.33 24.33 -52.93
N GLY G 327 47.42 25.35 -53.79
CA GLY G 327 47.84 26.68 -53.37
C GLY G 327 49.11 26.65 -52.53
N ALA G 328 49.05 27.32 -51.38
CA ALA G 328 50.18 27.40 -50.45
C ALA G 328 50.11 26.35 -49.34
N ALA G 329 49.19 25.39 -49.44
CA ALA G 329 49.11 24.31 -48.45
C ALA G 329 50.42 23.52 -48.36
N ASN G 330 51.12 23.34 -49.48
CA ASN G 330 52.40 22.65 -49.45
C ASN G 330 53.43 23.40 -48.62
N LEU G 331 53.29 24.73 -48.55
CA LEU G 331 54.17 25.53 -47.70
C LEU G 331 53.81 25.39 -46.22
N ARG G 332 52.52 25.32 -45.91
CA ARG G 332 52.04 25.57 -44.56
C ARG G 332 51.64 24.30 -43.81
N LEU G 333 51.14 23.26 -44.49
CA LEU G 333 50.59 22.11 -43.78
C LEU G 333 51.62 21.42 -42.90
N GLY G 334 52.87 21.31 -43.36
CA GLY G 334 53.87 20.57 -42.59
C GLY G 334 54.08 21.13 -41.20
N ARG G 335 53.93 22.44 -41.06
CA ARG G 335 54.09 23.11 -39.78
C ARG G 335 52.93 22.82 -38.86
N PHE G 336 51.75 22.51 -39.43
CA PHE G 336 50.58 22.10 -38.65
C PHE G 336 50.57 20.62 -38.30
N ALA G 337 51.00 19.75 -39.23
CA ALA G 337 50.74 18.33 -39.12
C ALA G 337 51.97 17.43 -39.25
N GLY G 338 53.14 17.99 -39.54
CA GLY G 338 54.33 17.20 -39.74
C GLY G 338 54.40 16.59 -41.13
N PRO G 339 55.54 15.97 -41.46
CA PRO G 339 55.75 15.55 -42.86
C PRO G 339 54.91 14.37 -43.29
N ARG G 340 54.58 13.48 -42.36
CA ARG G 340 53.85 12.27 -42.74
C ARG G 340 52.41 12.60 -43.12
N VAL G 341 51.67 13.23 -42.21
CA VAL G 341 50.26 13.53 -42.46
C VAL G 341 50.09 14.49 -43.63
N SER G 342 50.99 15.46 -43.78
CA SER G 342 50.81 16.43 -44.85
C SER G 342 50.93 15.78 -46.22
N ARG G 343 51.84 14.80 -46.35
CA ARG G 343 51.87 13.99 -47.55
C ARG G 343 50.66 13.07 -47.62
N GLN G 344 50.18 12.58 -46.47
CA GLN G 344 48.98 11.77 -46.46
C GLN G 344 47.80 12.55 -47.04
N VAL G 345 47.65 13.81 -46.63
CA VAL G 345 46.54 14.64 -47.11
C VAL G 345 46.77 15.04 -48.56
N ILE G 346 47.98 15.49 -48.89
CA ILE G 346 48.24 16.09 -50.20
C ILE G 346 48.58 15.02 -51.24
N LEU G 347 49.57 14.18 -50.97
CA LEU G 347 49.96 13.18 -51.97
C LEU G 347 48.90 12.10 -52.13
N GLU G 348 48.18 11.76 -51.07
CA GLU G 348 47.29 10.61 -51.10
C GLU G 348 45.85 10.96 -50.77
N GLY G 349 45.50 12.25 -50.72
CA GLY G 349 44.12 12.64 -50.60
C GLY G 349 43.44 12.18 -49.32
N ARG G 350 44.21 11.96 -48.25
CA ARG G 350 43.59 11.63 -46.97
C ARG G 350 42.62 12.72 -46.54
N ARG G 351 41.49 12.29 -45.98
CA ARG G 351 40.44 13.18 -45.49
C ARG G 351 40.43 13.14 -43.97
N ILE G 352 40.33 14.31 -43.35
CA ILE G 352 40.38 14.43 -41.90
C ILE G 352 39.02 14.87 -41.41
N TRP G 353 38.46 14.16 -40.44
CA TRP G 353 37.14 14.39 -39.90
C TRP G 353 37.20 15.24 -38.65
N ALA G 354 36.19 16.11 -38.48
CA ALA G 354 36.17 17.06 -37.37
C ALA G 354 36.39 16.39 -36.03
N LYS G 355 35.86 15.18 -35.84
CA LYS G 355 35.93 14.50 -34.54
C LYS G 355 37.13 13.59 -34.37
N GLU G 356 37.98 13.46 -35.37
CA GLU G 356 39.06 12.56 -35.01
C GLU G 356 40.21 13.31 -34.36
N PRO G 357 40.98 12.64 -33.46
CA PRO G 357 42.07 13.30 -32.72
C PRO G 357 42.92 14.25 -33.55
N GLU G 358 43.35 13.82 -34.74
CA GLU G 358 44.23 14.64 -35.57
C GLU G 358 43.53 15.83 -36.20
N ALA G 359 42.20 15.94 -36.10
CA ALA G 359 41.56 17.18 -36.52
C ALA G 359 42.10 18.36 -35.72
N ARG G 360 42.52 18.11 -34.46
CA ARG G 360 43.05 19.17 -33.62
C ARG G 360 44.33 19.77 -34.19
N LEU G 361 44.94 19.14 -35.20
CA LEU G 361 46.05 19.76 -35.90
C LEU G 361 45.62 20.97 -36.72
N LEU G 362 44.35 21.01 -37.14
CA LEU G 362 43.83 22.12 -37.92
C LEU G 362 42.75 22.93 -37.21
N VAL G 363 42.16 22.39 -36.14
CA VAL G 363 40.92 22.94 -35.59
C VAL G 363 41.10 23.14 -34.10
N ASP G 364 40.69 24.31 -33.61
CA ASP G 364 40.83 24.63 -32.20
C ASP G 364 39.66 24.10 -31.39
N GLU G 365 38.45 24.22 -31.92
CA GLU G 365 37.26 23.72 -31.25
C GLU G 365 36.39 22.93 -32.21
N VAL G 366 35.87 21.81 -31.74
CA VAL G 366 34.90 21.01 -32.46
C VAL G 366 33.66 20.93 -31.59
N VAL G 367 32.54 21.46 -32.09
CA VAL G 367 31.36 21.68 -31.27
C VAL G 367 30.12 21.25 -32.06
N GLU G 368 29.14 20.71 -31.34
CA GLU G 368 27.90 20.24 -31.94
C GLU G 368 27.19 21.37 -32.69
N PRO G 369 26.46 21.04 -33.77
CA PRO G 369 25.76 22.08 -34.54
C PRO G 369 24.84 22.98 -33.72
N ASP G 370 24.09 22.44 -32.77
CA ASP G 370 23.20 23.30 -32.00
C ASP G 370 23.94 24.05 -30.90
N GLU G 371 25.26 23.87 -30.79
CA GLU G 371 26.09 24.64 -29.88
C GLU G 371 27.14 25.49 -30.61
N LEU G 372 27.14 25.46 -31.95
CA LEU G 372 28.22 26.09 -32.71
C LEU G 372 28.08 27.61 -32.73
N ASP G 373 26.87 28.11 -33.01
CA ASP G 373 26.66 29.56 -33.11
C ASP G 373 27.16 30.27 -31.85
N ALA G 374 26.83 29.73 -30.68
CA ALA G 374 27.24 30.38 -29.44
C ALA G 374 28.75 30.30 -29.25
N ALA G 375 29.37 29.18 -29.61
CA ALA G 375 30.82 29.06 -29.49
C ALA G 375 31.53 30.04 -30.40
N ILE G 376 31.00 30.24 -31.61
CA ILE G 376 31.55 31.22 -32.54
C ILE G 376 31.49 32.61 -31.93
N GLU G 377 30.33 32.99 -31.38
CA GLU G 377 30.16 34.30 -30.76
C GLU G 377 31.13 34.49 -29.60
N ARG G 378 31.24 33.49 -28.73
CA ARG G 378 32.18 33.56 -27.61
C ARG G 378 33.61 33.74 -28.09
N SER G 379 33.97 33.11 -29.22
CA SER G 379 35.35 33.21 -29.73
C SER G 379 35.67 34.62 -30.22
N LEU G 380 34.67 35.35 -30.69
CA LEU G 380 34.91 36.68 -31.25
C LEU G 380 35.25 37.71 -30.17
N THR G 381 34.95 37.41 -28.90
CA THR G 381 35.27 38.29 -27.79
C THR G 381 36.72 38.19 -27.30
N ARG G 382 37.42 37.11 -27.65
CA ARG G 382 38.66 36.76 -26.98
C ARG G 382 39.93 37.25 -27.69
N LEU G 383 39.82 38.08 -28.73
CA LEU G 383 41.00 38.51 -29.49
C LEU G 383 41.07 40.02 -29.70
N ASP G 384 40.63 40.83 -28.74
CA ASP G 384 40.47 42.27 -28.98
C ASP G 384 41.72 43.12 -28.76
N GLY G 385 42.64 42.71 -27.89
CA GLY G 385 43.79 43.54 -27.54
C GLY G 385 44.65 44.14 -28.63
N ASP G 386 45.40 45.23 -28.35
CA ASP G 386 46.60 45.49 -29.15
C ASP G 386 47.70 44.47 -28.88
N ALA G 387 47.70 43.86 -27.69
CA ALA G 387 48.69 42.84 -27.38
C ALA G 387 48.55 41.64 -28.32
N VAL G 388 47.30 41.25 -28.62
CA VAL G 388 47.08 40.18 -29.59
C VAL G 388 47.69 40.54 -30.95
N LEU G 389 47.51 41.78 -31.40
CA LEU G 389 48.05 42.18 -32.70
C LEU G 389 49.57 42.08 -32.74
N ALA G 390 50.24 42.50 -31.66
CA ALA G 390 51.69 42.37 -31.64
C ALA G 390 52.11 40.91 -31.59
N ASN G 391 51.36 40.10 -30.84
CA ASN G 391 51.71 38.69 -30.65
C ASN G 391 51.46 37.89 -31.92
N ARG G 392 50.30 38.09 -32.57
CA ARG G 392 50.09 37.40 -33.84
C ARG G 392 51.10 37.85 -34.90
N ARG G 393 51.56 39.10 -34.82
CA ARG G 393 52.59 39.57 -35.74
C ARG G 393 53.92 38.89 -35.46
N MET G 394 54.29 38.78 -34.19
CA MET G 394 55.52 38.08 -33.84
C MET G 394 55.42 36.60 -34.18
N LEU G 395 54.23 36.01 -34.01
CA LEU G 395 54.02 34.62 -34.37
C LEU G 395 54.21 34.37 -35.87
N ASN G 396 53.48 35.13 -36.70
CA ASN G 396 53.53 34.90 -38.15
C ASN G 396 54.94 35.07 -38.70
N LEU G 397 55.66 36.11 -38.25
CA LEU G 397 57.05 36.30 -38.69
C LEU G 397 57.90 35.06 -38.39
N ALA G 398 57.69 34.42 -37.25
CA ALA G 398 58.47 33.25 -36.90
C ALA G 398 58.02 32.02 -37.67
N ASP G 399 56.70 31.78 -37.76
CA ASP G 399 56.18 30.63 -38.51
C ASP G 399 56.63 30.67 -39.97
N GLU G 400 56.48 31.81 -40.61
CA GLU G 400 56.58 31.91 -42.06
C GLU G 400 57.29 33.21 -42.38
N SER G 401 58.55 33.12 -42.77
CA SER G 401 59.37 34.29 -43.03
C SER G 401 59.04 34.87 -44.39
N PRO G 402 59.36 36.15 -44.61
CA PRO G 402 59.23 36.70 -45.97
C PRO G 402 59.95 35.87 -47.01
N ASP G 403 61.19 35.47 -46.72
CA ASP G 403 61.96 34.64 -47.66
C ASP G 403 61.23 33.33 -47.95
N GLY G 404 60.77 32.66 -46.90
CA GLY G 404 60.08 31.38 -47.09
C GLY G 404 58.91 31.49 -48.04
N PHE G 405 58.03 32.44 -47.78
CA PHE G 405 56.84 32.65 -48.61
C PHE G 405 57.22 33.02 -50.03
N ARG G 406 58.16 33.96 -50.19
CA ARG G 406 58.52 34.44 -51.53
C ARG G 406 59.20 33.34 -52.35
N ALA G 407 60.16 32.63 -51.75
CA ALA G 407 60.80 31.52 -52.44
C ALA G 407 59.78 30.50 -52.91
N TYR G 408 58.81 30.17 -52.05
CA TYR G 408 57.79 29.20 -52.42
C TYR G 408 56.95 29.69 -53.60
N MET G 409 56.40 30.90 -53.48
CA MET G 409 55.47 31.38 -54.50
C MET G 409 56.15 31.52 -55.85
N ALA G 410 57.44 31.87 -55.86
CA ALA G 410 58.22 31.85 -57.09
C ALA G 410 58.10 30.50 -57.78
N GLU G 411 58.53 29.43 -57.11
CA GLU G 411 58.39 28.09 -57.65
C GLU G 411 56.93 27.74 -57.91
N PHE G 412 56.02 28.19 -57.04
CA PHE G 412 54.60 27.90 -57.25
C PHE G 412 54.12 28.45 -58.59
N ALA G 413 54.54 29.66 -58.93
CA ALA G 413 54.04 30.31 -60.14
C ALA G 413 54.30 29.47 -61.39
N LEU G 414 55.49 28.87 -61.50
CA LEU G 414 55.82 28.05 -62.65
C LEU G 414 55.30 26.61 -62.51
N MET G 415 55.56 25.97 -61.38
CA MET G 415 55.05 24.61 -61.17
C MET G 415 53.55 24.55 -61.38
N GLN G 416 52.82 25.51 -60.81
CA GLN G 416 51.37 25.53 -60.96
C GLN G 416 50.95 25.85 -62.38
N ALA G 417 51.66 26.75 -63.06
CA ALA G 417 51.33 27.05 -64.45
C ALA G 417 51.41 25.80 -65.30
N LEU G 418 52.47 25.01 -65.11
CA LEU G 418 52.63 23.76 -65.85
C LEU G 418 51.52 22.76 -65.51
N ARG G 419 51.16 22.67 -64.22
CA ARG G 419 50.09 21.76 -63.83
C ARG G 419 48.76 22.18 -64.43
N LEU G 420 48.57 23.49 -64.62
CA LEU G 420 47.33 23.99 -65.21
C LEU G 420 47.13 23.49 -66.62
N TYR G 421 48.22 23.18 -67.32
CA TYR G 421 48.17 22.71 -68.70
C TYR G 421 48.68 21.29 -68.87
N GLY G 422 48.75 20.52 -67.79
CA GLY G 422 49.15 19.14 -67.90
C GLY G 422 48.01 18.31 -68.46
N HIS G 423 48.36 17.33 -69.29
CA HIS G 423 47.33 16.55 -69.98
C HIS G 423 46.44 15.80 -68.99
N ASP G 424 47.02 15.32 -67.87
CA ASP G 424 46.25 14.57 -66.89
C ASP G 424 45.25 15.48 -66.18
N THR G 425 45.64 16.73 -65.93
CA THR G 425 44.72 17.69 -65.33
C THR G 425 43.55 17.95 -66.25
N ILE G 426 43.85 18.28 -67.51
CA ILE G 426 42.82 18.58 -68.49
C ILE G 426 41.82 17.44 -68.59
N ASP G 427 42.30 16.19 -68.55
CA ASP G 427 41.39 15.04 -68.60
C ASP G 427 40.48 14.97 -67.38
N LYS G 428 41.06 14.99 -66.18
CA LYS G 428 40.28 14.71 -64.97
C LYS G 428 39.32 15.84 -64.64
N VAL G 429 39.72 17.09 -64.90
CA VAL G 429 38.84 18.22 -64.61
C VAL G 429 37.62 18.21 -65.52
N GLY G 430 37.74 17.66 -66.73
CA GLY G 430 36.59 17.61 -67.60
C GLY G 430 35.60 16.52 -67.28
N ARG G 431 35.88 15.71 -66.26
CA ARG G 431 34.97 14.63 -65.86
C ARG G 431 34.19 14.94 -64.59
N PHE G 432 34.12 16.20 -64.18
CA PHE G 432 33.28 16.55 -63.04
C PHE G 432 31.83 16.71 -63.47
N THR H 11 100.07 36.37 -49.33
CA THR H 11 99.73 37.77 -49.57
C THR H 11 99.14 38.38 -48.30
N ASP H 12 98.24 37.64 -47.66
CA ASP H 12 97.89 37.89 -46.26
C ASP H 12 98.61 36.91 -45.34
N GLY H 13 99.49 36.08 -45.88
CA GLY H 13 100.41 35.30 -45.08
C GLY H 13 99.93 33.91 -44.71
N LEU H 14 98.67 33.58 -44.94
CA LEU H 14 98.10 32.39 -44.33
C LEU H 14 98.59 31.10 -44.99
N TRP H 15 98.81 31.09 -46.30
CA TRP H 15 99.30 29.86 -46.93
C TRP H 15 100.73 29.55 -46.48
N ALA H 16 101.55 30.58 -46.29
CA ALA H 16 102.90 30.37 -45.77
C ALA H 16 102.84 29.82 -44.35
N ALA H 17 102.00 30.42 -43.51
CA ALA H 17 101.86 29.92 -42.14
C ALA H 17 101.33 28.48 -42.13
N LEU H 18 100.36 28.18 -43.00
CA LEU H 18 99.86 26.81 -43.11
C LEU H 18 100.97 25.85 -43.53
N THR H 19 101.65 26.17 -44.63
CA THR H 19 102.73 25.31 -45.13
C THR H 19 103.80 25.12 -44.06
N GLU H 20 104.10 26.19 -43.33
CA GLU H 20 105.01 26.10 -42.19
C GLU H 20 104.44 25.20 -41.11
N ALA H 21 103.13 25.27 -40.88
CA ALA H 21 102.53 24.50 -39.78
C ALA H 21 102.46 23.02 -40.12
N ALA H 22 102.16 22.69 -41.38
CA ALA H 22 102.18 21.28 -41.78
C ALA H 22 103.58 20.71 -41.75
N ALA H 23 104.59 21.53 -42.03
CA ALA H 23 105.98 21.07 -41.95
C ALA H 23 106.32 20.59 -40.54
N SER H 24 105.91 21.35 -39.52
CA SER H 24 106.14 20.93 -38.14
C SER H 24 105.50 19.58 -37.86
N VAL H 25 104.31 19.34 -38.39
CA VAL H 25 103.63 18.06 -38.17
C VAL H 25 104.42 16.92 -38.80
N GLU H 26 104.81 17.07 -40.07
CA GLU H 26 105.48 15.98 -40.78
C GLU H 26 106.82 15.63 -40.13
N LYS H 27 107.55 16.67 -39.68
CA LYS H 27 108.79 16.46 -38.95
C LYS H 27 108.56 15.64 -37.69
N LEU H 28 107.56 16.04 -36.90
CA LEU H 28 107.26 15.31 -35.66
C LEU H 28 106.85 13.87 -35.95
N LEU H 29 106.03 13.65 -36.97
CA LEU H 29 105.60 12.29 -37.29
C LEU H 29 106.77 11.44 -37.76
N ALA H 30 107.71 12.04 -38.50
CA ALA H 30 108.88 11.31 -38.94
C ALA H 30 109.78 10.92 -37.78
N THR H 31 110.02 11.84 -36.84
CA THR H 31 110.98 11.60 -35.77
C THR H 31 110.39 10.93 -34.53
N LEU H 32 109.10 11.11 -34.24
CA LEU H 32 108.54 10.57 -33.01
C LEU H 32 108.23 9.09 -33.13
N PRO H 33 108.08 8.39 -32.01
CA PRO H 33 107.69 6.97 -32.06
C PRO H 33 106.26 6.78 -32.54
N GLU H 34 105.94 5.52 -32.82
CA GLU H 34 104.60 5.15 -33.26
C GLU H 34 103.56 5.56 -32.22
N HIS H 35 102.29 5.55 -32.65
CA HIS H 35 101.21 6.15 -31.86
C HIS H 35 101.18 5.60 -30.44
N GLY H 36 101.23 4.28 -30.30
CA GLY H 36 101.07 3.63 -29.00
C GLY H 36 102.30 3.68 -28.11
N ALA H 37 103.44 4.14 -28.61
CA ALA H 37 104.66 4.21 -27.83
C ALA H 37 105.10 5.63 -27.47
N ARG H 38 104.24 6.63 -27.70
CA ARG H 38 104.62 8.00 -27.40
C ARG H 38 104.36 8.33 -25.93
N SER H 39 105.17 9.24 -25.39
CA SER H 39 104.97 9.74 -24.04
C SER H 39 103.96 10.89 -24.05
N SER H 40 103.49 11.24 -22.85
CA SER H 40 102.54 12.35 -22.74
C SER H 40 103.13 13.63 -23.30
N ALA H 41 104.40 13.91 -22.98
CA ALA H 41 105.06 15.09 -23.53
C ALA H 41 105.12 15.04 -25.06
N GLU H 42 105.44 13.86 -25.62
CA GLU H 42 105.46 13.69 -27.06
C GLU H 42 104.06 13.79 -27.63
N ARG H 43 103.11 13.08 -27.03
CA ARG H 43 101.71 13.18 -27.43
C ARG H 43 101.23 14.62 -27.41
N ALA H 44 101.56 15.35 -26.35
CA ALA H 44 101.12 16.74 -26.25
C ALA H 44 101.76 17.63 -27.31
N GLU H 45 103.01 17.32 -27.70
CA GLU H 45 103.67 18.09 -28.75
C GLU H 45 103.00 17.90 -30.11
N ILE H 46 102.75 16.64 -30.49
CA ILE H 46 102.13 16.38 -31.79
C ILE H 46 100.69 16.86 -31.80
N ALA H 47 99.96 16.67 -30.70
CA ALA H 47 98.62 17.21 -30.61
C ALA H 47 98.63 18.73 -30.76
N ALA H 48 99.63 19.39 -30.18
CA ALA H 48 99.76 20.83 -30.33
C ALA H 48 100.10 21.24 -31.76
N ALA H 49 100.88 20.42 -32.47
CA ALA H 49 101.20 20.73 -33.86
C ALA H 49 99.99 20.53 -34.75
N HIS H 50 99.28 19.40 -34.59
CA HIS H 50 98.01 19.20 -35.28
C HIS H 50 97.07 20.38 -35.08
N ASP H 51 96.94 20.84 -33.84
CA ASP H 51 95.97 21.88 -33.53
C ASP H 51 96.32 23.19 -34.24
N ALA H 52 97.60 23.57 -34.21
CA ALA H 52 98.04 24.79 -34.87
C ALA H 52 97.87 24.69 -36.38
N ALA H 53 98.13 23.52 -36.96
CA ALA H 53 98.00 23.35 -38.41
C ALA H 53 96.56 23.50 -38.85
N ARG H 54 95.66 22.75 -38.21
CA ARG H 54 94.24 22.78 -38.58
C ARG H 54 93.62 24.14 -38.33
N ALA H 55 94.04 24.82 -37.26
CA ALA H 55 93.55 26.17 -37.01
C ALA H 55 93.86 27.10 -38.18
N LEU H 56 94.98 26.87 -38.87
CA LEU H 56 95.31 27.67 -40.04
C LEU H 56 94.58 27.18 -41.30
N ARG H 57 94.26 25.90 -41.38
CA ARG H 57 93.42 25.42 -42.46
C ARG H 57 92.07 26.15 -42.45
N VAL H 58 91.50 26.34 -41.26
CA VAL H 58 90.26 27.08 -41.12
C VAL H 58 90.46 28.53 -41.54
N ARG H 59 91.50 29.18 -41.01
CA ARG H 59 91.73 30.59 -41.29
C ARG H 59 92.03 30.84 -42.76
N PHE H 60 92.84 29.99 -43.37
CA PHE H 60 93.11 30.11 -44.80
C PHE H 60 91.83 30.03 -45.61
N LEU H 61 91.00 29.04 -45.33
CA LEU H 61 89.80 28.82 -46.14
C LEU H 61 88.68 29.81 -45.82
N ASP H 62 88.63 30.37 -44.60
CA ASP H 62 87.64 31.39 -44.31
C ASP H 62 87.72 32.54 -45.30
N THR H 63 88.92 32.91 -45.73
CA THR H 63 89.09 33.96 -46.72
C THR H 63 89.38 33.46 -48.14
N HIS H 64 89.94 32.26 -48.31
CA HIS H 64 90.39 31.80 -49.62
C HIS H 64 89.58 30.64 -50.21
N ALA H 65 88.47 30.25 -49.56
CA ALA H 65 87.71 29.08 -50.00
C ALA H 65 87.26 29.18 -51.46
N ASP H 66 86.63 30.31 -51.82
CA ASP H 66 86.09 30.49 -53.16
C ASP H 66 87.17 30.40 -54.24
N ALA H 67 88.31 31.05 -54.01
CA ALA H 67 89.40 31.00 -54.99
C ALA H 67 89.95 29.58 -55.15
N VAL H 68 90.11 28.87 -54.03
CA VAL H 68 90.54 27.48 -54.08
C VAL H 68 89.60 26.65 -54.94
N TYR H 69 88.29 26.74 -54.64
CA TYR H 69 87.31 25.95 -55.38
C TYR H 69 87.30 26.33 -56.86
N ASP H 70 87.45 27.62 -57.16
CA ASP H 70 87.48 28.07 -58.56
C ASP H 70 88.65 27.47 -59.32
N ARG H 71 89.83 27.38 -58.69
CA ARG H 71 90.96 26.73 -59.36
C ARG H 71 90.66 25.27 -59.64
N LEU H 72 90.11 24.56 -58.66
CA LEU H 72 89.87 23.13 -58.83
C LEU H 72 88.74 22.85 -59.83
N THR H 73 87.81 23.79 -60.00
CA THR H 73 86.62 23.55 -60.82
C THR H 73 86.53 24.46 -62.05
N ASP H 74 87.58 25.22 -62.36
CA ASP H 74 87.59 26.12 -63.51
C ASP H 74 86.45 27.14 -63.41
N HIS H 75 86.47 27.87 -62.31
CA HIS H 75 85.42 28.83 -61.96
C HIS H 75 84.04 28.20 -62.11
N ARG H 76 83.83 27.10 -61.40
CA ARG H 76 82.53 26.45 -61.26
C ARG H 76 81.93 26.04 -62.60
N ARG H 77 82.80 25.59 -63.53
CA ARG H 77 82.37 25.11 -64.82
C ARG H 77 82.57 23.61 -64.98
N VAL H 78 83.29 22.98 -64.07
CA VAL H 78 83.47 21.53 -64.04
C VAL H 78 82.90 21.02 -62.72
N HIS H 79 81.93 20.12 -62.81
CA HIS H 79 81.31 19.51 -61.63
C HIS H 79 82.17 18.33 -61.18
N LEU H 80 82.86 18.47 -60.04
CA LEU H 80 83.64 17.39 -59.44
C LEU H 80 82.93 16.85 -58.21
N ARG H 81 82.78 15.52 -58.14
CA ARG H 81 82.28 14.84 -56.96
C ARG H 81 83.27 14.98 -55.79
N LEU H 82 82.87 14.43 -54.63
CA LEU H 82 83.64 14.60 -53.41
C LEU H 82 85.04 13.99 -53.54
N ALA H 83 85.10 12.70 -53.88
CA ALA H 83 86.38 12.02 -54.06
C ALA H 83 87.29 12.78 -55.01
N GLU H 84 86.76 13.17 -56.17
CA GLU H 84 87.54 13.92 -57.15
C GLU H 84 87.96 15.28 -56.60
N LEU H 85 87.08 15.94 -55.84
CA LEU H 85 87.41 17.26 -55.32
C LEU H 85 88.49 17.21 -54.26
N VAL H 86 88.34 16.33 -53.27
CA VAL H 86 89.30 16.30 -52.17
C VAL H 86 90.66 15.80 -52.63
N GLU H 87 90.68 14.94 -53.66
CA GLU H 87 91.96 14.53 -54.23
C GLU H 87 92.62 15.67 -54.99
N ALA H 88 91.87 16.29 -55.90
CA ALA H 88 92.38 17.42 -56.65
C ALA H 88 92.92 18.51 -55.73
N ALA H 89 92.22 18.75 -54.61
CA ALA H 89 92.70 19.72 -53.63
C ALA H 89 94.05 19.34 -53.06
N ALA H 90 94.27 18.04 -52.82
CA ALA H 90 95.55 17.60 -52.28
C ALA H 90 96.71 17.92 -53.21
N THR H 91 96.50 17.75 -54.52
CA THR H 91 97.59 17.93 -55.48
C THR H 91 97.81 19.40 -55.81
N ALA H 92 96.74 20.19 -55.88
CA ALA H 92 96.89 21.61 -56.15
C ALA H 92 97.30 22.43 -54.94
N PHE H 93 97.08 21.92 -53.73
CA PHE H 93 97.31 22.67 -52.49
C PHE H 93 97.94 21.79 -51.44
N PRO H 94 99.25 21.55 -51.52
CA PRO H 94 99.90 20.61 -50.60
C PRO H 94 99.77 21.05 -49.15
N GLY H 95 99.45 20.09 -48.27
CA GLY H 95 99.27 20.33 -46.86
C GLY H 95 97.86 20.77 -46.46
N LEU H 96 97.04 21.22 -47.40
CA LEU H 96 95.66 21.59 -47.08
C LEU H 96 94.82 20.36 -46.76
N VAL H 97 94.95 19.31 -47.57
CA VAL H 97 94.22 18.06 -47.36
C VAL H 97 95.11 16.89 -47.71
N PRO H 98 94.90 15.75 -47.03
CA PRO H 98 95.80 14.61 -47.22
C PRO H 98 95.81 14.06 -48.63
N THR H 99 96.97 13.54 -49.01
CA THR H 99 97.17 12.89 -50.30
C THR H 99 96.57 11.48 -50.31
N GLN H 100 96.45 10.92 -51.51
CA GLN H 100 96.08 9.51 -51.65
C GLN H 100 97.01 8.64 -50.82
N GLN H 101 98.32 8.90 -50.91
CA GLN H 101 99.29 8.13 -50.15
C GLN H 101 99.04 8.27 -48.65
N GLN H 102 98.92 9.51 -48.16
CA GLN H 102 98.74 9.74 -46.72
C GLN H 102 97.48 9.06 -46.21
N LEU H 103 96.39 9.10 -46.98
CA LEU H 103 95.16 8.44 -46.57
C LEU H 103 95.32 6.93 -46.54
N ALA H 104 96.07 6.36 -47.49
CA ALA H 104 96.27 4.91 -47.51
C ALA H 104 97.00 4.44 -46.26
N VAL H 105 97.97 5.22 -45.79
CA VAL H 105 98.64 4.92 -44.53
C VAL H 105 97.65 4.94 -43.38
N GLU H 106 96.87 6.03 -43.30
CA GLU H 106 95.80 6.12 -42.31
C GLU H 106 94.88 4.90 -42.36
N ARG H 107 94.47 4.49 -43.56
CA ARG H 107 93.60 3.32 -43.72
C ARG H 107 94.22 2.08 -43.08
N SER H 108 95.53 1.88 -43.30
CA SER H 108 96.19 0.69 -42.79
C SER H 108 96.14 0.58 -41.28
N LEU H 109 95.90 1.68 -40.59
CA LEU H 109 95.89 1.68 -39.14
C LEU H 109 94.49 1.48 -38.61
N PRO H 110 94.36 0.96 -37.39
CA PRO H 110 93.07 1.02 -36.72
C PRO H 110 92.79 2.44 -36.28
N GLN H 111 91.49 2.76 -36.15
CA GLN H 111 91.09 4.12 -35.82
C GLN H 111 91.84 4.65 -34.60
N ALA H 112 92.11 3.78 -33.62
CA ALA H 112 92.83 4.17 -32.41
C ALA H 112 94.15 4.87 -32.72
N ALA H 113 94.88 4.40 -33.73
CA ALA H 113 96.24 4.84 -33.99
C ALA H 113 96.35 5.92 -35.07
N LYS H 114 95.24 6.32 -35.68
CA LYS H 114 95.30 7.26 -36.79
C LYS H 114 95.69 8.66 -36.30
N GLU H 115 96.30 9.43 -37.21
CA GLU H 115 96.65 10.81 -36.89
C GLU H 115 95.47 11.76 -37.09
N GLY H 116 94.43 11.36 -37.83
CA GLY H 116 93.25 12.19 -38.02
C GLY H 116 93.29 13.13 -39.19
N HIS H 117 94.07 12.81 -40.24
CA HIS H 117 94.13 13.62 -41.45
C HIS H 117 92.75 13.89 -42.07
N GLU H 118 91.80 12.96 -41.93
CA GLU H 118 90.46 13.20 -42.45
C GLU H 118 89.83 14.47 -41.90
N ILE H 119 90.16 14.86 -40.66
CA ILE H 119 89.69 16.12 -40.11
C ILE H 119 89.97 17.27 -41.08
N ASP H 120 91.13 17.25 -41.74
CA ASP H 120 91.45 18.29 -42.72
C ASP H 120 90.43 18.32 -43.86
N GLN H 121 89.93 17.14 -44.25
CA GLN H 121 88.87 17.09 -45.24
C GLN H 121 87.58 17.69 -44.69
N GLY H 122 87.28 17.39 -43.42
CA GLY H 122 86.17 18.06 -42.75
C GLY H 122 86.28 19.56 -42.77
N ILE H 123 87.48 20.08 -42.51
CA ILE H 123 87.70 21.53 -42.55
C ILE H 123 87.48 22.05 -43.98
N PHE H 124 88.02 21.35 -44.96
CA PHE H 124 87.91 21.76 -46.36
C PHE H 124 86.46 21.79 -46.84
N LEU H 125 85.76 20.66 -46.71
CA LEU H 125 84.39 20.58 -47.21
C LEU H 125 83.46 21.57 -46.51
N ARG H 126 83.69 21.80 -45.22
CA ARG H 126 82.91 22.80 -44.50
C ARG H 126 83.06 24.18 -45.14
N ALA H 127 84.30 24.59 -45.41
CA ALA H 127 84.53 25.89 -46.02
C ALA H 127 83.92 25.97 -47.42
N VAL H 128 84.00 24.88 -48.18
CA VAL H 128 83.40 24.85 -49.52
C VAL H 128 81.88 24.99 -49.43
N LEU H 129 81.24 24.15 -48.62
CA LEU H 129 79.78 24.17 -48.49
C LEU H 129 79.27 25.47 -47.89
N ARG H 130 80.10 26.13 -47.06
CA ARG H 130 79.69 27.43 -46.53
C ARG H 130 79.67 28.53 -47.59
N SER H 131 80.39 28.38 -48.69
CA SER H 131 80.41 29.42 -49.72
C SER H 131 79.09 29.43 -50.49
N PRO H 132 78.42 30.58 -50.60
CA PRO H 132 77.17 30.61 -51.39
C PRO H 132 77.36 30.28 -52.85
N LEU H 133 78.59 30.37 -53.37
CA LEU H 133 78.89 30.05 -54.76
C LEU H 133 79.41 28.62 -54.92
N ALA H 134 80.36 28.21 -54.09
CA ALA H 134 80.95 26.89 -54.21
C ALA H 134 80.02 25.79 -53.68
N GLY H 135 79.38 26.04 -52.53
CA GLY H 135 78.49 25.08 -51.92
C GLY H 135 77.43 24.50 -52.83
N PRO H 136 76.49 25.33 -53.30
CA PRO H 136 75.45 24.82 -54.20
C PRO H 136 76.00 24.13 -55.45
N HIS H 137 77.16 24.58 -55.94
CA HIS H 137 77.78 23.94 -57.10
C HIS H 137 78.22 22.52 -56.77
N LEU H 138 78.86 22.33 -55.61
CA LEU H 138 79.26 20.98 -55.20
C LEU H 138 78.05 20.07 -54.98
N LEU H 139 76.99 20.60 -54.37
CA LEU H 139 75.80 19.80 -54.14
C LEU H 139 75.16 19.38 -55.46
N ASP H 140 75.26 20.23 -56.47
CA ASP H 140 74.81 19.83 -57.80
C ASP H 140 75.67 18.71 -58.37
N ALA H 141 77.00 18.86 -58.27
CA ALA H 141 77.91 17.82 -58.70
C ALA H 141 77.52 16.46 -58.13
N MET H 142 77.18 16.42 -56.85
CA MET H 142 76.82 15.17 -56.20
C MET H 142 75.42 14.68 -56.58
N LEU H 143 74.57 15.55 -57.14
CA LEU H 143 73.27 15.12 -57.65
C LEU H 143 73.34 14.60 -59.07
N ARG H 144 74.46 14.81 -59.77
CA ARG H 144 74.61 14.26 -61.11
C ARG H 144 74.69 12.74 -61.05
N PRO H 145 74.25 12.05 -62.12
CA PRO H 145 74.32 10.59 -62.14
C PRO H 145 75.75 10.11 -62.00
N THR H 146 75.92 9.02 -61.26
CA THR H 146 77.23 8.40 -61.16
C THR H 146 77.61 7.74 -62.49
N PRO H 147 78.90 7.78 -62.86
CA PRO H 147 79.35 7.03 -64.05
C PRO H 147 78.99 5.57 -64.03
N ARG H 148 79.08 4.91 -62.87
CA ARG H 148 78.72 3.50 -62.79
C ARG H 148 77.28 3.27 -63.23
N ALA H 149 76.37 4.17 -62.84
CA ALA H 149 74.97 4.02 -63.20
C ALA H 149 74.74 4.21 -64.70
N LEU H 150 75.36 5.23 -65.28
CA LEU H 150 75.25 5.43 -66.72
C LEU H 150 75.75 4.22 -67.47
N GLU H 151 76.84 3.64 -66.99
CA GLU H 151 77.42 2.43 -67.53
C GLU H 151 76.43 1.28 -67.57
N LEU H 152 75.74 1.05 -66.45
CA LEU H 152 74.83 -0.08 -66.30
C LEU H 152 73.41 0.21 -66.75
N LEU H 153 73.14 1.43 -67.20
CA LEU H 153 71.76 1.78 -67.58
C LEU H 153 71.26 0.97 -68.77
N PRO H 154 71.98 0.89 -69.91
CA PRO H 154 71.48 0.06 -71.03
C PRO H 154 71.09 -1.35 -70.65
N GLU H 155 71.94 -2.05 -69.90
CA GLU H 155 71.61 -3.42 -69.52
C GLU H 155 70.41 -3.45 -68.58
N PHE H 156 70.26 -2.44 -67.73
CA PHE H 156 69.13 -2.42 -66.81
C PHE H 156 67.81 -2.13 -67.51
N VAL H 157 67.81 -1.20 -68.46
CA VAL H 157 66.62 -0.94 -69.25
C VAL H 157 66.18 -2.21 -69.97
N ARG H 158 67.14 -3.04 -70.38
CA ARG H 158 66.84 -4.25 -71.14
C ARG H 158 66.38 -5.39 -70.23
N THR H 159 67.12 -5.63 -69.14
CA THR H 159 66.87 -6.80 -68.31
C THR H 159 65.86 -6.56 -67.20
N GLY H 160 65.80 -5.35 -66.66
CA GLY H 160 65.01 -5.11 -65.48
C GLY H 160 65.58 -5.71 -64.23
N GLU H 161 66.89 -5.95 -64.21
CA GLU H 161 67.52 -6.60 -63.06
C GLU H 161 68.99 -6.24 -63.01
N VAL H 162 69.47 -5.93 -61.81
CA VAL H 162 70.89 -5.73 -61.53
C VAL H 162 71.16 -6.32 -60.15
N GLU H 163 72.16 -7.18 -60.07
CA GLU H 163 72.60 -7.72 -58.80
C GLU H 163 73.94 -7.08 -58.45
N MET H 164 74.00 -6.45 -57.29
CA MET H 164 75.22 -5.89 -56.74
C MET H 164 75.45 -6.53 -55.38
N GLU H 165 76.61 -6.23 -54.79
CA GLU H 165 76.98 -6.90 -53.54
C GLU H 165 75.95 -6.65 -52.44
N ALA H 166 75.58 -5.39 -52.24
CA ALA H 166 74.73 -5.02 -51.11
C ALA H 166 73.31 -4.66 -51.50
N VAL H 167 72.99 -4.57 -52.79
CA VAL H 167 71.66 -4.15 -53.24
C VAL H 167 71.29 -4.95 -54.47
N HIS H 168 70.08 -5.51 -54.47
CA HIS H 168 69.50 -6.14 -55.64
C HIS H 168 68.41 -5.22 -56.19
N LEU H 169 68.54 -4.80 -57.44
CA LEU H 169 67.61 -3.87 -58.07
C LEU H 169 66.80 -4.59 -59.14
N GLU H 170 65.49 -4.38 -59.11
CA GLU H 170 64.60 -5.05 -60.04
C GLU H 170 63.45 -4.12 -60.40
N ARG H 171 63.26 -3.89 -61.69
CA ARG H 171 62.07 -3.22 -62.19
C ARG H 171 60.95 -4.22 -62.42
N ARG H 172 59.78 -3.91 -61.87
CA ARG H 172 58.62 -4.79 -62.00
C ARG H 172 57.37 -3.95 -61.83
N ASP H 173 56.48 -4.02 -62.82
CA ASP H 173 55.23 -3.25 -62.83
C ASP H 173 55.49 -1.76 -62.69
N GLY H 174 56.61 -1.29 -63.25
CA GLY H 174 56.95 0.12 -63.14
C GLY H 174 57.50 0.53 -61.80
N VAL H 175 57.97 -0.42 -60.99
CA VAL H 175 58.48 -0.13 -59.66
C VAL H 175 59.95 -0.54 -59.65
N ALA H 176 60.83 0.39 -59.28
CA ALA H 176 62.22 0.06 -59.03
C ALA H 176 62.34 -0.49 -57.62
N ARG H 177 62.53 -1.80 -57.51
CA ARG H 177 62.58 -2.49 -56.24
C ARG H 177 64.04 -2.59 -55.82
N LEU H 178 64.42 -1.82 -54.80
CA LEU H 178 65.73 -1.92 -54.19
C LEU H 178 65.61 -2.83 -52.98
N THR H 179 66.41 -3.89 -52.96
CA THR H 179 66.42 -4.85 -51.87
C THR H 179 67.81 -4.90 -51.26
N MET H 180 67.94 -4.43 -50.02
CA MET H 180 69.21 -4.49 -49.31
C MET H 180 69.44 -5.92 -48.83
N CYS H 181 70.49 -6.56 -49.34
CA CYS H 181 70.64 -8.00 -49.26
C CYS H 181 72.01 -8.40 -48.70
N ARG H 182 72.41 -7.81 -47.58
CA ARG H 182 73.57 -8.31 -46.85
C ARG H 182 73.09 -9.30 -45.79
N ASP H 183 72.71 -10.48 -46.28
CA ASP H 183 72.14 -11.52 -45.44
C ASP H 183 72.98 -11.86 -44.21
N ASP H 184 74.28 -11.59 -44.25
CA ASP H 184 75.14 -11.97 -43.13
C ASP H 184 75.26 -10.89 -42.07
N ARG H 185 74.76 -9.66 -42.31
CA ARG H 185 75.04 -8.56 -41.39
C ARG H 185 73.85 -7.66 -41.10
N LEU H 186 72.62 -8.08 -41.40
CA LEU H 186 71.44 -7.26 -41.13
C LEU H 186 71.56 -5.90 -41.82
N ASN H 187 72.15 -5.93 -43.03
CA ASN H 187 72.30 -4.77 -43.90
C ASN H 187 73.14 -3.66 -43.28
N ALA H 188 74.16 -4.04 -42.50
CA ALA H 188 75.09 -3.05 -41.98
C ALA H 188 75.81 -2.34 -43.13
N GLU H 189 75.94 -1.03 -43.01
CA GLU H 189 76.40 -0.18 -44.10
C GLU H 189 77.90 -0.08 -44.16
N ASP H 190 78.43 0.05 -45.37
CA ASP H 190 79.85 0.27 -45.60
C ASP H 190 80.00 1.07 -46.90
N GLY H 191 81.24 1.39 -47.23
CA GLY H 191 81.50 2.19 -48.42
C GLY H 191 80.92 1.58 -49.68
N GLN H 192 80.94 0.25 -49.76
CA GLN H 192 80.37 -0.44 -50.92
C GLN H 192 78.88 -0.24 -50.99
N GLN H 193 78.17 -0.42 -49.86
CA GLN H 193 76.73 -0.22 -49.82
C GLN H 193 76.33 1.15 -50.34
N VAL H 194 77.06 2.21 -49.95
CA VAL H 194 76.74 3.54 -50.45
C VAL H 194 76.95 3.60 -51.96
N ASP H 195 78.03 2.98 -52.45
CA ASP H 195 78.27 2.95 -53.89
C ASP H 195 77.15 2.21 -54.61
N ASP H 196 76.68 1.09 -54.03
CA ASP H 196 75.60 0.32 -54.65
C ASP H 196 74.27 1.04 -54.53
N MET H 197 73.99 1.63 -53.36
CA MET H 197 72.75 2.37 -53.17
C MET H 197 72.63 3.54 -54.15
N GLU H 198 73.69 4.36 -54.23
CA GLU H 198 73.67 5.50 -55.14
C GLU H 198 73.52 5.03 -56.58
N THR H 199 74.24 3.96 -56.96
CA THR H 199 74.13 3.44 -58.31
C THR H 199 72.70 3.02 -58.63
N ALA H 200 72.07 2.25 -57.74
CA ALA H 200 70.70 1.81 -57.95
C ALA H 200 69.74 2.99 -57.99
N VAL H 201 69.86 3.91 -57.02
CA VAL H 201 69.01 5.09 -57.00
C VAL H 201 69.09 5.85 -58.32
N ASP H 202 70.30 6.07 -58.82
CA ASP H 202 70.46 6.66 -60.14
C ASP H 202 69.70 5.87 -61.20
N LEU H 203 69.88 4.54 -61.19
CA LEU H 203 69.23 3.69 -62.19
C LEU H 203 67.71 3.78 -62.09
N ALA H 204 67.19 3.77 -60.86
CA ALA H 204 65.75 3.93 -60.67
C ALA H 204 65.25 5.24 -61.28
N LEU H 205 66.00 6.32 -61.11
CA LEU H 205 65.55 7.63 -61.57
C LEU H 205 65.69 7.79 -63.09
N LEU H 206 66.80 7.33 -63.67
CA LEU H 206 67.02 7.52 -65.11
C LEU H 206 66.25 6.52 -65.97
N ASP H 207 65.76 5.43 -65.39
CA ASP H 207 65.01 4.45 -66.17
C ASP H 207 63.60 4.98 -66.41
N PRO H 208 63.22 5.27 -67.66
CA PRO H 208 61.88 5.79 -67.92
C PRO H 208 60.77 4.80 -67.63
N GLY H 209 61.07 3.52 -67.49
CA GLY H 209 60.04 2.56 -67.13
C GLY H 209 59.77 2.46 -65.66
N VAL H 210 60.45 3.25 -64.84
CA VAL H 210 60.27 3.25 -63.39
C VAL H 210 59.52 4.51 -63.00
N ARG H 211 58.47 4.33 -62.20
CA ARG H 211 57.60 5.41 -61.76
C ARG H 211 57.68 5.64 -60.26
N VAL H 212 57.83 4.56 -59.50
CA VAL H 212 57.93 4.62 -58.05
C VAL H 212 59.10 3.75 -57.64
N GLY H 213 59.75 4.15 -56.56
CA GLY H 213 60.82 3.36 -55.99
C GLY H 213 60.36 2.65 -54.72
N LEU H 214 61.06 1.58 -54.39
CA LEU H 214 60.76 0.82 -53.17
C LEU H 214 62.06 0.39 -52.56
N LEU H 215 62.24 0.70 -51.27
CA LEU H 215 63.44 0.30 -50.54
C LEU H 215 63.00 -0.65 -49.43
N ARG H 216 63.59 -1.84 -49.41
CA ARG H 216 63.20 -2.88 -48.48
C ARG H 216 64.39 -3.79 -48.27
N GLY H 217 64.43 -4.44 -47.11
CA GLY H 217 65.50 -5.36 -46.79
C GLY H 217 65.18 -6.79 -47.22
N GLY H 218 66.20 -7.49 -47.67
CA GLY H 218 66.02 -8.85 -48.14
C GLY H 218 66.07 -9.85 -47.00
N VAL H 219 65.80 -11.11 -47.34
CA VAL H 219 65.82 -12.17 -46.35
C VAL H 219 67.24 -12.36 -45.82
N MET H 220 67.36 -12.61 -44.52
CA MET H 220 68.64 -12.77 -43.86
C MET H 220 68.96 -14.25 -43.72
N SER H 221 70.25 -14.55 -43.66
CA SER H 221 70.73 -15.92 -43.52
C SER H 221 71.40 -16.19 -42.18
N HIS H 222 71.85 -15.14 -41.48
CA HIS H 222 72.48 -15.31 -40.18
C HIS H 222 71.59 -16.16 -39.27
N PRO H 223 72.16 -17.10 -38.52
CA PRO H 223 71.34 -18.07 -37.78
C PRO H 223 70.29 -17.46 -36.89
N ARG H 224 70.54 -16.27 -36.34
CA ARG H 224 69.56 -15.64 -35.46
C ARG H 224 68.39 -15.05 -36.24
N TYR H 225 68.55 -14.80 -37.54
CA TYR H 225 67.49 -14.22 -38.33
C TYR H 225 67.24 -15.03 -39.61
N ARG H 226 67.52 -16.33 -39.58
CA ARG H 226 67.32 -17.19 -40.75
C ARG H 226 65.92 -17.03 -41.31
N GLY H 227 65.83 -16.69 -42.59
CA GLY H 227 64.55 -16.60 -43.25
C GLY H 227 63.76 -15.33 -43.00
N LYS H 228 64.29 -14.38 -42.24
CA LYS H 228 63.56 -13.17 -41.87
C LYS H 228 64.19 -11.96 -42.53
N ARG H 229 63.35 -11.07 -43.07
CA ARG H 229 63.84 -9.81 -43.61
C ARG H 229 64.23 -8.87 -42.48
N VAL H 230 65.25 -8.06 -42.72
CA VAL H 230 65.69 -7.03 -41.80
C VAL H 230 66.05 -5.78 -42.60
N PHE H 231 65.53 -4.64 -42.19
CA PHE H 231 65.72 -3.41 -42.96
C PHE H 231 67.17 -2.96 -42.84
N SER H 232 67.59 -2.50 -41.67
CA SER H 232 68.97 -2.07 -41.53
C SER H 232 69.39 -2.04 -40.07
N ALA H 233 70.64 -2.44 -39.83
CA ALA H 233 71.26 -2.34 -38.52
C ALA H 233 72.30 -1.24 -38.48
N GLY H 234 72.28 -0.32 -39.44
CA GLY H 234 73.12 0.85 -39.37
C GLY H 234 74.53 0.61 -39.83
N ILE H 235 75.39 1.58 -39.51
CA ILE H 235 76.77 1.56 -39.96
C ILE H 235 77.45 0.29 -39.46
N ASN H 236 78.40 -0.23 -40.26
CA ASN H 236 79.19 -1.39 -39.85
C ASN H 236 80.12 -0.97 -38.71
N LEU H 237 79.80 -1.41 -37.49
CA LEU H 237 80.60 -1.00 -36.34
C LEU H 237 81.99 -1.63 -36.36
N LYS H 238 82.11 -2.88 -36.83
CA LYS H 238 83.42 -3.49 -36.96
C LYS H 238 84.33 -2.67 -37.87
N TYR H 239 83.84 -2.33 -39.06
CA TYR H 239 84.64 -1.56 -40.00
C TYR H 239 85.04 -0.22 -39.41
N LEU H 240 84.09 0.45 -38.74
CA LEU H 240 84.37 1.72 -38.08
C LEU H 240 85.55 1.61 -37.12
N SER H 241 85.53 0.58 -36.26
CA SER H 241 86.64 0.36 -35.33
C SER H 241 87.93 0.01 -36.07
N GLN H 242 87.84 -0.82 -37.10
CA GLN H 242 89.01 -1.23 -37.87
C GLN H 242 89.59 -0.11 -38.71
N GLY H 243 88.93 1.05 -38.77
CA GLY H 243 89.43 2.18 -39.53
C GLY H 243 88.94 2.24 -40.96
N GLY H 244 87.92 1.46 -41.31
CA GLY H 244 87.43 1.32 -42.67
C GLY H 244 86.25 2.18 -43.09
N ILE H 245 85.79 3.12 -42.26
CA ILE H 245 84.66 3.98 -42.62
C ILE H 245 85.21 5.35 -43.01
N SER H 246 85.06 5.69 -44.28
CA SER H 246 85.63 6.93 -44.82
C SER H 246 84.71 8.10 -44.50
N LEU H 247 85.30 9.18 -43.97
CA LEU H 247 84.58 10.43 -43.82
C LEU H 247 83.94 10.87 -45.13
N VAL H 248 84.74 10.90 -46.20
CA VAL H 248 84.25 11.40 -47.49
C VAL H 248 83.49 10.33 -48.24
N ASP H 249 84.10 9.16 -48.44
CA ASP H 249 83.51 8.15 -49.30
C ASP H 249 82.34 7.40 -48.67
N PHE H 250 82.09 7.58 -47.38
CA PHE H 250 80.90 7.00 -46.76
C PHE H 250 80.06 8.05 -46.04
N LEU H 251 80.57 8.67 -44.96
CA LEU H 251 79.72 9.50 -44.13
C LEU H 251 79.15 10.69 -44.91
N MET H 252 79.96 11.31 -45.76
CA MET H 252 79.52 12.45 -46.54
C MET H 252 78.85 12.04 -47.85
N ARG H 253 79.40 11.02 -48.52
CA ARG H 253 78.89 10.62 -49.83
C ARG H 253 77.40 10.27 -49.81
N ARG H 254 76.96 9.51 -48.80
CA ARG H 254 75.57 9.08 -48.78
C ARG H 254 74.62 10.25 -48.55
N GLU H 255 75.03 11.24 -47.76
CA GLU H 255 74.15 12.35 -47.46
C GLU H 255 73.99 13.27 -48.67
N LEU H 256 75.10 13.51 -49.39
CA LEU H 256 75.08 14.37 -50.56
C LEU H 256 74.72 13.63 -51.84
N GLY H 257 74.85 12.30 -51.85
CA GLY H 257 74.54 11.53 -53.03
C GLY H 257 73.14 10.95 -53.03
N TYR H 258 73.00 9.66 -52.67
CA TYR H 258 71.74 8.97 -52.92
C TYR H 258 70.63 9.44 -52.00
N ILE H 259 70.94 9.77 -50.74
CA ILE H 259 69.92 10.29 -49.85
C ILE H 259 69.40 11.63 -50.34
N HIS H 260 70.29 12.50 -50.83
CA HIS H 260 69.83 13.78 -51.37
C HIS H 260 69.11 13.61 -52.70
N LYS H 261 69.45 12.56 -53.46
CA LYS H 261 68.77 12.30 -54.71
C LYS H 261 67.38 11.74 -54.49
N LEU H 262 67.20 10.98 -53.40
CA LEU H 262 65.85 10.57 -53.00
C LEU H 262 64.97 11.78 -52.77
N VAL H 263 65.54 12.84 -52.20
CA VAL H 263 64.78 14.06 -51.94
C VAL H 263 64.57 14.86 -53.23
N ARG H 264 65.65 15.09 -53.99
CA ARG H 264 65.65 16.11 -55.03
C ARG H 264 65.78 15.57 -56.45
N GLY H 265 66.10 14.29 -56.64
CA GLY H 265 66.27 13.74 -57.97
C GLY H 265 67.70 13.87 -58.48
N VAL H 266 67.91 13.39 -59.71
CA VAL H 266 69.21 13.46 -60.36
C VAL H 266 69.27 14.66 -61.29
N LEU H 267 70.37 15.41 -61.22
CA LEU H 267 70.58 16.53 -62.13
C LEU H 267 71.09 15.98 -63.45
N THR H 268 70.26 16.06 -64.49
CA THR H 268 70.62 15.55 -65.81
C THR H 268 71.18 16.66 -66.68
N ASN H 269 71.64 16.29 -67.87
CA ASN H 269 72.07 17.31 -68.81
C ASN H 269 70.86 18.01 -69.43
N ASP H 270 71.16 19.06 -70.20
CA ASP H 270 70.15 19.83 -70.95
C ASP H 270 69.78 19.12 -72.26
N ASP H 271 69.14 17.97 -72.14
CA ASP H 271 68.93 17.12 -73.31
C ASP H 271 67.46 16.86 -73.60
N ARG H 272 66.71 16.39 -72.61
CA ARG H 272 65.28 16.13 -72.83
C ARG H 272 64.44 17.41 -72.65
N PRO H 273 63.32 17.52 -73.37
CA PRO H 273 62.48 18.71 -73.24
C PRO H 273 61.98 18.85 -71.80
N GLY H 274 61.59 20.08 -71.45
CA GLY H 274 61.19 20.36 -70.09
C GLY H 274 62.31 20.85 -69.20
N TRP H 275 63.55 20.41 -69.45
CA TRP H 275 64.70 20.71 -68.60
C TRP H 275 64.75 22.15 -68.10
N TRP H 276 64.18 23.10 -68.84
CA TRP H 276 64.13 24.47 -68.34
C TRP H 276 63.33 24.59 -67.05
N HIS H 277 62.27 23.80 -66.89
CA HIS H 277 61.54 23.85 -65.62
C HIS H 277 61.89 22.72 -64.66
N SER H 278 62.38 21.58 -65.13
CA SER H 278 62.72 20.44 -64.26
C SER H 278 64.11 19.89 -64.58
N PRO H 279 65.17 20.57 -64.12
CA PRO H 279 66.53 20.04 -64.39
C PRO H 279 66.82 18.70 -63.74
N ARG H 280 66.07 18.29 -62.72
CA ARG H 280 66.28 17.01 -62.06
C ARG H 280 65.13 16.05 -62.30
N ILE H 281 65.45 14.78 -62.50
CA ILE H 281 64.46 13.73 -62.55
C ILE H 281 64.31 13.15 -61.15
N GLU H 282 63.13 13.31 -60.57
CA GLU H 282 62.83 12.83 -59.24
C GLU H 282 61.57 11.98 -59.29
N LYS H 283 61.49 11.01 -58.39
CA LYS H 283 60.37 10.10 -58.34
C LYS H 283 59.96 9.87 -56.89
N PRO H 284 58.74 9.39 -56.63
CA PRO H 284 58.33 9.10 -55.25
C PRO H 284 58.91 7.77 -54.78
N TRP H 285 59.09 7.68 -53.47
CA TRP H 285 59.76 6.53 -52.86
C TRP H 285 58.93 5.98 -51.71
N VAL H 286 58.89 4.66 -51.63
CA VAL H 286 58.21 3.94 -50.57
C VAL H 286 59.24 3.10 -49.83
N ALA H 287 59.21 3.14 -48.51
CA ALA H 287 60.11 2.39 -47.66
C ALA H 287 59.30 1.41 -46.82
N ALA H 288 59.85 0.22 -46.64
CA ALA H 288 59.20 -0.86 -45.89
C ALA H 288 60.18 -1.42 -44.87
N VAL H 289 59.83 -1.32 -43.59
CA VAL H 289 60.72 -1.68 -42.50
C VAL H 289 60.31 -3.05 -41.97
N ASP H 290 61.14 -4.05 -42.22
CA ASP H 290 61.02 -5.36 -41.59
C ASP H 290 62.07 -5.47 -40.48
N GLY H 291 61.66 -6.03 -39.35
CA GLY H 291 62.62 -6.27 -38.29
C GLY H 291 62.89 -5.00 -37.49
N PHE H 292 63.66 -4.07 -38.07
CA PHE H 292 63.99 -2.82 -37.42
C PHE H 292 64.79 -1.96 -38.37
N ALA H 293 64.82 -0.65 -38.09
CA ALA H 293 65.68 0.30 -38.78
C ALA H 293 66.51 1.03 -37.73
N ILE H 294 67.80 0.74 -37.69
CA ILE H 294 68.70 1.30 -36.68
C ILE H 294 69.71 2.19 -37.37
N GLY H 295 70.02 3.32 -36.72
CA GLY H 295 71.10 4.18 -37.20
C GLY H 295 70.82 4.75 -38.57
N GLY H 296 71.77 4.57 -39.48
CA GLY H 296 71.62 5.09 -40.83
C GLY H 296 70.38 4.57 -41.53
N GLY H 297 69.94 3.36 -41.17
CA GLY H 297 68.68 2.86 -41.68
C GLY H 297 67.50 3.67 -41.20
N ALA H 298 67.49 4.05 -39.91
CA ALA H 298 66.42 4.89 -39.40
C ALA H 298 66.47 6.27 -40.04
N GLN H 299 67.68 6.79 -40.28
CA GLN H 299 67.84 8.08 -40.94
C GLN H 299 67.16 8.10 -42.31
N LEU H 300 67.27 6.98 -43.05
CA LEU H 300 66.71 6.92 -44.41
C LEU H 300 65.22 7.16 -44.44
N LEU H 301 64.49 6.70 -43.42
CA LEU H 301 63.04 6.87 -43.40
C LEU H 301 62.61 8.33 -43.43
N LEU H 302 63.49 9.25 -43.05
CA LEU H 302 63.13 10.67 -42.93
C LEU H 302 63.03 11.39 -44.27
N VAL H 303 63.12 10.67 -45.40
CA VAL H 303 63.14 11.28 -46.72
C VAL H 303 62.20 10.59 -47.69
N PHE H 304 61.47 9.57 -47.25
CA PHE H 304 60.56 8.86 -48.15
C PHE H 304 59.19 9.54 -48.17
N ASP H 305 58.39 9.15 -49.16
CA ASP H 305 57.06 9.69 -49.34
C ASP H 305 56.00 8.83 -48.67
N ARG H 306 56.31 7.57 -48.43
CA ARG H 306 55.43 6.65 -47.73
C ARG H 306 56.31 5.66 -47.00
N VAL H 307 55.96 5.38 -45.76
CA VAL H 307 56.72 4.46 -44.92
C VAL H 307 55.77 3.43 -44.35
N LEU H 308 56.10 2.15 -44.55
CA LEU H 308 55.33 1.05 -44.00
C LEU H 308 56.26 0.22 -43.12
N ALA H 309 55.68 -0.43 -42.13
CA ALA H 309 56.49 -1.17 -41.18
C ALA H 309 55.65 -2.29 -40.58
N SER H 310 56.32 -3.37 -40.21
CA SER H 310 55.66 -4.50 -39.60
C SER H 310 55.38 -4.19 -38.13
N SER H 311 54.32 -4.81 -37.60
CA SER H 311 53.89 -4.56 -36.23
C SER H 311 55.01 -4.72 -35.21
N ASP H 312 55.97 -5.59 -35.49
CA ASP H 312 57.02 -5.96 -34.54
C ASP H 312 58.32 -5.20 -34.71
N ALA H 313 58.37 -4.18 -35.56
CA ALA H 313 59.62 -3.49 -35.86
C ALA H 313 59.86 -2.31 -34.92
N TYR H 314 61.10 -1.81 -34.92
CA TYR H 314 61.46 -0.65 -34.13
C TYR H 314 62.45 0.23 -34.87
N PHE H 315 62.53 1.49 -34.43
CA PHE H 315 63.40 2.51 -34.98
C PHE H 315 64.19 3.16 -33.87
N SER H 316 65.50 3.30 -34.08
CA SER H 316 66.36 3.93 -33.09
C SER H 316 67.54 4.64 -33.76
N LEU H 317 68.13 5.57 -33.02
CA LEU H 317 69.33 6.29 -33.43
C LEU H 317 70.27 6.22 -32.23
N PRO H 318 71.06 5.14 -32.11
CA PRO H 318 71.76 4.98 -30.83
C PRO H 318 73.13 5.64 -30.77
N GLY H 323 78.40 7.28 -30.38
CA GLY H 323 79.65 8.00 -30.33
C GLY H 323 79.74 9.10 -31.39
N ILE H 324 79.07 8.88 -32.51
CA ILE H 324 79.06 9.84 -33.59
C ILE H 324 77.69 10.48 -33.77
N ILE H 325 77.48 11.13 -34.91
CA ILE H 325 76.21 11.79 -35.20
C ILE H 325 75.35 10.94 -36.14
N PRO H 326 73.99 10.95 -35.88
CA PRO H 326 73.20 10.12 -36.80
C PRO H 326 72.92 10.83 -38.12
N GLY H 327 73.90 10.85 -39.01
CA GLY H 327 73.76 11.47 -40.31
C GLY H 327 73.01 12.78 -40.27
N ALA H 328 72.19 13.02 -41.29
CA ALA H 328 71.41 14.24 -41.39
C ALA H 328 70.13 14.14 -40.56
N ALA H 329 70.13 13.25 -39.58
CA ALA H 329 68.98 13.07 -38.71
C ALA H 329 68.76 14.30 -37.83
N ASN H 330 69.85 14.95 -37.46
CA ASN H 330 69.78 16.13 -36.61
C ASN H 330 69.10 17.27 -37.36
N LEU H 331 69.22 17.25 -38.69
CA LEU H 331 68.59 18.26 -39.53
C LEU H 331 67.09 18.05 -39.63
N ARG H 332 66.66 16.79 -39.71
CA ARG H 332 65.31 16.44 -40.16
C ARG H 332 64.36 15.97 -39.06
N LEU H 333 64.87 15.34 -38.00
CA LEU H 333 64.00 14.69 -37.03
C LEU H 333 63.02 15.66 -36.37
N GLY H 334 63.48 16.87 -36.05
CA GLY H 334 62.62 17.80 -35.34
C GLY H 334 61.33 18.10 -36.09
N ARG H 335 61.39 18.12 -37.42
CA ARG H 335 60.22 18.43 -38.21
C ARG H 335 59.23 17.27 -38.19
N PHE H 336 59.70 16.04 -37.96
CA PHE H 336 58.82 14.89 -37.78
C PHE H 336 58.28 14.78 -36.36
N ALA H 337 59.10 15.10 -35.36
CA ALA H 337 58.81 14.74 -33.99
C ALA H 337 58.88 15.89 -32.99
N GLY H 338 59.29 17.09 -33.41
CA GLY H 338 59.43 18.20 -32.51
C GLY H 338 60.74 18.13 -31.73
N PRO H 339 61.05 19.20 -31.00
CA PRO H 339 62.39 19.27 -30.38
C PRO H 339 62.55 18.31 -29.21
N ARG H 340 61.46 17.98 -28.50
CA ARG H 340 61.56 17.12 -27.34
C ARG H 340 61.85 15.68 -27.74
N VAL H 341 61.00 15.10 -28.58
CA VAL H 341 61.14 13.70 -28.96
C VAL H 341 62.44 13.48 -29.71
N SER H 342 62.86 14.46 -30.53
CA SER H 342 64.09 14.29 -31.29
C SER H 342 65.31 14.26 -30.38
N ARG H 343 65.30 15.04 -29.31
CA ARG H 343 66.35 14.93 -28.31
C ARG H 343 66.22 13.64 -27.51
N GLN H 344 64.99 13.19 -27.25
CA GLN H 344 64.82 11.90 -26.58
C GLN H 344 65.45 10.78 -27.40
N VAL H 345 65.19 10.77 -28.72
CA VAL H 345 65.72 9.71 -29.58
C VAL H 345 67.23 9.87 -29.76
N ILE H 346 67.68 11.09 -30.03
CA ILE H 346 69.08 11.28 -30.43
C ILE H 346 69.99 11.45 -29.21
N LEU H 347 69.67 12.40 -28.33
CA LEU H 347 70.57 12.67 -27.20
C LEU H 347 70.54 11.55 -26.17
N GLU H 348 69.40 10.88 -25.97
CA GLU H 348 69.26 9.89 -24.90
C GLU H 348 68.94 8.50 -25.42
N GLY H 349 69.08 8.27 -26.72
CA GLY H 349 68.97 6.92 -27.27
C GLY H 349 67.63 6.25 -27.12
N ARG H 350 66.54 7.01 -27.04
CA ARG H 350 65.20 6.43 -27.03
C ARG H 350 64.94 5.58 -28.26
N ARG H 351 64.26 4.46 -28.05
CA ARG H 351 63.85 3.53 -29.11
C ARG H 351 62.34 3.60 -29.29
N ILE H 352 61.88 3.63 -30.53
CA ILE H 352 60.45 3.79 -30.85
C ILE H 352 59.91 2.52 -31.49
N TRP H 353 58.78 2.04 -30.98
CA TRP H 353 58.15 0.81 -31.45
C TRP H 353 56.99 1.12 -32.41
N ALA H 354 56.84 0.28 -33.44
CA ALA H 354 55.85 0.50 -34.49
C ALA H 354 54.44 0.67 -33.93
N LYS H 355 54.11 -0.03 -32.84
CA LYS H 355 52.75 0.00 -32.34
C LYS H 355 52.49 1.11 -31.33
N GLU H 356 53.50 1.89 -30.98
CA GLU H 356 53.14 2.95 -30.05
C GLU H 356 52.75 4.22 -30.82
N PRO H 357 51.87 5.06 -30.23
CA PRO H 357 51.37 6.26 -30.93
C PRO H 357 52.42 7.07 -31.69
N GLU H 358 53.57 7.35 -31.08
CA GLU H 358 54.56 8.20 -31.71
C GLU H 358 55.27 7.54 -32.89
N ALA H 359 55.07 6.25 -33.14
CA ALA H 359 55.55 5.66 -34.39
C ALA H 359 54.92 6.36 -35.59
N ARG H 360 53.67 6.83 -35.45
CA ARG H 360 53.01 7.53 -36.53
C ARG H 360 53.64 8.88 -36.84
N LEU H 361 54.63 9.32 -36.06
CA LEU H 361 55.45 10.46 -36.46
C LEU H 361 56.44 10.07 -37.54
N LEU H 362 56.82 8.79 -37.61
CA LEU H 362 57.77 8.30 -38.58
C LEU H 362 57.18 7.33 -39.59
N VAL H 363 56.00 6.78 -39.34
CA VAL H 363 55.48 5.64 -40.08
C VAL H 363 54.04 5.91 -40.48
N ASP H 364 53.72 5.63 -41.74
CA ASP H 364 52.39 5.84 -42.32
C ASP H 364 51.47 4.66 -42.07
N GLU H 365 51.96 3.44 -42.20
CA GLU H 365 51.16 2.25 -41.98
C GLU H 365 51.92 1.25 -41.12
N VAL H 366 51.23 0.66 -40.15
CA VAL H 366 51.79 -0.42 -39.33
C VAL H 366 50.87 -1.62 -39.47
N VAL H 367 51.41 -2.74 -39.94
CA VAL H 367 50.62 -3.89 -40.36
C VAL H 367 51.23 -5.15 -39.78
N GLU H 368 50.37 -6.12 -39.46
CA GLU H 368 50.86 -7.41 -39.04
C GLU H 368 51.70 -8.01 -40.16
N PRO H 369 52.74 -8.78 -39.84
CA PRO H 369 53.59 -9.34 -40.91
C PRO H 369 52.83 -10.15 -41.97
N ASP H 370 51.77 -10.86 -41.59
CA ASP H 370 51.05 -11.66 -42.57
C ASP H 370 50.13 -10.82 -43.46
N GLU H 371 50.08 -9.51 -43.25
CA GLU H 371 49.38 -8.61 -44.15
C GLU H 371 50.26 -7.45 -44.59
N LEU H 372 51.58 -7.56 -44.40
CA LEU H 372 52.51 -6.49 -44.77
C LEU H 372 52.79 -6.48 -46.27
N ASP H 373 53.06 -7.65 -46.86
CA ASP H 373 53.36 -7.72 -48.29
C ASP H 373 52.26 -7.07 -49.13
N ALA H 374 51.00 -7.38 -48.80
CA ALA H 374 49.90 -6.83 -49.58
C ALA H 374 49.79 -5.32 -49.43
N ALA H 375 50.04 -4.80 -48.22
CA ALA H 375 49.99 -3.35 -48.01
C ALA H 375 51.07 -2.63 -48.81
N ILE H 376 52.27 -3.22 -48.88
CA ILE H 376 53.33 -2.64 -49.70
C ILE H 376 52.89 -2.55 -51.16
N GLU H 377 52.31 -3.63 -51.69
CA GLU H 377 51.84 -3.62 -53.07
C GLU H 377 50.78 -2.54 -53.28
N ARG H 378 49.80 -2.45 -52.39
CA ARG H 378 48.77 -1.42 -52.48
C ARG H 378 49.34 -0.01 -52.43
N SER H 379 50.37 0.22 -51.60
CA SER H 379 50.92 1.58 -51.51
C SER H 379 51.65 1.99 -52.78
N LEU H 380 52.21 1.03 -53.51
CA LEU H 380 52.97 1.36 -54.71
C LEU H 380 52.09 1.84 -55.86
N THR H 381 50.79 1.56 -55.83
CA THR H 381 49.88 2.04 -56.86
C THR H 381 49.42 3.48 -56.68
N ARG H 382 49.60 4.07 -55.51
CA ARG H 382 48.96 5.33 -55.16
C ARG H 382 49.80 6.59 -55.41
N LEU H 383 50.96 6.50 -56.06
CA LEU H 383 51.83 7.67 -56.20
C LEU H 383 52.24 7.90 -57.65
N ASP H 384 51.34 7.63 -58.59
CA ASP H 384 51.75 7.58 -60.00
C ASP H 384 51.76 8.93 -60.70
N GLY H 385 50.89 9.86 -60.30
CA GLY H 385 50.71 11.11 -61.02
C GLY H 385 51.94 11.93 -61.36
N ASP H 386 51.84 12.74 -62.42
CA ASP H 386 52.67 13.93 -62.55
C ASP H 386 52.30 14.98 -61.51
N ALA H 387 51.08 14.92 -60.99
CA ALA H 387 50.69 15.82 -59.91
C ALA H 387 51.51 15.54 -58.66
N VAL H 388 51.72 14.26 -58.34
CA VAL H 388 52.58 13.88 -57.21
C VAL H 388 53.98 14.45 -57.37
N LEU H 389 54.53 14.36 -58.58
CA LEU H 389 55.89 14.87 -58.81
C LEU H 389 55.97 16.36 -58.51
N ALA H 390 54.94 17.11 -58.90
CA ALA H 390 54.92 18.54 -58.58
C ALA H 390 54.70 18.77 -57.09
N ASN H 391 53.83 17.98 -56.46
CA ASN H 391 53.48 18.23 -55.06
C ASN H 391 54.60 17.84 -54.11
N ARG H 392 55.25 16.68 -54.33
CA ARG H 392 56.38 16.31 -53.49
C ARG H 392 57.51 17.32 -53.61
N ARG H 393 57.65 17.91 -54.80
CA ARG H 393 58.69 18.92 -55.03
C ARG H 393 58.40 20.20 -54.24
N MET H 394 57.15 20.66 -54.26
CA MET H 394 56.80 21.84 -53.47
C MET H 394 56.88 21.56 -51.98
N LEU H 395 56.49 20.35 -51.56
CA LEU H 395 56.58 19.98 -50.15
C LEU H 395 58.04 19.97 -49.68
N ASN H 396 58.90 19.22 -50.38
CA ASN H 396 60.30 19.15 -49.99
C ASN H 396 60.94 20.54 -49.98
N LEU H 397 60.62 21.35 -51.00
CA LEU H 397 61.11 22.72 -51.03
C LEU H 397 60.76 23.48 -49.76
N ALA H 398 59.55 23.26 -49.24
CA ALA H 398 59.12 23.93 -48.02
C ALA H 398 59.73 23.27 -46.78
N ASP H 399 59.71 21.94 -46.72
CA ASP H 399 60.25 21.22 -45.56
C ASP H 399 61.73 21.55 -45.35
N GLU H 400 62.52 21.51 -46.41
CA GLU H 400 63.97 21.56 -46.29
C GLU H 400 64.52 22.37 -47.45
N SER H 401 64.93 23.61 -47.18
CA SER H 401 65.37 24.53 -48.21
C SER H 401 66.82 24.27 -48.61
N PRO H 402 67.23 24.76 -49.79
CA PRO H 402 68.64 24.66 -50.17
C PRO H 402 69.62 25.21 -49.12
N ASP H 403 69.40 26.42 -48.60
CA ASP H 403 70.28 26.93 -47.54
C ASP H 403 70.23 26.05 -46.29
N GLY H 404 69.03 25.64 -45.89
CA GLY H 404 68.91 24.80 -44.70
C GLY H 404 69.79 23.58 -44.78
N PHE H 405 69.67 22.83 -45.87
CA PHE H 405 70.48 21.63 -46.06
C PHE H 405 71.97 21.98 -46.16
N ARG H 406 72.32 23.00 -46.94
CA ARG H 406 73.73 23.33 -47.15
C ARG H 406 74.39 23.80 -45.86
N ALA H 407 73.72 24.69 -45.12
CA ALA H 407 74.27 25.18 -43.85
C ALA H 407 74.56 24.03 -42.90
N TYR H 408 73.63 23.07 -42.80
CA TYR H 408 73.83 21.93 -41.90
C TYR H 408 75.04 21.10 -42.32
N MET H 409 75.06 20.64 -43.59
CA MET H 409 76.08 19.71 -44.02
C MET H 409 77.47 20.32 -43.91
N ALA H 410 77.59 21.64 -44.11
CA ALA H 410 78.84 22.34 -43.86
C ALA H 410 79.35 22.08 -42.44
N GLU H 411 78.56 22.46 -41.43
CA GLU H 411 78.93 22.17 -40.05
C GLU H 411 79.10 20.68 -39.81
N PHE H 412 78.24 19.86 -40.43
CA PHE H 412 78.33 18.42 -40.27
C PHE H 412 79.70 17.91 -40.72
N ALA H 413 80.21 18.46 -41.82
CA ALA H 413 81.47 17.98 -42.38
C ALA H 413 82.60 18.04 -41.36
N LEU H 414 82.65 19.12 -40.57
CA LEU H 414 83.68 19.21 -39.54
C LEU H 414 83.27 18.50 -38.25
N MET H 415 82.04 18.74 -37.77
CA MET H 415 81.58 18.11 -36.53
C MET H 415 81.70 16.59 -36.59
N GLN H 416 81.24 15.99 -37.69
CA GLN H 416 81.30 14.53 -37.82
C GLN H 416 82.74 14.05 -37.93
N ALA H 417 83.59 14.82 -38.61
CA ALA H 417 85.00 14.44 -38.72
C ALA H 417 85.66 14.34 -37.36
N LEU H 418 85.38 15.31 -36.48
CA LEU H 418 85.95 15.28 -35.13
C LEU H 418 85.41 14.10 -34.32
N ARG H 419 84.11 13.83 -34.44
CA ARG H 419 83.53 12.71 -33.70
C ARG H 419 84.12 11.38 -34.16
N LEU H 420 84.48 11.29 -35.45
CA LEU H 420 85.06 10.07 -35.99
C LEU H 420 86.38 9.73 -35.30
N TYR H 421 87.07 10.74 -34.76
CA TYR H 421 88.36 10.55 -34.12
C TYR H 421 88.33 10.91 -32.64
N GLY H 422 87.14 10.96 -32.06
CA GLY H 422 87.02 11.23 -30.64
C GLY H 422 87.40 10.00 -29.83
N HIS H 423 88.05 10.26 -28.69
CA HIS H 423 88.57 9.17 -27.87
C HIS H 423 87.45 8.27 -27.34
N ASP H 424 86.32 8.86 -26.97
CA ASP H 424 85.22 8.04 -26.46
C ASP H 424 84.58 7.20 -27.55
N THR H 425 84.50 7.73 -28.78
CA THR H 425 83.96 6.94 -29.88
C THR H 425 84.84 5.74 -30.19
N ILE H 426 86.14 5.98 -30.37
CA ILE H 426 87.09 4.91 -30.68
C ILE H 426 86.98 3.78 -29.67
N ASP H 427 86.81 4.14 -28.39
CA ASP H 427 86.64 3.14 -27.34
C ASP H 427 85.35 2.36 -27.52
N LYS H 428 84.21 3.06 -27.69
CA LYS H 428 82.92 2.37 -27.81
C LYS H 428 82.88 1.47 -29.04
N VAL H 429 83.33 1.99 -30.18
CA VAL H 429 83.21 1.24 -31.43
C VAL H 429 84.04 -0.04 -31.39
N GLY H 430 85.14 -0.04 -30.64
CA GLY H 430 85.94 -1.24 -30.54
C GLY H 430 85.41 -2.29 -29.58
N ARG H 431 84.19 -2.14 -29.09
CA ARG H 431 83.60 -3.09 -28.15
C ARG H 431 82.41 -3.85 -28.71
N PHE H 432 82.04 -3.62 -29.96
CA PHE H 432 80.93 -4.33 -30.56
C PHE H 432 81.29 -5.80 -30.79
N ASP I 12 71.12 64.66 -47.56
CA ASP I 12 70.64 63.84 -46.45
C ASP I 12 69.52 64.53 -45.70
N GLY I 13 69.89 65.40 -44.77
CA GLY I 13 68.93 66.21 -44.03
C GLY I 13 68.28 65.55 -42.84
N LEU I 14 68.43 64.24 -42.66
CA LEU I 14 67.64 63.55 -41.65
C LEU I 14 68.14 63.79 -40.23
N TRP I 15 69.46 63.93 -40.04
CA TRP I 15 69.96 64.18 -38.69
C TRP I 15 69.55 65.55 -38.18
N ALA I 16 69.53 66.55 -39.05
CA ALA I 16 69.08 67.88 -38.64
C ALA I 16 67.61 67.86 -38.25
N ALA I 17 66.77 67.22 -39.08
CA ALA I 17 65.35 67.11 -38.76
C ALA I 17 65.13 66.36 -37.46
N LEU I 18 65.90 65.29 -37.22
CA LEU I 18 65.81 64.56 -35.97
C LEU I 18 66.16 65.45 -34.78
N THR I 19 67.32 66.12 -34.85
CA THR I 19 67.74 66.99 -33.75
C THR I 19 66.72 68.07 -33.48
N GLU I 20 66.22 68.72 -34.54
CA GLU I 20 65.18 69.72 -34.38
C GLU I 20 63.94 69.13 -33.73
N ALA I 21 63.60 67.89 -34.10
CA ALA I 21 62.39 67.26 -33.56
C ALA I 21 62.57 66.87 -32.10
N ALA I 22 63.75 66.37 -31.74
CA ALA I 22 64.03 66.06 -30.34
C ALA I 22 64.10 67.31 -29.48
N ALA I 23 64.62 68.41 -30.04
CA ALA I 23 64.64 69.69 -29.32
C ALA I 23 63.22 70.13 -28.96
N SER I 24 62.29 70.03 -29.92
CA SER I 24 60.91 70.40 -29.64
C SER I 24 60.34 69.60 -28.48
N VAL I 25 60.67 68.31 -28.41
CA VAL I 25 60.17 67.46 -27.32
C VAL I 25 60.76 67.91 -25.99
N GLU I 26 62.06 68.20 -25.96
CA GLU I 26 62.68 68.69 -24.74
C GLU I 26 62.07 70.03 -24.32
N LYS I 27 61.85 70.93 -25.27
CA LYS I 27 61.19 72.19 -24.98
C LYS I 27 59.82 71.97 -24.34
N LEU I 28 58.99 71.13 -24.97
CA LEU I 28 57.65 70.88 -24.45
C LEU I 28 57.67 70.27 -23.05
N LEU I 29 58.54 69.27 -22.84
CA LEU I 29 58.58 68.61 -21.54
C LEU I 29 59.01 69.56 -20.43
N ALA I 30 59.92 70.48 -20.74
CA ALA I 30 60.34 71.46 -19.74
C ALA I 30 59.20 72.40 -19.38
N THR I 31 58.44 72.84 -20.38
CA THR I 31 57.40 73.84 -20.18
C THR I 31 56.05 73.24 -19.78
N LEU I 32 55.76 72.01 -20.15
CA LEU I 32 54.44 71.45 -19.92
C LEU I 32 54.28 71.01 -18.46
N PRO I 33 53.05 70.88 -17.99
CA PRO I 33 52.83 70.33 -16.64
C PRO I 33 53.21 68.86 -16.59
N GLU I 34 53.43 68.38 -15.36
CA GLU I 34 53.84 67.00 -15.17
C GLU I 34 52.76 66.03 -15.65
N HIS I 35 53.18 64.83 -16.01
CA HIS I 35 52.25 63.80 -16.47
C HIS I 35 51.20 63.54 -15.39
N GLY I 36 49.93 63.66 -15.78
CA GLY I 36 48.81 63.56 -14.87
C GLY I 36 48.18 64.89 -14.51
N ALA I 37 48.85 65.99 -14.83
CA ALA I 37 48.29 67.33 -14.67
C ALA I 37 48.07 68.01 -16.01
N ARG I 38 48.24 67.27 -17.10
CA ARG I 38 48.13 67.82 -18.44
C ARG I 38 46.68 67.80 -18.91
N SER I 39 46.36 68.77 -19.76
CA SER I 39 45.05 68.80 -20.40
C SER I 39 45.08 67.94 -21.66
N SER I 40 43.89 67.63 -22.19
CA SER I 40 43.80 66.84 -23.40
C SER I 40 44.55 67.51 -24.56
N ALA I 41 44.42 68.84 -24.67
CA ALA I 41 45.18 69.56 -25.68
C ALA I 41 46.68 69.43 -25.44
N GLU I 42 47.11 69.52 -24.18
CA GLU I 42 48.53 69.37 -23.86
C GLU I 42 49.01 67.94 -24.09
N ARG I 43 48.22 66.95 -23.69
CA ARG I 43 48.61 65.56 -23.94
C ARG I 43 48.75 65.28 -25.42
N ALA I 44 47.90 65.90 -26.24
CA ALA I 44 47.98 65.68 -27.69
C ALA I 44 49.18 66.37 -28.30
N GLU I 45 49.58 67.52 -27.75
CA GLU I 45 50.75 68.23 -28.27
C GLU I 45 52.03 67.43 -28.06
N ILE I 46 52.24 66.91 -26.85
CA ILE I 46 53.46 66.15 -26.59
C ILE I 46 53.42 64.82 -27.33
N ALA I 47 52.25 64.18 -27.39
CA ALA I 47 52.12 62.95 -28.17
C ALA I 47 52.45 63.19 -29.63
N ALA I 48 52.02 64.33 -30.17
CA ALA I 48 52.36 64.66 -31.55
C ALA I 48 53.86 64.93 -31.70
N ALA I 49 54.48 65.50 -30.67
CA ALA I 49 55.92 65.75 -30.73
C ALA I 49 56.69 64.44 -30.63
N HIS I 50 56.31 63.58 -29.69
CA HIS I 50 56.88 62.24 -29.60
C HIS I 50 56.82 61.48 -30.92
N ASP I 51 55.65 61.45 -31.57
CA ASP I 51 55.50 60.66 -32.79
C ASP I 51 56.40 61.18 -33.89
N ALA I 52 56.48 62.50 -34.06
CA ALA I 52 57.31 63.06 -35.13
C ALA I 52 58.78 62.74 -34.92
N ALA I 53 59.26 62.82 -33.68
CA ALA I 53 60.67 62.52 -33.39
C ALA I 53 60.98 61.06 -33.66
N ARG I 54 60.16 60.16 -33.10
CA ARG I 54 60.39 58.72 -33.25
C ARG I 54 60.31 58.28 -34.70
N ALA I 55 59.38 58.87 -35.47
CA ALA I 55 59.32 58.58 -36.90
C ALA I 55 60.61 58.96 -37.62
N LEU I 56 61.29 60.02 -37.16
CA LEU I 56 62.55 60.40 -37.79
C LEU I 56 63.70 59.54 -37.30
N ARG I 57 63.61 59.05 -36.06
CA ARG I 57 64.59 58.08 -35.59
C ARG I 57 64.60 56.84 -36.47
N VAL I 58 63.41 56.38 -36.87
CA VAL I 58 63.31 55.24 -37.78
C VAL I 58 63.92 55.59 -39.14
N ARG I 59 63.51 56.72 -39.72
CA ARG I 59 64.02 57.07 -41.05
C ARG I 59 65.52 57.31 -41.04
N PHE I 60 66.04 57.96 -40.00
CA PHE I 60 67.48 58.15 -39.90
C PHE I 60 68.22 56.82 -39.91
N LEU I 61 67.78 55.88 -39.07
CA LEU I 61 68.50 54.62 -38.92
C LEU I 61 68.26 53.65 -40.07
N ASP I 62 67.13 53.75 -40.76
CA ASP I 62 66.89 52.90 -41.92
C ASP I 62 68.04 52.99 -42.91
N THR I 63 68.63 54.16 -43.06
CA THR I 63 69.78 54.36 -43.94
C THR I 63 71.12 54.48 -43.22
N HIS I 64 71.15 54.94 -41.96
CA HIS I 64 72.41 55.27 -41.31
C HIS I 64 72.80 54.31 -40.19
N ALA I 65 72.07 53.22 -39.98
CA ALA I 65 72.36 52.30 -38.87
C ALA I 65 73.79 51.80 -38.90
N ASP I 66 74.25 51.32 -40.07
CA ASP I 66 75.59 50.75 -40.18
C ASP I 66 76.67 51.77 -39.84
N ALA I 67 76.54 53.00 -40.35
CA ALA I 67 77.53 54.03 -40.06
C ALA I 67 77.53 54.38 -38.57
N VAL I 68 76.35 54.50 -37.98
CA VAL I 68 76.24 54.73 -36.54
C VAL I 68 76.94 53.62 -35.77
N TYR I 69 76.60 52.36 -36.07
CA TYR I 69 77.19 51.24 -35.34
C TYR I 69 78.70 51.19 -35.54
N ASP I 70 79.17 51.47 -36.75
CA ASP I 70 80.60 51.47 -37.02
C ASP I 70 81.33 52.52 -36.21
N ARG I 71 80.74 53.70 -36.02
CA ARG I 71 81.37 54.71 -35.17
C ARG I 71 81.49 54.24 -33.73
N LEU I 72 80.40 53.69 -33.18
CA LEU I 72 80.42 53.27 -31.78
C LEU I 72 81.32 52.07 -31.53
N THR I 73 81.57 51.25 -32.56
CA THR I 73 82.28 49.99 -32.37
C THR I 73 83.60 49.91 -33.14
N ASP I 74 84.07 51.01 -33.71
CA ASP I 74 85.34 51.04 -34.46
C ASP I 74 85.29 50.07 -35.64
N HIS I 75 84.29 50.26 -36.50
CA HIS I 75 83.99 49.35 -37.60
C HIS I 75 84.01 47.90 -37.13
N ARG I 76 83.16 47.63 -36.14
CA ARG I 76 82.87 46.26 -35.69
C ARG I 76 84.13 45.53 -35.22
N ARG I 77 85.04 46.26 -34.57
CA ARG I 77 86.25 45.67 -34.01
C ARG I 77 86.22 45.64 -32.50
N VAL I 78 85.25 46.32 -31.89
CA VAL I 78 85.02 46.30 -30.44
C VAL I 78 83.61 45.78 -30.18
N HIS I 79 83.52 44.71 -29.39
CA HIS I 79 82.24 44.13 -28.98
C HIS I 79 81.70 44.88 -27.77
N LEU I 80 80.61 45.62 -27.95
CA LEU I 80 79.93 46.28 -26.84
C LEU I 80 78.63 45.56 -26.51
N ARG I 81 78.41 45.28 -25.23
CA ARG I 81 77.13 44.77 -24.76
C ARG I 81 76.02 45.82 -24.95
N LEU I 82 74.78 45.41 -24.66
CA LEU I 82 73.62 46.26 -24.93
C LEU I 82 73.67 47.54 -24.12
N ALA I 83 73.75 47.40 -22.80
CA ALA I 83 73.82 48.57 -21.92
C ALA I 83 74.91 49.53 -22.36
N GLU I 84 76.12 49.01 -22.63
CA GLU I 84 77.23 49.85 -23.07
C GLU I 84 76.93 50.50 -24.41
N LEU I 85 76.26 49.78 -25.32
CA LEU I 85 75.98 50.33 -26.64
C LEU I 85 74.97 51.47 -26.59
N VAL I 86 73.83 51.26 -25.90
CA VAL I 86 72.79 52.28 -25.86
C VAL I 86 73.25 53.49 -25.08
N GLU I 87 74.26 53.35 -24.24
CA GLU I 87 74.85 54.51 -23.57
C GLU I 87 75.85 55.21 -24.47
N ALA I 88 76.67 54.44 -25.20
CA ALA I 88 77.59 55.03 -26.17
C ALA I 88 76.84 55.77 -27.26
N ALA I 89 75.72 55.20 -27.72
CA ALA I 89 74.91 55.88 -28.73
C ALA I 89 74.34 57.19 -28.23
N ALA I 90 73.91 57.24 -26.97
CA ALA I 90 73.29 58.45 -26.42
C ALA I 90 74.26 59.63 -26.43
N THR I 91 75.51 59.41 -26.05
CA THR I 91 76.45 60.52 -25.96
C THR I 91 77.05 60.84 -27.32
N ALA I 92 77.22 59.84 -28.19
CA ALA I 92 77.73 60.12 -29.52
C ALA I 92 76.67 60.68 -30.46
N PHE I 93 75.39 60.42 -30.19
CA PHE I 93 74.29 60.85 -31.05
C PHE I 93 73.16 61.35 -30.16
N PRO I 94 73.29 62.55 -29.61
CA PRO I 94 72.29 63.03 -28.63
C PRO I 94 70.92 63.14 -29.27
N GLY I 95 69.91 62.68 -28.52
CA GLY I 95 68.55 62.64 -28.99
C GLY I 95 68.16 61.40 -29.76
N LEU I 96 69.14 60.61 -30.23
CA LEU I 96 68.80 59.34 -30.87
C LEU I 96 68.29 58.34 -29.84
N VAL I 97 68.92 58.31 -28.67
CA VAL I 97 68.48 57.46 -27.56
C VAL I 97 68.69 58.21 -26.25
N PRO I 98 67.87 57.92 -25.26
CA PRO I 98 67.94 58.69 -24.00
C PRO I 98 69.26 58.52 -23.28
N THR I 99 69.65 59.57 -22.55
CA THR I 99 70.85 59.55 -21.75
C THR I 99 70.63 58.77 -20.45
N GLN I 100 71.75 58.51 -19.77
CA GLN I 100 71.72 57.90 -18.44
C GLN I 100 70.93 58.76 -17.45
N GLN I 101 70.95 60.08 -17.64
CA GLN I 101 70.15 60.98 -16.81
C GLN I 101 68.68 60.92 -17.17
N GLN I 102 68.36 60.96 -18.47
CA GLN I 102 66.96 60.84 -18.89
C GLN I 102 66.35 59.53 -18.45
N LEU I 103 67.12 58.44 -18.53
CA LEU I 103 66.62 57.13 -18.10
C LEU I 103 66.37 57.10 -16.60
N ALA I 104 67.22 57.76 -15.81
CA ALA I 104 67.03 57.77 -14.36
C ALA I 104 65.76 58.50 -13.96
N VAL I 105 65.42 59.59 -14.67
CA VAL I 105 64.16 60.29 -14.44
C VAL I 105 62.99 59.36 -14.69
N GLU I 106 62.97 58.72 -15.86
CA GLU I 106 61.93 57.75 -16.20
C GLU I 106 61.79 56.69 -15.12
N ARG I 107 62.90 55.99 -14.81
CA ARG I 107 62.93 54.93 -13.81
C ARG I 107 62.30 55.35 -12.50
N SER I 108 62.44 56.63 -12.14
CA SER I 108 61.94 57.13 -10.87
C SER I 108 60.42 57.24 -10.84
N LEU I 109 59.76 57.25 -12.00
CA LEU I 109 58.33 57.37 -12.14
C LEU I 109 57.68 56.00 -12.23
N PRO I 110 56.41 55.87 -11.85
CA PRO I 110 55.68 54.65 -12.19
C PRO I 110 55.36 54.65 -13.68
N GLN I 111 55.20 53.43 -14.21
CA GLN I 111 55.03 53.24 -15.65
C GLN I 111 53.98 54.17 -16.25
N ALA I 112 52.91 54.45 -15.51
CA ALA I 112 51.87 55.35 -16.00
C ALA I 112 52.41 56.71 -16.42
N ALA I 113 53.40 57.24 -15.68
CA ALA I 113 53.83 58.63 -15.84
C ALA I 113 55.03 58.80 -16.77
N LYS I 114 55.61 57.72 -17.28
CA LYS I 114 56.81 57.82 -18.09
C LYS I 114 56.52 58.44 -19.44
N GLU I 115 57.56 59.07 -20.02
CA GLU I 115 57.46 59.59 -21.37
C GLU I 115 57.67 58.50 -22.42
N GLY I 116 58.27 57.37 -22.04
CA GLY I 116 58.47 56.26 -22.95
C GLY I 116 59.75 56.34 -23.75
N HIS I 117 60.76 57.06 -23.24
CA HIS I 117 62.05 57.17 -23.92
C HIS I 117 62.65 55.83 -24.32
N GLU I 118 62.35 54.77 -23.57
CA GLU I 118 62.84 53.44 -23.95
C GLU I 118 62.43 53.04 -25.37
N ILE I 119 61.27 53.52 -25.84
CA ILE I 119 60.85 53.28 -27.22
C ILE I 119 61.96 53.66 -28.20
N ASP I 120 62.67 54.76 -27.90
CA ASP I 120 63.79 55.16 -28.75
C ASP I 120 64.87 54.07 -28.79
N GLN I 121 65.06 53.37 -27.68
CA GLN I 121 66.01 52.26 -27.64
C GLN I 121 65.50 51.08 -28.49
N GLY I 122 64.20 50.79 -28.41
CA GLY I 122 63.62 49.80 -29.29
C GLY I 122 63.87 50.10 -30.75
N ILE I 123 63.73 51.38 -31.14
CA ILE I 123 63.99 51.78 -32.52
C ILE I 123 65.45 51.54 -32.88
N PHE I 124 66.36 51.92 -31.98
CA PHE I 124 67.79 51.77 -32.22
C PHE I 124 68.18 50.30 -32.37
N LEU I 125 67.88 49.49 -31.35
CA LEU I 125 68.27 48.09 -31.37
C LEU I 125 67.61 47.33 -32.52
N ARG I 126 66.37 47.69 -32.86
CA ARG I 126 65.73 47.10 -34.03
C ARG I 126 66.55 47.39 -35.28
N ALA I 127 66.94 48.64 -35.47
CA ALA I 127 67.74 49.01 -36.64
C ALA I 127 69.09 48.32 -36.63
N VAL I 128 69.70 48.17 -35.45
CA VAL I 128 70.98 47.48 -35.35
C VAL I 128 70.83 46.02 -35.75
N LEU I 129 69.89 45.32 -35.10
CA LEU I 129 69.70 43.89 -35.32
C LEU I 129 69.22 43.57 -36.74
N ARG I 130 68.54 44.50 -37.42
CA ARG I 130 68.19 44.27 -38.81
C ARG I 130 69.39 44.25 -39.75
N SER I 131 70.50 44.88 -39.37
CA SER I 131 71.66 44.96 -40.24
C SER I 131 72.37 43.61 -40.33
N PRO I 132 72.64 43.11 -41.54
CA PRO I 132 73.40 41.86 -41.66
C PRO I 132 74.82 41.97 -41.13
N LEU I 133 75.35 43.19 -40.98
CA LEU I 133 76.68 43.44 -40.46
C LEU I 133 76.70 43.77 -38.98
N ALA I 134 75.85 44.71 -38.56
CA ALA I 134 75.84 45.13 -37.16
C ALA I 134 75.15 44.11 -36.26
N GLY I 135 74.03 43.55 -36.73
CA GLY I 135 73.27 42.56 -36.01
C GLY I 135 74.08 41.41 -35.43
N PRO I 136 74.67 40.60 -36.31
CA PRO I 136 75.48 39.46 -35.82
C PRO I 136 76.60 39.87 -34.89
N HIS I 137 77.18 41.06 -35.08
CA HIS I 137 78.25 41.52 -34.21
C HIS I 137 77.75 41.74 -32.78
N LEU I 138 76.58 42.36 -32.63
CA LEU I 138 75.98 42.58 -31.31
C LEU I 138 75.60 41.27 -30.62
N LEU I 139 75.06 40.30 -31.35
CA LEU I 139 74.70 39.03 -30.75
C LEU I 139 75.93 38.28 -30.25
N ASP I 140 77.05 38.43 -30.95
CA ASP I 140 78.31 37.87 -30.49
C ASP I 140 78.80 38.57 -29.22
N ALA I 141 78.75 39.90 -29.21
CA ALA I 141 79.10 40.65 -28.00
C ALA I 141 78.38 40.11 -26.78
N MET I 142 77.08 39.80 -26.93
CA MET I 142 76.29 39.30 -25.82
C MET I 142 76.56 37.84 -25.47
N LEU I 143 77.19 37.06 -26.34
CA LEU I 143 77.56 35.71 -25.95
C LEU I 143 78.89 35.65 -25.24
N ARG I 144 79.68 36.72 -25.27
CA ARG I 144 80.93 36.77 -24.54
C ARG I 144 80.64 36.81 -23.04
N PRO I 145 81.56 36.31 -22.21
CA PRO I 145 81.34 36.30 -20.76
C PRO I 145 81.17 37.70 -20.17
N THR I 146 80.28 37.79 -19.19
CA THR I 146 80.15 39.02 -18.42
C THR I 146 81.37 39.20 -17.52
N PRO I 147 81.81 40.45 -17.31
CA PRO I 147 82.92 40.69 -16.35
C PRO I 147 82.67 40.12 -14.97
N ARG I 148 81.43 40.19 -14.47
CA ARG I 148 81.14 39.67 -13.14
C ARG I 148 81.51 38.20 -13.01
N ALA I 149 81.26 37.41 -14.05
CA ALA I 149 81.63 36.00 -14.01
C ALA I 149 83.14 35.81 -14.07
N LEU I 150 83.81 36.53 -14.98
CA LEU I 150 85.27 36.45 -15.07
C LEU I 150 85.89 36.82 -13.74
N GLU I 151 85.30 37.81 -13.07
CA GLU I 151 85.72 38.22 -11.73
C GLU I 151 85.62 37.06 -10.74
N LEU I 152 84.48 36.37 -10.73
CA LEU I 152 84.17 35.32 -9.75
C LEU I 152 84.60 33.92 -10.15
N LEU I 153 85.16 33.73 -11.35
CA LEU I 153 85.46 32.37 -11.79
C LEU I 153 86.50 31.67 -10.90
N PRO I 154 87.67 32.23 -10.63
CA PRO I 154 88.62 31.54 -9.71
C PRO I 154 88.01 31.14 -8.38
N GLU I 155 87.30 32.05 -7.70
CA GLU I 155 86.70 31.72 -6.42
C GLU I 155 85.64 30.63 -6.56
N PHE I 156 85.05 30.50 -7.74
CA PHE I 156 84.11 29.39 -7.97
C PHE I 156 84.84 28.11 -8.34
N VAL I 157 85.92 28.22 -9.12
CA VAL I 157 86.71 27.02 -9.43
C VAL I 157 87.22 26.36 -8.15
N ARG I 158 87.58 27.17 -7.16
CA ARG I 158 88.12 26.64 -5.91
C ARG I 158 87.03 26.14 -4.96
N THR I 159 85.97 26.93 -4.78
CA THR I 159 84.96 26.64 -3.76
C THR I 159 83.85 25.72 -4.26
N GLY I 160 83.48 25.82 -5.53
CA GLY I 160 82.30 25.12 -6.01
C GLY I 160 81.00 25.69 -5.51
N GLU I 161 80.97 26.97 -5.16
CA GLU I 161 79.78 27.60 -4.62
C GLU I 161 79.84 29.11 -4.79
N VAL I 162 78.70 29.69 -5.17
CA VAL I 162 78.49 31.14 -5.23
C VAL I 162 77.07 31.41 -4.79
N GLU I 163 76.90 32.31 -3.82
CA GLU I 163 75.57 32.74 -3.39
C GLU I 163 75.34 34.16 -3.89
N MET I 164 74.26 34.34 -4.65
CA MET I 164 73.83 35.64 -5.15
C MET I 164 72.40 35.89 -4.67
N GLU I 165 71.91 37.10 -4.94
CA GLU I 165 70.59 37.49 -4.46
C GLU I 165 69.50 36.58 -5.02
N ALA I 166 69.53 36.34 -6.33
CA ALA I 166 68.44 35.62 -6.98
C ALA I 166 68.80 34.20 -7.42
N VAL I 167 70.06 33.80 -7.33
CA VAL I 167 70.48 32.47 -7.80
C VAL I 167 71.58 31.96 -6.88
N HIS I 168 71.46 30.70 -6.46
CA HIS I 168 72.54 29.99 -5.77
C HIS I 168 73.15 28.96 -6.73
N LEU I 169 74.46 29.06 -6.94
CA LEU I 169 75.18 28.20 -7.88
C LEU I 169 76.10 27.27 -7.10
N GLU I 170 76.11 25.98 -7.47
CA GLU I 170 76.91 24.97 -6.78
C GLU I 170 77.40 23.94 -7.78
N ARG I 171 78.71 23.71 -7.84
CA ARG I 171 79.26 22.59 -8.58
C ARG I 171 79.28 21.32 -7.73
N ARG I 172 78.72 20.24 -8.26
CA ARG I 172 78.64 18.97 -7.56
C ARG I 172 78.47 17.84 -8.56
N ASP I 173 79.36 16.84 -8.52
CA ASP I 173 79.36 15.70 -9.44
C ASP I 173 79.40 16.14 -10.90
N GLY I 174 80.12 17.22 -11.17
CA GLY I 174 80.22 17.71 -12.53
C GLY I 174 78.98 18.40 -13.04
N VAL I 175 78.11 18.85 -12.14
CA VAL I 175 76.85 19.48 -12.51
C VAL I 175 76.85 20.90 -11.94
N ALA I 176 76.60 21.87 -12.79
CA ALA I 176 76.38 23.24 -12.35
C ALA I 176 74.92 23.37 -11.90
N ARG I 177 74.72 23.43 -10.60
CA ARG I 177 73.38 23.46 -10.01
C ARG I 177 72.96 24.91 -9.76
N LEU I 178 72.07 25.42 -10.60
CA LEU I 178 71.47 26.73 -10.41
C LEU I 178 70.15 26.56 -9.68
N THR I 179 70.00 27.24 -8.54
CA THR I 179 68.78 27.19 -7.75
C THR I 179 68.25 28.62 -7.64
N MET I 180 67.11 28.87 -8.28
CA MET I 180 66.46 30.18 -8.21
C MET I 180 65.80 30.28 -6.85
N CYS I 181 66.28 31.21 -6.02
CA CYS I 181 66.00 31.17 -4.58
C CYS I 181 65.39 32.47 -4.04
N ARG I 182 64.37 33.00 -4.70
CA ARG I 182 63.62 34.14 -4.17
C ARG I 182 62.43 33.60 -3.39
N ASP I 183 62.73 33.09 -2.19
CA ASP I 183 61.74 32.44 -1.34
C ASP I 183 60.46 33.24 -1.09
N ASP I 184 60.48 34.57 -1.23
CA ASP I 184 59.32 35.37 -0.85
C ASP I 184 58.31 35.63 -1.96
N ARG I 185 58.68 35.41 -3.22
CA ARG I 185 57.85 35.91 -4.31
C ARG I 185 57.73 34.92 -5.46
N LEU I 186 58.01 33.64 -5.22
CA LEU I 186 57.87 32.60 -6.23
C LEU I 186 58.80 32.83 -7.41
N ASN I 187 60.01 33.32 -7.12
CA ASN I 187 61.06 33.53 -8.13
C ASN I 187 60.64 34.52 -9.21
N ALA I 188 59.86 35.53 -8.82
CA ALA I 188 59.50 36.58 -9.75
C ALA I 188 60.76 37.28 -10.26
N GLU I 189 60.79 37.54 -11.56
CA GLU I 189 62.02 37.98 -12.22
C GLU I 189 62.18 39.48 -12.14
N ASP I 190 63.43 39.94 -12.06
CA ASP I 190 63.74 41.35 -12.13
C ASP I 190 65.13 41.53 -12.73
N GLY I 191 65.56 42.80 -12.87
CA GLY I 191 66.84 43.09 -13.47
C GLY I 191 68.00 42.41 -12.75
N GLN I 192 67.93 42.32 -11.43
CA GLN I 192 68.98 41.66 -10.67
C GLN I 192 69.04 40.17 -11.00
N GLN I 193 67.89 39.51 -11.02
CA GLN I 193 67.82 38.09 -11.38
C GLN I 193 68.47 37.79 -12.72
N VAL I 194 68.24 38.63 -13.73
CA VAL I 194 68.89 38.42 -15.02
C VAL I 194 70.41 38.53 -14.87
N ASP I 195 70.86 39.49 -14.06
CA ASP I 195 72.30 39.61 -13.80
C ASP I 195 72.84 38.35 -13.15
N ASP I 196 72.11 37.80 -12.17
CA ASP I 196 72.56 36.62 -11.48
C ASP I 196 72.46 35.39 -12.36
N MET I 197 71.36 35.28 -13.13
CA MET I 197 71.21 34.15 -14.04
C MET I 197 72.33 34.12 -15.07
N GLU I 198 72.58 35.25 -15.74
CA GLU I 198 73.66 35.30 -16.73
C GLU I 198 75.02 35.06 -16.07
N THR I 199 75.26 35.67 -14.91
CA THR I 199 76.52 35.45 -14.21
C THR I 199 76.73 33.97 -13.92
N ALA I 200 75.70 33.31 -13.39
CA ALA I 200 75.79 31.88 -13.08
C ALA I 200 75.97 31.05 -14.34
N VAL I 201 75.16 31.30 -15.37
CA VAL I 201 75.28 30.58 -16.64
C VAL I 201 76.70 30.66 -17.18
N ASP I 202 77.27 31.86 -17.16
CA ASP I 202 78.66 32.04 -17.57
C ASP I 202 79.61 31.14 -16.80
N LEU I 203 79.49 31.12 -15.46
CA LEU I 203 80.39 30.30 -14.65
C LEU I 203 80.21 28.82 -14.96
N ALA I 204 78.96 28.38 -15.12
CA ALA I 204 78.72 26.98 -15.51
C ALA I 204 79.44 26.64 -16.81
N LEU I 205 79.42 27.57 -17.77
CA LEU I 205 79.98 27.30 -19.08
C LEU I 205 81.51 27.34 -19.06
N LEU I 206 82.10 28.29 -18.34
CA LEU I 206 83.56 28.43 -18.34
C LEU I 206 84.26 27.47 -17.39
N ASP I 207 83.54 26.89 -16.42
CA ASP I 207 84.18 26.01 -15.44
C ASP I 207 84.48 24.66 -16.08
N PRO I 208 85.76 24.30 -16.25
CA PRO I 208 86.07 23.00 -16.86
C PRO I 208 85.64 21.83 -16.01
N GLY I 209 85.36 22.04 -14.72
CA GLY I 209 84.85 21.00 -13.86
C GLY I 209 83.36 20.79 -13.95
N VAL I 210 82.69 21.53 -14.82
CA VAL I 210 81.24 21.45 -15.02
C VAL I 210 80.99 20.80 -16.37
N ARG I 211 80.13 19.79 -16.39
CA ARG I 211 79.78 19.06 -17.59
C ARG I 211 78.34 19.24 -18.01
N VAL I 212 77.43 19.34 -17.04
CA VAL I 212 76.01 19.53 -17.31
C VAL I 212 75.51 20.67 -16.43
N GLY I 213 74.52 21.40 -16.94
CA GLY I 213 73.88 22.41 -16.14
C GLY I 213 72.51 21.95 -15.68
N LEU I 214 72.03 22.52 -14.57
CA LEU I 214 70.73 22.18 -14.03
C LEU I 214 70.08 23.46 -13.52
N LEU I 215 68.87 23.74 -13.96
CA LEU I 215 68.10 24.87 -13.48
C LEU I 215 66.88 24.36 -12.76
N ARG I 216 66.71 24.80 -11.51
CA ARG I 216 65.64 24.33 -10.66
C ARG I 216 65.32 25.42 -9.64
N GLY I 217 64.09 25.45 -9.17
CA GLY I 217 63.66 26.43 -8.20
C GLY I 217 63.88 25.96 -6.77
N GLY I 218 64.21 26.92 -5.90
CA GLY I 218 64.47 26.61 -4.52
C GLY I 218 63.21 26.57 -3.69
N VAL I 219 63.39 26.15 -2.43
CA VAL I 219 62.28 26.05 -1.50
C VAL I 219 61.75 27.43 -1.17
N MET I 220 60.43 27.56 -1.05
CA MET I 220 59.77 28.83 -0.82
C MET I 220 59.51 29.03 0.66
N SER I 221 59.46 30.30 1.07
CA SER I 221 59.20 30.68 2.45
C SER I 221 57.84 31.33 2.64
N HIS I 222 57.25 31.86 1.58
CA HIS I 222 55.92 32.47 1.62
C HIS I 222 54.91 31.52 2.25
N PRO I 223 54.00 32.01 3.09
CA PRO I 223 53.12 31.12 3.89
C PRO I 223 52.37 30.09 3.06
N ARG I 224 51.98 30.42 1.82
CA ARG I 224 51.24 29.48 0.99
C ARG I 224 52.11 28.40 0.35
N TYR I 225 53.41 28.65 0.25
CA TYR I 225 54.31 27.68 -0.35
C TYR I 225 55.53 27.43 0.52
N ARG I 226 55.34 27.47 1.83
CA ARG I 226 56.43 27.24 2.76
C ARG I 226 56.86 25.78 2.73
N GLY I 227 58.14 25.55 2.44
CA GLY I 227 58.67 24.22 2.30
C GLY I 227 58.55 23.61 0.92
N LYS I 228 57.95 24.32 -0.03
CA LYS I 228 57.70 23.79 -1.37
C LYS I 228 58.54 24.54 -2.39
N ARG I 229 59.14 23.81 -3.32
CA ARG I 229 59.86 24.44 -4.41
C ARG I 229 58.89 25.02 -5.43
N VAL I 230 59.29 26.15 -6.03
CA VAL I 230 58.54 26.77 -7.11
C VAL I 230 59.55 27.28 -8.13
N PHE I 231 59.35 26.90 -9.40
CA PHE I 231 60.29 27.22 -10.45
C PHE I 231 60.25 28.71 -10.77
N SER I 232 59.15 29.19 -11.35
CA SER I 232 59.09 30.61 -11.69
C SER I 232 57.65 31.05 -11.81
N ALA I 233 57.38 32.28 -11.35
CA ALA I 233 56.09 32.93 -11.54
C ALA I 233 56.20 34.09 -12.53
N GLY I 234 57.27 34.15 -13.31
CA GLY I 234 57.37 35.11 -14.37
C GLY I 234 57.85 36.46 -13.88
N ILE I 235 57.72 37.45 -14.78
CA ILE I 235 58.22 38.80 -14.55
C ILE I 235 57.55 39.36 -13.30
N ASN I 236 58.27 40.18 -12.54
CA ASN I 236 57.68 40.83 -11.38
C ASN I 236 56.68 41.87 -11.85
N LEU I 237 55.39 41.55 -11.71
CA LEU I 237 54.34 42.47 -12.16
C LEU I 237 54.29 43.73 -11.32
N LYS I 238 54.58 43.62 -10.01
CA LYS I 238 54.69 44.82 -9.18
C LYS I 238 55.76 45.76 -9.72
N TYR I 239 56.97 45.24 -9.96
CA TYR I 239 58.06 46.08 -10.46
C TYR I 239 57.72 46.67 -11.82
N LEU I 240 57.15 45.86 -12.72
CA LEU I 240 56.71 46.34 -14.02
C LEU I 240 55.80 47.56 -13.89
N SER I 241 54.83 47.48 -12.99
CA SER I 241 53.94 48.63 -12.75
C SER I 241 54.71 49.81 -12.17
N GLN I 242 55.58 49.56 -11.19
CA GLN I 242 56.35 50.59 -10.51
C GLN I 242 57.45 51.20 -11.37
N GLY I 243 57.66 50.70 -12.59
CA GLY I 243 58.66 51.25 -13.49
C GLY I 243 60.02 50.60 -13.39
N GLY I 244 60.14 49.45 -12.74
CA GLY I 244 61.39 48.79 -12.49
C GLY I 244 61.83 47.73 -13.49
N ILE I 245 61.10 47.52 -14.58
CA ILE I 245 61.47 46.54 -15.59
C ILE I 245 62.07 47.27 -16.78
N SER I 246 63.36 47.07 -17.01
CA SER I 246 64.09 47.74 -18.08
C SER I 246 63.89 46.99 -19.40
N LEU I 247 63.53 47.73 -20.44
CA LEU I 247 63.50 47.15 -21.78
C LEU I 247 64.83 46.51 -22.13
N VAL I 248 65.92 47.24 -21.95
CA VAL I 248 67.25 46.79 -22.36
C VAL I 248 67.86 45.88 -21.30
N ASP I 249 67.90 46.33 -20.05
CA ASP I 249 68.63 45.62 -19.02
C ASP I 249 67.89 44.39 -18.50
N PHE I 250 66.62 44.20 -18.87
CA PHE I 250 65.90 42.97 -18.53
C PHE I 250 65.34 42.29 -19.77
N LEU I 251 64.37 42.91 -20.46
CA LEU I 251 63.65 42.21 -21.51
C LEU I 251 64.58 41.77 -22.64
N MET I 252 65.51 42.63 -23.05
CA MET I 252 66.43 42.29 -24.14
C MET I 252 67.68 41.58 -23.65
N ARG I 253 68.23 42.00 -22.50
CA ARG I 253 69.45 41.38 -21.99
C ARG I 253 69.29 39.87 -21.82
N ARG I 254 68.15 39.45 -21.26
CA ARG I 254 67.94 38.03 -20.99
C ARG I 254 67.83 37.23 -22.28
N GLU I 255 67.26 37.80 -23.34
CA GLU I 255 67.10 37.08 -24.59
C GLU I 255 68.43 36.94 -25.32
N LEU I 256 69.23 38.02 -25.33
CA LEU I 256 70.51 38.01 -26.02
C LEU I 256 71.63 37.48 -25.14
N GLY I 257 71.44 37.50 -23.82
CA GLY I 257 72.48 37.03 -22.92
C GLY I 257 72.31 35.58 -22.51
N TYR I 258 71.74 35.33 -21.33
CA TYR I 258 71.83 33.99 -20.76
C TYR I 258 70.95 32.97 -21.48
N ILE I 259 69.77 33.38 -21.96
CA ILE I 259 68.92 32.44 -22.69
C ILE I 259 69.60 32.01 -23.99
N HIS I 260 70.26 32.94 -24.68
CA HIS I 260 70.98 32.58 -25.91
C HIS I 260 72.23 31.77 -25.61
N LYS I 261 72.80 31.95 -24.41
CA LYS I 261 73.97 31.16 -24.03
C LYS I 261 73.61 29.72 -23.70
N LEU I 262 72.40 29.48 -23.18
CA LEU I 262 71.93 28.10 -23.04
C LEU I 262 71.89 27.41 -24.39
N VAL I 263 71.51 28.14 -25.44
CA VAL I 263 71.45 27.56 -26.78
C VAL I 263 72.86 27.42 -27.35
N ARG I 264 73.57 28.53 -27.49
CA ARG I 264 74.79 28.59 -28.30
C ARG I 264 76.07 28.68 -27.49
N GLY I 265 76.00 28.74 -26.16
CA GLY I 265 77.20 28.78 -25.35
C GLY I 265 77.83 30.17 -25.28
N VAL I 266 78.96 30.24 -24.59
CA VAL I 266 79.69 31.48 -24.43
C VAL I 266 80.77 31.62 -25.48
N LEU I 267 80.87 32.81 -26.07
CA LEU I 267 81.93 33.14 -27.02
C LEU I 267 83.18 33.48 -26.22
N THR I 268 84.20 32.62 -26.27
CA THR I 268 85.45 32.87 -25.58
C THR I 268 86.45 33.51 -26.53
N ASN I 269 87.59 33.93 -25.98
CA ASN I 269 88.63 34.43 -26.85
C ASN I 269 89.31 33.26 -27.55
N ASP I 270 90.19 33.60 -28.48
CA ASP I 270 91.01 32.60 -29.16
C ASP I 270 92.15 32.18 -28.24
N ASP I 271 91.85 31.55 -27.10
CA ASP I 271 92.85 31.37 -26.04
C ASP I 271 93.01 29.91 -25.64
N ARG I 272 92.71 28.98 -26.53
CA ARG I 272 92.57 27.59 -26.11
C ARG I 272 92.61 26.68 -27.34
N PRO I 273 93.11 25.45 -27.25
CA PRO I 273 93.01 24.55 -28.40
C PRO I 273 91.55 24.29 -28.73
N GLY I 274 91.29 23.95 -29.98
CA GLY I 274 89.94 23.73 -30.43
C GLY I 274 89.22 24.96 -30.95
N TRP I 275 89.50 26.15 -30.38
CA TRP I 275 88.76 27.37 -30.71
C TRP I 275 88.49 27.53 -32.20
N TRP I 276 89.34 26.95 -33.06
CA TRP I 276 89.07 26.97 -34.50
C TRP I 276 87.78 26.24 -34.85
N HIS I 277 87.48 25.13 -34.18
CA HIS I 277 86.24 24.41 -34.43
C HIS I 277 85.14 24.71 -33.42
N SER I 278 85.48 25.12 -32.20
CA SER I 278 84.49 25.43 -31.18
C SER I 278 84.82 26.77 -30.55
N PRO I 279 84.54 27.87 -31.25
CA PRO I 279 84.77 29.19 -30.66
C PRO I 279 83.93 29.46 -29.43
N ARG I 280 82.83 28.73 -29.25
CA ARG I 280 81.96 28.88 -28.10
C ARG I 280 81.99 27.60 -27.26
N ILE I 281 81.97 27.77 -25.95
CA ILE I 281 81.84 26.65 -25.02
C ILE I 281 80.36 26.49 -24.67
N GLU I 282 79.80 25.34 -25.01
CA GLU I 282 78.40 25.05 -24.70
C GLU I 282 78.33 23.71 -23.98
N LYS I 283 77.31 23.57 -23.13
CA LYS I 283 77.08 22.38 -22.33
C LYS I 283 75.59 22.07 -22.34
N PRO I 284 75.20 20.84 -22.05
CA PRO I 284 73.77 20.52 -22.02
C PRO I 284 73.13 20.96 -20.72
N TRP I 285 71.83 21.26 -20.81
CA TRP I 285 71.09 21.85 -19.70
C TRP I 285 69.82 21.07 -19.42
N VAL I 286 69.53 20.89 -18.13
CA VAL I 286 68.34 20.20 -17.66
C VAL I 286 67.54 21.17 -16.79
N ALA I 287 66.22 21.20 -16.99
CA ALA I 287 65.34 22.04 -16.21
C ALA I 287 64.35 21.15 -15.46
N ALA I 288 64.07 21.51 -14.21
CA ALA I 288 63.16 20.76 -13.36
C ALA I 288 62.14 21.72 -12.78
N VAL I 289 60.87 21.52 -13.12
CA VAL I 289 59.80 22.47 -12.81
C VAL I 289 59.01 21.91 -11.64
N ASP I 290 59.14 22.57 -10.49
CA ASP I 290 58.31 22.31 -9.32
C ASP I 290 57.21 23.35 -9.25
N GLY I 291 56.01 22.92 -8.90
CA GLY I 291 54.93 23.87 -8.70
C GLY I 291 54.33 24.31 -10.03
N PHE I 292 55.05 25.15 -10.77
CA PHE I 292 54.58 25.66 -12.04
C PHE I 292 55.68 26.50 -12.68
N ALA I 293 55.56 26.71 -13.99
CA ALA I 293 56.42 27.62 -14.75
C ALA I 293 55.53 28.60 -15.49
N ILE I 294 55.56 29.87 -15.07
CA ILE I 294 54.71 30.91 -15.63
C ILE I 294 55.60 31.92 -16.33
N GLY I 295 55.15 32.38 -17.50
CA GLY I 295 55.82 33.49 -18.16
C GLY I 295 57.25 33.19 -18.56
N GLY I 296 58.17 34.03 -18.11
CA GLY I 296 59.57 33.85 -18.47
C GLY I 296 60.12 32.51 -18.03
N GLY I 297 59.58 31.94 -16.95
CA GLY I 297 59.97 30.60 -16.56
C GLY I 297 59.56 29.56 -17.58
N ALA I 298 58.32 29.66 -18.08
CA ALA I 298 57.88 28.74 -19.12
C ALA I 298 58.65 28.96 -20.42
N GLN I 299 58.96 30.23 -20.72
CA GLN I 299 59.74 30.57 -21.90
C GLN I 299 61.08 29.86 -21.90
N LEU I 300 61.73 29.77 -20.74
CA LEU I 300 63.06 29.18 -20.66
C LEU I 300 63.04 27.72 -21.10
N LEU I 301 61.97 27.00 -20.79
CA LEU I 301 61.86 25.57 -21.08
C LEU I 301 62.03 25.27 -22.57
N LEU I 302 61.85 26.26 -23.44
CA LEU I 302 61.96 26.08 -24.88
C LEU I 302 63.41 25.98 -25.33
N VAL I 303 64.35 25.88 -24.39
CA VAL I 303 65.75 26.03 -24.72
C VAL I 303 66.60 24.94 -24.05
N PHE I 304 65.97 24.09 -23.25
CA PHE I 304 66.72 23.06 -22.54
C PHE I 304 66.84 21.78 -23.35
N ASP I 305 67.75 20.91 -22.91
CA ASP I 305 67.99 19.64 -23.57
C ASP I 305 67.15 18.53 -22.94
N ARG I 306 66.69 18.76 -21.72
CA ARG I 306 65.79 17.87 -21.02
C ARG I 306 64.94 18.73 -20.09
N VAL I 307 63.66 18.43 -20.02
CA VAL I 307 62.76 19.15 -19.13
C VAL I 307 62.00 18.11 -18.33
N LEU I 308 62.03 18.24 -17.00
CA LEU I 308 61.30 17.39 -16.08
C LEU I 308 60.38 18.27 -15.24
N ALA I 309 59.28 17.67 -14.78
CA ALA I 309 58.30 18.43 -14.04
C ALA I 309 57.53 17.49 -13.13
N SER I 310 57.12 18.01 -11.99
CA SER I 310 56.33 17.22 -11.06
C SER I 310 54.88 17.16 -11.53
N SER I 311 54.20 16.08 -11.15
CA SER I 311 52.84 15.82 -11.64
C SER I 311 51.90 17.00 -11.45
N ASP I 312 52.12 17.84 -10.43
CA ASP I 312 51.17 18.88 -10.10
C ASP I 312 51.48 20.20 -10.79
N ALA I 313 52.39 20.20 -11.75
CA ALA I 313 52.84 21.44 -12.36
C ALA I 313 51.99 21.83 -13.55
N TYR I 314 52.10 23.09 -13.94
CA TYR I 314 51.45 23.60 -15.14
C TYR I 314 52.36 24.63 -15.76
N PHE I 315 52.17 24.84 -17.06
CA PHE I 315 52.97 25.79 -17.80
C PHE I 315 52.01 26.73 -18.48
N SER I 316 52.26 28.03 -18.35
CA SER I 316 51.38 28.99 -18.97
C SER I 316 52.20 30.20 -19.40
N LEU I 317 51.65 30.95 -20.34
CA LEU I 317 52.27 32.16 -20.85
C LEU I 317 51.26 33.30 -20.74
N PRO I 318 51.26 33.98 -19.59
CA PRO I 318 50.33 35.08 -19.34
C PRO I 318 50.57 36.32 -20.18
N ALA I 319 51.79 36.85 -20.15
CA ALA I 319 52.13 38.05 -20.92
C ALA I 319 51.55 38.01 -22.32
N ALA I 320 51.52 36.82 -22.91
CA ALA I 320 50.99 36.64 -24.26
C ALA I 320 49.69 37.41 -24.46
N LYS I 321 48.95 37.61 -23.38
CA LYS I 321 47.69 38.34 -23.44
C LYS I 321 47.79 39.71 -22.80
N GLU I 322 47.41 39.80 -21.53
CA GLU I 322 47.44 41.06 -20.80
C GLU I 322 48.80 41.77 -20.91
N GLY I 323 49.84 41.13 -20.39
CA GLY I 323 51.17 41.70 -20.42
C GLY I 323 51.73 41.97 -21.81
N ILE I 324 53.05 41.88 -21.92
CA ILE I 324 53.74 42.11 -23.18
C ILE I 324 54.16 40.78 -23.80
N ILE I 325 54.43 40.77 -25.10
CA ILE I 325 54.83 39.53 -25.77
C ILE I 325 55.68 38.66 -24.85
N PRO I 326 55.41 37.35 -24.89
CA PRO I 326 56.16 36.41 -24.05
C PRO I 326 57.56 36.12 -24.60
N GLY I 327 58.47 37.08 -24.45
CA GLY I 327 59.84 36.94 -24.91
C GLY I 327 59.94 36.31 -26.28
N ALA I 328 60.90 35.39 -26.43
CA ALA I 328 61.10 34.71 -27.69
C ALA I 328 60.23 33.46 -27.83
N ALA I 329 59.27 33.27 -26.92
CA ALA I 329 58.34 32.16 -27.05
C ALA I 329 57.60 32.19 -28.37
N ASN I 330 57.29 33.38 -28.89
CA ASN I 330 56.66 33.45 -30.20
C ASN I 330 57.56 32.91 -31.28
N LEU I 331 58.88 32.95 -31.07
CA LEU I 331 59.80 32.39 -32.05
C LEU I 331 59.82 30.87 -31.97
N ARG I 332 59.77 30.32 -30.77
CA ARG I 332 60.12 28.92 -30.55
C ARG I 332 58.91 28.04 -30.30
N LEU I 333 57.84 28.57 -29.70
CA LEU I 333 56.70 27.73 -29.33
C LEU I 333 56.10 27.03 -30.53
N GLY I 334 56.05 27.71 -31.68
CA GLY I 334 55.46 27.10 -32.86
C GLY I 334 56.16 25.82 -33.25
N ARG I 335 57.48 25.76 -33.01
CA ARG I 335 58.29 24.60 -33.35
C ARG I 335 58.08 23.43 -32.39
N PHE I 336 57.69 23.71 -31.13
CA PHE I 336 57.37 22.63 -30.19
C PHE I 336 55.94 22.11 -30.36
N ALA I 337 55.00 23.01 -30.64
CA ALA I 337 53.58 22.70 -30.49
C ALA I 337 52.72 23.00 -31.70
N GLY I 338 53.27 23.61 -32.75
CA GLY I 338 52.51 23.94 -33.93
C GLY I 338 51.67 25.20 -33.80
N PRO I 339 51.08 25.63 -34.91
CA PRO I 339 50.42 26.95 -34.92
C PRO I 339 49.13 27.01 -34.13
N ARG I 340 48.39 25.90 -34.02
CA ARG I 340 47.15 25.94 -33.27
C ARG I 340 47.43 26.06 -31.77
N VAL I 341 48.22 25.14 -31.22
CA VAL I 341 48.51 25.15 -29.78
C VAL I 341 49.30 26.40 -29.39
N SER I 342 50.23 26.84 -30.24
CA SER I 342 51.04 28.00 -29.89
C SER I 342 50.20 29.27 -29.85
N ARG I 343 49.19 29.38 -30.71
CA ARG I 343 48.24 30.48 -30.58
C ARG I 343 47.34 30.32 -29.37
N GLN I 344 46.95 29.08 -29.05
CA GLN I 344 46.13 28.85 -27.86
C GLN I 344 46.85 29.32 -26.60
N VAL I 345 48.14 28.99 -26.47
CA VAL I 345 48.89 29.35 -25.27
C VAL I 345 49.15 30.86 -25.25
N ILE I 346 49.57 31.40 -26.38
CA ILE I 346 50.04 32.78 -26.45
C ILE I 346 48.89 33.75 -26.69
N LEU I 347 48.07 33.56 -27.72
CA LEU I 347 46.99 34.52 -27.97
C LEU I 347 45.87 34.42 -26.94
N GLU I 348 45.57 33.22 -26.43
CA GLU I 348 44.38 33.03 -25.60
C GLU I 348 44.67 32.48 -24.21
N GLY I 349 45.92 32.51 -23.77
CA GLY I 349 46.25 32.19 -22.40
C GLY I 349 45.95 30.77 -21.97
N ARG I 350 46.03 29.81 -22.90
CA ARG I 350 45.80 28.42 -22.56
C ARG I 350 46.90 27.94 -21.59
N ARG I 351 46.48 27.25 -20.54
CA ARG I 351 47.40 26.73 -19.52
C ARG I 351 47.51 25.23 -19.69
N ILE I 352 48.73 24.71 -19.66
CA ILE I 352 49.00 23.31 -19.95
C ILE I 352 49.44 22.61 -18.68
N TRP I 353 48.78 21.51 -18.35
CA TRP I 353 49.01 20.78 -17.11
C TRP I 353 49.92 19.60 -17.36
N ALA I 354 50.83 19.35 -16.40
CA ALA I 354 51.87 18.34 -16.57
C ALA I 354 51.32 16.97 -16.96
N LYS I 355 50.16 16.60 -16.43
CA LYS I 355 49.66 15.24 -16.67
C LYS I 355 48.78 15.14 -17.91
N GLU I 356 48.55 16.26 -18.65
CA GLU I 356 47.77 16.03 -19.86
C GLU I 356 48.69 15.72 -21.03
N PRO I 357 48.19 14.96 -22.02
CA PRO I 357 49.04 14.58 -23.17
C PRO I 357 49.91 15.69 -23.77
N GLU I 358 49.34 16.87 -24.04
CA GLU I 358 50.08 17.93 -24.73
C GLU I 358 51.17 18.58 -23.88
N ALA I 359 51.25 18.29 -22.58
CA ALA I 359 52.41 18.67 -21.81
C ALA I 359 53.68 18.01 -22.36
N ARG I 360 53.54 16.89 -23.07
CA ARG I 360 54.68 16.19 -23.63
C ARG I 360 55.31 16.91 -24.83
N LEU I 361 54.63 17.91 -25.37
CA LEU I 361 55.28 18.76 -26.37
C LEU I 361 56.33 19.65 -25.73
N LEU I 362 56.21 19.90 -24.43
CA LEU I 362 57.09 20.82 -23.72
C LEU I 362 57.98 20.14 -22.70
N VAL I 363 57.64 18.93 -22.24
CA VAL I 363 58.26 18.32 -21.09
C VAL I 363 58.56 16.87 -21.41
N ASP I 364 59.76 16.43 -21.05
CA ASP I 364 60.23 15.08 -21.35
C ASP I 364 59.75 14.08 -20.31
N GLU I 365 59.79 14.42 -19.03
CA GLU I 365 59.33 13.52 -17.98
C GLU I 365 58.45 14.23 -16.97
N VAL I 366 57.37 13.57 -16.58
CA VAL I 366 56.49 14.01 -15.50
C VAL I 366 56.40 12.88 -14.50
N VAL I 367 56.79 13.15 -13.25
CA VAL I 367 56.93 12.13 -12.23
C VAL I 367 56.32 12.69 -10.94
N GLU I 368 55.82 11.80 -10.10
CA GLU I 368 55.27 12.25 -8.83
C GLU I 368 56.34 12.99 -8.04
N PRO I 369 55.96 14.01 -7.26
CA PRO I 369 56.98 14.73 -6.47
C PRO I 369 57.83 13.83 -5.59
N ASP I 370 57.27 12.76 -5.05
CA ASP I 370 58.08 11.88 -4.21
C ASP I 370 59.07 11.05 -5.00
N GLU I 371 58.96 11.03 -6.34
CA GLU I 371 59.89 10.31 -7.20
C GLU I 371 60.72 11.25 -8.07
N LEU I 372 60.71 12.55 -7.79
CA LEU I 372 61.29 13.54 -8.69
C LEU I 372 62.79 13.70 -8.47
N ASP I 373 63.22 13.80 -7.21
CA ASP I 373 64.64 14.02 -6.91
C ASP I 373 65.52 12.99 -7.57
N ALA I 374 65.13 11.72 -7.47
CA ALA I 374 65.92 10.65 -8.07
C ALA I 374 65.87 10.73 -9.60
N ALA I 375 64.71 11.10 -10.15
CA ALA I 375 64.59 11.22 -11.60
C ALA I 375 65.49 12.33 -12.16
N ILE I 376 65.60 13.45 -11.44
CA ILE I 376 66.49 14.53 -11.88
C ILE I 376 67.94 14.06 -11.95
N GLU I 377 68.41 13.39 -10.90
CA GLU I 377 69.79 12.93 -10.86
C GLU I 377 70.09 12.02 -12.05
N ARG I 378 69.17 11.09 -12.34
CA ARG I 378 69.35 10.17 -13.47
C ARG I 378 69.49 10.90 -14.79
N SER I 379 68.76 11.99 -15.00
CA SER I 379 68.89 12.73 -16.26
C SER I 379 70.25 13.42 -16.36
N LEU I 380 70.85 13.76 -15.23
CA LEU I 380 72.13 14.45 -15.25
C LEU I 380 73.30 13.54 -15.63
N THR I 381 73.15 12.22 -15.49
CA THR I 381 74.20 11.30 -15.91
C THR I 381 74.15 10.96 -17.40
N ARG I 382 73.05 11.23 -18.08
CA ARG I 382 72.82 10.73 -19.43
C ARG I 382 73.25 11.68 -20.54
N LEU I 383 73.88 12.81 -20.22
CA LEU I 383 74.25 13.81 -21.23
C LEU I 383 75.73 14.19 -21.13
N ASP I 384 76.60 13.22 -20.81
CA ASP I 384 78.00 13.53 -20.52
C ASP I 384 78.89 13.60 -21.75
N GLY I 385 78.58 12.85 -22.81
CA GLY I 385 79.41 12.73 -23.98
C GLY I 385 79.94 13.98 -24.68
N ASP I 386 81.05 13.85 -25.42
CA ASP I 386 81.31 14.82 -26.47
C ASP I 386 80.32 14.71 -27.62
N ALA I 387 79.73 13.54 -27.84
CA ALA I 387 78.71 13.42 -28.88
C ALA I 387 77.48 14.24 -28.53
N VAL I 388 77.11 14.27 -27.24
CA VAL I 388 76.00 15.11 -26.80
C VAL I 388 76.24 16.57 -27.20
N LEU I 389 77.45 17.09 -27.00
CA LEU I 389 77.73 18.46 -27.43
C LEU I 389 77.60 18.60 -28.94
N ALA I 390 78.10 17.62 -29.70
CA ALA I 390 78.00 17.70 -31.15
C ALA I 390 76.56 17.58 -31.62
N ASN I 391 75.77 16.71 -30.98
CA ASN I 391 74.41 16.46 -31.45
C ASN I 391 73.47 17.60 -31.11
N ARG I 392 73.59 18.15 -29.90
CA ARG I 392 72.78 19.27 -29.48
C ARG I 392 73.12 20.50 -30.32
N ARG I 393 74.39 20.60 -30.72
CA ARG I 393 74.85 21.73 -31.53
C ARG I 393 74.27 21.64 -32.94
N MET I 394 74.28 20.45 -33.54
CA MET I 394 73.67 20.30 -34.86
C MET I 394 72.16 20.46 -34.79
N LEU I 395 71.55 19.95 -33.72
CA LEU I 395 70.10 20.09 -33.54
C LEU I 395 69.69 21.56 -33.44
N ASN I 396 70.34 22.31 -32.54
CA ASN I 396 70.02 23.72 -32.38
C ASN I 396 70.22 24.47 -33.69
N LEU I 397 71.30 24.16 -34.41
CA LEU I 397 71.55 24.76 -35.73
C LEU I 397 70.37 24.54 -36.67
N ALA I 398 69.77 23.35 -36.63
CA ALA I 398 68.64 23.06 -37.52
C ALA I 398 67.35 23.72 -37.04
N ASP I 399 67.06 23.63 -35.74
CA ASP I 399 65.82 24.19 -35.20
C ASP I 399 65.73 25.70 -35.44
N GLU I 400 66.80 26.43 -35.16
CA GLU I 400 66.74 27.88 -35.04
C GLU I 400 68.01 28.48 -35.62
N SER I 401 67.90 29.10 -36.79
CA SER I 401 69.06 29.64 -37.48
C SER I 401 69.48 30.98 -36.88
N PRO I 402 70.74 31.39 -37.08
CA PRO I 402 71.14 32.76 -36.71
C PRO I 402 70.23 33.82 -37.32
N ASP I 403 69.95 33.70 -38.61
CA ASP I 403 69.07 34.66 -39.28
C ASP I 403 67.70 34.69 -38.64
N GLY I 404 67.13 33.52 -38.37
CA GLY I 404 65.82 33.47 -37.72
C GLY I 404 65.80 34.21 -36.40
N PHE I 405 66.74 33.87 -35.52
CA PHE I 405 66.82 34.49 -34.20
C PHE I 405 67.05 35.99 -34.33
N ARG I 406 67.96 36.40 -35.22
CA ARG I 406 68.28 37.82 -35.36
C ARG I 406 67.11 38.62 -35.90
N ALA I 407 66.47 38.15 -36.97
CA ALA I 407 65.31 38.83 -37.51
C ALA I 407 64.21 38.97 -36.47
N TYR I 408 63.95 37.91 -35.70
CA TYR I 408 62.93 37.97 -34.67
C TYR I 408 63.28 39.02 -33.63
N MET I 409 64.51 38.95 -33.09
CA MET I 409 64.88 39.83 -31.99
C MET I 409 64.87 41.31 -32.41
N ALA I 410 65.23 41.60 -33.66
CA ALA I 410 65.09 42.95 -34.19
C ALA I 410 63.67 43.47 -34.01
N GLU I 411 62.70 42.79 -34.62
CA GLU I 411 61.31 43.18 -34.51
C GLU I 411 60.86 43.16 -33.05
N PHE I 412 61.34 42.18 -32.27
CA PHE I 412 60.98 42.10 -30.86
C PHE I 412 61.37 43.36 -30.12
N ALA I 413 62.53 43.93 -30.42
CA ALA I 413 63.03 45.09 -29.69
C ALA I 413 62.05 46.25 -29.75
N LEU I 414 61.47 46.52 -30.92
CA LEU I 414 60.54 47.64 -31.04
C LEU I 414 59.13 47.27 -30.60
N MET I 415 58.60 46.15 -31.12
CA MET I 415 57.25 45.74 -30.76
C MET I 415 57.08 45.63 -29.25
N GLN I 416 58.04 44.99 -28.58
CA GLN I 416 57.96 44.86 -27.12
C GLN I 416 58.12 46.21 -26.43
N ALA I 417 58.96 47.09 -26.97
CA ALA I 417 59.12 48.41 -26.39
C ALA I 417 57.79 49.16 -26.37
N LEU I 418 57.04 49.06 -27.49
CA LEU I 418 55.73 49.69 -27.58
C LEU I 418 54.73 49.06 -26.62
N ARG I 419 54.75 47.72 -26.51
CA ARG I 419 53.82 47.06 -25.61
C ARG I 419 54.07 47.46 -24.16
N LEU I 420 55.33 47.76 -23.83
CA LEU I 420 55.69 48.14 -22.47
C LEU I 420 55.02 49.44 -22.04
N TYR I 421 54.72 50.33 -22.97
CA TYR I 421 54.14 51.63 -22.64
C TYR I 421 52.72 51.82 -23.17
N GLY I 422 52.05 50.72 -23.52
CA GLY I 422 50.66 50.81 -23.94
C GLY I 422 49.74 50.95 -22.73
N HIS I 423 48.67 51.74 -22.90
CA HIS I 423 47.78 52.01 -21.78
C HIS I 423 47.10 50.75 -21.26
N ASP I 424 46.76 49.80 -22.14
CA ASP I 424 46.13 48.59 -21.65
C ASP I 424 47.11 47.77 -20.80
N THR I 425 48.40 47.81 -21.14
CA THR I 425 49.42 47.13 -20.35
C THR I 425 49.58 47.76 -18.98
N ILE I 426 49.83 49.08 -18.95
CA ILE I 426 50.06 49.79 -17.70
C ILE I 426 48.89 49.60 -16.73
N ASP I 427 47.67 49.64 -17.26
CA ASP I 427 46.48 49.47 -16.44
C ASP I 427 46.43 48.09 -15.79
N LYS I 428 46.63 47.02 -16.57
CA LYS I 428 46.42 45.68 -16.04
C LYS I 428 47.47 45.29 -15.02
N VAL I 429 48.75 45.57 -15.31
CA VAL I 429 49.82 45.18 -14.40
C VAL I 429 49.69 45.90 -13.06
N GLY I 430 49.10 47.09 -13.04
CA GLY I 430 48.93 47.75 -11.77
C GLY I 430 47.80 47.21 -10.93
N ARG I 431 47.10 46.17 -11.41
CA ARG I 431 46.00 45.55 -10.66
C ARG I 431 46.38 44.19 -10.08
N PHE I 432 47.67 43.92 -9.89
CA PHE I 432 48.08 42.61 -9.42
C PHE I 432 48.02 42.50 -7.90
N ASP J 12 -44.81 -48.48 77.14
CA ASP J 12 -43.61 -47.65 77.14
C ASP J 12 -43.81 -46.38 77.96
N GLY J 13 -44.88 -46.36 78.75
CA GLY J 13 -45.09 -45.32 79.72
C GLY J 13 -45.71 -44.03 79.22
N LEU J 14 -45.85 -43.86 77.90
CA LEU J 14 -46.23 -42.55 77.38
C LEU J 14 -47.70 -42.22 77.63
N TRP J 15 -48.59 -43.21 77.61
CA TRP J 15 -49.99 -42.93 77.89
C TRP J 15 -50.21 -42.50 79.34
N ALA J 16 -49.49 -43.11 80.28
CA ALA J 16 -49.60 -42.68 81.68
C ALA J 16 -49.04 -41.28 81.86
N ALA J 17 -47.86 -41.01 81.29
CA ALA J 17 -47.27 -39.68 81.40
C ALA J 17 -48.18 -38.62 80.78
N LEU J 18 -48.81 -38.95 79.66
CA LEU J 18 -49.80 -38.06 79.05
C LEU J 18 -50.97 -37.81 80.00
N THR J 19 -51.56 -38.90 80.50
CA THR J 19 -52.71 -38.77 81.40
C THR J 19 -52.37 -37.97 82.64
N GLU J 20 -51.12 -38.04 83.10
CA GLU J 20 -50.69 -37.24 84.24
C GLU J 20 -50.55 -35.78 83.87
N ALA J 21 -49.95 -35.51 82.71
CA ALA J 21 -49.77 -34.13 82.27
C ALA J 21 -51.10 -33.45 81.98
N ALA J 22 -52.05 -34.19 81.39
CA ALA J 22 -53.37 -33.64 81.17
C ALA J 22 -54.11 -33.40 82.49
N ALA J 23 -53.91 -34.27 83.48
CA ALA J 23 -54.50 -34.05 84.80
C ALA J 23 -54.01 -32.73 85.38
N SER J 24 -52.71 -32.46 85.25
CA SER J 24 -52.15 -31.19 85.71
C SER J 24 -52.83 -30.01 85.03
N VAL J 25 -53.15 -30.15 83.74
CA VAL J 25 -53.82 -29.07 83.02
C VAL J 25 -55.22 -28.82 83.57
N GLU J 26 -55.96 -29.90 83.85
CA GLU J 26 -57.34 -29.73 84.30
C GLU J 26 -57.42 -29.19 85.72
N LYS J 27 -56.51 -29.63 86.60
CA LYS J 27 -56.41 -29.05 87.93
C LYS J 27 -56.16 -27.55 87.86
N LEU J 28 -55.18 -27.14 87.07
CA LEU J 28 -54.86 -25.71 86.98
C LEU J 28 -56.05 -24.91 86.46
N LEU J 29 -56.74 -25.43 85.43
CA LEU J 29 -57.88 -24.70 84.89
C LEU J 29 -59.00 -24.59 85.93
N ALA J 30 -59.18 -25.64 86.74
CA ALA J 30 -60.20 -25.60 87.79
C ALA J 30 -59.85 -24.60 88.88
N THR J 31 -58.60 -24.54 89.30
CA THR J 31 -58.21 -23.68 90.43
C THR J 31 -57.84 -22.27 90.02
N LEU J 32 -57.36 -22.07 88.80
CA LEU J 32 -56.84 -20.76 88.43
C LEU J 32 -57.98 -19.81 88.11
N PRO J 33 -57.74 -18.50 88.18
CA PRO J 33 -58.76 -17.55 87.74
C PRO J 33 -58.98 -17.60 86.24
N GLU J 34 -60.10 -17.01 85.82
CA GLU J 34 -60.45 -17.00 84.41
C GLU J 34 -59.41 -16.26 83.59
N HIS J 35 -59.11 -16.83 82.42
CA HIS J 35 -58.53 -16.14 81.26
C HIS J 35 -58.69 -14.63 81.32
N GLY J 36 -57.60 -13.89 81.45
CA GLY J 36 -57.66 -12.45 81.49
C GLY J 36 -57.68 -11.86 82.89
N ALA J 37 -57.91 -12.69 83.90
CA ALA J 37 -57.80 -12.30 85.30
C ALA J 37 -56.60 -12.97 85.95
N ARG J 38 -55.79 -13.64 85.13
CA ARG J 38 -54.62 -14.37 85.56
C ARG J 38 -53.40 -13.46 85.66
N SER J 39 -52.48 -13.81 86.55
CA SER J 39 -51.22 -13.11 86.66
C SER J 39 -50.21 -13.68 85.67
N SER J 40 -49.13 -12.92 85.45
CA SER J 40 -48.07 -13.39 84.57
C SER J 40 -47.49 -14.71 85.08
N ALA J 41 -47.27 -14.81 86.39
CA ALA J 41 -46.84 -16.07 86.98
C ALA J 41 -47.88 -17.16 86.74
N GLU J 42 -49.17 -16.81 86.88
CA GLU J 42 -50.23 -17.77 86.62
C GLU J 42 -50.31 -18.12 85.14
N ARG J 43 -50.13 -17.13 84.26
CA ARG J 43 -50.23 -17.36 82.82
C ARG J 43 -49.11 -18.24 82.30
N ALA J 44 -47.94 -18.18 82.92
CA ALA J 44 -46.81 -19.02 82.52
C ALA J 44 -46.91 -20.43 83.05
N GLU J 45 -47.50 -20.60 84.23
CA GLU J 45 -47.69 -21.94 84.80
C GLU J 45 -48.63 -22.77 83.93
N ILE J 46 -49.75 -22.18 83.50
CA ILE J 46 -50.68 -22.90 82.64
C ILE J 46 -50.09 -23.13 81.26
N ALA J 47 -49.42 -22.12 80.69
CA ALA J 47 -48.77 -22.28 79.40
C ALA J 47 -47.71 -23.38 79.44
N ALA J 48 -46.95 -23.46 80.53
CA ALA J 48 -45.96 -24.52 80.67
C ALA J 48 -46.63 -25.87 80.82
N ALA J 49 -47.82 -25.92 81.45
CA ALA J 49 -48.53 -27.17 81.60
C ALA J 49 -49.10 -27.66 80.27
N HIS J 50 -49.74 -26.76 79.53
CA HIS J 50 -50.18 -27.07 78.17
C HIS J 50 -49.02 -27.62 77.34
N ASP J 51 -47.88 -26.93 77.40
CA ASP J 51 -46.73 -27.32 76.58
C ASP J 51 -46.25 -28.72 76.93
N ALA J 52 -46.16 -29.03 78.22
CA ALA J 52 -45.74 -30.35 78.64
C ALA J 52 -46.72 -31.43 78.19
N ALA J 53 -48.02 -31.13 78.26
CA ALA J 53 -49.02 -32.09 77.83
C ALA J 53 -48.98 -32.32 76.33
N ARG J 54 -48.99 -31.25 75.54
CA ARG J 54 -49.04 -31.36 74.08
C ARG J 54 -47.81 -32.06 73.53
N ALA J 55 -46.64 -31.79 74.11
CA ALA J 55 -45.42 -32.50 73.70
C ALA J 55 -45.57 -34.00 73.86
N LEU J 56 -46.33 -34.44 74.87
CA LEU J 56 -46.55 -35.86 75.07
C LEU J 56 -47.63 -36.40 74.14
N ARG J 57 -48.60 -35.56 73.75
CA ARG J 57 -49.55 -35.97 72.72
C ARG J 57 -48.82 -36.30 71.42
N VAL J 58 -47.82 -35.50 71.06
CA VAL J 58 -47.00 -35.80 69.89
C VAL J 58 -46.20 -37.09 70.11
N ARG J 59 -45.52 -37.20 71.25
CA ARG J 59 -44.66 -38.35 71.51
C ARG J 59 -45.47 -39.65 71.56
N PHE J 60 -46.64 -39.61 72.18
CA PHE J 60 -47.52 -40.78 72.21
C PHE J 60 -47.89 -41.24 70.80
N LEU J 61 -48.32 -40.31 69.95
CA LEU J 61 -48.79 -40.66 68.62
C LEU J 61 -47.66 -40.99 67.66
N ASP J 62 -46.46 -40.47 67.89
CA ASP J 62 -45.32 -40.81 67.04
C ASP J 62 -45.13 -42.32 66.97
N THR J 63 -45.39 -43.04 68.07
CA THR J 63 -45.33 -44.50 68.06
C THR J 63 -46.68 -45.20 68.03
N HIS J 64 -47.75 -44.58 68.54
CA HIS J 64 -49.04 -45.24 68.75
C HIS J 64 -50.17 -44.83 67.82
N ALA J 65 -49.93 -43.98 66.83
CA ALA J 65 -51.03 -43.47 66.01
C ALA J 65 -51.83 -44.58 65.35
N ASP J 66 -51.14 -45.53 64.70
CA ASP J 66 -51.83 -46.59 63.96
C ASP J 66 -52.70 -47.43 64.88
N ALA J 67 -52.20 -47.79 66.07
CA ALA J 67 -53.01 -48.57 67.01
C ALA J 67 -54.22 -47.80 67.48
N VAL J 68 -54.06 -46.51 67.80
CA VAL J 68 -55.19 -45.66 68.18
C VAL J 68 -56.23 -45.65 67.07
N TYR J 69 -55.79 -45.36 65.84
CA TYR J 69 -56.71 -45.32 64.70
C TYR J 69 -57.36 -46.69 64.48
N ASP J 70 -56.60 -47.77 64.68
CA ASP J 70 -57.16 -49.11 64.50
C ASP J 70 -58.29 -49.39 65.48
N ARG J 71 -58.17 -48.95 66.73
CA ARG J 71 -59.26 -49.15 67.67
C ARG J 71 -60.52 -48.41 67.23
N LEU J 72 -60.38 -47.16 66.80
CA LEU J 72 -61.53 -46.34 66.43
C LEU J 72 -62.18 -46.80 65.14
N THR J 73 -61.41 -47.41 64.23
CA THR J 73 -61.91 -47.74 62.89
C THR J 73 -61.99 -49.24 62.66
N ASP J 74 -61.77 -50.05 63.70
CA ASP J 74 -61.87 -51.51 63.62
C ASP J 74 -60.88 -52.07 62.59
N HIS J 75 -59.61 -51.73 62.79
CA HIS J 75 -58.53 -52.04 61.83
C HIS J 75 -58.94 -51.67 60.41
N ARG J 76 -59.25 -50.38 60.25
CA ARG J 76 -59.48 -49.78 58.94
C ARG J 76 -60.61 -50.48 58.20
N ARG J 77 -61.61 -50.92 58.94
CA ARG J 77 -62.78 -51.58 58.37
C ARG J 77 -64.02 -50.71 58.42
N VAL J 78 -63.99 -49.61 59.18
CA VAL J 78 -65.07 -48.63 59.27
C VAL J 78 -64.54 -47.27 58.86
N HIS J 79 -65.17 -46.64 57.86
CA HIS J 79 -64.80 -45.31 57.39
C HIS J 79 -65.46 -44.24 58.28
N LEU J 80 -64.66 -43.53 59.07
CA LEU J 80 -65.16 -42.43 59.90
C LEU J 80 -64.71 -41.08 59.34
N ARG J 81 -65.65 -40.15 59.18
CA ARG J 81 -65.34 -38.76 58.87
C ARG J 81 -64.61 -38.08 60.03
N LEU J 82 -64.21 -36.83 59.81
CA LEU J 82 -63.36 -36.12 60.76
C LEU J 82 -64.07 -35.92 62.10
N ALA J 83 -65.24 -35.28 62.07
CA ALA J 83 -66.00 -35.02 63.29
C ALA J 83 -66.18 -36.28 64.12
N GLU J 84 -66.62 -37.36 63.48
CA GLU J 84 -66.84 -38.62 64.19
C GLU J 84 -65.54 -39.18 64.77
N LEU J 85 -64.44 -39.05 64.02
CA LEU J 85 -63.16 -39.60 64.47
C LEU J 85 -62.63 -38.88 65.69
N VAL J 86 -62.60 -37.54 65.65
CA VAL J 86 -62.05 -36.77 66.75
C VAL J 86 -62.94 -36.86 67.99
N GLU J 87 -64.22 -37.17 67.80
CA GLU J 87 -65.13 -37.39 68.93
C GLU J 87 -64.94 -38.78 69.52
N ALA J 88 -64.94 -39.81 68.65
CA ALA J 88 -64.67 -41.17 69.11
C ALA J 88 -63.32 -41.26 69.80
N ALA J 89 -62.31 -40.56 69.28
CA ALA J 89 -61.01 -40.53 69.92
C ALA J 89 -61.08 -39.91 71.31
N ALA J 90 -61.90 -38.88 71.47
CA ALA J 90 -62.00 -38.20 72.77
C ALA J 90 -62.52 -39.14 73.86
N THR J 91 -63.52 -39.95 73.56
CA THR J 91 -64.12 -40.78 74.60
C THR J 91 -63.32 -42.06 74.82
N ALA J 92 -62.75 -42.63 73.76
CA ALA J 92 -61.94 -43.83 73.88
C ALA J 92 -60.55 -43.53 74.43
N PHE J 93 -60.08 -42.30 74.32
CA PHE J 93 -58.74 -41.91 74.74
C PHE J 93 -58.82 -40.57 75.46
N PRO J 94 -59.27 -40.56 76.71
CA PRO J 94 -59.45 -39.30 77.42
C PRO J 94 -58.13 -38.56 77.60
N GLY J 95 -58.16 -37.25 77.37
CA GLY J 95 -56.98 -36.42 77.43
C GLY J 95 -56.17 -36.33 76.16
N LEU J 96 -56.36 -37.26 75.21
CA LEU J 96 -55.68 -37.16 73.92
C LEU J 96 -56.24 -36.02 73.10
N VAL J 97 -57.56 -35.89 73.07
CA VAL J 97 -58.24 -34.81 72.36
C VAL J 97 -59.48 -34.40 73.16
N PRO J 98 -59.86 -33.14 73.05
CA PRO J 98 -60.96 -32.63 73.88
C PRO J 98 -62.28 -33.35 73.61
N THR J 99 -63.11 -33.40 74.65
CA THR J 99 -64.44 -33.98 74.54
C THR J 99 -65.37 -33.00 73.82
N GLN J 100 -66.58 -33.49 73.52
CA GLN J 100 -67.60 -32.61 72.95
C GLN J 100 -68.02 -31.54 73.95
N GLN J 101 -68.01 -31.87 75.23
CA GLN J 101 -68.31 -30.89 76.27
C GLN J 101 -67.24 -29.82 76.34
N GLN J 102 -65.98 -30.23 76.48
CA GLN J 102 -64.86 -29.29 76.56
C GLN J 102 -64.86 -28.34 75.36
N LEU J 103 -65.15 -28.86 74.17
CA LEU J 103 -65.22 -28.02 72.98
C LEU J 103 -66.36 -27.01 73.07
N ALA J 104 -67.49 -27.42 73.65
CA ALA J 104 -68.61 -26.50 73.79
C ALA J 104 -68.25 -25.32 74.69
N VAL J 105 -67.46 -25.58 75.74
CA VAL J 105 -66.97 -24.51 76.60
C VAL J 105 -66.08 -23.55 75.81
N GLU J 106 -65.10 -24.10 75.08
CA GLU J 106 -64.21 -23.28 74.25
C GLU J 106 -64.98 -22.34 73.32
N ARG J 107 -65.99 -22.85 72.62
CA ARG J 107 -66.69 -22.03 71.64
C ARG J 107 -67.66 -21.06 72.29
N SER J 108 -68.03 -21.29 73.56
CA SER J 108 -68.75 -20.27 74.31
C SER J 108 -67.89 -19.04 74.56
N LEU J 109 -66.56 -19.16 74.43
CA LEU J 109 -65.60 -18.08 74.64
C LEU J 109 -65.23 -17.41 73.32
N PRO J 110 -64.80 -16.15 73.35
CA PRO J 110 -64.16 -15.57 72.16
C PRO J 110 -62.75 -16.13 72.02
N GLN J 111 -62.26 -16.11 70.77
CA GLN J 111 -60.97 -16.71 70.45
C GLN J 111 -59.87 -16.23 71.41
N ALA J 112 -59.92 -14.94 71.79
CA ALA J 112 -58.93 -14.38 72.71
C ALA J 112 -58.83 -15.18 74.00
N ALA J 113 -59.95 -15.70 74.49
CA ALA J 113 -60.02 -16.32 75.80
C ALA J 113 -59.89 -17.84 75.76
N LYS J 114 -59.79 -18.45 74.58
CA LYS J 114 -59.77 -19.90 74.51
C LYS J 114 -58.45 -20.46 75.03
N GLU J 115 -58.51 -21.70 75.52
CA GLU J 115 -57.32 -22.41 75.95
C GLU J 115 -56.59 -23.07 74.79
N GLY J 116 -57.26 -23.25 73.67
CA GLY J 116 -56.63 -23.85 72.50
C GLY J 116 -56.68 -25.35 72.44
N HIS J 117 -57.64 -25.99 73.10
CA HIS J 117 -57.81 -27.44 73.02
C HIS J 117 -57.84 -27.95 71.59
N GLU J 118 -58.31 -27.12 70.64
CA GLU J 118 -58.27 -27.52 69.23
C GLU J 118 -56.86 -27.90 68.76
N ILE J 119 -55.83 -27.25 69.30
CA ILE J 119 -54.45 -27.65 69.00
C ILE J 119 -54.26 -29.15 69.22
N ASP J 120 -54.91 -29.70 70.25
CA ASP J 120 -54.83 -31.13 70.52
C ASP J 120 -55.35 -31.94 69.35
N GLN J 121 -56.38 -31.42 68.67
CA GLN J 121 -56.91 -32.07 67.48
C GLN J 121 -55.93 -32.01 66.31
N GLY J 122 -55.24 -30.88 66.14
CA GLY J 122 -54.18 -30.80 65.15
C GLY J 122 -53.12 -31.87 65.33
N ILE J 123 -52.70 -32.11 66.58
CA ILE J 123 -51.71 -33.13 66.86
C ILE J 123 -52.23 -34.50 66.44
N PHE J 124 -53.50 -34.78 66.77
CA PHE J 124 -54.13 -36.04 66.40
C PHE J 124 -54.19 -36.21 64.89
N LEU J 125 -54.84 -35.28 64.20
CA LEU J 125 -55.02 -35.38 62.76
C LEU J 125 -53.71 -35.31 61.99
N ARG J 126 -52.74 -34.53 62.48
CA ARG J 126 -51.41 -34.55 61.87
C ARG J 126 -50.82 -35.96 61.90
N ALA J 127 -50.85 -36.58 63.09
CA ALA J 127 -50.29 -37.92 63.24
C ALA J 127 -51.07 -38.95 62.44
N VAL J 128 -52.39 -38.84 62.39
CA VAL J 128 -53.21 -39.78 61.63
C VAL J 128 -52.83 -39.73 60.15
N LEU J 129 -52.80 -38.52 59.59
CA LEU J 129 -52.49 -38.35 58.17
C LEU J 129 -51.06 -38.78 57.84
N ARG J 130 -50.14 -38.69 58.81
CA ARG J 130 -48.77 -39.14 58.58
C ARG J 130 -48.67 -40.65 58.42
N SER J 131 -49.61 -41.41 58.95
CA SER J 131 -49.54 -42.86 58.85
C SER J 131 -49.87 -43.30 57.43
N PRO J 132 -48.99 -44.05 56.76
CA PRO J 132 -49.32 -44.53 55.39
C PRO J 132 -50.52 -45.47 55.36
N LEU J 133 -50.91 -46.04 56.49
CA LEU J 133 -52.07 -46.93 56.54
C LEU J 133 -53.33 -46.18 56.99
N ALA J 134 -53.21 -45.39 58.06
CA ALA J 134 -54.35 -44.64 58.57
C ALA J 134 -54.68 -43.43 57.71
N GLY J 135 -53.65 -42.72 57.24
CA GLY J 135 -53.80 -41.54 56.42
C GLY J 135 -54.73 -41.69 55.22
N PRO J 136 -54.35 -42.53 54.26
CA PRO J 136 -55.19 -42.71 53.07
C PRO J 136 -56.61 -43.17 53.39
N HIS J 137 -56.78 -43.94 54.46
CA HIS J 137 -58.11 -44.40 54.86
C HIS J 137 -58.99 -43.23 55.30
N LEU J 138 -58.46 -42.33 56.12
CA LEU J 138 -59.24 -41.16 56.53
C LEU J 138 -59.60 -40.29 55.34
N LEU J 139 -58.67 -40.13 54.39
CA LEU J 139 -58.96 -39.35 53.20
C LEU J 139 -60.06 -40.00 52.37
N ASP J 140 -60.11 -41.34 52.36
CA ASP J 140 -61.21 -42.04 51.69
C ASP J 140 -62.53 -41.81 52.39
N ALA J 141 -62.55 -41.95 53.72
CA ALA J 141 -63.76 -41.67 54.50
C ALA J 141 -64.36 -40.31 54.13
N MET J 142 -63.51 -39.29 54.01
CA MET J 142 -63.97 -37.94 53.70
C MET J 142 -64.41 -37.78 52.25
N LEU J 143 -64.02 -38.70 51.37
CA LEU J 143 -64.50 -38.64 49.99
C LEU J 143 -65.84 -39.33 49.80
N ARG J 144 -66.28 -40.10 50.78
CA ARG J 144 -67.57 -40.74 50.69
C ARG J 144 -68.69 -39.70 50.72
N PRO J 145 -69.84 -40.01 50.12
CA PRO J 145 -70.96 -39.05 50.15
C PRO J 145 -71.39 -38.76 51.58
N THR J 146 -71.71 -37.50 51.85
CA THR J 146 -72.27 -37.13 53.14
C THR J 146 -73.69 -37.67 53.27
N PRO J 147 -74.09 -38.07 54.49
CA PRO J 147 -75.49 -38.51 54.71
C PRO J 147 -76.52 -37.49 54.25
N ARG J 148 -76.27 -36.20 54.48
CA ARG J 148 -77.23 -35.18 54.05
C ARG J 148 -77.49 -35.26 52.54
N ALA J 149 -76.44 -35.52 51.75
CA ALA J 149 -76.62 -35.59 50.31
C ALA J 149 -77.41 -36.83 49.90
N LEU J 150 -77.10 -37.98 50.49
CA LEU J 150 -77.84 -39.20 50.20
C LEU J 150 -79.31 -39.00 50.53
N GLU J 151 -79.56 -38.29 51.63
CA GLU J 151 -80.91 -37.93 52.05
C GLU J 151 -81.64 -37.16 50.96
N LEU J 152 -81.00 -36.13 50.40
CA LEU J 152 -81.62 -35.20 49.47
C LEU J 152 -81.52 -35.62 48.01
N LEU J 153 -80.85 -36.73 47.71
CA LEU J 153 -80.63 -37.10 46.30
C LEU J 153 -81.92 -37.39 45.55
N PRO J 154 -82.84 -38.25 46.03
CA PRO J 154 -84.11 -38.44 45.31
C PRO J 154 -84.84 -37.16 44.93
N GLU J 155 -85.06 -36.27 45.91
CA GLU J 155 -85.77 -35.02 45.62
C GLU J 155 -85.03 -34.19 44.58
N PHE J 156 -83.70 -34.21 44.61
CA PHE J 156 -82.94 -33.43 43.64
C PHE J 156 -83.08 -34.00 42.23
N VAL J 157 -83.09 -35.33 42.12
CA VAL J 157 -83.31 -35.97 40.82
C VAL J 157 -84.66 -35.56 40.25
N ARG J 158 -85.67 -35.44 41.11
CA ARG J 158 -87.01 -35.12 40.64
C ARG J 158 -87.16 -33.63 40.37
N THR J 159 -86.67 -32.78 41.27
CA THR J 159 -86.87 -31.34 41.16
C THR J 159 -85.76 -30.67 40.36
N GLY J 160 -84.54 -31.17 40.46
CA GLY J 160 -83.41 -30.47 39.87
C GLY J 160 -83.08 -29.17 40.57
N GLU J 161 -83.46 -29.04 41.83
CA GLU J 161 -83.30 -27.80 42.56
C GLU J 161 -83.26 -28.07 44.06
N VAL J 162 -82.32 -27.40 44.74
CA VAL J 162 -82.19 -27.43 46.18
C VAL J 162 -81.80 -26.04 46.64
N GLU J 163 -82.53 -25.51 47.62
CA GLU J 163 -82.16 -24.25 48.25
C GLU J 163 -81.63 -24.56 49.64
N MET J 164 -80.42 -24.12 49.91
CA MET J 164 -79.78 -24.21 51.22
C MET J 164 -79.43 -22.80 51.67
N GLU J 165 -78.95 -22.67 52.90
CA GLU J 165 -78.69 -21.34 53.44
C GLU J 165 -77.65 -20.60 52.62
N ALA J 166 -76.54 -21.26 52.30
CA ALA J 166 -75.40 -20.61 51.67
C ALA J 166 -75.21 -21.00 50.21
N VAL J 167 -75.97 -21.96 49.69
CA VAL J 167 -75.80 -22.45 48.32
C VAL J 167 -77.16 -22.76 47.73
N HIS J 168 -77.41 -22.28 46.51
CA HIS J 168 -78.56 -22.70 45.72
C HIS J 168 -78.07 -23.61 44.60
N LEU J 169 -78.58 -24.84 44.55
CA LEU J 169 -78.16 -25.85 43.59
C LEU J 169 -79.27 -26.13 42.60
N GLU J 170 -78.91 -26.19 41.31
CA GLU J 170 -79.85 -26.41 40.23
C GLU J 170 -79.22 -27.22 39.10
N ARG J 171 -79.93 -28.25 38.63
CA ARG J 171 -79.48 -29.04 37.49
C ARG J 171 -80.19 -28.46 36.26
N ARG J 172 -79.43 -28.05 35.26
CA ARG J 172 -80.00 -27.46 34.04
C ARG J 172 -79.05 -27.72 32.88
N ASP J 173 -79.60 -28.28 31.80
CA ASP J 173 -78.82 -28.63 30.60
C ASP J 173 -77.64 -29.53 30.94
N GLY J 174 -77.83 -30.42 31.90
CA GLY J 174 -76.77 -31.31 32.30
C GLY J 174 -75.69 -30.66 33.11
N VAL J 175 -75.96 -29.49 33.68
CA VAL J 175 -74.98 -28.70 34.41
C VAL J 175 -75.48 -28.52 35.84
N ALA J 176 -74.63 -28.86 36.80
CA ALA J 176 -74.89 -28.53 38.20
C ALA J 176 -74.48 -27.09 38.46
N ARG J 177 -75.47 -26.22 38.63
CA ARG J 177 -75.23 -24.80 38.87
C ARG J 177 -75.23 -24.57 40.38
N LEU J 178 -74.04 -24.41 40.95
CA LEU J 178 -73.90 -24.08 42.36
C LEU J 178 -73.75 -22.56 42.46
N THR J 179 -74.64 -21.93 43.22
CA THR J 179 -74.62 -20.48 43.39
C THR J 179 -74.48 -20.18 44.88
N MET J 180 -73.34 -19.60 45.25
CA MET J 180 -73.10 -19.18 46.61
C MET J 180 -73.90 -17.90 46.86
N CYS J 181 -74.89 -17.97 47.76
CA CYS J 181 -75.91 -16.94 47.79
C CYS J 181 -76.03 -16.30 49.16
N ARG J 182 -74.90 -15.90 49.74
CA ARG J 182 -74.90 -15.10 50.97
C ARG J 182 -74.94 -13.63 50.56
N ASP J 183 -76.12 -13.20 50.10
CA ASP J 183 -76.31 -11.84 49.61
C ASP J 183 -75.85 -10.78 50.59
N ASP J 184 -75.84 -11.09 51.88
CA ASP J 184 -75.61 -10.10 52.91
C ASP J 184 -74.15 -9.92 53.31
N ARG J 185 -73.27 -10.85 52.93
CA ARG J 185 -71.92 -10.82 53.49
C ARG J 185 -70.83 -11.13 52.46
N LEU J 186 -71.13 -11.00 51.17
CA LEU J 186 -70.17 -11.23 50.10
C LEU J 186 -69.65 -12.67 50.12
N ASN J 187 -70.54 -13.60 50.47
CA ASN J 187 -70.25 -15.03 50.47
C ASN J 187 -69.10 -15.39 51.42
N ALA J 188 -68.98 -14.68 52.54
CA ALA J 188 -67.99 -15.04 53.55
C ALA J 188 -68.28 -16.44 54.10
N GLU J 189 -67.22 -17.22 54.27
CA GLU J 189 -67.35 -18.65 54.54
C GLU J 189 -67.48 -18.93 56.04
N ASP J 190 -68.27 -19.97 56.35
CA ASP J 190 -68.44 -20.45 57.71
C ASP J 190 -68.77 -21.94 57.68
N GLY J 191 -68.94 -22.52 58.86
CA GLY J 191 -69.21 -23.95 58.95
C GLY J 191 -70.44 -24.38 58.18
N GLN J 192 -71.47 -23.53 58.18
CA GLN J 192 -72.69 -23.85 57.42
C GLN J 192 -72.42 -23.87 55.92
N GLN J 193 -71.71 -22.85 55.43
CA GLN J 193 -71.34 -22.79 54.01
C GLN J 193 -70.62 -24.04 53.54
N VAL J 194 -69.67 -24.54 54.35
CA VAL J 194 -68.93 -25.74 53.97
C VAL J 194 -69.87 -26.95 53.90
N ASP J 195 -70.80 -27.05 54.86
CA ASP J 195 -71.77 -28.15 54.83
C ASP J 195 -72.63 -28.08 53.58
N ASP J 196 -73.06 -26.87 53.20
CA ASP J 196 -73.89 -26.72 52.02
C ASP J 196 -73.09 -26.96 50.75
N MET J 197 -71.84 -26.50 50.71
CA MET J 197 -70.98 -26.73 49.56
C MET J 197 -70.75 -28.22 49.33
N GLU J 198 -70.33 -28.94 50.37
CA GLU J 198 -70.06 -30.37 50.24
C GLU J 198 -71.32 -31.14 49.84
N THR J 199 -72.44 -30.84 50.49
CA THR J 199 -73.68 -31.49 50.13
C THR J 199 -74.03 -31.23 48.67
N ALA J 200 -73.88 -29.99 48.21
CA ALA J 200 -74.17 -29.66 46.82
C ALA J 200 -73.23 -30.39 45.87
N VAL J 201 -71.93 -30.37 46.16
CA VAL J 201 -70.94 -31.10 45.35
C VAL J 201 -71.30 -32.57 45.26
N ASP J 202 -71.65 -33.17 46.40
CA ASP J 202 -72.08 -34.56 46.42
C ASP J 202 -73.23 -34.82 45.45
N LEU J 203 -74.28 -33.99 45.51
CA LEU J 203 -75.43 -34.18 44.63
C LEU J 203 -75.02 -34.03 43.16
N ALA J 204 -74.20 -33.02 42.86
CA ALA J 204 -73.71 -32.84 41.50
C ALA J 204 -73.03 -34.09 40.98
N LEU J 205 -72.23 -34.74 41.82
CA LEU J 205 -71.47 -35.91 41.39
C LEU J 205 -72.35 -37.16 41.29
N LEU J 206 -73.25 -37.36 42.25
CA LEU J 206 -74.09 -38.55 42.26
C LEU J 206 -75.28 -38.46 41.31
N ASP J 207 -75.62 -37.26 40.83
CA ASP J 207 -76.76 -37.09 39.95
C ASP J 207 -76.42 -37.57 38.55
N PRO J 208 -77.09 -38.61 38.04
CA PRO J 208 -76.78 -39.09 36.68
C PRO J 208 -77.14 -38.10 35.59
N GLY J 209 -78.00 -37.12 35.88
CA GLY J 209 -78.32 -36.10 34.92
C GLY J 209 -77.39 -34.92 34.88
N VAL J 210 -76.34 -34.92 35.69
CA VAL J 210 -75.35 -33.85 35.73
C VAL J 210 -74.07 -34.36 35.11
N ARG J 211 -73.50 -33.59 34.19
CA ARG J 211 -72.26 -33.94 33.51
C ARG J 211 -71.10 -33.02 33.85
N VAL J 212 -71.38 -31.73 34.07
CA VAL J 212 -70.40 -30.70 34.37
C VAL J 212 -70.87 -29.92 35.59
N GLY J 213 -69.92 -29.38 36.35
CA GLY J 213 -70.27 -28.50 37.44
C GLY J 213 -69.96 -27.04 37.11
N LEU J 214 -70.63 -26.13 37.81
CA LEU J 214 -70.44 -24.69 37.63
C LEU J 214 -70.53 -24.02 38.99
N LEU J 215 -69.50 -23.26 39.36
CA LEU J 215 -69.50 -22.52 40.63
C LEU J 215 -69.41 -21.03 40.35
N ARG J 216 -70.36 -20.28 40.92
CA ARG J 216 -70.46 -18.85 40.69
C ARG J 216 -71.15 -18.22 41.90
N GLY J 217 -70.86 -16.95 42.15
CA GLY J 217 -71.48 -16.23 43.24
C GLY J 217 -72.77 -15.55 42.78
N GLY J 218 -73.74 -15.53 43.68
CA GLY J 218 -75.04 -14.98 43.34
C GLY J 218 -75.11 -13.48 43.53
N VAL J 219 -76.26 -12.91 43.15
CA VAL J 219 -76.45 -11.48 43.29
C VAL J 219 -76.44 -11.11 44.76
N MET J 220 -75.82 -9.98 45.07
CA MET J 220 -75.66 -9.53 46.44
C MET J 220 -76.74 -8.51 46.78
N SER J 221 -77.06 -8.42 48.08
CA SER J 221 -78.08 -7.49 48.55
C SER J 221 -77.52 -6.35 49.38
N HIS J 222 -76.33 -6.51 49.94
CA HIS J 222 -75.69 -5.45 50.71
C HIS J 222 -75.64 -4.16 49.89
N PRO J 223 -75.92 -3.01 50.51
CA PRO J 223 -76.05 -1.75 49.74
C PRO J 223 -74.87 -1.44 48.84
N ARG J 224 -73.66 -1.84 49.23
CA ARG J 224 -72.47 -1.52 48.45
C ARG J 224 -72.33 -2.38 47.20
N TYR J 225 -73.00 -3.53 47.14
CA TYR J 225 -72.91 -4.41 45.97
C TYR J 225 -74.28 -4.82 45.43
N ARG J 226 -75.32 -4.03 45.68
CA ARG J 226 -76.67 -4.46 45.35
C ARG J 226 -76.85 -4.62 43.85
N GLY J 227 -77.43 -5.76 43.45
CA GLY J 227 -77.63 -6.11 42.07
C GLY J 227 -76.42 -6.69 41.37
N LYS J 228 -75.27 -6.78 42.03
CA LYS J 228 -74.04 -7.26 41.42
C LYS J 228 -73.60 -8.56 42.10
N ARG J 229 -73.16 -9.51 41.29
CA ARG J 229 -72.65 -10.77 41.81
C ARG J 229 -71.26 -10.58 42.41
N VAL J 230 -70.94 -11.39 43.41
CA VAL J 230 -69.62 -11.45 44.03
C VAL J 230 -69.28 -12.89 44.34
N PHE J 231 -68.09 -13.33 43.93
CA PHE J 231 -67.70 -14.74 44.08
C PHE J 231 -67.46 -15.09 45.54
N SER J 232 -66.40 -14.57 46.16
CA SER J 232 -66.16 -14.87 47.56
C SER J 232 -65.25 -13.83 48.19
N ALA J 233 -65.53 -13.51 49.46
CA ALA J 233 -64.70 -12.63 50.28
C ALA J 233 -63.92 -13.40 51.34
N GLY J 234 -63.80 -14.71 51.21
CA GLY J 234 -62.97 -15.48 52.10
C GLY J 234 -63.69 -15.81 53.40
N ILE J 235 -62.89 -16.30 54.36
CA ILE J 235 -63.44 -16.75 55.63
C ILE J 235 -64.15 -15.59 56.32
N ASN J 236 -65.19 -15.92 57.09
CA ASN J 236 -65.89 -14.93 57.89
C ASN J 236 -64.97 -14.46 59.02
N LEU J 237 -64.44 -13.24 58.89
CA LEU J 237 -63.51 -12.74 59.90
C LEU J 237 -64.21 -12.44 61.21
N LYS J 238 -65.45 -11.96 61.16
CA LYS J 238 -66.22 -11.73 62.38
C LYS J 238 -66.35 -13.03 63.18
N TYR J 239 -66.79 -14.11 62.52
CA TYR J 239 -66.93 -15.39 63.21
C TYR J 239 -65.60 -15.88 63.74
N LEU J 240 -64.54 -15.76 62.95
CA LEU J 240 -63.20 -16.16 63.40
C LEU J 240 -62.83 -15.51 64.72
N SER J 241 -63.02 -14.19 64.83
CA SER J 241 -62.73 -13.49 66.08
C SER J 241 -63.64 -13.97 67.21
N GLN J 242 -64.94 -14.13 66.93
CA GLN J 242 -65.86 -14.57 67.96
C GLN J 242 -65.67 -16.03 68.35
N GLY J 243 -64.78 -16.76 67.67
CA GLY J 243 -64.52 -18.14 67.99
C GLY J 243 -65.37 -19.16 67.26
N GLY J 244 -66.07 -18.75 66.20
CA GLY J 244 -67.01 -19.60 65.50
C GLY J 244 -66.47 -20.39 64.34
N ILE J 245 -65.16 -20.36 64.11
CA ILE J 245 -64.54 -21.12 63.02
C ILE J 245 -63.85 -22.33 63.63
N SER J 246 -64.36 -23.51 63.32
CA SER J 246 -63.85 -24.75 63.88
C SER J 246 -62.64 -25.23 63.09
N LEU J 247 -61.58 -25.59 63.81
CA LEU J 247 -60.43 -26.25 63.17
C LEU J 247 -60.86 -27.46 62.37
N VAL J 248 -61.65 -28.34 62.99
CA VAL J 248 -62.01 -29.61 62.36
C VAL J 248 -63.15 -29.43 61.38
N ASP J 249 -64.26 -28.86 61.85
CA ASP J 249 -65.48 -28.81 61.05
C ASP J 249 -65.47 -27.75 59.97
N PHE J 250 -64.47 -26.86 59.93
CA PHE J 250 -64.33 -25.92 58.81
C PHE J 250 -62.97 -26.04 58.15
N LEU J 251 -61.88 -25.68 58.86
CA LEU J 251 -60.59 -25.58 58.21
C LEU J 251 -60.14 -26.91 57.62
N MET J 252 -60.38 -27.99 58.35
CA MET J 252 -60.02 -29.33 57.86
C MET J 252 -61.11 -29.94 57.00
N ARG J 253 -62.38 -29.75 57.38
CA ARG J 253 -63.47 -30.35 56.63
C ARG J 253 -63.49 -29.91 55.17
N ARG J 254 -63.30 -28.62 54.89
CA ARG J 254 -63.43 -28.14 53.52
C ARG J 254 -62.31 -28.68 52.64
N GLU J 255 -61.11 -28.83 53.19
CA GLU J 255 -59.97 -29.29 52.39
C GLU J 255 -60.09 -30.77 52.08
N LEU J 256 -60.49 -31.57 53.07
CA LEU J 256 -60.58 -33.01 52.88
C LEU J 256 -61.90 -33.44 52.27
N GLY J 257 -62.93 -32.61 52.36
CA GLY J 257 -64.23 -32.94 51.80
C GLY J 257 -64.47 -32.42 50.41
N TYR J 258 -65.17 -31.30 50.28
CA TYR J 258 -65.69 -30.89 48.98
C TYR J 258 -64.58 -30.40 48.04
N ILE J 259 -63.57 -29.72 48.58
CA ILE J 259 -62.47 -29.26 47.74
C ILE J 259 -61.72 -30.45 47.15
N HIS J 260 -61.53 -31.51 47.96
CA HIS J 260 -60.86 -32.70 47.46
C HIS J 260 -61.77 -33.49 46.52
N LYS J 261 -63.09 -33.36 46.69
CA LYS J 261 -64.02 -34.03 45.79
C LYS J 261 -64.06 -33.37 44.42
N LEU J 262 -63.86 -32.05 44.35
CA LEU J 262 -63.70 -31.41 43.05
C LEU J 262 -62.52 -32.02 42.30
N VAL J 263 -61.46 -32.37 43.03
CA VAL J 263 -60.30 -33.00 42.40
C VAL J 263 -60.58 -34.46 42.09
N ARG J 264 -60.92 -35.24 43.11
CA ARG J 264 -60.89 -36.70 43.01
C ARG J 264 -62.27 -37.36 42.95
N GLY J 265 -63.35 -36.61 43.18
CA GLY J 265 -64.68 -37.18 43.11
C GLY J 265 -65.13 -37.79 44.43
N VAL J 266 -66.31 -38.38 44.40
CA VAL J 266 -66.90 -39.03 45.58
C VAL J 266 -66.61 -40.52 45.52
N LEU J 267 -66.19 -41.08 46.65
CA LEU J 267 -65.96 -42.51 46.78
C LEU J 267 -67.29 -43.21 47.05
N THR J 268 -67.77 -43.99 46.09
CA THR J 268 -69.03 -44.69 46.22
C THR J 268 -68.82 -46.12 46.70
N ASN J 269 -69.93 -46.79 47.00
CA ASN J 269 -69.83 -48.21 47.32
C ASN J 269 -69.63 -49.01 46.05
N ASP J 270 -69.35 -50.31 46.21
CA ASP J 270 -69.20 -51.21 45.07
C ASP J 270 -70.56 -51.58 44.50
N ASP J 271 -71.29 -50.61 43.96
CA ASP J 271 -72.71 -50.77 43.66
C ASP J 271 -73.06 -50.46 42.21
N ARG J 272 -72.12 -50.65 41.29
CA ARG J 272 -72.37 -50.39 39.88
C ARG J 272 -71.21 -50.91 39.03
N PRO J 273 -71.43 -51.14 37.74
CA PRO J 273 -70.33 -51.64 36.91
C PRO J 273 -69.24 -50.58 36.78
N GLY J 274 -68.03 -51.04 36.47
CA GLY J 274 -66.90 -50.13 36.39
C GLY J 274 -66.15 -49.94 37.70
N TRP J 275 -66.84 -49.99 38.84
CA TRP J 275 -66.25 -49.69 40.15
C TRP J 275 -64.85 -50.27 40.34
N TRP J 276 -64.54 -51.40 39.70
CA TRP J 276 -63.18 -51.93 39.78
C TRP J 276 -62.16 -50.97 39.17
N HIS J 277 -62.51 -50.27 38.10
CA HIS J 277 -61.57 -49.29 37.55
C HIS J 277 -61.85 -47.84 37.95
N SER J 278 -63.08 -47.49 38.31
CA SER J 278 -63.43 -46.12 38.71
C SER J 278 -64.25 -46.14 39.99
N PRO J 279 -63.60 -46.36 41.14
CA PRO J 279 -64.34 -46.34 42.42
C PRO J 279 -64.93 -44.98 42.77
N ARG J 280 -64.42 -43.89 42.18
CA ARG J 280 -64.92 -42.56 42.47
C ARG J 280 -65.61 -42.00 41.23
N ILE J 281 -66.71 -41.28 41.46
CA ILE J 281 -67.39 -40.55 40.40
C ILE J 281 -66.83 -39.13 40.39
N GLU J 282 -66.17 -38.76 39.30
CA GLU J 282 -65.61 -37.42 39.20
C GLU J 282 -66.14 -36.77 37.93
N LYS J 283 -66.28 -35.45 37.97
CA LYS J 283 -66.80 -34.67 36.86
C LYS J 283 -66.00 -33.38 36.74
N PRO J 284 -66.04 -32.74 35.59
CA PRO J 284 -65.32 -31.47 35.42
C PRO J 284 -66.07 -30.30 36.04
N TRP J 285 -65.30 -29.29 36.42
CA TRP J 285 -65.82 -28.14 37.15
C TRP J 285 -65.37 -26.84 36.52
N VAL J 286 -66.29 -25.88 36.44
CA VAL J 286 -66.03 -24.55 35.90
C VAL J 286 -66.34 -23.53 36.99
N ALA J 287 -65.44 -22.57 37.17
CA ALA J 287 -65.63 -21.50 38.14
C ALA J 287 -65.64 -20.17 37.39
N ALA J 288 -66.54 -19.28 37.81
CA ALA J 288 -66.71 -17.98 37.19
C ALA J 288 -66.70 -16.92 38.27
N VAL J 289 -65.74 -16.01 38.19
CA VAL J 289 -65.47 -15.05 39.26
C VAL J 289 -66.06 -13.70 38.85
N ASP J 290 -67.11 -13.29 39.56
CA ASP J 290 -67.61 -11.92 39.49
C ASP J 290 -67.08 -11.14 40.68
N GLY J 291 -66.70 -9.88 40.44
CA GLY J 291 -66.27 -9.03 41.53
C GLY J 291 -64.85 -9.26 41.96
N PHE J 292 -64.60 -10.37 42.67
CA PHE J 292 -63.28 -10.74 43.15
C PHE J 292 -63.39 -12.11 43.81
N ALA J 293 -62.24 -12.78 43.96
CA ALA J 293 -62.13 -14.01 44.73
C ALA J 293 -61.02 -13.84 45.75
N ILE J 294 -61.39 -13.77 47.03
CA ILE J 294 -60.43 -13.48 48.10
C ILE J 294 -60.32 -14.68 49.03
N GLY J 295 -59.09 -14.98 49.46
CA GLY J 295 -58.87 -15.97 50.51
C GLY J 295 -59.32 -17.35 50.09
N GLY J 296 -60.17 -17.96 50.91
CA GLY J 296 -60.68 -19.29 50.61
C GLY J 296 -61.42 -19.34 49.28
N GLY J 297 -62.01 -18.21 48.87
CA GLY J 297 -62.61 -18.14 47.55
C GLY J 297 -61.57 -18.26 46.45
N ALA J 298 -60.44 -17.57 46.59
CA ALA J 298 -59.37 -17.69 45.61
C ALA J 298 -58.75 -19.07 45.62
N GLN J 299 -58.63 -19.69 46.80
CA GLN J 299 -58.09 -21.03 46.91
C GLN J 299 -58.84 -22.03 46.03
N LEU J 300 -60.16 -21.89 45.95
CA LEU J 300 -60.97 -22.83 45.18
C LEU J 300 -60.57 -22.85 43.71
N LEU J 301 -60.18 -21.71 43.14
CA LEU J 301 -59.82 -21.61 41.73
C LEU J 301 -58.65 -22.53 41.36
N LEU J 302 -57.85 -22.96 42.34
CA LEU J 302 -56.68 -23.80 42.08
C LEU J 302 -57.04 -25.25 41.82
N VAL J 303 -58.33 -25.56 41.68
CA VAL J 303 -58.77 -26.95 41.67
C VAL J 303 -59.76 -27.20 40.55
N PHE J 304 -60.14 -26.16 39.81
CA PHE J 304 -61.12 -26.29 38.75
C PHE J 304 -60.45 -26.64 37.42
N ASP J 305 -61.28 -27.04 36.45
CA ASP J 305 -60.82 -27.39 35.12
C ASP J 305 -60.87 -26.22 34.16
N ARG J 306 -61.67 -25.21 34.47
CA ARG J 306 -61.75 -24.01 33.68
C ARG J 306 -62.15 -22.88 34.62
N VAL J 307 -61.50 -21.74 34.48
CA VAL J 307 -61.81 -20.57 35.31
C VAL J 307 -62.02 -19.40 34.38
N LEU J 308 -63.14 -18.71 34.57
CA LEU J 308 -63.48 -17.50 33.86
C LEU J 308 -63.63 -16.39 34.90
N ALA J 309 -63.39 -15.17 34.47
CA ALA J 309 -63.42 -14.06 35.40
C ALA J 309 -63.77 -12.81 34.61
N SER J 310 -64.48 -11.91 35.27
CA SER J 310 -64.88 -10.68 34.62
C SER J 310 -63.69 -9.71 34.61
N SER J 311 -63.67 -8.83 33.61
CA SER J 311 -62.56 -7.91 33.42
C SER J 311 -62.20 -7.12 34.68
N ASP J 312 -63.19 -6.89 35.53
CA ASP J 312 -62.97 -6.11 36.74
C ASP J 312 -62.81 -6.90 38.03
N ALA J 313 -62.38 -8.15 37.93
CA ALA J 313 -62.20 -8.95 39.14
C ALA J 313 -60.73 -8.99 39.58
N TYR J 314 -60.51 -9.38 40.82
CA TYR J 314 -59.16 -9.54 41.35
C TYR J 314 -59.12 -10.74 42.29
N PHE J 315 -57.91 -11.23 42.53
CA PHE J 315 -57.67 -12.42 43.35
C PHE J 315 -56.60 -12.10 44.38
N SER J 316 -56.83 -12.51 45.63
CA SER J 316 -55.86 -12.24 46.69
C SER J 316 -55.95 -13.28 47.80
N LEU J 317 -54.84 -13.39 48.53
CA LEU J 317 -54.70 -14.30 49.67
C LEU J 317 -54.06 -13.46 50.76
N PRO J 318 -54.87 -12.79 51.60
CA PRO J 318 -54.41 -11.56 52.26
C PRO J 318 -53.64 -11.64 53.57
N ALA J 319 -53.50 -12.80 54.20
CA ALA J 319 -52.55 -12.99 55.33
C ALA J 319 -52.59 -14.42 55.83
N GLY J 323 -51.61 -13.82 59.26
CA GLY J 323 -52.50 -14.37 60.27
C GLY J 323 -52.54 -15.88 60.26
N ILE J 324 -53.29 -16.44 59.33
CA ILE J 324 -53.40 -17.89 59.20
C ILE J 324 -52.99 -18.36 57.82
N ILE J 325 -52.86 -19.67 57.65
CA ILE J 325 -52.47 -20.26 56.38
C ILE J 325 -53.63 -20.24 55.39
N PRO J 326 -53.28 -19.95 54.07
CA PRO J 326 -54.44 -19.95 53.14
C PRO J 326 -54.77 -21.34 52.61
N GLY J 327 -55.37 -22.16 53.44
CA GLY J 327 -55.76 -23.52 53.06
C GLY J 327 -54.65 -24.29 52.39
N ALA J 328 -54.95 -24.89 51.24
CA ALA J 328 -53.99 -25.66 50.47
C ALA J 328 -53.32 -24.85 49.37
N ALA J 329 -53.50 -23.52 49.39
CA ALA J 329 -52.82 -22.65 48.44
C ALA J 329 -51.30 -22.80 48.51
N ASN J 330 -50.75 -23.02 49.71
CA ASN J 330 -49.31 -23.24 49.82
C ASN J 330 -48.89 -24.50 49.09
N LEU J 331 -49.80 -25.48 48.98
CA LEU J 331 -49.51 -26.71 48.26
C LEU J 331 -49.57 -26.50 46.75
N ARG J 332 -50.54 -25.73 46.27
CA ARG J 332 -50.94 -25.73 44.88
C ARG J 332 -50.48 -24.50 44.10
N LEU J 333 -50.41 -23.33 44.75
CA LEU J 333 -50.14 -22.10 44.02
C LEU J 333 -48.80 -22.16 43.29
N GLY J 334 -47.80 -22.83 43.89
CA GLY J 334 -46.49 -22.87 43.28
C GLY J 334 -46.50 -23.50 41.90
N ARG J 335 -47.37 -24.48 41.70
CA ARG J 335 -47.46 -25.17 40.42
C ARG J 335 -48.14 -24.32 39.35
N PHE J 336 -49.00 -23.39 39.78
CA PHE J 336 -49.62 -22.45 38.86
C PHE J 336 -48.74 -21.25 38.55
N ALA J 337 -48.00 -20.75 39.54
CA ALA J 337 -47.41 -19.42 39.45
C ALA J 337 -45.91 -19.36 39.72
N GLY J 338 -45.27 -20.46 40.10
CA GLY J 338 -43.87 -20.45 40.42
C GLY J 338 -43.55 -19.95 41.82
N PRO J 339 -42.29 -20.11 42.24
CA PRO J 339 -41.96 -19.86 43.65
C PRO J 339 -41.94 -18.39 44.02
N ARG J 340 -41.60 -17.50 43.08
CA ARG J 340 -41.56 -16.07 43.38
C ARG J 340 -42.95 -15.51 43.57
N VAL J 341 -43.82 -15.70 42.57
CA VAL J 341 -45.15 -15.10 42.57
C VAL J 341 -45.99 -15.63 43.73
N SER J 342 -45.88 -16.91 44.06
CA SER J 342 -46.73 -17.46 45.11
C SER J 342 -46.36 -16.88 46.47
N ARG J 343 -45.08 -16.63 46.72
CA ARG J 343 -44.67 -15.93 47.93
C ARG J 343 -45.11 -14.47 47.90
N GLN J 344 -45.07 -13.85 46.72
CA GLN J 344 -45.59 -12.49 46.60
C GLN J 344 -47.06 -12.45 46.99
N VAL J 345 -47.83 -13.43 46.51
CA VAL J 345 -49.26 -13.48 46.79
C VAL J 345 -49.52 -13.84 48.24
N ILE J 346 -48.83 -14.87 48.75
CA ILE J 346 -49.13 -15.40 50.07
C ILE J 346 -48.37 -14.66 51.18
N LEU J 347 -47.04 -14.59 51.07
CA LEU J 347 -46.28 -13.94 52.14
C LEU J 347 -46.47 -12.42 52.15
N GLU J 348 -46.67 -11.79 51.00
CA GLU J 348 -46.70 -10.33 50.93
C GLU J 348 -48.02 -9.80 50.39
N GLY J 349 -49.04 -10.65 50.30
CA GLY J 349 -50.39 -10.19 50.02
C GLY J 349 -50.58 -9.48 48.70
N ARG J 350 -49.73 -9.75 47.71
CA ARG J 350 -49.94 -9.19 46.38
C ARG J 350 -51.31 -9.55 45.83
N ARG J 351 -51.93 -8.58 45.18
CA ARG J 351 -53.25 -8.71 44.57
C ARG J 351 -53.09 -8.73 43.05
N ILE J 352 -53.79 -9.66 42.40
CA ILE J 352 -53.67 -9.87 40.97
C ILE J 352 -54.99 -9.49 40.31
N TRP J 353 -54.93 -8.65 39.28
CA TRP J 353 -56.12 -8.17 38.60
C TRP J 353 -56.37 -9.03 37.37
N ALA J 354 -57.66 -9.27 37.10
CA ALA J 354 -58.05 -10.20 36.03
C ALA J 354 -57.42 -9.83 34.70
N LYS J 355 -57.23 -8.54 34.45
CA LYS J 355 -56.73 -8.07 33.16
C LYS J 355 -55.21 -7.99 33.10
N GLU J 356 -54.50 -8.30 34.21
CA GLU J 356 -53.06 -8.22 34.00
C GLU J 356 -52.52 -9.57 33.53
N PRO J 357 -51.43 -9.56 32.75
CA PRO J 357 -50.87 -10.81 32.19
C PRO J 357 -50.80 -11.98 33.16
N GLU J 358 -50.29 -11.77 34.39
CA GLU J 358 -50.12 -12.91 35.28
C GLU J 358 -51.44 -13.47 35.82
N ALA J 359 -52.57 -12.79 35.60
CA ALA J 359 -53.85 -13.42 35.87
C ALA J 359 -54.05 -14.66 35.01
N ARG J 360 -53.40 -14.70 33.85
CA ARG J 360 -53.48 -15.87 32.98
C ARG J 360 -52.93 -17.12 33.66
N LEU J 361 -52.14 -16.94 34.73
CA LEU J 361 -51.64 -18.09 35.49
C LEU J 361 -52.76 -18.77 36.26
N LEU J 362 -53.82 -18.03 36.60
CA LEU J 362 -54.93 -18.55 37.39
C LEU J 362 -56.24 -18.65 36.65
N VAL J 363 -56.40 -17.96 35.53
CA VAL J 363 -57.69 -17.75 34.89
C VAL J 363 -57.53 -18.04 33.40
N ASP J 364 -58.47 -18.80 32.82
CA ASP J 364 -58.40 -19.19 31.42
C ASP J 364 -58.93 -18.10 30.50
N GLU J 365 -60.04 -17.49 30.87
CA GLU J 365 -60.68 -16.45 30.08
C GLU J 365 -61.00 -15.26 30.95
N VAL J 366 -60.75 -14.07 30.44
CA VAL J 366 -61.15 -12.83 31.08
C VAL J 366 -62.04 -12.09 30.10
N VAL J 367 -63.27 -11.80 30.53
CA VAL J 367 -64.35 -11.34 29.66
C VAL J 367 -65.01 -10.13 30.29
N GLU J 368 -65.44 -9.21 29.44
CA GLU J 368 -66.18 -8.04 29.87
C GLU J 368 -67.46 -8.49 30.57
N PRO J 369 -67.96 -7.73 31.54
CA PRO J 369 -69.19 -8.14 32.25
C PRO J 369 -70.36 -8.47 31.34
N ASP J 370 -70.62 -7.64 30.31
CA ASP J 370 -71.72 -7.90 29.40
C ASP J 370 -71.54 -9.20 28.66
N GLU J 371 -70.30 -9.54 28.30
CA GLU J 371 -70.01 -10.73 27.51
C GLU J 371 -69.74 -11.97 28.35
N LEU J 372 -69.83 -11.87 29.69
CA LEU J 372 -69.41 -12.98 30.53
C LEU J 372 -70.42 -14.11 30.54
N ASP J 373 -71.71 -13.78 30.75
CA ASP J 373 -72.74 -14.81 30.89
C ASP J 373 -72.75 -15.76 29.69
N ALA J 374 -72.67 -15.21 28.48
CA ALA J 374 -72.69 -16.07 27.30
C ALA J 374 -71.43 -16.90 27.20
N ALA J 375 -70.27 -16.33 27.56
CA ALA J 375 -69.02 -17.08 27.54
C ALA J 375 -69.03 -18.23 28.53
N ILE J 376 -69.63 -18.02 29.70
CA ILE J 376 -69.77 -19.09 30.70
C ILE J 376 -70.55 -20.26 30.11
N GLU J 377 -71.66 -19.97 29.43
CA GLU J 377 -72.47 -21.00 28.80
C GLU J 377 -71.66 -21.78 27.77
N ARG J 378 -70.92 -21.06 26.91
CA ARG J 378 -70.10 -21.72 25.90
C ARG J 378 -69.05 -22.65 26.52
N SER J 379 -68.48 -22.25 27.66
CA SER J 379 -67.47 -23.11 28.29
C SER J 379 -68.08 -24.38 28.84
N LEU J 380 -69.36 -24.35 29.22
CA LEU J 380 -70.02 -25.51 29.78
C LEU J 380 -70.31 -26.58 28.73
N THR J 381 -70.31 -26.22 27.45
CA THR J 381 -70.53 -27.20 26.39
C THR J 381 -69.29 -28.00 26.03
N ARG J 382 -68.10 -27.53 26.42
CA ARG J 382 -66.83 -28.04 25.89
C ARG J 382 -66.17 -29.12 26.76
N LEU J 383 -66.83 -29.65 27.79
CA LEU J 383 -66.19 -30.60 28.69
C LEU J 383 -67.00 -31.88 28.93
N ASP J 384 -67.72 -32.39 27.93
CA ASP J 384 -68.66 -33.49 28.20
C ASP J 384 -68.06 -34.89 28.13
N GLY J 385 -67.01 -35.12 27.34
CA GLY J 385 -66.52 -36.47 27.09
C GLY J 385 -66.27 -37.40 28.27
N ASP J 386 -66.32 -38.71 28.02
CA ASP J 386 -65.62 -39.66 28.89
C ASP J 386 -64.11 -39.53 28.79
N ALA J 387 -63.61 -39.02 27.65
CA ALA J 387 -62.19 -38.73 27.52
C ALA J 387 -61.77 -37.61 28.46
N VAL J 388 -62.62 -36.60 28.59
CA VAL J 388 -62.37 -35.51 29.54
C VAL J 388 -62.18 -36.06 30.94
N LEU J 389 -63.04 -37.00 31.36
CA LEU J 389 -62.89 -37.60 32.69
C LEU J 389 -61.59 -38.37 32.83
N ALA J 390 -61.22 -39.14 31.81
CA ALA J 390 -59.98 -39.91 31.88
C ALA J 390 -58.76 -39.00 31.88
N ASN J 391 -58.80 -37.93 31.09
CA ASN J 391 -57.66 -37.01 30.99
C ASN J 391 -57.51 -36.17 32.24
N ARG J 392 -58.61 -35.61 32.77
CA ARG J 392 -58.49 -34.87 34.03
C ARG J 392 -58.08 -35.79 35.18
N ARG J 393 -58.41 -37.07 35.12
CA ARG J 393 -57.97 -37.98 36.18
C ARG J 393 -56.46 -38.16 36.15
N MET J 394 -55.87 -38.32 34.96
CA MET J 394 -54.43 -38.44 34.85
C MET J 394 -53.72 -37.12 35.15
N LEU J 395 -54.32 -35.99 34.72
CA LEU J 395 -53.71 -34.68 35.00
C LEU J 395 -53.61 -34.43 36.50
N ASN J 396 -54.72 -34.58 37.22
CA ASN J 396 -54.69 -34.36 38.67
C ASN J 396 -53.70 -35.30 39.35
N LEU J 397 -53.66 -36.57 38.90
CA LEU J 397 -52.71 -37.54 39.45
C LEU J 397 -51.27 -37.05 39.36
N ALA J 398 -50.89 -36.47 38.22
CA ALA J 398 -49.52 -36.01 38.05
C ALA J 398 -49.29 -34.70 38.78
N ASP J 399 -50.24 -33.77 38.68
CA ASP J 399 -50.10 -32.48 39.34
C ASP J 399 -49.92 -32.64 40.85
N GLU J 400 -50.73 -33.48 41.46
CA GLU J 400 -50.82 -33.56 42.92
C GLU J 400 -51.04 -35.01 43.31
N SER J 401 -50.01 -35.65 43.84
CA SER J 401 -50.03 -37.06 44.17
C SER J 401 -50.76 -37.30 45.48
N PRO J 402 -51.22 -38.54 45.72
CA PRO J 402 -51.76 -38.87 47.05
C PRO J 402 -50.79 -38.52 48.16
N ASP J 403 -49.52 -38.90 48.02
CA ASP J 403 -48.51 -38.54 49.03
C ASP J 403 -48.38 -37.03 49.17
N GLY J 404 -48.32 -36.31 48.04
CA GLY J 404 -48.18 -34.87 48.09
C GLY J 404 -49.26 -34.20 48.93
N PHE J 405 -50.51 -34.50 48.62
CA PHE J 405 -51.63 -33.92 49.36
C PHE J 405 -51.60 -34.35 50.82
N ARG J 406 -51.37 -35.64 51.08
CA ARG J 406 -51.44 -36.16 52.45
C ARG J 406 -50.33 -35.57 53.31
N ALA J 407 -49.10 -35.54 52.80
CA ALA J 407 -47.99 -34.93 53.53
C ALA J 407 -48.29 -33.48 53.87
N TYR J 408 -48.82 -32.72 52.90
CA TYR J 408 -49.15 -31.31 53.17
C TYR J 408 -50.21 -31.19 54.25
N MET J 409 -51.33 -31.92 54.10
CA MET J 409 -52.44 -31.78 55.03
C MET J 409 -52.05 -32.22 56.44
N ALA J 410 -51.19 -33.22 56.56
CA ALA J 410 -50.69 -33.64 57.87
C ALA J 410 -50.08 -32.47 58.63
N GLU J 411 -49.01 -31.87 58.08
CA GLU J 411 -48.41 -30.69 58.70
C GLU J 411 -49.40 -29.55 58.80
N PHE J 412 -50.27 -29.39 57.80
CA PHE J 412 -51.26 -28.31 57.83
C PHE J 412 -52.15 -28.40 59.05
N ALA J 413 -52.54 -29.61 59.44
CA ALA J 413 -53.46 -29.78 60.56
C ALA J 413 -52.93 -29.15 61.85
N LEU J 414 -51.64 -29.33 62.12
CA LEU J 414 -51.06 -28.75 63.33
C LEU J 414 -50.64 -27.31 63.11
N MET J 415 -49.94 -27.03 62.01
CA MET J 415 -49.51 -25.65 61.73
C MET J 415 -50.68 -24.68 61.75
N GLN J 416 -51.79 -25.05 61.09
CA GLN J 416 -52.96 -24.17 61.07
C GLN J 416 -53.61 -24.05 62.45
N ALA J 417 -53.66 -25.15 63.20
CA ALA J 417 -54.21 -25.09 64.55
C ALA J 417 -53.45 -24.09 65.41
N LEU J 418 -52.12 -24.10 65.32
CA LEU J 418 -51.30 -23.16 66.07
C LEU J 418 -51.55 -21.73 65.62
N ARG J 419 -51.69 -21.51 64.31
CA ARG J 419 -51.96 -20.17 63.81
C ARG J 419 -53.31 -19.67 64.30
N LEU J 420 -54.26 -20.59 64.48
CA LEU J 420 -55.59 -20.22 64.93
C LEU J 420 -55.59 -19.62 66.34
N TYR J 421 -54.61 -19.97 67.17
CA TYR J 421 -54.55 -19.50 68.55
C TYR J 421 -53.33 -18.63 68.84
N GLY J 422 -52.68 -18.12 67.81
CA GLY J 422 -51.57 -17.22 68.02
C GLY J 422 -52.05 -15.80 68.33
N HIS J 423 -51.28 -15.11 69.18
CA HIS J 423 -51.65 -13.75 69.56
C HIS J 423 -51.73 -12.85 68.33
N ASP J 424 -51.00 -13.20 67.27
CA ASP J 424 -50.94 -12.40 66.06
C ASP J 424 -52.28 -12.37 65.34
N THR J 425 -52.90 -13.54 65.17
CA THR J 425 -54.18 -13.62 64.47
C THR J 425 -55.32 -13.02 65.29
N ILE J 426 -55.44 -13.43 66.55
CA ILE J 426 -56.57 -13.07 67.39
C ILE J 426 -56.82 -11.56 67.41
N ASP J 427 -55.75 -10.76 67.55
CA ASP J 427 -55.94 -9.31 67.55
C ASP J 427 -56.38 -8.79 66.18
N LYS J 428 -55.71 -9.21 65.11
CA LYS J 428 -55.94 -8.60 63.81
C LYS J 428 -57.36 -8.86 63.30
N VAL J 429 -57.78 -10.13 63.32
CA VAL J 429 -59.13 -10.48 62.88
C VAL J 429 -60.19 -9.77 63.72
N GLY J 430 -59.86 -9.47 64.99
CA GLY J 430 -60.81 -8.76 65.81
C GLY J 430 -60.88 -7.27 65.54
N ARG J 431 -60.14 -6.77 64.55
CA ARG J 431 -60.24 -5.39 64.11
C ARG J 431 -61.00 -5.25 62.79
N PHE J 432 -61.58 -6.34 62.28
CA PHE J 432 -62.35 -6.25 61.04
C PHE J 432 -63.62 -5.44 61.29
N GLY J 433 -63.63 -4.20 60.81
CA GLY J 433 -64.74 -3.31 61.03
C GLY J 433 -64.64 -2.59 62.36
N THR K 11 -18.63 -61.40 54.51
CA THR K 11 -19.78 -62.20 54.94
C THR K 11 -20.52 -62.69 53.72
N ASP K 12 -20.76 -61.78 52.78
CA ASP K 12 -21.20 -62.14 51.45
C ASP K 12 -20.09 -61.94 50.43
N GLY K 13 -18.85 -61.79 50.89
CA GLY K 13 -17.69 -61.72 50.04
C GLY K 13 -17.29 -60.34 49.58
N LEU K 14 -18.15 -59.33 49.77
CA LEU K 14 -17.89 -58.03 49.15
C LEU K 14 -16.80 -57.24 49.87
N TRP K 15 -16.71 -57.34 51.19
CA TRP K 15 -15.64 -56.60 51.87
C TRP K 15 -14.27 -57.17 51.53
N ALA K 16 -14.18 -58.50 51.41
CA ALA K 16 -12.93 -59.12 51.00
C ALA K 16 -12.57 -58.70 49.57
N ALA K 17 -13.55 -58.75 48.67
CA ALA K 17 -13.32 -58.33 47.28
C ALA K 17 -12.91 -56.87 47.21
N LEU K 18 -13.57 -56.01 48.00
CA LEU K 18 -13.16 -54.61 48.07
C LEU K 18 -11.73 -54.47 48.59
N THR K 19 -11.43 -55.12 49.71
CA THR K 19 -10.10 -55.04 50.29
C THR K 19 -9.04 -55.46 49.29
N GLU K 20 -9.32 -56.50 48.50
CA GLU K 20 -8.42 -56.90 47.43
C GLU K 20 -8.21 -55.78 46.42
N ALA K 21 -9.32 -55.21 45.93
CA ALA K 21 -9.23 -54.19 44.90
C ALA K 21 -8.44 -52.97 45.36
N ALA K 22 -8.62 -52.57 46.61
CA ALA K 22 -7.80 -51.48 47.15
C ALA K 22 -6.34 -51.90 47.29
N ALA K 23 -6.09 -53.17 47.60
CA ALA K 23 -4.72 -53.65 47.69
C ALA K 23 -3.98 -53.48 46.37
N SER K 24 -4.61 -53.86 45.26
CA SER K 24 -3.99 -53.64 43.95
C SER K 24 -3.73 -52.17 43.69
N VAL K 25 -4.65 -51.30 44.10
CA VAL K 25 -4.50 -49.86 43.87
C VAL K 25 -3.30 -49.32 44.64
N GLU K 26 -3.15 -49.71 45.91
CA GLU K 26 -1.99 -49.24 46.66
C GLU K 26 -0.70 -49.79 46.11
N LYS K 27 -0.71 -51.02 45.58
CA LYS K 27 0.52 -51.57 45.02
C LYS K 27 0.93 -50.84 43.76
N LEU K 28 -0.03 -50.61 42.85
CA LEU K 28 0.29 -49.86 41.64
C LEU K 28 0.76 -48.45 41.97
N LEU K 29 0.12 -47.79 42.93
CA LEU K 29 0.52 -46.43 43.28
C LEU K 29 1.94 -46.40 43.87
N ALA K 30 2.30 -47.42 44.65
CA ALA K 30 3.65 -47.49 45.18
C ALA K 30 4.70 -47.70 44.09
N THR K 31 4.42 -48.60 43.14
CA THR K 31 5.39 -48.99 42.14
C THR K 31 5.41 -48.11 40.88
N LEU K 32 4.30 -47.49 40.49
CA LEU K 32 4.29 -46.74 39.24
C LEU K 32 4.94 -45.37 39.39
N PRO K 33 5.36 -44.77 38.28
CA PRO K 33 5.85 -43.39 38.33
C PRO K 33 4.72 -42.43 38.65
N GLU K 34 5.12 -41.22 39.07
CA GLU K 34 4.18 -40.16 39.40
C GLU K 34 3.27 -39.84 38.23
N HIS K 35 2.19 -39.11 38.50
CA HIS K 35 1.05 -39.04 37.60
C HIS K 35 1.43 -38.56 36.21
N GLY K 36 2.33 -37.58 36.12
CA GLY K 36 2.78 -37.03 34.85
C GLY K 36 3.87 -37.81 34.16
N ALA K 37 4.44 -38.83 34.82
CA ALA K 37 5.52 -39.63 34.23
C ALA K 37 5.06 -41.03 33.85
N ARG K 38 3.77 -41.31 33.86
CA ARG K 38 3.26 -42.62 33.50
C ARG K 38 3.05 -42.74 32.00
N SER K 39 3.21 -43.96 31.50
CA SER K 39 2.88 -44.25 30.11
C SER K 39 1.40 -44.61 29.98
N SER K 40 0.91 -44.61 28.75
CA SER K 40 -0.49 -44.97 28.51
C SER K 40 -0.78 -46.39 29.02
N ALA K 41 0.15 -47.32 28.80
CA ALA K 41 0.00 -48.66 29.36
C ALA K 41 -0.07 -48.61 30.88
N GLU K 42 0.79 -47.80 31.51
CA GLU K 42 0.73 -47.63 32.95
C GLU K 42 -0.53 -46.88 33.36
N ARG K 43 -0.90 -45.84 32.61
CA ARG K 43 -2.09 -45.05 32.95
C ARG K 43 -3.35 -45.91 32.89
N ALA K 44 -3.43 -46.82 31.93
CA ALA K 44 -4.61 -47.66 31.82
C ALA K 44 -4.66 -48.73 32.92
N GLU K 45 -3.51 -49.23 33.36
CA GLU K 45 -3.53 -50.21 34.45
C GLU K 45 -4.06 -49.60 35.74
N ILE K 46 -3.60 -48.39 36.09
CA ILE K 46 -4.08 -47.77 37.32
C ILE K 46 -5.54 -47.36 37.17
N ALA K 47 -5.91 -46.83 36.00
CA ALA K 47 -7.31 -46.49 35.76
C ALA K 47 -8.20 -47.73 35.89
N ALA K 48 -7.70 -48.88 35.43
CA ALA K 48 -8.46 -50.11 35.57
C ALA K 48 -8.54 -50.58 37.01
N ALA K 49 -7.48 -50.35 37.79
CA ALA K 49 -7.50 -50.77 39.19
C ALA K 49 -8.44 -49.89 40.00
N HIS K 50 -8.36 -48.57 39.80
CA HIS K 50 -9.31 -47.65 40.41
C HIS K 50 -10.75 -48.06 40.14
N ASP K 51 -11.06 -48.38 38.88
CA ASP K 51 -12.44 -48.70 38.52
C ASP K 51 -12.89 -49.97 39.23
N ALA K 52 -12.02 -50.98 39.27
CA ALA K 52 -12.37 -52.23 39.95
C ALA K 52 -12.61 -51.99 41.43
N ALA K 53 -11.82 -51.11 42.05
CA ALA K 53 -12.00 -50.80 43.47
C ALA K 53 -13.32 -50.08 43.71
N ARG K 54 -13.55 -49.00 42.96
CA ARG K 54 -14.75 -48.18 43.15
C ARG K 54 -16.02 -48.97 42.83
N ALA K 55 -15.97 -49.83 41.82
CA ALA K 55 -17.13 -50.66 41.48
C ALA K 55 -17.55 -51.53 42.67
N LEU K 56 -16.60 -51.95 43.50
CA LEU K 56 -16.94 -52.72 44.69
C LEU K 56 -17.39 -51.82 45.84
N ARG K 57 -16.90 -50.58 45.89
CA ARG K 57 -17.40 -49.63 46.88
C ARG K 57 -18.90 -49.42 46.72
N VAL K 58 -19.37 -49.32 45.48
CA VAL K 58 -20.80 -49.22 45.21
C VAL K 58 -21.51 -50.50 45.61
N ARG K 59 -20.99 -51.65 45.16
CA ARG K 59 -21.65 -52.93 45.41
C ARG K 59 -21.65 -53.28 46.90
N PHE K 60 -20.54 -53.01 47.59
CA PHE K 60 -20.53 -53.24 49.04
C PHE K 60 -21.62 -52.43 49.73
N LEU K 61 -21.69 -51.13 49.42
CA LEU K 61 -22.63 -50.23 50.08
C LEU K 61 -24.07 -50.39 49.59
N ASP K 62 -24.27 -50.88 48.37
CA ASP K 62 -25.64 -51.15 47.90
C ASP K 62 -26.39 -52.02 48.90
N THR K 63 -25.69 -52.98 49.51
CA THR K 63 -26.28 -53.85 50.52
C THR K 63 -25.86 -53.52 51.96
N HIS K 64 -24.68 -52.92 52.18
CA HIS K 64 -24.15 -52.77 53.53
C HIS K 64 -24.13 -51.33 54.06
N ALA K 65 -24.70 -50.38 53.33
CA ALA K 65 -24.67 -48.98 53.77
C ALA K 65 -25.23 -48.80 55.17
N ASP K 66 -26.43 -49.35 55.42
CA ASP K 66 -27.11 -49.15 56.70
C ASP K 66 -26.31 -49.74 57.87
N ALA K 67 -25.74 -50.93 57.70
CA ALA K 67 -24.95 -51.52 58.79
C ALA K 67 -23.72 -50.67 59.08
N VAL K 68 -23.05 -50.19 58.03
CA VAL K 68 -21.91 -49.29 58.20
C VAL K 68 -22.31 -48.02 58.94
N TYR K 69 -23.38 -47.36 58.49
CA TYR K 69 -23.80 -46.11 59.12
C TYR K 69 -24.19 -46.34 60.58
N ASP K 70 -24.84 -47.47 60.87
CA ASP K 70 -25.19 -47.79 62.25
C ASP K 70 -23.96 -47.92 63.13
N ARG K 71 -22.88 -48.50 62.60
CA ARG K 71 -21.64 -48.63 63.38
C ARG K 71 -21.07 -47.25 63.71
N LEU K 72 -21.00 -46.36 62.71
CA LEU K 72 -20.36 -45.06 62.91
C LEU K 72 -21.18 -44.14 63.79
N THR K 73 -22.49 -44.31 63.85
CA THR K 73 -23.37 -43.38 64.55
C THR K 73 -24.06 -44.02 65.74
N ASP K 74 -23.65 -45.22 66.12
CA ASP K 74 -24.25 -45.94 67.26
C ASP K 74 -25.73 -46.17 66.99
N HIS K 75 -25.98 -46.81 65.86
CA HIS K 75 -27.33 -47.05 65.33
C HIS K 75 -28.17 -45.78 65.34
N ARG K 76 -27.65 -44.76 64.65
CA ARG K 76 -28.39 -43.52 64.39
C ARG K 76 -28.79 -42.81 65.68
N ARG K 77 -27.89 -42.87 66.67
CA ARG K 77 -28.07 -42.21 67.95
C ARG K 77 -27.11 -41.03 68.16
N VAL K 78 -26.09 -40.88 67.31
CA VAL K 78 -25.17 -39.76 67.36
C VAL K 78 -25.24 -39.03 66.03
N HIS K 79 -25.54 -37.73 66.06
CA HIS K 79 -25.55 -36.92 64.85
C HIS K 79 -24.13 -36.49 64.52
N LEU K 80 -23.56 -37.06 63.47
CA LEU K 80 -22.25 -36.66 62.97
C LEU K 80 -22.39 -35.87 61.67
N ARG K 81 -21.74 -34.72 61.61
CA ARG K 81 -21.63 -33.93 60.39
C ARG K 81 -20.82 -34.66 59.32
N LEU K 82 -20.74 -34.06 58.13
CA LEU K 82 -20.10 -34.71 56.99
C LEU K 82 -18.63 -34.99 57.26
N ALA K 83 -17.88 -33.95 57.62
CA ALA K 83 -16.46 -34.09 57.91
C ALA K 83 -16.20 -35.21 58.90
N GLU K 84 -16.93 -35.23 60.02
CA GLU K 84 -16.76 -36.29 61.00
C GLU K 84 -17.14 -37.66 60.44
N LEU K 85 -18.18 -37.71 59.60
CA LEU K 85 -18.66 -38.99 59.11
C LEU K 85 -17.66 -39.67 58.18
N VAL K 86 -17.12 -38.93 57.20
CA VAL K 86 -16.21 -39.54 56.24
C VAL K 86 -14.92 -39.95 56.93
N GLU K 87 -14.54 -39.23 57.99
CA GLU K 87 -13.32 -39.54 58.72
C GLU K 87 -13.52 -40.75 59.63
N ALA K 88 -14.69 -40.86 60.26
CA ALA K 88 -14.99 -42.05 61.05
C ALA K 88 -15.10 -43.29 60.17
N ALA K 89 -15.74 -43.14 58.99
CA ALA K 89 -15.83 -44.24 58.04
C ALA K 89 -14.45 -44.67 57.57
N ALA K 90 -13.54 -43.72 57.37
CA ALA K 90 -12.20 -44.05 56.87
C ALA K 90 -11.44 -44.96 57.82
N THR K 91 -11.50 -44.69 59.12
CA THR K 91 -10.70 -45.48 60.06
C THR K 91 -11.39 -46.78 60.44
N ALA K 92 -12.73 -46.78 60.53
CA ALA K 92 -13.45 -47.99 60.89
C ALA K 92 -13.57 -48.96 59.72
N PHE K 93 -13.43 -48.48 58.49
CA PHE K 93 -13.57 -49.32 57.28
C PHE K 93 -12.46 -48.96 56.31
N PRO K 94 -11.24 -49.44 56.56
CA PRO K 94 -10.11 -49.05 55.71
C PRO K 94 -10.32 -49.47 54.26
N GLY K 95 -9.98 -48.57 53.34
CA GLY K 95 -10.17 -48.78 51.93
C GLY K 95 -11.53 -48.38 51.39
N LEU K 96 -12.53 -48.21 52.26
CA LEU K 96 -13.82 -47.74 51.80
C LEU K 96 -13.78 -46.28 51.41
N VAL K 97 -13.14 -45.43 52.22
CA VAL K 97 -13.02 -44.00 51.95
C VAL K 97 -11.65 -43.53 52.40
N PRO K 98 -11.12 -42.50 51.74
CA PRO K 98 -9.74 -42.09 52.04
C PRO K 98 -9.55 -41.60 53.47
N THR K 99 -8.33 -41.81 53.97
CA THR K 99 -7.93 -41.26 55.24
C THR K 99 -7.61 -39.78 55.06
N GLN K 100 -7.56 -39.05 56.18
CA GLN K 100 -7.14 -37.65 56.10
C GLN K 100 -5.73 -37.55 55.53
N GLN K 101 -4.88 -38.54 55.82
CA GLN K 101 -3.51 -38.54 55.34
C GLN K 101 -3.47 -38.69 53.83
N GLN K 102 -4.19 -39.68 53.31
CA GLN K 102 -4.33 -39.83 51.86
C GLN K 102 -4.93 -38.58 51.23
N LEU K 103 -5.91 -37.96 51.91
CA LEU K 103 -6.47 -36.71 51.40
C LEU K 103 -5.47 -35.58 51.43
N ALA K 104 -4.62 -35.52 52.47
CA ALA K 104 -3.64 -34.45 52.56
C ALA K 104 -2.64 -34.52 51.41
N VAL K 105 -2.25 -35.74 51.02
CA VAL K 105 -1.42 -35.92 49.84
C VAL K 105 -2.16 -35.41 48.60
N GLU K 106 -3.41 -35.85 48.42
CA GLU K 106 -4.25 -35.37 47.34
C GLU K 106 -4.31 -33.84 47.31
N ARG K 107 -4.54 -33.23 48.47
CA ARG K 107 -4.67 -31.77 48.55
C ARG K 107 -3.41 -31.07 48.08
N SER K 108 -2.24 -31.62 48.41
CA SER K 108 -0.98 -30.99 48.04
C SER K 108 -0.76 -30.96 46.54
N LEU K 109 -1.46 -31.79 45.80
CA LEU K 109 -1.27 -31.87 44.35
C LEU K 109 -2.24 -30.96 43.62
N PRO K 110 -1.91 -30.55 42.40
CA PRO K 110 -2.91 -29.90 41.56
C PRO K 110 -3.93 -30.92 41.09
N GLN K 111 -5.15 -30.43 40.82
CA GLN K 111 -6.25 -31.32 40.44
C GLN K 111 -5.85 -32.27 39.31
N ALA K 112 -5.06 -31.77 38.35
CA ALA K 112 -4.61 -32.60 37.24
C ALA K 112 -3.92 -33.88 37.71
N ALA K 113 -3.15 -33.79 38.79
CA ALA K 113 -2.29 -34.89 39.21
C ALA K 113 -2.94 -35.77 40.26
N LYS K 114 -4.15 -35.44 40.73
CA LYS K 114 -4.77 -36.21 41.79
C LYS K 114 -5.22 -37.58 41.31
N GLU K 115 -5.28 -38.52 42.26
CA GLU K 115 -5.82 -39.84 41.99
C GLU K 115 -7.34 -39.87 42.07
N GLY K 116 -7.94 -38.88 42.73
CA GLY K 116 -9.38 -38.78 42.82
C GLY K 116 -9.99 -39.56 43.95
N HIS K 117 -9.24 -39.85 45.01
CA HIS K 117 -9.77 -40.59 46.16
C HIS K 117 -11.08 -39.99 46.67
N GLU K 118 -11.29 -38.68 46.51
CA GLU K 118 -12.55 -38.06 46.89
C GLU K 118 -13.75 -38.74 46.23
N ILE K 119 -13.60 -39.26 45.02
CA ILE K 119 -14.67 -40.02 44.37
C ILE K 119 -15.22 -41.09 45.30
N ASP K 120 -14.34 -41.74 46.06
CA ASP K 120 -14.78 -42.75 47.02
C ASP K 120 -15.69 -42.15 48.09
N GLN K 121 -15.46 -40.90 48.47
CA GLN K 121 -16.36 -40.21 49.39
C GLN K 121 -17.72 -39.97 48.72
N GLY K 122 -17.71 -39.60 47.43
CA GLY K 122 -18.95 -39.52 46.67
C GLY K 122 -19.75 -40.81 46.67
N ILE K 123 -19.07 -41.95 46.49
CA ILE K 123 -19.77 -43.24 46.51
C ILE K 123 -20.41 -43.46 47.87
N PHE K 124 -19.66 -43.20 48.94
CA PHE K 124 -20.15 -43.37 50.31
C PHE K 124 -21.33 -42.45 50.61
N LEU K 125 -21.15 -41.15 50.39
CA LEU K 125 -22.20 -40.19 50.71
C LEU K 125 -23.47 -40.44 49.90
N ARG K 126 -23.31 -40.88 48.65
CA ARG K 126 -24.47 -41.27 47.87
C ARG K 126 -25.23 -42.42 48.54
N ALA K 127 -24.51 -43.47 48.93
CA ALA K 127 -25.14 -44.64 49.54
C ALA K 127 -25.81 -44.29 50.86
N VAL K 128 -25.18 -43.42 51.66
CA VAL K 128 -25.78 -42.99 52.93
C VAL K 128 -27.07 -42.23 52.67
N LEU K 129 -26.99 -41.22 51.79
CA LEU K 129 -28.17 -40.40 51.50
C LEU K 129 -29.26 -41.20 50.78
N ARG K 130 -28.91 -42.24 50.03
CA ARG K 130 -29.95 -43.08 49.41
C ARG K 130 -30.73 -43.91 50.42
N SER K 131 -30.16 -44.20 51.59
CA SER K 131 -30.86 -45.03 52.58
C SER K 131 -31.99 -44.27 53.25
N PRO K 132 -33.20 -44.82 53.31
CA PRO K 132 -34.31 -44.13 54.00
C PRO K 132 -34.09 -43.93 55.50
N LEU K 133 -33.20 -44.69 56.14
CA LEU K 133 -32.91 -44.49 57.56
C LEU K 133 -31.68 -43.61 57.78
N ALA K 134 -30.59 -43.87 57.06
CA ALA K 134 -29.35 -43.13 57.24
C ALA K 134 -29.44 -41.73 56.65
N GLY K 135 -30.04 -41.59 55.46
CA GLY K 135 -30.16 -40.33 54.78
C GLY K 135 -30.69 -39.17 55.61
N PRO K 136 -31.96 -39.24 56.01
CA PRO K 136 -32.53 -38.15 56.82
C PRO K 136 -31.78 -37.89 58.12
N HIS K 137 -31.17 -38.92 58.71
CA HIS K 137 -30.39 -38.73 59.93
C HIS K 137 -29.18 -37.84 59.67
N LEU K 138 -28.46 -38.09 58.57
CA LEU K 138 -27.35 -37.23 58.20
C LEU K 138 -27.81 -35.83 57.85
N LEU K 139 -28.95 -35.71 57.17
CA LEU K 139 -29.49 -34.39 56.85
C LEU K 139 -29.90 -33.62 58.11
N ASP K 140 -30.36 -34.33 59.13
CA ASP K 140 -30.61 -33.67 60.41
C ASP K 140 -29.31 -33.20 61.04
N ALA K 141 -28.28 -34.06 61.05
CA ALA K 141 -26.97 -33.71 61.58
C ALA K 141 -26.46 -32.39 61.00
N MET K 142 -26.57 -32.22 59.69
CA MET K 142 -26.03 -31.02 59.05
C MET K 142 -26.90 -29.79 59.30
N LEU K 143 -28.15 -29.95 59.77
CA LEU K 143 -28.97 -28.81 60.11
C LEU K 143 -28.75 -28.30 61.54
N ARG K 144 -28.09 -29.09 62.38
CA ARG K 144 -27.81 -28.65 63.75
C ARG K 144 -26.78 -27.54 63.74
N PRO K 145 -26.80 -26.66 64.74
CA PRO K 145 -25.82 -25.57 64.77
C PRO K 145 -24.40 -26.08 64.79
N THR K 146 -23.53 -25.39 64.06
CA THR K 146 -22.11 -25.68 64.10
C THR K 146 -21.53 -25.26 65.45
N PRO K 147 -20.53 -26.00 65.95
CA PRO K 147 -19.86 -25.59 67.19
C PRO K 147 -19.34 -24.17 67.16
N ARG K 148 -18.81 -23.75 66.02
CA ARG K 148 -18.27 -22.40 65.86
C ARG K 148 -19.30 -21.31 66.17
N ALA K 149 -20.53 -21.53 65.72
CA ALA K 149 -21.60 -20.55 65.95
C ALA K 149 -22.04 -20.55 67.41
N LEU K 150 -22.18 -21.74 68.01
CA LEU K 150 -22.52 -21.81 69.41
C LEU K 150 -21.50 -21.07 70.26
N GLU K 151 -20.22 -21.20 69.86
CA GLU K 151 -19.12 -20.48 70.50
C GLU K 151 -19.34 -18.99 70.47
N LEU K 152 -19.70 -18.44 69.30
CA LEU K 152 -19.77 -17.01 69.08
C LEU K 152 -21.14 -16.41 69.39
N LEU K 153 -22.13 -17.23 69.74
CA LEU K 153 -23.48 -16.71 69.96
C LEU K 153 -23.54 -15.75 71.15
N PRO K 154 -23.03 -16.09 72.34
CA PRO K 154 -23.04 -15.11 73.44
C PRO K 154 -22.46 -13.74 73.08
N GLU K 155 -21.27 -13.70 72.47
CA GLU K 155 -20.70 -12.41 72.09
C GLU K 155 -21.54 -11.73 71.01
N PHE K 156 -22.17 -12.49 70.13
CA PHE K 156 -23.00 -11.86 69.10
C PHE K 156 -24.28 -11.29 69.68
N VAL K 157 -24.90 -12.00 70.63
CA VAL K 157 -26.08 -11.46 71.30
C VAL K 157 -25.75 -10.14 71.97
N ARG K 158 -24.53 -10.02 72.50
CA ARG K 158 -24.15 -8.80 73.20
C ARG K 158 -23.73 -7.69 72.24
N THR K 159 -22.92 -8.03 71.23
CA THR K 159 -22.37 -7.01 70.35
C THR K 159 -23.25 -6.70 69.16
N GLY K 160 -23.95 -7.71 68.63
CA GLY K 160 -24.65 -7.52 67.37
C GLY K 160 -23.75 -7.37 66.18
N GLU K 161 -22.53 -7.92 66.26
CA GLU K 161 -21.54 -7.78 65.20
C GLU K 161 -20.53 -8.91 65.29
N VAL K 162 -20.21 -9.50 64.14
CA VAL K 162 -19.15 -10.50 64.00
C VAL K 162 -18.48 -10.24 62.67
N GLU K 163 -17.16 -10.07 62.69
CA GLU K 163 -16.38 -9.93 61.48
C GLU K 163 -15.61 -11.22 61.28
N MET K 164 -15.81 -11.86 60.15
CA MET K 164 -15.10 -13.06 59.74
C MET K 164 -14.41 -12.75 58.41
N GLU K 165 -13.61 -13.71 57.94
CA GLU K 165 -12.81 -13.45 56.73
C GLU K 165 -13.70 -13.15 55.53
N ALA K 166 -14.72 -13.97 55.30
CA ALA K 166 -15.52 -13.85 54.08
C ALA K 166 -16.91 -13.28 54.30
N VAL K 167 -17.35 -13.09 55.54
CA VAL K 167 -18.71 -12.63 55.82
C VAL K 167 -18.68 -11.67 57.01
N HIS K 168 -19.33 -10.52 56.87
CA HIS K 168 -19.54 -9.56 57.94
C HIS K 168 -21.00 -9.64 58.39
N LEU K 169 -21.22 -9.95 59.66
CA LEU K 169 -22.55 -10.14 60.22
C LEU K 169 -22.89 -9.04 61.22
N GLU K 170 -24.09 -8.48 61.10
CA GLU K 170 -24.54 -7.38 61.96
C GLU K 170 -26.04 -7.47 62.19
N ARG K 171 -26.45 -7.47 63.46
CA ARG K 171 -27.87 -7.30 63.81
C ARG K 171 -28.21 -5.82 63.91
N ARG K 172 -29.28 -5.43 63.21
CA ARG K 172 -29.73 -4.04 63.19
C ARG K 172 -31.21 -4.00 62.83
N ASP K 173 -32.01 -3.35 63.70
CA ASP K 173 -33.47 -3.24 63.53
C ASP K 173 -34.12 -4.62 63.39
N GLY K 174 -33.59 -5.61 64.10
CA GLY K 174 -34.14 -6.95 63.99
C GLY K 174 -33.77 -7.67 62.73
N VAL K 175 -32.72 -7.22 62.04
CA VAL K 175 -32.31 -7.78 60.75
C VAL K 175 -30.91 -8.32 60.89
N ALA K 176 -30.72 -9.57 60.50
CA ALA K 176 -29.39 -10.14 60.33
C ALA K 176 -28.86 -9.71 58.97
N ARG K 177 -27.88 -8.81 58.96
CA ARG K 177 -27.34 -8.25 57.72
C ARG K 177 -26.03 -8.98 57.42
N LEU K 178 -26.13 -10.08 56.68
CA LEU K 178 -24.95 -10.77 56.19
C LEU K 178 -24.42 -10.03 54.98
N THR K 179 -23.16 -9.62 55.03
CA THR K 179 -22.49 -8.94 53.92
C THR K 179 -21.25 -9.73 53.53
N MET K 180 -21.26 -10.30 52.33
CA MET K 180 -20.12 -11.05 51.81
C MET K 180 -19.04 -10.08 51.34
N CYS K 181 -17.87 -10.13 51.98
CA CYS K 181 -16.91 -9.04 51.86
C CYS K 181 -15.52 -9.48 51.42
N ARG K 182 -15.43 -10.31 50.38
CA ARG K 182 -14.14 -10.60 49.75
C ARG K 182 -13.91 -9.59 48.62
N ASP K 183 -13.56 -8.39 49.06
CA ASP K 183 -13.35 -7.24 48.17
C ASP K 183 -12.38 -7.49 47.02
N ASP K 184 -11.44 -8.43 47.17
CA ASP K 184 -10.41 -8.57 46.14
C ASP K 184 -10.78 -9.55 45.04
N ARG K 185 -11.84 -10.35 45.21
CA ARG K 185 -12.09 -11.44 44.28
C ARG K 185 -13.57 -11.59 43.94
N LEU K 186 -14.38 -10.56 44.15
CA LEU K 186 -15.80 -10.57 43.78
C LEU K 186 -16.56 -11.67 44.52
N ASN K 187 -16.20 -11.88 45.79
CA ASN K 187 -16.86 -12.86 46.67
C ASN K 187 -16.77 -14.28 46.12
N ALA K 188 -15.66 -14.60 45.45
CA ALA K 188 -15.45 -15.97 44.98
C ALA K 188 -15.41 -16.92 46.17
N GLU K 189 -16.08 -18.07 46.02
CA GLU K 189 -16.34 -18.96 47.14
C GLU K 189 -15.19 -19.93 47.35
N ASP K 190 -14.95 -20.27 48.62
CA ASP K 190 -13.95 -21.25 49.01
C ASP K 190 -14.42 -21.92 50.29
N GLY K 191 -13.62 -22.88 50.77
CA GLY K 191 -13.98 -23.61 51.98
C GLY K 191 -14.18 -22.70 53.17
N GLN K 192 -13.40 -21.62 53.24
CA GLN K 192 -13.54 -20.66 54.32
C GLN K 192 -14.88 -19.92 54.24
N GLN K 193 -15.23 -19.44 53.03
CA GLN K 193 -16.51 -18.75 52.85
C GLN K 193 -17.71 -19.57 53.33
N VAL K 194 -17.74 -20.86 53.02
CA VAL K 194 -18.85 -21.70 53.46
C VAL K 194 -18.88 -21.78 54.99
N ASP K 195 -17.70 -21.88 55.62
CA ASP K 195 -17.63 -21.90 57.08
C ASP K 195 -18.19 -20.60 57.66
N ASP K 196 -17.90 -19.46 57.03
CA ASP K 196 -18.40 -18.19 57.51
C ASP K 196 -19.89 -18.02 57.23
N MET K 197 -20.34 -18.40 56.03
CA MET K 197 -21.75 -18.28 55.69
C MET K 197 -22.60 -19.13 56.64
N GLU K 198 -22.23 -20.39 56.82
CA GLU K 198 -22.98 -21.25 57.72
C GLU K 198 -22.97 -20.69 59.13
N THR K 199 -21.81 -20.22 59.59
CA THR K 199 -21.72 -19.64 60.93
C THR K 199 -22.64 -18.44 61.08
N ALA K 200 -22.62 -17.52 60.11
CA ALA K 200 -23.51 -16.36 60.15
C ALA K 200 -24.97 -16.79 60.09
N VAL K 201 -25.29 -17.71 59.18
CA VAL K 201 -26.65 -18.25 59.10
C VAL K 201 -27.07 -18.84 60.44
N ASP K 202 -26.21 -19.67 61.03
CA ASP K 202 -26.49 -20.21 62.36
C ASP K 202 -26.76 -19.11 63.39
N LEU K 203 -25.88 -18.11 63.46
CA LEU K 203 -26.05 -17.04 64.45
C LEU K 203 -27.35 -16.28 64.22
N ALA K 204 -27.65 -15.94 62.98
CA ALA K 204 -28.90 -15.25 62.66
C ALA K 204 -30.10 -16.06 63.15
N LEU K 205 -30.05 -17.38 62.96
CA LEU K 205 -31.20 -18.22 63.30
C LEU K 205 -31.32 -18.39 64.81
N LEU K 206 -30.19 -18.54 65.51
CA LEU K 206 -30.22 -18.75 66.96
C LEU K 206 -30.38 -17.45 67.77
N ASP K 207 -30.12 -16.28 67.17
CA ASP K 207 -30.24 -15.01 67.89
C ASP K 207 -31.72 -14.61 68.00
N PRO K 208 -32.28 -14.57 69.20
CA PRO K 208 -33.70 -14.22 69.35
C PRO K 208 -34.02 -12.79 68.96
N GLY K 209 -33.01 -11.92 68.86
CA GLY K 209 -33.24 -10.55 68.43
C GLY K 209 -33.28 -10.36 66.93
N VAL K 210 -33.16 -11.43 66.16
CA VAL K 210 -33.18 -11.38 64.70
C VAL K 210 -34.49 -11.95 64.21
N ARG K 211 -35.15 -11.23 63.31
CA ARG K 211 -36.43 -11.64 62.75
C ARG K 211 -36.36 -11.94 61.27
N VAL K 212 -35.56 -11.20 60.51
CA VAL K 212 -35.39 -11.39 59.08
C VAL K 212 -33.90 -11.39 58.78
N GLY K 213 -33.52 -12.16 57.76
CA GLY K 213 -32.16 -12.15 57.28
C GLY K 213 -32.00 -11.41 55.97
N LEU K 214 -30.78 -10.94 55.73
CA LEU K 214 -30.44 -10.20 54.51
C LEU K 214 -29.06 -10.63 54.04
N LEU K 215 -28.96 -11.03 52.79
CA LEU K 215 -27.68 -11.40 52.19
C LEU K 215 -27.37 -10.42 51.06
N ARG K 216 -26.18 -9.84 51.10
CA ARG K 216 -25.81 -8.83 50.13
C ARG K 216 -24.29 -8.82 50.00
N GLY K 217 -23.81 -8.42 48.83
CA GLY K 217 -22.38 -8.33 48.60
C GLY K 217 -21.86 -6.95 48.98
N GLY K 218 -20.66 -6.93 49.55
CA GLY K 218 -20.08 -5.69 50.02
C GLY K 218 -19.33 -4.96 48.92
N VAL K 219 -18.86 -3.76 49.27
CA VAL K 219 -18.12 -2.94 48.32
C VAL K 219 -16.82 -3.63 47.94
N MET K 220 -16.45 -3.53 46.67
CA MET K 220 -15.28 -4.20 46.12
C MET K 220 -14.09 -3.26 46.09
N SER K 221 -12.89 -3.85 46.17
CA SER K 221 -11.64 -3.11 46.13
C SER K 221 -10.82 -3.36 44.87
N HIS K 222 -11.05 -4.47 44.17
CA HIS K 222 -10.36 -4.75 42.93
C HIS K 222 -10.50 -3.55 41.99
N PRO K 223 -9.44 -3.16 41.28
CA PRO K 223 -9.47 -1.91 40.51
C PRO K 223 -10.64 -1.78 39.55
N ARG K 224 -11.13 -2.88 38.98
CA ARG K 224 -12.23 -2.82 38.03
C ARG K 224 -13.57 -2.59 38.69
N TYR K 225 -13.71 -2.87 39.99
CA TYR K 225 -14.98 -2.72 40.69
C TYR K 225 -14.85 -1.85 41.94
N ARG K 226 -13.87 -0.95 41.96
CA ARG K 226 -13.62 -0.16 43.17
C ARG K 226 -14.83 0.67 43.53
N GLY K 227 -15.33 0.49 44.75
CA GLY K 227 -16.48 1.22 45.23
C GLY K 227 -17.82 0.61 44.89
N LYS K 228 -17.85 -0.50 44.16
CA LYS K 228 -19.08 -1.13 43.70
C LYS K 228 -19.30 -2.46 44.43
N ARG K 229 -20.54 -2.67 44.84
CA ARG K 229 -20.91 -3.95 45.43
C ARG K 229 -21.04 -5.01 44.33
N VAL K 230 -20.71 -6.25 44.70
CA VAL K 230 -20.88 -7.39 43.81
C VAL K 230 -21.39 -8.55 44.65
N PHE K 231 -22.45 -9.20 44.18
CA PHE K 231 -23.09 -10.25 44.97
C PHE K 231 -22.17 -11.46 45.03
N SER K 232 -21.96 -12.14 43.90
CA SER K 232 -21.09 -13.30 43.91
C SER K 232 -20.59 -13.58 42.49
N ALA K 233 -19.32 -14.02 42.42
CA ALA K 233 -18.71 -14.48 41.19
C ALA K 233 -18.52 -15.99 41.18
N GLY K 234 -19.21 -16.71 42.07
CA GLY K 234 -19.22 -18.16 42.01
C GLY K 234 -17.99 -18.76 42.67
N ILE K 235 -17.80 -20.05 42.40
CA ILE K 235 -16.70 -20.79 43.01
C ILE K 235 -15.37 -20.17 42.60
N ASN K 236 -14.39 -20.25 43.48
CA ASN K 236 -13.03 -19.81 43.15
C ASN K 236 -12.41 -20.76 42.14
N LEU K 237 -12.31 -20.31 40.88
CA LEU K 237 -11.76 -21.16 39.85
C LEU K 237 -10.27 -21.44 40.04
N LYS K 238 -9.53 -20.46 40.56
CA LYS K 238 -8.12 -20.68 40.86
C LYS K 238 -7.95 -21.84 41.84
N TYR K 239 -8.67 -21.81 42.97
CA TYR K 239 -8.55 -22.87 43.97
C TYR K 239 -8.95 -24.22 43.39
N LEU K 240 -10.07 -24.26 42.66
CA LEU K 240 -10.51 -25.48 42.01
C LEU K 240 -9.39 -26.07 41.15
N SER K 241 -8.74 -25.22 40.36
CA SER K 241 -7.62 -25.66 39.52
C SER K 241 -6.46 -26.17 40.37
N GLN K 242 -6.10 -25.43 41.42
CA GLN K 242 -4.99 -25.79 42.30
C GLN K 242 -5.30 -26.98 43.20
N GLY K 243 -6.53 -27.50 43.19
CA GLY K 243 -6.90 -28.61 44.04
C GLY K 243 -7.50 -28.23 45.38
N GLY K 244 -7.91 -26.97 45.54
CA GLY K 244 -8.39 -26.42 46.79
C GLY K 244 -9.88 -26.44 47.06
N ILE K 245 -10.70 -27.05 46.22
CA ILE K 245 -12.15 -27.10 46.45
C ILE K 245 -12.49 -28.51 46.92
N SER K 246 -12.92 -28.62 48.17
CA SER K 246 -13.20 -29.92 48.76
C SER K 246 -14.59 -30.39 48.35
N LEU K 247 -14.66 -31.63 47.87
CA LEU K 247 -15.95 -32.27 47.61
C LEU K 247 -16.85 -32.21 48.85
N VAL K 248 -16.30 -32.64 49.99
CA VAL K 248 -17.10 -32.74 51.21
C VAL K 248 -17.18 -31.38 51.92
N ASP K 249 -16.04 -30.75 52.20
CA ASP K 249 -16.03 -29.55 53.02
C ASP K 249 -16.47 -28.29 52.28
N PHE K 250 -16.63 -28.34 50.96
CA PHE K 250 -17.22 -27.22 50.22
C PHE K 250 -18.43 -27.67 49.42
N LEU K 251 -18.27 -28.52 48.40
CA LEU K 251 -19.39 -28.81 47.50
C LEU K 251 -20.55 -29.45 48.23
N MET K 252 -20.29 -30.37 49.15
CA MET K 252 -21.39 -30.99 49.88
C MET K 252 -21.77 -30.18 51.11
N ARG K 253 -20.79 -29.63 51.81
CA ARG K 253 -21.08 -28.89 53.05
C ARG K 253 -22.04 -27.73 52.79
N ARG K 254 -21.85 -26.99 51.69
CA ARG K 254 -22.68 -25.81 51.48
C ARG K 254 -24.13 -26.21 51.22
N GLU K 255 -24.37 -27.34 50.53
CA GLU K 255 -25.72 -27.75 50.21
C GLU K 255 -26.47 -28.31 51.42
N LEU K 256 -25.80 -29.14 52.22
CA LEU K 256 -26.43 -29.77 53.35
C LEU K 256 -26.42 -28.89 54.60
N GLY K 257 -25.55 -27.90 54.65
CA GLY K 257 -25.49 -27.00 55.79
C GLY K 257 -26.28 -25.72 55.63
N TYR K 258 -25.59 -24.63 55.27
CA TYR K 258 -26.19 -23.31 55.41
C TYR K 258 -27.28 -23.05 54.38
N ILE K 259 -27.10 -23.55 53.15
CA ILE K 259 -28.14 -23.38 52.14
C ILE K 259 -29.40 -24.13 52.56
N HIS K 260 -29.24 -25.33 53.12
CA HIS K 260 -30.41 -26.08 53.59
C HIS K 260 -31.02 -25.44 54.83
N LYS K 261 -30.20 -24.75 55.63
CA LYS K 261 -30.73 -24.07 56.81
C LYS K 261 -31.53 -22.84 56.42
N LEU K 262 -31.18 -22.21 55.30
CA LEU K 262 -32.02 -21.13 54.76
C LEU K 262 -33.41 -21.64 54.46
N VAL K 263 -33.53 -22.86 53.95
CA VAL K 263 -34.84 -23.44 53.64
C VAL K 263 -35.52 -23.94 54.90
N ARG K 264 -34.80 -24.68 55.75
CA ARG K 264 -35.43 -25.43 56.83
C ARG K 264 -35.06 -24.99 58.23
N GLY K 265 -34.10 -24.08 58.40
CA GLY K 265 -33.73 -23.62 59.72
C GLY K 265 -32.71 -24.52 60.39
N VAL K 266 -32.38 -24.18 61.63
CA VAL K 266 -31.44 -24.95 62.45
C VAL K 266 -32.21 -25.90 63.35
N LEU K 267 -31.76 -27.15 63.41
CA LEU K 267 -32.36 -28.14 64.30
C LEU K 267 -31.75 -27.98 65.69
N THR K 268 -32.56 -27.53 66.64
CA THR K 268 -32.10 -27.30 68.00
C THR K 268 -32.41 -28.48 68.91
N ASN K 269 -31.89 -28.40 70.14
CA ASN K 269 -32.22 -29.41 71.15
C ASN K 269 -33.63 -29.18 71.67
N ASP K 270 -34.16 -30.17 72.39
CA ASP K 270 -35.48 -30.07 72.99
C ASP K 270 -35.40 -29.15 74.21
N ASP K 271 -35.06 -27.89 73.99
CA ASP K 271 -34.65 -26.98 75.06
C ASP K 271 -35.46 -25.68 75.06
N ARG K 272 -36.73 -25.74 74.72
CA ARG K 272 -37.56 -24.53 74.63
C ARG K 272 -39.00 -24.96 74.43
N PRO K 273 -39.96 -24.05 74.65
CA PRO K 273 -41.34 -24.34 74.24
C PRO K 273 -41.47 -24.29 72.72
N GLY K 274 -42.48 -25.00 72.22
CA GLY K 274 -42.70 -25.09 70.80
C GLY K 274 -42.01 -26.26 70.12
N TRP K 275 -40.80 -26.63 70.57
CA TRP K 275 -40.00 -27.66 69.91
C TRP K 275 -40.78 -28.89 69.48
N TRP K 276 -41.85 -29.24 70.21
CA TRP K 276 -42.68 -30.36 69.77
C TRP K 276 -43.30 -30.11 68.41
N HIS K 277 -43.67 -28.87 68.10
CA HIS K 277 -44.18 -28.55 66.77
C HIS K 277 -43.14 -27.93 65.85
N SER K 278 -42.10 -27.29 66.39
CA SER K 278 -41.06 -26.66 65.58
C SER K 278 -39.68 -27.03 66.10
N PRO K 279 -39.20 -28.25 65.79
CA PRO K 279 -37.84 -28.62 66.20
C PRO K 279 -36.77 -27.77 65.56
N ARG K 280 -37.08 -27.07 64.47
CA ARG K 280 -36.13 -26.20 63.79
C ARG K 280 -36.58 -24.74 63.92
N ILE K 281 -35.60 -23.85 64.10
CA ILE K 281 -35.83 -22.41 64.07
C ILE K 281 -35.55 -21.91 62.67
N GLU K 282 -36.58 -21.39 62.00
CA GLU K 282 -36.43 -20.88 60.64
C GLU K 282 -36.95 -19.45 60.58
N LYS K 283 -36.36 -18.66 59.69
CA LYS K 283 -36.68 -17.26 59.51
C LYS K 283 -36.73 -16.92 58.02
N PRO K 284 -37.37 -15.82 57.65
CA PRO K 284 -37.38 -15.42 56.23
C PRO K 284 -36.10 -14.72 55.83
N TRP K 285 -35.76 -14.84 54.54
CA TRP K 285 -34.48 -14.35 54.04
C TRP K 285 -34.67 -13.51 52.79
N VAL K 286 -33.91 -12.40 52.73
CA VAL K 286 -33.93 -11.49 51.59
C VAL K 286 -32.53 -11.43 51.01
N ALA K 287 -32.44 -11.48 49.68
CA ALA K 287 -31.17 -11.40 48.97
C ALA K 287 -31.19 -10.19 48.06
N ALA K 288 -30.05 -9.49 47.97
CA ALA K 288 -29.94 -8.28 47.18
C ALA K 288 -28.72 -8.40 46.26
N VAL K 289 -28.96 -8.36 44.95
CA VAL K 289 -27.92 -8.63 43.95
C VAL K 289 -27.47 -7.31 43.33
N ASP K 290 -26.23 -6.92 43.63
CA ASP K 290 -25.54 -5.85 42.93
C ASP K 290 -24.56 -6.44 41.92
N GLY K 291 -24.47 -5.82 40.76
CA GLY K 291 -23.49 -6.26 39.78
C GLY K 291 -23.96 -7.46 39.00
N PHE K 292 -23.94 -8.63 39.65
CA PHE K 292 -24.33 -9.91 39.06
C PHE K 292 -24.26 -10.99 40.14
N ALA K 293 -24.97 -12.09 39.89
CA ALA K 293 -24.89 -13.29 40.71
C ALA K 293 -24.57 -14.46 39.79
N ILE K 294 -23.35 -14.97 39.88
CA ILE K 294 -22.84 -16.02 39.00
C ILE K 294 -22.61 -17.29 39.78
N GLY K 295 -22.94 -18.43 39.16
CA GLY K 295 -22.56 -19.71 39.74
C GLY K 295 -23.23 -19.94 41.08
N GLY K 296 -22.40 -20.21 42.10
CA GLY K 296 -22.93 -20.46 43.43
C GLY K 296 -23.73 -19.30 43.97
N GLY K 297 -23.40 -18.07 43.54
CA GLY K 297 -24.20 -16.92 43.92
C GLY K 297 -25.61 -16.97 43.37
N ALA K 298 -25.75 -17.34 42.10
CA ALA K 298 -27.07 -17.48 41.50
C ALA K 298 -27.85 -18.63 42.14
N GLN K 299 -27.14 -19.72 42.49
CA GLN K 299 -27.76 -20.87 43.12
C GLN K 299 -28.48 -20.46 44.41
N LEU K 300 -27.86 -19.58 45.19
CA LEU K 300 -28.43 -19.17 46.48
C LEU K 300 -29.79 -18.53 46.32
N LEU K 301 -30.01 -17.76 45.25
CA LEU K 301 -31.28 -17.07 45.06
C LEU K 301 -32.48 -18.01 45.01
N LEU K 302 -32.27 -19.30 44.72
CA LEU K 302 -33.39 -20.23 44.57
C LEU K 302 -33.99 -20.67 45.90
N VAL K 303 -33.56 -20.08 47.01
CA VAL K 303 -33.98 -20.52 48.33
C VAL K 303 -34.38 -19.35 49.22
N PHE K 304 -34.35 -18.13 48.71
CA PHE K 304 -34.74 -16.96 49.49
C PHE K 304 -36.24 -16.72 49.36
N ASP K 305 -36.76 -15.87 50.24
CA ASP K 305 -38.17 -15.50 50.25
C ASP K 305 -38.45 -14.22 49.48
N ARG K 306 -37.42 -13.41 49.27
CA ARG K 306 -37.53 -12.19 48.48
C ARG K 306 -36.19 -11.94 47.83
N VAL K 307 -36.20 -11.58 46.55
CA VAL K 307 -34.97 -11.32 45.82
C VAL K 307 -35.09 -9.96 45.15
N LEU K 308 -34.12 -9.08 45.41
CA LEU K 308 -34.04 -7.76 44.81
C LEU K 308 -32.72 -7.66 44.07
N ALA K 309 -32.69 -6.85 43.03
CA ALA K 309 -31.50 -6.75 42.21
C ALA K 309 -31.48 -5.40 41.53
N SER K 310 -30.29 -4.89 41.29
CA SER K 310 -30.14 -3.62 40.62
C SER K 310 -30.37 -3.81 39.12
N SER K 311 -30.87 -2.75 38.49
CA SER K 311 -31.25 -2.80 37.08
C SER K 311 -30.14 -3.33 36.17
N ASP K 312 -28.88 -3.14 36.53
CA ASP K 312 -27.76 -3.44 35.65
C ASP K 312 -27.17 -4.83 35.88
N ALA K 313 -27.81 -5.66 36.70
CA ALA K 313 -27.24 -6.95 37.07
C ALA K 313 -27.68 -8.06 36.12
N TYR K 314 -26.99 -9.19 36.23
CA TYR K 314 -27.34 -10.37 35.46
C TYR K 314 -27.13 -11.60 36.34
N PHE K 315 -27.80 -12.69 35.93
CA PHE K 315 -27.73 -13.96 36.64
C PHE K 315 -27.33 -15.01 35.63
N SER K 316 -26.36 -15.85 35.98
CA SER K 316 -25.93 -16.89 35.08
C SER K 316 -25.44 -18.11 35.84
N LEU K 317 -25.47 -19.25 35.16
CA LEU K 317 -25.01 -20.53 35.70
C LEU K 317 -24.08 -21.16 34.67
N PRO K 318 -22.78 -20.78 34.69
CA PRO K 318 -21.90 -21.30 33.66
C PRO K 318 -21.16 -22.56 34.12
N GLU K 322 -17.21 -28.62 29.73
CA GLU K 322 -16.01 -28.76 30.56
C GLU K 322 -16.25 -28.09 31.90
N GLY K 323 -17.18 -28.65 32.68
CA GLY K 323 -17.65 -27.97 33.86
C GLY K 323 -18.26 -28.94 34.83
N ILE K 324 -18.85 -28.37 35.88
CA ILE K 324 -19.34 -29.12 37.01
C ILE K 324 -20.83 -28.84 37.15
N ILE K 325 -21.48 -29.58 38.04
CA ILE K 325 -22.92 -29.43 38.24
C ILE K 325 -23.17 -28.20 39.09
N PRO K 326 -24.11 -27.35 38.73
CA PRO K 326 -24.35 -26.13 39.53
C PRO K 326 -25.20 -26.39 40.77
N GLY K 327 -24.59 -27.08 41.72
CA GLY K 327 -25.24 -27.34 43.00
C GLY K 327 -26.61 -27.95 42.87
N ALA K 328 -27.58 -27.36 43.56
CA ALA K 328 -28.97 -27.78 43.53
C ALA K 328 -29.80 -27.00 42.52
N ALA K 329 -29.16 -26.18 41.67
CA ALA K 329 -29.89 -25.49 40.62
C ALA K 329 -30.63 -26.48 39.72
N ASN K 330 -30.03 -27.64 39.46
CA ASN K 330 -30.72 -28.65 38.66
C ASN K 330 -31.95 -29.17 39.40
N LEU K 331 -31.92 -29.15 40.73
CA LEU K 331 -33.07 -29.56 41.52
C LEU K 331 -34.16 -28.49 41.50
N ARG K 332 -33.76 -27.22 41.55
CA ARG K 332 -34.68 -26.13 41.87
C ARG K 332 -35.12 -25.28 40.69
N LEU K 333 -34.25 -25.09 39.69
CA LEU K 333 -34.54 -24.14 38.62
C LEU K 333 -35.82 -24.50 37.85
N GLY K 334 -36.09 -25.79 37.66
CA GLY K 334 -37.25 -26.19 36.88
C GLY K 334 -38.55 -25.65 37.45
N ARG K 335 -38.62 -25.55 38.78
CA ARG K 335 -39.80 -25.06 39.46
C ARG K 335 -39.94 -23.54 39.34
N PHE K 336 -38.82 -22.83 39.14
CA PHE K 336 -38.84 -21.38 38.91
C PHE K 336 -39.11 -21.03 37.45
N ALA K 337 -38.54 -21.78 36.50
CA ALA K 337 -38.50 -21.33 35.12
C ALA K 337 -38.95 -22.38 34.10
N GLY K 338 -39.25 -23.61 34.53
CA GLY K 338 -39.62 -24.66 33.61
C GLY K 338 -38.46 -25.34 32.92
N PRO K 339 -38.76 -26.43 32.19
CA PRO K 339 -37.69 -27.28 31.66
C PRO K 339 -36.91 -26.66 30.52
N ARG K 340 -37.56 -25.83 29.70
CA ARG K 340 -36.88 -25.23 28.57
C ARG K 340 -35.89 -24.18 29.04
N VAL K 341 -36.35 -23.20 29.82
CA VAL K 341 -35.47 -22.13 30.29
C VAL K 341 -34.36 -22.67 31.20
N SER K 342 -34.68 -23.67 32.05
CA SER K 342 -33.66 -24.18 32.97
C SER K 342 -32.56 -24.91 32.21
N ARG K 343 -32.91 -25.62 31.16
CA ARG K 343 -31.91 -26.20 30.27
C ARG K 343 -31.17 -25.11 29.49
N GLN K 344 -31.88 -24.05 29.12
CA GLN K 344 -31.21 -22.92 28.47
C GLN K 344 -30.13 -22.35 29.38
N VAL K 345 -30.46 -22.15 30.66
CA VAL K 345 -29.50 -21.57 31.59
C VAL K 345 -28.40 -22.57 31.95
N ILE K 346 -28.78 -23.82 32.22
CA ILE K 346 -27.80 -24.79 32.72
C ILE K 346 -27.06 -25.46 31.56
N LEU K 347 -27.79 -26.07 30.62
CA LEU K 347 -27.13 -26.80 29.54
C LEU K 347 -26.41 -25.89 28.55
N GLU K 348 -26.93 -24.69 28.28
CA GLU K 348 -26.35 -23.86 27.24
C GLU K 348 -25.85 -22.52 27.78
N GLY K 349 -25.76 -22.38 29.10
CA GLY K 349 -25.14 -21.21 29.70
C GLY K 349 -25.84 -19.90 29.40
N ARG K 350 -27.14 -19.93 29.12
CA ARG K 350 -27.90 -18.70 28.92
C ARG K 350 -27.76 -17.76 30.12
N ARG K 351 -27.64 -16.47 29.83
CA ARG K 351 -27.54 -15.43 30.84
C ARG K 351 -28.82 -14.59 30.86
N ILE K 352 -29.32 -14.33 32.06
CA ILE K 352 -30.57 -13.62 32.25
C ILE K 352 -30.28 -12.28 32.90
N TRP K 353 -30.78 -11.21 32.28
CA TRP K 353 -30.51 -9.83 32.69
C TRP K 353 -31.65 -9.28 33.54
N ALA K 354 -31.28 -8.44 34.52
CA ALA K 354 -32.24 -7.94 35.49
C ALA K 354 -33.45 -7.29 34.84
N LYS K 355 -33.25 -6.62 33.70
CA LYS K 355 -34.35 -5.92 33.04
C LYS K 355 -35.09 -6.76 32.00
N GLU K 356 -34.63 -8.04 31.73
CA GLU K 356 -35.48 -8.67 30.71
C GLU K 356 -36.66 -9.37 31.36
N PRO K 357 -37.78 -9.51 30.63
CA PRO K 357 -39.01 -10.08 31.20
C PRO K 357 -38.84 -11.29 32.11
N GLU K 358 -38.06 -12.26 31.63
CA GLU K 358 -37.82 -13.51 32.35
C GLU K 358 -37.23 -13.33 33.74
N ALA K 359 -36.51 -12.23 33.97
CA ALA K 359 -35.92 -12.01 35.28
C ALA K 359 -36.94 -12.15 36.40
N ARG K 360 -38.23 -11.92 36.11
CA ARG K 360 -39.30 -12.09 37.09
C ARG K 360 -39.53 -13.53 37.48
N LEU K 361 -38.86 -14.49 36.84
CA LEU K 361 -38.89 -15.88 37.30
C LEU K 361 -37.96 -16.10 38.48
N LEU K 362 -36.93 -15.26 38.62
CA LEU K 362 -35.94 -15.40 39.67
C LEU K 362 -35.93 -14.25 40.67
N VAL K 363 -36.50 -13.11 40.31
CA VAL K 363 -36.30 -11.87 41.05
C VAL K 363 -37.65 -11.18 41.22
N ASP K 364 -37.92 -10.70 42.43
CA ASP K 364 -39.16 -10.02 42.77
C ASP K 364 -39.13 -8.53 42.42
N GLU K 365 -38.01 -7.86 42.68
CA GLU K 365 -37.90 -6.44 42.38
C GLU K 365 -36.59 -6.14 41.67
N VAL K 366 -36.67 -5.31 40.62
CA VAL K 366 -35.50 -4.81 39.93
C VAL K 366 -35.59 -3.30 39.97
N VAL K 367 -34.58 -2.66 40.54
CA VAL K 367 -34.66 -1.24 40.88
C VAL K 367 -33.41 -0.55 40.41
N GLU K 368 -33.58 0.72 40.01
CA GLU K 368 -32.44 1.52 39.62
C GLU K 368 -31.45 1.62 40.79
N PRO K 369 -30.15 1.71 40.51
CA PRO K 369 -29.15 1.77 41.59
C PRO K 369 -29.38 2.85 42.64
N ASP K 370 -29.93 4.01 42.26
CA ASP K 370 -30.16 5.03 43.28
C ASP K 370 -31.32 4.66 44.20
N GLU K 371 -32.28 3.88 43.72
CA GLU K 371 -33.48 3.55 44.48
C GLU K 371 -33.40 2.20 45.16
N LEU K 372 -32.26 1.50 45.07
CA LEU K 372 -32.16 0.12 45.54
C LEU K 372 -32.03 0.03 47.05
N ASP K 373 -31.15 0.85 47.64
CA ASP K 373 -30.91 0.80 49.09
C ASP K 373 -32.21 0.96 49.86
N ALA K 374 -33.07 1.91 49.46
CA ALA K 374 -34.33 2.10 50.13
C ALA K 374 -35.26 0.90 49.90
N ALA K 375 -35.25 0.33 48.68
CA ALA K 375 -36.10 -0.81 48.37
C ALA K 375 -35.75 -2.02 49.21
N ILE K 376 -34.44 -2.26 49.45
CA ILE K 376 -34.04 -3.33 50.34
C ILE K 376 -34.59 -3.10 51.74
N GLU K 377 -34.46 -1.87 52.24
CA GLU K 377 -34.97 -1.53 53.56
C GLU K 377 -36.47 -1.79 53.65
N ARG K 378 -37.23 -1.38 52.64
CA ARG K 378 -38.68 -1.61 52.67
C ARG K 378 -39.02 -3.10 52.71
N SER K 379 -38.26 -3.94 52.00
CA SER K 379 -38.55 -5.36 51.99
C SER K 379 -38.31 -6.02 53.35
N LEU K 380 -37.41 -5.46 54.15
CA LEU K 380 -37.09 -6.05 55.45
C LEU K 380 -38.20 -5.88 56.47
N THR K 381 -39.10 -4.91 56.28
CA THR K 381 -40.22 -4.73 57.21
C THR K 381 -41.41 -5.63 56.92
N ARG K 382 -41.50 -6.23 55.73
CA ARG K 382 -42.73 -6.86 55.27
C ARG K 382 -42.83 -8.36 55.55
N LEU K 383 -41.90 -8.94 56.31
CA LEU K 383 -41.88 -10.37 56.56
C LEU K 383 -41.76 -10.68 58.05
N ASP K 384 -42.41 -9.89 58.90
CA ASP K 384 -42.19 -10.01 60.34
C ASP K 384 -43.05 -11.06 61.04
N GLY K 385 -44.25 -11.35 60.53
CA GLY K 385 -45.18 -12.23 61.19
C GLY K 385 -44.70 -13.59 61.67
N ASP K 386 -45.37 -14.14 62.69
CA ASP K 386 -45.35 -15.59 62.90
C ASP K 386 -46.08 -16.31 61.79
N ALA K 387 -47.03 -15.65 61.13
CA ALA K 387 -47.71 -16.23 59.99
C ALA K 387 -46.75 -16.48 58.84
N VAL K 388 -45.82 -15.55 58.61
CA VAL K 388 -44.79 -15.73 57.60
C VAL K 388 -44.00 -17.02 57.86
N LEU K 389 -43.66 -17.27 59.13
CA LEU K 389 -42.93 -18.50 59.47
C LEU K 389 -43.74 -19.76 59.12
N ALA K 390 -45.04 -19.75 59.41
CA ALA K 390 -45.86 -20.92 59.09
C ALA K 390 -46.04 -21.09 57.59
N ASN K 391 -46.23 -19.98 56.88
CA ASN K 391 -46.54 -20.06 55.45
C ASN K 391 -45.33 -20.47 54.62
N ARG K 392 -44.16 -19.86 54.88
CA ARG K 392 -42.95 -20.27 54.17
C ARG K 392 -42.60 -21.72 54.50
N ARG K 393 -42.94 -22.17 55.70
CA ARG K 393 -42.68 -23.56 56.07
C ARG K 393 -43.55 -24.51 55.26
N MET K 394 -44.83 -24.18 55.09
CA MET K 394 -45.69 -25.01 54.26
C MET K 394 -45.32 -24.88 52.79
N LEU K 395 -44.91 -23.69 52.35
CA LEU K 395 -44.51 -23.50 50.95
C LEU K 395 -43.29 -24.35 50.60
N ASN K 396 -42.22 -24.23 51.39
CA ASN K 396 -41.02 -25.02 51.11
C ASN K 396 -41.33 -26.51 51.13
N LEU K 397 -42.14 -26.94 52.10
CA LEU K 397 -42.58 -28.33 52.14
C LEU K 397 -43.27 -28.73 50.85
N ALA K 398 -44.06 -27.81 50.27
CA ALA K 398 -44.77 -28.13 49.03
C ALA K 398 -43.83 -28.09 47.83
N ASP K 399 -43.00 -27.05 47.74
CA ASP K 399 -42.06 -26.95 46.62
C ASP K 399 -41.09 -28.13 46.58
N GLU K 400 -40.50 -28.48 47.72
CA GLU K 400 -39.35 -29.37 47.78
C GLU K 400 -39.44 -30.28 49.00
N SER K 401 -39.77 -31.54 48.78
CA SER K 401 -39.99 -32.51 49.84
C SER K 401 -38.66 -33.07 50.36
N PRO K 402 -38.67 -33.62 51.58
CA PRO K 402 -37.46 -34.33 52.06
C PRO K 402 -36.96 -35.39 51.08
N ASP K 403 -37.86 -36.23 50.57
CA ASP K 403 -37.46 -37.25 49.59
C ASP K 403 -36.83 -36.62 48.35
N GLY K 404 -37.47 -35.59 47.80
CA GLY K 404 -36.94 -34.92 46.62
C GLY K 404 -35.54 -34.41 46.82
N PHE K 405 -35.32 -33.62 47.89
CA PHE K 405 -34.01 -33.07 48.18
C PHE K 405 -32.99 -34.19 48.44
N ARG K 406 -33.38 -35.19 49.24
CA ARG K 406 -32.45 -36.26 49.59
C ARG K 406 -32.07 -37.08 48.37
N ALA K 407 -33.07 -37.48 47.56
CA ALA K 407 -32.81 -38.25 46.35
C ALA K 407 -31.83 -37.54 45.44
N TYR K 408 -32.02 -36.22 45.26
CA TYR K 408 -31.12 -35.45 44.41
C TYR K 408 -29.70 -35.44 44.97
N MET K 409 -29.54 -35.07 46.24
CA MET K 409 -28.20 -34.88 46.82
C MET K 409 -27.40 -36.17 46.83
N ALA K 410 -28.06 -37.31 47.07
CA ALA K 410 -27.39 -38.60 46.95
C ALA K 410 -26.70 -38.74 45.59
N GLU K 411 -27.50 -38.67 44.52
CA GLU K 411 -26.95 -38.70 43.18
C GLU K 411 -25.95 -37.58 42.95
N PHE K 412 -26.22 -36.40 43.52
CA PHE K 412 -25.29 -35.29 43.38
C PHE K 412 -23.92 -35.64 43.93
N ALA K 413 -23.88 -36.34 45.08
CA ALA K 413 -22.62 -36.65 45.74
C ALA K 413 -21.66 -37.40 44.84
N LEU K 414 -22.17 -38.36 44.05
CA LEU K 414 -21.31 -39.10 43.13
C LEU K 414 -21.10 -38.36 41.82
N MET K 415 -22.18 -37.88 41.21
CA MET K 415 -22.08 -37.19 39.92
C MET K 415 -21.11 -36.01 40.00
N GLN K 416 -21.22 -35.19 41.04
CA GLN K 416 -20.33 -34.05 41.20
C GLN K 416 -18.90 -34.50 41.48
N ALA K 417 -18.74 -35.59 42.23
CA ALA K 417 -17.40 -36.12 42.48
C ALA K 417 -16.71 -36.48 41.18
N LEU K 418 -17.43 -37.14 40.27
CA LEU K 418 -16.87 -37.49 38.97
C LEU K 418 -16.58 -36.25 38.13
N ARG K 419 -17.48 -35.25 38.14
CA ARG K 419 -17.21 -34.04 37.38
C ARG K 419 -15.99 -33.31 37.93
N LEU K 420 -15.76 -33.42 39.23
CA LEU K 420 -14.61 -32.77 39.86
C LEU K 420 -13.29 -33.28 39.29
N TYR K 421 -13.26 -34.51 38.79
CA TYR K 421 -12.04 -35.10 38.26
C TYR K 421 -12.14 -35.41 36.77
N GLY K 422 -13.09 -34.80 36.07
CA GLY K 422 -13.18 -35.02 34.63
C GLY K 422 -12.09 -34.23 33.93
N HIS K 423 -11.53 -34.84 32.88
CA HIS K 423 -10.38 -34.26 32.20
C HIS K 423 -10.75 -32.93 31.55
N ASP K 424 -11.97 -32.82 31.02
CA ASP K 424 -12.38 -31.56 30.41
C ASP K 424 -12.56 -30.48 31.48
N THR K 425 -13.00 -30.84 32.69
CA THR K 425 -13.08 -29.86 33.77
C THR K 425 -11.69 -29.35 34.14
N ILE K 426 -10.78 -30.29 34.42
CA ILE K 426 -9.41 -29.95 34.81
C ILE K 426 -8.77 -29.05 33.76
N ASP K 427 -9.07 -29.31 32.49
CA ASP K 427 -8.58 -28.46 31.40
C ASP K 427 -9.12 -27.04 31.54
N LYS K 428 -10.44 -26.88 31.53
CA LYS K 428 -11.05 -25.56 31.48
C LYS K 428 -10.77 -24.77 32.75
N VAL K 429 -10.82 -25.43 33.91
CA VAL K 429 -10.62 -24.70 35.16
C VAL K 429 -9.20 -24.14 35.25
N GLY K 430 -8.23 -24.82 34.64
CA GLY K 430 -6.86 -24.32 34.65
C GLY K 430 -6.56 -23.22 33.66
N ARG K 431 -7.56 -22.67 32.98
CA ARG K 431 -7.35 -21.60 32.01
C ARG K 431 -7.93 -20.27 32.45
N PHE K 432 -8.51 -20.19 33.65
CA PHE K 432 -9.04 -18.93 34.17
C PHE K 432 -7.91 -17.97 34.48
N GLY L 13 -59.36 -68.16 47.31
CA GLY L 13 -60.56 -68.18 46.48
C GLY L 13 -60.55 -67.35 45.22
N LEU L 14 -59.61 -66.43 45.07
CA LEU L 14 -59.73 -65.48 43.95
C LEU L 14 -59.35 -66.08 42.61
N TRP L 15 -58.38 -67.01 42.55
CA TRP L 15 -58.06 -67.59 41.25
C TRP L 15 -59.20 -68.47 40.76
N ALA L 16 -59.83 -69.23 41.65
CA ALA L 16 -60.94 -70.08 41.23
C ALA L 16 -62.12 -69.23 40.76
N ALA L 17 -62.48 -68.21 41.54
CA ALA L 17 -63.57 -67.34 41.12
C ALA L 17 -63.24 -66.67 39.79
N LEU L 18 -61.97 -66.30 39.59
CA LEU L 18 -61.54 -65.71 38.32
C LEU L 18 -61.69 -66.69 37.17
N THR L 19 -61.12 -67.88 37.32
CA THR L 19 -61.15 -68.87 36.25
C THR L 19 -62.59 -69.24 35.89
N GLU L 20 -63.50 -69.18 36.86
CA GLU L 20 -64.90 -69.46 36.58
C GLU L 20 -65.53 -68.34 35.77
N ALA L 21 -65.26 -67.08 36.15
CA ALA L 21 -65.80 -65.94 35.42
C ALA L 21 -65.34 -65.95 33.96
N ALA L 22 -64.09 -66.33 33.72
CA ALA L 22 -63.60 -66.45 32.36
C ALA L 22 -64.27 -67.60 31.62
N ALA L 23 -64.56 -68.70 32.32
CA ALA L 23 -65.30 -69.79 31.70
C ALA L 23 -66.66 -69.31 31.21
N SER L 24 -67.36 -68.53 32.03
CA SER L 24 -68.63 -67.94 31.61
C SER L 24 -68.47 -67.09 30.36
N VAL L 25 -67.38 -66.32 30.27
CA VAL L 25 -67.15 -65.49 29.09
C VAL L 25 -66.88 -66.34 27.86
N GLU L 26 -66.01 -67.34 27.99
CA GLU L 26 -65.70 -68.19 26.84
C GLU L 26 -66.92 -69.00 26.40
N LYS L 27 -67.79 -69.36 27.34
CA LYS L 27 -69.00 -70.09 26.98
C LYS L 27 -69.93 -69.19 26.17
N LEU L 28 -70.17 -67.97 26.66
CA LEU L 28 -71.07 -67.04 25.97
C LEU L 28 -70.56 -66.68 24.58
N LEU L 29 -69.26 -66.41 24.46
CA LEU L 29 -68.71 -66.02 23.16
C LEU L 29 -68.83 -67.16 22.14
N ALA L 30 -68.67 -68.40 22.60
CA ALA L 30 -68.81 -69.54 21.71
C ALA L 30 -70.25 -69.68 21.21
N THR L 31 -71.22 -69.50 22.10
CA THR L 31 -72.61 -69.72 21.75
C THR L 31 -73.31 -68.51 21.15
N LEU L 32 -72.88 -67.29 21.49
CA LEU L 32 -73.60 -66.10 21.03
C LEU L 32 -73.28 -65.77 19.58
N PRO L 33 -74.14 -65.00 18.93
CA PRO L 33 -73.83 -64.53 17.56
C PRO L 33 -72.67 -63.56 17.58
N GLU L 34 -72.19 -63.25 16.38
CA GLU L 34 -71.08 -62.32 16.24
C GLU L 34 -71.49 -60.92 16.64
N HIS L 35 -70.49 -60.11 16.99
CA HIS L 35 -70.69 -58.71 17.34
C HIS L 35 -71.40 -57.99 16.20
N GLY L 36 -72.56 -57.42 16.49
CA GLY L 36 -73.40 -56.78 15.49
C GLY L 36 -74.62 -57.59 15.09
N ALA L 37 -74.68 -58.87 15.47
CA ALA L 37 -75.85 -59.71 15.25
C ALA L 37 -76.51 -60.06 16.58
N ARG L 38 -76.05 -59.45 17.66
CA ARG L 38 -76.55 -59.69 19.00
C ARG L 38 -77.75 -58.81 19.29
N SER L 39 -78.66 -59.31 20.11
CA SER L 39 -79.79 -58.53 20.58
C SER L 39 -79.40 -57.75 21.83
N SER L 40 -80.26 -56.80 22.19
CA SER L 40 -80.01 -56.00 23.39
C SER L 40 -79.87 -56.90 24.62
N ALA L 41 -80.73 -57.92 24.72
CA ALA L 41 -80.60 -58.88 25.82
C ALA L 41 -79.26 -59.61 25.75
N GLU L 42 -78.84 -60.04 24.56
CA GLU L 42 -77.57 -60.74 24.41
C GLU L 42 -76.39 -59.81 24.68
N ARG L 43 -76.44 -58.58 24.14
CA ARG L 43 -75.36 -57.63 24.37
C ARG L 43 -75.15 -57.37 25.86
N ALA L 44 -76.23 -57.32 26.63
CA ALA L 44 -76.12 -57.03 28.04
C ALA L 44 -75.61 -58.23 28.84
N GLU L 45 -75.92 -59.45 28.39
CA GLU L 45 -75.42 -60.64 29.07
C GLU L 45 -73.91 -60.75 28.97
N ILE L 46 -73.35 -60.54 27.78
CA ILE L 46 -71.90 -60.64 27.61
C ILE L 46 -71.20 -59.48 28.33
N ALA L 47 -71.75 -58.27 28.22
CA ALA L 47 -71.16 -57.12 28.92
C ALA L 47 -71.12 -57.35 30.42
N ALA L 48 -72.17 -57.94 30.99
CA ALA L 48 -72.18 -58.24 32.41
C ALA L 48 -71.17 -59.33 32.75
N ALA L 49 -70.94 -60.27 31.84
CA ALA L 49 -69.97 -61.34 32.09
C ALA L 49 -68.55 -60.79 32.06
N HIS L 50 -68.23 -59.99 31.04
CA HIS L 50 -66.94 -59.29 31.00
C HIS L 50 -66.68 -58.52 32.29
N ASP L 51 -67.69 -57.80 32.78
CA ASP L 51 -67.51 -56.96 33.96
C ASP L 51 -67.11 -57.77 35.19
N ALA L 52 -67.81 -58.88 35.43
CA ALA L 52 -67.47 -59.70 36.60
C ALA L 52 -66.08 -60.29 36.49
N ALA L 53 -65.70 -60.72 35.28
CA ALA L 53 -64.36 -61.28 35.08
C ALA L 53 -63.29 -60.22 35.31
N ARG L 54 -63.42 -59.06 34.67
CA ARG L 54 -62.42 -58.01 34.80
C ARG L 54 -62.35 -57.51 36.25
N ALA L 55 -63.49 -57.45 36.92
CA ALA L 55 -63.47 -57.11 38.35
C ALA L 55 -62.64 -58.10 39.15
N LEU L 56 -62.64 -59.35 38.72
CA LEU L 56 -61.90 -60.41 39.39
C LEU L 56 -60.41 -60.40 39.04
N ARG L 57 -60.09 -60.01 37.81
CA ARG L 57 -58.70 -59.94 37.37
C ARG L 57 -57.97 -58.90 38.20
N VAL L 58 -58.70 -57.88 38.65
CA VAL L 58 -58.14 -56.82 39.47
C VAL L 58 -58.13 -57.25 40.94
N ARG L 59 -59.23 -57.87 41.36
CA ARG L 59 -59.36 -58.33 42.74
C ARG L 59 -58.32 -59.41 43.04
N PHE L 60 -57.88 -60.09 41.98
CA PHE L 60 -56.88 -61.15 42.13
C PHE L 60 -55.47 -60.59 42.14
N LEU L 61 -55.22 -59.63 41.26
CA LEU L 61 -53.90 -59.00 41.17
C LEU L 61 -53.60 -58.00 42.28
N ASP L 62 -54.62 -57.47 42.96
CA ASP L 62 -54.36 -56.57 44.09
C ASP L 62 -53.42 -57.21 45.11
N THR L 63 -53.60 -58.49 45.39
CA THR L 63 -52.79 -59.21 46.37
C THR L 63 -51.73 -60.12 45.77
N HIS L 64 -51.91 -60.59 44.55
CA HIS L 64 -51.05 -61.62 43.98
C HIS L 64 -50.12 -61.14 42.87
N ALA L 65 -50.10 -59.84 42.56
CA ALA L 65 -49.29 -59.35 41.45
C ALA L 65 -47.82 -59.72 41.63
N ASP L 66 -47.25 -59.46 42.82
CA ASP L 66 -45.85 -59.74 43.04
C ASP L 66 -45.55 -61.21 42.82
N ALA L 67 -46.41 -62.09 43.33
CA ALA L 67 -46.22 -63.53 43.16
C ALA L 67 -46.36 -63.94 41.69
N VAL L 68 -47.36 -63.40 40.99
CA VAL L 68 -47.49 -63.67 39.56
C VAL L 68 -46.22 -63.25 38.82
N TYR L 69 -45.78 -62.02 39.04
CA TYR L 69 -44.58 -61.54 38.35
C TYR L 69 -43.37 -62.39 38.74
N ASP L 70 -43.32 -62.82 40.00
CA ASP L 70 -42.21 -63.66 40.47
C ASP L 70 -42.12 -64.98 39.72
N ARG L 71 -43.27 -65.62 39.45
CA ARG L 71 -43.25 -66.85 38.66
C ARG L 71 -42.71 -66.58 37.25
N LEU L 72 -43.22 -65.53 36.62
CA LEU L 72 -42.86 -65.23 35.23
C LEU L 72 -41.43 -64.75 35.07
N THR L 73 -40.84 -64.14 36.11
CA THR L 73 -39.53 -63.52 35.98
C THR L 73 -38.46 -64.17 36.84
N ASP L 74 -38.75 -65.31 37.47
CA ASP L 74 -37.81 -66.04 38.30
C ASP L 74 -37.34 -65.17 39.48
N HIS L 75 -38.32 -64.69 40.24
CA HIS L 75 -38.10 -63.71 41.30
C HIS L 75 -37.22 -62.57 40.81
N ARG L 76 -37.67 -61.92 39.74
CA ARG L 76 -37.07 -60.69 39.23
C ARG L 76 -35.60 -60.88 38.86
N ARG L 77 -35.30 -62.05 38.30
CA ARG L 77 -33.96 -62.42 37.83
C ARG L 77 -33.86 -62.47 36.32
N VAL L 78 -34.97 -62.45 35.60
CA VAL L 78 -35.02 -62.40 34.14
C VAL L 78 -35.76 -61.14 33.72
N HIS L 79 -35.12 -60.29 32.94
CA HIS L 79 -35.74 -59.08 32.41
C HIS L 79 -36.53 -59.43 31.16
N LEU L 80 -37.86 -59.41 31.25
CA LEU L 80 -38.74 -59.62 30.11
C LEU L 80 -39.40 -58.31 29.71
N ARG L 81 -39.34 -58.00 28.41
CA ARG L 81 -40.07 -56.88 27.84
C ARG L 81 -41.59 -57.12 27.91
N LEU L 82 -42.34 -56.10 27.48
CA LEU L 82 -43.80 -56.09 27.60
C LEU L 82 -44.43 -57.24 26.82
N ALA L 83 -44.17 -57.31 25.51
CA ALA L 83 -44.73 -58.37 24.68
C ALA L 83 -44.45 -59.74 25.27
N GLU L 84 -43.20 -60.01 25.64
CA GLU L 84 -42.85 -61.29 26.24
C GLU L 84 -43.57 -61.51 27.57
N LEU L 85 -43.71 -60.45 28.37
CA LEU L 85 -44.33 -60.61 29.68
C LEU L 85 -45.81 -60.97 29.56
N VAL L 86 -46.54 -60.24 28.72
CA VAL L 86 -47.97 -60.49 28.60
C VAL L 86 -48.23 -61.84 27.93
N GLU L 87 -47.30 -62.31 27.09
CA GLU L 87 -47.50 -63.63 26.48
C GLU L 87 -47.22 -64.73 27.50
N ALA L 88 -46.11 -64.62 28.24
CA ALA L 88 -45.82 -65.60 29.27
C ALA L 88 -46.92 -65.61 30.34
N ALA L 89 -47.43 -64.43 30.70
CA ALA L 89 -48.53 -64.36 31.65
C ALA L 89 -49.75 -65.11 31.12
N ALA L 90 -49.99 -65.03 29.81
CA ALA L 90 -51.11 -65.73 29.21
C ALA L 90 -51.01 -67.24 29.39
N THR L 91 -49.80 -67.79 29.26
CA THR L 91 -49.66 -69.24 29.27
C THR L 91 -49.61 -69.81 30.69
N ALA L 92 -48.97 -69.11 31.62
CA ALA L 92 -48.88 -69.57 33.00
C ALA L 92 -50.17 -69.33 33.78
N PHE L 93 -51.00 -68.41 33.32
CA PHE L 93 -52.22 -68.02 34.04
C PHE L 93 -53.36 -67.89 33.04
N PRO L 94 -53.92 -69.02 32.60
CA PRO L 94 -54.98 -68.94 31.58
C PRO L 94 -56.18 -68.18 32.13
N GLY L 95 -56.71 -67.28 31.30
CA GLY L 95 -57.81 -66.42 31.68
C GLY L 95 -57.41 -65.11 32.33
N LEU L 96 -56.17 -64.97 32.81
CA LEU L 96 -55.74 -63.68 33.35
C LEU L 96 -55.56 -62.66 32.23
N VAL L 97 -54.93 -63.08 31.13
CA VAL L 97 -54.74 -62.23 29.95
C VAL L 97 -54.88 -63.08 28.70
N PRO L 98 -55.28 -62.46 27.59
CA PRO L 98 -55.57 -63.24 26.37
C PRO L 98 -54.35 -63.96 25.81
N THR L 99 -54.62 -65.07 25.12
CA THR L 99 -53.58 -65.80 24.41
C THR L 99 -53.19 -65.08 23.13
N GLN L 100 -52.07 -65.53 22.54
CA GLN L 100 -51.70 -65.07 21.21
C GLN L 100 -52.83 -65.32 20.21
N GLN L 101 -53.49 -66.48 20.31
CA GLN L 101 -54.61 -66.79 19.44
C GLN L 101 -55.73 -65.78 19.61
N GLN L 102 -56.19 -65.61 20.85
CA GLN L 102 -57.29 -64.69 21.15
C GLN L 102 -57.00 -63.29 20.61
N LEU L 103 -55.75 -62.85 20.74
CA LEU L 103 -55.37 -61.54 20.21
C LEU L 103 -55.42 -61.51 18.69
N ALA L 104 -55.02 -62.61 18.04
CA ALA L 104 -55.06 -62.66 16.59
C ALA L 104 -56.48 -62.56 16.06
N VAL L 105 -57.43 -63.20 16.75
CA VAL L 105 -58.84 -63.06 16.41
C VAL L 105 -59.28 -61.61 16.56
N GLU L 106 -58.97 -61.02 17.71
CA GLU L 106 -59.26 -59.60 17.95
C GLU L 106 -58.70 -58.72 16.82
N ARG L 107 -57.44 -58.96 16.45
CA ARG L 107 -56.77 -58.11 15.46
C ARG L 107 -57.44 -58.18 14.10
N SER L 108 -58.05 -59.32 13.76
CA SER L 108 -58.71 -59.44 12.47
C SER L 108 -59.98 -58.60 12.39
N LEU L 109 -60.52 -58.21 13.49
CA LEU L 109 -61.78 -57.48 13.51
C LEU L 109 -61.54 -55.99 13.57
N PRO L 110 -62.48 -55.17 13.10
CA PRO L 110 -62.38 -53.73 13.38
C PRO L 110 -62.70 -53.46 14.84
N GLN L 111 -62.14 -52.35 15.34
CA GLN L 111 -62.28 -52.01 16.76
C GLN L 111 -63.72 -52.07 17.23
N ALA L 112 -64.66 -51.65 16.38
CA ALA L 112 -66.07 -51.68 16.72
C ALA L 112 -66.53 -53.06 17.18
N ALA L 113 -65.99 -54.11 16.57
CA ALA L 113 -66.49 -55.47 16.79
C ALA L 113 -65.72 -56.25 17.85
N LYS L 114 -64.65 -55.69 18.40
CA LYS L 114 -63.80 -56.42 19.34
C LYS L 114 -64.49 -56.61 20.69
N GLU L 115 -64.08 -57.66 21.40
CA GLU L 115 -64.56 -57.92 22.75
C GLU L 115 -63.81 -57.13 23.80
N GLY L 116 -62.63 -56.60 23.48
CA GLY L 116 -61.88 -55.79 24.42
C GLY L 116 -60.94 -56.52 25.35
N HIS L 117 -60.49 -57.72 24.98
CA HIS L 117 -59.53 -58.47 25.79
C HIS L 117 -58.27 -57.69 26.18
N GLU L 118 -57.83 -56.73 25.33
CA GLU L 118 -56.68 -55.92 25.71
C GLU L 118 -56.87 -55.23 27.06
N ILE L 119 -58.11 -54.91 27.42
CA ILE L 119 -58.40 -54.37 28.75
C ILE L 119 -57.79 -55.26 29.83
N ASP L 120 -57.86 -56.59 29.64
CA ASP L 120 -57.25 -57.50 30.60
C ASP L 120 -55.74 -57.29 30.68
N GLN L 121 -55.11 -56.96 29.56
CA GLN L 121 -53.69 -56.62 29.61
C GLN L 121 -53.48 -55.30 30.35
N GLY L 122 -54.36 -54.32 30.12
CA GLY L 122 -54.32 -53.10 30.91
C GLY L 122 -54.42 -53.36 32.40
N ILE L 123 -55.30 -54.28 32.81
CA ILE L 123 -55.43 -54.64 34.21
C ILE L 123 -54.13 -55.24 34.72
N PHE L 124 -53.54 -56.16 33.96
CA PHE L 124 -52.30 -56.82 34.33
C PHE L 124 -51.18 -55.81 34.48
N LEU L 125 -50.93 -55.03 33.43
CA LEU L 125 -49.82 -54.08 33.42
C LEU L 125 -49.99 -53.02 34.50
N ARG L 126 -51.22 -52.60 34.79
CA ARG L 126 -51.45 -51.64 35.87
C ARG L 126 -50.98 -52.20 37.21
N ALA L 127 -51.39 -53.43 37.53
CA ALA L 127 -51.00 -54.03 38.82
C ALA L 127 -49.49 -54.24 38.89
N VAL L 128 -48.87 -54.63 37.78
CA VAL L 128 -47.42 -54.85 37.78
C VAL L 128 -46.67 -53.57 38.09
N LEU L 129 -46.98 -52.50 37.35
CA LEU L 129 -46.28 -51.23 37.53
C LEU L 129 -46.55 -50.62 38.89
N ARG L 130 -47.69 -50.94 39.52
CA ARG L 130 -47.95 -50.47 40.88
C ARG L 130 -47.04 -51.11 41.93
N SER L 131 -46.49 -52.28 41.66
CA SER L 131 -45.67 -52.95 42.67
C SER L 131 -44.33 -52.23 42.82
N PRO L 132 -43.95 -51.85 44.04
CA PRO L 132 -42.64 -51.20 44.22
C PRO L 132 -41.48 -52.10 43.86
N LEU L 133 -41.69 -53.41 43.78
CA LEU L 133 -40.68 -54.38 43.40
C LEU L 133 -40.76 -54.76 41.93
N ALA L 134 -41.96 -55.11 41.45
CA ALA L 134 -42.15 -55.57 40.07
C ALA L 134 -42.08 -54.41 39.08
N GLY L 135 -42.70 -53.28 39.42
CA GLY L 135 -42.72 -52.11 38.58
C GLY L 135 -41.35 -51.70 38.07
N PRO L 136 -40.45 -51.29 38.98
CA PRO L 136 -39.11 -50.86 38.56
C PRO L 136 -38.35 -51.92 37.76
N HIS L 137 -38.59 -53.20 38.03
CA HIS L 137 -37.94 -54.26 37.27
C HIS L 137 -38.40 -54.27 35.81
N LEU L 138 -39.72 -54.17 35.60
CA LEU L 138 -40.26 -54.13 34.24
C LEU L 138 -39.79 -52.89 33.48
N LEU L 139 -39.72 -51.75 34.15
CA LEU L 139 -39.25 -50.55 33.47
C LEU L 139 -37.78 -50.67 33.07
N ASP L 140 -36.97 -51.36 33.88
CA ASP L 140 -35.60 -51.64 33.47
C ASP L 140 -35.57 -52.58 32.27
N ALA L 141 -36.41 -53.62 32.29
CA ALA L 141 -36.52 -54.51 31.14
C ALA L 141 -36.69 -53.72 29.86
N MET L 142 -37.55 -52.70 29.88
CA MET L 142 -37.83 -51.89 28.71
C MET L 142 -36.72 -50.89 28.38
N LEU L 143 -35.79 -50.63 29.29
CA LEU L 143 -34.65 -49.79 28.98
C LEU L 143 -33.49 -50.56 28.36
N ARG L 144 -33.50 -51.89 28.48
CA ARG L 144 -32.41 -52.69 27.90
C ARG L 144 -32.50 -52.65 26.37
N PRO L 145 -31.38 -52.86 25.69
CA PRO L 145 -31.39 -52.83 24.21
C PRO L 145 -32.29 -53.90 23.61
N THR L 146 -32.95 -53.53 22.52
CA THR L 146 -33.71 -54.49 21.74
C THR L 146 -32.79 -55.45 21.00
N PRO L 147 -33.19 -56.72 20.85
CA PRO L 147 -32.40 -57.64 20.03
C PRO L 147 -32.15 -57.13 18.61
N ARG L 148 -33.15 -56.50 18.00
CA ARG L 148 -32.99 -55.96 16.66
C ARG L 148 -31.85 -54.93 16.60
N ALA L 149 -31.76 -54.09 17.64
CA ALA L 149 -30.71 -53.07 17.63
C ALA L 149 -29.34 -53.71 17.82
N LEU L 150 -29.22 -54.66 18.74
CA LEU L 150 -27.97 -55.37 18.93
C LEU L 150 -27.59 -56.09 17.64
N GLU L 151 -28.58 -56.63 16.96
CA GLU L 151 -28.40 -57.30 15.67
C GLU L 151 -27.74 -56.37 14.65
N LEU L 152 -28.22 -55.13 14.56
CA LEU L 152 -27.80 -54.19 13.53
C LEU L 152 -26.62 -53.32 13.94
N LEU L 153 -26.12 -53.44 15.18
CA LEU L 153 -25.08 -52.52 15.64
C LEU L 153 -23.78 -52.65 14.87
N PRO L 154 -23.18 -53.83 14.68
CA PRO L 154 -21.94 -53.90 13.89
C PRO L 154 -22.02 -53.25 12.52
N GLU L 155 -23.06 -53.52 11.74
CA GLU L 155 -23.18 -52.89 10.43
C GLU L 155 -23.44 -51.39 10.51
N PHE L 156 -23.95 -50.90 11.64
CA PHE L 156 -24.12 -49.45 11.77
C PHE L 156 -22.83 -48.76 12.19
N VAL L 157 -22.07 -49.37 13.10
CA VAL L 157 -20.76 -48.82 13.47
C VAL L 157 -19.88 -48.71 12.24
N ARG L 158 -20.00 -49.66 11.32
CA ARG L 158 -19.17 -49.66 10.11
C ARG L 158 -19.72 -48.70 9.06
N THR L 159 -21.03 -48.73 8.81
CA THR L 159 -21.60 -47.97 7.70
C THR L 159 -22.00 -46.56 8.11
N GLY L 160 -22.45 -46.37 9.34
CA GLY L 160 -23.02 -45.08 9.71
C GLY L 160 -24.34 -44.80 9.05
N GLU L 161 -25.08 -45.84 8.65
CA GLU L 161 -26.33 -45.66 7.94
C GLU L 161 -27.21 -46.90 8.11
N VAL L 162 -28.49 -46.67 8.39
CA VAL L 162 -29.51 -47.72 8.43
C VAL L 162 -30.79 -47.11 7.89
N GLU L 163 -31.39 -47.76 6.89
CA GLU L 163 -32.69 -47.36 6.36
C GLU L 163 -33.72 -48.38 6.81
N MET L 164 -34.76 -47.91 7.48
CA MET L 164 -35.89 -48.72 7.90
C MET L 164 -37.15 -48.13 7.30
N GLU L 165 -38.28 -48.84 7.48
CA GLU L 165 -39.53 -48.42 6.84
C GLU L 165 -39.94 -47.02 7.29
N ALA L 166 -39.91 -46.76 8.59
CA ALA L 166 -40.42 -45.50 9.10
C ALA L 166 -39.32 -44.56 9.58
N VAL L 167 -38.07 -45.01 9.65
CA VAL L 167 -36.98 -44.19 10.17
C VAL L 167 -35.71 -44.48 9.37
N HIS L 168 -35.03 -43.43 8.94
CA HIS L 168 -33.69 -43.50 8.35
C HIS L 168 -32.68 -42.95 9.36
N LEU L 169 -31.69 -43.78 9.73
CA LEU L 169 -30.69 -43.41 10.71
C LEU L 169 -29.32 -43.23 10.06
N GLU L 170 -28.64 -42.15 10.42
CA GLU L 170 -27.34 -41.81 9.84
C GLU L 170 -26.46 -41.16 10.89
N ARG L 171 -25.26 -41.70 11.09
CA ARG L 171 -24.25 -41.02 11.89
C ARG L 171 -23.48 -40.05 11.00
N ARG L 172 -23.38 -38.80 11.45
CA ARG L 172 -22.65 -37.79 10.67
C ARG L 172 -22.19 -36.69 11.61
N ASP L 173 -20.88 -36.43 11.61
CA ASP L 173 -20.25 -35.42 12.48
C ASP L 173 -20.55 -35.70 13.96
N GLY L 174 -20.62 -36.98 14.32
CA GLY L 174 -20.91 -37.35 15.69
C GLY L 174 -22.35 -37.19 16.08
N VAL L 175 -23.27 -37.12 15.11
CA VAL L 175 -24.69 -36.89 15.36
C VAL L 175 -25.48 -38.07 14.80
N ALA L 176 -26.34 -38.66 15.63
CA ALA L 176 -27.29 -39.67 15.19
C ALA L 176 -28.51 -38.98 14.58
N ARG L 177 -28.59 -38.96 13.24
CA ARG L 177 -29.63 -38.23 12.53
C ARG L 177 -30.78 -39.17 12.23
N LEU L 178 -31.80 -39.16 13.09
CA LEU L 178 -33.02 -39.92 12.87
C LEU L 178 -33.97 -39.06 12.06
N THR L 179 -34.39 -39.55 10.89
CA THR L 179 -35.32 -38.85 10.03
C THR L 179 -36.54 -39.72 9.82
N MET L 180 -37.68 -39.26 10.33
CA MET L 180 -38.93 -39.99 10.15
C MET L 180 -39.40 -39.80 8.71
N CYS L 181 -39.45 -40.90 7.97
CA CYS L 181 -39.51 -40.86 6.51
C CYS L 181 -40.72 -41.63 5.98
N ARG L 182 -41.90 -41.40 6.56
CA ARG L 182 -43.15 -41.90 5.99
C ARG L 182 -43.76 -40.77 5.15
N ASP L 183 -43.13 -40.53 4.00
CA ASP L 183 -43.52 -39.46 3.08
C ASP L 183 -44.98 -39.50 2.64
N ASP L 184 -45.65 -40.65 2.70
CA ASP L 184 -47.00 -40.73 2.16
C ASP L 184 -48.09 -40.40 3.19
N ARG L 185 -47.76 -40.33 4.47
CA ARG L 185 -48.78 -40.19 5.50
C ARG L 185 -48.37 -39.20 6.58
N LEU L 186 -47.39 -38.35 6.29
CA LEU L 186 -46.96 -37.30 7.22
C LEU L 186 -46.50 -37.89 8.55
N ASN L 187 -45.84 -39.04 8.45
CA ASN L 187 -45.22 -39.72 9.60
C ASN L 187 -46.24 -40.16 10.64
N ALA L 188 -47.44 -40.54 10.20
CA ALA L 188 -48.43 -41.09 11.12
C ALA L 188 -47.89 -42.36 11.77
N GLU L 189 -48.08 -42.48 13.07
CA GLU L 189 -47.40 -43.50 13.86
C GLU L 189 -48.19 -44.80 13.87
N ASP L 190 -47.47 -45.92 13.88
CA ASP L 190 -48.08 -47.24 14.02
C ASP L 190 -47.08 -48.16 14.70
N GLY L 191 -47.49 -49.43 14.86
CA GLY L 191 -46.63 -50.39 15.53
C GLY L 191 -45.25 -50.53 14.91
N GLN L 192 -45.17 -50.40 13.58
CA GLN L 192 -43.87 -50.48 12.92
C GLN L 192 -42.98 -49.28 13.25
N GLN L 193 -43.55 -48.07 13.20
CA GLN L 193 -42.79 -46.87 13.53
C GLN L 193 -42.13 -46.97 14.90
N VAL L 194 -42.84 -47.50 15.91
CA VAL L 194 -42.25 -47.65 17.24
C VAL L 194 -41.10 -48.65 17.21
N ASP L 195 -41.22 -49.74 16.46
CA ASP L 195 -40.14 -50.70 16.38
C ASP L 195 -38.88 -50.06 15.81
N ASP L 196 -39.06 -49.23 14.79
CA ASP L 196 -37.94 -48.55 14.15
C ASP L 196 -37.38 -47.46 15.05
N MET L 197 -38.26 -46.71 15.71
CA MET L 197 -37.82 -45.67 16.63
C MET L 197 -37.00 -46.25 17.78
N GLU L 198 -37.51 -47.31 18.42
CA GLU L 198 -36.75 -47.94 19.51
C GLU L 198 -35.44 -48.50 19.01
N THR L 199 -35.45 -49.16 17.85
CA THR L 199 -34.21 -49.68 17.28
C THR L 199 -33.20 -48.56 17.00
N ALA L 200 -33.67 -47.49 16.35
CA ALA L 200 -32.77 -46.38 16.01
C ALA L 200 -32.20 -45.72 17.26
N VAL L 201 -33.05 -45.41 18.24
CA VAL L 201 -32.58 -44.79 19.48
C VAL L 201 -31.52 -45.65 20.14
N ASP L 202 -31.78 -46.96 20.23
CA ASP L 202 -30.78 -47.89 20.77
C ASP L 202 -29.44 -47.78 20.03
N LEU L 203 -29.50 -47.79 18.69
CA LEU L 203 -28.26 -47.73 17.92
C LEU L 203 -27.49 -46.44 18.22
N ALA L 204 -28.21 -45.32 18.26
CA ALA L 204 -27.58 -44.05 18.62
C ALA L 204 -26.90 -44.12 19.97
N LEU L 205 -27.54 -44.77 20.94
CA LEU L 205 -27.03 -44.79 22.30
C LEU L 205 -25.85 -45.75 22.46
N LEU L 206 -25.92 -46.95 21.85
CA LEU L 206 -24.83 -47.90 22.02
C LEU L 206 -23.64 -47.63 21.08
N ASP L 207 -23.82 -46.80 20.04
CA ASP L 207 -22.75 -46.47 19.09
C ASP L 207 -21.85 -45.42 19.73
N PRO L 208 -20.59 -45.75 20.05
CA PRO L 208 -19.71 -44.76 20.70
C PRO L 208 -19.33 -43.58 19.82
N GLY L 209 -19.49 -43.68 18.51
CA GLY L 209 -19.17 -42.56 17.65
C GLY L 209 -20.24 -41.50 17.53
N VAL L 210 -21.34 -41.66 18.26
CA VAL L 210 -22.45 -40.71 18.27
C VAL L 210 -22.44 -39.98 19.60
N ARG L 211 -22.53 -38.66 19.56
CA ARG L 211 -22.45 -37.86 20.77
C ARG L 211 -23.76 -37.15 21.09
N VAL L 212 -24.49 -36.70 20.07
CA VAL L 212 -25.78 -36.05 20.21
C VAL L 212 -26.75 -36.70 19.23
N GLY L 213 -28.03 -36.73 19.61
CA GLY L 213 -29.06 -37.24 18.74
C GLY L 213 -29.89 -36.14 18.10
N LEU L 214 -30.51 -36.48 16.98
CA LEU L 214 -31.35 -35.55 16.23
C LEU L 214 -32.56 -36.28 15.68
N LEU L 215 -33.75 -35.75 15.98
CA LEU L 215 -35.01 -36.27 15.45
C LEU L 215 -35.65 -35.16 14.62
N ARG L 216 -35.98 -35.48 13.37
CA ARG L 216 -36.52 -34.52 12.43
C ARG L 216 -37.36 -35.28 11.41
N GLY L 217 -38.35 -34.59 10.85
CA GLY L 217 -39.21 -35.19 9.85
C GLY L 217 -38.63 -35.00 8.45
N GLY L 218 -38.78 -36.03 7.63
CA GLY L 218 -38.22 -36.02 6.29
C GLY L 218 -39.13 -35.35 5.28
N VAL L 219 -38.60 -35.21 4.05
CA VAL L 219 -39.36 -34.60 2.98
C VAL L 219 -40.54 -35.51 2.63
N MET L 220 -41.70 -34.89 2.38
CA MET L 220 -42.94 -35.60 2.14
C MET L 220 -43.24 -35.69 0.64
N SER L 221 -44.00 -36.72 0.27
CA SER L 221 -44.37 -36.95 -1.12
C SER L 221 -45.85 -36.73 -1.41
N HIS L 222 -46.72 -36.79 -0.40
CA HIS L 222 -48.15 -36.55 -0.60
C HIS L 222 -48.37 -35.21 -1.31
N PRO L 223 -49.30 -35.14 -2.27
CA PRO L 223 -49.41 -33.94 -3.13
C PRO L 223 -49.56 -32.62 -2.38
N ARG L 224 -50.21 -32.61 -1.22
CA ARG L 224 -50.40 -31.36 -0.49
C ARG L 224 -49.12 -30.89 0.17
N TYR L 225 -48.15 -31.79 0.38
CA TYR L 225 -46.92 -31.48 1.08
C TYR L 225 -45.66 -31.83 0.31
N ARG L 226 -45.76 -32.07 -1.00
CA ARG L 226 -44.61 -32.55 -1.77
C ARG L 226 -43.44 -31.57 -1.66
N GLY L 227 -42.27 -32.10 -1.32
CA GLY L 227 -41.07 -31.31 -1.17
C GLY L 227 -40.90 -30.64 0.18
N LYS L 228 -41.86 -30.79 1.08
CA LYS L 228 -41.83 -30.16 2.39
C LYS L 228 -41.70 -31.20 3.49
N ARG L 229 -40.87 -30.89 4.49
CA ARG L 229 -40.74 -31.75 5.65
C ARG L 229 -41.95 -31.59 6.55
N VAL L 230 -42.33 -32.67 7.21
CA VAL L 230 -43.39 -32.67 8.21
C VAL L 230 -42.95 -33.59 9.34
N PHE L 231 -43.01 -33.08 10.57
CA PHE L 231 -42.49 -33.80 11.72
C PHE L 231 -43.37 -35.00 12.04
N SER L 232 -44.58 -34.77 12.53
CA SER L 232 -45.46 -35.89 12.84
C SER L 232 -46.91 -35.40 12.87
N ALA L 233 -47.80 -36.24 12.34
CA ALA L 233 -49.23 -36.00 12.37
C ALA L 233 -49.95 -36.93 13.34
N GLY L 234 -49.21 -37.53 14.28
CA GLY L 234 -49.80 -38.30 15.35
C GLY L 234 -50.14 -39.72 14.97
N ILE L 235 -50.88 -40.38 15.86
CA ILE L 235 -51.20 -41.79 15.67
C ILE L 235 -51.96 -41.98 14.35
N ASN L 236 -51.74 -43.13 13.73
CA ASN L 236 -52.48 -43.50 12.51
C ASN L 236 -53.93 -43.76 12.89
N LEU L 237 -54.80 -42.79 12.57
CA LEU L 237 -56.21 -42.91 12.92
C LEU L 237 -56.90 -43.99 12.09
N LYS L 238 -56.50 -44.14 10.82
CA LYS L 238 -57.05 -45.20 9.99
C LYS L 238 -56.83 -46.57 10.63
N TYR L 239 -55.57 -46.87 10.98
CA TYR L 239 -55.25 -48.16 11.59
C TYR L 239 -56.00 -48.34 12.90
N LEU L 240 -56.01 -47.29 13.73
CA LEU L 240 -56.73 -47.32 15.01
C LEU L 240 -58.18 -47.76 14.82
N SER L 241 -58.87 -47.15 13.84
CA SER L 241 -60.24 -47.55 13.55
C SER L 241 -60.30 -49.00 13.07
N GLN L 242 -59.37 -49.38 12.19
CA GLN L 242 -59.33 -50.72 11.66
C GLN L 242 -58.89 -51.76 12.69
N GLY L 243 -58.49 -51.32 13.88
CA GLY L 243 -58.10 -52.23 14.94
C GLY L 243 -56.62 -52.59 14.98
N GLY L 244 -55.77 -51.88 14.26
CA GLY L 244 -54.37 -52.22 14.14
C GLY L 244 -53.43 -51.58 15.13
N ILE L 245 -53.92 -50.83 16.12
CA ILE L 245 -53.06 -50.18 17.11
C ILE L 245 -53.12 -51.00 18.39
N SER L 246 -51.99 -51.61 18.74
CA SER L 246 -51.91 -52.50 19.90
C SER L 246 -51.67 -51.69 21.17
N LEU L 247 -52.47 -51.98 22.21
CA LEU L 247 -52.22 -51.41 23.54
C LEU L 247 -50.80 -51.67 24.01
N VAL L 248 -50.37 -52.93 23.95
CA VAL L 248 -49.08 -53.31 24.50
C VAL L 248 -47.95 -52.98 23.53
N ASP L 249 -48.08 -53.43 22.28
CA ASP L 249 -46.99 -53.29 21.32
C ASP L 249 -46.87 -51.89 20.74
N PHE L 250 -47.82 -50.99 21.01
CA PHE L 250 -47.68 -49.59 20.60
C PHE L 250 -47.82 -48.64 21.77
N LEU L 251 -49.02 -48.52 22.35
CA LEU L 251 -49.27 -47.48 23.35
C LEU L 251 -48.38 -47.64 24.57
N MET L 252 -48.19 -48.86 25.03
CA MET L 252 -47.34 -49.05 26.19
C MET L 252 -45.87 -49.19 25.79
N ARG L 253 -45.61 -49.84 24.65
CA ARG L 253 -44.23 -50.05 24.22
C ARG L 253 -43.48 -48.72 24.04
N ARG L 254 -44.12 -47.73 23.40
CA ARG L 254 -43.42 -46.48 23.10
C ARG L 254 -43.11 -45.67 24.35
N GLU L 255 -44.01 -45.69 25.34
CA GLU L 255 -43.81 -44.86 26.52
C GLU L 255 -42.72 -45.43 27.41
N LEU L 256 -42.68 -46.76 27.57
CA LEU L 256 -41.69 -47.42 28.40
C LEU L 256 -40.38 -47.66 27.67
N GLY L 257 -40.40 -47.66 26.34
CA GLY L 257 -39.20 -47.92 25.58
C GLY L 257 -38.44 -46.69 25.10
N TYR L 258 -38.63 -46.33 23.83
CA TYR L 258 -37.74 -45.35 23.22
C TYR L 258 -37.96 -43.96 23.79
N ILE L 259 -39.21 -43.61 24.11
CA ILE L 259 -39.47 -42.32 24.75
C ILE L 259 -38.82 -42.27 26.13
N HIS L 260 -38.88 -43.38 26.87
CA HIS L 260 -38.22 -43.43 28.17
C HIS L 260 -36.70 -43.47 28.03
N LYS L 261 -36.20 -44.03 26.91
CA LYS L 261 -34.77 -44.04 26.64
C LYS L 261 -34.25 -42.66 26.26
N LEU L 262 -35.09 -41.84 25.63
CA LEU L 262 -34.74 -40.44 25.41
C LEU L 262 -34.45 -39.74 26.73
N VAL L 263 -35.19 -40.08 27.78
CA VAL L 263 -34.96 -39.53 29.11
C VAL L 263 -33.75 -40.19 29.75
N ARG L 264 -33.85 -41.51 30.00
CA ARG L 264 -32.95 -42.20 30.93
C ARG L 264 -31.86 -43.03 30.25
N GLY L 265 -31.86 -43.15 28.93
CA GLY L 265 -30.87 -43.93 28.23
C GLY L 265 -31.15 -45.42 28.26
N VAL L 266 -30.23 -46.19 27.67
CA VAL L 266 -30.35 -47.64 27.62
C VAL L 266 -29.55 -48.27 28.75
N LEU L 267 -30.17 -49.25 29.40
CA LEU L 267 -29.53 -50.04 30.46
C LEU L 267 -28.73 -51.16 29.82
N THR L 268 -27.40 -51.11 29.95
CA THR L 268 -26.51 -52.12 29.40
C THR L 268 -26.17 -53.17 30.46
N ASN L 269 -25.42 -54.18 30.05
CA ASN L 269 -24.88 -55.11 31.03
C ASN L 269 -23.75 -54.42 31.79
N ASP L 270 -23.23 -55.10 32.82
CA ASP L 270 -22.07 -54.60 33.53
C ASP L 270 -20.81 -54.91 32.72
N ASP L 271 -20.68 -54.31 31.53
CA ASP L 271 -19.70 -54.78 30.55
C ASP L 271 -18.73 -53.69 30.10
N ARG L 272 -18.58 -52.63 30.88
CA ARG L 272 -17.69 -51.53 30.51
C ARG L 272 -17.30 -50.79 31.77
N PRO L 273 -16.20 -50.03 31.75
CA PRO L 273 -15.85 -49.20 32.91
C PRO L 273 -16.94 -48.18 33.23
N GLY L 274 -17.00 -47.68 34.46
CA GLY L 274 -17.99 -46.69 34.76
C GLY L 274 -19.33 -47.20 35.22
N TRP L 275 -19.78 -48.32 34.62
CA TRP L 275 -21.13 -48.85 34.85
C TRP L 275 -21.58 -48.78 36.30
N TRP L 276 -20.62 -48.78 37.23
CA TRP L 276 -20.95 -48.58 38.65
C TRP L 276 -21.63 -47.23 38.86
N HIS L 277 -21.19 -46.19 38.14
CA HIS L 277 -21.86 -44.89 38.24
C HIS L 277 -22.83 -44.61 37.10
N SER L 278 -22.65 -45.25 35.94
CA SER L 278 -23.52 -45.03 34.78
C SER L 278 -23.99 -46.36 34.22
N PRO L 279 -24.95 -47.01 34.88
CA PRO L 279 -25.48 -48.27 34.33
C PRO L 279 -26.17 -48.09 33.00
N ARG L 280 -26.59 -46.86 32.68
CA ARG L 280 -27.26 -46.52 31.43
C ARG L 280 -26.41 -45.56 30.62
N ILE L 281 -26.43 -45.75 29.31
CA ILE L 281 -25.82 -44.80 28.38
C ILE L 281 -26.91 -43.83 27.94
N GLU L 282 -26.72 -42.56 28.24
CA GLU L 282 -27.68 -41.53 27.83
C GLU L 282 -26.94 -40.46 27.04
N LYS L 283 -27.64 -39.85 26.10
CA LYS L 283 -27.07 -38.81 25.26
C LYS L 283 -28.10 -37.71 25.10
N PRO L 284 -27.67 -36.50 24.73
CA PRO L 284 -28.62 -35.40 24.55
C PRO L 284 -29.32 -35.48 23.21
N TRP L 285 -30.53 -34.95 23.17
CA TRP L 285 -31.36 -35.06 21.99
C TRP L 285 -31.89 -33.69 21.57
N VAL L 286 -31.89 -33.47 20.27
CA VAL L 286 -32.36 -32.24 19.66
C VAL L 286 -33.56 -32.56 18.78
N ALA L 287 -34.59 -31.75 18.86
CA ALA L 287 -35.79 -31.93 18.05
C ALA L 287 -35.99 -30.73 17.15
N ALA L 288 -36.36 -30.99 15.89
CA ALA L 288 -36.60 -29.96 14.90
C ALA L 288 -37.94 -30.23 14.26
N VAL L 289 -38.88 -29.33 14.47
CA VAL L 289 -40.27 -29.53 14.06
C VAL L 289 -40.51 -28.69 12.81
N ASP L 290 -40.67 -29.37 11.68
CA ASP L 290 -41.12 -28.74 10.45
C ASP L 290 -42.61 -29.00 10.27
N GLY L 291 -43.33 -27.99 9.81
CA GLY L 291 -44.73 -28.17 9.52
C GLY L 291 -45.58 -28.11 10.76
N PHE L 292 -45.55 -29.17 11.57
CA PHE L 292 -46.32 -29.27 12.80
C PHE L 292 -45.96 -30.55 13.53
N ALA L 293 -46.23 -30.57 14.83
CA ALA L 293 -46.12 -31.77 15.65
C ALA L 293 -47.46 -31.98 16.32
N ILE L 294 -48.20 -33.00 15.89
CA ILE L 294 -49.56 -33.25 16.34
C ILE L 294 -49.60 -34.55 17.14
N GLY L 295 -50.35 -34.55 18.23
CA GLY L 295 -50.59 -35.79 18.96
C GLY L 295 -49.29 -36.33 19.52
N GLY L 296 -49.01 -37.59 19.20
CA GLY L 296 -47.80 -38.23 19.70
C GLY L 296 -46.53 -37.52 19.30
N GLY L 297 -46.55 -36.82 18.16
CA GLY L 297 -45.41 -36.03 17.78
C GLY L 297 -45.15 -34.90 18.76
N ALA L 298 -46.21 -34.22 19.18
CA ALA L 298 -46.07 -33.17 20.19
C ALA L 298 -45.69 -33.76 21.54
N GLN L 299 -46.22 -34.94 21.86
CA GLN L 299 -45.87 -35.61 23.12
C GLN L 299 -44.35 -35.80 23.23
N LEU L 300 -43.70 -36.17 22.12
CA LEU L 300 -42.27 -36.41 22.12
C LEU L 300 -41.47 -35.18 22.53
N LEU L 301 -41.93 -33.99 22.15
CA LEU L 301 -41.20 -32.76 22.44
C LEU L 301 -40.99 -32.51 23.92
N LEU L 302 -41.79 -33.11 24.77
CA LEU L 302 -41.68 -32.86 26.20
C LEU L 302 -40.49 -33.57 26.81
N VAL L 303 -39.59 -34.11 25.97
CA VAL L 303 -38.59 -35.05 26.47
C VAL L 303 -37.18 -34.75 25.94
N PHE L 304 -37.06 -33.77 25.05
CA PHE L 304 -35.77 -33.41 24.45
C PHE L 304 -35.06 -32.34 25.30
N ASP L 305 -33.77 -32.15 25.02
CA ASP L 305 -32.98 -31.10 25.66
C ASP L 305 -32.92 -29.81 24.85
N ARG L 306 -33.27 -29.88 23.57
CA ARG L 306 -33.38 -28.68 22.75
C ARG L 306 -34.46 -28.93 21.72
N VAL L 307 -35.33 -27.95 21.53
CA VAL L 307 -36.43 -28.03 20.58
C VAL L 307 -36.39 -26.79 19.70
N LEU L 308 -36.36 -26.99 18.39
CA LEU L 308 -36.40 -25.93 17.41
C LEU L 308 -37.61 -26.18 16.50
N ALA L 309 -38.12 -25.10 15.92
CA ALA L 309 -39.31 -25.22 15.09
C ALA L 309 -39.34 -24.06 14.10
N SER L 310 -39.89 -24.32 12.93
CA SER L 310 -40.01 -23.27 11.94
C SER L 310 -41.20 -22.37 12.27
N SER L 311 -41.08 -21.10 11.86
CA SER L 311 -42.08 -20.09 12.20
C SER L 311 -43.51 -20.49 11.86
N ASP L 312 -43.67 -21.35 10.85
CA ASP L 312 -45.00 -21.78 10.40
C ASP L 312 -45.44 -23.12 10.98
N ALA L 313 -44.94 -23.46 12.16
CA ALA L 313 -45.32 -24.70 12.80
C ALA L 313 -46.32 -24.49 13.92
N TYR L 314 -46.96 -25.58 14.33
CA TYR L 314 -47.88 -25.56 15.46
C TYR L 314 -47.79 -26.89 16.20
N PHE L 315 -48.21 -26.86 17.47
CA PHE L 315 -48.19 -28.03 18.32
C PHE L 315 -49.60 -28.21 18.87
N SER L 316 -50.11 -29.43 18.78
CA SER L 316 -51.43 -29.69 19.33
C SER L 316 -51.48 -31.12 19.84
N LEU L 317 -52.42 -31.34 20.75
CA LEU L 317 -52.63 -32.65 21.35
C LEU L 317 -54.12 -32.92 21.18
N PRO L 318 -54.52 -33.37 19.99
CA PRO L 318 -55.95 -33.54 19.72
C PRO L 318 -56.36 -34.97 20.01
N ALA L 319 -57.05 -35.16 21.12
CA ALA L 319 -57.55 -36.47 21.51
C ALA L 319 -58.99 -36.31 21.98
N ALA L 320 -59.82 -35.72 21.12
CA ALA L 320 -61.24 -35.42 21.34
C ALA L 320 -61.94 -36.29 22.38
N GLY L 323 -62.05 -39.55 21.78
CA GLY L 323 -60.59 -39.59 21.82
C GLY L 323 -60.02 -40.34 23.00
N ILE L 324 -58.70 -40.33 23.10
CA ILE L 324 -57.92 -41.13 24.05
C ILE L 324 -57.01 -40.23 24.88
N ILE L 325 -56.17 -40.83 25.71
CA ILE L 325 -55.19 -40.05 26.48
C ILE L 325 -53.98 -39.79 25.59
N PRO L 326 -53.39 -38.52 25.59
CA PRO L 326 -52.19 -38.27 24.78
C PRO L 326 -50.91 -38.73 25.46
N GLY L 327 -50.77 -40.05 25.58
CA GLY L 327 -49.57 -40.65 26.15
C GLY L 327 -49.18 -40.09 27.50
N ALA L 328 -47.93 -39.68 27.63
CA ALA L 328 -47.40 -39.12 28.87
C ALA L 328 -47.46 -37.60 28.92
N ALA L 329 -48.13 -36.98 27.96
CA ALA L 329 -48.32 -35.52 28.01
C ALA L 329 -49.02 -35.11 29.29
N ASN L 330 -49.96 -35.92 29.79
CA ASN L 330 -50.62 -35.61 31.04
C ASN L 330 -49.65 -35.61 32.20
N LEU L 331 -48.58 -36.42 32.11
CA LEU L 331 -47.55 -36.45 33.13
C LEU L 331 -46.63 -35.23 33.03
N ARG L 332 -46.30 -34.82 31.81
CA ARG L 332 -45.20 -33.91 31.57
C ARG L 332 -45.60 -32.48 31.23
N LEU L 333 -46.75 -32.28 30.55
CA LEU L 333 -47.09 -30.95 30.06
C LEU L 333 -47.21 -29.94 31.19
N GLY L 334 -47.74 -30.36 32.35
CA GLY L 334 -47.97 -29.44 33.45
C GLY L 334 -46.69 -28.77 33.91
N ARG L 335 -45.57 -29.48 33.83
CA ARG L 335 -44.30 -28.93 34.28
C ARG L 335 -43.75 -27.90 33.29
N PHE L 336 -44.14 -28.00 32.02
CA PHE L 336 -43.75 -27.02 31.00
C PHE L 336 -44.66 -25.80 31.00
N ALA L 337 -45.97 -25.99 31.23
CA ALA L 337 -46.93 -24.95 30.93
C ALA L 337 -47.87 -24.59 32.07
N GLY L 338 -47.80 -25.26 33.22
CA GLY L 338 -48.70 -25.01 34.31
C GLY L 338 -50.05 -25.66 34.15
N PRO L 339 -50.88 -25.61 35.19
CA PRO L 339 -52.12 -26.40 35.18
C PRO L 339 -53.18 -25.84 34.25
N ARG L 340 -53.22 -24.52 34.06
CA ARG L 340 -54.25 -23.93 33.22
C ARG L 340 -54.00 -24.26 31.75
N VAL L 341 -52.81 -23.93 31.24
CA VAL L 341 -52.51 -24.13 29.82
C VAL L 341 -52.55 -25.61 29.46
N SER L 342 -52.07 -26.48 30.35
CA SER L 342 -52.05 -27.91 30.03
C SER L 342 -53.46 -28.47 29.91
N ARG L 343 -54.39 -27.98 30.72
CA ARG L 343 -55.80 -28.32 30.52
C ARG L 343 -56.35 -27.70 29.25
N GLN L 344 -55.91 -26.49 28.92
CA GLN L 344 -56.35 -25.87 27.66
C GLN L 344 -55.98 -26.75 26.48
N VAL L 345 -54.75 -27.27 26.47
CA VAL L 345 -54.28 -28.09 25.36
C VAL L 345 -54.94 -29.47 25.36
N ILE L 346 -55.00 -30.13 26.51
CA ILE L 346 -55.44 -31.51 26.56
C ILE L 346 -56.96 -31.62 26.66
N LEU L 347 -57.57 -30.95 27.63
CA LEU L 347 -59.02 -31.06 27.81
C LEU L 347 -59.81 -30.36 26.71
N GLU L 348 -59.32 -29.23 26.20
CA GLU L 348 -60.10 -28.41 25.27
C GLU L 348 -59.41 -28.21 23.93
N GLY L 349 -58.37 -28.99 23.64
CA GLY L 349 -57.78 -29.00 22.32
C GLY L 349 -57.18 -27.72 21.82
N ARG L 350 -56.71 -26.84 22.71
CA ARG L 350 -55.99 -25.65 22.25
C ARG L 350 -54.78 -26.01 21.41
N ARG L 351 -54.56 -25.24 20.36
CA ARG L 351 -53.43 -25.40 19.44
C ARG L 351 -52.46 -24.25 19.65
N ILE L 352 -51.17 -24.56 19.72
CA ILE L 352 -50.13 -23.58 20.03
C ILE L 352 -49.27 -23.37 18.80
N TRP L 353 -49.11 -22.10 18.41
CA TRP L 353 -48.39 -21.73 17.21
C TRP L 353 -46.97 -21.30 17.55
N ALA L 354 -46.04 -21.66 16.67
CA ALA L 354 -44.61 -21.44 16.93
C ALA L 354 -44.30 -19.99 17.27
N LYS L 355 -44.99 -19.03 16.65
CA LYS L 355 -44.67 -17.62 16.84
C LYS L 355 -45.43 -16.98 18.00
N GLU L 356 -46.32 -17.72 18.67
CA GLU L 356 -46.92 -16.99 19.78
C GLU L 356 -46.08 -17.19 21.04
N PRO L 357 -46.07 -16.18 21.94
CA PRO L 357 -45.21 -16.27 23.15
C PRO L 357 -45.21 -17.62 23.85
N GLU L 358 -46.39 -18.20 24.09
CA GLU L 358 -46.45 -19.45 24.85
C GLU L 358 -45.87 -20.65 24.10
N ALA L 359 -45.52 -20.50 22.82
CA ALA L 359 -44.74 -21.55 22.19
C ALA L 359 -43.40 -21.76 22.89
N ARG L 360 -42.87 -20.71 23.52
CA ARG L 360 -41.58 -20.83 24.22
C ARG L 360 -41.66 -21.75 25.43
N LEU L 361 -42.87 -22.05 25.90
CA LEU L 361 -43.02 -23.08 26.92
C LEU L 361 -42.62 -24.45 26.39
N LEU L 362 -42.68 -24.65 25.07
CA LEU L 362 -42.37 -25.93 24.45
C LEU L 362 -41.14 -25.91 23.56
N VAL L 363 -40.68 -24.75 23.10
CA VAL L 363 -39.71 -24.64 22.02
C VAL L 363 -38.63 -23.64 22.40
N ASP L 364 -37.37 -24.00 22.12
CA ASP L 364 -36.26 -23.11 22.45
C ASP L 364 -36.02 -22.06 21.36
N GLU L 365 -36.10 -22.45 20.11
CA GLU L 365 -35.88 -21.54 19.00
C GLU L 365 -36.98 -21.68 17.95
N VAL L 366 -37.43 -20.54 17.43
CA VAL L 366 -38.34 -20.49 16.31
C VAL L 366 -37.66 -19.67 15.21
N VAL L 367 -37.45 -20.28 14.06
CA VAL L 367 -36.59 -19.76 13.01
C VAL L 367 -37.31 -19.83 11.69
N GLU L 368 -37.08 -18.85 10.83
CA GLU L 368 -37.66 -18.86 9.51
C GLU L 368 -37.19 -20.11 8.77
N PRO L 369 -38.03 -20.69 7.90
CA PRO L 369 -37.58 -21.88 7.15
C PRO L 369 -36.29 -21.63 6.40
N ASP L 370 -36.11 -20.39 5.94
CA ASP L 370 -34.92 -19.99 5.22
C ASP L 370 -33.66 -20.08 6.07
N GLU L 371 -33.80 -20.14 7.39
CA GLU L 371 -32.66 -20.07 8.30
C GLU L 371 -32.61 -21.25 9.27
N LEU L 372 -33.42 -22.29 9.04
CA LEU L 372 -33.61 -23.34 10.04
C LEU L 372 -32.47 -24.34 10.05
N ASP L 373 -32.07 -24.83 8.87
CA ASP L 373 -31.04 -25.85 8.78
C ASP L 373 -29.76 -25.43 9.50
N ALA L 374 -29.33 -24.19 9.28
CA ALA L 374 -28.10 -23.71 9.91
C ALA L 374 -28.28 -23.59 11.42
N ALA L 375 -29.46 -23.16 11.87
CA ALA L 375 -29.72 -23.09 13.30
C ALA L 375 -29.73 -24.47 13.93
N ILE L 376 -30.28 -25.47 13.23
CA ILE L 376 -30.24 -26.85 13.73
C ILE L 376 -28.80 -27.31 13.91
N GLU L 377 -27.97 -27.07 12.89
CA GLU L 377 -26.57 -27.49 12.95
C GLU L 377 -25.86 -26.87 14.15
N ARG L 378 -26.07 -25.56 14.37
CA ARG L 378 -25.46 -24.88 15.51
C ARG L 378 -25.86 -25.51 16.83
N SER L 379 -27.11 -25.95 16.96
CA SER L 379 -27.56 -26.55 18.21
C SER L 379 -26.88 -27.90 18.46
N LEU L 380 -26.52 -28.62 17.40
CA LEU L 380 -25.93 -29.93 17.57
C LEU L 380 -24.49 -29.85 18.07
N THR L 381 -23.81 -28.72 17.87
CA THR L 381 -22.46 -28.54 18.37
C THR L 381 -22.42 -28.13 19.84
N ARG L 382 -23.53 -27.68 20.41
CA ARG L 382 -23.54 -27.05 21.73
C ARG L 382 -23.88 -28.00 22.89
N LEU L 383 -23.98 -29.31 22.66
CA LEU L 383 -24.37 -30.25 23.72
C LEU L 383 -23.40 -31.41 23.84
N ASP L 384 -22.10 -31.15 23.67
CA ASP L 384 -21.11 -32.23 23.55
C ASP L 384 -20.58 -32.76 24.87
N GLY L 385 -20.49 -31.93 25.91
CA GLY L 385 -19.83 -32.30 27.14
C GLY L 385 -20.18 -33.62 27.83
N ASP L 386 -19.23 -34.14 28.59
CA ASP L 386 -19.57 -35.00 29.71
C ASP L 386 -20.30 -34.20 30.79
N ALA L 387 -20.08 -32.88 30.81
CA ALA L 387 -20.80 -32.02 31.73
C ALA L 387 -22.29 -31.98 31.41
N VAL L 388 -22.63 -31.90 30.12
CA VAL L 388 -24.02 -31.96 29.70
C VAL L 388 -24.67 -33.27 30.15
N LEU L 389 -23.94 -34.38 30.02
CA LEU L 389 -24.50 -35.68 30.43
C LEU L 389 -24.83 -35.71 31.91
N ALA L 390 -23.96 -35.17 32.77
CA ALA L 390 -24.28 -35.13 34.19
C ALA L 390 -25.42 -34.17 34.46
N ASN L 391 -25.42 -33.03 33.76
CA ASN L 391 -26.42 -31.99 33.99
C ASN L 391 -27.80 -32.38 33.45
N ARG L 392 -27.83 -33.02 32.28
CA ARG L 392 -29.09 -33.48 31.71
C ARG L 392 -29.68 -34.59 32.58
N ARG L 393 -28.81 -35.34 33.24
CA ARG L 393 -29.23 -36.44 34.12
C ARG L 393 -29.80 -35.94 35.44
N MET L 394 -29.12 -34.98 36.09
CA MET L 394 -29.62 -34.45 37.35
C MET L 394 -30.90 -33.67 37.13
N LEU L 395 -31.01 -32.98 36.00
CA LEU L 395 -32.26 -32.27 35.68
C LEU L 395 -33.41 -33.25 35.53
N ASN L 396 -33.23 -34.29 34.71
CA ASN L 396 -34.30 -35.27 34.50
C ASN L 396 -34.69 -35.96 35.81
N LEU L 397 -33.69 -36.31 36.63
CA LEU L 397 -33.99 -36.89 37.93
C LEU L 397 -34.90 -35.98 38.75
N ALA L 398 -34.66 -34.68 38.70
CA ALA L 398 -35.46 -33.73 39.48
C ALA L 398 -36.82 -33.48 38.85
N ASP L 399 -36.86 -33.28 37.53
CA ASP L 399 -38.12 -33.04 36.85
C ASP L 399 -39.11 -34.18 37.06
N GLU L 400 -38.63 -35.42 36.91
CA GLU L 400 -39.51 -36.58 36.76
C GLU L 400 -38.90 -37.75 37.52
N SER L 401 -39.49 -38.10 38.66
CA SER L 401 -38.95 -39.14 39.51
C SER L 401 -39.34 -40.53 39.00
N PRO L 402 -38.58 -41.56 39.38
CA PRO L 402 -39.01 -42.94 39.08
C PRO L 402 -40.42 -43.26 39.56
N ASP L 403 -40.71 -42.93 40.82
CA ASP L 403 -42.04 -43.17 41.36
C ASP L 403 -43.10 -42.42 40.56
N GLY L 404 -42.83 -41.16 40.23
CA GLY L 404 -43.75 -40.34 39.47
C GLY L 404 -44.14 -40.96 38.14
N PHE L 405 -43.13 -41.33 37.36
CA PHE L 405 -43.36 -41.95 36.06
C PHE L 405 -44.08 -43.28 36.21
N ARG L 406 -43.63 -44.11 37.17
CA ARG L 406 -44.17 -45.45 37.35
C ARG L 406 -45.63 -45.40 37.80
N ALA L 407 -45.94 -44.59 38.81
CA ALA L 407 -47.32 -44.45 39.28
C ALA L 407 -48.24 -44.02 38.14
N TYR L 408 -47.81 -43.05 37.34
CA TYR L 408 -48.60 -42.59 36.21
C TYR L 408 -48.83 -43.71 35.20
N MET L 409 -47.74 -44.35 34.76
CA MET L 409 -47.85 -45.35 33.71
C MET L 409 -48.72 -46.54 34.15
N ALA L 410 -48.67 -46.88 35.43
CA ALA L 410 -49.59 -47.88 35.98
C ALA L 410 -51.04 -47.53 35.68
N GLU L 411 -51.49 -46.36 36.16
CA GLU L 411 -52.85 -45.91 35.90
C GLU L 411 -53.10 -45.78 34.41
N PHE L 412 -52.09 -45.33 33.65
CA PHE L 412 -52.24 -45.17 32.20
C PHE L 412 -52.61 -46.48 31.54
N ALA L 413 -51.99 -47.58 31.98
CA ALA L 413 -52.19 -48.88 31.34
C ALA L 413 -53.66 -49.27 31.30
N LEU L 414 -54.39 -49.01 32.39
CA LEU L 414 -55.82 -49.33 32.40
C LEU L 414 -56.64 -48.19 31.81
N MET L 415 -56.38 -46.95 32.23
CA MET L 415 -57.13 -45.81 31.71
C MET L 415 -57.09 -45.77 30.19
N GLN L 416 -55.88 -45.91 29.62
CA GLN L 416 -55.75 -45.90 28.16
C GLN L 416 -56.39 -47.14 27.54
N ALA L 417 -56.28 -48.29 28.21
CA ALA L 417 -56.91 -49.51 27.69
C ALA L 417 -58.42 -49.34 27.56
N LEU L 418 -59.06 -48.76 28.58
CA LEU L 418 -60.50 -48.53 28.52
C LEU L 418 -60.87 -47.52 27.44
N ARG L 419 -60.10 -46.43 27.31
CA ARG L 419 -60.39 -45.45 26.28
C ARG L 419 -60.24 -46.05 24.88
N LEU L 420 -59.36 -47.04 24.74
CA LEU L 420 -59.14 -47.68 23.45
C LEU L 420 -60.41 -48.35 22.93
N TYR L 421 -61.31 -48.77 23.82
CA TYR L 421 -62.54 -49.45 23.44
C TYR L 421 -63.78 -48.66 23.80
N GLY L 422 -63.66 -47.36 24.01
CA GLY L 422 -64.84 -46.55 24.34
C GLY L 422 -65.67 -46.28 23.09
N HIS L 423 -66.99 -46.26 23.28
CA HIS L 423 -67.90 -46.15 22.14
C HIS L 423 -67.73 -44.82 21.41
N ASP L 424 -67.52 -43.74 22.16
CA ASP L 424 -67.32 -42.45 21.51
C ASP L 424 -66.00 -42.41 20.77
N THR L 425 -64.99 -43.12 21.27
CA THR L 425 -63.71 -43.21 20.57
C THR L 425 -63.85 -43.91 19.23
N ILE L 426 -64.44 -45.12 19.23
CA ILE L 426 -64.54 -45.93 18.02
C ILE L 426 -65.18 -45.16 16.86
N ASP L 427 -66.24 -44.40 17.15
CA ASP L 427 -66.88 -43.63 16.10
C ASP L 427 -65.97 -42.58 15.47
N LYS L 428 -65.58 -41.60 16.29
CA LYS L 428 -64.73 -40.50 15.84
C LYS L 428 -63.53 -41.00 15.05
N VAL L 429 -62.90 -42.07 15.54
CA VAL L 429 -61.75 -42.65 14.84
C VAL L 429 -62.18 -43.23 13.50
N GLY L 430 -63.41 -43.71 13.39
CA GLY L 430 -63.87 -44.24 12.12
C GLY L 430 -64.27 -43.19 11.12
N ARG L 431 -64.24 -41.91 11.50
CA ARG L 431 -64.64 -40.82 10.63
C ARG L 431 -63.49 -40.16 9.88
N PHE L 432 -62.26 -40.57 10.14
CA PHE L 432 -61.13 -39.88 9.51
C PHE L 432 -61.04 -40.24 8.03
N1A YE1 M . -19.40 15.51 29.78
C2A YE1 M . -18.04 15.65 29.93
N3A YE1 M . -17.12 14.78 30.38
C4A YE1 M . -17.69 13.58 30.74
C5A YE1 M . -19.09 13.28 30.65
C6A YE1 M . -19.92 14.30 30.16
N6A YE1 M . -21.29 14.13 30.02
N7A YE1 M . -19.35 11.98 31.10
C8A YE1 M . -18.13 11.49 31.46
N9A YE1 M . -17.10 12.45 31.26
C1' YE1 M . -15.65 12.31 31.51
C2' YE1 M . -15.28 13.01 32.84
O2' YE1 M . -14.10 13.69 32.57
C3' YE1 M . -15.15 11.76 33.82
O3' YE1 M . -14.28 11.82 34.90
P3' YE1 M . -12.69 12.72 34.94
O7A YE1 M . -12.27 12.42 33.50
O8A YE1 M . -11.92 12.06 36.05
O9A YE1 M . -13.14 14.14 35.25
C4' YE1 M . -14.76 10.62 32.80
O4' YE1 M . -15.38 10.95 31.57
C5' YE1 M . -15.18 9.21 33.27
O5' YE1 M . -16.55 9.15 33.56
P1A YE1 M . -16.99 9.07 35.18
O1A YE1 M . -17.52 10.39 35.58
O2A YE1 M . -15.85 8.38 35.90
O3A YE1 M . -18.17 7.97 35.00
P2A YE1 M . -18.78 6.74 35.81
O4A YE1 M . -18.95 7.01 37.24
O5A YE1 M . -18.31 5.41 35.23
O6A YE1 M . -20.42 6.84 35.19
C11 YE1 M . -21.78 8.09 33.70
C12 YE1 M . -20.54 7.18 33.87
C14 YE1 M . -22.74 7.75 34.84
C13 YE1 M . -22.42 7.78 32.39
C10 YE1 M . -21.34 9.58 33.77
O10 YE1 M . -20.37 9.88 32.81
C9P YE1 M . -22.46 10.67 33.65
O9P YE1 M . -23.51 10.58 34.31
N8P YE1 M . -22.19 11.70 32.81
C7P YE1 M . -23.12 12.81 32.59
C6P YE1 M . -23.82 12.61 31.25
C5P YE1 M . -24.85 13.68 31.01
O5P YE1 M . -25.70 14.08 31.81
N4P YE1 M . -24.73 14.22 29.73
C3P YE1 M . -25.59 15.27 29.20
C2P YE1 M . -26.31 14.79 27.93
OAD YE1 M . -25.74 16.09 25.52
CAB YE1 M . -26.76 16.42 26.14
NAA YE1 M . -27.11 15.84 27.32
CAC YE1 M . -27.76 17.52 25.67
CAF YE1 M . -27.71 17.93 24.20
CAG YE1 M . -28.71 18.76 23.70
CAE YE1 M . -26.68 17.49 23.38
CAJ YE1 M . -26.65 17.88 22.05
OAL YE1 M . -25.65 17.47 21.23
CAI YE1 M . -27.62 18.71 21.50
CAH YE1 M . -28.65 19.14 22.37
OAK YE1 M . -29.61 19.95 21.86
N1A YE1 N . -75.13 11.88 32.13
C2A YE1 N . -76.06 11.99 33.13
N3A YE1 N . -76.11 11.39 34.34
C4A YE1 N . -75.04 10.55 34.53
C5A YE1 N . -74.00 10.32 33.57
C6A YE1 N . -74.09 11.02 32.36
N6A YE1 N . -73.13 10.87 31.37
N7A YE1 N . -73.06 9.41 34.06
C8A YE1 N . -73.52 9.08 35.29
N9A YE1 N . -74.72 9.75 35.61
C1' YE1 N . -75.53 9.67 36.83
C2' YE1 N . -76.63 8.61 36.70
O2' YE1 N . -77.71 9.24 36.12
C3' YE1 N . -76.83 8.33 38.21
O3' YE1 N . -77.45 9.36 38.82
P3' YE1 N . -79.22 9.39 38.94
O7A YE1 N . -79.33 10.88 39.29
O8A YE1 N . -79.53 8.39 40.02
O9A YE1 N . -79.67 8.95 37.56
C4' YE1 N . -75.35 8.31 38.68
O4' YE1 N . -74.66 9.25 37.85
C5' YE1 N . -74.70 6.90 38.66
O5' YE1 N . -74.80 6.34 37.40
P1A YE1 N . -75.85 5.05 37.16
O1A YE1 N . -76.03 4.86 35.70
O2A YE1 N . -77.02 5.21 38.10
O3A YE1 N . -74.85 3.96 37.77
P2A YE1 N . -73.86 2.84 37.29
O4A YE1 N . -74.50 1.86 36.40
O5A YE1 N . -72.85 2.51 38.38
O6A YE1 N . -72.93 3.86 36.20
C11 YE1 N . -71.69 3.99 34.18
C12 YE1 N . -71.96 3.21 35.49
C14 YE1 N . -70.97 3.07 33.20
C13 YE1 N . -70.78 5.18 34.50
C10 YE1 N . -73.04 4.45 33.59
O10 YE1 N . -73.58 5.49 34.34
C9P YE1 N . -72.99 4.91 32.13
O9P YE1 N . -73.13 4.10 31.20
N8P YE1 N . -72.82 6.25 31.96
C7P YE1 N . -72.79 6.86 30.64
C6P YE1 N . -71.34 7.07 30.23
C5P YE1 N . -71.25 7.71 28.86
O5P YE1 N . -71.36 7.12 27.79
N4P YE1 N . -71.01 9.08 28.95
C3P YE1 N . -70.88 9.96 27.78
C2P YE1 N . -69.73 9.61 26.82
OAD YE1 N . -68.27 12.12 26.72
CAB YE1 N . -68.97 11.74 25.75
NAA YE1 N . -69.68 10.57 25.72
CAC YE1 N . -69.10 12.54 24.43
CAF YE1 N . -68.42 13.89 24.34
CAG YE1 N . -68.07 14.37 23.08
CAE YE1 N . -68.16 14.69 25.47
CAJ YE1 N . -67.53 15.93 25.31
OAL YE1 N . -67.26 16.74 26.37
CAI YE1 N . -67.18 16.42 24.06
CAH YE1 N . -67.46 15.60 22.95
OAK YE1 N . -67.10 16.06 21.71
N1A YE1 O . -46.69 -13.90 -10.16
C2A YE1 O . -46.87 -15.10 -10.82
N3A YE1 O . -47.27 -16.30 -10.34
C4A YE1 O . -47.51 -16.26 -8.99
C5A YE1 O . -47.36 -15.08 -8.17
C6A YE1 O . -46.94 -13.92 -8.82
N6A YE1 O . -46.77 -12.73 -8.11
N7A YE1 O . -47.68 -15.37 -6.83
C8A YE1 O . -48.02 -16.69 -6.84
N9A YE1 O . -47.93 -17.26 -8.13
C1' YE1 O . -48.22 -18.64 -8.56
C2' YE1 O . -46.92 -19.43 -8.74
O2' YE1 O . -46.40 -19.07 -9.96
C3' YE1 O . -47.54 -20.86 -8.72
O3' YE1 O . -48.14 -21.18 -9.89
P3' YE1 O . -47.23 -22.09 -11.13
O7A YE1 O . -48.46 -22.66 -11.83
O8A YE1 O . -46.37 -23.04 -10.32
O9A YE1 O . -46.47 -21.00 -11.86
C4' YE1 O . -48.64 -20.68 -7.62
O4' YE1 O . -48.93 -19.27 -7.55
C5' YE1 O . -48.22 -21.26 -6.25
O5' YE1 O . -47.17 -20.53 -5.69
P1A YE1 O . -45.57 -21.07 -5.89
O1A YE1 O . -44.85 -20.05 -6.67
O2A YE1 O . -45.62 -22.53 -6.28
O3A YE1 O . -45.20 -20.98 -4.34
P2A YE1 O . -45.29 -21.83 -3.01
O4A YE1 O . -44.20 -22.79 -2.86
O5A YE1 O . -46.74 -22.09 -2.65
O6A YE1 O . -44.87 -20.50 -1.92
C11 YE1 O . -45.48 -18.12 -2.04
C12 YE1 O . -45.91 -19.60 -1.72
C14 YE1 O . -44.91 -17.50 -0.77
C13 YE1 O . -46.72 -17.34 -2.45
C10 YE1 O . -44.42 -18.07 -3.17
O10 YE1 O . -44.99 -18.48 -4.38
C9P YE1 O . -43.77 -16.69 -3.41
O9P YE1 O . -42.74 -16.35 -2.76
N8P YE1 O . -44.34 -15.91 -4.37
C7P YE1 O . -43.81 -14.58 -4.72
C6P YE1 O . -44.46 -13.51 -3.82
C5P YE1 O . -43.95 -12.14 -4.20
O5P YE1 O . -42.76 -11.81 -4.28
N4P YE1 O . -45.01 -11.24 -4.46
C3P YE1 O . -44.89 -9.83 -4.89
C2P YE1 O . -43.73 -8.99 -4.29
OAD YE1 O . -46.10 -7.17 -4.88
CAB YE1 O . -44.92 -6.77 -4.85
NAA YE1 O . -43.80 -7.54 -4.60
CAC YE1 O . -44.52 -5.29 -5.10
CAF YE1 O . -45.59 -4.26 -5.39
CAG YE1 O . -45.22 -2.91 -5.43
CAE YE1 O . -46.92 -4.61 -5.64
CAJ YE1 O . -47.86 -3.61 -5.90
OAL YE1 O . -49.17 -3.92 -6.14
CAI YE1 O . -47.51 -2.27 -5.94
CAH YE1 O . -46.18 -1.95 -5.70
OAK YE1 O . -45.81 -0.63 -5.74
N1A YE1 P . 52.21 -26.72 -28.29
C2A YE1 P . 53.33 -27.48 -28.51
N3A YE1 P . 54.54 -27.14 -28.98
C4A YE1 P . 54.62 -25.80 -29.26
C5A YE1 P . 53.53 -24.87 -29.08
C6A YE1 P . 52.34 -25.39 -28.58
N6A YE1 P . 51.23 -24.56 -28.38
N7A YE1 P . 53.93 -23.58 -29.45
C8A YE1 P . 55.22 -23.71 -29.85
N9A YE1 P . 55.66 -25.05 -29.75
C1' YE1 P . 57.00 -25.62 -30.07
C2' YE1 P . 57.21 -25.71 -31.59
O2' YE1 P . 56.60 -26.88 -32.01
C3' YE1 P . 58.76 -25.82 -31.54
O3' YE1 P . 59.16 -27.00 -31.02
P3' YE1 P . 59.67 -28.32 -32.08
O7A YE1 P . 60.14 -29.26 -30.96
O8A YE1 P . 60.71 -27.69 -32.96
O9A YE1 P . 58.40 -28.70 -32.80
C4' YE1 P . 59.07 -24.71 -30.48
O4' YE1 P . 57.95 -24.73 -29.56
C5' YE1 P . 59.30 -23.30 -31.08
O5' YE1 P . 58.15 -22.86 -31.73
P1A YE1 P . 58.20 -22.57 -33.38
O1A YE1 P . 56.95 -23.10 -33.99
O2A YE1 P . 59.57 -22.95 -33.87
O3A YE1 P . 58.16 -20.97 -33.22
P2A YE1 P . 58.15 -19.66 -34.10
O4A YE1 P . 58.14 -19.93 -35.54
O5A YE1 P . 58.93 -18.55 -33.43
O6A YE1 P . 56.47 -19.19 -33.77
C11 YE1 P . 54.53 -19.43 -32.40
C12 YE1 P . 56.08 -19.30 -32.46
C14 YE1 P . 53.93 -18.39 -33.34
C13 YE1 P . 54.05 -19.15 -30.99
C10 YE1 P . 54.10 -20.84 -32.87
O10 YE1 P . 54.88 -21.83 -32.28
C9P YE1 P . 52.62 -21.17 -32.61
O9P YE1 P . 51.73 -20.79 -33.39
N8P YE1 P . 52.38 -21.90 -31.48
C7P YE1 P . 51.02 -22.33 -31.08
C6P YE1 P . 50.43 -21.29 -30.12
C5P YE1 P . 48.95 -21.47 -29.96
O5P YE1 P . 48.09 -21.02 -30.70
N4P YE1 P . 48.63 -22.26 -28.84
C3P YE1 P . 47.25 -22.60 -28.44
C2P YE1 P . 46.70 -21.70 -27.31
OAD YE1 P . 46.35 -22.40 -24.65
CAB YE1 P . 45.38 -22.54 -25.40
NAA YE1 P . 45.46 -22.24 -26.74
CAC YE1 P . 43.97 -23.08 -24.94
CAF YE1 P . 43.84 -23.43 -23.46
CAG YE1 P . 42.57 -23.59 -22.88
CAE YE1 P . 44.97 -23.62 -22.67
CAJ YE1 P . 44.85 -23.95 -21.34
OAL YE1 P . 45.95 -24.13 -20.56
CAI YE1 P . 43.62 -24.11 -20.73
CAH YE1 P . 42.48 -23.92 -21.52
OAK YE1 P . 41.25 -24.08 -20.93
N1A YE1 Q . 9.41 8.72 -35.57
C2A YE1 Q . 8.73 9.02 -36.72
N3A YE1 Q . 9.17 9.61 -37.84
C4A YE1 Q . 10.49 9.94 -37.76
C5A YE1 Q . 11.33 9.69 -36.62
C6A YE1 Q . 10.73 9.07 -35.54
N6A YE1 Q . 11.47 8.79 -34.38
N7A YE1 Q . 12.63 10.16 -36.87
C8A YE1 Q . 12.58 10.66 -38.12
N9A YE1 Q . 11.30 10.55 -38.68
C1' YE1 Q . 10.80 10.96 -40.01
C2' YE1 Q . 10.49 12.45 -40.00
O2' YE1 Q . 9.23 12.57 -39.44
C3' YE1 Q . 10.49 12.67 -41.54
O3' YE1 Q . 9.34 12.27 -42.10
P3' YE1 Q . 8.20 13.48 -42.73
O7A YE1 Q . 7.56 12.56 -43.76
O8A YE1 Q . 9.10 14.58 -43.23
O9A YE1 Q . 7.39 13.83 -41.50
C4' YE1 Q . 11.64 11.69 -41.98
O4' YE1 Q . 11.82 10.76 -40.91
C5' YE1 Q . 12.96 12.41 -42.32
O5' YE1 Q . 13.49 12.96 -41.17
P1A YE1 Q . 13.67 14.61 -41.09
O1A YE1 Q . 13.31 15.07 -39.73
O2A YE1 Q . 13.03 15.18 -42.34
O3A YE1 Q . 15.28 14.59 -41.30
P2A YE1 Q . 16.55 15.39 -40.77
O4A YE1 Q . 16.29 16.82 -40.55
O5A YE1 Q . 17.85 14.82 -41.33
O6A YE1 Q . 16.54 14.74 -39.15
C11 YE1 Q . 16.96 13.18 -37.49
C12 YE1 Q . 17.15 13.52 -38.98
C14 YE1 Q . 17.99 13.95 -36.69
C13 YE1 Q . 17.15 11.69 -37.27
C10 YE1 Q . 15.54 13.62 -37.09
O10 YE1 Q . 14.58 12.88 -37.79
C9P YE1 Q . 15.22 13.50 -35.60
O9P YE1 Q . 15.58 14.39 -34.79
N8P YE1 Q . 14.49 12.42 -35.24
C7P YE1 Q . 14.09 12.14 -33.87
C6P YE1 Q . 15.04 11.06 -33.35
C5P YE1 Q . 14.69 10.58 -31.97
O5P YE1 Q . 14.95 11.16 -30.93
N4P YE1 Q . 13.98 9.38 -31.99
C3P YE1 Q . 13.52 8.69 -30.79
C2P YE1 Q . 14.60 7.81 -30.09
OAD YE1 Q . 14.02 4.98 -29.82
CAB YE1 Q . 13.75 5.78 -28.90
NAA YE1 Q . 13.99 7.12 -28.94
CAC YE1 Q . 13.08 5.34 -27.55
CAF YE1 Q . 12.90 3.84 -27.29
CAG YE1 Q . 12.79 3.38 -25.97
CAE YE1 Q . 12.81 2.93 -28.34
CAJ YE1 Q . 12.65 1.58 -28.08
OAL YE1 Q . 12.56 0.66 -29.09
CAI YE1 Q . 12.54 1.09 -26.79
CAH YE1 Q . 12.62 2.01 -25.74
OAK YE1 Q . 12.53 1.57 -24.46
N1A YE1 R . 43.15 14.29 8.66
C2A YE1 R . 43.29 15.34 9.55
N3A YE1 R . 43.82 16.57 9.37
C4A YE1 R . 44.27 16.73 8.10
C5A YE1 R . 44.20 15.73 7.07
C6A YE1 R . 43.62 14.52 7.41
N6A YE1 R . 43.52 13.50 6.46
N7A YE1 R . 44.75 16.21 5.88
C8A YE1 R . 45.15 17.46 6.19
N9A YE1 R . 44.88 17.81 7.50
C1' YE1 R . 45.18 19.07 8.16
C2' YE1 R . 46.69 19.15 8.37
O2' YE1 R . 46.98 18.43 9.51
C3' YE1 R . 46.75 20.67 8.60
O3' YE1 R . 46.26 20.98 9.80
P3' YE1 R . 47.36 21.36 11.14
O7A YE1 R . 46.38 20.98 12.25
O8A YE1 R . 47.69 22.82 10.93
O9A YE1 R . 48.53 20.42 10.91
C4' YE1 R . 45.76 21.17 7.50
O4' YE1 R . 44.84 20.08 7.28
C5' YE1 R . 46.45 21.62 6.21
O5' YE1 R . 47.03 20.52 5.57
P1A YE1 R . 48.69 20.33 5.66
O1A YE1 R . 48.97 18.90 5.96
O2A YE1 R . 49.25 21.45 6.50
O3A YE1 R . 48.96 20.67 4.11
P2A YE1 R . 49.93 20.26 2.94
O4A YE1 R . 51.30 20.00 3.40
O5A YE1 R . 49.57 20.95 1.62
O6A YE1 R . 49.26 18.64 2.67
C11 YE1 R . 47.62 17.11 1.90
C12 YE1 R . 48.09 18.60 1.95
C14 YE1 R . 48.50 16.36 0.93
C13 YE1 R . 46.17 17.04 1.45
C10 YE1 R . 47.77 16.55 3.33
O10 YE1 R . 46.78 17.07 4.11
C9P YE1 R . 47.81 14.99 3.57
O9P YE1 R . 48.81 14.34 3.24
N8P YE1 R . 46.71 14.44 4.19
C7P YE1 R . 46.56 12.99 4.55
C6P YE1 R . 46.13 12.14 3.35
C5P YE1 R . 45.61 10.79 3.81
O5P YE1 R . 46.29 9.79 4.05
N4P YE1 R . 44.20 10.77 3.97
C3P YE1 R . 43.47 9.59 4.43
C2P YE1 R . 42.38 9.00 3.50
OAD YE1 R . 40.78 6.62 2.54
CAB YE1 R . 40.89 6.91 3.75
NAA YE1 R . 41.63 7.97 4.26
CAC YE1 R . 40.28 6.06 4.86
CAF YE1 R . 38.77 5.89 4.94
CAG YE1 R . 38.26 4.60 5.04
CAE YE1 R . 37.90 6.99 4.98
CAJ YE1 R . 36.51 6.76 5.08
OAL YE1 R . 35.61 7.80 5.11
CAI YE1 R . 35.98 5.47 5.17
CAH YE1 R . 36.89 4.41 5.15
OAK YE1 R . 36.41 3.12 5.24
N1A YE1 S . 33.18 23.06 -58.14
C2A YE1 S . 32.04 23.56 -58.73
N3A YE1 S . 30.74 23.34 -58.43
C4A YE1 S . 30.61 22.49 -57.36
C5A YE1 S . 31.71 21.90 -56.64
C6A YE1 S . 32.99 22.22 -57.08
N6A YE1 S . 34.13 21.72 -56.46
N7A YE1 S . 31.22 21.07 -55.61
C8A YE1 S . 29.87 21.17 -55.69
N9A YE1 S . 29.47 22.01 -56.75
C1' YE1 S . 28.10 22.39 -57.17
C2' YE1 S . 27.69 21.55 -58.42
O2' YE1 S . 27.05 22.46 -59.25
C3' YE1 S . 26.75 20.45 -57.74
O3' YE1 S . 25.71 19.89 -58.49
P3' YE1 S . 24.75 20.76 -59.77
O7A YE1 S . 24.67 22.11 -59.07
O8A YE1 S . 23.47 19.95 -59.86
O9A YE1 S . 25.63 20.64 -60.99
C4' YE1 S . 26.22 21.22 -56.48
O4' YE1 S . 27.26 22.11 -56.09
C5' YE1 S . 25.85 20.29 -55.30
O5' YE1 S . 26.90 19.44 -54.95
P1A YE1 S . 26.76 17.82 -55.38
O1A YE1 S . 27.66 17.56 -56.53
O2A YE1 S . 25.28 17.51 -55.41
O3A YE1 S . 27.34 17.20 -54.00
P2A YE1 S . 27.09 15.94 -53.07
O4A YE1 S . 26.93 14.69 -53.82
O5A YE1 S . 26.29 16.33 -51.83
O6A YE1 S . 28.72 15.80 -52.42
C11 YE1 S . 30.85 16.83 -52.50
C12 YE1 S . 29.35 16.99 -52.15
C14 YE1 S . 31.19 15.35 -52.36
C13 YE1 S . 31.66 17.62 -51.52
C10 YE1 S . 31.11 17.32 -53.97
O10 YE1 S . 30.69 18.65 -54.14
C9P YE1 S . 32.57 17.21 -54.52
O9P YE1 S . 33.22 16.17 -54.39
N8P YE1 S . 33.03 18.31 -55.17
C7P YE1 S . 34.36 18.38 -55.77
C6P YE1 S . 35.27 19.19 -54.86
C5P YE1 S . 36.69 19.23 -55.39
O5P YE1 S . 37.33 18.27 -55.78
N4P YE1 S . 37.19 20.53 -55.38
C3P YE1 S . 38.52 20.88 -55.83
C2P YE1 S . 39.31 21.56 -54.70
OAD YE1 S . 40.09 24.22 -55.05
CAB YE1 S . 40.93 23.32 -55.28
NAA YE1 S . 40.63 22.01 -55.14
CAC YE1 S . 42.39 23.57 -55.75
CAF YE1 S . 42.97 24.97 -55.54
CAG YE1 S . 44.33 25.19 -55.77
CAE YE1 S . 42.15 26.02 -55.15
CAJ YE1 S . 42.68 27.29 -54.98
OAL YE1 S . 41.89 28.32 -54.60
CAI YE1 S . 44.03 27.55 -55.20
CAH YE1 S . 44.83 26.47 -55.59
OAK YE1 S . 46.16 26.69 -55.80
N1A YE1 T . 78.07 -3.73 -37.93
C2A YE1 T . 78.52 -5.01 -38.07
N3A YE1 T . 77.91 -6.18 -37.81
C4A YE1 T . 76.64 -6.00 -37.33
C5A YE1 T . 76.02 -4.71 -37.12
C6A YE1 T . 76.80 -3.59 -37.44
N6A YE1 T . 76.29 -2.30 -37.27
N7A YE1 T . 74.72 -4.86 -36.62
C8A YE1 T . 74.55 -6.21 -36.52
N9A YE1 T . 75.68 -6.92 -36.93
C1' YE1 T . 75.89 -8.38 -37.01
C2' YE1 T . 76.40 -8.97 -35.71
O2' YE1 T . 77.73 -8.59 -35.60
C3' YE1 T . 76.24 -10.46 -36.16
O3' YE1 T . 77.20 -10.82 -37.03
P3' YE1 T . 78.49 -11.91 -36.51
O7A YE1 T . 78.89 -12.35 -37.92
O8A YE1 T . 77.79 -12.91 -35.62
O9A YE1 T . 79.44 -10.98 -35.77
C4' YE1 T . 74.89 -10.38 -36.98
O4' YE1 T . 74.66 -8.99 -37.22
C5' YE1 T . 73.70 -11.12 -36.30
O5' YE1 T . 72.96 -10.29 -35.48
P1A YE1 T . 73.47 -10.02 -33.91
O1A YE1 T . 73.83 -8.59 -33.80
O2A YE1 T . 74.42 -11.13 -33.53
O3A YE1 T . 72.04 -10.34 -33.24
P2A YE1 T . 71.15 -9.84 -32.04
O4A YE1 T . 71.67 -10.20 -30.72
O5A YE1 T . 69.67 -9.86 -32.44
O6A YE1 T . 71.54 -8.14 -32.19
C11 YE1 T . 71.26 -6.02 -33.30
C12 YE1 T . 70.97 -7.54 -33.29
C14 YE1 T . 70.24 -5.34 -32.38
C13 YE1 T . 71.08 -5.50 -34.71
C10 YE1 T . 72.71 -5.75 -32.80
O10 YE1 T . 73.64 -6.33 -33.65
C9P YE1 T . 73.11 -4.26 -32.59
O9P YE1 T . 72.66 -3.60 -31.64
N8P YE1 T . 74.01 -3.78 -33.50
C7P YE1 T . 74.54 -2.42 -33.49
C6P YE1 T . 73.39 -1.45 -33.71
C5P YE1 T . 73.87 -0.03 -33.80
O5P YE1 T . 74.32 0.65 -32.88
N4P YE1 T . 73.73 0.43 -35.12
C3P YE1 T . 74.03 1.75 -35.64
C2P YE1 T . 75.22 2.56 -35.05
OAD YE1 T . 74.94 3.51 -37.76
CAB YE1 T . 74.94 4.32 -36.82
NAA YE1 T . 75.08 3.96 -35.49
CAC YE1 T . 74.79 5.85 -37.03
CAF YE1 T . 75.12 6.37 -38.42
CAG YE1 T . 75.67 7.65 -38.55
CAE YE1 T . 74.84 5.61 -39.56
CAJ YE1 T . 75.15 6.11 -40.81
OAL YE1 T . 74.91 5.37 -41.94
CAI YE1 T . 75.72 7.37 -40.98
CAH YE1 T . 75.97 8.11 -39.82
OAK YE1 T . 76.52 9.37 -39.95
N1A YE1 U . 55.34 39.12 -10.17
C2A YE1 U . 55.53 39.50 -8.86
N3A YE1 U . 55.18 38.89 -7.71
C4A YE1 U . 54.53 37.71 -7.96
C5A YE1 U . 54.26 37.17 -9.26
C6A YE1 U . 54.70 37.93 -10.35
N6A YE1 U . 54.47 37.49 -11.66
N7A YE1 U . 53.60 35.97 -9.17
C8A YE1 U . 53.46 35.75 -7.85
N9A YE1 U . 53.99 36.77 -7.08
C1' YE1 U . 54.03 36.85 -5.60
C2' YE1 U . 53.18 37.97 -5.01
O2' YE1 U . 54.00 39.09 -4.94
C3' YE1 U . 52.93 37.36 -3.58
O3' YE1 U . 53.74 37.91 -2.66
P3' YE1 U . 53.04 38.83 -1.29
O7A YE1 U . 51.98 39.56 -2.11
O8A YE1 U . 54.21 39.63 -0.76
O9A YE1 U . 52.56 37.74 -0.36
C4' YE1 U . 53.34 35.85 -3.79
O4' YE1 U . 53.42 35.69 -5.18
C5' YE1 U . 52.39 34.86 -3.08
O5' YE1 U . 51.78 33.97 -3.94
P1A YE1 U . 50.10 34.06 -4.02
O1A YE1 U . 49.74 34.95 -5.15
O2A YE1 U . 49.61 34.31 -2.61
O3A YE1 U . 49.84 32.51 -4.38
P2A YE1 U . 48.73 31.63 -5.11
O4A YE1 U . 47.37 31.89 -4.62
O5A YE1 U . 49.26 30.27 -5.54
O6A YE1 U . 48.76 32.51 -6.61
C11 YE1 U . 49.55 32.79 -8.81
C12 YE1 U . 49.74 32.08 -7.46
C14 YE1 U . 48.13 32.53 -9.30
C13 YE1 U . 50.55 32.23 -9.80
C10 YE1 U . 49.76 34.29 -8.62
O10 YE1 U . 50.95 34.50 -7.96
C9P YE1 U . 49.80 35.07 -9.92
O9P YE1 U . 48.77 35.31 -10.57
N8P YE1 U . 51.02 35.51 -10.27
C7P YE1 U . 51.27 36.27 -11.48
C6P YE1 U . 51.69 35.28 -12.55
C5P YE1 U . 51.69 35.92 -13.87
O5P YE1 U . 50.72 36.11 -14.59
N4P YE1 U . 52.97 36.34 -14.25
C3P YE1 U . 53.21 37.01 -15.50
C2P YE1 U . 54.39 36.44 -16.28
OAD YE1 U . 56.90 36.33 -17.51
CAB YE1 U . 56.09 37.24 -17.84
NAA YE1 U . 54.84 37.37 -17.29
CAC YE1 U . 56.41 38.33 -18.92
CAF YE1 U . 57.82 38.30 -19.46
CAG YE1 U . 58.09 38.72 -20.76
CAE YE1 U . 58.86 37.86 -18.65
CAJ YE1 U . 60.16 37.83 -19.14
OAL YE1 U . 61.18 37.38 -18.35
CAI YE1 U . 60.46 38.25 -20.42
CAH YE1 U . 59.41 38.70 -21.22
OAK YE1 U . 59.69 39.11 -22.49
N1A YE1 V . -66.39 -12.00 57.04
C2A YE1 V . -67.64 -11.47 57.25
N3A YE1 V . -68.28 -10.48 56.62
C4A YE1 V . -67.52 -9.97 55.61
C5A YE1 V . -66.20 -10.42 55.25
C6A YE1 V . -65.68 -11.46 56.01
N6A YE1 V . -64.41 -11.97 55.75
N7A YE1 V . -65.71 -9.68 54.16
C8A YE1 V . -66.71 -8.81 53.88
N9A YE1 V . -67.82 -8.96 54.73
C1' YE1 V . -69.12 -8.23 54.79
C2' YE1 V . -69.02 -7.09 55.79
O2' YE1 V . -69.34 -7.63 57.03
C3' YE1 V . -70.14 -6.12 55.24
O3' YE1 V . -71.30 -6.24 55.90
P3' YE1 V . -71.76 -4.98 57.10
O7A YE1 V . -73.26 -4.98 56.78
O8A YE1 V . -70.95 -3.78 56.67
O9A YE1 V . -71.31 -5.58 58.41
C4' YE1 V . -70.30 -6.63 53.74
O4' YE1 V . -69.37 -7.68 53.55
C5' YE1 V . -70.08 -5.51 52.74
O5' YE1 V . -68.73 -5.32 52.55
P1A YE1 V . -67.97 -4.03 53.29
O1A YE1 V . -66.91 -4.57 54.17
O2A YE1 V . -69.05 -3.09 53.79
O3A YE1 V . -67.39 -3.43 51.92
P2A YE1 V . -66.02 -2.92 51.32
O4A YE1 V . -65.28 -2.04 52.23
O5A YE1 V . -66.11 -2.75 49.80
O6A YE1 V . -65.17 -4.44 51.45
C11 YE1 V . -63.52 -5.89 50.58
C12 YE1 V . -64.67 -4.93 50.25
C14 YE1 V . -62.22 -5.12 50.39
C13 YE1 V . -63.57 -7.06 49.62
C10 YE1 V . -63.73 -6.37 52.06
O10 YE1 V . -64.83 -7.23 52.12
C9P YE1 V . -62.57 -7.08 52.78
O9P YE1 V . -61.39 -6.68 52.73
N8P YE1 V . -62.96 -8.14 53.52
C7P YE1 V . -62.03 -8.94 54.27
C6P YE1 V . -61.62 -10.06 53.33
C5P YE1 V . -60.81 -11.11 54.01
O5P YE1 V . -59.70 -10.97 54.51
N4P YE1 V . -61.47 -12.34 54.02
C3P YE1 V . -60.87 -13.53 54.61
C2P YE1 V . -59.67 -14.06 53.78
OAD YE1 V . -60.13 -16.81 53.31
CAB YE1 V . -59.31 -16.46 54.18
NAA YE1 V . -59.03 -15.17 54.47
CAC YE1 V . -58.48 -17.45 55.04
CAF YE1 V . -58.85 -18.93 54.98
CAG YE1 V . -57.97 -19.88 55.50
CAE YE1 V . -60.04 -19.36 54.40
CAJ YE1 V . -60.35 -20.72 54.35
OAL YE1 V . -61.50 -21.16 53.80
CAI YE1 V . -59.49 -21.68 54.87
CAH YE1 V . -58.31 -21.23 55.44
OAK YE1 V . -57.45 -22.16 55.96
N1A YE1 W . -13.18 -17.39 41.11
C2A YE1 W . -11.96 -16.84 41.40
N3A YE1 W . -11.49 -15.60 41.18
C4A YE1 W . -12.42 -14.81 40.56
C5A YE1 W . -13.74 -15.25 40.20
C6A YE1 W . -14.07 -16.56 40.50
N6A YE1 W . -15.34 -17.08 40.18
N7A YE1 W . -14.45 -14.22 39.57
C8A YE1 W . -13.59 -13.17 39.57
N9A YE1 W . -12.35 -13.49 40.15
C1' YE1 W . -11.16 -12.63 40.33
C2' YE1 W . -10.47 -12.39 38.97
O2' YE1 W . -9.68 -13.48 38.68
C3' YE1 W . -9.64 -11.15 39.40
O3' YE1 W . -8.63 -11.47 40.25
P3' YE1 W . -6.94 -11.00 39.82
O7A YE1 W . -6.45 -10.90 41.27
O8A YE1 W . -7.11 -9.72 39.04
O9A YE1 W . -6.47 -12.17 38.99
C4' YE1 W . -10.76 -10.38 40.18
O4' YE1 W . -11.59 -11.39 40.79
C5' YE1 W . -11.56 -9.39 39.29
O5' YE1 W . -12.32 -10.07 38.33
P1A YE1 W . -11.91 -9.91 36.71
O1A YE1 W . -11.90 -11.26 36.09
O2A YE1 W . -10.74 -8.98 36.63
O3A YE1 W . -13.25 -9.09 36.32
P2A YE1 W . -14.03 -8.58 35.03
O4A YE1 W . -13.16 -8.28 33.90
O5A YE1 W . -15.26 -7.77 35.42
O6A YE1 W . -14.76 -10.12 34.60
C11 YE1 W . -16.21 -11.93 35.09
C12 YE1 W . -15.74 -10.52 35.46
C14 YE1 W . -16.59 -11.94 33.61
C13 YE1 W . -17.44 -12.29 35.92
C10 YE1 W . -15.05 -12.91 35.35
O10 YE1 W . -14.50 -12.66 36.61
C9P YE1 W . -15.39 -14.42 35.21
O9P YE1 W . -15.74 -14.89 34.11
N8P YE1 W . -15.26 -15.17 36.33
C7P YE1 W . -15.53 -16.59 36.32
C6P YE1 W . -16.95 -16.81 36.80
C5P YE1 W . -17.27 -18.29 36.92
O5P YE1 W . -16.84 -19.18 36.19
N4P YE1 W . -18.12 -18.50 38.01
C3P YE1 W . -18.68 -19.77 38.48
C2P YE1 W . -17.89 -21.09 38.21
OAD YE1 W . -19.32 -21.47 40.74
CAB YE1 W . -19.29 -22.37 39.88
NAA YE1 W . -18.66 -22.27 38.67
CAC YE1 W . -20.02 -23.74 40.08
CAF YE1 W . -20.41 -24.13 41.49
CAG YE1 W . -20.96 -25.39 41.69
CAE YE1 W . -20.24 -23.26 42.56
CAJ YE1 W . -20.62 -23.65 43.84
OAL YE1 W . -20.47 -22.83 44.91
CAI YE1 W . -21.17 -24.90 44.08
CAH YE1 W . -21.33 -25.75 42.98
OAK YE1 W . -21.88 -26.98 43.19
N1A YE1 X . -53.56 -40.87 10.35
C2A YE1 X . -53.61 -41.32 9.05
N3A YE1 X . -53.36 -40.66 7.89
C4A YE1 X . -53.00 -39.36 8.12
C5A YE1 X . -52.90 -38.77 9.43
C6A YE1 X . -53.19 -39.58 10.52
N6A YE1 X . -53.12 -39.09 11.81
N7A YE1 X . -52.50 -37.43 9.34
C8A YE1 X . -52.37 -37.21 8.01
N9A YE1 X . -52.67 -38.36 7.24
C1' YE1 X . -52.62 -38.55 5.78
C2' YE1 X . -53.91 -38.05 5.11
O2' YE1 X . -54.84 -39.05 5.24
C3' YE1 X . -53.34 -37.96 3.67
O3' YE1 X . -53.13 -39.19 3.13
P3' YE1 X . -54.41 -39.99 2.18
O7A YE1 X . -53.49 -40.97 1.46
O8A YE1 X . -55.00 -38.85 1.38
O9A YE1 X . -55.34 -40.52 3.26
C4' YE1 X . -51.94 -37.33 3.97
O4' YE1 X . -51.60 -37.75 5.30
C5' YE1 X . -51.93 -35.81 3.85
O5' YE1 X . -52.60 -35.24 4.91
P1A YE1 X . -54.01 -34.42 4.57
O1A YE1 X . -55.06 -34.88 5.53
O2A YE1 X . -54.19 -34.53 3.08
O3A YE1 X . -53.44 -32.96 4.94
P2A YE1 X . -53.96 -31.53 5.40
O4A YE1 X . -55.39 -31.52 5.71
O5A YE1 X . -53.19 -30.40 4.70
O6A YE1 X . -53.19 -31.55 7.00
C11 YE1 X . -54.08 -32.76 8.88
C12 YE1 X . -53.19 -32.77 7.61
C14 YE1 X . -54.99 -31.52 8.84
C13 YE1 X . -53.21 -32.69 10.11
C10 YE1 X . -54.96 -34.00 8.90
O10 YE1 X . -54.30 -35.07 8.31
C9P YE1 X . -55.39 -34.44 10.29
O9P YE1 X . -56.17 -33.76 10.98
N8P YE1 X . -54.86 -35.62 10.68
C7P YE1 X . -55.16 -36.22 11.94
C6P YE1 X . -54.35 -35.53 13.02
C5P YE1 X . -54.62 -36.27 14.28
O5P YE1 X . -55.64 -36.19 14.94
N4P YE1 X . -53.56 -37.12 14.61
C3P YE1 X . -53.59 -37.96 15.78
C2P YE1 X . -53.86 -37.20 17.10
OAD YE1 X . -51.83 -38.82 18.01
CAB YE1 X . -52.93 -38.90 18.56
NAA YE1 X . -54.00 -38.15 18.18
CAC YE1 X . -53.24 -39.86 19.73
CAF YE1 X . -52.05 -40.47 20.41
CAG YE1 X . -52.17 -40.91 21.73
CAE YE1 X . -50.83 -40.63 19.75
CAJ YE1 X . -49.76 -41.19 20.37
OAL YE1 X . -48.57 -41.34 19.73
CAI YE1 X . -49.83 -41.64 21.68
CAH YE1 X . -51.06 -41.49 22.34
OAK YE1 X . -51.14 -41.93 23.63
#